data_4ZY2
#
_entry.id   4ZY2
#
_cell.length_a   174.060
_cell.length_b   177.247
_cell.length_c   230.773
_cell.angle_alpha   90.000
_cell.angle_beta   90.000
_cell.angle_gamma   90.000
#
_symmetry.space_group_name_H-M   'P 21 21 21'
#
loop_
_entity.id
_entity.type
_entity.pdbx_description
1 polymer 'Probable M17 family aminopeptidase'
2 non-polymer 'ZINC ION'
3 non-polymer 'CARBONATE ION'
4 non-polymer 'SULFATE ION'
5 non-polymer 'PENTAETHYLENE GLYCOL'
6 non-polymer "N-[(1R)-2-(hydroxyamino)-2-oxo-1-(3',4',5'-trifluorobiphenyl-4-yl)ethyl]-2,2-dimethylpropanamide"
7 non-polymer 'DIMETHYL SULFOXIDE'
8 water water
#
_entity_poly.entity_id   1
_entity_poly.type   'polypeptide(L)'
_entity_poly.pdbx_seq_one_letter_code
;RKMASEVPQVVSLDPTSIPIEYNTPIHDIKVQVYDIKGGCNVEEGLTIFLVNNPGKENGPVKISSKVNDKQVSEFLKDEN
MEKFNVKLGTSKHFYMFNDNKNSVAVGYVGCGSVADLSEADMKRVVLSLVTMLHDNKLSKLTVVFEINVDKNLFRFFLET
LFYEYMTDERFKSTDKNVNMEYIKHLGVYINNADTYKEEVEKARVYYFGTYYASQLIAAPSNYCNPVSLSNAAVELAQKL
NLEYKILGVKELEELKMGAYLSVGKGSMYPNKFIHLTYKSKGDVKKKIALVGKGITFDSGGYNLKAAPGSMIDLMKFDMS
GCAAVLGCAYCVGTLKPENVEIHFLSAVCENMVSKNSYRPGDIITASNGKTIEVGNTDAEGRLTLADALVYAEKLGVDYI
VDIATLTGAMLYSLGTSYAGVFGNNEELINKILQSSKTSNEPVWWLPIINEYRATLNSKYADINQISSSVKASSIVASLF
LKEFVQNTAWAHIDIAGVSWNFKARKPKGFGVRLLTEFVLND
;
_entity_poly.pdbx_strand_id   A,B,C,D,E,F,G,H,I,J,K,L
#
loop_
_chem_comp.id
_chem_comp.type
_chem_comp.name
_chem_comp.formula
1PE non-polymer 'PENTAETHYLENE GLYCOL' 'C10 H22 O6'
4TL non-polymer N-[(1R)-2-(hydroxyamino)-2-oxo-1-(3',4',5'-trifluorobiphenyl-4-yl)ethyl]-2,2-dimethylpropanamide 'C19 H19 F3 N2 O3'
CO3 non-polymer 'CARBONATE ION' 'C O3 -2'
DMS non-polymer 'DIMETHYL SULFOXIDE' 'C2 H6 O S'
SO4 non-polymer 'SULFATE ION' 'O4 S -2'
ZN non-polymer 'ZINC ION' 'Zn 2'
#
# COMPACT_ATOMS: atom_id res chain seq x y z
N ALA A 4 19.41 -38.74 -60.20
CA ALA A 4 18.16 -38.00 -60.30
C ALA A 4 17.09 -38.79 -61.05
N SER A 5 15.85 -38.34 -60.94
CA SER A 5 14.74 -39.00 -61.62
C SER A 5 14.23 -38.20 -62.80
N GLU A 6 13.67 -38.89 -63.79
CA GLU A 6 13.05 -38.23 -64.93
C GLU A 6 11.73 -37.58 -64.52
N VAL A 7 11.55 -36.32 -64.87
CA VAL A 7 10.30 -35.63 -64.61
C VAL A 7 9.29 -35.94 -65.71
N PRO A 8 8.15 -36.55 -65.32
CA PRO A 8 7.12 -36.89 -66.31
C PRO A 8 6.49 -35.66 -66.94
N GLN A 9 6.12 -35.77 -68.21
CA GLN A 9 5.49 -34.66 -68.93
C GLN A 9 4.16 -35.10 -69.52
N VAL A 10 3.23 -34.15 -69.61
CA VAL A 10 2.01 -34.39 -70.36
C VAL A 10 2.25 -33.95 -71.80
N VAL A 11 2.86 -32.79 -71.97
CA VAL A 11 3.30 -32.32 -73.28
C VAL A 11 4.80 -32.02 -73.24
N SER A 12 5.42 -31.90 -74.40
CA SER A 12 6.86 -31.70 -74.47
C SER A 12 7.26 -30.30 -74.00
N LEU A 13 6.29 -29.41 -73.91
CA LEU A 13 6.53 -28.04 -73.46
C LEU A 13 6.52 -27.94 -71.93
N ASP A 14 6.13 -29.02 -71.27
CA ASP A 14 6.21 -29.09 -69.81
C ASP A 14 7.67 -29.04 -69.37
N PRO A 15 8.00 -28.13 -68.44
CA PRO A 15 9.37 -28.02 -67.93
C PRO A 15 9.79 -29.23 -67.11
N THR A 16 11.08 -29.57 -67.14
CA THR A 16 11.58 -30.76 -66.47
C THR A 16 12.58 -30.45 -65.37
N SER A 17 12.67 -29.18 -64.99
CA SER A 17 13.52 -28.78 -63.87
C SER A 17 13.09 -27.43 -63.32
N ILE A 18 13.49 -27.15 -62.08
CA ILE A 18 13.33 -25.83 -61.51
C ILE A 18 14.55 -24.99 -61.85
N PRO A 19 14.36 -23.87 -62.54
CA PRO A 19 15.50 -22.96 -62.76
C PRO A 19 15.95 -22.35 -61.43
N ILE A 20 17.24 -22.47 -61.13
CA ILE A 20 17.77 -21.95 -59.88
C ILE A 20 18.97 -21.05 -60.13
N GLU A 21 18.91 -19.83 -59.61
CA GLU A 21 20.01 -18.90 -59.73
C GLU A 21 20.88 -18.98 -58.48
N TYR A 22 22.08 -19.55 -58.63
CA TYR A 22 23.01 -19.68 -57.53
C TYR A 22 23.92 -18.46 -57.41
N ASN A 23 24.53 -18.09 -58.53
CA ASN A 23 25.42 -16.94 -58.59
C ASN A 23 24.65 -15.64 -58.77
N THR A 24 24.15 -15.08 -57.67
CA THR A 24 23.39 -13.84 -57.71
C THR A 24 24.32 -12.64 -57.74
N PRO A 25 23.85 -11.50 -58.30
CA PRO A 25 24.60 -10.25 -58.30
C PRO A 25 25.05 -9.82 -56.89
N ILE A 26 24.30 -10.24 -55.88
CA ILE A 26 24.65 -9.95 -54.49
C ILE A 26 26.00 -10.59 -54.13
N HIS A 27 26.27 -11.75 -54.69
CA HIS A 27 27.51 -12.46 -54.41
C HIS A 27 28.73 -11.77 -55.02
N ASP A 28 28.49 -10.88 -55.98
CA ASP A 28 29.58 -10.15 -56.62
C ASP A 28 29.87 -8.82 -55.91
N ILE A 29 29.04 -8.49 -54.93
CA ILE A 29 29.22 -7.25 -54.18
C ILE A 29 30.36 -7.37 -53.17
N LYS A 30 31.33 -6.47 -53.28
CA LYS A 30 32.43 -6.43 -52.33
C LYS A 30 32.06 -5.53 -51.15
N VAL A 31 32.02 -6.12 -49.95
CA VAL A 31 31.62 -5.38 -48.77
C VAL A 31 32.84 -4.95 -47.96
N GLN A 32 32.91 -3.65 -47.66
CA GLN A 32 33.98 -3.11 -46.82
C GLN A 32 33.39 -2.42 -45.60
N VAL A 33 33.91 -2.76 -44.42
CA VAL A 33 33.43 -2.16 -43.19
C VAL A 33 34.48 -1.27 -42.56
N TYR A 34 34.10 -0.03 -42.24
CA TYR A 34 35.03 0.93 -41.63
C TYR A 34 34.50 1.43 -40.29
N ASP A 35 35.41 1.81 -39.41
CA ASP A 35 35.02 2.41 -38.15
C ASP A 35 34.74 3.89 -38.35
N ILE A 36 33.64 4.38 -37.78
CA ILE A 36 33.23 5.78 -37.95
C ILE A 36 34.28 6.75 -37.38
N LYS A 37 35.00 6.31 -36.35
CA LYS A 37 36.02 7.15 -35.71
C LYS A 37 37.10 7.62 -36.69
N GLY A 38 37.25 6.90 -37.81
CA GLY A 38 38.23 7.29 -38.81
C GLY A 38 37.73 8.37 -39.75
N GLY A 39 36.46 8.71 -39.64
CA GLY A 39 35.85 9.67 -40.53
C GLY A 39 35.39 9.04 -41.82
N CYS A 40 34.37 9.61 -42.44
CA CYS A 40 33.78 9.04 -43.65
C CYS A 40 34.33 9.67 -44.93
N ASN A 41 34.79 8.82 -45.84
CA ASN A 41 35.14 9.28 -47.18
C ASN A 41 33.89 9.26 -48.07
N VAL A 42 33.67 10.36 -48.78
CA VAL A 42 32.49 10.50 -49.63
C VAL A 42 32.89 10.68 -51.08
N GLU A 43 32.75 9.62 -51.87
CA GLU A 43 33.16 9.67 -53.27
C GLU A 43 32.09 9.11 -54.21
N GLU A 44 32.48 8.22 -55.11
CA GLU A 44 31.57 7.75 -56.14
C GLU A 44 30.43 6.93 -55.54
N GLY A 45 29.34 6.81 -56.30
CA GLY A 45 28.18 6.06 -55.85
C GLY A 45 27.21 6.89 -55.01
N LEU A 46 26.55 6.23 -54.07
CA LEU A 46 25.61 6.91 -53.20
C LEU A 46 25.94 6.65 -51.74
N THR A 47 26.04 7.73 -50.96
CA THR A 47 26.36 7.62 -49.54
C THR A 47 25.16 8.00 -48.69
N ILE A 48 24.60 7.01 -47.99
CA ILE A 48 23.40 7.23 -47.19
C ILE A 48 23.68 7.16 -45.70
N PHE A 49 23.17 8.15 -44.96
CA PHE A 49 23.27 8.15 -43.51
C PHE A 49 21.99 7.61 -42.87
N LEU A 50 22.13 6.66 -41.95
CA LEU A 50 20.99 6.20 -41.15
C LEU A 50 20.88 7.05 -39.89
N VAL A 51 19.85 7.87 -39.82
CA VAL A 51 19.74 8.89 -38.78
C VAL A 51 18.43 8.81 -38.00
N ASN A 52 18.51 8.98 -36.68
CA ASN A 52 17.31 9.11 -35.87
C ASN A 52 17.36 10.36 -35.00
N ASN A 53 16.34 10.54 -34.16
CA ASN A 53 16.31 11.63 -33.20
C ASN A 53 15.52 11.18 -31.98
N PRO A 54 16.19 10.51 -31.04
CA PRO A 54 15.59 9.87 -29.85
C PRO A 54 14.69 10.83 -29.05
N GLY A 55 13.47 10.41 -28.81
CA GLY A 55 12.52 11.21 -28.05
C GLY A 55 11.74 12.19 -28.92
N LYS A 56 12.44 12.83 -29.85
CA LYS A 56 11.82 13.83 -30.71
C LYS A 56 11.22 13.20 -31.96
N GLU A 57 9.92 12.89 -31.90
CA GLU A 57 9.21 12.34 -33.06
C GLU A 57 9.22 13.34 -34.20
N ASN A 58 9.68 12.88 -35.37
CA ASN A 58 9.85 13.73 -36.54
C ASN A 58 10.75 14.92 -36.26
N GLY A 59 11.76 14.71 -35.42
CA GLY A 59 12.73 15.74 -35.10
C GLY A 59 13.65 15.99 -36.27
N PRO A 60 14.45 17.07 -36.20
CA PRO A 60 15.34 17.44 -37.31
C PRO A 60 16.51 16.47 -37.49
N VAL A 61 17.04 16.44 -38.70
CA VAL A 61 18.19 15.60 -39.02
C VAL A 61 19.50 16.26 -38.59
N LYS A 62 20.35 15.49 -37.91
CA LYS A 62 21.68 15.97 -37.55
C LYS A 62 22.73 14.91 -37.83
N ILE A 63 23.73 15.25 -38.63
CA ILE A 63 24.80 14.30 -38.96
C ILE A 63 25.93 14.41 -37.95
N SER A 64 26.17 13.33 -37.20
CA SER A 64 27.15 13.35 -36.13
C SER A 64 28.54 12.88 -36.59
N SER A 65 28.56 12.04 -37.62
CA SER A 65 29.82 11.44 -38.07
C SER A 65 30.77 12.47 -38.69
N LYS A 66 32.05 12.32 -38.42
CA LYS A 66 33.08 13.12 -39.06
C LYS A 66 33.17 12.75 -40.54
N VAL A 67 33.18 13.74 -41.41
CA VAL A 67 33.30 13.49 -42.84
C VAL A 67 34.61 14.07 -43.37
N ASN A 68 35.46 13.21 -43.92
CA ASN A 68 36.77 13.62 -44.39
C ASN A 68 36.72 14.43 -45.69
N ASP A 69 35.92 15.49 -45.69
CA ASP A 69 35.79 16.37 -46.83
C ASP A 69 35.17 17.68 -46.40
N LYS A 70 35.85 18.79 -46.69
CA LYS A 70 35.40 20.11 -46.25
C LYS A 70 34.07 20.51 -46.89
N GLN A 71 33.96 20.33 -48.20
CA GLN A 71 32.75 20.69 -48.93
C GLN A 71 31.54 19.90 -48.45
N VAL A 72 31.71 18.58 -48.31
CA VAL A 72 30.63 17.71 -47.86
C VAL A 72 30.26 18.02 -46.41
N SER A 73 31.27 18.26 -45.57
CA SER A 73 31.04 18.63 -44.18
C SER A 73 30.19 19.89 -44.08
N GLU A 74 30.54 20.91 -44.87
CA GLU A 74 29.81 22.16 -44.89
C GLU A 74 28.36 21.95 -45.32
N PHE A 75 28.17 21.13 -46.33
CA PHE A 75 26.83 20.78 -46.83
C PHE A 75 26.00 20.14 -45.72
N LEU A 76 26.62 19.26 -44.95
CA LEU A 76 25.91 18.45 -43.98
C LEU A 76 25.88 19.04 -42.57
N LYS A 77 26.17 20.33 -42.46
CA LYS A 77 26.16 20.98 -41.15
C LYS A 77 24.73 21.12 -40.64
N ASP A 78 24.58 21.22 -39.32
CA ASP A 78 23.27 21.19 -38.67
C ASP A 78 22.29 22.22 -39.22
N GLU A 79 22.77 23.43 -39.50
CA GLU A 79 21.92 24.50 -40.00
C GLU A 79 21.30 24.14 -41.35
N ASN A 80 22.03 23.38 -42.15
CA ASN A 80 21.55 22.94 -43.45
C ASN A 80 20.62 21.74 -43.37
N MET A 81 20.80 20.91 -42.35
CA MET A 81 20.07 19.65 -42.24
C MET A 81 18.79 19.76 -41.41
N GLU A 82 18.64 20.85 -40.67
CA GLU A 82 17.48 21.06 -39.81
C GLU A 82 16.18 21.14 -40.62
N LYS A 83 16.34 21.38 -41.91
CA LYS A 83 15.22 21.43 -42.85
C LYS A 83 14.53 20.07 -43.01
N PHE A 84 15.23 19.00 -42.66
CA PHE A 84 14.72 17.66 -42.87
C PHE A 84 14.48 16.95 -41.54
N ASN A 85 13.60 15.96 -41.54
CA ASN A 85 13.27 15.25 -40.31
C ASN A 85 13.59 13.76 -40.40
N VAL A 86 13.42 13.05 -39.28
CA VAL A 86 13.85 11.66 -39.18
C VAL A 86 12.70 10.66 -39.19
N LYS A 87 11.52 11.11 -39.63
CA LYS A 87 10.34 10.24 -39.72
C LYS A 87 10.69 8.92 -40.39
N LEU A 88 10.38 7.82 -39.70
CA LEU A 88 10.75 6.48 -40.14
C LEU A 88 10.37 6.22 -41.59
N GLY A 89 11.36 5.91 -42.43
CA GLY A 89 11.12 5.61 -43.83
C GLY A 89 11.38 6.77 -44.76
N THR A 90 11.43 7.98 -44.21
CA THR A 90 11.70 9.17 -45.01
C THR A 90 13.14 9.16 -45.53
N SER A 91 13.33 9.64 -46.75
CA SER A 91 14.67 9.73 -47.32
C SER A 91 14.81 10.95 -48.21
N LYS A 92 16.04 11.41 -48.39
CA LYS A 92 16.34 12.55 -49.25
C LYS A 92 17.65 12.32 -50.01
N HIS A 93 17.74 12.88 -51.21
CA HIS A 93 18.96 12.82 -52.00
C HIS A 93 19.66 14.18 -52.00
N PHE A 94 20.99 14.16 -51.91
CA PHE A 94 21.78 15.38 -51.97
C PHE A 94 22.79 15.33 -53.12
N TYR A 95 23.05 16.47 -53.73
CA TYR A 95 24.03 16.57 -54.81
C TYR A 95 25.01 17.71 -54.55
N MET A 96 26.30 17.44 -54.66
CA MET A 96 27.33 18.42 -54.37
C MET A 96 28.68 18.02 -54.94
N PHE A 97 29.62 18.97 -54.93
CA PHE A 97 30.99 18.71 -55.34
C PHE A 97 31.90 18.63 -54.12
N ASN A 98 32.79 17.64 -54.09
CA ASN A 98 33.66 17.47 -52.93
C ASN A 98 34.96 18.25 -53.10
N ASP A 99 35.93 17.98 -52.23
CA ASP A 99 37.19 18.71 -52.21
C ASP A 99 38.02 18.52 -53.48
N ASN A 100 37.70 17.50 -54.26
CA ASN A 100 38.43 17.21 -55.49
C ASN A 100 37.64 17.60 -56.74
N LYS A 101 36.68 18.49 -56.57
CA LYS A 101 35.84 18.98 -57.66
C LYS A 101 35.06 17.87 -58.37
N ASN A 102 34.85 16.76 -57.66
CA ASN A 102 34.03 15.68 -58.17
C ASN A 102 32.62 15.75 -57.58
N SER A 103 31.61 15.54 -58.42
CA SER A 103 30.24 15.52 -57.94
C SER A 103 29.97 14.22 -57.17
N VAL A 104 29.32 14.35 -56.03
CA VAL A 104 28.97 13.17 -55.23
C VAL A 104 27.50 13.17 -54.85
N ALA A 105 26.93 11.97 -54.73
CA ALA A 105 25.55 11.81 -54.31
C ALA A 105 25.52 11.35 -52.86
N VAL A 106 24.83 12.12 -52.02
CA VAL A 106 24.71 11.82 -50.60
C VAL A 106 23.23 11.83 -50.22
N GLY A 107 22.90 11.28 -49.05
CA GLY A 107 21.53 11.28 -48.58
C GLY A 107 21.36 10.61 -47.23
N TYR A 108 20.12 10.50 -46.78
CA TYR A 108 19.84 9.86 -45.52
C TYR A 108 18.52 9.11 -45.57
N VAL A 109 18.36 8.16 -44.66
CA VAL A 109 17.08 7.53 -44.39
C VAL A 109 16.72 7.79 -42.94
N GLY A 110 15.50 8.26 -42.70
CA GLY A 110 15.04 8.51 -41.34
C GLY A 110 14.77 7.22 -40.61
N CYS A 111 15.19 7.16 -39.35
CA CYS A 111 15.01 5.94 -38.56
C CYS A 111 14.15 6.20 -37.31
N GLY A 112 13.36 7.27 -37.35
CA GLY A 112 12.39 7.54 -36.31
C GLY A 112 12.96 8.15 -35.05
N SER A 113 12.28 7.94 -33.93
CA SER A 113 12.64 8.58 -32.67
C SER A 113 12.81 7.59 -31.52
N VAL A 114 12.71 6.30 -31.82
CA VAL A 114 13.03 5.27 -30.82
C VAL A 114 14.47 4.85 -31.02
N ALA A 115 15.17 4.57 -29.92
CA ALA A 115 16.60 4.26 -29.98
C ALA A 115 16.85 2.80 -30.33
N ASP A 116 15.82 1.97 -30.19
CA ASP A 116 15.93 0.56 -30.53
C ASP A 116 14.89 0.17 -31.58
N LEU A 117 15.37 -0.21 -32.77
CA LEU A 117 14.49 -0.55 -33.87
C LEU A 117 14.10 -2.02 -33.87
N SER A 118 12.81 -2.29 -34.05
CA SER A 118 12.32 -3.66 -34.13
C SER A 118 12.61 -4.23 -35.52
N GLU A 119 12.36 -5.51 -35.70
CA GLU A 119 12.59 -6.16 -36.99
C GLU A 119 11.74 -5.49 -38.07
N ALA A 120 10.55 -5.04 -37.70
CA ALA A 120 9.64 -4.39 -38.63
C ALA A 120 10.09 -2.97 -38.98
N ASP A 121 10.57 -2.24 -37.97
CA ASP A 121 11.08 -0.89 -38.18
C ASP A 121 12.29 -0.92 -39.11
N MET A 122 13.18 -1.88 -38.86
CA MET A 122 14.39 -2.02 -39.66
C MET A 122 14.05 -2.37 -41.10
N LYS A 123 13.04 -3.22 -41.28
CA LYS A 123 12.62 -3.59 -42.62
C LYS A 123 12.09 -2.38 -43.38
N ARG A 124 11.42 -1.48 -42.66
CA ARG A 124 10.93 -0.24 -43.26
C ARG A 124 12.09 0.63 -43.73
N VAL A 125 13.14 0.68 -42.91
CA VAL A 125 14.33 1.44 -43.25
C VAL A 125 14.99 0.87 -44.50
N VAL A 126 15.12 -0.46 -44.53
CA VAL A 126 15.76 -1.15 -45.65
C VAL A 126 15.01 -0.92 -46.96
N LEU A 127 13.67 -1.04 -46.92
CA LEU A 127 12.85 -0.82 -48.10
C LEU A 127 13.05 0.58 -48.66
N SER A 128 13.12 1.58 -47.77
CA SER A 128 13.35 2.96 -48.19
C SER A 128 14.71 3.09 -48.84
N LEU A 129 15.69 2.39 -48.28
CA LEU A 129 17.05 2.40 -48.83
C LEU A 129 17.07 1.75 -50.22
N VAL A 130 16.27 0.71 -50.38
CA VAL A 130 16.20 -0.03 -51.64
C VAL A 130 15.55 0.82 -52.74
N THR A 131 14.56 1.63 -52.38
CA THR A 131 13.94 2.52 -53.36
C THR A 131 14.96 3.52 -53.90
N MET A 132 15.99 3.80 -53.11
CA MET A 132 17.07 4.68 -53.54
C MET A 132 18.03 3.95 -54.48
N LEU A 133 18.02 2.62 -54.42
CA LEU A 133 18.90 1.80 -55.25
C LEU A 133 18.24 1.47 -56.58
N HIS A 134 16.91 1.32 -56.57
CA HIS A 134 16.17 1.04 -57.79
C HIS A 134 16.08 2.29 -58.67
N ASP A 135 16.14 2.07 -59.98
CA ASP A 135 16.02 3.16 -60.96
C ASP A 135 17.13 4.19 -60.83
N ASN A 136 18.26 3.76 -60.30
CA ASN A 136 19.47 4.57 -60.24
C ASN A 136 20.70 3.70 -60.50
N LYS A 137 21.34 3.90 -61.64
CA LYS A 137 22.51 3.10 -61.99
C LYS A 137 23.72 3.51 -61.17
N LEU A 138 23.97 2.76 -60.10
CA LEU A 138 25.05 3.04 -59.16
C LEU A 138 26.08 1.93 -59.16
N SER A 139 27.34 2.29 -59.00
CA SER A 139 28.41 1.30 -58.90
C SER A 139 28.68 0.97 -57.46
N LYS A 140 28.27 1.87 -56.56
CA LYS A 140 28.60 1.74 -55.15
C LYS A 140 27.53 2.35 -54.24
N LEU A 141 27.30 1.70 -53.10
CA LEU A 141 26.48 2.27 -52.05
C LEU A 141 27.29 2.32 -50.75
N THR A 142 27.21 3.44 -50.05
CA THR A 142 27.83 3.55 -48.74
C THR A 142 26.76 3.85 -47.69
N VAL A 143 26.77 3.07 -46.62
CA VAL A 143 25.81 3.25 -45.54
C VAL A 143 26.53 3.64 -44.25
N VAL A 144 26.09 4.75 -43.66
CA VAL A 144 26.69 5.23 -42.42
C VAL A 144 25.70 5.08 -41.26
N PHE A 145 26.05 4.23 -40.30
CA PHE A 145 25.19 3.95 -39.15
C PHE A 145 25.34 4.99 -38.05
N GLU A 146 24.38 5.89 -37.95
CA GLU A 146 24.34 6.83 -36.82
C GLU A 146 23.21 6.44 -35.90
N ILE A 147 22.91 5.13 -35.88
CA ILE A 147 21.95 4.55 -34.96
C ILE A 147 22.60 3.38 -34.22
N ASN A 148 22.01 2.97 -33.11
CA ASN A 148 22.56 1.88 -32.31
C ASN A 148 21.92 0.54 -32.65
N VAL A 149 22.72 -0.37 -33.19
CA VAL A 149 22.25 -1.72 -33.50
C VAL A 149 23.20 -2.76 -32.93
N ASP A 150 22.66 -3.87 -32.43
CA ASP A 150 23.52 -4.95 -31.96
C ASP A 150 23.97 -5.79 -33.15
N LYS A 151 24.79 -6.80 -32.88
CA LYS A 151 25.38 -7.60 -33.95
C LYS A 151 24.32 -8.32 -34.79
N ASN A 152 23.30 -8.85 -34.14
CA ASN A 152 22.23 -9.57 -34.85
C ASN A 152 21.41 -8.65 -35.74
N LEU A 153 21.10 -7.46 -35.24
CA LEU A 153 20.32 -6.50 -36.02
C LEU A 153 21.12 -5.95 -37.20
N PHE A 154 22.44 -5.85 -37.02
CA PHE A 154 23.32 -5.43 -38.11
C PHE A 154 23.29 -6.47 -39.22
N ARG A 155 23.38 -7.74 -38.82
CA ARG A 155 23.33 -8.84 -39.77
C ARG A 155 21.98 -8.87 -40.48
N PHE A 156 20.92 -8.63 -39.71
CA PHE A 156 19.56 -8.60 -40.25
C PHE A 156 19.39 -7.50 -41.29
N PHE A 157 20.01 -6.34 -41.03
CA PHE A 157 20.00 -5.24 -41.98
C PHE A 157 20.58 -5.66 -43.33
N LEU A 158 21.77 -6.26 -43.30
CA LEU A 158 22.45 -6.71 -44.51
C LEU A 158 21.65 -7.80 -45.22
N GLU A 159 21.20 -8.79 -44.47
CA GLU A 159 20.36 -9.87 -45.00
C GLU A 159 19.15 -9.34 -45.75
N THR A 160 18.47 -8.39 -45.12
CA THR A 160 17.23 -7.85 -45.66
C THR A 160 17.51 -6.97 -46.86
N LEU A 161 18.59 -6.20 -46.79
CA LEU A 161 19.03 -5.38 -47.91
C LEU A 161 19.28 -6.26 -49.12
N PHE A 162 20.10 -7.29 -48.95
CA PHE A 162 20.44 -8.21 -50.03
C PHE A 162 19.19 -8.85 -50.62
N TYR A 163 18.29 -9.31 -49.74
CA TYR A 163 17.09 -10.02 -50.16
C TYR A 163 16.13 -9.14 -50.95
N GLU A 164 15.82 -7.96 -50.42
CA GLU A 164 14.86 -7.06 -51.04
C GLU A 164 15.43 -6.41 -52.31
N TYR A 165 16.76 -6.25 -52.35
CA TYR A 165 17.45 -5.67 -53.49
C TYR A 165 17.32 -6.58 -54.70
N MET A 166 17.49 -7.87 -54.46
CA MET A 166 17.49 -8.89 -55.51
C MET A 166 16.14 -8.97 -56.23
N THR A 167 16.19 -9.16 -57.55
CA THR A 167 14.98 -9.29 -58.35
C THR A 167 14.99 -10.60 -59.12
N ASP A 168 13.97 -11.43 -58.87
CA ASP A 168 13.85 -12.74 -59.49
C ASP A 168 13.25 -12.63 -60.88
N GLU A 169 14.06 -12.87 -61.90
CA GLU A 169 13.61 -12.76 -63.28
C GLU A 169 13.70 -14.09 -64.03
N ARG A 170 13.70 -15.19 -63.29
CA ARG A 170 13.84 -16.52 -63.88
C ARG A 170 12.72 -16.82 -64.88
N PHE A 171 11.54 -16.26 -64.66
CA PHE A 171 10.38 -16.58 -65.47
C PHE A 171 9.99 -15.44 -66.39
N LYS A 172 10.85 -14.42 -66.43
CA LYS A 172 10.72 -13.35 -67.40
C LYS A 172 11.31 -13.78 -68.74
N SER A 173 10.61 -13.44 -69.82
CA SER A 173 11.11 -13.75 -71.16
C SER A 173 11.21 -12.46 -71.97
N THR A 174 10.07 -11.89 -72.33
CA THR A 174 10.02 -10.68 -73.12
C THR A 174 9.93 -9.41 -72.26
N ASP A 175 9.91 -9.58 -70.94
CA ASP A 175 9.67 -8.45 -70.05
C ASP A 175 10.75 -8.31 -68.97
N LYS A 176 11.98 -8.68 -69.32
CA LYS A 176 13.10 -8.46 -68.40
C LYS A 176 13.35 -6.96 -68.27
N ASN A 177 13.75 -6.52 -67.08
CA ASN A 177 14.04 -5.12 -66.83
C ASN A 177 15.31 -4.70 -67.57
N VAL A 178 15.14 -3.81 -68.54
CA VAL A 178 16.26 -3.36 -69.38
C VAL A 178 17.32 -2.61 -68.58
N ASN A 179 16.90 -1.88 -67.56
CA ASN A 179 17.80 -1.02 -66.80
C ASN A 179 18.35 -1.70 -65.54
N MET A 180 18.24 -3.02 -65.47
CA MET A 180 18.66 -3.77 -64.29
C MET A 180 20.18 -3.76 -64.09
N GLU A 181 20.65 -2.99 -63.12
CA GLU A 181 22.05 -2.96 -62.75
C GLU A 181 22.20 -3.03 -61.23
N TYR A 182 23.27 -3.67 -60.78
CA TYR A 182 23.53 -3.79 -59.35
C TYR A 182 24.84 -3.11 -58.97
N ILE A 183 24.91 -2.58 -57.75
CA ILE A 183 26.17 -2.06 -57.23
C ILE A 183 27.20 -3.19 -57.18
N LYS A 184 28.47 -2.82 -57.26
CA LYS A 184 29.55 -3.79 -57.18
C LYS A 184 30.26 -3.69 -55.84
N HIS A 185 29.96 -2.62 -55.11
CA HIS A 185 30.62 -2.34 -53.85
C HIS A 185 29.65 -1.85 -52.79
N LEU A 186 29.86 -2.28 -51.56
CA LEU A 186 29.06 -1.82 -50.45
C LEU A 186 29.98 -1.42 -49.30
N GLY A 187 29.93 -0.14 -48.94
CA GLY A 187 30.72 0.34 -47.82
C GLY A 187 29.82 0.56 -46.61
N VAL A 188 30.31 0.16 -45.43
CA VAL A 188 29.56 0.38 -44.20
C VAL A 188 30.44 1.05 -43.16
N TYR A 189 29.95 2.17 -42.62
CA TYR A 189 30.62 2.84 -41.51
C TYR A 189 29.84 2.61 -40.22
N ILE A 190 30.53 2.14 -39.19
CA ILE A 190 29.88 1.88 -37.92
C ILE A 190 30.89 1.92 -36.78
N ASN A 191 30.44 2.33 -35.60
CA ASN A 191 31.29 2.33 -34.41
C ASN A 191 31.66 0.91 -34.02
N ASN A 192 32.88 0.72 -33.53
CA ASN A 192 33.38 -0.59 -33.15
C ASN A 192 33.24 -1.58 -34.30
N ALA A 193 33.72 -1.19 -35.47
CA ALA A 193 33.49 -1.92 -36.72
C ALA A 193 34.08 -3.33 -36.71
N ASP A 194 35.18 -3.53 -36.01
CA ASP A 194 35.84 -4.83 -35.98
C ASP A 194 34.95 -5.91 -35.36
N THR A 195 34.06 -5.50 -34.47
CA THR A 195 33.15 -6.44 -33.83
C THR A 195 32.01 -6.85 -34.76
N TYR A 196 31.75 -6.02 -35.78
CA TYR A 196 30.63 -6.25 -36.69
C TYR A 196 31.02 -7.01 -37.95
N LYS A 197 32.32 -7.04 -38.26
CA LYS A 197 32.81 -7.61 -39.52
C LYS A 197 32.45 -9.09 -39.68
N GLU A 198 32.39 -9.82 -38.58
CA GLU A 198 32.09 -11.25 -38.64
C GLU A 198 30.65 -11.52 -39.10
N GLU A 199 29.82 -10.48 -39.08
CA GLU A 199 28.42 -10.62 -39.47
C GLU A 199 28.21 -10.50 -40.97
N VAL A 200 29.20 -9.97 -41.68
CA VAL A 200 29.04 -9.68 -43.11
C VAL A 200 28.84 -10.95 -43.93
N GLU A 201 29.76 -11.90 -43.83
CA GLU A 201 29.65 -13.12 -44.62
C GLU A 201 28.53 -14.02 -44.10
N LYS A 202 28.29 -13.98 -42.79
CA LYS A 202 27.18 -14.74 -42.22
C LYS A 202 25.87 -14.23 -42.80
N ALA A 203 25.78 -12.91 -42.96
CA ALA A 203 24.61 -12.29 -43.57
C ALA A 203 24.44 -12.71 -45.02
N ARG A 204 25.55 -12.80 -45.75
CA ARG A 204 25.50 -13.19 -47.15
C ARG A 204 25.06 -14.64 -47.28
N VAL A 205 25.53 -15.48 -46.36
CA VAL A 205 25.12 -16.88 -46.32
C VAL A 205 23.63 -16.98 -46.00
N TYR A 206 23.20 -16.30 -44.94
CA TYR A 206 21.79 -16.30 -44.56
C TYR A 206 20.90 -15.74 -45.66
N TYR A 207 21.39 -14.73 -46.37
CA TYR A 207 20.66 -14.16 -47.50
C TYR A 207 20.34 -15.21 -48.55
N PHE A 208 21.35 -15.96 -48.98
CA PHE A 208 21.10 -16.87 -50.09
C PHE A 208 20.24 -18.05 -49.70
N GLY A 209 20.40 -18.53 -48.47
CA GLY A 209 19.56 -19.61 -47.97
C GLY A 209 18.11 -19.19 -48.01
N THR A 210 17.86 -17.95 -47.60
CA THR A 210 16.52 -17.38 -47.63
C THR A 210 16.05 -17.13 -49.06
N TYR A 211 16.93 -16.61 -49.90
CA TYR A 211 16.57 -16.35 -51.29
C TYR A 211 16.38 -17.66 -52.06
N TYR A 212 17.17 -18.67 -51.70
CA TYR A 212 17.05 -20.01 -52.29
C TYR A 212 15.67 -20.60 -52.01
N ALA A 213 15.26 -20.56 -50.75
CA ALA A 213 13.94 -21.04 -50.35
C ALA A 213 12.87 -20.31 -51.13
N SER A 214 13.03 -18.99 -51.25
CA SER A 214 12.12 -18.14 -51.99
C SER A 214 12.03 -18.52 -53.48
N GLN A 215 13.16 -18.85 -54.08
CA GLN A 215 13.19 -19.29 -55.48
C GLN A 215 12.37 -20.56 -55.67
N LEU A 216 12.50 -21.49 -54.72
CA LEU A 216 11.73 -22.73 -54.77
C LEU A 216 10.23 -22.46 -54.61
N ILE A 217 9.90 -21.63 -53.64
CA ILE A 217 8.50 -21.33 -53.34
C ILE A 217 7.83 -20.58 -54.49
N ALA A 218 8.51 -19.56 -55.01
CA ALA A 218 7.96 -18.76 -56.09
C ALA A 218 7.84 -19.55 -57.40
N ALA A 219 8.65 -20.59 -57.54
CA ALA A 219 8.58 -21.44 -58.73
C ALA A 219 7.24 -22.17 -58.77
N PRO A 220 6.51 -22.04 -59.89
CA PRO A 220 5.17 -22.60 -60.08
C PRO A 220 5.15 -24.12 -60.02
N SER A 221 3.98 -24.69 -59.78
CA SER A 221 3.84 -26.12 -59.56
C SER A 221 4.20 -26.97 -60.78
N ASN A 222 4.03 -26.41 -61.98
CA ASN A 222 4.41 -27.13 -63.19
C ASN A 222 5.94 -27.16 -63.35
N TYR A 223 6.61 -26.21 -62.71
CA TYR A 223 8.08 -26.21 -62.66
C TYR A 223 8.56 -26.96 -61.43
N CYS A 224 7.94 -26.67 -60.29
CA CYS A 224 8.30 -27.25 -59.02
C CYS A 224 7.30 -28.32 -58.62
N ASN A 225 7.62 -29.56 -58.98
CA ASN A 225 6.81 -30.72 -58.67
C ASN A 225 7.61 -31.66 -57.77
N PRO A 226 7.00 -32.73 -57.23
CA PRO A 226 7.76 -33.59 -56.31
C PRO A 226 9.05 -34.17 -56.89
N VAL A 227 9.09 -34.41 -58.20
CA VAL A 227 10.27 -34.98 -58.82
C VAL A 227 11.35 -33.93 -59.00
N SER A 228 10.96 -32.77 -59.56
CA SER A 228 11.91 -31.69 -59.81
C SER A 228 12.43 -31.07 -58.52
N LEU A 229 11.58 -31.00 -57.50
CA LEU A 229 11.98 -30.45 -56.22
C LEU A 229 13.00 -31.35 -55.52
N SER A 230 12.80 -32.66 -55.60
CA SER A 230 13.75 -33.58 -55.00
C SER A 230 15.04 -33.63 -55.82
N ASN A 231 14.91 -33.47 -57.13
CA ASN A 231 16.08 -33.34 -58.00
C ASN A 231 16.92 -32.13 -57.60
N ALA A 232 16.25 -31.04 -57.24
CA ALA A 232 16.94 -29.82 -56.82
C ALA A 232 17.67 -30.04 -55.51
N ALA A 233 17.04 -30.81 -54.62
CA ALA A 233 17.64 -31.13 -53.33
C ALA A 233 18.91 -31.96 -53.50
N VAL A 234 18.89 -32.86 -54.48
CA VAL A 234 20.06 -33.68 -54.78
C VAL A 234 21.21 -32.79 -55.27
N GLU A 235 20.91 -31.90 -56.20
CA GLU A 235 21.90 -30.99 -56.75
C GLU A 235 22.51 -30.14 -55.65
N LEU A 236 21.68 -29.64 -54.75
CA LEU A 236 22.15 -28.84 -53.63
C LEU A 236 23.06 -29.65 -52.70
N ALA A 237 22.67 -30.89 -52.43
CA ALA A 237 23.46 -31.77 -51.57
C ALA A 237 24.81 -32.06 -52.20
N GLN A 238 24.82 -32.26 -53.52
CA GLN A 238 26.05 -32.56 -54.23
C GLN A 238 27.01 -31.37 -54.20
N LYS A 239 26.46 -30.17 -54.29
CA LYS A 239 27.29 -28.96 -54.26
C LYS A 239 27.87 -28.69 -52.88
N LEU A 240 27.16 -29.13 -51.84
CA LEU A 240 27.56 -28.83 -50.47
C LEU A 240 28.24 -30.01 -49.78
N ASN A 241 28.39 -31.11 -50.51
CA ASN A 241 28.92 -32.36 -49.96
C ASN A 241 28.12 -32.87 -48.78
N LEU A 242 26.79 -32.74 -48.87
CA LEU A 242 25.90 -33.35 -47.90
C LEU A 242 25.56 -34.76 -48.33
N GLU A 243 25.32 -35.65 -47.37
CA GLU A 243 24.81 -36.96 -47.72
C GLU A 243 23.36 -36.79 -48.13
N TYR A 244 22.90 -37.60 -49.07
CA TYR A 244 21.51 -37.51 -49.48
C TYR A 244 20.93 -38.88 -49.82
N LYS A 245 19.62 -38.99 -49.63
CA LYS A 245 18.88 -40.19 -49.98
C LYS A 245 17.47 -39.79 -50.38
N ILE A 246 17.07 -40.15 -51.58
CA ILE A 246 15.72 -39.89 -52.05
C ILE A 246 14.94 -41.19 -52.08
N LEU A 247 13.91 -41.28 -51.25
CA LEU A 247 13.08 -42.46 -51.18
C LEU A 247 11.95 -42.39 -52.20
N GLY A 248 11.84 -43.42 -53.03
CA GLY A 248 10.78 -43.51 -54.02
C GLY A 248 9.62 -44.34 -53.51
N VAL A 249 8.58 -44.48 -54.33
CA VAL A 249 7.34 -45.14 -53.93
C VAL A 249 7.55 -46.56 -53.42
N LYS A 250 8.38 -47.33 -54.12
CA LYS A 250 8.68 -48.71 -53.74
C LYS A 250 9.19 -48.80 -52.30
N GLU A 251 10.14 -47.93 -51.97
CA GLU A 251 10.71 -47.89 -50.63
C GLU A 251 9.70 -47.39 -49.60
N LEU A 252 8.92 -46.38 -49.99
CA LEU A 252 7.88 -45.84 -49.11
C LEU A 252 6.79 -46.88 -48.84
N GLU A 253 6.50 -47.69 -49.85
CA GLU A 253 5.57 -48.80 -49.67
C GLU A 253 6.15 -49.82 -48.70
N GLU A 254 7.45 -50.06 -48.83
CA GLU A 254 8.15 -51.00 -47.95
C GLU A 254 8.16 -50.48 -46.52
N LEU A 255 8.19 -49.16 -46.37
CA LEU A 255 8.21 -48.54 -45.05
C LEU A 255 6.82 -48.24 -44.51
N LYS A 256 5.79 -48.68 -45.23
CA LYS A 256 4.40 -48.60 -44.78
C LYS A 256 3.91 -47.17 -44.55
N MET A 257 4.41 -46.21 -45.34
CA MET A 257 3.97 -44.82 -45.20
C MET A 257 2.63 -44.58 -45.89
N GLY A 258 1.56 -45.13 -45.34
CA GLY A 258 0.27 -45.07 -45.98
C GLY A 258 -0.39 -43.71 -45.95
N ALA A 259 -0.12 -42.94 -44.91
CA ALA A 259 -0.72 -41.61 -44.80
C ALA A 259 -0.14 -40.69 -45.86
N TYR A 260 1.18 -40.73 -45.97
CA TYR A 260 1.93 -39.92 -46.94
C TYR A 260 1.64 -40.36 -48.39
N LEU A 261 1.65 -41.67 -48.63
CA LEU A 261 1.38 -42.20 -49.97
C LEU A 261 -0.04 -41.93 -50.44
N SER A 262 -1.00 -41.90 -49.52
CA SER A 262 -2.40 -41.71 -49.89
C SER A 262 -2.63 -40.31 -50.46
N VAL A 263 -1.95 -39.33 -49.87
CA VAL A 263 -2.08 -37.95 -50.32
C VAL A 263 -1.62 -37.77 -51.77
N GLY A 264 -0.57 -38.48 -52.16
CA GLY A 264 0.00 -38.36 -53.49
C GLY A 264 -0.59 -39.28 -54.55
N LYS A 265 -1.56 -40.10 -54.14
CA LYS A 265 -2.16 -41.10 -55.04
C LYS A 265 -2.73 -40.50 -56.32
N GLY A 266 -3.30 -39.31 -56.22
CA GLY A 266 -3.95 -38.68 -57.36
C GLY A 266 -3.04 -37.82 -58.22
N SER A 267 -1.74 -37.86 -57.96
CA SER A 267 -0.79 -37.04 -58.71
C SER A 267 -0.11 -37.82 -59.82
N MET A 268 0.23 -37.13 -60.90
CA MET A 268 1.00 -37.73 -62.00
C MET A 268 2.46 -37.82 -61.61
N TYR A 269 2.83 -37.14 -60.54
CA TYR A 269 4.21 -37.17 -60.04
C TYR A 269 4.34 -38.14 -58.88
N PRO A 270 5.23 -39.13 -59.02
CA PRO A 270 5.52 -40.06 -57.93
C PRO A 270 6.02 -39.33 -56.69
N ASN A 271 5.58 -39.78 -55.52
CA ASN A 271 6.08 -39.21 -54.26
C ASN A 271 7.59 -39.36 -54.16
N LYS A 272 8.22 -38.35 -53.56
CA LYS A 272 9.66 -38.36 -53.33
C LYS A 272 9.95 -37.91 -51.92
N PHE A 273 10.57 -38.77 -51.12
CA PHE A 273 10.93 -38.42 -49.74
C PHE A 273 12.37 -37.98 -49.67
N ILE A 274 12.58 -36.71 -49.37
CA ILE A 274 13.92 -36.13 -49.33
C ILE A 274 14.57 -36.34 -47.97
N HIS A 275 15.80 -36.86 -47.97
CA HIS A 275 16.56 -37.01 -46.74
C HIS A 275 18.00 -36.56 -46.95
N LEU A 276 18.29 -35.34 -46.52
CA LEU A 276 19.65 -34.80 -46.54
C LEU A 276 20.27 -34.93 -45.16
N THR A 277 21.58 -35.14 -45.10
CA THR A 277 22.26 -35.26 -43.81
C THR A 277 23.57 -34.49 -43.76
N TYR A 278 23.68 -33.61 -42.78
CA TYR A 278 24.96 -32.99 -42.46
C TYR A 278 25.53 -33.64 -41.20
N LYS A 279 26.80 -34.02 -41.26
CA LYS A 279 27.47 -34.58 -40.09
C LYS A 279 28.76 -33.82 -39.81
N SER A 280 28.94 -33.38 -38.58
CA SER A 280 30.14 -32.67 -38.17
C SER A 280 31.34 -33.61 -38.15
N LYS A 281 32.54 -33.05 -38.34
CA LYS A 281 33.75 -33.85 -38.44
C LYS A 281 34.16 -34.49 -37.12
N GLY A 282 34.05 -33.74 -36.03
CA GLY A 282 34.42 -34.23 -34.72
C GLY A 282 33.31 -34.98 -34.03
N ASP A 283 33.47 -35.20 -32.71
CA ASP A 283 32.48 -35.93 -31.92
C ASP A 283 31.14 -35.20 -31.90
N VAL A 284 30.11 -35.89 -32.37
CA VAL A 284 28.76 -35.32 -32.43
C VAL A 284 28.10 -35.31 -31.06
N LYS A 285 27.66 -34.13 -30.63
CA LYS A 285 27.02 -33.98 -29.33
C LYS A 285 25.51 -33.91 -29.44
N LYS A 286 25.01 -33.22 -30.46
CA LYS A 286 23.57 -33.07 -30.68
C LYS A 286 23.13 -33.68 -32.02
N LYS A 287 21.99 -34.36 -32.00
CA LYS A 287 21.38 -34.88 -33.23
C LYS A 287 20.02 -34.22 -33.44
N ILE A 288 19.82 -33.66 -34.62
CA ILE A 288 18.61 -32.89 -34.91
C ILE A 288 17.96 -33.33 -36.23
N ALA A 289 16.63 -33.42 -36.22
CA ALA A 289 15.88 -33.64 -37.45
C ALA A 289 14.98 -32.43 -37.74
N LEU A 290 15.14 -31.86 -38.93
CA LEU A 290 14.31 -30.75 -39.37
C LEU A 290 13.37 -31.25 -40.46
N VAL A 291 12.07 -31.08 -40.23
CA VAL A 291 11.05 -31.62 -41.13
C VAL A 291 10.25 -30.50 -41.78
N GLY A 292 10.15 -30.52 -43.11
CA GLY A 292 9.42 -29.49 -43.81
C GLY A 292 8.29 -30.06 -44.62
N LYS A 293 7.11 -29.47 -44.48
CA LYS A 293 5.96 -29.85 -45.31
C LYS A 293 6.28 -29.54 -46.77
N GLY A 294 6.03 -30.50 -47.64
CA GLY A 294 6.39 -30.37 -49.04
C GLY A 294 5.29 -30.71 -50.04
N ILE A 295 4.16 -30.03 -49.93
CA ILE A 295 3.11 -30.17 -50.93
C ILE A 295 3.36 -29.17 -52.07
N THR A 296 3.82 -29.68 -53.21
CA THR A 296 4.23 -28.81 -54.32
C THR A 296 3.04 -28.08 -54.93
N PHE A 297 1.86 -28.69 -54.86
CA PHE A 297 0.61 -27.98 -55.11
C PHE A 297 -0.52 -28.59 -54.31
N ASP A 298 -1.28 -27.73 -53.64
CA ASP A 298 -2.39 -28.17 -52.81
C ASP A 298 -3.72 -27.72 -53.41
N SER A 299 -4.31 -28.55 -54.26
CA SER A 299 -5.61 -28.25 -54.84
C SER A 299 -6.71 -28.44 -53.79
N GLY A 300 -6.41 -29.20 -52.75
CA GLY A 300 -7.40 -29.58 -51.75
C GLY A 300 -7.84 -31.02 -51.90
N GLY A 301 -7.62 -31.59 -53.08
CA GLY A 301 -8.11 -32.91 -53.38
C GLY A 301 -9.61 -32.86 -53.60
N TYR A 302 -10.32 -33.93 -53.26
CA TYR A 302 -11.76 -33.95 -53.48
C TYR A 302 -12.46 -32.91 -52.59
N ASN A 303 -11.84 -32.56 -51.48
CA ASN A 303 -12.23 -31.36 -50.75
C ASN A 303 -11.58 -30.15 -51.41
N LEU A 304 -11.93 -29.94 -52.68
CA LEU A 304 -11.31 -28.92 -53.52
C LEU A 304 -11.42 -27.53 -52.91
N LYS A 305 -10.36 -26.74 -53.07
CA LYS A 305 -10.40 -25.34 -52.66
C LYS A 305 -11.24 -24.53 -53.65
N ALA A 306 -12.54 -24.51 -53.42
CA ALA A 306 -13.47 -23.81 -54.29
C ALA A 306 -14.25 -22.75 -53.52
N ALA A 307 -14.14 -22.77 -52.20
CA ALA A 307 -14.80 -21.78 -51.36
C ALA A 307 -14.14 -20.42 -51.56
N PRO A 308 -14.94 -19.35 -51.52
CA PRO A 308 -14.40 -17.99 -51.68
C PRO A 308 -13.34 -17.69 -50.63
N GLY A 309 -12.18 -17.19 -51.07
CA GLY A 309 -11.11 -16.84 -50.16
C GLY A 309 -10.12 -17.95 -49.90
N SER A 310 -10.39 -19.15 -50.43
CA SER A 310 -9.49 -20.29 -50.23
C SER A 310 -8.22 -20.15 -51.05
N MET A 311 -8.24 -19.24 -52.03
CA MET A 311 -7.06 -18.84 -52.79
C MET A 311 -6.22 -20.00 -53.33
N ILE A 312 -6.83 -20.78 -54.22
CA ILE A 312 -6.17 -21.97 -54.76
C ILE A 312 -4.93 -21.62 -55.59
N ASP A 313 -4.86 -20.40 -56.10
CA ASP A 313 -3.73 -20.02 -56.95
C ASP A 313 -2.47 -19.66 -56.16
N LEU A 314 -2.59 -19.62 -54.83
CA LEU A 314 -1.45 -19.38 -53.97
C LEU A 314 -0.70 -20.69 -53.63
N MET A 315 -1.38 -21.81 -53.85
CA MET A 315 -0.98 -23.08 -53.24
C MET A 315 0.27 -23.73 -53.82
N LYS A 316 1.02 -22.99 -54.65
CA LYS A 316 2.36 -23.42 -55.02
C LYS A 316 3.29 -23.24 -53.81
N PHE A 317 2.82 -22.48 -52.83
CA PHE A 317 3.62 -22.13 -51.66
C PHE A 317 3.53 -23.19 -50.56
N ASP A 318 2.75 -24.24 -50.80
CA ASP A 318 2.50 -25.25 -49.78
C ASP A 318 3.72 -26.15 -49.54
N MET A 319 4.84 -25.82 -50.20
CA MET A 319 6.09 -26.51 -49.94
C MET A 319 7.09 -25.54 -49.28
N SER A 320 6.57 -24.46 -48.73
CA SER A 320 7.38 -23.45 -48.05
C SER A 320 8.17 -24.04 -46.88
N GLY A 321 7.58 -24.99 -46.19
CA GLY A 321 8.25 -25.67 -45.10
C GLY A 321 9.46 -26.44 -45.59
N CYS A 322 9.28 -27.18 -46.68
CA CYS A 322 10.36 -27.91 -47.31
C CYS A 322 11.46 -26.97 -47.76
N ALA A 323 11.06 -25.82 -48.30
CA ALA A 323 12.01 -24.83 -48.80
C ALA A 323 12.87 -24.24 -47.68
N ALA A 324 12.24 -23.94 -46.54
CA ALA A 324 12.95 -23.39 -45.40
C ALA A 324 14.00 -24.38 -44.92
N VAL A 325 13.64 -25.65 -44.92
CA VAL A 325 14.54 -26.72 -44.51
C VAL A 325 15.72 -26.84 -45.48
N LEU A 326 15.43 -26.77 -46.78
CA LEU A 326 16.48 -26.83 -47.79
C LEU A 326 17.36 -25.59 -47.74
N GLY A 327 16.78 -24.45 -47.39
CA GLY A 327 17.53 -23.22 -47.24
C GLY A 327 18.47 -23.31 -46.06
N CYS A 328 17.94 -23.86 -44.97
CA CYS A 328 18.73 -24.13 -43.76
C CYS A 328 19.88 -25.08 -44.08
N ALA A 329 19.63 -26.05 -44.93
CA ALA A 329 20.66 -26.99 -45.37
C ALA A 329 21.80 -26.25 -46.08
N TYR A 330 21.45 -25.25 -46.88
CA TYR A 330 22.48 -24.46 -47.54
C TYR A 330 23.35 -23.75 -46.50
N CYS A 331 22.71 -23.08 -45.55
CA CYS A 331 23.42 -22.29 -44.56
C CYS A 331 24.31 -23.17 -43.68
N VAL A 332 23.79 -24.33 -43.28
CA VAL A 332 24.53 -25.25 -42.43
C VAL A 332 25.69 -25.88 -43.20
N GLY A 333 25.41 -26.33 -44.41
CA GLY A 333 26.43 -26.93 -45.26
C GLY A 333 27.55 -25.97 -45.62
N THR A 334 27.26 -24.68 -45.56
CA THR A 334 28.25 -23.66 -45.88
C THR A 334 29.02 -23.21 -44.65
N LEU A 335 28.31 -22.96 -43.56
CA LEU A 335 28.93 -22.46 -42.34
C LEU A 335 29.60 -23.57 -41.55
N LYS A 336 29.18 -24.81 -41.81
CA LYS A 336 29.78 -26.00 -41.22
C LYS A 336 29.91 -25.96 -39.70
N PRO A 337 28.78 -26.06 -38.98
CA PRO A 337 28.83 -26.12 -37.51
C PRO A 337 29.50 -27.40 -37.02
N GLU A 338 29.99 -27.37 -35.78
CA GLU A 338 30.69 -28.52 -35.22
C GLU A 338 29.86 -29.26 -34.18
N ASN A 339 30.24 -30.50 -33.91
CA ASN A 339 29.65 -31.34 -32.88
C ASN A 339 28.15 -31.56 -33.04
N VAL A 340 27.68 -31.53 -34.29
CA VAL A 340 26.26 -31.67 -34.53
C VAL A 340 25.97 -32.51 -35.78
N GLU A 341 24.87 -33.25 -35.73
CA GLU A 341 24.40 -34.02 -36.87
C GLU A 341 22.99 -33.61 -37.20
N ILE A 342 22.78 -33.09 -38.41
CA ILE A 342 21.47 -32.58 -38.79
C ILE A 342 20.86 -33.37 -39.94
N HIS A 343 19.60 -33.74 -39.77
CA HIS A 343 18.86 -34.42 -40.82
C HIS A 343 17.80 -33.49 -41.40
N PHE A 344 17.86 -33.29 -42.71
CA PHE A 344 16.91 -32.43 -43.40
C PHE A 344 15.90 -33.27 -44.16
N LEU A 345 14.65 -33.23 -43.74
CA LEU A 345 13.64 -34.16 -44.24
C LEU A 345 12.42 -33.47 -44.86
N SER A 346 11.90 -34.06 -45.93
CA SER A 346 10.61 -33.62 -46.46
C SER A 346 9.90 -34.72 -47.25
N ALA A 347 8.68 -35.02 -46.84
CA ALA A 347 7.84 -35.95 -47.59
C ALA A 347 7.11 -35.17 -48.67
N VAL A 348 7.70 -35.12 -49.86
CA VAL A 348 7.20 -34.30 -50.95
C VAL A 348 6.17 -35.04 -51.80
N CYS A 349 5.06 -34.36 -52.10
CA CYS A 349 4.02 -34.89 -52.98
C CYS A 349 3.09 -33.79 -53.44
N GLU A 350 2.09 -34.17 -54.24
CA GLU A 350 1.14 -33.22 -54.82
C GLU A 350 -0.28 -33.66 -54.53
N ASN A 351 -1.11 -32.75 -54.02
CA ASN A 351 -2.48 -33.09 -53.65
C ASN A 351 -3.47 -32.72 -54.76
N MET A 352 -3.93 -33.73 -55.49
CA MET A 352 -4.69 -33.50 -56.73
C MET A 352 -6.01 -34.25 -56.78
N VAL A 353 -6.83 -33.89 -57.77
CA VAL A 353 -8.11 -34.54 -58.00
C VAL A 353 -7.99 -35.48 -59.20
N SER A 354 -8.41 -36.73 -59.00
CA SER A 354 -8.19 -37.78 -59.98
C SER A 354 -9.06 -38.99 -59.69
N LYS A 355 -9.08 -39.94 -60.62
CA LYS A 355 -9.72 -41.22 -60.37
C LYS A 355 -8.91 -41.98 -59.32
N ASN A 356 -7.64 -41.60 -59.18
CA ASN A 356 -6.71 -42.30 -58.29
C ASN A 356 -6.52 -41.63 -56.94
N SER A 357 -7.16 -40.49 -56.71
CA SER A 357 -7.00 -39.75 -55.47
C SER A 357 -7.58 -40.47 -54.27
N TYR A 358 -7.03 -40.22 -53.08
CA TYR A 358 -7.66 -40.66 -51.83
C TYR A 358 -8.98 -39.90 -51.67
N ARG A 359 -9.91 -40.52 -50.94
CA ARG A 359 -11.26 -39.98 -50.80
C ARG A 359 -11.53 -39.50 -49.39
N PRO A 360 -12.42 -38.51 -49.26
CA PRO A 360 -12.96 -38.17 -47.94
C PRO A 360 -13.61 -39.41 -47.32
N GLY A 361 -13.24 -39.74 -46.09
CA GLY A 361 -13.81 -40.91 -45.43
C GLY A 361 -12.92 -42.14 -45.50
N ASP A 362 -11.89 -42.08 -46.34
CA ASP A 362 -10.93 -43.19 -46.45
C ASP A 362 -10.24 -43.42 -45.12
N ILE A 363 -9.99 -44.69 -44.79
CA ILE A 363 -9.20 -45.00 -43.61
C ILE A 363 -7.85 -45.54 -44.05
N ILE A 364 -6.80 -44.85 -43.62
CA ILE A 364 -5.45 -45.13 -44.06
C ILE A 364 -4.54 -45.47 -42.89
N THR A 365 -3.48 -46.22 -43.14
CA THR A 365 -2.60 -46.65 -42.06
C THR A 365 -1.23 -46.00 -42.15
N ALA A 366 -0.87 -45.23 -41.12
CA ALA A 366 0.45 -44.60 -41.06
C ALA A 366 1.52 -45.65 -40.74
N SER A 367 2.78 -45.24 -40.85
CA SER A 367 3.90 -46.17 -40.71
C SER A 367 4.09 -46.69 -39.29
N ASN A 368 3.52 -46.01 -38.30
CA ASN A 368 3.63 -46.47 -36.93
C ASN A 368 2.46 -47.38 -36.55
N GLY A 369 1.64 -47.72 -37.54
CA GLY A 369 0.55 -48.67 -37.35
C GLY A 369 -0.80 -48.05 -37.04
N LYS A 370 -0.81 -46.75 -36.74
CA LYS A 370 -2.05 -46.08 -36.39
C LYS A 370 -2.95 -45.90 -37.61
N THR A 371 -4.21 -46.31 -37.50
CA THR A 371 -5.18 -46.09 -38.56
C THR A 371 -5.79 -44.69 -38.44
N ILE A 372 -6.06 -44.08 -39.58
CA ILE A 372 -6.50 -42.69 -39.63
C ILE A 372 -7.73 -42.53 -40.51
N GLU A 373 -8.79 -41.94 -39.95
CA GLU A 373 -9.99 -41.65 -40.74
C GLU A 373 -9.88 -40.26 -41.35
N VAL A 374 -9.79 -40.20 -42.68
CA VAL A 374 -9.68 -38.93 -43.40
C VAL A 374 -11.05 -38.24 -43.48
N GLY A 375 -11.17 -37.10 -42.82
CA GLY A 375 -12.41 -36.33 -42.85
C GLY A 375 -12.38 -35.18 -43.83
N ASN A 376 -11.19 -34.87 -44.36
CA ASN A 376 -11.01 -33.74 -45.26
C ASN A 376 -9.69 -33.86 -46.01
N THR A 377 -9.78 -34.10 -47.32
CA THR A 377 -8.59 -34.30 -48.13
C THR A 377 -7.70 -33.06 -48.19
N ASP A 378 -8.25 -31.90 -47.85
CA ASP A 378 -7.47 -30.66 -47.87
C ASP A 378 -6.64 -30.52 -46.59
N ALA A 379 -6.82 -31.45 -45.66
CA ALA A 379 -5.99 -31.48 -44.47
C ALA A 379 -4.85 -32.48 -44.67
N GLU A 380 -4.17 -32.36 -45.80
CA GLU A 380 -3.23 -33.39 -46.25
C GLU A 380 -1.83 -33.23 -45.66
N GLY A 381 -1.49 -32.01 -45.24
CA GLY A 381 -0.16 -31.72 -44.72
C GLY A 381 0.17 -32.53 -43.48
N ARG A 382 -0.80 -32.63 -42.57
CA ARG A 382 -0.59 -33.37 -41.32
C ARG A 382 -0.42 -34.85 -41.56
N LEU A 383 -0.98 -35.34 -42.67
CA LEU A 383 -0.85 -36.74 -43.04
C LEU A 383 0.55 -37.06 -43.50
N THR A 384 1.09 -36.21 -44.38
CA THR A 384 2.45 -36.38 -44.86
C THR A 384 3.45 -36.22 -43.71
N LEU A 385 3.19 -35.26 -42.83
CA LEU A 385 4.05 -35.00 -41.69
C LEU A 385 4.03 -36.15 -40.69
N ALA A 386 2.86 -36.81 -40.57
CA ALA A 386 2.72 -37.94 -39.66
C ALA A 386 3.75 -39.02 -39.97
N ASP A 387 3.85 -39.39 -41.25
CA ASP A 387 4.80 -40.41 -41.66
C ASP A 387 6.23 -39.89 -41.58
N ALA A 388 6.41 -38.60 -41.86
CA ALA A 388 7.74 -37.99 -41.79
C ALA A 388 8.25 -37.95 -40.35
N LEU A 389 7.34 -37.69 -39.41
CA LEU A 389 7.70 -37.64 -37.99
C LEU A 389 8.10 -39.00 -37.45
N VAL A 390 7.41 -40.05 -37.90
CA VAL A 390 7.75 -41.42 -37.52
C VAL A 390 9.15 -41.77 -38.03
N TYR A 391 9.41 -41.42 -39.29
CA TYR A 391 10.71 -41.63 -39.91
C TYR A 391 11.81 -40.89 -39.13
N ALA A 392 11.50 -39.67 -38.71
CA ALA A 392 12.45 -38.83 -38.02
C ALA A 392 12.85 -39.38 -36.65
N GLU A 393 11.85 -39.79 -35.86
CA GLU A 393 12.13 -40.33 -34.54
C GLU A 393 12.89 -41.64 -34.63
N LYS A 394 12.71 -42.36 -35.74
CA LYS A 394 13.42 -43.60 -35.95
C LYS A 394 14.90 -43.37 -36.22
N LEU A 395 15.27 -42.14 -36.53
CA LEU A 395 16.67 -41.80 -36.74
C LEU A 395 17.41 -41.74 -35.41
N GLY A 396 16.66 -41.55 -34.33
CA GLY A 396 17.22 -41.49 -33.00
C GLY A 396 17.91 -40.16 -32.74
N VAL A 397 17.13 -39.09 -32.77
CA VAL A 397 17.68 -37.75 -32.60
C VAL A 397 17.32 -37.15 -31.24
N ASP A 398 17.89 -35.99 -30.95
CA ASP A 398 17.62 -35.28 -29.71
C ASP A 398 16.41 -34.35 -29.84
N TYR A 399 16.32 -33.68 -30.99
CA TYR A 399 15.19 -32.79 -31.26
C TYR A 399 14.60 -33.05 -32.64
N ILE A 400 13.27 -33.00 -32.71
CA ILE A 400 12.58 -32.97 -33.99
C ILE A 400 11.83 -31.65 -34.12
N VAL A 401 12.13 -30.89 -35.17
CA VAL A 401 11.40 -29.66 -35.42
C VAL A 401 10.80 -29.69 -36.82
N ASP A 402 9.50 -29.50 -36.91
CA ASP A 402 8.87 -29.43 -38.21
C ASP A 402 8.40 -28.02 -38.50
N ILE A 403 8.33 -27.68 -39.79
CA ILE A 403 7.91 -26.36 -40.21
C ILE A 403 6.97 -26.53 -41.40
N ALA A 404 5.84 -25.85 -41.37
CA ALA A 404 4.78 -26.16 -42.32
C ALA A 404 3.77 -25.04 -42.50
N THR A 405 3.32 -24.90 -43.74
CA THR A 405 2.14 -24.08 -44.05
C THR A 405 0.90 -24.92 -43.78
N LEU A 406 0.61 -25.14 -42.50
CA LEU A 406 -0.34 -26.18 -42.11
C LEU A 406 -1.79 -25.72 -42.05
N THR A 407 -2.07 -24.63 -41.35
CA THR A 407 -3.46 -24.20 -41.16
C THR A 407 -3.70 -22.74 -41.49
N GLY A 408 -4.74 -22.48 -42.29
CA GLY A 408 -5.14 -21.12 -42.63
C GLY A 408 -5.58 -20.30 -41.43
N ALA A 409 -5.92 -20.97 -40.34
CA ALA A 409 -6.38 -20.29 -39.13
C ALA A 409 -5.29 -19.43 -38.49
N MET A 410 -4.03 -19.64 -38.90
CA MET A 410 -2.92 -18.84 -38.38
C MET A 410 -3.10 -17.38 -38.76
N LEU A 411 -3.73 -17.15 -39.90
CA LEU A 411 -4.04 -15.80 -40.36
C LEU A 411 -4.97 -15.09 -39.38
N TYR A 412 -5.78 -15.88 -38.68
CA TYR A 412 -6.75 -15.32 -37.74
C TYR A 412 -6.20 -15.24 -36.31
N SER A 413 -5.12 -15.98 -36.04
CA SER A 413 -4.55 -16.01 -34.71
C SER A 413 -3.36 -15.04 -34.58
N LEU A 414 -2.34 -15.24 -35.40
CA LEU A 414 -1.13 -14.44 -35.31
C LEU A 414 -0.95 -13.50 -36.50
N GLY A 415 -1.63 -13.80 -37.60
CA GLY A 415 -1.58 -12.95 -38.77
C GLY A 415 -0.41 -13.25 -39.69
N THR A 416 0.09 -12.22 -40.37
CA THR A 416 1.08 -12.39 -41.41
C THR A 416 2.54 -12.15 -40.97
N SER A 417 2.73 -11.69 -39.74
CA SER A 417 4.08 -11.36 -39.28
C SER A 417 4.70 -12.41 -38.35
N TYR A 418 3.88 -12.94 -37.44
CA TYR A 418 4.38 -13.90 -36.46
C TYR A 418 3.96 -15.32 -36.79
N ALA A 419 4.92 -16.24 -36.83
CA ALA A 419 4.62 -17.66 -36.95
C ALA A 419 4.27 -18.21 -35.57
N GLY A 420 3.57 -19.34 -35.54
CA GLY A 420 3.23 -19.98 -34.28
C GLY A 420 4.08 -21.22 -34.04
N VAL A 421 4.50 -21.43 -32.80
CA VAL A 421 5.21 -22.67 -32.46
C VAL A 421 4.45 -23.45 -31.38
N PHE A 422 4.34 -24.75 -31.60
CA PHE A 422 3.71 -25.67 -30.67
C PHE A 422 4.74 -26.75 -30.34
N GLY A 423 4.53 -27.49 -29.26
CA GLY A 423 5.47 -28.55 -28.92
C GLY A 423 5.15 -29.34 -27.66
N ASN A 424 5.93 -30.39 -27.43
CA ASN A 424 5.75 -31.26 -26.27
C ASN A 424 6.86 -31.09 -25.23
N ASN A 425 7.69 -30.07 -25.41
CA ASN A 425 8.88 -29.89 -24.58
C ASN A 425 9.24 -28.42 -24.43
N GLU A 426 9.14 -27.90 -23.20
CA GLU A 426 9.33 -26.48 -22.96
C GLU A 426 10.73 -25.97 -23.28
N GLU A 427 11.75 -26.80 -23.02
CA GLU A 427 13.12 -26.37 -23.25
C GLU A 427 13.40 -26.22 -24.74
N LEU A 428 12.86 -27.13 -25.55
CA LEU A 428 12.99 -27.03 -27.00
C LEU A 428 12.24 -25.80 -27.52
N ILE A 429 11.05 -25.57 -26.99
CA ILE A 429 10.26 -24.39 -27.35
C ILE A 429 11.01 -23.11 -27.02
N ASN A 430 11.62 -23.08 -25.83
CA ASN A 430 12.41 -21.93 -25.42
C ASN A 430 13.61 -21.70 -26.34
N LYS A 431 14.20 -22.78 -26.84
CA LYS A 431 15.32 -22.67 -27.77
C LYS A 431 14.86 -22.13 -29.11
N ILE A 432 13.65 -22.51 -29.53
CA ILE A 432 13.07 -22.01 -30.76
C ILE A 432 12.78 -20.51 -30.64
N LEU A 433 12.22 -20.12 -29.49
CA LEU A 433 11.91 -18.71 -29.24
C LEU A 433 13.19 -17.88 -29.19
N GLN A 434 14.25 -18.45 -28.62
CA GLN A 434 15.53 -17.75 -28.53
C GLN A 434 16.12 -17.58 -29.93
N SER A 435 15.95 -18.59 -30.76
CA SER A 435 16.40 -18.53 -32.14
C SER A 435 15.61 -17.50 -32.94
N SER A 436 14.35 -17.33 -32.58
CA SER A 436 13.51 -16.30 -33.19
C SER A 436 14.08 -14.91 -32.90
N LYS A 437 14.54 -14.72 -31.67
CA LYS A 437 15.13 -13.45 -31.25
C LYS A 437 16.37 -13.10 -32.06
N THR A 438 17.31 -14.04 -32.12
CA THR A 438 18.60 -13.76 -32.75
C THR A 438 18.52 -13.76 -34.27
N SER A 439 17.52 -14.43 -34.83
CA SER A 439 17.36 -14.45 -36.29
C SER A 439 16.43 -13.33 -36.76
N ASN A 440 15.73 -12.73 -35.81
CA ASN A 440 14.73 -11.70 -36.10
C ASN A 440 13.63 -12.17 -37.04
N GLU A 441 13.32 -13.47 -36.96
CA GLU A 441 12.13 -14.02 -37.58
C GLU A 441 11.11 -14.36 -36.50
N PRO A 442 10.09 -13.50 -36.35
CA PRO A 442 9.13 -13.54 -35.23
C PRO A 442 8.35 -14.85 -35.10
N VAL A 443 8.34 -15.40 -33.89
CA VAL A 443 7.57 -16.60 -33.58
C VAL A 443 6.89 -16.40 -32.23
N TRP A 444 5.67 -16.92 -32.08
CA TRP A 444 4.96 -16.85 -30.81
C TRP A 444 4.54 -18.24 -30.35
N TRP A 445 4.73 -18.51 -29.07
CA TRP A 445 4.39 -19.80 -28.48
C TRP A 445 2.87 -19.96 -28.32
N LEU A 446 2.33 -21.00 -28.95
CA LEU A 446 0.90 -21.29 -28.86
C LEU A 446 0.69 -22.66 -28.22
N PRO A 447 -0.41 -22.83 -27.47
CA PRO A 447 -0.58 -24.03 -26.65
C PRO A 447 -1.16 -25.24 -27.38
N ILE A 448 -0.74 -26.43 -26.96
CA ILE A 448 -1.41 -27.65 -27.37
C ILE A 448 -2.41 -28.01 -26.27
N ILE A 449 -3.68 -27.73 -26.52
CA ILE A 449 -4.71 -27.88 -25.50
C ILE A 449 -5.27 -29.31 -25.49
N ASN A 450 -4.90 -30.05 -24.45
CA ASN A 450 -5.24 -31.47 -24.35
C ASN A 450 -6.74 -31.75 -24.31
N GLU A 451 -7.52 -30.81 -23.82
CA GLU A 451 -8.96 -30.99 -23.74
C GLU A 451 -9.58 -31.22 -25.13
N TYR A 452 -8.89 -30.75 -26.17
CA TYR A 452 -9.39 -30.89 -27.53
C TYR A 452 -9.07 -32.27 -28.12
N ARG A 453 -8.22 -33.05 -27.46
CA ARG A 453 -7.82 -34.35 -28.00
C ARG A 453 -9.00 -35.30 -28.24
N ALA A 454 -10.01 -35.19 -27.39
CA ALA A 454 -11.18 -36.08 -27.47
C ALA A 454 -11.94 -35.95 -28.80
N THR A 455 -11.80 -34.80 -29.46
CA THR A 455 -12.50 -34.57 -30.72
C THR A 455 -11.88 -35.35 -31.87
N LEU A 456 -10.69 -35.89 -31.65
CA LEU A 456 -10.01 -36.68 -32.66
C LEU A 456 -10.30 -38.17 -32.50
N ASN A 457 -11.14 -38.52 -31.53
CA ASN A 457 -11.53 -39.90 -31.33
C ASN A 457 -12.43 -40.38 -32.45
N SER A 458 -11.94 -41.36 -33.22
CA SER A 458 -12.70 -41.91 -34.34
C SER A 458 -13.54 -43.10 -33.90
N LYS A 459 -14.73 -43.23 -34.48
CA LYS A 459 -15.61 -44.35 -34.18
C LYS A 459 -15.03 -45.67 -34.73
N TYR A 460 -14.35 -45.59 -35.87
CA TYR A 460 -13.88 -46.78 -36.57
C TYR A 460 -12.36 -46.90 -36.64
N ALA A 461 -11.67 -45.81 -36.92
CA ALA A 461 -10.22 -45.83 -36.96
C ALA A 461 -9.63 -45.53 -35.59
N ASP A 462 -8.30 -45.56 -35.47
CA ASP A 462 -7.64 -45.23 -34.23
C ASP A 462 -7.78 -43.74 -33.90
N ILE A 463 -7.83 -42.91 -34.94
CA ILE A 463 -7.85 -41.48 -34.74
C ILE A 463 -8.42 -40.74 -35.96
N ASN A 464 -9.08 -39.61 -35.71
CA ASN A 464 -9.53 -38.74 -36.79
C ASN A 464 -8.42 -37.84 -37.29
N GLN A 465 -8.42 -37.61 -38.60
CA GLN A 465 -7.52 -36.66 -39.22
C GLN A 465 -7.84 -35.25 -38.74
N ILE A 466 -9.13 -34.93 -38.72
CA ILE A 466 -9.58 -33.59 -38.33
C ILE A 466 -10.67 -33.63 -37.28
N SER A 467 -10.86 -32.51 -36.60
CA SER A 467 -11.97 -32.35 -35.68
C SER A 467 -13.26 -32.12 -36.47
N SER A 468 -14.39 -32.29 -35.79
CA SER A 468 -15.68 -31.97 -36.39
C SER A 468 -16.24 -30.68 -35.81
N SER A 469 -15.85 -30.36 -34.58
CA SER A 469 -16.52 -29.31 -33.82
C SER A 469 -15.64 -28.17 -33.32
N VAL A 470 -14.34 -28.41 -33.15
CA VAL A 470 -13.49 -27.48 -32.41
C VAL A 470 -13.30 -26.11 -33.08
N LYS A 471 -12.92 -26.10 -34.36
CA LYS A 471 -12.66 -24.90 -35.16
C LYS A 471 -11.31 -24.24 -34.87
N ALA A 472 -10.72 -24.54 -33.71
CA ALA A 472 -9.35 -24.11 -33.44
C ALA A 472 -8.37 -25.03 -34.15
N SER A 473 -8.35 -24.94 -35.48
CA SER A 473 -7.72 -25.94 -36.32
C SER A 473 -6.20 -26.06 -36.13
N SER A 474 -5.53 -24.96 -35.83
CA SER A 474 -4.08 -24.98 -35.67
C SER A 474 -3.67 -25.82 -34.45
N ILE A 475 -4.46 -25.73 -33.39
CA ILE A 475 -4.21 -26.50 -32.18
C ILE A 475 -4.57 -27.97 -32.39
N VAL A 476 -5.71 -28.21 -33.03
CA VAL A 476 -6.16 -29.57 -33.32
C VAL A 476 -5.16 -30.28 -34.24
N ALA A 477 -4.66 -29.57 -35.24
CA ALA A 477 -3.65 -30.13 -36.13
C ALA A 477 -2.40 -30.53 -35.35
N SER A 478 -2.04 -29.70 -34.36
CA SER A 478 -0.91 -29.98 -33.49
C SER A 478 -1.15 -31.20 -32.60
N LEU A 479 -2.40 -31.36 -32.14
CA LEU A 479 -2.81 -32.53 -31.38
C LEU A 479 -2.58 -33.80 -32.19
N PHE A 480 -2.96 -33.73 -33.46
CA PHE A 480 -2.79 -34.87 -34.37
C PHE A 480 -1.32 -35.23 -34.55
N LEU A 481 -0.49 -34.23 -34.83
CA LEU A 481 0.94 -34.43 -35.05
C LEU A 481 1.62 -35.07 -33.83
N LYS A 482 1.25 -34.62 -32.64
CA LYS A 482 1.83 -35.12 -31.41
C LYS A 482 1.68 -36.63 -31.26
N GLU A 483 0.62 -37.17 -31.85
CA GLU A 483 0.33 -38.60 -31.77
C GLU A 483 1.36 -39.43 -32.51
N PHE A 484 2.23 -38.77 -33.27
CA PHE A 484 3.20 -39.49 -34.09
C PHE A 484 4.62 -39.21 -33.63
N VAL A 485 4.75 -38.67 -32.42
CA VAL A 485 6.03 -38.53 -31.73
C VAL A 485 5.90 -39.14 -30.34
N GLN A 486 6.61 -40.24 -30.10
CA GLN A 486 6.43 -41.00 -28.87
C GLN A 486 7.34 -40.52 -27.72
N ASN A 487 8.64 -40.50 -27.95
CA ASN A 487 9.60 -40.24 -26.86
C ASN A 487 10.68 -39.23 -27.19
N THR A 488 10.37 -38.24 -28.02
CA THR A 488 11.38 -37.27 -28.44
C THR A 488 10.88 -35.84 -28.30
N ALA A 489 11.76 -34.95 -27.83
CA ALA A 489 11.47 -33.52 -27.78
C ALA A 489 11.12 -33.03 -29.19
N TRP A 490 9.95 -32.40 -29.32
CA TRP A 490 9.45 -32.03 -30.64
C TRP A 490 8.76 -30.67 -30.64
N ALA A 491 8.94 -29.91 -31.71
CA ALA A 491 8.29 -28.63 -31.88
C ALA A 491 7.74 -28.47 -33.30
N HIS A 492 6.66 -27.73 -33.42
CA HIS A 492 5.95 -27.56 -34.68
C HIS A 492 5.77 -26.07 -34.98
N ILE A 493 6.23 -25.65 -36.15
CA ILE A 493 6.15 -24.23 -36.53
C ILE A 493 5.19 -24.05 -37.71
N ASP A 494 4.04 -23.44 -37.44
CA ASP A 494 3.03 -23.23 -38.46
C ASP A 494 3.25 -21.90 -39.15
N ILE A 495 3.67 -21.94 -40.41
CA ILE A 495 4.01 -20.73 -41.15
C ILE A 495 3.02 -20.43 -42.28
N ALA A 496 1.81 -20.95 -42.15
CA ALA A 496 0.79 -20.78 -43.19
C ALA A 496 0.43 -19.29 -43.39
N GLY A 497 0.54 -18.52 -42.33
CA GLY A 497 0.17 -17.12 -42.38
C GLY A 497 1.29 -16.17 -42.77
N VAL A 498 2.53 -16.56 -42.47
CA VAL A 498 3.66 -15.66 -42.66
C VAL A 498 4.56 -15.99 -43.85
N SER A 499 4.28 -17.10 -44.54
CA SER A 499 5.16 -17.54 -45.62
C SER A 499 5.13 -16.60 -46.82
N TRP A 500 3.94 -16.14 -47.18
CA TRP A 500 3.79 -15.32 -48.37
C TRP A 500 3.64 -13.84 -48.05
N ASN A 501 4.46 -13.01 -48.69
CA ASN A 501 4.35 -11.56 -48.58
C ASN A 501 3.33 -11.04 -49.58
N PHE A 502 2.11 -10.78 -49.09
CA PHE A 502 0.98 -10.46 -49.97
C PHE A 502 1.09 -9.09 -50.63
N LYS A 503 1.65 -8.12 -49.92
CA LYS A 503 1.79 -6.78 -50.46
C LYS A 503 2.84 -6.74 -51.57
N ALA A 504 3.93 -7.48 -51.38
CA ALA A 504 5.03 -7.49 -52.34
C ALA A 504 4.88 -8.59 -53.39
N ARG A 505 3.85 -9.42 -53.22
CA ARG A 505 3.55 -10.51 -54.16
C ARG A 505 4.72 -11.47 -54.35
N LYS A 506 5.38 -11.81 -53.26
CA LYS A 506 6.54 -12.71 -53.32
C LYS A 506 6.68 -13.50 -52.03
N PRO A 507 7.43 -14.61 -52.06
CA PRO A 507 7.68 -15.37 -50.83
C PRO A 507 8.61 -14.62 -49.89
N LYS A 508 8.68 -15.06 -48.64
CA LYS A 508 9.61 -14.46 -47.68
C LYS A 508 10.82 -15.34 -47.45
N GLY A 509 10.69 -16.63 -47.76
CA GLY A 509 11.70 -17.61 -47.41
C GLY A 509 11.79 -17.73 -45.90
N PHE A 510 10.66 -17.54 -45.23
CA PHE A 510 10.57 -17.55 -43.77
C PHE A 510 11.04 -18.87 -43.19
N GLY A 511 11.84 -18.81 -42.13
CA GLY A 511 12.22 -19.99 -41.39
C GLY A 511 13.67 -20.42 -41.58
N VAL A 512 14.27 -20.04 -42.70
CA VAL A 512 15.65 -20.42 -43.00
C VAL A 512 16.62 -19.95 -41.92
N ARG A 513 16.55 -18.67 -41.59
CA ARG A 513 17.45 -18.11 -40.59
C ARG A 513 17.08 -18.59 -39.19
N LEU A 514 15.78 -18.65 -38.91
CA LEU A 514 15.29 -19.17 -37.64
C LEU A 514 15.86 -20.55 -37.33
N LEU A 515 15.75 -21.46 -38.30
CA LEU A 515 16.21 -22.82 -38.11
C LEU A 515 17.73 -22.91 -38.05
N THR A 516 18.41 -22.12 -38.88
CA THR A 516 19.88 -22.14 -38.89
C THR A 516 20.43 -21.66 -37.54
N GLU A 517 19.86 -20.56 -37.05
CA GLU A 517 20.23 -20.05 -35.73
C GLU A 517 19.99 -21.08 -34.64
N PHE A 518 18.92 -21.85 -34.79
CA PHE A 518 18.62 -22.93 -33.85
C PHE A 518 19.70 -23.99 -33.87
N VAL A 519 20.11 -24.37 -35.07
CA VAL A 519 21.17 -25.37 -35.24
C VAL A 519 22.50 -24.89 -34.68
N LEU A 520 22.88 -23.66 -35.01
CA LEU A 520 24.19 -23.13 -34.64
C LEU A 520 24.37 -22.89 -33.15
N ASN A 521 23.48 -22.08 -32.58
CA ASN A 521 23.64 -21.64 -31.20
C ASN A 521 23.32 -22.72 -30.16
N ASP A 522 22.78 -23.85 -30.62
CA ASP A 522 22.49 -24.96 -29.72
C ASP A 522 23.73 -25.81 -29.47
N SER B 5 -12.89 -59.33 -60.64
CA SER B 5 -12.60 -59.97 -59.36
C SER B 5 -11.34 -59.39 -58.70
N GLU B 6 -10.32 -59.11 -59.51
CA GLU B 6 -9.10 -58.51 -58.98
C GLU B 6 -9.29 -57.02 -58.73
N VAL B 7 -9.00 -56.59 -57.49
CA VAL B 7 -9.15 -55.20 -57.11
C VAL B 7 -7.92 -54.38 -57.50
N PRO B 8 -8.11 -53.38 -58.37
CA PRO B 8 -6.98 -52.52 -58.78
C PRO B 8 -6.46 -51.68 -57.63
N GLN B 9 -5.15 -51.43 -57.62
CA GLN B 9 -4.52 -50.62 -56.59
C GLN B 9 -3.78 -49.46 -57.22
N VAL B 10 -3.66 -48.35 -56.48
CA VAL B 10 -2.77 -47.27 -56.90
C VAL B 10 -1.38 -47.55 -56.32
N VAL B 11 -1.35 -47.81 -55.01
CA VAL B 11 -0.12 -48.24 -54.35
C VAL B 11 -0.39 -49.57 -53.65
N SER B 12 0.68 -50.30 -53.34
CA SER B 12 0.55 -51.64 -52.76
C SER B 12 -0.13 -51.63 -51.39
N LEU B 13 -0.25 -50.45 -50.78
CA LEU B 13 -0.87 -50.33 -49.48
C LEU B 13 -2.40 -50.24 -49.56
N ASP B 14 -2.91 -50.03 -50.78
CA ASP B 14 -4.36 -50.00 -50.99
C ASP B 14 -4.98 -51.38 -50.74
N PRO B 15 -6.01 -51.42 -49.87
CA PRO B 15 -6.69 -52.68 -49.54
C PRO B 15 -7.39 -53.31 -50.73
N THR B 16 -7.38 -54.64 -50.79
CA THR B 16 -7.97 -55.36 -51.92
C THR B 16 -9.20 -56.17 -51.52
N SER B 17 -9.69 -55.96 -50.30
CA SER B 17 -10.93 -56.60 -49.88
C SER B 17 -11.56 -55.88 -48.70
N ILE B 18 -12.85 -56.09 -48.52
CA ILE B 18 -13.56 -55.57 -47.35
C ILE B 18 -13.41 -56.54 -46.18
N PRO B 19 -12.89 -56.06 -45.05
CA PRO B 19 -12.91 -56.93 -43.87
C PRO B 19 -14.34 -57.16 -43.40
N ILE B 20 -14.75 -58.41 -43.35
CA ILE B 20 -16.10 -58.75 -42.93
C ILE B 20 -16.09 -59.76 -41.79
N GLU B 21 -16.75 -59.39 -40.69
CA GLU B 21 -16.86 -60.26 -39.53
C GLU B 21 -18.19 -61.01 -39.60
N TYR B 22 -18.12 -62.33 -39.75
CA TYR B 22 -19.33 -63.14 -39.88
C TYR B 22 -19.80 -63.66 -38.52
N ASN B 23 -18.97 -64.47 -37.87
CA ASN B 23 -19.29 -64.92 -36.52
C ASN B 23 -18.91 -63.87 -35.50
N THR B 24 -19.91 -63.11 -35.05
CA THR B 24 -19.72 -62.05 -34.09
C THR B 24 -19.84 -62.61 -32.67
N PRO B 25 -19.31 -61.89 -31.67
CA PRO B 25 -19.50 -62.29 -30.28
C PRO B 25 -20.97 -62.46 -29.90
N ILE B 26 -21.86 -61.77 -30.59
CA ILE B 26 -23.30 -61.89 -30.37
C ILE B 26 -23.77 -63.32 -30.63
N HIS B 27 -23.22 -63.95 -31.67
CA HIS B 27 -23.58 -65.32 -32.01
C HIS B 27 -23.19 -66.30 -30.93
N ASP B 28 -22.16 -65.96 -30.16
CA ASP B 28 -21.66 -66.84 -29.11
C ASP B 28 -22.55 -66.82 -27.87
N ILE B 29 -23.42 -65.81 -27.77
CA ILE B 29 -24.31 -65.68 -26.62
C ILE B 29 -25.38 -66.76 -26.63
N LYS B 30 -25.33 -67.65 -25.63
CA LYS B 30 -26.38 -68.65 -25.46
C LYS B 30 -27.61 -67.98 -24.87
N VAL B 31 -28.74 -68.08 -25.58
CA VAL B 31 -29.97 -67.43 -25.15
C VAL B 31 -31.00 -68.43 -24.65
N GLN B 32 -31.53 -68.18 -23.46
CA GLN B 32 -32.55 -69.03 -22.86
C GLN B 32 -33.79 -68.22 -22.49
N VAL B 33 -34.96 -68.73 -22.87
CA VAL B 33 -36.22 -68.09 -22.53
C VAL B 33 -37.01 -68.94 -21.54
N TYR B 34 -37.43 -68.34 -20.44
CA TYR B 34 -38.25 -69.03 -19.45
C TYR B 34 -39.56 -68.29 -19.26
N ASP B 35 -40.58 -69.00 -18.76
CA ASP B 35 -41.85 -68.35 -18.47
C ASP B 35 -41.78 -67.66 -17.11
N ILE B 36 -42.34 -66.46 -17.05
CA ILE B 36 -42.25 -65.63 -15.85
C ILE B 36 -43.12 -66.19 -14.72
N LYS B 37 -44.09 -67.03 -15.09
CA LYS B 37 -45.01 -67.61 -14.12
C LYS B 37 -44.30 -68.58 -13.19
N GLY B 38 -43.26 -69.23 -13.71
CA GLY B 38 -42.48 -70.16 -12.92
C GLY B 38 -41.57 -69.49 -11.91
N GLY B 39 -41.47 -68.17 -11.99
CA GLY B 39 -40.63 -67.42 -11.08
C GLY B 39 -39.25 -67.16 -11.65
N CYS B 40 -38.50 -66.27 -11.02
CA CYS B 40 -37.18 -65.89 -11.52
C CYS B 40 -36.04 -66.32 -10.60
N ASN B 41 -35.04 -66.98 -11.17
CA ASN B 41 -33.81 -67.28 -10.44
C ASN B 41 -32.81 -66.14 -10.61
N VAL B 42 -32.14 -65.78 -9.51
CA VAL B 42 -31.12 -64.74 -9.54
C VAL B 42 -29.83 -65.27 -8.94
N GLU B 43 -28.94 -65.78 -9.79
CA GLU B 43 -27.75 -66.46 -9.32
C GLU B 43 -26.45 -65.75 -9.69
N GLU B 44 -26.25 -65.46 -10.97
CA GLU B 44 -25.00 -64.85 -11.41
C GLU B 44 -25.19 -63.81 -12.51
N GLY B 45 -24.18 -62.98 -12.70
CA GLY B 45 -24.20 -61.94 -13.71
C GLY B 45 -25.05 -60.76 -13.29
N LEU B 46 -25.80 -60.22 -14.23
CA LEU B 46 -26.67 -59.08 -13.94
C LEU B 46 -28.11 -59.39 -14.35
N THR B 47 -29.05 -59.14 -13.45
CA THR B 47 -30.46 -59.35 -13.74
C THR B 47 -31.21 -58.04 -13.78
N ILE B 48 -31.83 -57.76 -14.93
CA ILE B 48 -32.53 -56.49 -15.12
C ILE B 48 -34.03 -56.68 -15.27
N PHE B 49 -34.79 -55.92 -14.49
CA PHE B 49 -36.24 -55.91 -14.61
C PHE B 49 -36.70 -54.74 -15.47
N LEU B 50 -37.47 -55.05 -16.52
CA LEU B 50 -38.08 -54.01 -17.33
C LEU B 50 -39.45 -53.66 -16.77
N VAL B 51 -39.52 -52.54 -16.05
CA VAL B 51 -40.75 -52.17 -15.36
C VAL B 51 -41.33 -50.84 -15.85
N ASN B 52 -42.65 -50.73 -15.75
CA ASN B 52 -43.37 -49.49 -15.99
C ASN B 52 -44.39 -49.26 -14.88
N ASN B 53 -45.17 -48.19 -15.00
CA ASN B 53 -46.34 -48.00 -14.15
C ASN B 53 -47.37 -47.18 -14.92
N PRO B 54 -48.35 -47.86 -15.54
CA PRO B 54 -49.37 -47.26 -16.41
C PRO B 54 -50.18 -46.15 -15.75
N GLY B 55 -50.09 -44.93 -16.26
CA GLY B 55 -50.93 -43.84 -15.79
C GLY B 55 -50.28 -42.89 -14.80
N LYS B 56 -49.15 -43.31 -14.23
CA LYS B 56 -48.43 -42.48 -13.28
C LYS B 56 -47.07 -42.08 -13.83
N GLU B 57 -46.99 -40.87 -14.37
CA GLU B 57 -45.82 -40.34 -15.08
C GLU B 57 -44.48 -40.90 -14.63
N ASN B 58 -44.07 -40.54 -13.42
CA ASN B 58 -42.86 -41.09 -12.84
C ASN B 58 -43.17 -41.85 -11.56
N GLY B 59 -44.15 -42.74 -11.64
CA GLY B 59 -44.58 -43.54 -10.51
C GLY B 59 -43.49 -44.47 -10.01
N PRO B 60 -43.68 -45.03 -8.80
CA PRO B 60 -42.67 -45.89 -8.19
C PRO B 60 -42.48 -47.18 -8.98
N VAL B 61 -41.31 -47.79 -8.86
CA VAL B 61 -41.11 -49.10 -9.47
C VAL B 61 -41.67 -50.16 -8.53
N LYS B 62 -42.20 -51.22 -9.10
CA LYS B 62 -42.79 -52.30 -8.31
C LYS B 62 -42.57 -53.64 -9.00
N ILE B 63 -41.73 -54.47 -8.39
CA ILE B 63 -41.41 -55.78 -8.96
C ILE B 63 -42.54 -56.77 -8.68
N SER B 64 -43.36 -57.02 -9.70
CA SER B 64 -44.52 -57.87 -9.56
C SER B 64 -44.18 -59.36 -9.59
N SER B 65 -43.18 -59.71 -10.40
CA SER B 65 -42.82 -61.11 -10.63
C SER B 65 -42.35 -61.82 -9.37
N LYS B 66 -42.53 -63.13 -9.34
CA LYS B 66 -42.06 -63.95 -8.23
C LYS B 66 -40.58 -64.25 -8.40
N VAL B 67 -39.81 -64.01 -7.35
CA VAL B 67 -38.38 -64.25 -7.38
C VAL B 67 -38.00 -65.43 -6.49
N ASN B 68 -37.48 -66.49 -7.09
CA ASN B 68 -37.17 -67.72 -6.37
C ASN B 68 -35.96 -67.59 -5.44
N ASP B 69 -35.96 -66.53 -4.63
CA ASP B 69 -34.90 -66.29 -3.67
C ASP B 69 -35.41 -65.36 -2.58
N LYS B 70 -35.41 -65.84 -1.34
CA LYS B 70 -35.95 -65.08 -0.21
C LYS B 70 -35.22 -63.76 0.00
N GLN B 71 -33.90 -63.80 -0.02
CA GLN B 71 -33.08 -62.61 0.20
C GLN B 71 -33.33 -61.56 -0.87
N VAL B 72 -33.27 -61.97 -2.13
CA VAL B 72 -33.50 -61.07 -3.26
C VAL B 72 -34.92 -60.52 -3.22
N SER B 73 -35.88 -61.36 -2.86
CA SER B 73 -37.28 -60.96 -2.76
C SER B 73 -37.46 -59.87 -1.71
N GLU B 74 -36.80 -60.05 -0.56
CA GLU B 74 -36.87 -59.08 0.53
C GLU B 74 -36.30 -57.73 0.09
N PHE B 75 -35.25 -57.78 -0.73
CA PHE B 75 -34.64 -56.57 -1.25
C PHE B 75 -35.59 -55.86 -2.21
N LEU B 76 -36.32 -56.65 -3.00
CA LEU B 76 -37.22 -56.10 -4.02
C LEU B 76 -38.63 -55.87 -3.49
N LYS B 77 -38.76 -55.74 -2.17
CA LYS B 77 -40.04 -55.40 -1.56
C LYS B 77 -40.47 -54.00 -2.02
N ASP B 78 -41.79 -53.78 -2.07
CA ASP B 78 -42.34 -52.51 -2.57
C ASP B 78 -41.80 -51.30 -1.81
N GLU B 79 -41.67 -51.44 -0.49
CA GLU B 79 -41.17 -50.35 0.34
C GLU B 79 -39.74 -49.98 -0.04
N ASN B 80 -38.90 -50.99 -0.25
CA ASN B 80 -37.50 -50.78 -0.61
C ASN B 80 -37.34 -50.14 -1.99
N MET B 81 -38.36 -50.30 -2.84
CA MET B 81 -38.28 -49.85 -4.23
C MET B 81 -39.02 -48.54 -4.46
N GLU B 82 -39.70 -48.06 -3.42
CA GLU B 82 -40.58 -46.88 -3.54
C GLU B 82 -39.83 -45.61 -3.96
N LYS B 83 -38.55 -45.53 -3.61
CA LYS B 83 -37.76 -44.33 -3.89
C LYS B 83 -37.38 -44.22 -5.36
N PHE B 84 -37.51 -45.32 -6.10
CA PHE B 84 -37.16 -45.32 -7.53
C PHE B 84 -38.40 -45.15 -8.40
N ASN B 85 -38.25 -44.40 -9.49
CA ASN B 85 -39.35 -44.18 -10.41
C ASN B 85 -39.11 -44.89 -11.74
N VAL B 86 -40.09 -44.83 -12.63
CA VAL B 86 -40.07 -45.63 -13.86
C VAL B 86 -39.90 -44.80 -15.13
N LYS B 87 -39.38 -43.59 -15.01
CA LYS B 87 -39.17 -42.71 -16.17
C LYS B 87 -38.44 -43.43 -17.30
N LEU B 88 -38.96 -43.26 -18.52
CA LEU B 88 -38.42 -43.93 -19.69
C LEU B 88 -36.92 -43.67 -19.88
N GLY B 89 -36.11 -44.69 -19.65
CA GLY B 89 -34.68 -44.59 -19.86
C GLY B 89 -33.85 -44.71 -18.60
N THR B 90 -34.46 -44.45 -17.45
CA THR B 90 -33.73 -44.49 -16.19
C THR B 90 -33.31 -45.92 -15.87
N SER B 91 -32.28 -46.05 -15.04
CA SER B 91 -31.78 -47.36 -14.63
C SER B 91 -31.04 -47.29 -13.31
N LYS B 92 -31.10 -48.38 -12.55
CA LYS B 92 -30.40 -48.46 -11.27
C LYS B 92 -29.68 -49.80 -11.11
N HIS B 93 -28.65 -49.81 -10.28
CA HIS B 93 -27.91 -51.03 -9.98
C HIS B 93 -28.08 -51.43 -8.52
N PHE B 94 -28.29 -52.72 -8.28
CA PHE B 94 -28.41 -53.25 -6.91
C PHE B 94 -27.37 -54.33 -6.66
N TYR B 95 -26.82 -54.36 -5.46
CA TYR B 95 -25.88 -55.39 -5.04
C TYR B 95 -26.37 -56.05 -3.76
N MET B 96 -26.32 -57.37 -3.70
CA MET B 96 -26.81 -58.11 -2.54
C MET B 96 -26.37 -59.57 -2.55
N PHE B 97 -26.55 -60.25 -1.42
CA PHE B 97 -26.27 -61.67 -1.32
C PHE B 97 -27.57 -62.46 -1.39
N ASN B 98 -27.54 -63.61 -2.08
CA ASN B 98 -28.73 -64.43 -2.20
C ASN B 98 -28.84 -65.45 -1.06
N ASP B 99 -29.61 -66.51 -1.28
CA ASP B 99 -29.81 -67.53 -0.26
C ASP B 99 -28.61 -68.47 -0.17
N ASN B 100 -27.83 -68.55 -1.25
CA ASN B 100 -26.60 -69.33 -1.26
C ASN B 100 -25.44 -68.51 -0.72
N LYS B 101 -25.76 -67.36 -0.13
CA LYS B 101 -24.79 -66.41 0.40
C LYS B 101 -23.82 -65.94 -0.69
N ASN B 102 -24.27 -65.97 -1.94
CA ASN B 102 -23.48 -65.48 -3.05
C ASN B 102 -23.92 -64.10 -3.49
N SER B 103 -22.96 -63.25 -3.82
CA SER B 103 -23.25 -61.90 -4.28
C SER B 103 -23.92 -61.93 -5.64
N VAL B 104 -25.00 -61.17 -5.79
CA VAL B 104 -25.71 -61.09 -7.07
C VAL B 104 -25.96 -59.63 -7.44
N ALA B 105 -26.06 -59.38 -8.75
CA ALA B 105 -26.29 -58.02 -9.24
C ALA B 105 -27.68 -57.90 -9.86
N VAL B 106 -28.46 -56.95 -9.37
CA VAL B 106 -29.84 -56.75 -9.85
C VAL B 106 -30.04 -55.28 -10.19
N GLY B 107 -31.02 -54.99 -11.05
CA GLY B 107 -31.35 -53.62 -11.40
C GLY B 107 -32.61 -53.53 -12.23
N TYR B 108 -32.97 -52.32 -12.63
CA TYR B 108 -34.15 -52.14 -13.47
C TYR B 108 -33.93 -51.07 -14.54
N VAL B 109 -34.77 -51.12 -15.57
CA VAL B 109 -34.81 -50.06 -16.58
C VAL B 109 -36.23 -49.51 -16.67
N GLY B 110 -36.36 -48.20 -16.54
CA GLY B 110 -37.66 -47.55 -16.60
C GLY B 110 -38.23 -47.57 -18.00
N CYS B 111 -39.50 -47.98 -18.12
CA CYS B 111 -40.15 -48.06 -19.41
C CYS B 111 -41.32 -47.09 -19.51
N GLY B 112 -41.36 -46.12 -18.60
CA GLY B 112 -42.36 -45.06 -18.64
C GLY B 112 -43.72 -45.45 -18.07
N SER B 113 -44.76 -44.79 -18.57
CA SER B 113 -46.12 -45.03 -18.11
C SER B 113 -47.05 -45.41 -19.26
N VAL B 114 -46.58 -45.20 -20.48
CA VAL B 114 -47.34 -45.59 -21.66
C VAL B 114 -47.37 -47.10 -21.78
N ALA B 115 -48.56 -47.67 -21.84
CA ALA B 115 -48.74 -49.12 -21.85
C ALA B 115 -48.05 -49.80 -23.03
N ASP B 116 -48.28 -49.26 -24.23
CA ASP B 116 -47.68 -49.81 -25.44
C ASP B 116 -46.51 -48.96 -25.91
N LEU B 117 -45.29 -49.48 -25.74
CA LEU B 117 -44.09 -48.76 -26.14
C LEU B 117 -43.97 -48.67 -27.65
N SER B 118 -43.45 -47.54 -28.13
CA SER B 118 -43.23 -47.36 -29.56
C SER B 118 -41.85 -47.84 -29.96
N GLU B 119 -41.60 -47.86 -31.26
CA GLU B 119 -40.32 -48.27 -31.81
C GLU B 119 -39.18 -47.39 -31.29
N ALA B 120 -39.43 -46.09 -31.21
CA ALA B 120 -38.43 -45.15 -30.71
C ALA B 120 -38.22 -45.33 -29.22
N ASP B 121 -39.31 -45.63 -28.50
CA ASP B 121 -39.24 -45.81 -27.05
C ASP B 121 -38.43 -47.04 -26.68
N MET B 122 -38.65 -48.14 -27.39
CA MET B 122 -37.95 -49.39 -27.12
C MET B 122 -36.45 -49.25 -27.37
N LYS B 123 -36.10 -48.40 -28.32
CA LYS B 123 -34.69 -48.10 -28.60
C LYS B 123 -34.04 -47.44 -27.40
N ARG B 124 -34.78 -46.53 -26.76
CA ARG B 124 -34.28 -45.83 -25.59
C ARG B 124 -34.07 -46.79 -24.42
N VAL B 125 -34.99 -47.74 -24.28
CA VAL B 125 -34.89 -48.75 -23.24
C VAL B 125 -33.63 -49.60 -23.43
N VAL B 126 -33.48 -50.14 -24.65
CA VAL B 126 -32.32 -50.96 -24.99
C VAL B 126 -31.01 -50.20 -24.76
N LEU B 127 -30.98 -48.94 -25.16
CA LEU B 127 -29.79 -48.10 -25.00
C LEU B 127 -29.38 -47.98 -23.54
N SER B 128 -30.36 -47.83 -22.65
CA SER B 128 -30.10 -47.78 -21.22
C SER B 128 -29.51 -49.10 -20.76
N LEU B 129 -30.02 -50.19 -21.30
CA LEU B 129 -29.57 -51.52 -20.95
C LEU B 129 -28.13 -51.76 -21.41
N VAL B 130 -27.82 -51.34 -22.63
CA VAL B 130 -26.47 -51.52 -23.19
C VAL B 130 -25.45 -50.72 -22.38
N THR B 131 -25.87 -49.58 -21.86
CA THR B 131 -25.01 -48.78 -20.99
C THR B 131 -24.62 -49.56 -19.74
N MET B 132 -25.52 -50.41 -19.28
CA MET B 132 -25.24 -51.25 -18.10
C MET B 132 -24.35 -52.43 -18.48
N LEU B 133 -24.35 -52.79 -19.76
CA LEU B 133 -23.48 -53.85 -20.26
C LEU B 133 -22.06 -53.34 -20.46
N HIS B 134 -21.95 -52.10 -20.92
CA HIS B 134 -20.64 -51.47 -21.12
C HIS B 134 -19.96 -51.19 -19.79
N ASP B 135 -18.62 -51.31 -19.79
CA ASP B 135 -17.80 -51.01 -18.63
C ASP B 135 -18.12 -51.89 -17.42
N ASN B 136 -18.66 -53.07 -17.69
CA ASN B 136 -18.90 -54.05 -16.65
C ASN B 136 -18.69 -55.46 -17.20
N LYS B 137 -17.60 -56.09 -16.79
CA LYS B 137 -17.27 -57.43 -17.27
C LYS B 137 -18.21 -58.46 -16.65
N LEU B 138 -19.29 -58.75 -17.37
CA LEU B 138 -20.32 -59.68 -16.91
C LEU B 138 -20.33 -60.95 -17.74
N SER B 139 -20.58 -62.07 -17.10
CA SER B 139 -20.65 -63.35 -17.81
C SER B 139 -22.05 -63.59 -18.34
N LYS B 140 -23.04 -62.98 -17.69
CA LYS B 140 -24.44 -63.25 -18.03
C LYS B 140 -25.33 -62.03 -17.80
N LEU B 141 -26.31 -61.85 -18.70
CA LEU B 141 -27.36 -60.87 -18.50
C LEU B 141 -28.71 -61.56 -18.45
N THR B 142 -29.52 -61.20 -17.44
CA THR B 142 -30.88 -61.72 -17.35
C THR B 142 -31.88 -60.58 -17.45
N VAL B 143 -32.81 -60.69 -18.39
CA VAL B 143 -33.84 -59.66 -18.57
C VAL B 143 -35.23 -60.19 -18.23
N VAL B 144 -35.91 -59.51 -17.33
CA VAL B 144 -37.26 -59.91 -16.92
C VAL B 144 -38.30 -58.91 -17.42
N PHE B 145 -39.19 -59.38 -18.29
CA PHE B 145 -40.20 -58.52 -18.89
C PHE B 145 -41.44 -58.36 -18.01
N GLU B 146 -41.56 -57.21 -17.36
CA GLU B 146 -42.75 -56.88 -16.61
C GLU B 146 -43.52 -55.79 -17.34
N ILE B 147 -43.36 -55.78 -18.66
CA ILE B 147 -44.14 -54.94 -19.55
C ILE B 147 -44.72 -55.86 -20.62
N ASN B 148 -45.78 -55.44 -21.30
CA ASN B 148 -46.33 -56.26 -22.36
C ASN B 148 -45.82 -55.84 -23.72
N VAL B 149 -45.28 -56.80 -24.46
CA VAL B 149 -44.77 -56.56 -25.80
C VAL B 149 -45.26 -57.67 -26.73
N ASP B 150 -45.69 -57.30 -27.93
CA ASP B 150 -46.13 -58.31 -28.88
C ASP B 150 -44.92 -59.03 -29.45
N LYS B 151 -45.15 -60.09 -30.23
CA LYS B 151 -44.08 -60.93 -30.74
C LYS B 151 -43.08 -60.14 -31.58
N ASN B 152 -43.56 -59.16 -32.35
CA ASN B 152 -42.68 -58.36 -33.19
C ASN B 152 -41.82 -57.41 -32.37
N LEU B 153 -42.40 -56.80 -31.35
CA LEU B 153 -41.67 -55.84 -30.53
C LEU B 153 -40.65 -56.55 -29.65
N PHE B 154 -40.93 -57.80 -29.27
CA PHE B 154 -39.97 -58.59 -28.53
C PHE B 154 -38.77 -58.92 -29.40
N ARG B 155 -39.04 -59.27 -30.66
CA ARG B 155 -37.98 -59.54 -31.62
C ARG B 155 -37.16 -58.27 -31.86
N PHE B 156 -37.86 -57.15 -31.97
CA PHE B 156 -37.21 -55.85 -32.16
C PHE B 156 -36.29 -55.50 -31.01
N PHE B 157 -36.70 -55.87 -29.79
CA PHE B 157 -35.89 -55.69 -28.60
C PHE B 157 -34.56 -56.44 -28.73
N LEU B 158 -34.65 -57.70 -29.13
CA LEU B 158 -33.46 -58.54 -29.28
C LEU B 158 -32.55 -58.05 -30.40
N GLU B 159 -33.14 -57.77 -31.57
CA GLU B 159 -32.40 -57.21 -32.71
C GLU B 159 -31.62 -55.96 -32.32
N THR B 160 -32.30 -55.05 -31.64
CA THR B 160 -31.72 -53.76 -31.26
C THR B 160 -30.65 -53.95 -30.18
N LEU B 161 -30.93 -54.81 -29.22
CA LEU B 161 -29.95 -55.15 -28.19
C LEU B 161 -28.68 -55.70 -28.83
N PHE B 162 -28.85 -56.66 -29.73
CA PHE B 162 -27.72 -57.28 -30.42
C PHE B 162 -26.92 -56.25 -31.22
N TYR B 163 -27.62 -55.45 -32.00
CA TYR B 163 -26.99 -54.48 -32.89
C TYR B 163 -26.21 -53.41 -32.12
N GLU B 164 -26.83 -52.84 -31.09
CA GLU B 164 -26.20 -51.77 -30.33
C GLU B 164 -25.08 -52.27 -29.42
N TYR B 165 -25.21 -53.51 -28.96
CA TYR B 165 -24.20 -54.14 -28.11
C TYR B 165 -22.91 -54.34 -28.89
N MET B 166 -23.05 -54.83 -30.12
CA MET B 166 -21.93 -55.13 -30.98
C MET B 166 -21.10 -53.89 -31.30
N THR B 167 -19.78 -54.02 -31.19
CA THR B 167 -18.88 -52.91 -31.49
C THR B 167 -17.96 -53.25 -32.66
N ASP B 168 -17.99 -52.41 -33.69
CA ASP B 168 -17.21 -52.64 -34.91
C ASP B 168 -15.77 -52.16 -34.75
N GLU B 169 -14.83 -53.11 -34.72
CA GLU B 169 -13.43 -52.76 -34.51
C GLU B 169 -12.53 -53.21 -35.66
N ARG B 170 -13.14 -53.45 -36.83
CA ARG B 170 -12.41 -53.92 -38.00
C ARG B 170 -11.28 -52.99 -38.42
N PHE B 171 -11.42 -51.70 -38.11
CA PHE B 171 -10.44 -50.71 -38.57
C PHE B 171 -9.64 -50.12 -37.44
N LYS B 172 -9.79 -50.69 -36.25
CA LYS B 172 -8.92 -50.36 -35.12
C LYS B 172 -7.65 -51.18 -35.21
N SER B 173 -6.56 -50.67 -34.66
CA SER B 173 -5.32 -51.43 -34.54
C SER B 173 -4.50 -50.89 -33.38
N THR B 174 -4.44 -49.56 -33.30
CA THR B 174 -3.76 -48.85 -32.23
C THR B 174 -2.27 -49.17 -32.17
N LYS B 176 -7.87 -50.44 -30.11
CA LYS B 176 -8.84 -51.44 -29.68
C LYS B 176 -9.11 -51.33 -28.18
N ASN B 177 -10.38 -51.49 -27.81
CA ASN B 177 -10.77 -51.45 -26.40
C ASN B 177 -10.25 -52.68 -25.67
N VAL B 178 -9.32 -52.46 -24.74
CA VAL B 178 -8.70 -53.55 -24.00
C VAL B 178 -9.66 -54.17 -22.99
N ASN B 179 -10.69 -53.42 -22.62
CA ASN B 179 -11.67 -53.89 -21.64
C ASN B 179 -12.93 -54.44 -22.30
N MET B 180 -12.80 -54.87 -23.55
CA MET B 180 -13.94 -55.37 -24.31
C MET B 180 -14.20 -56.86 -24.02
N GLU B 181 -15.31 -57.12 -23.32
CA GLU B 181 -15.71 -58.49 -23.02
C GLU B 181 -17.23 -58.63 -23.13
N TYR B 182 -17.68 -59.58 -23.94
CA TYR B 182 -19.11 -59.80 -24.15
C TYR B 182 -19.66 -60.87 -23.23
N ILE B 183 -20.95 -60.76 -22.90
CA ILE B 183 -21.63 -61.79 -22.13
C ILE B 183 -21.65 -63.09 -22.92
N LYS B 184 -21.71 -64.22 -22.22
CA LYS B 184 -21.74 -65.52 -22.87
C LYS B 184 -23.13 -66.14 -22.80
N HIS B 185 -23.97 -65.60 -21.93
CA HIS B 185 -25.32 -66.10 -21.74
C HIS B 185 -26.33 -64.97 -21.61
N LEU B 186 -27.50 -65.16 -22.21
CA LEU B 186 -28.62 -64.23 -22.05
C LEU B 186 -29.89 -64.98 -21.66
N GLY B 187 -30.45 -64.63 -20.51
CA GLY B 187 -31.68 -65.25 -20.05
C GLY B 187 -32.83 -64.27 -20.07
N VAL B 188 -34.00 -64.73 -20.52
CA VAL B 188 -35.18 -63.88 -20.60
C VAL B 188 -36.41 -64.52 -19.95
N TYR B 189 -37.01 -63.80 -19.01
CA TYR B 189 -38.27 -64.22 -18.40
C TYR B 189 -39.43 -63.39 -18.96
N ILE B 190 -40.44 -64.07 -19.48
CA ILE B 190 -41.57 -63.38 -20.11
C ILE B 190 -42.83 -64.26 -20.08
N ASN B 191 -43.99 -63.61 -20.01
CA ASN B 191 -45.28 -64.31 -20.07
C ASN B 191 -45.47 -64.99 -21.42
N ASN B 192 -46.10 -66.17 -21.40
CA ASN B 192 -46.31 -66.97 -22.59
C ASN B 192 -45.01 -67.24 -23.34
N ALA B 193 -43.95 -67.53 -22.59
CA ALA B 193 -42.58 -67.63 -23.12
C ALA B 193 -42.46 -68.53 -24.34
N ASP B 194 -43.24 -69.60 -24.38
CA ASP B 194 -43.15 -70.58 -25.46
C ASP B 194 -43.59 -69.99 -26.80
N THR B 195 -44.33 -68.89 -26.77
CA THR B 195 -44.75 -68.23 -28.01
C THR B 195 -43.68 -67.25 -28.49
N TYR B 196 -42.75 -66.91 -27.61
CA TYR B 196 -41.71 -65.94 -27.91
C TYR B 196 -40.39 -66.58 -28.29
N LYS B 197 -40.28 -67.89 -28.06
CA LYS B 197 -39.04 -68.62 -28.32
C LYS B 197 -38.68 -68.64 -29.80
N GLU B 198 -39.71 -68.61 -30.65
CA GLU B 198 -39.50 -68.65 -32.10
C GLU B 198 -38.83 -67.36 -32.60
N GLU B 199 -38.97 -66.29 -31.82
CA GLU B 199 -38.46 -64.98 -32.23
C GLU B 199 -36.97 -64.81 -31.95
N VAL B 200 -36.41 -65.68 -31.12
CA VAL B 200 -35.01 -65.55 -30.70
C VAL B 200 -34.04 -65.70 -31.87
N GLU B 201 -34.11 -66.83 -32.56
CA GLU B 201 -33.18 -67.08 -33.66
C GLU B 201 -33.55 -66.25 -34.89
N LYS B 202 -34.81 -65.86 -35.00
CA LYS B 202 -35.20 -64.95 -36.06
C LYS B 202 -34.57 -63.58 -35.83
N ALA B 203 -34.48 -63.20 -34.56
CA ALA B 203 -33.84 -61.94 -34.18
C ALA B 203 -32.34 -61.97 -34.44
N ARG B 204 -31.72 -63.13 -34.19
CA ARG B 204 -30.30 -63.27 -34.41
C ARG B 204 -29.98 -63.16 -35.90
N VAL B 205 -30.87 -63.71 -36.73
CA VAL B 205 -30.72 -63.63 -38.18
C VAL B 205 -30.95 -62.19 -38.65
N TYR B 206 -32.00 -61.55 -38.14
CA TYR B 206 -32.27 -60.17 -38.49
C TYR B 206 -31.15 -59.26 -38.01
N TYR B 207 -30.60 -59.58 -36.84
CA TYR B 207 -29.47 -58.83 -36.30
C TYR B 207 -28.30 -58.81 -37.27
N PHE B 208 -27.88 -59.99 -37.71
CA PHE B 208 -26.68 -60.04 -38.53
C PHE B 208 -26.93 -59.47 -39.93
N GLY B 209 -28.12 -59.67 -40.47
CA GLY B 209 -28.46 -59.11 -41.76
C GLY B 209 -28.31 -57.60 -41.73
N THR B 210 -28.76 -57.01 -40.64
CA THR B 210 -28.62 -55.58 -40.41
C THR B 210 -27.17 -55.18 -40.16
N TYR B 211 -26.49 -55.95 -39.32
CA TYR B 211 -25.10 -55.65 -38.97
C TYR B 211 -24.16 -55.88 -40.15
N TYR B 212 -24.48 -56.87 -40.99
CA TYR B 212 -23.73 -57.12 -42.21
C TYR B 212 -23.80 -55.90 -43.13
N ALA B 213 -25.00 -55.35 -43.29
CA ALA B 213 -25.21 -54.16 -44.11
C ALA B 213 -24.40 -53.01 -43.54
N SER B 214 -24.47 -52.84 -42.22
CA SER B 214 -23.73 -51.81 -41.51
C SER B 214 -22.23 -51.93 -41.71
N GLN B 215 -21.73 -53.16 -41.73
CA GLN B 215 -20.30 -53.40 -41.94
C GLN B 215 -19.86 -52.91 -43.31
N LEU B 216 -20.68 -53.17 -44.33
CA LEU B 216 -20.37 -52.73 -45.69
C LEU B 216 -20.47 -51.21 -45.81
N ILE B 217 -21.47 -50.63 -45.15
CA ILE B 217 -21.66 -49.18 -45.21
C ILE B 217 -20.53 -48.44 -44.50
N ALA B 218 -20.18 -48.90 -43.30
CA ALA B 218 -19.12 -48.26 -42.51
C ALA B 218 -17.76 -48.42 -43.16
N ALA B 219 -17.57 -49.51 -43.89
CA ALA B 219 -16.32 -49.72 -44.62
C ALA B 219 -16.08 -48.59 -45.61
N PRO B 220 -14.94 -47.89 -45.47
CA PRO B 220 -14.56 -46.75 -46.30
C PRO B 220 -14.44 -47.10 -47.78
N SER B 221 -14.44 -46.08 -48.63
CA SER B 221 -14.54 -46.27 -50.06
C SER B 221 -13.25 -46.82 -50.69
N ASN B 222 -12.14 -46.73 -49.97
CA ASN B 222 -10.92 -47.36 -50.46
C ASN B 222 -10.95 -48.87 -50.17
N TYR B 223 -11.64 -49.26 -49.10
CA TYR B 223 -11.85 -50.68 -48.82
C TYR B 223 -13.02 -51.22 -49.65
N CYS B 224 -14.15 -50.52 -49.56
CA CYS B 224 -15.38 -50.92 -50.24
C CYS B 224 -15.53 -50.16 -51.56
N ASN B 225 -15.14 -50.80 -52.65
CA ASN B 225 -15.22 -50.24 -53.99
C ASN B 225 -16.06 -51.17 -54.87
N PRO B 226 -16.36 -50.78 -56.13
CA PRO B 226 -17.21 -51.66 -56.95
C PRO B 226 -16.69 -53.09 -57.13
N VAL B 227 -15.38 -53.27 -57.10
CA VAL B 227 -14.82 -54.61 -57.29
C VAL B 227 -14.88 -55.42 -55.99
N SER B 228 -14.50 -54.80 -54.88
CA SER B 228 -14.45 -55.50 -53.61
C SER B 228 -15.85 -55.78 -53.05
N LEU B 229 -16.79 -54.89 -53.33
CA LEU B 229 -18.16 -55.06 -52.87
C LEU B 229 -18.84 -56.21 -53.61
N SER B 230 -18.61 -56.29 -54.92
CA SER B 230 -19.19 -57.36 -55.72
C SER B 230 -18.52 -58.70 -55.38
N ASN B 231 -17.25 -58.64 -55.00
CA ASN B 231 -16.56 -59.83 -54.52
C ASN B 231 -17.17 -60.32 -53.21
N ALA B 232 -17.54 -59.37 -52.34
CA ALA B 232 -18.18 -59.71 -51.08
C ALA B 232 -19.54 -60.34 -51.33
N ALA B 233 -20.26 -59.84 -52.33
CA ALA B 233 -21.56 -60.36 -52.69
C ALA B 233 -21.46 -61.82 -53.14
N VAL B 234 -20.45 -62.11 -53.95
CA VAL B 234 -20.21 -63.46 -54.43
C VAL B 234 -19.95 -64.41 -53.27
N GLU B 235 -19.07 -63.98 -52.37
CA GLU B 235 -18.72 -64.75 -51.18
C GLU B 235 -19.95 -65.01 -50.30
N LEU B 236 -20.83 -64.01 -50.21
CA LEU B 236 -22.07 -64.15 -49.46
C LEU B 236 -22.96 -65.21 -50.12
N ALA B 237 -23.08 -65.11 -51.44
CA ALA B 237 -23.92 -66.04 -52.20
C ALA B 237 -23.41 -67.47 -52.07
N GLN B 238 -22.09 -67.62 -52.10
CA GLN B 238 -21.47 -68.94 -51.94
C GLN B 238 -21.78 -69.54 -50.57
N LYS B 239 -21.76 -68.71 -49.54
CA LYS B 239 -22.05 -69.19 -48.18
C LYS B 239 -23.51 -69.60 -48.01
N LEU B 240 -24.39 -68.99 -48.80
CA LEU B 240 -25.83 -69.20 -48.67
C LEU B 240 -26.38 -70.14 -49.75
N ASN B 241 -25.50 -70.56 -50.65
CA ASN B 241 -25.90 -71.36 -51.82
C ASN B 241 -26.95 -70.66 -52.67
N LEU B 242 -26.78 -69.36 -52.87
CA LEU B 242 -27.62 -68.60 -53.78
C LEU B 242 -26.97 -68.63 -55.18
N GLU B 243 -27.80 -68.60 -56.21
CA GLU B 243 -27.29 -68.41 -57.56
C GLU B 243 -26.76 -66.99 -57.65
N TYR B 244 -25.62 -66.82 -58.32
CA TYR B 244 -25.01 -65.50 -58.41
C TYR B 244 -24.41 -65.26 -59.78
N LYS B 245 -24.44 -64.01 -60.21
CA LYS B 245 -23.84 -63.61 -61.47
C LYS B 245 -23.39 -62.16 -61.38
N ILE B 246 -22.12 -61.92 -61.64
CA ILE B 246 -21.59 -60.55 -61.67
C ILE B 246 -21.30 -60.14 -63.10
N LEU B 247 -22.00 -59.10 -63.55
CA LEU B 247 -21.87 -58.64 -64.92
C LEU B 247 -20.75 -57.61 -65.01
N GLY B 248 -19.80 -57.86 -65.90
CA GLY B 248 -18.68 -56.95 -66.12
C GLY B 248 -18.97 -55.93 -67.19
N VAL B 249 -18.00 -55.06 -67.46
CA VAL B 249 -18.19 -53.96 -68.40
C VAL B 249 -18.60 -54.43 -69.79
N LYS B 250 -17.98 -55.53 -70.25
CA LYS B 250 -18.29 -56.08 -71.57
C LYS B 250 -19.75 -56.50 -71.69
N GLU B 251 -20.24 -57.21 -70.68
CA GLU B 251 -21.63 -57.64 -70.66
C GLU B 251 -22.57 -56.44 -70.57
N LEU B 252 -22.20 -55.48 -69.72
CA LEU B 252 -23.02 -54.29 -69.53
C LEU B 252 -23.11 -53.48 -70.83
N GLU B 253 -22.01 -53.45 -71.57
CA GLU B 253 -21.99 -52.81 -72.88
C GLU B 253 -22.90 -53.55 -73.86
N GLU B 254 -22.86 -54.88 -73.79
CA GLU B 254 -23.72 -55.72 -74.63
C GLU B 254 -25.19 -55.45 -74.31
N LEU B 255 -25.48 -55.24 -73.04
CA LEU B 255 -26.85 -54.97 -72.59
C LEU B 255 -27.20 -53.49 -72.76
N LYS B 256 -26.23 -52.70 -73.22
CA LYS B 256 -26.42 -51.29 -73.55
C LYS B 256 -26.85 -50.44 -72.35
N MET B 257 -26.28 -50.72 -71.19
CA MET B 257 -26.59 -49.94 -69.99
C MET B 257 -25.81 -48.63 -69.97
N GLY B 258 -26.15 -47.74 -70.88
CA GLY B 258 -25.40 -46.50 -71.07
C GLY B 258 -25.51 -45.51 -69.93
N ALA B 259 -26.65 -45.49 -69.24
CA ALA B 259 -26.83 -44.58 -68.12
C ALA B 259 -25.93 -44.99 -66.96
N TYR B 260 -25.95 -46.27 -66.65
CA TYR B 260 -25.17 -46.85 -65.57
C TYR B 260 -23.66 -46.79 -65.85
N LEU B 261 -23.29 -47.14 -67.09
CA LEU B 261 -21.87 -47.14 -67.45
C LEU B 261 -21.28 -45.74 -67.46
N SER B 262 -22.09 -44.75 -67.81
CA SER B 262 -21.61 -43.36 -67.88
C SER B 262 -21.22 -42.81 -66.52
N VAL B 263 -21.92 -43.25 -65.48
CA VAL B 263 -21.63 -42.79 -64.13
C VAL B 263 -20.25 -43.27 -63.68
N GLY B 264 -19.89 -44.49 -64.05
CA GLY B 264 -18.64 -45.09 -63.62
C GLY B 264 -17.45 -44.81 -64.52
N LYS B 265 -17.65 -43.98 -65.54
CA LYS B 265 -16.59 -43.70 -66.52
C LYS B 265 -15.33 -43.09 -65.89
N GLY B 266 -15.51 -42.23 -64.89
CA GLY B 266 -14.38 -41.54 -64.28
C GLY B 266 -13.76 -42.26 -63.10
N SER B 267 -14.13 -43.52 -62.89
CA SER B 267 -13.60 -44.29 -61.78
C SER B 267 -12.47 -45.23 -62.22
N MET B 268 -11.55 -45.51 -61.29
CA MET B 268 -10.50 -46.48 -61.55
C MET B 268 -11.03 -47.90 -61.35
N TYR B 269 -12.23 -48.01 -60.80
CA TYR B 269 -12.86 -49.30 -60.56
C TYR B 269 -13.92 -49.60 -61.61
N PRO B 270 -13.75 -50.71 -62.34
CA PRO B 270 -14.73 -51.14 -63.34
C PRO B 270 -16.11 -51.36 -62.73
N ASN B 271 -17.15 -51.01 -63.47
CA ASN B 271 -18.52 -51.29 -63.03
C ASN B 271 -18.74 -52.78 -62.83
N LYS B 272 -19.47 -53.12 -61.77
CA LYS B 272 -19.83 -54.50 -61.48
C LYS B 272 -21.32 -54.59 -61.13
N PHE B 273 -22.08 -55.29 -61.95
CA PHE B 273 -23.51 -55.45 -61.69
C PHE B 273 -23.77 -56.73 -60.92
N ILE B 274 -24.35 -56.58 -59.73
CA ILE B 274 -24.58 -57.72 -58.84
C ILE B 274 -25.97 -58.33 -59.03
N HIS B 275 -26.00 -59.64 -59.25
CA HIS B 275 -27.25 -60.36 -59.44
C HIS B 275 -27.25 -61.67 -58.67
N LEU B 276 -27.88 -61.66 -57.49
CA LEU B 276 -28.06 -62.89 -56.71
C LEU B 276 -29.50 -63.36 -56.84
N THR B 277 -29.71 -64.67 -56.70
CA THR B 277 -31.06 -65.21 -56.77
C THR B 277 -31.32 -66.27 -55.70
N TYR B 278 -32.43 -66.11 -54.99
CA TYR B 278 -32.96 -67.17 -54.14
C TYR B 278 -34.22 -67.72 -54.76
N LYS B 279 -34.32 -69.04 -54.83
CA LYS B 279 -35.53 -69.69 -55.34
C LYS B 279 -35.97 -70.82 -54.43
N SER B 280 -37.22 -70.78 -54.01
CA SER B 280 -37.79 -71.82 -53.15
C SER B 280 -37.88 -73.15 -53.88
N LYS B 281 -37.90 -74.24 -53.11
CA LYS B 281 -37.88 -75.59 -53.69
C LYS B 281 -39.19 -75.95 -54.38
N GLY B 282 -40.31 -75.50 -53.83
CA GLY B 282 -41.62 -75.88 -54.34
C GLY B 282 -42.10 -75.05 -55.50
N ASP B 283 -43.41 -74.81 -55.54
CA ASP B 283 -44.02 -74.02 -56.60
C ASP B 283 -43.88 -72.53 -56.30
N VAL B 284 -43.30 -71.79 -57.25
CA VAL B 284 -43.06 -70.36 -57.07
C VAL B 284 -44.33 -69.55 -57.32
N LYS B 285 -44.82 -68.89 -56.27
CA LYS B 285 -46.06 -68.12 -56.35
C LYS B 285 -45.79 -66.64 -56.62
N LYS B 286 -44.64 -66.15 -56.15
CA LYS B 286 -44.31 -64.75 -56.26
C LYS B 286 -42.87 -64.54 -56.73
N LYS B 287 -42.70 -63.67 -57.71
CA LYS B 287 -41.37 -63.31 -58.20
C LYS B 287 -41.06 -61.86 -57.85
N ILE B 288 -39.92 -61.64 -57.19
CA ILE B 288 -39.59 -60.32 -56.67
C ILE B 288 -38.17 -59.89 -57.03
N ALA B 289 -38.03 -58.65 -57.50
CA ALA B 289 -36.71 -58.07 -57.74
C ALA B 289 -36.44 -56.95 -56.74
N LEU B 290 -35.36 -57.09 -55.98
CA LEU B 290 -34.95 -56.07 -55.03
C LEU B 290 -33.71 -55.34 -55.57
N VAL B 291 -33.82 -54.03 -55.74
CA VAL B 291 -32.76 -53.24 -56.36
C VAL B 291 -32.16 -52.22 -55.39
N GLY B 292 -30.86 -52.33 -55.13
CA GLY B 292 -30.21 -51.41 -54.23
C GLY B 292 -29.25 -50.48 -54.95
N LYS B 293 -29.35 -49.19 -54.65
CA LYS B 293 -28.38 -48.22 -55.19
C LYS B 293 -27.01 -48.49 -54.62
N GLY B 294 -26.04 -48.72 -55.50
CA GLY B 294 -24.71 -49.11 -55.07
C GLY B 294 -23.59 -48.19 -55.54
N ILE B 295 -23.63 -46.94 -55.10
CA ILE B 295 -22.53 -46.02 -55.34
C ILE B 295 -21.55 -46.10 -54.17
N THR B 296 -20.38 -46.69 -54.41
CA THR B 296 -19.44 -46.95 -53.32
C THR B 296 -18.81 -45.67 -52.80
N PHE B 297 -18.75 -44.65 -53.65
CA PHE B 297 -18.45 -43.29 -53.20
C PHE B 297 -19.03 -42.27 -54.17
N ASP B 298 -19.70 -41.26 -53.61
CA ASP B 298 -20.32 -40.22 -54.43
C ASP B 298 -19.62 -38.88 -54.21
N SER B 299 -18.67 -38.58 -55.08
CA SER B 299 -17.99 -37.28 -55.03
C SER B 299 -18.90 -36.19 -55.57
N GLY B 300 -19.89 -36.61 -56.36
CA GLY B 300 -20.73 -35.68 -57.08
C GLY B 300 -20.37 -35.62 -58.55
N GLY B 301 -19.15 -36.05 -58.87
CA GLY B 301 -18.64 -35.90 -60.23
C GLY B 301 -18.27 -34.44 -60.47
N TYR B 302 -18.36 -34.00 -61.71
CA TYR B 302 -18.00 -32.61 -62.03
C TYR B 302 -18.93 -31.62 -61.33
N ASN B 303 -20.13 -32.08 -60.98
CA ASN B 303 -20.96 -31.34 -60.03
C ASN B 303 -20.53 -31.69 -58.61
N LEU B 304 -19.27 -31.38 -58.32
CA LEU B 304 -18.62 -31.77 -57.07
C LEU B 304 -19.40 -31.34 -55.84
N LYS B 305 -19.41 -32.20 -54.83
CA LYS B 305 -20.02 -31.86 -53.55
C LYS B 305 -19.09 -30.90 -52.81
N ALA B 306 -19.20 -29.62 -53.13
CA ALA B 306 -18.32 -28.60 -52.56
C ALA B 306 -19.09 -27.58 -51.76
N ALA B 307 -20.42 -27.55 -51.96
CA ALA B 307 -21.28 -26.62 -51.24
C ALA B 307 -21.28 -26.93 -49.75
N PRO B 308 -21.37 -25.88 -48.91
CA PRO B 308 -21.50 -26.07 -47.47
C PRO B 308 -22.67 -27.01 -47.12
N GLY B 309 -22.41 -28.01 -46.30
CA GLY B 309 -23.45 -28.94 -45.89
C GLY B 309 -23.64 -30.14 -46.82
N SER B 310 -22.85 -30.20 -47.88
CA SER B 310 -22.97 -31.31 -48.83
C SER B 310 -22.37 -32.60 -48.28
N MET B 311 -21.61 -32.47 -47.19
CA MET B 311 -21.04 -33.62 -46.46
C MET B 311 -20.42 -34.70 -47.35
N ILE B 312 -19.42 -34.33 -48.14
CA ILE B 312 -18.79 -35.27 -49.05
C ILE B 312 -18.11 -36.43 -48.29
N ASP B 313 -17.76 -36.20 -47.03
CA ASP B 313 -17.12 -37.22 -46.22
C ASP B 313 -18.08 -38.33 -45.76
N LEU B 314 -19.38 -38.12 -45.96
CA LEU B 314 -20.38 -39.12 -45.61
C LEU B 314 -20.59 -40.12 -46.74
N MET B 315 -20.12 -39.76 -47.93
CA MET B 315 -20.59 -40.39 -49.17
C MET B 315 -20.12 -41.81 -49.41
N LYS B 316 -19.46 -42.41 -48.42
CA LYS B 316 -19.24 -43.85 -48.43
C LYS B 316 -20.57 -44.56 -48.16
N PHE B 317 -21.54 -43.80 -47.66
CA PHE B 317 -22.86 -44.31 -47.30
C PHE B 317 -23.75 -44.51 -48.53
N ASP B 318 -23.28 -44.07 -49.70
CA ASP B 318 -24.12 -44.02 -50.90
C ASP B 318 -24.36 -45.40 -51.50
N MET B 319 -23.85 -46.40 -50.81
CA MET B 319 -24.02 -47.79 -51.18
C MET B 319 -25.03 -48.47 -50.26
N SER B 320 -25.64 -47.68 -49.38
CA SER B 320 -26.55 -48.19 -48.35
C SER B 320 -27.66 -49.07 -48.91
N GLY B 321 -28.21 -48.66 -50.05
CA GLY B 321 -29.28 -49.40 -50.69
C GLY B 321 -28.82 -50.79 -51.06
N CYS B 322 -27.62 -50.87 -51.63
CA CYS B 322 -27.01 -52.15 -51.97
C CYS B 322 -26.80 -53.00 -50.72
N ALA B 323 -26.34 -52.38 -49.64
CA ALA B 323 -26.11 -53.07 -48.38
C ALA B 323 -27.40 -53.65 -47.81
N ALA B 324 -28.49 -52.89 -47.91
CA ALA B 324 -29.79 -53.35 -47.45
C ALA B 324 -30.25 -54.58 -48.22
N VAL B 325 -30.03 -54.55 -49.53
CA VAL B 325 -30.43 -55.65 -50.40
C VAL B 325 -29.58 -56.90 -50.14
N LEU B 326 -28.29 -56.71 -49.97
CA LEU B 326 -27.39 -57.83 -49.66
C LEU B 326 -27.68 -58.39 -48.26
N GLY B 327 -28.03 -57.50 -47.34
CA GLY B 327 -28.39 -57.91 -45.99
C GLY B 327 -29.68 -58.70 -45.98
N CYS B 328 -30.62 -58.32 -46.84
CA CYS B 328 -31.86 -59.05 -47.00
C CYS B 328 -31.61 -60.43 -47.58
N ALA B 329 -30.64 -60.50 -48.50
CA ALA B 329 -30.28 -61.77 -49.14
C ALA B 329 -29.74 -62.77 -48.13
N TYR B 330 -29.02 -62.27 -47.13
CA TYR B 330 -28.55 -63.14 -46.06
C TYR B 330 -29.71 -63.70 -45.26
N CYS B 331 -30.65 -62.83 -44.89
CA CYS B 331 -31.81 -63.24 -44.10
C CYS B 331 -32.68 -64.22 -44.87
N VAL B 332 -32.92 -63.91 -46.14
CA VAL B 332 -33.74 -64.76 -47.00
C VAL B 332 -33.04 -66.09 -47.27
N GLY B 333 -31.74 -66.03 -47.50
CA GLY B 333 -30.95 -67.22 -47.76
C GLY B 333 -30.87 -68.13 -46.55
N THR B 334 -30.96 -67.53 -45.36
CA THR B 334 -30.87 -68.28 -44.11
C THR B 334 -32.22 -68.86 -43.71
N LEU B 335 -33.23 -68.01 -43.67
CA LEU B 335 -34.57 -68.42 -43.23
C LEU B 335 -35.26 -69.30 -44.26
N LYS B 336 -34.82 -69.19 -45.52
CA LYS B 336 -35.34 -70.01 -46.61
C LYS B 336 -36.87 -70.04 -46.70
N PRO B 337 -37.49 -68.91 -47.07
CA PRO B 337 -38.94 -68.88 -47.23
C PRO B 337 -39.40 -69.72 -48.40
N GLU B 338 -40.70 -70.02 -48.45
CA GLU B 338 -41.24 -70.90 -49.48
C GLU B 338 -42.08 -70.17 -50.53
N ASN B 339 -42.22 -70.80 -51.69
CA ASN B 339 -43.08 -70.32 -52.77
C ASN B 339 -42.70 -68.93 -53.28
N VAL B 340 -41.40 -68.65 -53.31
CA VAL B 340 -40.94 -67.34 -53.75
C VAL B 340 -39.61 -67.44 -54.51
N GLU B 341 -39.44 -66.56 -55.49
CA GLU B 341 -38.17 -66.40 -56.19
C GLU B 341 -37.75 -64.94 -56.11
N ILE B 342 -36.58 -64.68 -55.53
CA ILE B 342 -36.14 -63.30 -55.30
C ILE B 342 -34.82 -63.00 -55.99
N HIS B 343 -34.79 -61.89 -56.72
CA HIS B 343 -33.57 -61.41 -57.36
C HIS B 343 -33.01 -60.21 -56.61
N PHE B 344 -31.75 -60.29 -56.23
CA PHE B 344 -31.08 -59.24 -55.49
C PHE B 344 -30.13 -58.50 -56.42
N LEU B 345 -30.50 -57.28 -56.79
CA LEU B 345 -29.80 -56.54 -57.84
C LEU B 345 -29.15 -55.25 -57.35
N SER B 346 -27.95 -54.97 -57.84
CA SER B 346 -27.33 -53.69 -57.61
C SER B 346 -26.35 -53.34 -58.73
N ALA B 347 -26.60 -52.20 -59.37
CA ALA B 347 -25.68 -51.67 -60.36
C ALA B 347 -24.59 -50.88 -59.65
N VAL B 348 -23.51 -51.56 -59.29
CA VAL B 348 -22.49 -50.95 -58.44
C VAL B 348 -21.43 -50.20 -59.25
N CYS B 349 -21.12 -48.99 -58.81
CA CYS B 349 -20.08 -48.18 -59.43
C CYS B 349 -19.65 -47.05 -58.49
N GLU B 350 -18.76 -46.20 -58.98
CA GLU B 350 -18.21 -45.10 -58.18
C GLU B 350 -18.25 -43.80 -58.97
N ASN B 351 -18.76 -42.73 -58.34
CA ASN B 351 -18.92 -41.43 -59.01
C ASN B 351 -17.75 -40.51 -58.72
N MET B 352 -16.86 -40.31 -59.70
CA MET B 352 -15.61 -39.60 -59.47
C MET B 352 -15.32 -38.50 -60.48
N VAL B 353 -14.29 -37.70 -60.19
CA VAL B 353 -13.84 -36.64 -61.09
C VAL B 353 -12.56 -37.04 -61.80
N SER B 354 -12.59 -37.03 -63.12
CA SER B 354 -11.50 -37.54 -63.92
C SER B 354 -11.59 -37.01 -65.34
N LYS B 355 -10.54 -37.20 -66.12
CA LYS B 355 -10.56 -36.86 -67.52
C LYS B 355 -11.56 -37.75 -68.24
N ASN B 356 -11.84 -38.92 -67.65
CA ASN B 356 -12.73 -39.90 -68.25
C ASN B 356 -14.18 -39.77 -67.77
N SER B 357 -14.43 -38.87 -66.83
CA SER B 357 -15.77 -38.73 -66.23
C SER B 357 -16.81 -38.27 -67.24
N TYR B 358 -18.09 -38.56 -66.98
CA TYR B 358 -19.16 -38.00 -67.80
C TYR B 358 -19.41 -36.56 -67.33
N ARG B 359 -19.87 -35.73 -68.25
CA ARG B 359 -19.99 -34.29 -68.01
C ARG B 359 -21.42 -33.85 -67.83
N PRO B 360 -21.62 -32.70 -67.15
CA PRO B 360 -22.92 -32.03 -67.19
C PRO B 360 -23.29 -31.70 -68.63
N GLY B 361 -24.50 -32.05 -69.06
CA GLY B 361 -24.94 -31.76 -70.42
C GLY B 361 -24.89 -32.98 -71.33
N ASP B 362 -24.11 -33.98 -70.95
CA ASP B 362 -23.98 -35.22 -71.72
C ASP B 362 -25.34 -35.87 -71.97
N ILE B 363 -25.53 -36.34 -73.20
CA ILE B 363 -26.73 -37.11 -73.51
C ILE B 363 -26.34 -38.59 -73.62
N ILE B 364 -26.96 -39.41 -72.80
CA ILE B 364 -26.63 -40.82 -72.70
C ILE B 364 -27.86 -41.66 -73.00
N THR B 365 -27.65 -42.92 -73.36
CA THR B 365 -28.75 -43.77 -73.80
C THR B 365 -28.92 -44.97 -72.88
N ALA B 366 -30.09 -45.05 -72.25
CA ALA B 366 -30.41 -46.15 -71.33
C ALA B 366 -30.65 -47.45 -72.08
N SER B 367 -30.67 -48.56 -71.35
CA SER B 367 -30.81 -49.88 -71.95
C SER B 367 -32.21 -50.14 -72.52
N ASN B 368 -33.11 -49.19 -72.33
CA ASN B 368 -34.44 -49.29 -72.95
C ASN B 368 -34.57 -48.32 -74.11
N GLY B 369 -33.45 -47.74 -74.52
CA GLY B 369 -33.41 -46.87 -75.69
C GLY B 369 -33.74 -45.41 -75.43
N LYS B 370 -34.08 -45.08 -74.19
CA LYS B 370 -34.40 -43.69 -73.85
C LYS B 370 -33.14 -42.86 -73.66
N THR B 371 -33.04 -41.77 -74.42
CA THR B 371 -31.92 -40.86 -74.29
C THR B 371 -32.15 -39.89 -73.13
N ILE B 372 -31.10 -39.64 -72.37
CA ILE B 372 -31.18 -38.84 -71.16
C ILE B 372 -30.20 -37.68 -71.20
N GLU B 373 -30.70 -36.47 -70.94
CA GLU B 373 -29.84 -35.31 -70.85
C GLU B 373 -29.39 -35.13 -69.40
N VAL B 374 -28.08 -35.25 -69.17
CA VAL B 374 -27.55 -35.09 -67.82
C VAL B 374 -27.48 -33.62 -67.44
N GLY B 375 -28.25 -33.24 -66.42
CA GLY B 375 -28.25 -31.87 -65.96
C GLY B 375 -27.36 -31.65 -64.75
N ASN B 376 -27.04 -32.75 -64.06
CA ASN B 376 -26.26 -32.70 -62.83
C ASN B 376 -25.62 -34.06 -62.56
N THR B 377 -24.30 -34.13 -62.60
CA THR B 377 -23.60 -35.41 -62.43
C THR B 377 -23.75 -35.97 -61.02
N ASP B 378 -24.22 -35.16 -60.08
CA ASP B 378 -24.39 -35.61 -58.70
C ASP B 378 -25.75 -36.27 -58.49
N ALA B 379 -26.58 -36.26 -59.54
CA ALA B 379 -27.80 -37.05 -59.53
C ALA B 379 -27.52 -38.37 -60.22
N GLU B 380 -26.43 -39.01 -59.83
CA GLU B 380 -25.95 -40.20 -60.52
C GLU B 380 -26.76 -41.44 -60.16
N GLY B 381 -27.35 -41.44 -58.96
CA GLY B 381 -28.06 -42.59 -58.45
C GLY B 381 -29.19 -43.07 -59.34
N ARG B 382 -30.04 -42.14 -59.78
CA ARG B 382 -31.19 -42.48 -60.61
C ARG B 382 -30.77 -43.01 -61.99
N LEU B 383 -29.56 -42.67 -62.42
CA LEU B 383 -29.04 -43.13 -63.70
C LEU B 383 -28.64 -44.60 -63.64
N THR B 384 -28.06 -45.00 -62.51
CA THR B 384 -27.71 -46.40 -62.31
C THR B 384 -28.98 -47.22 -62.06
N LEU B 385 -29.93 -46.63 -61.34
CA LEU B 385 -31.19 -47.29 -61.04
C LEU B 385 -32.04 -47.46 -62.29
N ALA B 386 -31.93 -46.51 -63.22
CA ALA B 386 -32.66 -46.58 -64.49
C ALA B 386 -32.36 -47.88 -65.22
N ASP B 387 -31.07 -48.17 -65.39
CA ASP B 387 -30.65 -49.38 -66.09
C ASP B 387 -30.89 -50.63 -65.25
N ALA B 388 -30.78 -50.50 -63.93
CA ALA B 388 -31.03 -51.62 -63.03
C ALA B 388 -32.51 -52.01 -63.06
N LEU B 389 -33.38 -51.01 -63.20
CA LEU B 389 -34.81 -51.26 -63.28
C LEU B 389 -35.22 -51.92 -64.59
N VAL B 390 -34.62 -51.47 -65.68
CA VAL B 390 -34.87 -52.07 -67.00
C VAL B 390 -34.48 -53.53 -66.97
N TYR B 391 -33.31 -53.81 -66.39
CA TYR B 391 -32.82 -55.16 -66.21
C TYR B 391 -33.79 -55.98 -65.36
N ALA B 392 -34.29 -55.35 -64.28
CA ALA B 392 -35.18 -56.02 -63.35
C ALA B 392 -36.50 -56.42 -64.01
N GLU B 393 -37.05 -55.53 -64.83
CA GLU B 393 -38.33 -55.80 -65.46
C GLU B 393 -38.20 -56.87 -66.54
N LYS B 394 -37.01 -56.97 -67.15
CA LYS B 394 -36.76 -58.00 -68.16
C LYS B 394 -36.78 -59.40 -67.55
N LEU B 395 -36.66 -59.48 -66.23
CA LEU B 395 -36.67 -60.75 -65.52
C LEU B 395 -38.10 -61.30 -65.36
N GLY B 396 -39.09 -60.46 -65.66
CA GLY B 396 -40.48 -60.87 -65.58
C GLY B 396 -40.93 -61.18 -64.17
N VAL B 397 -40.97 -60.16 -63.33
CA VAL B 397 -41.30 -60.35 -61.92
C VAL B 397 -42.66 -59.75 -61.56
N ASP B 398 -43.14 -60.08 -60.37
CA ASP B 398 -44.42 -59.55 -59.89
C ASP B 398 -44.25 -58.19 -59.26
N TYR B 399 -43.17 -58.01 -58.49
CA TYR B 399 -42.91 -56.78 -57.79
C TYR B 399 -41.47 -56.33 -57.98
N ILE B 400 -41.28 -55.02 -58.20
CA ILE B 400 -39.96 -54.43 -58.21
C ILE B 400 -39.87 -53.39 -57.10
N VAL B 401 -38.95 -53.59 -56.18
CA VAL B 401 -38.74 -52.62 -55.11
C VAL B 401 -37.30 -52.16 -55.10
N ASP B 402 -37.08 -50.86 -55.28
CA ASP B 402 -35.73 -50.32 -55.17
C ASP B 402 -35.56 -49.58 -53.85
N ILE B 403 -34.33 -49.56 -53.34
CA ILE B 403 -34.03 -48.85 -52.11
C ILE B 403 -32.73 -48.07 -52.32
N ALA B 404 -32.72 -46.81 -51.92
CA ALA B 404 -31.65 -45.92 -52.35
C ALA B 404 -31.47 -44.70 -51.45
N THR B 405 -30.21 -44.33 -51.24
CA THR B 405 -29.87 -43.03 -50.66
C THR B 405 -29.92 -42.00 -51.77
N LEU B 406 -31.14 -41.68 -52.23
CA LEU B 406 -31.31 -40.99 -53.49
C LEU B 406 -31.29 -39.46 -53.38
N THR B 407 -32.08 -38.89 -52.47
CA THR B 407 -32.18 -37.43 -52.40
C THR B 407 -31.98 -36.85 -51.00
N GLY B 408 -31.14 -35.81 -50.92
CA GLY B 408 -30.92 -35.12 -49.66
C GLY B 408 -32.16 -34.44 -49.13
N ALA B 409 -33.11 -34.16 -50.02
CA ALA B 409 -34.34 -33.48 -49.64
C ALA B 409 -35.20 -34.28 -48.65
N MET B 410 -34.89 -35.56 -48.50
CA MET B 410 -35.59 -36.41 -47.52
C MET B 410 -35.39 -35.88 -46.10
N LEU B 411 -34.26 -35.22 -45.87
CA LEU B 411 -33.94 -34.67 -44.56
C LEU B 411 -34.88 -33.52 -44.19
N TYR B 412 -35.48 -32.89 -45.20
CA TYR B 412 -36.37 -31.76 -44.98
C TYR B 412 -37.83 -32.16 -45.03
N SER B 413 -38.10 -33.38 -45.47
CA SER B 413 -39.47 -33.86 -45.59
C SER B 413 -39.87 -34.81 -44.46
N LEU B 414 -39.10 -35.87 -44.27
CA LEU B 414 -39.39 -36.86 -43.24
C LEU B 414 -38.32 -36.87 -42.15
N GLY B 415 -37.14 -36.36 -42.49
CA GLY B 415 -36.05 -36.30 -41.53
C GLY B 415 -35.25 -37.58 -41.42
N THR B 416 -34.80 -37.88 -40.21
CA THR B 416 -33.84 -38.96 -39.99
C THR B 416 -34.43 -40.26 -39.47
N SER B 417 -35.72 -40.28 -39.18
CA SER B 417 -36.35 -41.46 -38.61
C SER B 417 -37.15 -42.26 -39.63
N TYR B 418 -37.96 -41.57 -40.43
CA TYR B 418 -38.83 -42.23 -41.41
C TYR B 418 -38.28 -42.16 -42.83
N ALA B 419 -38.18 -43.31 -43.49
CA ALA B 419 -37.86 -43.32 -44.91
C ALA B 419 -39.13 -43.02 -45.70
N GLY B 420 -38.97 -42.63 -46.95
CA GLY B 420 -40.13 -42.36 -47.80
C GLY B 420 -40.32 -43.46 -48.83
N VAL B 421 -41.58 -43.79 -49.13
CA VAL B 421 -41.84 -44.77 -50.18
C VAL B 421 -42.74 -44.18 -51.27
N PHE B 422 -42.32 -44.37 -52.51
CA PHE B 422 -43.03 -43.91 -53.70
C PHE B 422 -43.33 -45.13 -54.57
N GLY B 423 -44.37 -45.07 -55.39
CA GLY B 423 -44.67 -46.19 -56.26
C GLY B 423 -45.76 -45.96 -57.30
N ASN B 424 -45.96 -46.97 -58.15
CA ASN B 424 -46.99 -46.91 -59.19
C ASN B 424 -48.15 -47.87 -58.91
N ASN B 425 -48.15 -48.46 -57.74
CA ASN B 425 -49.11 -49.51 -57.40
C ASN B 425 -49.49 -49.48 -55.93
N GLU B 426 -50.77 -49.22 -55.65
CA GLU B 426 -51.24 -49.07 -54.27
C GLU B 426 -51.07 -50.36 -53.44
N GLU B 427 -51.34 -51.51 -54.05
CA GLU B 427 -51.22 -52.78 -53.35
C GLU B 427 -49.79 -53.02 -52.89
N LEU B 428 -48.83 -52.77 -53.79
CA LEU B 428 -47.42 -52.92 -53.45
C LEU B 428 -47.02 -51.94 -52.36
N ILE B 429 -47.50 -50.71 -52.48
CA ILE B 429 -47.23 -49.67 -51.48
C ILE B 429 -47.71 -50.11 -50.10
N ASN B 430 -48.94 -50.60 -50.03
CA ASN B 430 -49.50 -51.09 -48.77
C ASN B 430 -48.71 -52.26 -48.18
N LYS B 431 -48.21 -53.13 -49.05
CA LYS B 431 -47.38 -54.23 -48.61
C LYS B 431 -46.13 -53.71 -47.91
N ILE B 432 -45.47 -52.74 -48.54
CA ILE B 432 -44.29 -52.11 -47.96
C ILE B 432 -44.61 -51.48 -46.60
N LEU B 433 -45.74 -50.81 -46.51
CA LEU B 433 -46.17 -50.17 -45.28
C LEU B 433 -46.43 -51.20 -44.18
N GLN B 434 -47.03 -52.33 -44.56
CA GLN B 434 -47.27 -53.39 -43.60
C GLN B 434 -45.96 -54.00 -43.13
N SER B 435 -45.00 -54.11 -44.05
CA SER B 435 -43.68 -54.64 -43.71
C SER B 435 -42.94 -53.67 -42.78
N SER B 436 -43.28 -52.39 -42.90
CA SER B 436 -42.70 -51.37 -42.04
C SER B 436 -43.16 -51.55 -40.59
N LYS B 437 -44.45 -51.84 -40.43
CA LYS B 437 -45.01 -52.05 -39.10
C LYS B 437 -44.36 -53.23 -38.39
N THR B 438 -44.24 -54.35 -39.11
CA THR B 438 -43.79 -55.59 -38.49
C THR B 438 -42.27 -55.68 -38.37
N SER B 439 -41.54 -54.93 -39.20
CA SER B 439 -40.08 -54.88 -39.08
C SER B 439 -39.67 -53.76 -38.14
N ASN B 440 -40.63 -52.88 -37.86
CA ASN B 440 -40.42 -51.70 -37.03
C ASN B 440 -39.35 -50.77 -37.60
N GLU B 441 -39.21 -50.77 -38.91
CA GLU B 441 -38.42 -49.76 -39.61
C GLU B 441 -39.39 -48.82 -40.30
N PRO B 442 -39.55 -47.61 -39.75
CA PRO B 442 -40.65 -46.70 -40.12
C PRO B 442 -40.52 -46.11 -41.52
N VAL B 443 -41.62 -46.15 -42.27
CA VAL B 443 -41.66 -45.62 -43.62
C VAL B 443 -42.96 -44.84 -43.81
N TRP B 444 -42.91 -43.75 -44.58
CA TRP B 444 -44.10 -42.98 -44.88
C TRP B 444 -44.34 -42.90 -46.40
N TRP B 445 -45.59 -43.03 -46.79
CA TRP B 445 -45.97 -42.98 -48.20
C TRP B 445 -45.99 -41.55 -48.72
N LEU B 446 -45.16 -41.27 -49.71
CA LEU B 446 -45.11 -39.95 -50.35
C LEU B 446 -45.63 -40.04 -51.79
N PRO B 447 -46.23 -38.96 -52.29
CA PRO B 447 -46.89 -39.03 -53.60
C PRO B 447 -45.95 -38.85 -54.76
N ILE B 448 -46.25 -39.52 -55.87
CA ILE B 448 -45.60 -39.23 -57.13
C ILE B 448 -46.51 -38.26 -57.88
N ILE B 449 -46.17 -36.97 -57.82
CA ILE B 449 -47.01 -35.92 -58.38
C ILE B 449 -46.76 -35.75 -59.87
N ASN B 450 -47.72 -36.19 -60.67
CA ASN B 450 -47.57 -36.25 -62.12
C ASN B 450 -47.45 -34.87 -62.79
N GLU B 451 -47.91 -33.83 -62.12
CA GLU B 451 -47.84 -32.48 -62.66
C GLU B 451 -46.39 -32.03 -62.83
N TYR B 452 -45.50 -32.62 -62.05
CA TYR B 452 -44.08 -32.25 -62.09
C TYR B 452 -43.34 -32.93 -63.25
N ARG B 453 -44.01 -33.85 -63.93
CA ARG B 453 -43.38 -34.63 -65.00
C ARG B 453 -42.96 -33.76 -66.18
N ALA B 454 -43.73 -32.71 -66.44
CA ALA B 454 -43.47 -31.82 -67.57
C ALA B 454 -42.10 -31.13 -67.45
N THR B 455 -41.60 -31.00 -66.23
CA THR B 455 -40.31 -30.37 -66.01
C THR B 455 -39.15 -31.31 -66.35
N LEU B 456 -39.48 -32.55 -66.70
CA LEU B 456 -38.46 -33.49 -67.14
C LEU B 456 -38.42 -33.58 -68.66
N ASN B 457 -39.19 -32.73 -69.31
CA ASN B 457 -39.17 -32.65 -70.77
C ASN B 457 -37.87 -31.99 -71.25
N SER B 458 -37.13 -32.70 -72.08
CA SER B 458 -35.87 -32.20 -72.61
C SER B 458 -36.05 -31.66 -74.01
N LYS B 459 -35.27 -30.63 -74.36
CA LYS B 459 -35.34 -30.05 -75.69
C LYS B 459 -34.72 -30.96 -76.75
N TYR B 460 -33.72 -31.73 -76.36
CA TYR B 460 -32.98 -32.55 -77.31
C TYR B 460 -33.07 -34.05 -77.04
N ALA B 461 -32.98 -34.43 -75.77
CA ALA B 461 -33.09 -35.84 -75.39
C ALA B 461 -34.55 -36.24 -75.18
N ASP B 462 -34.78 -37.53 -74.98
CA ASP B 462 -36.12 -38.02 -74.68
C ASP B 462 -36.60 -37.47 -73.34
N ILE B 463 -35.67 -37.30 -72.41
CA ILE B 463 -36.02 -36.87 -71.06
C ILE B 463 -34.84 -36.23 -70.34
N ASN B 464 -35.14 -35.29 -69.44
CA ASN B 464 -34.12 -34.72 -68.56
C ASN B 464 -33.88 -35.62 -67.36
N GLN B 465 -32.65 -35.63 -66.90
CA GLN B 465 -32.28 -36.35 -65.68
C GLN B 465 -32.83 -35.64 -64.43
N ILE B 466 -32.75 -34.31 -64.44
CA ILE B 466 -33.18 -33.50 -63.30
C ILE B 466 -34.13 -32.38 -63.72
N SER B 467 -34.84 -31.83 -62.75
CA SER B 467 -35.72 -30.70 -63.01
C SER B 467 -34.99 -29.39 -62.76
N SER B 468 -35.38 -28.34 -63.48
CA SER B 468 -34.80 -27.03 -63.30
C SER B 468 -35.61 -26.21 -62.29
N SER B 469 -36.93 -26.22 -62.46
CA SER B 469 -37.81 -25.40 -61.64
C SER B 469 -38.17 -26.06 -60.30
N VAL B 470 -38.85 -27.20 -60.37
CA VAL B 470 -39.35 -27.87 -59.17
C VAL B 470 -38.25 -28.26 -58.19
N LYS B 471 -38.43 -27.91 -56.92
CA LYS B 471 -37.44 -28.19 -55.89
C LYS B 471 -37.79 -29.44 -55.08
N ALA B 472 -38.95 -30.03 -55.36
CA ALA B 472 -39.37 -31.27 -54.71
C ALA B 472 -38.63 -32.45 -55.33
N SER B 473 -37.32 -32.50 -55.10
CA SER B 473 -36.42 -33.41 -55.82
C SER B 473 -36.67 -34.89 -55.54
N SER B 474 -37.17 -35.21 -54.35
CA SER B 474 -37.47 -36.61 -54.02
C SER B 474 -38.56 -37.13 -54.94
N ILE B 475 -39.55 -36.27 -55.19
CA ILE B 475 -40.66 -36.63 -56.07
C ILE B 475 -40.23 -36.65 -57.53
N VAL B 476 -39.48 -35.65 -57.95
CA VAL B 476 -38.98 -35.58 -59.33
C VAL B 476 -38.14 -36.80 -59.67
N ALA B 477 -37.25 -37.18 -58.75
CA ALA B 477 -36.43 -38.37 -58.94
C ALA B 477 -37.29 -39.62 -59.09
N SER B 478 -38.39 -39.69 -58.34
CA SER B 478 -39.33 -40.80 -58.46
C SER B 478 -40.00 -40.80 -59.83
N LEU B 479 -40.34 -39.61 -60.32
CA LEU B 479 -40.92 -39.46 -61.64
C LEU B 479 -39.95 -39.95 -62.73
N PHE B 480 -38.65 -39.74 -62.49
CA PHE B 480 -37.63 -40.19 -63.43
C PHE B 480 -37.57 -41.70 -63.48
N LEU B 481 -37.52 -42.33 -62.31
CA LEU B 481 -37.42 -43.79 -62.20
C LEU B 481 -38.63 -44.48 -62.82
N LYS B 482 -39.80 -43.85 -62.69
CA LYS B 482 -41.05 -44.40 -63.20
C LYS B 482 -41.00 -44.60 -64.72
N GLU B 483 -40.19 -43.80 -65.40
CA GLU B 483 -40.04 -43.89 -66.84
C GLU B 483 -39.34 -45.17 -67.29
N PHE B 484 -38.79 -45.92 -66.34
CA PHE B 484 -38.01 -47.11 -66.67
C PHE B 484 -38.67 -48.37 -66.13
N VAL B 485 -39.92 -48.24 -65.73
CA VAL B 485 -40.77 -49.37 -65.37
C VAL B 485 -42.04 -49.31 -66.21
N GLN B 486 -42.20 -50.24 -67.14
CA GLN B 486 -43.24 -50.13 -68.15
C GLN B 486 -44.58 -50.75 -67.73
N ASN B 487 -44.54 -51.99 -67.22
CA ASN B 487 -45.77 -52.70 -66.90
C ASN B 487 -45.64 -53.61 -65.69
N THR B 488 -44.96 -53.14 -64.64
CA THR B 488 -44.76 -53.94 -63.45
C THR B 488 -44.98 -53.12 -62.18
N ALA B 489 -45.59 -53.73 -61.18
CA ALA B 489 -45.78 -53.09 -59.88
C ALA B 489 -44.42 -52.70 -59.31
N TRP B 490 -44.27 -51.42 -58.97
CA TRP B 490 -42.97 -50.89 -58.56
C TRP B 490 -43.09 -49.91 -57.42
N ALA B 491 -42.20 -50.04 -56.44
CA ALA B 491 -42.11 -49.11 -55.33
C ALA B 491 -40.67 -48.65 -55.13
N HIS B 492 -40.51 -47.43 -54.61
CA HIS B 492 -39.21 -46.81 -54.43
C HIS B 492 -39.04 -46.32 -53.01
N ILE B 493 -37.98 -46.75 -52.33
CA ILE B 493 -37.73 -46.35 -50.96
C ILE B 493 -36.49 -45.48 -50.85
N ASP B 494 -36.70 -44.21 -50.54
CA ASP B 494 -35.60 -43.24 -50.41
C ASP B 494 -35.11 -43.18 -48.96
N ILE B 495 -33.92 -43.74 -48.72
CA ILE B 495 -33.38 -43.83 -47.38
C ILE B 495 -32.21 -42.88 -47.14
N ALA B 496 -32.10 -41.84 -47.96
CA ALA B 496 -30.98 -40.89 -47.87
C ALA B 496 -30.89 -40.22 -46.50
N GLY B 497 -32.04 -39.95 -45.90
CA GLY B 497 -32.08 -39.26 -44.62
C GLY B 497 -31.99 -40.16 -43.40
N VAL B 498 -32.35 -41.43 -43.53
CA VAL B 498 -32.42 -42.32 -42.38
C VAL B 498 -31.27 -43.32 -42.31
N SER B 499 -30.48 -43.40 -43.37
CA SER B 499 -29.45 -44.44 -43.46
C SER B 499 -28.36 -44.30 -42.39
N TRP B 500 -27.89 -43.07 -42.17
CA TRP B 500 -26.80 -42.85 -41.24
C TRP B 500 -27.28 -42.28 -39.91
N ASN B 501 -26.85 -42.90 -38.82
CA ASN B 501 -27.14 -42.42 -37.47
C ASN B 501 -26.10 -41.39 -37.06
N PHE B 502 -26.44 -40.12 -37.22
CA PHE B 502 -25.48 -39.04 -37.00
C PHE B 502 -25.08 -38.91 -35.53
N LYS B 503 -26.03 -39.20 -34.64
CA LYS B 503 -25.78 -39.11 -33.20
C LYS B 503 -24.77 -40.15 -32.74
N ALA B 504 -24.89 -41.37 -33.26
CA ALA B 504 -24.02 -42.47 -32.86
C ALA B 504 -22.84 -42.65 -33.81
N ARG B 505 -22.78 -41.81 -34.85
CA ARG B 505 -21.68 -41.83 -35.82
C ARG B 505 -21.50 -43.19 -36.49
N LYS B 506 -22.61 -43.84 -36.81
CA LYS B 506 -22.57 -45.17 -37.42
C LYS B 506 -23.80 -45.42 -38.28
N PRO B 507 -23.69 -46.35 -39.25
CA PRO B 507 -24.86 -46.70 -40.06
C PRO B 507 -25.93 -47.41 -39.24
N LYS B 508 -27.16 -47.45 -39.75
CA LYS B 508 -28.24 -48.17 -39.08
C LYS B 508 -28.42 -49.55 -39.71
N GLY B 509 -28.01 -49.69 -40.97
CA GLY B 509 -28.31 -50.88 -41.73
C GLY B 509 -29.79 -50.89 -42.06
N PHE B 510 -30.35 -49.70 -42.23
CA PHE B 510 -31.78 -49.51 -42.47
C PHE B 510 -32.25 -50.23 -43.73
N GLY B 511 -33.37 -50.94 -43.62
CA GLY B 511 -34.00 -51.52 -44.78
C GLY B 511 -33.93 -53.03 -44.85
N VAL B 512 -32.93 -53.62 -44.20
CA VAL B 512 -32.75 -55.07 -44.21
C VAL B 512 -33.98 -55.81 -43.68
N ARG B 513 -34.41 -55.45 -42.47
CA ARG B 513 -35.55 -56.12 -41.84
C ARG B 513 -36.84 -55.80 -42.57
N LEU B 514 -36.97 -54.57 -43.04
CA LEU B 514 -38.11 -54.14 -43.84
C LEU B 514 -38.30 -55.03 -45.07
N LEU B 515 -37.23 -55.17 -45.85
CA LEU B 515 -37.28 -55.95 -47.09
C LEU B 515 -37.50 -57.44 -46.83
N THR B 516 -36.93 -57.95 -45.75
CA THR B 516 -37.08 -59.35 -45.40
C THR B 516 -38.52 -59.65 -45.00
N GLU B 517 -39.10 -58.76 -44.20
CA GLU B 517 -40.50 -58.89 -43.81
C GLU B 517 -41.40 -58.85 -45.04
N PHE B 518 -41.07 -57.97 -45.99
CA PHE B 518 -41.79 -57.88 -47.24
C PHE B 518 -41.75 -59.22 -47.99
N VAL B 519 -40.57 -59.80 -48.06
CA VAL B 519 -40.40 -61.07 -48.76
C VAL B 519 -41.11 -62.22 -48.04
N LEU B 520 -40.97 -62.25 -46.72
CA LEU B 520 -41.46 -63.36 -45.91
C LEU B 520 -42.98 -63.42 -45.81
N ASN B 521 -43.64 -62.27 -45.77
CA ASN B 521 -45.06 -62.22 -45.49
C ASN B 521 -45.93 -61.84 -46.69
N ASP B 522 -45.34 -61.80 -47.88
CA ASP B 522 -46.11 -61.48 -49.09
C ASP B 522 -46.70 -62.74 -49.70
N SER C 5 -7.84 -38.68 -86.06
CA SER C 5 -9.21 -38.89 -86.57
C SER C 5 -10.00 -39.83 -85.67
N GLU C 6 -9.30 -40.78 -85.05
CA GLU C 6 -9.96 -41.75 -84.18
C GLU C 6 -10.37 -41.13 -82.84
N VAL C 7 -11.68 -41.13 -82.58
CA VAL C 7 -12.19 -40.61 -81.32
C VAL C 7 -11.99 -41.62 -80.20
N PRO C 8 -11.21 -41.26 -79.18
CA PRO C 8 -11.00 -42.16 -78.04
C PRO C 8 -12.29 -42.39 -77.24
N GLN C 9 -12.45 -43.61 -76.74
CA GLN C 9 -13.64 -43.97 -75.96
C GLN C 9 -13.26 -44.48 -74.58
N VAL C 10 -14.14 -44.29 -73.61
CA VAL C 10 -13.98 -44.89 -72.29
C VAL C 10 -14.73 -46.23 -72.26
N VAL C 11 -15.93 -46.23 -72.81
CA VAL C 11 -16.70 -47.45 -73.02
C VAL C 11 -17.19 -47.47 -74.45
N SER C 12 -17.62 -48.65 -74.92
CA SER C 12 -18.00 -48.83 -76.32
C SER C 12 -19.25 -48.03 -76.70
N LEU C 13 -20.02 -47.62 -75.70
CA LEU C 13 -21.25 -46.87 -75.94
C LEU C 13 -20.98 -45.39 -76.19
N ASP C 14 -19.75 -44.96 -75.93
CA ASP C 14 -19.35 -43.58 -76.21
C ASP C 14 -19.38 -43.29 -77.71
N PRO C 15 -20.09 -42.22 -78.10
CA PRO C 15 -20.20 -41.86 -79.53
C PRO C 15 -18.85 -41.42 -80.11
N THR C 16 -18.66 -41.73 -81.39
CA THR C 16 -17.38 -41.44 -82.04
C THR C 16 -17.52 -40.41 -83.15
N SER C 17 -18.70 -39.79 -83.23
CA SER C 17 -18.91 -38.70 -84.18
C SER C 17 -20.11 -37.85 -83.79
N ILE C 18 -20.11 -36.60 -84.24
CA ILE C 18 -21.25 -35.73 -84.07
C ILE C 18 -22.27 -36.01 -85.17
N PRO C 19 -23.49 -36.40 -84.76
CA PRO C 19 -24.56 -36.55 -85.77
C PRO C 19 -24.89 -35.20 -86.39
N ILE C 20 -24.81 -35.12 -87.71
CA ILE C 20 -25.05 -33.87 -88.41
C ILE C 20 -26.08 -34.05 -89.51
N GLU C 21 -27.08 -33.16 -89.54
CA GLU C 21 -28.10 -33.19 -90.57
C GLU C 21 -27.83 -32.10 -91.61
N TYR C 22 -27.52 -32.52 -92.83
CA TYR C 22 -27.25 -31.57 -93.91
C TYR C 22 -28.50 -31.31 -94.74
N ASN C 23 -29.10 -32.39 -95.25
CA ASN C 23 -30.34 -32.28 -96.00
C ASN C 23 -31.54 -32.18 -95.08
N THR C 24 -31.88 -30.95 -94.71
CA THR C 24 -32.98 -30.70 -93.79
C THR C 24 -34.30 -30.58 -94.57
N PRO C 25 -35.44 -30.75 -93.87
CA PRO C 25 -36.74 -30.55 -94.51
C PRO C 25 -36.92 -29.15 -95.11
N ILE C 26 -36.18 -28.18 -94.58
CA ILE C 26 -36.21 -26.82 -95.12
C ILE C 26 -35.68 -26.82 -96.56
N HIS C 27 -34.71 -27.68 -96.84
CA HIS C 27 -34.11 -27.73 -98.17
C HIS C 27 -35.06 -28.37 -99.18
N ASP C 28 -36.11 -29.03 -98.70
CA ASP C 28 -37.09 -29.67 -99.56
C ASP C 28 -38.24 -28.72 -99.89
N ILE C 29 -38.23 -27.54 -99.31
CA ILE C 29 -39.29 -26.57 -99.56
C ILE C 29 -39.06 -25.82 -100.86
N LYS C 30 -40.02 -25.93 -101.78
CA LYS C 30 -39.98 -25.16 -103.01
C LYS C 30 -40.50 -23.75 -102.74
N VAL C 31 -39.64 -22.76 -102.98
CA VAL C 31 -40.02 -21.38 -102.72
C VAL C 31 -40.26 -20.60 -104.01
N GLN C 32 -41.44 -20.00 -104.10
CA GLN C 32 -41.79 -19.16 -105.24
C GLN C 32 -42.14 -17.76 -104.76
N VAL C 33 -41.64 -16.75 -105.48
CA VAL C 33 -41.96 -15.37 -105.15
C VAL C 33 -42.73 -14.72 -106.29
N TYR C 34 -43.90 -14.16 -105.96
CA TYR C 34 -44.72 -13.47 -106.95
C TYR C 34 -44.87 -12.01 -106.59
N ASP C 35 -44.98 -11.15 -107.60
CA ASP C 35 -45.21 -9.74 -107.36
C ASP C 35 -46.66 -9.52 -106.93
N ILE C 36 -46.83 -8.70 -105.91
CA ILE C 36 -48.13 -8.55 -105.26
C ILE C 36 -49.15 -7.79 -106.12
N LYS C 37 -48.66 -7.04 -107.10
CA LYS C 37 -49.54 -6.24 -107.95
C LYS C 37 -50.33 -7.12 -108.91
N GLY C 38 -49.91 -8.38 -109.04
CA GLY C 38 -50.59 -9.32 -109.91
C GLY C 38 -51.78 -9.96 -109.24
N GLY C 39 -51.91 -9.77 -107.93
CA GLY C 39 -52.99 -10.37 -107.17
C GLY C 39 -52.61 -11.72 -106.60
N CYS C 40 -53.18 -12.05 -105.44
CA CYS C 40 -52.84 -13.30 -104.75
C CYS C 40 -53.82 -14.41 -105.08
N ASN C 41 -53.29 -15.60 -105.36
CA ASN C 41 -54.12 -16.78 -105.55
C ASN C 41 -54.19 -17.59 -104.27
N VAL C 42 -55.40 -17.82 -103.78
CA VAL C 42 -55.62 -18.60 -102.56
C VAL C 42 -56.23 -19.95 -102.92
N GLU C 43 -55.40 -20.98 -103.01
CA GLU C 43 -55.84 -22.27 -103.52
C GLU C 43 -55.79 -23.38 -102.47
N GLU C 44 -54.78 -23.34 -101.61
CA GLU C 44 -54.53 -24.44 -100.68
C GLU C 44 -53.65 -24.02 -99.51
N GLY C 45 -53.41 -24.98 -98.61
CA GLY C 45 -52.58 -24.76 -97.45
C GLY C 45 -53.05 -23.59 -96.60
N LEU C 46 -52.09 -22.82 -96.10
CA LEU C 46 -52.41 -21.65 -95.29
C LEU C 46 -51.86 -20.39 -95.94
N THR C 47 -52.67 -19.34 -95.97
CA THR C 47 -52.25 -18.06 -96.54
C THR C 47 -52.27 -16.98 -95.47
N ILE C 48 -51.08 -16.51 -95.09
CA ILE C 48 -50.97 -15.52 -94.03
C ILE C 48 -50.64 -14.13 -94.55
N PHE C 49 -51.41 -13.15 -94.12
CA PHE C 49 -51.17 -11.76 -94.49
C PHE C 49 -50.39 -11.03 -93.41
N LEU C 50 -49.24 -10.48 -93.77
CA LEU C 50 -48.48 -9.65 -92.85
C LEU C 50 -48.99 -8.22 -92.93
N VAL C 51 -49.79 -7.82 -91.96
CA VAL C 51 -50.45 -6.52 -92.01
C VAL C 51 -50.14 -5.65 -90.80
N ASN C 52 -50.04 -4.34 -91.03
CA ASN C 52 -49.90 -3.38 -89.95
C ASN C 52 -50.92 -2.25 -90.07
N ASN C 53 -50.81 -1.27 -89.20
CA ASN C 53 -51.66 -0.10 -89.23
C ASN C 53 -50.90 1.10 -88.67
N PRO C 54 -50.24 1.85 -89.57
CA PRO C 54 -49.36 2.97 -89.20
C PRO C 54 -50.04 4.04 -88.36
N GLY C 55 -49.46 4.33 -87.19
CA GLY C 55 -49.94 5.42 -86.35
C GLY C 55 -51.06 5.05 -85.40
N LYS C 56 -51.74 3.94 -85.68
CA LYS C 56 -52.86 3.52 -84.85
C LYS C 56 -52.51 2.26 -84.05
N GLU C 57 -52.09 2.46 -82.80
CA GLU C 57 -51.77 1.36 -81.92
C GLU C 57 -52.99 0.46 -81.75
N ASN C 58 -52.81 -0.84 -81.94
CA ASN C 58 -53.90 -1.82 -81.94
C ASN C 58 -54.97 -1.46 -82.96
N GLY C 59 -54.54 -0.87 -84.08
CA GLY C 59 -55.46 -0.48 -85.14
C GLY C 59 -56.07 -1.68 -85.83
N PRO C 60 -57.17 -1.45 -86.57
CA PRO C 60 -57.91 -2.52 -87.26
C PRO C 60 -57.15 -3.17 -88.40
N VAL C 61 -57.53 -4.40 -88.73
CA VAL C 61 -56.95 -5.13 -89.85
C VAL C 61 -57.62 -4.76 -91.16
N LYS C 62 -56.81 -4.40 -92.15
CA LYS C 62 -57.31 -4.14 -93.49
C LYS C 62 -56.42 -4.82 -94.52
N ILE C 63 -57.02 -5.69 -95.34
CA ILE C 63 -56.29 -6.41 -96.37
C ILE C 63 -56.26 -5.60 -97.67
N SER C 64 -55.13 -4.96 -97.95
CA SER C 64 -55.01 -4.05 -99.08
C SER C 64 -54.69 -4.75 -100.39
N SER C 65 -54.16 -5.96 -100.31
CA SER C 65 -53.77 -6.70 -101.49
C SER C 65 -54.96 -7.12 -102.32
N LYS C 66 -54.77 -7.18 -103.64
CA LYS C 66 -55.78 -7.72 -104.53
C LYS C 66 -55.81 -9.24 -104.41
N VAL C 67 -56.96 -9.79 -104.04
CA VAL C 67 -57.11 -11.24 -103.94
C VAL C 67 -57.90 -11.76 -105.14
N ASN C 68 -57.28 -12.65 -105.89
CA ASN C 68 -57.87 -13.16 -107.13
C ASN C 68 -58.85 -14.31 -106.89
N ASP C 69 -59.84 -14.04 -106.03
CA ASP C 69 -60.89 -15.01 -105.75
C ASP C 69 -62.08 -14.27 -105.15
N LYS C 70 -63.24 -14.41 -105.77
CA LYS C 70 -64.43 -13.68 -105.34
C LYS C 70 -64.82 -14.00 -103.90
N GLN C 71 -64.81 -15.28 -103.55
CA GLN C 71 -65.22 -15.71 -102.22
C GLN C 71 -64.27 -15.26 -101.13
N VAL C 72 -62.97 -15.43 -101.38
CA VAL C 72 -61.96 -15.05 -100.39
C VAL C 72 -61.91 -13.53 -100.23
N SER C 73 -62.03 -12.81 -101.35
CA SER C 73 -62.07 -11.35 -101.29
C SER C 73 -63.25 -10.85 -100.46
N GLU C 74 -64.40 -11.50 -100.64
CA GLU C 74 -65.60 -11.16 -99.89
C GLU C 74 -65.38 -11.36 -98.40
N PHE C 75 -64.69 -12.45 -98.05
CA PHE C 75 -64.38 -12.77 -96.66
C PHE C 75 -63.49 -11.70 -96.05
N LEU C 76 -62.50 -11.25 -96.82
CA LEU C 76 -61.47 -10.35 -96.29
C LEU C 76 -61.81 -8.87 -96.40
N LYS C 77 -63.07 -8.56 -96.71
CA LYS C 77 -63.49 -7.16 -96.78
C LYS C 77 -63.31 -6.48 -95.44
N ASP C 78 -63.09 -5.17 -95.47
CA ASP C 78 -62.84 -4.38 -94.26
C ASP C 78 -63.91 -4.59 -93.19
N GLU C 79 -65.15 -4.72 -93.62
CA GLU C 79 -66.27 -4.90 -92.70
C GLU C 79 -66.12 -6.19 -91.87
N ASN C 80 -65.63 -7.24 -92.52
CA ASN C 80 -65.43 -8.51 -91.84
C ASN C 80 -64.14 -8.52 -91.02
N MET C 81 -63.17 -7.71 -91.43
CA MET C 81 -61.84 -7.71 -90.82
C MET C 81 -61.68 -6.69 -89.71
N GLU C 82 -62.66 -5.81 -89.56
CA GLU C 82 -62.59 -4.73 -88.57
C GLU C 82 -62.47 -5.24 -87.15
N LYS C 83 -63.10 -6.39 -86.87
CA LYS C 83 -63.11 -6.96 -85.53
C LYS C 83 -61.72 -7.38 -85.05
N PHE C 84 -60.79 -7.57 -85.98
CA PHE C 84 -59.44 -7.96 -85.62
C PHE C 84 -58.49 -6.76 -85.66
N ASN C 85 -57.47 -6.78 -84.80
CA ASN C 85 -56.49 -5.69 -84.77
C ASN C 85 -55.08 -6.17 -85.08
N VAL C 86 -54.16 -5.22 -85.26
CA VAL C 86 -52.83 -5.52 -85.77
C VAL C 86 -51.73 -5.54 -84.72
N LYS C 87 -52.13 -5.70 -83.45
CA LYS C 87 -51.17 -5.75 -82.34
C LYS C 87 -50.01 -6.70 -82.66
N LEU C 88 -48.79 -6.19 -82.56
CA LEU C 88 -47.59 -6.91 -82.96
C LEU C 88 -47.51 -8.30 -82.35
N GLY C 89 -47.51 -9.32 -83.22
CA GLY C 89 -47.38 -10.69 -82.77
C GLY C 89 -48.71 -11.44 -82.68
N THR C 90 -49.81 -10.70 -82.76
CA THR C 90 -51.12 -11.34 -82.71
C THR C 90 -51.41 -12.03 -84.05
N SER C 91 -52.28 -13.01 -84.02
CA SER C 91 -52.60 -13.77 -85.23
C SER C 91 -53.97 -14.42 -85.16
N LYS C 92 -54.60 -14.61 -86.31
CA LYS C 92 -55.90 -15.28 -86.38
C LYS C 92 -55.95 -16.24 -87.56
N HIS C 93 -56.72 -17.31 -87.40
CA HIS C 93 -56.99 -18.26 -88.48
C HIS C 93 -58.38 -18.04 -89.04
N PHE C 94 -58.52 -18.14 -90.37
CA PHE C 94 -59.82 -18.09 -91.02
C PHE C 94 -60.07 -19.37 -91.81
N TYR C 95 -61.34 -19.76 -91.94
CA TYR C 95 -61.73 -20.93 -92.71
C TYR C 95 -62.86 -20.57 -93.67
N MET C 96 -62.69 -20.93 -94.94
CA MET C 96 -63.67 -20.56 -95.97
C MET C 96 -63.54 -21.40 -97.23
N PHE C 97 -64.51 -21.26 -98.14
CA PHE C 97 -64.45 -21.91 -99.44
C PHE C 97 -64.15 -20.90 -100.53
N ASN C 98 -63.23 -21.23 -101.43
CA ASN C 98 -62.91 -20.35 -102.54
C ASN C 98 -63.87 -20.56 -103.71
N ASP C 99 -63.58 -19.92 -104.84
CA ASP C 99 -64.46 -19.96 -106.00
C ASP C 99 -64.57 -21.37 -106.59
N ASN C 100 -63.54 -22.19 -106.38
CA ASN C 100 -63.55 -23.56 -106.87
C ASN C 100 -64.25 -24.50 -105.89
N LYS C 101 -64.98 -23.92 -104.95
CA LYS C 101 -65.72 -24.67 -103.94
C LYS C 101 -64.79 -25.56 -103.10
N ASN C 102 -63.53 -25.15 -102.98
CA ASN C 102 -62.57 -25.86 -102.15
C ASN C 102 -62.35 -25.11 -100.83
N SER C 103 -62.23 -25.84 -99.73
CA SER C 103 -61.97 -25.22 -98.44
C SER C 103 -60.52 -24.76 -98.36
N VAL C 104 -60.33 -23.51 -97.96
CA VAL C 104 -58.98 -22.96 -97.82
C VAL C 104 -58.81 -22.28 -96.47
N ALA C 105 -57.57 -22.24 -96.00
CA ALA C 105 -57.26 -21.58 -94.74
C ALA C 105 -56.49 -20.27 -95.00
N VAL C 106 -56.91 -19.22 -94.32
CA VAL C 106 -56.33 -17.89 -94.47
C VAL C 106 -56.14 -17.28 -93.08
N GLY C 107 -55.18 -16.37 -92.93
CA GLY C 107 -54.97 -15.70 -91.67
C GLY C 107 -54.10 -14.47 -91.78
N TYR C 108 -53.68 -13.94 -90.65
CA TYR C 108 -52.81 -12.76 -90.64
C TYR C 108 -51.96 -12.75 -89.39
N VAL C 109 -50.86 -12.01 -89.45
CA VAL C 109 -50.05 -11.74 -88.28
C VAL C 109 -49.88 -10.24 -88.12
N GLY C 110 -50.24 -9.72 -86.95
CA GLY C 110 -50.14 -8.30 -86.68
C GLY C 110 -48.69 -7.85 -86.60
N CYS C 111 -48.38 -6.76 -87.30
CA CYS C 111 -47.01 -6.24 -87.32
C CYS C 111 -46.93 -4.89 -86.62
N GLY C 112 -48.00 -4.53 -85.90
CA GLY C 112 -47.99 -3.34 -85.08
C GLY C 112 -48.36 -2.06 -85.80
N SER C 113 -47.89 -0.93 -85.28
CA SER C 113 -48.21 0.37 -85.84
C SER C 113 -46.96 1.15 -86.28
N VAL C 114 -45.79 0.54 -86.08
CA VAL C 114 -44.53 1.11 -86.55
C VAL C 114 -44.38 0.85 -88.04
N ALA C 115 -43.72 1.76 -88.75
CA ALA C 115 -43.52 1.61 -90.19
C ALA C 115 -42.27 0.79 -90.49
N ASP C 116 -41.33 0.79 -89.56
CA ASP C 116 -40.10 0.03 -89.71
C ASP C 116 -39.90 -0.95 -88.55
N LEU C 117 -39.97 -2.24 -88.85
CA LEU C 117 -39.80 -3.27 -87.85
C LEU C 117 -38.33 -3.48 -87.50
N SER C 118 -38.02 -3.56 -86.21
CA SER C 118 -36.66 -3.78 -85.77
C SER C 118 -36.30 -5.26 -85.84
N GLU C 119 -35.08 -5.59 -85.43
CA GLU C 119 -34.63 -6.97 -85.31
C GLU C 119 -35.59 -7.80 -84.47
N ALA C 120 -35.89 -7.32 -83.27
CA ALA C 120 -36.72 -8.05 -82.31
C ALA C 120 -38.18 -8.10 -82.76
N ASP C 121 -38.65 -7.04 -83.40
CA ASP C 121 -40.04 -6.98 -83.86
C ASP C 121 -40.33 -8.04 -84.91
N MET C 122 -39.44 -8.16 -85.89
CA MET C 122 -39.61 -9.12 -86.98
C MET C 122 -39.51 -10.56 -86.48
N LYS C 123 -38.65 -10.80 -85.51
CA LYS C 123 -38.52 -12.14 -84.94
C LYS C 123 -39.78 -12.51 -84.18
N ARG C 124 -40.42 -11.52 -83.56
CA ARG C 124 -41.70 -11.71 -82.91
C ARG C 124 -42.75 -12.15 -83.94
N VAL C 125 -42.75 -11.46 -85.07
CA VAL C 125 -43.67 -11.78 -86.17
C VAL C 125 -43.47 -13.20 -86.68
N VAL C 126 -42.21 -13.57 -86.88
CA VAL C 126 -41.86 -14.90 -87.38
C VAL C 126 -42.28 -15.97 -86.38
N LEU C 127 -42.03 -15.72 -85.10
CA LEU C 127 -42.42 -16.66 -84.05
C LEU C 127 -43.93 -16.87 -84.00
N SER C 128 -44.69 -15.81 -84.25
CA SER C 128 -46.14 -15.94 -84.31
C SER C 128 -46.56 -16.80 -85.50
N LEU C 129 -45.89 -16.59 -86.63
CA LEU C 129 -46.14 -17.36 -87.84
C LEU C 129 -45.81 -18.84 -87.63
N VAL C 130 -44.71 -19.10 -86.91
CA VAL C 130 -44.27 -20.46 -86.66
C VAL C 130 -45.28 -21.21 -85.78
N THR C 131 -45.89 -20.51 -84.83
CA THR C 131 -46.93 -21.13 -83.99
C THR C 131 -48.09 -21.62 -84.85
N MET C 132 -48.30 -20.97 -86.00
CA MET C 132 -49.38 -21.35 -86.90
C MET C 132 -48.99 -22.56 -87.74
N LEU C 133 -47.70 -22.80 -87.88
CA LEU C 133 -47.20 -23.93 -88.64
C LEU C 133 -47.10 -25.19 -87.78
N HIS C 134 -46.87 -24.99 -86.49
CA HIS C 134 -46.79 -26.11 -85.55
C HIS C 134 -48.18 -26.63 -85.25
N ASP C 135 -48.28 -27.94 -85.02
CA ASP C 135 -49.53 -28.60 -84.64
C ASP C 135 -50.63 -28.40 -85.69
N ASN C 136 -50.21 -28.27 -86.94
CA ASN C 136 -51.11 -28.17 -88.07
C ASN C 136 -50.42 -28.78 -89.30
N LYS C 137 -50.87 -29.95 -89.71
CA LYS C 137 -50.28 -30.65 -90.83
C LYS C 137 -50.63 -29.95 -92.16
N LEU C 138 -49.70 -29.12 -92.62
CA LEU C 138 -49.88 -28.33 -93.85
C LEU C 138 -48.89 -28.75 -94.93
N SER C 139 -49.33 -28.67 -96.18
CA SER C 139 -48.45 -28.99 -97.31
C SER C 139 -47.86 -27.74 -97.94
N LYS C 140 -48.45 -26.58 -97.64
CA LYS C 140 -48.01 -25.33 -98.25
C LYS C 140 -48.30 -24.10 -97.41
N LEU C 141 -47.35 -23.17 -97.37
CA LEU C 141 -47.56 -21.87 -96.74
C LEU C 141 -47.43 -20.76 -97.77
N THR C 142 -48.32 -19.78 -97.69
CA THR C 142 -48.23 -18.60 -98.53
C THR C 142 -48.18 -17.35 -97.65
N VAL C 143 -47.15 -16.54 -97.82
CA VAL C 143 -47.00 -15.33 -97.03
C VAL C 143 -47.13 -14.08 -97.92
N VAL C 144 -48.12 -13.25 -97.61
CA VAL C 144 -48.36 -12.04 -98.38
C VAL C 144 -47.88 -10.81 -97.62
N PHE C 145 -46.89 -10.13 -98.17
CA PHE C 145 -46.31 -8.96 -97.53
C PHE C 145 -47.10 -7.68 -97.78
N GLU C 146 -47.80 -7.21 -96.75
CA GLU C 146 -48.45 -5.91 -96.80
C GLU C 146 -47.81 -4.89 -95.85
N ILE C 147 -46.53 -5.09 -95.55
CA ILE C 147 -45.68 -4.21 -94.71
C ILE C 147 -44.45 -3.86 -95.61
N ASN C 148 -43.62 -2.86 -95.31
CA ASN C 148 -42.49 -2.71 -96.19
C ASN C 148 -41.23 -3.17 -95.50
N VAL C 149 -40.44 -3.94 -96.23
CA VAL C 149 -39.19 -4.46 -95.76
C VAL C 149 -38.13 -4.25 -96.84
N ASP C 150 -36.90 -3.93 -96.44
CA ASP C 150 -35.81 -3.86 -97.41
C ASP C 150 -35.30 -5.27 -97.65
N LYS C 151 -34.34 -5.42 -98.55
CA LYS C 151 -33.86 -6.74 -98.94
C LYS C 151 -33.25 -7.51 -97.76
N ASN C 152 -32.47 -6.82 -96.94
CA ASN C 152 -31.85 -7.45 -95.78
C ASN C 152 -32.88 -7.93 -94.76
N LEU C 153 -33.99 -7.19 -94.63
CA LEU C 153 -35.02 -7.55 -93.68
C LEU C 153 -35.86 -8.70 -94.22
N PHE C 154 -36.10 -8.70 -95.53
CA PHE C 154 -36.81 -9.80 -96.17
C PHE C 154 -36.01 -11.09 -96.02
N ARG C 155 -34.70 -10.99 -96.22
CA ARG C 155 -33.83 -12.14 -96.07
C ARG C 155 -33.83 -12.62 -94.63
N PHE C 156 -33.82 -11.66 -93.71
CA PHE C 156 -33.85 -11.98 -92.28
C PHE C 156 -35.14 -12.71 -91.92
N PHE C 157 -36.23 -12.34 -92.55
CA PHE C 157 -37.51 -13.01 -92.34
C PHE C 157 -37.43 -14.48 -92.71
N LEU C 158 -36.85 -14.76 -93.88
CA LEU C 158 -36.75 -16.12 -94.38
C LEU C 158 -35.81 -16.97 -93.53
N GLU C 159 -34.62 -16.43 -93.26
CA GLU C 159 -33.63 -17.11 -92.42
C GLU C 159 -34.23 -17.51 -91.08
N THR C 160 -34.90 -16.55 -90.46
CA THR C 160 -35.50 -16.75 -89.14
C THR C 160 -36.66 -17.73 -89.21
N LEU C 161 -37.46 -17.62 -90.26
CA LEU C 161 -38.55 -18.55 -90.48
C LEU C 161 -38.02 -19.98 -90.59
N PHE C 162 -37.00 -20.16 -91.42
CA PHE C 162 -36.39 -21.47 -91.60
C PHE C 162 -35.81 -22.01 -90.28
N TYR C 163 -35.05 -21.16 -89.59
CA TYR C 163 -34.35 -21.58 -88.38
C TYR C 163 -35.30 -21.98 -87.25
N GLU C 164 -36.36 -21.19 -87.06
CA GLU C 164 -37.30 -21.45 -85.97
C GLU C 164 -38.27 -22.58 -86.31
N TYR C 165 -38.57 -22.73 -87.59
CA TYR C 165 -39.46 -23.80 -88.07
C TYR C 165 -38.80 -25.16 -87.89
N MET C 166 -37.50 -25.20 -88.14
CA MET C 166 -36.74 -26.43 -88.06
C MET C 166 -36.69 -26.96 -86.63
N THR C 167 -36.83 -28.28 -86.48
CA THR C 167 -36.78 -28.90 -85.17
C THR C 167 -35.69 -29.96 -85.13
N ASP C 168 -34.76 -29.81 -84.18
CA ASP C 168 -33.61 -30.68 -84.06
C ASP C 168 -33.93 -31.94 -83.25
N GLU C 169 -34.01 -33.08 -83.92
CA GLU C 169 -34.39 -34.33 -83.27
C GLU C 169 -33.30 -35.40 -83.36
N ARG C 170 -32.06 -34.96 -83.53
CA ARG C 170 -30.92 -35.87 -83.63
C ARG C 170 -30.76 -36.75 -82.40
N PHE C 171 -31.10 -36.22 -81.23
CA PHE C 171 -30.87 -36.94 -79.99
C PHE C 171 -32.17 -37.47 -79.39
N LYS C 172 -33.23 -37.40 -80.17
CA LYS C 172 -34.50 -38.04 -79.82
C LYS C 172 -34.46 -39.50 -80.23
N SER C 173 -35.14 -40.34 -79.47
CA SER C 173 -35.17 -41.76 -79.75
C SER C 173 -36.58 -42.33 -79.57
N THR C 174 -37.02 -42.41 -78.32
CA THR C 174 -38.37 -42.90 -78.01
C THR C 174 -39.39 -41.77 -78.00
N ASP C 175 -38.90 -40.53 -78.09
CA ASP C 175 -39.77 -39.36 -77.95
C ASP C 175 -39.72 -38.45 -79.18
N LYS C 176 -39.62 -39.04 -80.36
CA LYS C 176 -39.73 -38.24 -81.58
C LYS C 176 -41.17 -37.74 -81.71
N ASN C 177 -41.32 -36.55 -82.27
CA ASN C 177 -42.65 -36.00 -82.50
C ASN C 177 -43.35 -36.77 -83.61
N VAL C 178 -44.41 -37.48 -83.25
CA VAL C 178 -45.14 -38.32 -84.19
C VAL C 178 -45.85 -37.50 -85.25
N ASN C 179 -46.17 -36.25 -84.92
CA ASN C 179 -46.95 -35.39 -85.81
C ASN C 179 -46.09 -34.39 -86.56
N MET C 180 -44.77 -34.60 -86.52
CA MET C 180 -43.85 -33.69 -87.19
C MET C 180 -43.98 -33.77 -88.70
N GLU C 181 -44.53 -32.72 -89.31
CA GLU C 181 -44.64 -32.64 -90.75
C GLU C 181 -44.29 -31.23 -91.23
N TYR C 182 -43.49 -31.17 -92.30
CA TYR C 182 -43.06 -29.88 -92.85
C TYR C 182 -43.79 -29.58 -94.16
N ILE C 183 -44.09 -28.30 -94.38
CA ILE C 183 -44.62 -27.87 -95.66
C ILE C 183 -43.61 -28.19 -96.77
N LYS C 184 -44.11 -28.37 -97.98
CA LYS C 184 -43.25 -28.66 -99.11
C LYS C 184 -43.15 -27.46 -100.04
N HIS C 185 -44.04 -26.49 -99.84
CA HIS C 185 -44.09 -25.32 -100.69
C HIS C 185 -44.25 -24.03 -99.89
N LEU C 186 -43.47 -23.02 -100.27
CA LEU C 186 -43.59 -21.69 -99.69
C LEU C 186 -43.85 -20.65 -100.78
N GLY C 187 -44.97 -19.95 -100.66
CA GLY C 187 -45.30 -18.88 -101.59
C GLY C 187 -45.15 -17.52 -100.94
N VAL C 188 -44.57 -16.58 -101.67
CA VAL C 188 -44.36 -15.23 -101.14
C VAL C 188 -44.86 -14.16 -102.11
N TYR C 189 -45.76 -13.31 -101.63
CA TYR C 189 -46.23 -12.16 -102.40
C TYR C 189 -45.67 -10.88 -101.81
N ILE C 190 -45.02 -10.08 -102.65
CA ILE C 190 -44.37 -8.86 -102.19
C ILE C 190 -44.25 -7.84 -103.31
N ASN C 191 -44.20 -6.56 -102.96
CA ASN C 191 -44.00 -5.50 -103.94
C ASN C 191 -42.61 -5.58 -104.55
N ASN C 192 -42.53 -5.41 -105.88
CA ASN C 192 -41.28 -5.47 -106.61
C ASN C 192 -40.53 -6.78 -106.35
N ALA C 193 -41.19 -7.89 -106.64
CA ALA C 193 -40.69 -9.22 -106.30
C ALA C 193 -39.33 -9.55 -106.90
N ASP C 194 -39.08 -9.10 -108.13
CA ASP C 194 -37.83 -9.39 -108.82
C ASP C 194 -36.62 -8.91 -108.01
N THR C 195 -36.82 -7.86 -107.23
CA THR C 195 -35.77 -7.32 -106.36
C THR C 195 -35.42 -8.32 -105.27
N TYR C 196 -36.43 -9.01 -104.74
CA TYR C 196 -36.26 -9.87 -103.58
C TYR C 196 -35.91 -11.32 -103.92
N LYS C 197 -36.10 -11.71 -105.18
CA LYS C 197 -35.95 -13.11 -105.58
C LYS C 197 -34.58 -13.70 -105.26
N GLU C 198 -33.52 -12.91 -105.43
CA GLU C 198 -32.17 -13.39 -105.22
C GLU C 198 -31.88 -13.62 -103.73
N GLU C 199 -32.71 -13.03 -102.87
CA GLU C 199 -32.53 -13.16 -101.43
C GLU C 199 -32.97 -14.52 -100.90
N VAL C 200 -33.77 -15.24 -101.69
CA VAL C 200 -34.35 -16.50 -101.25
C VAL C 200 -33.28 -17.55 -100.95
N GLU C 201 -32.43 -17.85 -101.93
CA GLU C 201 -31.44 -18.90 -101.75
C GLU C 201 -30.28 -18.44 -100.90
N LYS C 202 -30.06 -17.12 -100.84
CA LYS C 202 -29.08 -16.59 -99.91
C LYS C 202 -29.54 -16.85 -98.48
N ALA C 203 -30.84 -16.67 -98.26
CA ALA C 203 -31.44 -16.92 -96.95
C ALA C 203 -31.33 -18.39 -96.56
N ARG C 204 -31.50 -19.28 -97.54
CA ARG C 204 -31.41 -20.71 -97.27
C ARG C 204 -29.97 -21.08 -96.93
N VAL C 205 -29.01 -20.41 -97.58
CA VAL C 205 -27.60 -20.61 -97.26
C VAL C 205 -27.29 -20.08 -95.86
N TYR C 206 -27.79 -18.88 -95.58
CA TYR C 206 -27.62 -18.28 -94.25
C TYR C 206 -28.31 -19.10 -93.17
N TYR C 207 -29.47 -19.65 -93.51
CA TYR C 207 -30.18 -20.52 -92.57
C TYR C 207 -29.33 -21.71 -92.17
N PHE C 208 -28.74 -22.41 -93.15
CA PHE C 208 -28.05 -23.63 -92.81
C PHE C 208 -26.75 -23.39 -92.07
N GLY C 209 -26.01 -22.36 -92.45
CA GLY C 209 -24.79 -22.01 -91.75
C GLY C 209 -25.09 -21.78 -90.28
N THR C 210 -26.18 -21.07 -90.03
CA THR C 210 -26.65 -20.82 -88.67
C THR C 210 -27.11 -22.12 -87.99
N TYR C 211 -27.91 -22.90 -88.71
CA TYR C 211 -28.43 -24.15 -88.14
C TYR C 211 -27.32 -25.17 -87.92
N TYR C 212 -26.37 -25.22 -88.84
CA TYR C 212 -25.20 -26.09 -88.71
C TYR C 212 -24.40 -25.77 -87.46
N ALA C 213 -24.14 -24.49 -87.23
CA ALA C 213 -23.46 -24.05 -86.02
C ALA C 213 -24.29 -24.45 -84.81
N SER C 214 -25.59 -24.24 -84.92
CA SER C 214 -26.53 -24.60 -83.86
C SER C 214 -26.47 -26.09 -83.53
N GLN C 215 -26.32 -26.91 -84.57
CA GLN C 215 -26.22 -28.36 -84.38
C GLN C 215 -24.97 -28.75 -83.59
N LEU C 216 -23.86 -28.08 -83.90
CA LEU C 216 -22.60 -28.35 -83.23
C LEU C 216 -22.64 -27.94 -81.76
N ILE C 217 -23.21 -26.76 -81.52
CA ILE C 217 -23.32 -26.24 -80.17
C ILE C 217 -24.24 -27.11 -79.32
N ALA C 218 -25.43 -27.41 -79.84
CA ALA C 218 -26.42 -28.22 -79.13
C ALA C 218 -25.89 -29.61 -78.81
N ALA C 219 -25.09 -30.16 -79.73
CA ALA C 219 -24.46 -31.45 -79.50
C ALA C 219 -23.67 -31.44 -78.19
N PRO C 220 -24.00 -32.37 -77.29
CA PRO C 220 -23.36 -32.46 -75.98
C PRO C 220 -21.88 -32.81 -76.07
N SER C 221 -21.15 -32.54 -74.99
CA SER C 221 -19.70 -32.66 -75.00
C SER C 221 -19.20 -34.09 -75.17
N ASN C 222 -20.04 -35.09 -74.91
CA ASN C 222 -19.63 -36.47 -75.15
C ASN C 222 -19.70 -36.81 -76.63
N TYR C 223 -20.60 -36.15 -77.35
CA TYR C 223 -20.67 -36.28 -78.80
C TYR C 223 -19.68 -35.33 -79.49
N CYS C 224 -19.69 -34.08 -79.05
CA CYS C 224 -18.86 -33.03 -79.64
C CYS C 224 -17.62 -32.79 -78.81
N ASN C 225 -16.52 -33.44 -79.20
CA ASN C 225 -15.26 -33.33 -78.50
C ASN C 225 -14.20 -32.82 -79.49
N PRO C 226 -12.99 -32.48 -79.01
CA PRO C 226 -11.99 -31.92 -79.94
C PRO C 226 -11.69 -32.78 -81.17
N VAL C 227 -11.76 -34.10 -81.03
CA VAL C 227 -11.48 -34.99 -82.14
C VAL C 227 -12.66 -35.05 -83.12
N SER C 228 -13.86 -35.22 -82.60
CA SER C 228 -15.04 -35.34 -83.46
C SER C 228 -15.42 -34.00 -84.10
N LEU C 229 -15.14 -32.91 -83.41
CA LEU C 229 -15.44 -31.59 -83.95
C LEU C 229 -14.49 -31.27 -85.10
N SER C 230 -13.22 -31.60 -84.94
CA SER C 230 -12.24 -31.38 -86.00
C SER C 230 -12.49 -32.34 -87.15
N ASN C 231 -13.01 -33.52 -86.85
CA ASN C 231 -13.43 -34.47 -87.88
C ASN C 231 -14.62 -33.93 -88.68
N ALA C 232 -15.53 -33.25 -88.00
CA ALA C 232 -16.68 -32.63 -88.65
C ALA C 232 -16.25 -31.50 -89.57
N ALA C 233 -15.27 -30.72 -89.13
CA ALA C 233 -14.76 -29.60 -89.91
C ALA C 233 -14.08 -30.06 -91.20
N VAL C 234 -13.40 -31.21 -91.14
CA VAL C 234 -12.77 -31.80 -92.31
C VAL C 234 -13.82 -32.24 -93.32
N GLU C 235 -14.85 -32.93 -92.83
CA GLU C 235 -15.95 -33.37 -93.67
C GLU C 235 -16.64 -32.19 -94.34
N LEU C 236 -16.81 -31.11 -93.60
CA LEU C 236 -17.39 -29.89 -94.16
C LEU C 236 -16.50 -29.34 -95.26
N ALA C 237 -15.21 -29.24 -94.96
CA ALA C 237 -14.22 -28.72 -95.92
C ALA C 237 -14.19 -29.56 -97.19
N GLN C 238 -14.25 -30.87 -97.03
CA GLN C 238 -14.26 -31.79 -98.17
C GLN C 238 -15.50 -31.57 -99.04
N LYS C 239 -16.64 -31.32 -98.39
CA LYS C 239 -17.89 -31.07 -99.10
C LYS C 239 -17.87 -29.76 -99.87
N LEU C 240 -17.17 -28.77 -99.34
CA LEU C 240 -17.12 -27.44 -99.95
C LEU C 240 -15.91 -27.27 -100.84
N ASN C 241 -15.08 -28.32 -100.89
CA ASN C 241 -13.80 -28.27 -101.60
C ASN C 241 -12.94 -27.10 -101.12
N LEU C 242 -12.93 -26.88 -99.80
CA LEU C 242 -12.03 -25.92 -99.20
C LEU C 242 -10.72 -26.62 -98.84
N GLU C 243 -9.62 -25.88 -98.85
CA GLU C 243 -8.37 -26.41 -98.32
C GLU C 243 -8.55 -26.63 -96.83
N TYR C 244 -7.92 -27.67 -96.29
CA TYR C 244 -8.03 -27.92 -94.87
C TYR C 244 -6.76 -28.52 -94.29
N LYS C 245 -6.49 -28.14 -93.03
CA LYS C 245 -5.36 -28.65 -92.30
C LYS C 245 -5.75 -28.79 -90.83
N ILE C 246 -5.48 -29.97 -90.25
CA ILE C 246 -5.70 -30.17 -88.82
C ILE C 246 -4.36 -30.40 -88.13
N LEU C 247 -4.02 -29.54 -87.19
CA LEU C 247 -2.75 -29.64 -86.50
C LEU C 247 -2.89 -30.48 -85.24
N GLY C 248 -2.12 -31.57 -85.18
CA GLY C 248 -2.12 -32.44 -84.00
C GLY C 248 -1.15 -31.96 -82.95
N VAL C 249 -1.11 -32.66 -81.82
CA VAL C 249 -0.32 -32.24 -80.67
C VAL C 249 1.17 -32.06 -80.97
N LYS C 250 1.74 -33.00 -81.72
CA LYS C 250 3.16 -32.92 -82.04
C LYS C 250 3.50 -31.69 -82.88
N GLU C 251 2.61 -31.34 -83.80
CA GLU C 251 2.78 -30.14 -84.59
C GLU C 251 2.63 -28.90 -83.72
N LEU C 252 1.64 -28.92 -82.84
CA LEU C 252 1.39 -27.81 -81.92
C LEU C 252 2.59 -27.58 -81.00
N GLU C 253 3.20 -28.68 -80.54
CA GLU C 253 4.42 -28.60 -79.73
C GLU C 253 5.55 -27.95 -80.51
N GLU C 254 5.71 -28.31 -81.78
CA GLU C 254 6.71 -27.71 -82.65
C GLU C 254 6.52 -26.20 -82.77
N LEU C 255 5.26 -25.78 -82.85
CA LEU C 255 4.94 -24.37 -82.97
C LEU C 255 4.95 -23.67 -81.62
N LYS C 256 5.25 -24.44 -80.57
CA LYS C 256 5.43 -23.92 -79.22
C LYS C 256 4.18 -23.23 -78.66
N MET C 257 3.02 -23.81 -78.90
CA MET C 257 1.77 -23.25 -78.38
C MET C 257 1.50 -23.70 -76.95
N GLY C 258 2.33 -23.24 -76.02
CA GLY C 258 2.23 -23.66 -74.63
C GLY C 258 0.95 -23.25 -73.92
N ALA C 259 0.39 -22.12 -74.31
CA ALA C 259 -0.84 -21.63 -73.70
C ALA C 259 -2.02 -22.53 -74.07
N TYR C 260 -2.16 -22.77 -75.38
CA TYR C 260 -3.23 -23.61 -75.91
C TYR C 260 -3.12 -25.05 -75.39
N LEU C 261 -1.92 -25.63 -75.45
CA LEU C 261 -1.72 -27.02 -75.05
C LEU C 261 -1.94 -27.23 -73.55
N SER C 262 -1.56 -26.26 -72.73
CA SER C 262 -1.71 -26.38 -71.29
C SER C 262 -3.17 -26.54 -70.87
N VAL C 263 -4.05 -25.82 -71.55
CA VAL C 263 -5.48 -25.88 -71.27
C VAL C 263 -6.02 -27.29 -71.51
N GLY C 264 -5.55 -27.93 -72.58
CA GLY C 264 -6.04 -29.25 -72.94
C GLY C 264 -5.33 -30.41 -72.26
N LYS C 265 -4.37 -30.10 -71.39
CA LYS C 265 -3.54 -31.12 -70.74
C LYS C 265 -4.36 -32.15 -69.95
N GLY C 266 -5.44 -31.70 -69.31
CA GLY C 266 -6.22 -32.56 -68.45
C GLY C 266 -7.28 -33.37 -69.16
N SER C 267 -7.31 -33.30 -70.48
CA SER C 267 -8.37 -33.96 -71.25
C SER C 267 -7.95 -35.31 -71.84
N MET C 268 -8.91 -36.21 -71.99
CA MET C 268 -8.68 -37.50 -72.64
C MET C 268 -8.67 -37.35 -74.16
N TYR C 269 -9.10 -36.19 -74.64
CA TYR C 269 -9.10 -35.91 -76.07
C TYR C 269 -7.92 -35.01 -76.43
N PRO C 270 -7.11 -35.45 -77.42
CA PRO C 270 -5.98 -34.64 -77.88
C PRO C 270 -6.42 -33.32 -78.49
N ASN C 271 -5.63 -32.27 -78.29
CA ASN C 271 -5.91 -30.97 -78.91
C ASN C 271 -5.93 -31.11 -80.43
N LYS C 272 -6.85 -30.40 -81.07
CA LYS C 272 -6.92 -30.35 -82.53
C LYS C 272 -7.11 -28.91 -82.99
N PHE C 273 -6.16 -28.43 -83.78
CA PHE C 273 -6.23 -27.06 -84.30
C PHE C 273 -6.78 -27.08 -85.72
N ILE C 274 -7.97 -26.49 -85.90
CA ILE C 274 -8.63 -26.44 -87.19
C ILE C 274 -8.10 -25.27 -88.03
N HIS C 275 -7.83 -25.55 -89.30
CA HIS C 275 -7.41 -24.51 -90.25
C HIS C 275 -8.02 -24.79 -91.61
N LEU C 276 -9.14 -24.13 -91.89
CA LEU C 276 -9.79 -24.19 -93.19
C LEU C 276 -9.46 -22.92 -93.98
N THR C 277 -9.42 -23.02 -95.31
CA THR C 277 -9.10 -21.87 -96.14
C THR C 277 -10.00 -21.77 -97.37
N TYR C 278 -10.59 -20.59 -97.56
CA TYR C 278 -11.26 -20.28 -98.82
C TYR C 278 -10.39 -19.32 -99.63
N LYS C 279 -10.16 -19.68 -100.89
CA LYS C 279 -9.34 -18.86 -101.78
C LYS C 279 -10.13 -18.50 -103.03
N SER C 280 -10.35 -17.21 -103.23
CA SER C 280 -11.02 -16.77 -104.46
C SER C 280 -10.11 -17.00 -105.65
N LYS C 281 -10.72 -17.29 -106.81
CA LYS C 281 -9.97 -17.33 -108.05
C LYS C 281 -9.77 -15.91 -108.54
N GLY C 282 -8.54 -15.57 -108.91
CA GLY C 282 -8.23 -14.24 -109.39
C GLY C 282 -7.46 -13.41 -108.39
N ASP C 283 -7.62 -12.09 -108.46
CA ASP C 283 -6.87 -11.17 -107.62
C ASP C 283 -7.43 -11.12 -106.19
N VAL C 284 -6.58 -11.42 -105.22
CA VAL C 284 -6.97 -11.36 -103.82
C VAL C 284 -6.72 -9.98 -103.24
N LYS C 285 -7.80 -9.28 -102.92
CA LYS C 285 -7.73 -7.92 -102.40
C LYS C 285 -7.66 -7.91 -100.88
N LYS C 286 -8.31 -8.90 -100.26
CA LYS C 286 -8.39 -8.97 -98.80
C LYS C 286 -8.10 -10.35 -98.26
N LYS C 287 -7.20 -10.42 -97.28
CA LYS C 287 -6.93 -11.66 -96.56
C LYS C 287 -7.45 -11.52 -95.13
N ILE C 288 -8.26 -12.49 -94.70
CA ILE C 288 -8.90 -12.44 -93.40
C ILE C 288 -8.73 -13.74 -92.63
N ALA C 289 -8.41 -13.62 -91.34
CA ALA C 289 -8.40 -14.77 -90.44
C ALA C 289 -9.58 -14.69 -89.47
N LEU C 290 -10.44 -15.71 -89.48
CA LEU C 290 -11.55 -15.79 -88.54
C LEU C 290 -11.24 -16.83 -87.46
N VAL C 291 -11.26 -16.40 -86.21
CA VAL C 291 -10.83 -17.23 -85.08
C VAL C 291 -11.97 -17.49 -84.10
N GLY C 292 -12.27 -18.76 -83.86
CA GLY C 292 -13.34 -19.10 -82.94
C GLY C 292 -12.86 -19.85 -81.73
N LYS C 293 -13.35 -19.47 -80.55
CA LYS C 293 -13.03 -20.20 -79.33
C LYS C 293 -13.66 -21.58 -79.42
N GLY C 294 -12.83 -22.62 -79.30
CA GLY C 294 -13.31 -23.97 -79.47
C GLY C 294 -13.10 -24.86 -78.26
N ILE C 295 -13.66 -24.45 -77.12
CA ILE C 295 -13.65 -25.29 -75.93
C ILE C 295 -14.90 -26.18 -75.94
N THR C 296 -14.70 -27.47 -76.13
CA THR C 296 -15.83 -28.40 -76.31
C THR C 296 -16.58 -28.65 -75.02
N PHE C 297 -15.88 -28.56 -73.88
CA PHE C 297 -16.53 -28.46 -72.59
C PHE C 297 -15.65 -27.68 -71.62
N ASP C 298 -16.24 -26.74 -70.91
CA ASP C 298 -15.50 -25.95 -69.92
C ASP C 298 -15.96 -26.28 -68.51
N SER C 299 -15.23 -27.16 -67.84
CA SER C 299 -15.53 -27.48 -66.45
C SER C 299 -15.01 -26.38 -65.54
N GLY C 300 -14.06 -25.61 -66.05
CA GLY C 300 -13.37 -24.60 -65.27
C GLY C 300 -11.98 -25.05 -64.90
N GLY C 301 -11.73 -26.34 -65.01
CA GLY C 301 -10.47 -26.92 -64.55
C GLY C 301 -10.45 -26.93 -63.04
N TYR C 302 -9.27 -26.83 -62.43
CA TYR C 302 -9.17 -26.84 -60.98
C TYR C 302 -9.87 -25.65 -60.33
N ASN C 303 -10.03 -24.56 -61.08
CA ASN C 303 -10.98 -23.51 -60.69
C ASN C 303 -12.37 -23.92 -61.13
N LEU C 304 -12.84 -25.03 -60.58
CA LEU C 304 -14.06 -25.70 -61.02
C LEU C 304 -15.29 -24.80 -60.96
N LYS C 305 -16.15 -24.90 -61.97
CA LYS C 305 -17.41 -24.17 -61.97
C LYS C 305 -18.37 -24.78 -60.95
N ALA C 306 -18.16 -24.43 -59.69
CA ALA C 306 -18.93 -25.01 -58.60
C ALA C 306 -19.75 -23.94 -57.88
N ALA C 307 -19.42 -22.68 -58.14
CA ALA C 307 -20.12 -21.56 -57.50
C ALA C 307 -21.57 -21.48 -57.98
N PRO C 308 -22.48 -21.06 -57.08
CA PRO C 308 -23.88 -20.87 -57.44
C PRO C 308 -24.05 -19.97 -58.67
N GLY C 309 -24.79 -20.45 -59.66
CA GLY C 309 -25.05 -19.67 -60.86
C GLY C 309 -23.99 -19.77 -61.94
N SER C 310 -23.02 -20.67 -61.77
CA SER C 310 -21.96 -20.81 -62.76
C SER C 310 -22.40 -21.64 -63.97
N MET C 311 -23.53 -22.34 -63.82
CA MET C 311 -24.16 -23.09 -64.91
C MET C 311 -23.22 -24.03 -65.67
N ILE C 312 -22.59 -24.94 -64.95
CA ILE C 312 -21.63 -25.85 -65.56
C ILE C 312 -22.30 -26.72 -66.64
N ASP C 313 -23.60 -26.95 -66.51
CA ASP C 313 -24.33 -27.78 -67.46
C ASP C 313 -24.54 -27.10 -68.82
N LEU C 314 -24.21 -25.81 -68.90
CA LEU C 314 -24.34 -25.06 -70.14
C LEU C 314 -23.08 -25.19 -70.99
N MET C 315 -21.99 -25.58 -70.34
CA MET C 315 -20.64 -25.35 -70.87
C MET C 315 -20.26 -26.17 -72.09
N LYS C 316 -21.21 -26.90 -72.65
CA LYS C 316 -21.04 -27.47 -73.99
C LYS C 316 -21.07 -26.34 -75.04
N PHE C 317 -21.58 -25.19 -74.61
CA PHE C 317 -21.74 -24.02 -75.47
C PHE C 317 -20.41 -23.30 -75.76
N ASP C 318 -19.34 -23.72 -75.09
CA ASP C 318 -18.12 -22.93 -75.06
C ASP C 318 -17.29 -23.09 -76.34
N MET C 319 -17.85 -23.78 -77.32
CA MET C 319 -17.26 -23.87 -78.65
C MET C 319 -18.14 -23.17 -79.66
N SER C 320 -19.04 -22.32 -79.16
CA SER C 320 -19.96 -21.56 -79.99
C SER C 320 -19.24 -20.66 -81.00
N GLY C 321 -18.10 -20.10 -80.59
CA GLY C 321 -17.30 -19.27 -81.46
C GLY C 321 -16.77 -20.07 -82.65
N CYS C 322 -16.20 -21.23 -82.35
CA CYS C 322 -15.73 -22.14 -83.38
C CYS C 322 -16.87 -22.53 -84.31
N ALA C 323 -18.04 -22.81 -83.73
CA ALA C 323 -19.23 -23.17 -84.49
C ALA C 323 -19.64 -22.06 -85.44
N ALA C 324 -19.55 -20.82 -84.97
CA ALA C 324 -19.86 -19.65 -85.79
C ALA C 324 -18.93 -19.57 -87.00
N VAL C 325 -17.64 -19.78 -86.75
CA VAL C 325 -16.63 -19.72 -87.79
C VAL C 325 -16.84 -20.80 -88.84
N LEU C 326 -17.21 -21.99 -88.38
CA LEU C 326 -17.47 -23.10 -89.30
C LEU C 326 -18.75 -22.88 -90.09
N GLY C 327 -19.76 -22.30 -89.46
CA GLY C 327 -20.99 -21.95 -90.13
C GLY C 327 -20.72 -20.94 -91.22
N CYS C 328 -19.86 -19.97 -90.90
CA CYS C 328 -19.42 -18.97 -91.87
C CYS C 328 -18.68 -19.64 -93.03
N ALA C 329 -17.85 -20.64 -92.69
CA ALA C 329 -17.12 -21.39 -93.71
C ALA C 329 -18.08 -22.06 -94.68
N TYR C 330 -19.19 -22.58 -94.17
CA TYR C 330 -20.21 -23.14 -95.05
C TYR C 330 -20.77 -22.07 -95.98
N CYS C 331 -21.14 -20.92 -95.41
CA CYS C 331 -21.75 -19.85 -96.18
C CYS C 331 -20.78 -19.31 -97.24
N VAL C 332 -19.54 -19.05 -96.83
CA VAL C 332 -18.53 -18.54 -97.74
C VAL C 332 -18.18 -19.55 -98.83
N GLY C 333 -17.99 -20.80 -98.44
CA GLY C 333 -17.70 -21.86 -99.38
C GLY C 333 -18.83 -22.12 -100.36
N THR C 334 -20.05 -21.78 -99.97
CA THR C 334 -21.22 -22.00 -100.83
C THR C 334 -21.46 -20.81 -101.77
N LEU C 335 -21.37 -19.60 -101.23
CA LEU C 335 -21.65 -18.40 -102.01
C LEU C 335 -20.46 -17.97 -102.86
N LYS C 336 -19.27 -18.47 -102.51
CA LYS C 336 -18.04 -18.22 -103.25
C LYS C 336 -17.80 -16.74 -103.57
N PRO C 337 -17.46 -15.94 -102.56
CA PRO C 337 -17.14 -14.53 -102.78
C PRO C 337 -15.86 -14.36 -103.60
N GLU C 338 -15.76 -13.24 -104.31
CA GLU C 338 -14.59 -12.96 -105.13
C GLU C 338 -13.61 -12.07 -104.38
N ASN C 339 -12.35 -12.10 -104.80
CA ASN C 339 -11.32 -11.17 -104.34
C ASN C 339 -10.90 -11.31 -102.87
N VAL C 340 -11.18 -12.47 -102.27
CA VAL C 340 -10.84 -12.67 -100.86
C VAL C 340 -10.12 -13.99 -100.59
N GLU C 341 -9.36 -14.00 -99.50
CA GLU C 341 -8.78 -15.22 -98.97
C GLU C 341 -9.13 -15.30 -97.48
N ILE C 342 -9.90 -16.32 -97.10
CA ILE C 342 -10.36 -16.44 -95.73
C ILE C 342 -9.79 -17.67 -95.04
N HIS C 343 -9.19 -17.45 -93.88
CA HIS C 343 -8.69 -18.54 -93.05
C HIS C 343 -9.63 -18.76 -91.86
N PHE C 344 -10.16 -19.97 -91.75
CA PHE C 344 -11.06 -20.32 -90.66
C PHE C 344 -10.31 -21.11 -89.59
N LEU C 345 -10.11 -20.49 -88.43
CA LEU C 345 -9.24 -21.06 -87.40
C LEU C 345 -9.96 -21.35 -86.10
N SER C 346 -9.58 -22.45 -85.45
CA SER C 346 -10.03 -22.73 -84.09
C SER C 346 -9.05 -23.64 -83.35
N ALA C 347 -8.53 -23.14 -82.25
CA ALA C 347 -7.72 -23.95 -81.36
C ALA C 347 -8.62 -24.77 -80.43
N VAL C 348 -9.00 -25.96 -80.87
CA VAL C 348 -10.01 -26.76 -80.16
C VAL C 348 -9.40 -27.64 -79.07
N CYS C 349 -10.02 -27.64 -77.90
CA CYS C 349 -9.65 -28.52 -76.80
C CYS C 349 -10.75 -28.61 -75.73
N GLU C 350 -10.46 -29.32 -74.65
CA GLU C 350 -11.41 -29.53 -73.57
C GLU C 350 -10.77 -29.18 -72.23
N ASN C 351 -11.45 -28.37 -71.43
CA ASN C 351 -10.95 -27.93 -70.13
C ASN C 351 -11.48 -28.81 -69.00
N MET C 352 -10.64 -29.70 -68.49
CA MET C 352 -11.08 -30.74 -67.55
C MET C 352 -10.24 -30.82 -66.26
N VAL C 353 -10.72 -31.61 -65.31
CA VAL C 353 -10.02 -31.83 -64.04
C VAL C 353 -9.38 -33.22 -63.98
N SER C 354 -8.08 -33.24 -63.76
CA SER C 354 -7.30 -34.46 -63.92
C SER C 354 -5.99 -34.36 -63.15
N LYS C 355 -5.27 -35.47 -63.06
CA LYS C 355 -3.91 -35.44 -62.55
C LYS C 355 -3.03 -34.70 -63.55
N ASN C 356 -3.48 -34.66 -64.80
CA ASN C 356 -2.71 -34.07 -65.89
C ASN C 356 -3.03 -32.59 -66.19
N SER C 357 -4.01 -32.02 -65.48
CA SER C 357 -4.49 -30.67 -65.79
C SER C 357 -3.45 -29.57 -65.44
N TYR C 358 -3.55 -28.42 -66.10
CA TYR C 358 -2.81 -27.22 -65.67
C TYR C 358 -3.37 -26.73 -64.34
N ARG C 359 -2.50 -26.14 -63.54
CA ARG C 359 -2.84 -25.68 -62.19
C ARG C 359 -2.92 -24.17 -62.13
N PRO C 360 -3.75 -23.67 -61.21
CA PRO C 360 -3.69 -22.26 -60.84
C PRO C 360 -2.28 -21.91 -60.38
N GLY C 361 -1.70 -20.84 -60.91
CA GLY C 361 -0.35 -20.45 -60.52
C GLY C 361 0.72 -20.88 -61.50
N ASP C 362 0.37 -21.78 -62.41
CA ASP C 362 1.32 -22.26 -63.41
C ASP C 362 1.79 -21.13 -64.33
N ILE C 363 3.07 -21.14 -64.66
CA ILE C 363 3.56 -20.20 -65.65
C ILE C 363 3.83 -20.94 -66.95
N ILE C 364 3.16 -20.51 -68.00
CA ILE C 364 3.23 -21.15 -69.30
C ILE C 364 3.77 -20.19 -70.34
N THR C 365 4.29 -20.71 -71.45
CA THR C 365 4.89 -19.88 -72.48
C THR C 365 4.10 -19.95 -73.78
N ALA C 366 3.63 -18.80 -74.25
CA ALA C 366 2.88 -18.74 -75.51
C ALA C 366 3.83 -18.83 -76.70
N SER C 367 3.27 -18.95 -77.90
CA SER C 367 4.05 -19.18 -79.10
C SER C 367 4.81 -17.94 -79.58
N ASN C 368 4.53 -16.79 -78.99
CA ASN C 368 5.28 -15.59 -79.30
C ASN C 368 6.34 -15.32 -78.23
N GLY C 369 6.53 -16.30 -77.36
CA GLY C 369 7.60 -16.25 -76.36
C GLY C 369 7.24 -15.59 -75.05
N LYS C 370 6.02 -15.06 -74.94
CA LYS C 370 5.60 -14.41 -73.71
C LYS C 370 5.19 -15.42 -72.64
N THR C 371 5.76 -15.30 -71.45
CA THR C 371 5.41 -16.18 -70.35
C THR C 371 4.16 -15.66 -69.64
N ILE C 372 3.27 -16.58 -69.28
CA ILE C 372 1.97 -16.22 -68.73
C ILE C 372 1.71 -16.88 -67.39
N GLU C 373 1.34 -16.10 -66.39
CA GLU C 373 0.99 -16.64 -65.08
C GLU C 373 -0.52 -16.90 -65.00
N VAL C 374 -0.89 -18.16 -64.87
CA VAL C 374 -2.29 -18.55 -64.74
C VAL C 374 -2.81 -18.26 -63.34
N GLY C 375 -3.78 -17.35 -63.25
CA GLY C 375 -4.38 -17.02 -61.97
C GLY C 375 -5.71 -17.71 -61.75
N ASN C 376 -6.32 -18.16 -62.84
CA ASN C 376 -7.60 -18.86 -62.79
C ASN C 376 -7.70 -19.79 -63.99
N THR C 377 -7.82 -21.08 -63.73
CA THR C 377 -7.91 -22.06 -64.81
C THR C 377 -9.17 -21.92 -65.64
N ASP C 378 -10.18 -21.26 -65.08
CA ASP C 378 -11.48 -21.11 -65.76
C ASP C 378 -11.44 -19.96 -66.76
N ALA C 379 -10.33 -19.23 -66.80
CA ALA C 379 -10.11 -18.24 -67.87
C ALA C 379 -9.25 -18.87 -68.95
N GLU C 380 -9.65 -20.05 -69.40
CA GLU C 380 -8.86 -20.85 -70.32
C GLU C 380 -9.00 -20.37 -71.77
N GLY C 381 -10.12 -19.73 -72.07
CA GLY C 381 -10.42 -19.30 -73.43
C GLY C 381 -9.41 -18.34 -74.02
N ARG C 382 -8.99 -17.35 -73.23
CA ARG C 382 -8.03 -16.36 -73.70
C ARG C 382 -6.65 -16.97 -73.92
N LEU C 383 -6.39 -18.09 -73.23
CA LEU C 383 -5.13 -18.80 -73.38
C LEU C 383 -5.06 -19.47 -74.75
N THR C 384 -6.15 -20.15 -75.13
CA THR C 384 -6.20 -20.81 -76.43
C THR C 384 -6.23 -19.77 -77.56
N LEU C 385 -6.92 -18.66 -77.31
CA LEU C 385 -7.02 -17.59 -78.31
C LEU C 385 -5.66 -16.92 -78.53
N ALA C 386 -4.88 -16.80 -77.45
CA ALA C 386 -3.55 -16.19 -77.52
C ALA C 386 -2.67 -16.88 -78.56
N ASP C 387 -2.59 -18.21 -78.50
CA ASP C 387 -1.81 -18.96 -79.47
C ASP C 387 -2.47 -18.95 -80.85
N ALA C 388 -3.80 -18.95 -80.86
CA ALA C 388 -4.54 -18.90 -82.12
C ALA C 388 -4.32 -17.56 -82.82
N LEU C 389 -4.26 -16.49 -82.04
CA LEU C 389 -4.05 -15.15 -82.60
C LEU C 389 -2.64 -15.01 -83.16
N VAL C 390 -1.66 -15.54 -82.45
CA VAL C 390 -0.27 -15.53 -82.92
C VAL C 390 -0.16 -16.29 -84.23
N TYR C 391 -0.79 -17.45 -84.28
CA TYR C 391 -0.85 -18.26 -85.49
C TYR C 391 -1.50 -17.47 -86.63
N ALA C 392 -2.57 -16.76 -86.31
CA ALA C 392 -3.30 -15.98 -87.31
C ALA C 392 -2.44 -14.88 -87.93
N GLU C 393 -1.69 -14.16 -87.10
CA GLU C 393 -0.89 -13.05 -87.59
C GLU C 393 0.30 -13.53 -88.44
N LYS C 394 0.77 -14.74 -88.16
CA LYS C 394 1.85 -15.33 -88.96
C LYS C 394 1.39 -15.61 -90.39
N LEU C 395 0.08 -15.68 -90.60
CA LEU C 395 -0.47 -15.92 -91.93
C LEU C 395 -0.39 -14.68 -92.82
N GLY C 396 -0.08 -13.53 -92.20
CA GLY C 396 0.06 -12.28 -92.94
C GLY C 396 -1.25 -11.81 -93.54
N VAL C 397 -2.25 -11.62 -92.69
CA VAL C 397 -3.57 -11.20 -93.14
C VAL C 397 -3.83 -9.72 -92.90
N ASP C 398 -4.91 -9.21 -93.47
CA ASP C 398 -5.27 -7.81 -93.32
C ASP C 398 -6.14 -7.59 -92.08
N TYR C 399 -7.02 -8.55 -91.80
CA TYR C 399 -7.91 -8.48 -90.66
C TYR C 399 -7.86 -9.77 -89.84
N ILE C 400 -7.88 -9.61 -88.52
CA ILE C 400 -8.07 -10.74 -87.62
C ILE C 400 -9.31 -10.51 -86.77
N VAL C 401 -10.31 -11.37 -86.93
CA VAL C 401 -11.51 -11.27 -86.12
C VAL C 401 -11.71 -12.55 -85.35
N ASP C 402 -11.70 -12.46 -84.02
CA ASP C 402 -12.01 -13.61 -83.20
C ASP C 402 -13.41 -13.48 -82.61
N ILE C 403 -14.04 -14.63 -82.35
CA ILE C 403 -15.38 -14.66 -81.78
C ILE C 403 -15.42 -15.73 -80.69
N ALA C 404 -15.92 -15.37 -79.52
CA ALA C 404 -15.73 -16.22 -78.35
C ALA C 404 -16.75 -16.03 -77.25
N THR C 405 -17.15 -17.14 -76.64
CA THR C 405 -17.90 -17.13 -75.40
C THR C 405 -16.93 -16.89 -74.25
N LEU C 406 -16.43 -15.66 -74.13
CA LEU C 406 -15.25 -15.41 -73.33
C LEU C 406 -15.54 -15.05 -71.87
N THR C 407 -16.41 -14.08 -71.63
CA THR C 407 -16.66 -13.64 -70.26
C THR C 407 -18.14 -13.59 -69.87
N GLY C 408 -18.46 -14.17 -68.72
CA GLY C 408 -19.82 -14.14 -68.20
C GLY C 408 -20.28 -12.73 -67.87
N ALA C 409 -19.33 -11.81 -67.71
CA ALA C 409 -19.64 -10.43 -67.38
C ALA C 409 -20.43 -9.73 -68.48
N MET C 410 -20.47 -10.31 -69.67
CA MET C 410 -21.24 -9.75 -70.78
C MET C 410 -22.74 -9.73 -70.43
N LEU C 411 -23.16 -10.70 -69.63
CA LEU C 411 -24.54 -10.77 -69.14
C LEU C 411 -24.92 -9.55 -68.32
N TYR C 412 -23.91 -8.92 -67.71
CA TYR C 412 -24.14 -7.77 -66.85
C TYR C 412 -23.93 -6.44 -67.58
N SER C 413 -23.25 -6.51 -68.73
CA SER C 413 -22.97 -5.30 -69.50
C SER C 413 -24.00 -5.10 -70.61
N LEU C 414 -24.10 -6.07 -71.51
CA LEU C 414 -25.01 -5.95 -72.65
C LEU C 414 -26.18 -6.92 -72.58
N GLY C 415 -26.02 -8.00 -71.82
CA GLY C 415 -27.09 -8.96 -71.64
C GLY C 415 -27.16 -10.04 -72.71
N THR C 416 -28.38 -10.51 -72.99
CA THR C 416 -28.57 -11.69 -73.84
C THR C 416 -28.85 -11.36 -75.31
N SER C 417 -29.01 -10.08 -75.64
CA SER C 417 -29.37 -9.70 -77.00
C SER C 417 -28.18 -9.22 -77.83
N TYR C 418 -27.38 -8.34 -77.24
CA TYR C 418 -26.26 -7.70 -77.96
C TYR C 418 -24.92 -8.33 -77.62
N ALA C 419 -24.14 -8.65 -78.65
CA ALA C 419 -22.76 -9.07 -78.46
C ALA C 419 -21.87 -7.84 -78.30
N GLY C 420 -20.73 -8.02 -77.66
CA GLY C 420 -19.78 -6.93 -77.53
C GLY C 420 -18.62 -7.09 -78.49
N VAL C 421 -18.18 -5.99 -79.09
CA VAL C 421 -17.00 -6.03 -79.93
C VAL C 421 -15.91 -5.10 -79.38
N PHE C 422 -14.70 -5.63 -79.31
CA PHE C 422 -13.53 -4.87 -78.89
C PHE C 422 -12.53 -4.91 -80.04
N GLY C 423 -11.55 -4.01 -80.05
CA GLY C 423 -10.56 -4.01 -81.11
C GLY C 423 -9.44 -3.00 -80.98
N ASN C 424 -8.44 -3.13 -81.85
CA ASN C 424 -7.30 -2.22 -81.86
C ASN C 424 -7.35 -1.28 -83.06
N ASN C 425 -8.41 -1.39 -83.84
CA ASN C 425 -8.52 -0.69 -85.12
C ASN C 425 -9.94 -0.23 -85.42
N GLU C 426 -10.13 1.08 -85.52
CA GLU C 426 -11.47 1.65 -85.66
C GLU C 426 -12.16 1.28 -86.97
N GLU C 427 -11.40 1.24 -88.06
CA GLU C 427 -11.96 0.91 -89.37
C GLU C 427 -12.54 -0.50 -89.37
N LEU C 428 -11.80 -1.45 -88.79
CA LEU C 428 -12.27 -2.83 -88.71
C LEU C 428 -13.50 -2.93 -87.82
N ILE C 429 -13.46 -2.22 -86.69
CA ILE C 429 -14.59 -2.18 -85.77
C ILE C 429 -15.84 -1.65 -86.46
N ASN C 430 -15.69 -0.60 -87.24
CA ASN C 430 -16.80 -0.04 -88.01
C ASN C 430 -17.38 -1.04 -89.02
N LYS C 431 -16.51 -1.82 -89.65
CA LYS C 431 -16.95 -2.84 -90.59
C LYS C 431 -17.77 -3.91 -89.89
N ILE C 432 -17.38 -4.24 -88.66
CA ILE C 432 -18.11 -5.24 -87.87
C ILE C 432 -19.51 -4.73 -87.53
N LEU C 433 -19.60 -3.46 -87.15
CA LEU C 433 -20.88 -2.83 -86.84
C LEU C 433 -21.78 -2.77 -88.07
N GLN C 434 -21.18 -2.49 -89.22
CA GLN C 434 -21.92 -2.47 -90.48
C GLN C 434 -22.47 -3.85 -90.79
N SER C 435 -21.63 -4.86 -90.60
CA SER C 435 -22.03 -6.24 -90.83
C SER C 435 -23.10 -6.65 -89.84
N SER C 436 -23.02 -6.07 -88.64
CA SER C 436 -24.04 -6.29 -87.62
C SER C 436 -25.39 -5.77 -88.09
N LYS C 437 -25.38 -4.61 -88.74
CA LYS C 437 -26.60 -3.99 -89.23
C LYS C 437 -27.25 -4.79 -90.35
N THR C 438 -26.44 -5.28 -91.29
CA THR C 438 -26.99 -5.95 -92.45
C THR C 438 -27.34 -7.41 -92.17
N SER C 439 -26.71 -8.00 -91.15
CA SER C 439 -27.01 -9.38 -90.76
C SER C 439 -28.13 -9.45 -89.72
N ASN C 440 -28.41 -8.31 -89.10
CA ASN C 440 -29.37 -8.21 -88.00
C ASN C 440 -28.97 -9.08 -86.80
N GLU C 441 -27.66 -9.25 -86.61
CA GLU C 441 -27.13 -9.82 -85.39
C GLU C 441 -26.46 -8.69 -84.60
N PRO C 442 -27.16 -8.18 -83.59
CA PRO C 442 -26.79 -6.94 -82.88
C PRO C 442 -25.48 -7.03 -82.10
N VAL C 443 -24.66 -6.00 -82.27
CA VAL C 443 -23.36 -5.91 -81.61
C VAL C 443 -23.14 -4.47 -81.12
N TRP C 444 -22.50 -4.32 -79.97
CA TRP C 444 -22.19 -2.98 -79.46
C TRP C 444 -20.69 -2.80 -79.19
N TRP C 445 -20.15 -1.66 -79.60
CA TRP C 445 -18.73 -1.37 -79.43
C TRP C 445 -18.40 -1.05 -77.96
N LEU C 446 -17.49 -1.82 -77.39
CA LEU C 446 -17.04 -1.61 -76.02
C LEU C 446 -15.55 -1.25 -76.00
N PRO C 447 -15.13 -0.46 -75.01
CA PRO C 447 -13.76 0.06 -75.01
C PRO C 447 -12.71 -0.93 -74.49
N ILE C 448 -11.49 -0.79 -74.99
CA ILE C 448 -10.34 -1.44 -74.38
C ILE C 448 -9.62 -0.37 -73.57
N ILE C 449 -9.87 -0.36 -72.27
CA ILE C 449 -9.39 0.69 -71.39
C ILE C 449 -7.96 0.43 -70.92
N ASN C 450 -7.01 1.18 -71.48
CA ASN C 450 -5.59 0.91 -71.27
C ASN C 450 -5.11 1.10 -69.84
N GLU C 451 -5.85 1.86 -69.05
CA GLU C 451 -5.48 2.07 -67.65
C GLU C 451 -5.51 0.77 -66.85
N TYR C 452 -6.30 -0.19 -67.31
CA TYR C 452 -6.43 -1.48 -66.62
C TYR C 452 -5.27 -2.42 -66.95
N ARG C 453 -4.48 -2.09 -67.96
CA ARG C 453 -3.38 -2.95 -68.40
C ARG C 453 -2.38 -3.24 -67.28
N ALA C 454 -2.21 -2.28 -66.37
CA ALA C 454 -1.28 -2.41 -65.26
C ALA C 454 -1.62 -3.60 -64.35
N THR C 455 -2.90 -3.93 -64.24
CA THR C 455 -3.33 -5.02 -63.37
C THR C 455 -2.93 -6.38 -63.93
N LEU C 456 -2.49 -6.41 -65.18
CA LEU C 456 -2.01 -7.65 -65.78
C LEU C 456 -0.48 -7.75 -65.70
N ASN C 457 0.12 -6.84 -64.93
CA ASN C 457 1.56 -6.91 -64.68
C ASN C 457 1.87 -8.00 -63.67
N SER C 458 2.71 -8.95 -64.07
CA SER C 458 3.03 -10.09 -63.22
C SER C 458 4.36 -9.91 -62.50
N LYS C 459 4.45 -10.40 -61.27
CA LYS C 459 5.67 -10.32 -60.49
C LYS C 459 6.78 -11.18 -61.08
N TYR C 460 6.39 -12.31 -61.68
CA TYR C 460 7.36 -13.31 -62.13
C TYR C 460 7.32 -13.58 -63.62
N ALA C 461 6.13 -13.63 -64.21
CA ALA C 461 5.99 -13.87 -65.64
C ALA C 461 5.93 -12.54 -66.38
N ASP C 462 5.95 -12.61 -67.71
CA ASP C 462 5.83 -11.41 -68.52
C ASP C 462 4.47 -10.75 -68.32
N ILE C 463 3.43 -11.57 -68.13
CA ILE C 463 2.08 -11.04 -68.00
C ILE C 463 1.16 -11.95 -67.18
N ASN C 464 0.21 -11.33 -66.48
CA ASN C 464 -0.85 -12.06 -65.80
C ASN C 464 -1.96 -12.44 -66.77
N GLN C 465 -2.46 -13.66 -66.63
CA GLN C 465 -3.59 -14.13 -67.41
C GLN C 465 -4.83 -13.29 -67.08
N ILE C 466 -4.93 -12.89 -65.81
CA ILE C 466 -6.16 -12.30 -65.30
C ILE C 466 -6.04 -11.29 -64.16
N SER C 467 -7.12 -10.53 -63.98
CA SER C 467 -7.68 -10.16 -62.68
C SER C 467 -6.93 -9.32 -61.65
N SER C 468 -6.87 -9.90 -60.45
CA SER C 468 -6.53 -9.24 -59.18
C SER C 468 -6.61 -7.71 -59.15
N SER C 469 -7.81 -7.13 -59.17
CA SER C 469 -9.09 -7.83 -59.33
C SER C 469 -10.12 -6.85 -59.91
N VAL C 470 -9.82 -6.33 -61.10
CA VAL C 470 -10.52 -5.19 -61.71
C VAL C 470 -12.06 -5.32 -61.76
N LYS C 471 -12.54 -6.54 -61.98
CA LYS C 471 -13.97 -6.89 -62.10
C LYS C 471 -14.54 -6.64 -63.50
N ALA C 472 -14.02 -5.64 -64.20
CA ALA C 472 -14.41 -5.43 -65.60
C ALA C 472 -13.73 -6.47 -66.48
N SER C 473 -14.16 -7.72 -66.34
CA SER C 473 -13.47 -8.87 -66.92
C SER C 473 -13.40 -8.88 -68.44
N SER C 474 -14.49 -8.46 -69.09
CA SER C 474 -14.56 -8.50 -70.55
C SER C 474 -13.51 -7.58 -71.16
N ILE C 475 -13.23 -6.48 -70.47
CA ILE C 475 -12.23 -5.53 -70.91
C ILE C 475 -10.82 -6.04 -70.62
N VAL C 476 -10.62 -6.57 -69.42
CA VAL C 476 -9.32 -7.10 -69.02
C VAL C 476 -8.92 -8.25 -69.95
N ALA C 477 -9.88 -9.10 -70.29
CA ALA C 477 -9.65 -10.21 -71.20
C ALA C 477 -9.27 -9.72 -72.59
N SER C 478 -9.89 -8.63 -73.01
CA SER C 478 -9.57 -8.02 -74.30
C SER C 478 -8.16 -7.43 -74.30
N LEU C 479 -7.78 -6.81 -73.17
CA LEU C 479 -6.42 -6.28 -73.00
C LEU C 479 -5.38 -7.40 -73.12
N PHE C 480 -5.71 -8.56 -72.58
CA PHE C 480 -4.83 -9.71 -72.62
C PHE C 480 -4.63 -10.18 -74.06
N LEU C 481 -5.72 -10.25 -74.82
CA LEU C 481 -5.69 -10.74 -76.20
C LEU C 481 -4.87 -9.81 -77.09
N LYS C 482 -5.00 -8.51 -76.81
CA LYS C 482 -4.27 -7.48 -77.55
C LYS C 482 -2.76 -7.73 -77.53
N GLU C 483 -2.28 -8.34 -76.45
CA GLU C 483 -0.86 -8.63 -76.28
C GLU C 483 -0.34 -9.69 -77.25
N PHE C 484 -1.24 -10.28 -78.04
CA PHE C 484 -0.84 -11.35 -78.95
C PHE C 484 -1.15 -11.01 -80.40
N VAL C 485 -1.55 -9.76 -80.62
CA VAL C 485 -1.58 -9.19 -81.96
C VAL C 485 -0.64 -7.99 -81.97
N GLN C 486 0.42 -8.08 -82.76
CA GLN C 486 1.50 -7.09 -82.69
C GLN C 486 1.28 -5.90 -83.62
N ASN C 487 0.86 -6.17 -84.86
CA ASN C 487 0.74 -5.10 -85.85
C ASN C 487 -0.28 -5.42 -86.94
N THR C 488 -1.42 -5.97 -86.55
CA THR C 488 -2.48 -6.30 -87.49
C THR C 488 -3.82 -5.82 -86.95
N ALA C 489 -4.66 -5.29 -87.84
CA ALA C 489 -6.00 -4.88 -87.46
C ALA C 489 -6.76 -6.06 -86.89
N TRP C 490 -7.21 -5.94 -85.64
CA TRP C 490 -7.82 -7.05 -84.94
C TRP C 490 -9.09 -6.63 -84.20
N ALA C 491 -10.09 -7.52 -84.21
CA ALA C 491 -11.34 -7.27 -83.50
C ALA C 491 -11.80 -8.53 -82.76
N HIS C 492 -12.42 -8.32 -81.62
CA HIS C 492 -12.80 -9.41 -80.73
C HIS C 492 -14.28 -9.33 -80.38
N ILE C 493 -15.02 -10.39 -80.65
CA ILE C 493 -16.45 -10.41 -80.39
C ILE C 493 -16.80 -11.40 -79.27
N ASP C 494 -17.20 -10.86 -78.12
CA ASP C 494 -17.55 -11.66 -76.97
C ASP C 494 -19.04 -12.03 -77.02
N ILE C 495 -19.32 -13.28 -77.34
CA ILE C 495 -20.70 -13.74 -77.48
C ILE C 495 -21.16 -14.62 -76.31
N ALA C 496 -20.49 -14.49 -75.17
CA ALA C 496 -20.80 -15.34 -74.01
C ALA C 496 -22.24 -15.15 -73.53
N GLY C 497 -22.78 -13.95 -73.70
CA GLY C 497 -24.11 -13.64 -73.22
C GLY C 497 -25.22 -13.90 -74.22
N VAL C 498 -24.89 -13.89 -75.50
CA VAL C 498 -25.91 -13.99 -76.54
C VAL C 498 -25.93 -15.32 -77.27
N SER C 499 -24.97 -16.19 -76.98
CA SER C 499 -24.87 -17.45 -77.71
C SER C 499 -26.08 -18.36 -77.46
N TRP C 500 -26.48 -18.48 -76.20
CA TRP C 500 -27.55 -19.41 -75.83
C TRP C 500 -28.89 -18.72 -75.65
N ASN C 501 -29.92 -19.24 -76.30
CA ASN C 501 -31.28 -18.75 -76.12
C ASN C 501 -31.94 -19.46 -74.94
N PHE C 502 -31.81 -18.86 -73.76
CA PHE C 502 -32.30 -19.47 -72.53
C PHE C 502 -33.81 -19.71 -72.57
N LYS C 503 -34.54 -18.76 -73.14
CA LYS C 503 -36.00 -18.86 -73.23
C LYS C 503 -36.43 -20.08 -74.05
N ALA C 504 -35.79 -20.27 -75.20
CA ALA C 504 -36.14 -21.38 -76.08
C ALA C 504 -35.33 -22.64 -75.77
N ARG C 505 -34.35 -22.51 -74.89
CA ARG C 505 -33.49 -23.63 -74.47
C ARG C 505 -32.71 -24.22 -75.63
N LYS C 506 -32.16 -23.36 -76.48
CA LYS C 506 -31.42 -23.81 -77.65
C LYS C 506 -30.38 -22.77 -78.09
N PRO C 507 -29.39 -23.18 -78.89
CA PRO C 507 -28.41 -22.21 -79.41
C PRO C 507 -29.03 -21.27 -80.43
N LYS C 508 -28.44 -20.09 -80.58
CA LYS C 508 -28.84 -19.15 -81.62
C LYS C 508 -28.04 -19.37 -82.91
N GLY C 509 -26.87 -19.98 -82.76
CA GLY C 509 -25.91 -20.04 -83.85
C GLY C 509 -25.45 -18.63 -84.16
N PHE C 510 -25.22 -17.85 -83.11
CA PHE C 510 -24.91 -16.42 -83.26
C PHE C 510 -23.57 -16.17 -83.94
N GLY C 511 -23.57 -15.26 -84.90
CA GLY C 511 -22.34 -14.79 -85.51
C GLY C 511 -22.05 -15.28 -86.91
N VAL C 512 -22.72 -16.35 -87.32
CA VAL C 512 -22.52 -16.91 -88.65
C VAL C 512 -22.86 -15.89 -89.74
N ARG C 513 -24.04 -15.29 -89.63
CA ARG C 513 -24.48 -14.31 -90.61
C ARG C 513 -23.65 -13.03 -90.52
N LEU C 514 -23.30 -12.66 -89.28
CA LEU C 514 -22.46 -11.49 -89.03
C LEU C 514 -21.11 -11.60 -89.72
N LEU C 515 -20.41 -12.71 -89.49
CA LEU C 515 -19.10 -12.93 -90.08
C LEU C 515 -19.18 -13.07 -91.59
N THR C 516 -20.23 -13.72 -92.08
CA THR C 516 -20.40 -13.90 -93.52
C THR C 516 -20.63 -12.56 -94.21
N GLU C 517 -21.48 -11.72 -93.63
CA GLU C 517 -21.71 -10.38 -94.16
C GLU C 517 -20.42 -9.56 -94.14
N PHE C 518 -19.61 -9.78 -93.09
CA PHE C 518 -18.32 -9.11 -92.98
C PHE C 518 -17.40 -9.50 -94.14
N VAL C 519 -17.34 -10.80 -94.43
CA VAL C 519 -16.53 -11.30 -95.53
C VAL C 519 -17.06 -10.85 -96.89
N LEU C 520 -18.37 -10.97 -97.07
CA LEU C 520 -19.00 -10.70 -98.37
C LEU C 520 -18.98 -9.24 -98.79
N ASN C 521 -18.95 -8.33 -97.82
CA ASN C 521 -19.06 -6.91 -98.14
C ASN C 521 -17.80 -6.11 -97.81
N ASP C 522 -16.69 -6.80 -97.60
CA ASP C 522 -15.42 -6.13 -97.35
C ASP C 522 -14.57 -6.10 -98.61
N ALA D 4 -32.71 27.50 -43.95
CA ALA D 4 -32.10 26.32 -43.35
C ALA D 4 -33.07 25.59 -42.43
N SER D 5 -32.87 24.29 -42.28
CA SER D 5 -33.71 23.48 -41.40
C SER D 5 -32.88 22.89 -40.26
N GLU D 6 -33.53 22.67 -39.11
CA GLU D 6 -32.88 22.03 -37.98
C GLU D 6 -32.73 20.54 -38.25
N VAL D 7 -31.49 20.05 -38.20
CA VAL D 7 -31.27 18.62 -38.36
C VAL D 7 -31.47 17.93 -37.01
N PRO D 8 -32.25 16.85 -37.01
CA PRO D 8 -32.57 16.12 -35.78
C PRO D 8 -31.36 15.38 -35.21
N GLN D 9 -31.36 15.17 -33.90
CA GLN D 9 -30.28 14.46 -33.25
C GLN D 9 -30.82 13.33 -32.40
N VAL D 10 -30.08 12.23 -32.33
CA VAL D 10 -30.41 11.14 -31.42
C VAL D 10 -29.77 11.44 -30.07
N VAL D 11 -28.50 11.80 -30.10
CA VAL D 11 -27.81 12.28 -28.91
C VAL D 11 -27.22 13.67 -29.20
N SER D 12 -26.87 14.40 -28.16
CA SER D 12 -26.40 15.77 -28.31
C SER D 12 -25.03 15.84 -28.98
N LEU D 13 -24.36 14.69 -29.07
CA LEU D 13 -23.04 14.62 -29.68
C LEU D 13 -23.13 14.41 -31.19
N ASP D 14 -24.34 14.20 -31.70
CA ASP D 14 -24.55 14.09 -33.14
C ASP D 14 -24.36 15.45 -33.81
N PRO D 15 -23.56 15.48 -34.88
CA PRO D 15 -23.30 16.75 -35.58
C PRO D 15 -24.53 17.28 -36.31
N THR D 16 -24.64 18.60 -36.43
CA THR D 16 -25.80 19.23 -37.04
C THR D 16 -25.45 20.04 -38.29
N SER D 17 -24.22 19.86 -38.79
CA SER D 17 -23.86 20.44 -40.08
C SER D 17 -22.66 19.72 -40.69
N ILE D 18 -22.49 19.88 -42.00
CA ILE D 18 -21.32 19.38 -42.68
C ILE D 18 -20.22 20.45 -42.66
N PRO D 19 -19.05 20.11 -42.09
CA PRO D 19 -17.92 21.02 -42.16
C PRO D 19 -17.44 21.17 -43.60
N ILE D 20 -17.28 22.41 -44.06
CA ILE D 20 -16.88 22.68 -45.44
C ILE D 20 -15.73 23.68 -45.48
N GLU D 21 -14.71 23.37 -46.27
CA GLU D 21 -13.61 24.29 -46.50
C GLU D 21 -13.75 24.96 -47.85
N TYR D 22 -13.98 26.27 -47.83
CA TYR D 22 -14.05 27.05 -49.06
C TYR D 22 -12.68 27.60 -49.44
N ASN D 23 -12.05 28.26 -48.47
CA ASN D 23 -10.71 28.81 -48.65
C ASN D 23 -9.64 27.75 -48.41
N THR D 24 -9.08 27.21 -49.50
CA THR D 24 -8.08 26.15 -49.40
C THR D 24 -6.71 26.73 -49.71
N PRO D 25 -5.63 26.05 -49.25
CA PRO D 25 -4.26 26.49 -49.56
C PRO D 25 -3.98 26.57 -51.06
N ILE D 26 -4.72 25.82 -51.86
CA ILE D 26 -4.58 25.86 -53.31
C ILE D 26 -4.92 27.25 -53.86
N HIS D 27 -5.88 27.91 -53.24
CA HIS D 27 -6.33 29.21 -53.72
C HIS D 27 -5.28 30.30 -53.49
N ASP D 28 -4.33 30.05 -52.60
CA ASP D 28 -3.30 31.03 -52.29
C ASP D 28 -2.05 30.84 -53.14
N ILE D 29 -2.07 29.86 -54.04
CA ILE D 29 -0.92 29.61 -54.90
C ILE D 29 -0.89 30.56 -56.09
N LYS D 30 0.18 31.34 -56.20
CA LYS D 30 0.35 32.21 -57.35
C LYS D 30 0.95 31.43 -58.50
N VAL D 31 0.24 31.41 -59.63
CA VAL D 31 0.65 30.61 -60.78
C VAL D 31 1.21 31.48 -61.90
N GLN D 32 2.39 31.12 -62.39
CA GLN D 32 3.00 31.82 -63.53
C GLN D 32 3.36 30.82 -64.62
N VAL D 33 3.03 31.16 -65.86
CA VAL D 33 3.37 30.31 -66.99
C VAL D 33 4.37 31.01 -67.91
N TYR D 34 5.53 30.40 -68.10
CA TYR D 34 6.56 30.95 -68.97
C TYR D 34 6.73 30.10 -70.21
N ASP D 35 7.15 30.72 -71.31
CA ASP D 35 7.41 29.97 -72.52
C ASP D 35 8.74 29.23 -72.38
N ILE D 36 8.78 27.99 -72.84
CA ILE D 36 9.92 27.13 -72.63
C ILE D 36 11.09 27.45 -73.58
N LYS D 37 10.82 28.22 -74.63
CA LYS D 37 11.85 28.54 -75.61
C LYS D 37 12.94 29.45 -75.06
N GLY D 38 12.63 30.17 -73.98
CA GLY D 38 13.55 31.16 -73.44
C GLY D 38 14.52 30.64 -72.41
N GLY D 39 14.42 29.35 -72.09
CA GLY D 39 15.25 28.77 -71.05
C GLY D 39 14.57 28.84 -69.71
N CYS D 40 15.10 28.12 -68.72
CA CYS D 40 14.44 28.02 -67.43
C CYS D 40 15.25 28.67 -66.31
N ASN D 41 14.56 29.38 -65.42
CA ASN D 41 15.21 29.93 -64.24
C ASN D 41 15.03 29.01 -63.05
N VAL D 42 16.15 28.55 -62.50
CA VAL D 42 16.15 27.67 -61.34
C VAL D 42 16.90 28.33 -60.18
N GLU D 43 16.17 29.09 -59.37
CA GLU D 43 16.78 29.84 -58.28
C GLU D 43 16.12 29.54 -56.95
N GLU D 44 14.90 29.00 -56.99
CA GLU D 44 14.12 28.83 -55.77
C GLU D 44 13.27 27.56 -55.79
N GLY D 45 13.22 26.88 -54.65
CA GLY D 45 12.30 25.77 -54.45
C GLY D 45 12.56 24.54 -55.29
N LEU D 46 11.49 23.81 -55.57
CA LEU D 46 11.58 22.55 -56.30
C LEU D 46 11.31 22.73 -57.79
N THR D 47 12.20 22.22 -58.63
CA THR D 47 12.01 22.25 -60.07
C THR D 47 11.94 20.84 -60.64
N ILE D 48 10.86 20.54 -61.34
CA ILE D 48 10.64 19.20 -61.89
C ILE D 48 10.49 19.22 -63.40
N PHE D 49 11.30 18.41 -64.07
CA PHE D 49 11.21 18.27 -65.52
C PHE D 49 10.33 17.08 -65.91
N LEU D 50 9.33 17.32 -66.74
CA LEU D 50 8.50 16.24 -67.27
C LEU D 50 9.13 15.71 -68.55
N VAL D 51 9.66 14.50 -68.50
CA VAL D 51 10.50 13.98 -69.56
C VAL D 51 10.03 12.61 -70.08
N ASN D 52 10.10 12.41 -71.39
CA ASN D 52 9.85 11.11 -71.97
C ASN D 52 11.01 10.65 -72.85
N ASN D 53 10.85 9.48 -73.47
CA ASN D 53 11.82 8.98 -74.43
C ASN D 53 11.10 8.09 -75.44
N PRO D 54 10.56 8.72 -76.51
CA PRO D 54 9.79 8.03 -77.55
C PRO D 54 10.57 6.92 -78.23
N GLY D 55 9.94 5.76 -78.38
CA GLY D 55 10.56 4.62 -79.05
C GLY D 55 11.35 3.74 -78.10
N LYS D 56 12.13 4.35 -77.23
CA LYS D 56 12.94 3.60 -76.27
C LYS D 56 12.20 3.39 -74.97
N GLU D 57 11.54 2.23 -74.86
CA GLU D 57 10.78 1.89 -73.66
C GLU D 57 11.69 1.88 -72.44
N ASN D 58 11.29 2.64 -71.41
CA ASN D 58 12.07 2.79 -70.19
C ASN D 58 13.48 3.29 -70.47
N GLY D 59 13.60 4.13 -71.51
CA GLY D 59 14.88 4.69 -71.90
C GLY D 59 15.38 5.72 -70.91
N PRO D 60 16.64 6.16 -71.08
CA PRO D 60 17.27 7.11 -70.17
C PRO D 60 16.63 8.50 -70.18
N VAL D 61 16.79 9.23 -69.10
CA VAL D 61 16.35 10.61 -69.00
C VAL D 61 17.33 11.53 -69.70
N LYS D 62 16.81 12.45 -70.52
CA LYS D 62 17.64 13.47 -71.16
C LYS D 62 16.94 14.82 -71.10
N ILE D 63 17.59 15.79 -70.46
CA ILE D 63 17.03 17.14 -70.32
C ILE D 63 17.54 18.05 -71.43
N SER D 64 16.62 18.64 -72.19
CA SER D 64 16.99 19.47 -73.32
C SER D 64 17.04 20.96 -72.97
N SER D 65 16.11 21.39 -72.12
CA SER D 65 16.04 22.80 -71.72
C SER D 65 17.34 23.35 -71.15
N LYS D 66 17.68 24.57 -71.55
CA LYS D 66 18.80 25.29 -70.97
C LYS D 66 18.33 25.95 -69.67
N VAL D 67 19.14 25.89 -68.63
CA VAL D 67 18.80 26.55 -67.37
C VAL D 67 19.86 27.58 -67.02
N ASN D 68 19.45 28.67 -66.39
CA ASN D 68 20.36 29.77 -66.08
C ASN D 68 21.05 29.59 -64.72
N ASP D 69 21.58 28.40 -64.50
CA ASP D 69 22.34 28.12 -63.28
C ASP D 69 23.44 27.11 -63.57
N LYS D 70 24.68 27.47 -63.23
CA LYS D 70 25.83 26.62 -63.53
C LYS D 70 25.81 25.32 -62.75
N GLN D 71 25.39 25.39 -61.49
CA GLN D 71 25.34 24.22 -60.63
C GLN D 71 24.30 23.21 -61.13
N VAL D 72 23.10 23.70 -61.44
CA VAL D 72 22.01 22.84 -61.90
C VAL D 72 22.29 22.31 -63.30
N SER D 73 22.87 23.16 -64.16
CA SER D 73 23.24 22.75 -65.51
C SER D 73 24.16 21.54 -65.49
N GLU D 74 25.09 21.54 -64.54
CA GLU D 74 26.02 20.42 -64.37
C GLU D 74 25.28 19.18 -63.87
N PHE D 75 24.36 19.37 -62.92
CA PHE D 75 23.56 18.28 -62.41
C PHE D 75 22.71 17.66 -63.53
N LEU D 76 22.21 18.51 -64.42
CA LEU D 76 21.31 18.09 -65.48
C LEU D 76 22.03 17.55 -66.73
N LYS D 77 23.35 17.44 -66.67
CA LYS D 77 24.12 16.98 -67.83
C LYS D 77 23.75 15.54 -68.16
N ASP D 78 23.94 15.17 -69.43
CA ASP D 78 23.43 13.90 -69.96
C ASP D 78 24.00 12.66 -69.27
N GLU D 79 25.27 12.72 -68.87
CA GLU D 79 25.91 11.58 -68.22
C GLU D 79 25.29 11.29 -66.86
N ASN D 80 24.80 12.33 -66.20
CA ASN D 80 24.13 12.16 -64.91
C ASN D 80 22.70 11.68 -65.08
N MET D 81 21.98 12.27 -66.03
CA MET D 81 20.56 11.99 -66.17
C MET D 81 20.30 10.61 -66.77
N GLU D 82 21.26 10.10 -67.53
CA GLU D 82 21.10 8.79 -68.17
C GLU D 82 21.14 7.67 -67.15
N LYS D 83 21.48 8.01 -65.91
CA LYS D 83 21.45 7.03 -64.82
C LYS D 83 20.01 6.72 -64.42
N PHE D 84 19.09 7.60 -64.82
CA PHE D 84 17.67 7.46 -64.52
C PHE D 84 16.90 7.12 -65.79
N ASN D 85 15.68 6.62 -65.64
CA ASN D 85 14.87 6.29 -66.81
C ASN D 85 13.45 6.89 -66.75
N VAL D 86 12.76 6.86 -67.89
CA VAL D 86 11.50 7.59 -68.03
C VAL D 86 10.25 6.74 -67.83
N LYS D 87 10.39 5.58 -67.19
CA LYS D 87 9.25 4.71 -66.92
C LYS D 87 8.15 5.51 -66.23
N LEU D 88 6.94 5.44 -66.79
CA LEU D 88 5.83 6.30 -66.38
C LEU D 88 5.61 6.34 -64.86
N GLY D 89 5.82 7.51 -64.27
CA GLY D 89 5.60 7.69 -62.85
C GLY D 89 6.87 7.69 -62.01
N THR D 90 7.95 7.13 -62.56
CA THR D 90 9.23 7.10 -61.87
C THR D 90 9.75 8.52 -61.66
N SER D 91 10.27 8.79 -60.47
CA SER D 91 10.82 10.11 -60.17
C SER D 91 12.10 10.04 -59.37
N LYS D 92 12.91 11.08 -59.51
CA LYS D 92 14.10 11.29 -58.70
C LYS D 92 14.23 12.79 -58.47
N HIS D 93 14.61 13.21 -57.27
CA HIS D 93 14.92 14.62 -57.04
C HIS D 93 16.00 14.78 -55.98
N PHE D 94 16.89 15.74 -56.20
CA PHE D 94 18.07 15.96 -55.37
C PHE D 94 18.09 17.38 -54.81
N TYR D 95 18.57 17.54 -53.59
CA TYR D 95 18.78 18.87 -53.01
C TYR D 95 20.22 19.33 -53.27
N MET D 96 20.37 20.59 -53.64
CA MET D 96 21.69 21.14 -53.95
C MET D 96 21.71 22.65 -53.76
N PHE D 97 22.91 23.22 -53.76
CA PHE D 97 23.08 24.66 -53.75
C PHE D 97 23.24 25.19 -55.16
N ASN D 98 22.56 26.27 -55.50
CA ASN D 98 22.70 26.87 -56.82
C ASN D 98 23.89 27.84 -56.85
N ASP D 99 23.97 28.63 -57.91
CA ASP D 99 25.08 29.57 -58.07
C ASP D 99 25.14 30.59 -56.95
N ASN D 100 23.98 30.98 -56.42
CA ASN D 100 23.91 31.97 -55.36
C ASN D 100 23.91 31.33 -53.97
N LYS D 101 24.35 30.08 -53.91
CA LYS D 101 24.44 29.33 -52.65
C LYS D 101 23.11 29.24 -51.90
N ASN D 102 22.01 29.25 -52.65
CA ASN D 102 20.70 29.00 -52.05
C ASN D 102 20.26 27.56 -52.27
N SER D 103 19.58 26.99 -51.29
CA SER D 103 19.13 25.62 -51.38
C SER D 103 17.98 25.45 -52.35
N VAL D 104 18.19 24.65 -53.38
CA VAL D 104 17.13 24.33 -54.34
C VAL D 104 17.03 22.82 -54.52
N ALA D 105 15.90 22.38 -55.07
CA ALA D 105 15.72 20.96 -55.37
C ALA D 105 15.38 20.79 -56.84
N VAL D 106 15.99 19.79 -57.47
CA VAL D 106 15.83 19.56 -58.90
C VAL D 106 15.55 18.10 -59.17
N GLY D 107 14.57 17.82 -60.04
CA GLY D 107 14.24 16.45 -60.36
C GLY D 107 13.43 16.27 -61.64
N TYR D 108 12.85 15.08 -61.78
CA TYR D 108 12.09 14.74 -62.96
C TYR D 108 10.99 13.74 -62.64
N VAL D 109 9.99 13.67 -63.53
CA VAL D 109 9.02 12.60 -63.52
C VAL D 109 9.00 11.96 -64.91
N GLY D 110 9.16 10.64 -64.96
CA GLY D 110 9.15 9.93 -66.21
C GLY D 110 7.77 9.93 -66.83
N CYS D 111 7.68 10.23 -68.13
CA CYS D 111 6.40 10.28 -68.82
C CYS D 111 6.31 9.22 -69.92
N GLY D 112 7.09 8.17 -69.79
CA GLY D 112 7.01 7.03 -70.69
C GLY D 112 7.66 7.22 -72.05
N SER D 113 7.16 6.48 -73.04
CA SER D 113 7.74 6.49 -74.37
C SER D 113 6.68 6.78 -75.43
N VAL D 114 5.47 7.06 -74.98
CA VAL D 114 4.39 7.46 -75.87
C VAL D 114 4.18 8.96 -75.79
N ALA D 115 4.29 9.65 -76.92
CA ALA D 115 4.26 11.10 -76.96
C ALA D 115 2.96 11.70 -76.42
N ASP D 116 1.84 11.03 -76.70
CA ASP D 116 0.55 11.54 -76.27
C ASP D 116 0.06 10.85 -75.00
N LEU D 117 -0.03 11.61 -73.93
CA LEU D 117 -0.50 11.09 -72.65
C LEU D 117 -2.03 11.03 -72.59
N SER D 118 -2.55 9.90 -72.14
CA SER D 118 -3.97 9.81 -71.83
C SER D 118 -4.20 10.50 -70.49
N GLU D 119 -5.46 10.67 -70.10
CA GLU D 119 -5.75 11.29 -68.82
C GLU D 119 -5.26 10.40 -67.68
N ALA D 120 -5.26 9.09 -67.92
CA ALA D 120 -4.79 8.13 -66.93
C ALA D 120 -3.27 8.21 -66.79
N ASP D 121 -2.57 8.38 -67.90
CA ASP D 121 -1.13 8.57 -67.90
C ASP D 121 -0.77 9.84 -67.13
N MET D 122 -1.45 10.93 -67.45
CA MET D 122 -1.20 12.23 -66.82
C MET D 122 -1.46 12.16 -65.32
N LYS D 123 -2.46 11.38 -64.94
CA LYS D 123 -2.80 11.20 -63.53
C LYS D 123 -1.64 10.56 -62.77
N ARG D 124 -1.01 9.56 -63.38
CA ARG D 124 0.14 8.90 -62.76
C ARG D 124 1.31 9.87 -62.61
N VAL D 125 1.52 10.70 -63.64
CA VAL D 125 2.55 11.73 -63.59
C VAL D 125 2.31 12.67 -62.40
N VAL D 126 1.09 13.16 -62.26
CA VAL D 126 0.73 14.06 -61.17
C VAL D 126 0.94 13.42 -59.80
N LEU D 127 0.52 12.15 -59.66
CA LEU D 127 0.63 11.45 -58.39
C LEU D 127 2.09 11.33 -57.94
N SER D 128 2.98 11.11 -58.91
CA SER D 128 4.40 11.08 -58.62
C SER D 128 4.87 12.44 -58.12
N LEU D 129 4.38 13.49 -58.78
CA LEU D 129 4.71 14.87 -58.42
C LEU D 129 4.20 15.22 -57.02
N VAL D 130 2.95 14.84 -56.75
CA VAL D 130 2.31 15.12 -55.47
C VAL D 130 3.05 14.44 -54.31
N THR D 131 3.55 13.24 -54.57
CA THR D 131 4.32 12.49 -53.57
C THR D 131 5.55 13.29 -53.13
N MET D 132 6.21 13.94 -54.09
CA MET D 132 7.33 14.82 -53.76
C MET D 132 6.87 16.03 -52.97
N LEU D 133 5.75 16.62 -53.39
CA LEU D 133 5.20 17.80 -52.72
C LEU D 133 4.82 17.54 -51.27
N HIS D 134 4.35 16.32 -50.98
CA HIS D 134 3.92 15.99 -49.63
C HIS D 134 5.09 15.72 -48.70
N ASP D 135 6.28 15.63 -49.28
CA ASP D 135 7.52 15.54 -48.51
C ASP D 135 8.37 16.79 -48.70
N ASN D 136 7.77 17.83 -49.27
CA ASN D 136 8.47 19.07 -49.57
C ASN D 136 7.96 20.25 -48.74
N LYS D 137 8.87 21.05 -48.23
CA LYS D 137 8.51 22.24 -47.46
C LYS D 137 8.88 23.52 -48.18
N LEU D 138 9.48 23.39 -49.36
CA LEU D 138 9.88 24.56 -50.14
C LEU D 138 8.66 25.37 -50.57
N SER D 139 8.88 26.65 -50.85
CA SER D 139 7.78 27.58 -51.10
C SER D 139 7.31 27.59 -52.55
N LYS D 140 8.13 27.05 -53.44
CA LYS D 140 7.82 27.13 -54.87
C LYS D 140 8.01 25.80 -55.58
N LEU D 141 7.12 25.53 -56.53
CA LEU D 141 7.29 24.41 -57.43
C LEU D 141 7.32 24.89 -58.88
N THR D 142 8.32 24.45 -59.64
CA THR D 142 8.38 24.76 -61.05
C THR D 142 8.34 23.48 -61.87
N VAL D 143 7.38 23.42 -62.79
CA VAL D 143 7.21 22.25 -63.64
C VAL D 143 7.54 22.60 -65.09
N VAL D 144 8.57 21.93 -65.62
CA VAL D 144 9.01 22.19 -66.98
C VAL D 144 8.50 21.11 -67.93
N PHE D 145 7.60 21.50 -68.83
CA PHE D 145 6.99 20.57 -69.76
C PHE D 145 7.86 20.29 -70.97
N GLU D 146 8.64 19.21 -70.90
CA GLU D 146 9.39 18.75 -72.07
C GLU D 146 8.64 17.62 -72.74
N ILE D 147 7.31 17.72 -72.71
CA ILE D 147 6.41 16.80 -73.39
C ILE D 147 5.32 17.60 -74.09
N ASN D 148 4.51 16.92 -74.89
CA ASN D 148 3.44 17.59 -75.62
C ASN D 148 2.07 17.39 -75.00
N VAL D 149 1.46 18.48 -74.54
CA VAL D 149 0.09 18.44 -74.03
C VAL D 149 -0.73 19.57 -74.66
N ASP D 150 -1.99 19.29 -74.97
CA ASP D 150 -2.87 20.32 -75.50
C ASP D 150 -3.49 21.12 -74.36
N LYS D 151 -4.25 22.15 -74.71
CA LYS D 151 -4.80 23.08 -73.72
C LYS D 151 -5.70 22.40 -72.68
N ASN D 152 -6.52 21.46 -73.13
CA ASN D 152 -7.42 20.75 -72.21
C ASN D 152 -6.64 19.83 -71.26
N LEU D 153 -5.64 19.14 -71.79
CA LEU D 153 -4.85 18.23 -70.97
C LEU D 153 -3.97 19.00 -69.99
N PHE D 154 -3.50 20.18 -70.41
CA PHE D 154 -2.73 21.03 -69.51
C PHE D 154 -3.60 21.53 -68.37
N ARG D 155 -4.86 21.88 -68.69
CA ARG D 155 -5.80 22.30 -67.66
C ARG D 155 -6.10 21.11 -66.74
N PHE D 156 -6.21 19.93 -67.33
CA PHE D 156 -6.42 18.70 -66.57
C PHE D 156 -5.26 18.46 -65.62
N PHE D 157 -4.04 18.72 -66.09
CA PHE D 157 -2.85 18.59 -65.27
C PHE D 157 -2.95 19.46 -64.02
N LEU D 158 -3.37 20.70 -64.19
CA LEU D 158 -3.49 21.64 -63.08
C LEU D 158 -4.60 21.25 -62.12
N GLU D 159 -5.76 20.89 -62.68
CA GLU D 159 -6.90 20.45 -61.89
C GLU D 159 -6.53 19.26 -61.01
N THR D 160 -5.94 18.25 -61.63
CA THR D 160 -5.56 17.03 -60.94
C THR D 160 -4.48 17.31 -59.90
N LEU D 161 -3.50 18.14 -60.26
CA LEU D 161 -2.45 18.53 -59.33
C LEU D 161 -3.04 19.20 -58.10
N PHE D 162 -3.90 20.19 -58.34
CA PHE D 162 -4.56 20.90 -57.25
C PHE D 162 -5.38 19.93 -56.38
N TYR D 163 -6.12 19.04 -57.03
CA TYR D 163 -7.02 18.14 -56.31
C TYR D 163 -6.29 17.10 -55.46
N GLU D 164 -5.24 16.51 -56.00
CA GLU D 164 -4.51 15.45 -55.30
C GLU D 164 -3.59 16.01 -54.21
N TYR D 165 -3.10 17.22 -54.44
CA TYR D 165 -2.22 17.91 -53.50
C TYR D 165 -2.96 18.21 -52.20
N MET D 166 -4.19 18.70 -52.35
CA MET D 166 -5.02 19.10 -51.22
C MET D 166 -5.43 17.92 -50.35
N THR D 167 -5.25 18.05 -49.05
CA THR D 167 -5.59 16.97 -48.11
C THR D 167 -6.75 17.37 -47.20
N ASP D 168 -7.77 16.51 -47.17
CA ASP D 168 -8.98 16.75 -46.39
C ASP D 168 -8.77 16.35 -44.92
N GLU D 169 -8.71 17.34 -44.03
CA GLU D 169 -8.43 17.08 -42.62
C GLU D 169 -9.54 17.53 -41.69
N ARG D 170 -10.74 17.72 -42.24
CA ARG D 170 -11.89 18.19 -41.47
C ARG D 170 -12.25 17.29 -40.29
N PHE D 171 -11.97 16.01 -40.42
CA PHE D 171 -12.40 15.05 -39.42
C PHE D 171 -11.24 14.52 -38.57
N LYS D 172 -10.07 15.13 -38.77
CA LYS D 172 -8.92 14.87 -37.91
C LYS D 172 -8.97 15.77 -36.69
N SER D 173 -8.36 15.33 -35.59
CA SER D 173 -8.32 16.15 -34.37
C SER D 173 -6.96 16.81 -34.18
N ASN D 179 6.88 17.76 -41.81
CA ASN D 179 6.23 17.04 -42.90
C ASN D 179 6.30 17.81 -44.22
N MET D 180 5.39 18.75 -44.38
CA MET D 180 5.34 19.58 -45.58
C MET D 180 4.71 20.93 -45.30
N GLU D 181 4.67 21.77 -46.33
CA GLU D 181 3.98 23.05 -46.26
C GLU D 181 3.53 23.41 -47.67
N TYR D 182 2.30 23.87 -47.80
CA TYR D 182 1.75 24.19 -49.11
C TYR D 182 2.54 25.32 -49.77
N ILE D 183 2.95 25.08 -51.01
CA ILE D 183 3.66 26.07 -51.79
C ILE D 183 2.82 27.34 -51.96
N LYS D 184 3.49 28.46 -52.12
CA LYS D 184 2.82 29.73 -52.35
C LYS D 184 2.91 30.13 -53.83
N HIS D 185 3.75 29.41 -54.57
CA HIS D 185 4.00 29.73 -55.97
C HIS D 185 4.13 28.48 -56.84
N LEU D 186 3.51 28.52 -58.01
CA LEU D 186 3.68 27.49 -59.02
C LEU D 186 4.17 28.09 -60.33
N GLY D 187 5.32 27.62 -60.80
CA GLY D 187 5.84 28.04 -62.09
C GLY D 187 5.72 26.94 -63.13
N VAL D 188 5.38 27.31 -64.36
CA VAL D 188 5.24 26.34 -65.44
C VAL D 188 5.98 26.80 -66.70
N TYR D 189 6.86 25.95 -67.22
CA TYR D 189 7.49 26.20 -68.50
C TYR D 189 6.91 25.26 -69.55
N ILE D 190 6.30 25.83 -70.59
CA ILE D 190 5.65 25.05 -71.63
C ILE D 190 5.67 25.82 -72.96
N ASN D 191 5.67 25.12 -74.09
CA ASN D 191 5.67 25.76 -75.39
C ASN D 191 4.37 26.54 -75.65
N ASN D 192 4.49 27.68 -76.35
CA ASN D 192 3.41 28.68 -76.46
C ASN D 192 2.67 28.90 -75.15
N ALA D 193 3.36 29.46 -74.15
CA ALA D 193 2.77 29.68 -72.85
C ALA D 193 1.51 30.55 -72.89
N ASP D 194 1.50 31.54 -73.77
CA ASP D 194 0.42 32.51 -73.85
C ASP D 194 -0.95 31.86 -74.09
N THR D 195 -0.97 30.79 -74.87
CA THR D 195 -2.23 30.11 -75.18
C THR D 195 -2.74 29.27 -73.99
N TYR D 196 -1.84 28.95 -73.06
CA TYR D 196 -2.19 28.09 -71.93
C TYR D 196 -2.57 28.90 -70.69
N LYS D 197 -2.32 30.20 -70.71
CA LYS D 197 -2.52 31.03 -69.54
C LYS D 197 -3.98 31.13 -69.10
N GLU D 198 -4.90 31.08 -70.06
CA GLU D 198 -6.32 31.22 -69.75
C GLU D 198 -6.89 29.95 -69.12
N GLU D 199 -6.11 28.87 -69.15
CA GLU D 199 -6.53 27.61 -68.54
C GLU D 199 -6.33 27.62 -67.03
N VAL D 200 -5.41 28.47 -66.57
CA VAL D 200 -5.00 28.46 -65.16
C VAL D 200 -6.16 28.72 -64.20
N GLU D 201 -6.85 29.84 -64.37
CA GLU D 201 -7.93 30.19 -63.46
C GLU D 201 -9.19 29.37 -63.73
N LYS D 202 -9.28 28.77 -64.91
CA LYS D 202 -10.37 27.84 -65.18
C LYS D 202 -10.10 26.55 -64.43
N ALA D 203 -8.84 26.15 -64.38
CA ALA D 203 -8.42 24.96 -63.65
C ALA D 203 -8.65 25.12 -62.14
N ARG D 204 -8.43 26.32 -61.64
CA ARG D 204 -8.59 26.58 -60.22
C ARG D 204 -10.06 26.46 -59.84
N VAL D 205 -10.94 26.89 -60.74
CA VAL D 205 -12.38 26.81 -60.51
C VAL D 205 -12.85 25.35 -60.59
N TYR D 206 -12.41 24.65 -61.63
CA TYR D 206 -12.76 23.26 -61.82
C TYR D 206 -12.28 22.42 -60.65
N TYR D 207 -11.11 22.80 -60.12
CA TYR D 207 -10.56 22.14 -58.95
C TYR D 207 -11.51 22.20 -57.76
N PHE D 208 -11.97 23.40 -57.41
CA PHE D 208 -12.75 23.51 -56.19
C PHE D 208 -14.13 22.88 -56.33
N GLY D 209 -14.73 23.03 -57.51
CA GLY D 209 -15.98 22.36 -57.80
C GLY D 209 -15.86 20.87 -57.53
N THR D 210 -14.76 20.30 -58.02
CA THR D 210 -14.47 18.89 -57.83
C THR D 210 -14.17 18.58 -56.37
N TYR D 211 -13.38 19.44 -55.73
CA TYR D 211 -13.00 19.22 -54.34
C TYR D 211 -14.19 19.42 -53.40
N TYR D 212 -15.07 20.35 -53.76
CA TYR D 212 -16.29 20.58 -52.99
C TYR D 212 -17.18 19.34 -53.02
N ALA D 213 -17.35 18.77 -54.21
CA ALA D 213 -18.10 17.53 -54.37
C ALA D 213 -17.49 16.44 -53.50
N SER D 214 -16.17 16.34 -53.54
CA SER D 214 -15.42 15.37 -52.76
C SER D 214 -15.69 15.51 -51.26
N GLN D 215 -15.74 16.76 -50.78
CA GLN D 215 -15.97 17.03 -49.36
C GLN D 215 -17.33 16.52 -48.91
N LEU D 216 -18.34 16.69 -49.76
CA LEU D 216 -19.69 16.24 -49.43
C LEU D 216 -19.77 14.72 -49.42
N ILE D 217 -19.12 14.10 -50.40
CA ILE D 217 -19.12 12.64 -50.50
C ILE D 217 -18.36 12.03 -49.33
N ALA D 218 -17.15 12.52 -49.09
CA ALA D 218 -16.30 11.99 -48.02
C ALA D 218 -16.91 12.20 -46.65
N ALA D 219 -17.72 13.25 -46.51
CA ALA D 219 -18.42 13.50 -45.25
C ALA D 219 -19.32 12.32 -44.91
N PRO D 220 -19.12 11.73 -43.73
CA PRO D 220 -19.88 10.56 -43.29
C PRO D 220 -21.38 10.85 -43.15
N SER D 221 -22.20 9.80 -43.17
CA SER D 221 -23.65 9.95 -43.22
C SER D 221 -24.27 10.53 -41.96
N ASN D 222 -23.53 10.52 -40.84
CA ASN D 222 -24.02 11.20 -39.65
C ASN D 222 -23.80 12.71 -39.76
N TYR D 223 -22.74 13.10 -40.47
CA TYR D 223 -22.52 14.50 -40.77
C TYR D 223 -23.37 14.95 -41.95
N CYS D 224 -23.31 14.18 -43.03
CA CYS D 224 -24.02 14.49 -44.25
C CYS D 224 -25.33 13.70 -44.34
N ASN D 225 -26.43 14.36 -44.00
CA ASN D 225 -27.76 13.76 -44.03
C ASN D 225 -28.65 14.62 -44.93
N PRO D 226 -29.90 14.20 -45.21
CA PRO D 226 -30.75 15.03 -46.08
C PRO D 226 -30.92 16.48 -45.63
N VAL D 227 -30.99 16.73 -44.33
CA VAL D 227 -31.18 18.09 -43.83
C VAL D 227 -29.88 18.90 -43.88
N SER D 228 -28.77 18.31 -43.45
CA SER D 228 -27.50 19.01 -43.45
C SER D 228 -26.97 19.22 -44.87
N LEU D 229 -27.33 18.32 -45.78
CA LEU D 229 -26.89 18.45 -47.17
C LEU D 229 -27.66 19.53 -47.91
N SER D 230 -28.97 19.61 -47.68
CA SER D 230 -29.78 20.64 -48.29
C SER D 230 -29.41 21.99 -47.71
N ASN D 231 -29.09 22.02 -46.42
CA ASN D 231 -28.58 23.22 -45.77
C ASN D 231 -27.32 23.72 -46.44
N ALA D 232 -26.41 22.80 -46.76
CA ALA D 232 -25.16 23.14 -47.42
C ALA D 232 -25.40 23.73 -48.80
N ALA D 233 -26.37 23.15 -49.52
CA ALA D 233 -26.71 23.61 -50.86
C ALA D 233 -27.26 25.02 -50.84
N VAL D 234 -28.04 25.34 -49.81
CA VAL D 234 -28.57 26.69 -49.63
C VAL D 234 -27.43 27.70 -49.39
N GLU D 235 -26.51 27.34 -48.49
CA GLU D 235 -25.38 28.20 -48.19
C GLU D 235 -24.51 28.43 -49.41
N LEU D 236 -24.34 27.37 -50.21
CA LEU D 236 -23.59 27.47 -51.46
C LEU D 236 -24.29 28.42 -52.43
N ALA D 237 -25.61 28.26 -52.54
CA ALA D 237 -26.43 29.08 -53.42
C ALA D 237 -26.37 30.55 -53.03
N GLN D 238 -26.39 30.82 -51.73
CA GLN D 238 -26.34 32.18 -51.22
C GLN D 238 -24.99 32.83 -51.51
N LYS D 239 -23.93 32.05 -51.43
CA LYS D 239 -22.58 32.55 -51.70
C LYS D 239 -22.39 32.87 -53.18
N LEU D 240 -23.13 32.17 -54.04
CA LEU D 240 -22.98 32.32 -55.48
C LEU D 240 -24.09 33.16 -56.10
N ASN D 241 -25.00 33.66 -55.26
CA ASN D 241 -26.18 34.39 -55.72
C ASN D 241 -27.02 33.59 -56.71
N LEU D 242 -27.28 32.34 -56.36
CA LEU D 242 -28.19 31.50 -57.14
C LEU D 242 -29.56 31.51 -56.50
N GLU D 243 -30.61 31.40 -57.32
CA GLU D 243 -31.95 31.18 -56.79
C GLU D 243 -32.01 29.79 -56.20
N TYR D 244 -32.60 29.67 -55.02
CA TYR D 244 -32.67 28.37 -54.36
C TYR D 244 -34.05 28.13 -53.77
N LYS D 245 -34.40 26.85 -53.67
CA LYS D 245 -35.66 26.42 -53.10
C LYS D 245 -35.52 25.00 -52.58
N ILE D 246 -35.82 24.79 -51.31
CA ILE D 246 -35.79 23.46 -50.72
C ILE D 246 -37.22 22.99 -50.45
N LEU D 247 -37.63 21.92 -51.11
CA LEU D 247 -38.97 21.40 -50.93
C LEU D 247 -39.01 20.44 -49.76
N GLY D 248 -39.92 20.69 -48.83
CA GLY D 248 -40.10 19.83 -47.67
C GLY D 248 -41.17 18.77 -47.91
N VAL D 249 -41.35 17.89 -46.93
CA VAL D 249 -42.25 16.75 -47.06
C VAL D 249 -43.67 17.15 -47.47
N LYS D 250 -44.22 18.18 -46.84
CA LYS D 250 -45.58 18.62 -47.13
C LYS D 250 -45.73 19.06 -48.59
N GLU D 251 -44.74 19.78 -49.09
CA GLU D 251 -44.73 20.17 -50.50
C GLU D 251 -44.58 18.94 -51.40
N LEU D 252 -43.72 18.01 -50.99
CA LEU D 252 -43.48 16.79 -51.75
C LEU D 252 -44.73 15.92 -51.80
N GLU D 253 -45.44 15.86 -50.68
CA GLU D 253 -46.73 15.15 -50.62
C GLU D 253 -47.72 15.80 -51.58
N GLU D 254 -47.72 17.12 -51.62
CA GLU D 254 -48.63 17.87 -52.48
C GLU D 254 -48.32 17.64 -53.96
N LEU D 255 -47.03 17.49 -54.28
CA LEU D 255 -46.61 17.21 -55.65
C LEU D 255 -46.73 15.73 -55.96
N LYS D 256 -47.16 14.96 -54.95
CA LYS D 256 -47.44 13.53 -55.08
C LYS D 256 -46.23 12.71 -55.51
N MET D 257 -45.05 13.06 -54.98
CA MET D 257 -43.84 12.28 -55.26
C MET D 257 -43.78 11.03 -54.39
N GLY D 258 -44.65 10.06 -54.68
CA GLY D 258 -44.76 8.86 -53.89
C GLY D 258 -43.56 7.94 -53.94
N ALA D 259 -42.89 7.88 -55.09
CA ALA D 259 -41.73 7.02 -55.25
C ALA D 259 -40.57 7.52 -54.39
N TYR D 260 -40.30 8.83 -54.50
CA TYR D 260 -39.23 9.47 -53.75
C TYR D 260 -39.51 9.46 -52.25
N LEU D 261 -40.74 9.79 -51.88
CA LEU D 261 -41.11 9.83 -50.47
C LEU D 261 -41.06 8.45 -49.83
N SER D 262 -41.41 7.41 -50.59
CA SER D 262 -41.41 6.04 -50.08
C SER D 262 -40.03 5.60 -49.59
N VAL D 263 -39.00 6.00 -50.33
CA VAL D 263 -37.62 5.61 -50.01
C VAL D 263 -37.17 6.18 -48.67
N GLY D 264 -37.61 7.40 -48.36
CA GLY D 264 -37.20 8.07 -47.14
C GLY D 264 -38.03 7.75 -45.90
N LYS D 265 -39.09 6.97 -46.06
CA LYS D 265 -40.03 6.69 -44.98
C LYS D 265 -39.37 6.15 -43.70
N GLY D 266 -38.32 5.35 -43.88
CA GLY D 266 -37.66 4.72 -42.76
C GLY D 266 -36.56 5.53 -42.12
N SER D 267 -36.32 6.73 -42.63
CA SER D 267 -35.24 7.59 -42.13
C SER D 267 -35.72 8.55 -41.04
N MET D 268 -34.81 8.90 -40.13
CA MET D 268 -35.10 9.88 -39.09
C MET D 268 -34.97 11.30 -39.64
N TYR D 269 -34.40 11.44 -40.82
CA TYR D 269 -34.26 12.73 -41.48
C TYR D 269 -35.34 12.91 -42.55
N PRO D 270 -36.07 14.03 -42.49
CA PRO D 270 -37.08 14.34 -43.50
C PRO D 270 -36.47 14.51 -44.89
N ASN D 271 -37.19 14.06 -45.92
CA ASN D 271 -36.74 14.27 -47.29
C ASN D 271 -36.60 15.74 -47.62
N LYS D 272 -35.56 16.09 -48.38
CA LYS D 272 -35.35 17.46 -48.82
C LYS D 272 -35.01 17.50 -50.31
N PHE D 273 -35.86 18.16 -51.10
CA PHE D 273 -35.63 18.27 -52.53
C PHE D 273 -34.90 19.58 -52.83
N ILE D 274 -33.65 19.47 -53.30
CA ILE D 274 -32.84 20.63 -53.64
C ILE D 274 -33.11 21.13 -55.05
N HIS D 275 -33.42 22.41 -55.18
CA HIS D 275 -33.59 23.03 -56.48
C HIS D 275 -32.86 24.38 -56.52
N LEU D 276 -31.69 24.39 -57.14
CA LEU D 276 -30.94 25.63 -57.38
C LEU D 276 -31.09 26.04 -58.83
N THR D 277 -30.96 27.34 -59.10
CA THR D 277 -31.09 27.84 -60.46
C THR D 277 -30.07 28.92 -60.79
N TYR D 278 -29.37 28.74 -61.90
CA TYR D 278 -28.58 29.81 -62.48
C TYR D 278 -29.28 30.35 -63.71
N LYS D 279 -29.45 31.66 -63.77
CA LYS D 279 -30.04 32.28 -64.96
C LYS D 279 -29.13 33.39 -65.47
N SER D 280 -28.80 33.32 -66.75
CA SER D 280 -27.92 34.30 -67.37
C SER D 280 -28.55 35.68 -67.37
N LYS D 281 -27.71 36.72 -67.35
CA LYS D 281 -28.17 38.09 -67.35
C LYS D 281 -28.88 38.43 -68.67
N GLY D 282 -28.38 37.87 -69.77
CA GLY D 282 -28.91 38.17 -71.09
C GLY D 282 -30.02 37.23 -71.54
N ASP D 283 -30.22 37.15 -72.85
CA ASP D 283 -31.26 36.31 -73.45
C ASP D 283 -31.05 34.83 -73.13
N VAL D 284 -32.11 34.17 -72.66
CA VAL D 284 -32.02 32.73 -72.39
C VAL D 284 -32.33 31.94 -73.66
N LYS D 285 -31.34 31.21 -74.17
CA LYS D 285 -31.50 30.49 -75.42
C LYS D 285 -31.50 28.97 -75.24
N LYS D 286 -31.04 28.51 -74.07
CA LYS D 286 -31.04 27.08 -73.77
C LYS D 286 -31.31 26.83 -72.29
N LYS D 287 -32.20 25.88 -72.01
CA LYS D 287 -32.52 25.52 -70.64
C LYS D 287 -32.12 24.07 -70.36
N ILE D 288 -31.38 23.88 -69.27
CA ILE D 288 -30.88 22.55 -68.90
C ILE D 288 -31.26 22.20 -67.47
N ALA D 289 -31.63 20.95 -67.25
CA ALA D 289 -31.82 20.44 -65.89
C ALA D 289 -30.77 19.39 -65.57
N LEU D 290 -30.01 19.62 -64.50
CA LEU D 290 -29.05 18.63 -64.03
C LEU D 290 -29.60 17.95 -62.78
N VAL D 291 -29.68 16.62 -62.84
CA VAL D 291 -30.30 15.83 -61.78
C VAL D 291 -29.30 14.88 -61.14
N GLY D 292 -29.08 15.02 -59.84
CA GLY D 292 -28.15 14.17 -59.14
C GLY D 292 -28.83 13.26 -58.14
N LYS D 293 -28.51 11.97 -58.17
CA LYS D 293 -29.00 11.04 -57.16
C LYS D 293 -28.42 11.42 -55.80
N GLY D 294 -29.29 11.62 -54.82
CA GLY D 294 -28.85 12.10 -53.51
C GLY D 294 -29.26 11.21 -52.34
N ILE D 295 -28.71 9.99 -52.32
CA ILE D 295 -28.92 9.11 -51.18
C ILE D 295 -27.76 9.28 -50.20
N THR D 296 -28.02 9.90 -49.06
CA THR D 296 -26.96 10.23 -48.12
C THR D 296 -26.43 8.99 -47.41
N PHE D 297 -27.23 7.95 -47.34
CA PHE D 297 -26.74 6.62 -46.98
C PHE D 297 -27.66 5.55 -47.52
N ASP D 298 -27.07 4.58 -48.20
CA ASP D 298 -27.84 3.47 -48.76
C ASP D 298 -27.56 2.19 -47.98
N SER D 299 -28.41 1.89 -47.00
CA SER D 299 -28.29 0.65 -46.25
C SER D 299 -28.82 -0.52 -47.07
N GLY D 300 -29.66 -0.20 -48.04
CA GLY D 300 -30.31 -1.22 -48.85
C GLY D 300 -31.78 -1.37 -48.47
N GLY D 301 -32.13 -0.85 -47.30
CA GLY D 301 -33.47 -1.04 -46.79
C GLY D 301 -33.63 -2.47 -46.31
N TYR D 302 -34.85 -2.99 -46.37
CA TYR D 302 -35.09 -4.37 -45.94
C TYR D 302 -34.36 -5.36 -46.84
N ASN D 303 -34.09 -4.96 -48.08
CA ASN D 303 -33.11 -5.66 -48.90
C ASN D 303 -31.71 -5.22 -48.51
N LEU D 304 -31.36 -5.49 -47.25
CA LEU D 304 -30.13 -5.00 -46.64
C LEU D 304 -28.87 -5.46 -47.37
N LYS D 305 -27.90 -4.55 -47.49
CA LYS D 305 -26.60 -4.90 -48.07
C LYS D 305 -25.81 -5.77 -47.10
N ALA D 306 -26.11 -7.06 -47.10
CA ALA D 306 -25.46 -8.00 -46.21
C ALA D 306 -24.63 -9.03 -46.98
N ALA D 307 -24.83 -9.09 -48.29
CA ALA D 307 -24.09 -10.01 -49.14
C ALA D 307 -22.62 -9.64 -49.18
N PRO D 308 -21.73 -10.64 -49.24
CA PRO D 308 -20.30 -10.40 -49.39
C PRO D 308 -19.99 -9.53 -50.60
N GLY D 309 -19.22 -8.46 -50.41
CA GLY D 309 -18.88 -7.57 -51.51
C GLY D 309 -19.88 -6.45 -51.74
N SER D 310 -20.97 -6.43 -50.97
CA SER D 310 -21.97 -5.37 -51.13
C SER D 310 -21.45 -4.04 -50.57
N MET D 311 -20.45 -4.12 -49.71
CA MET D 311 -19.71 -2.96 -49.23
C MET D 311 -20.59 -1.85 -48.65
N ILE D 312 -21.34 -2.19 -47.59
CA ILE D 312 -22.28 -1.25 -46.99
C ILE D 312 -21.54 -0.04 -46.42
N ASP D 313 -20.28 -0.22 -46.03
CA ASP D 313 -19.50 0.85 -45.42
C ASP D 313 -19.10 1.95 -46.40
N LEU D 314 -19.35 1.72 -47.69
CA LEU D 314 -19.01 2.70 -48.72
C LEU D 314 -20.17 3.66 -48.98
N MET D 315 -21.36 3.28 -48.51
CA MET D 315 -22.60 3.84 -49.05
C MET D 315 -22.95 5.26 -48.59
N LYS D 316 -22.00 5.93 -47.94
CA LYS D 316 -22.13 7.37 -47.74
C LYS D 316 -21.92 8.08 -49.09
N PHE D 317 -21.40 7.34 -50.07
CA PHE D 317 -21.05 7.88 -51.38
C PHE D 317 -22.24 7.87 -52.35
N ASP D 318 -23.41 7.42 -51.87
CA ASP D 318 -24.57 7.25 -52.74
C ASP D 318 -25.24 8.58 -53.07
N MET D 319 -24.66 9.68 -52.61
CA MET D 319 -25.11 11.01 -53.00
C MET D 319 -24.09 11.69 -53.90
N SER D 320 -23.19 10.88 -54.48
CA SER D 320 -22.15 11.38 -55.38
C SER D 320 -22.72 12.14 -56.58
N GLY D 321 -23.86 11.69 -57.07
CA GLY D 321 -24.52 12.36 -58.18
C GLY D 321 -24.95 13.75 -57.78
N CYS D 322 -25.55 13.86 -56.59
CA CYS D 322 -25.93 15.15 -56.03
C CYS D 322 -24.71 16.05 -55.85
N ALA D 323 -23.62 15.48 -55.36
CA ALA D 323 -22.39 16.23 -55.12
C ALA D 323 -21.80 16.81 -56.40
N ALA D 324 -21.85 16.01 -57.48
CA ALA D 324 -21.36 16.44 -58.78
C ALA D 324 -22.18 17.61 -59.32
N VAL D 325 -23.49 17.52 -59.15
CA VAL D 325 -24.39 18.58 -59.59
C VAL D 325 -24.16 19.88 -58.81
N LEU D 326 -23.95 19.75 -57.50
CA LEU D 326 -23.67 20.91 -56.65
C LEU D 326 -22.29 21.49 -56.97
N GLY D 327 -21.33 20.61 -57.26
CA GLY D 327 -20.00 21.04 -57.66
C GLY D 327 -20.07 21.80 -58.96
N CYS D 328 -20.89 21.33 -59.87
CA CYS D 328 -21.12 22.01 -61.15
C CYS D 328 -21.78 23.36 -60.92
N ALA D 329 -22.69 23.41 -59.94
CA ALA D 329 -23.34 24.67 -59.58
C ALA D 329 -22.30 25.71 -59.18
N TYR D 330 -21.30 25.29 -58.41
CA TYR D 330 -20.22 26.20 -58.05
C TYR D 330 -19.48 26.71 -59.28
N CYS D 331 -19.09 25.80 -60.18
CA CYS D 331 -18.35 26.18 -61.37
C CYS D 331 -19.17 27.10 -62.27
N VAL D 332 -20.43 26.77 -62.48
CA VAL D 332 -21.31 27.58 -63.33
C VAL D 332 -21.60 28.94 -62.69
N GLY D 333 -21.82 28.95 -61.38
CA GLY D 333 -22.11 30.17 -60.67
C GLY D 333 -20.90 31.10 -60.61
N THR D 334 -19.71 30.52 -60.80
CA THR D 334 -18.47 31.28 -60.72
C THR D 334 -18.05 31.78 -62.09
N LEU D 335 -18.19 30.93 -63.10
CA LEU D 335 -17.77 31.27 -64.45
C LEU D 335 -18.84 32.07 -65.19
N LYS D 336 -20.07 31.96 -64.70
CA LYS D 336 -21.21 32.72 -65.21
C LYS D 336 -21.37 32.72 -66.73
N PRO D 337 -21.72 31.55 -67.30
CA PRO D 337 -21.96 31.46 -68.75
C PRO D 337 -23.17 32.29 -69.18
N GLU D 338 -23.19 32.68 -70.45
CA GLU D 338 -24.27 33.52 -70.96
C GLU D 338 -25.27 32.73 -71.79
N ASN D 339 -26.48 33.26 -71.87
CA ASN D 339 -27.56 32.71 -72.68
C ASN D 339 -28.01 31.32 -72.27
N VAL D 340 -27.88 30.98 -70.99
CA VAL D 340 -28.29 29.67 -70.52
C VAL D 340 -29.01 29.76 -69.17
N GLU D 341 -29.98 28.87 -68.98
CA GLU D 341 -30.64 28.72 -67.70
C GLU D 341 -30.49 27.28 -67.23
N ILE D 342 -29.87 27.10 -66.08
CA ILE D 342 -29.59 25.76 -65.57
C ILE D 342 -30.24 25.52 -64.23
N HIS D 343 -30.95 24.41 -64.12
CA HIS D 343 -31.55 23.97 -62.87
C HIS D 343 -30.74 22.82 -62.29
N PHE D 344 -30.33 22.96 -61.03
CA PHE D 344 -29.58 21.93 -60.34
C PHE D 344 -30.50 21.23 -59.35
N LEU D 345 -30.81 19.97 -59.63
CA LEU D 345 -31.85 19.26 -58.88
C LEU D 345 -31.33 18.00 -58.19
N SER D 346 -31.84 17.75 -56.99
CA SER D 346 -31.57 16.48 -56.30
C SER D 346 -32.64 16.14 -55.27
N ALA D 347 -33.25 14.98 -55.45
CA ALA D 347 -34.22 14.45 -54.49
C ALA D 347 -33.46 13.71 -53.39
N VAL D 348 -33.16 14.42 -52.31
CA VAL D 348 -32.28 13.90 -51.27
C VAL D 348 -33.05 13.16 -50.17
N CYS D 349 -32.60 11.95 -49.84
CA CYS D 349 -33.17 11.18 -48.75
C CYS D 349 -32.19 10.13 -48.25
N GLU D 350 -32.60 9.38 -47.23
CA GLU D 350 -31.76 8.31 -46.67
C GLU D 350 -32.53 6.98 -46.69
N ASN D 351 -31.84 5.91 -47.05
CA ASN D 351 -32.47 4.59 -47.21
C ASN D 351 -32.16 3.68 -46.04
N MET D 352 -33.12 3.55 -45.12
CA MET D 352 -32.86 2.89 -43.83
C MET D 352 -33.80 1.73 -43.52
N VAL D 353 -33.46 1.00 -42.46
CA VAL D 353 -34.28 -0.10 -41.96
C VAL D 353 -34.99 0.32 -40.68
N SER D 354 -36.32 0.17 -40.68
CA SER D 354 -37.14 0.73 -39.61
C SER D 354 -38.54 0.13 -39.64
N LYS D 355 -39.31 0.36 -38.58
CA LYS D 355 -40.72 -0.02 -38.59
C LYS D 355 -41.44 0.78 -39.67
N ASN D 356 -40.91 1.97 -39.96
CA ASN D 356 -41.54 2.91 -40.89
C ASN D 356 -41.11 2.75 -42.35
N SER D 357 -40.09 1.93 -42.60
CA SER D 357 -39.54 1.77 -43.95
C SER D 357 -40.54 1.17 -44.93
N TYR D 358 -40.34 1.42 -46.22
CA TYR D 358 -41.14 0.75 -47.24
C TYR D 358 -40.64 -0.68 -47.41
N ARG D 359 -41.48 -1.54 -47.95
CA ARG D 359 -41.20 -2.97 -48.02
C ARG D 359 -41.02 -3.44 -49.46
N PRO D 360 -40.24 -4.52 -49.64
CA PRO D 360 -40.25 -5.18 -50.94
C PRO D 360 -41.67 -5.64 -51.26
N GLY D 361 -42.11 -5.44 -52.49
CA GLY D 361 -43.45 -5.82 -52.87
C GLY D 361 -44.45 -4.67 -52.83
N ASP D 362 -44.12 -3.64 -52.05
CA ASP D 362 -44.97 -2.46 -51.95
C ASP D 362 -45.22 -1.85 -53.33
N ILE D 363 -46.45 -1.43 -53.58
CA ILE D 363 -46.76 -0.71 -54.80
C ILE D 363 -46.95 0.77 -54.49
N ILE D 364 -46.14 1.59 -55.13
CA ILE D 364 -46.13 3.03 -54.87
C ILE D 364 -46.44 3.81 -56.14
N THR D 365 -46.94 5.04 -55.98
CA THR D 365 -47.38 5.82 -57.12
C THR D 365 -46.52 7.08 -57.32
N ALA D 366 -45.88 7.16 -58.48
CA ALA D 366 -45.03 8.30 -58.80
C ALA D 366 -45.86 9.55 -59.10
N SER D 367 -45.19 10.69 -59.23
CA SER D 367 -45.87 11.97 -59.39
C SER D 367 -46.49 12.14 -60.78
N ASN D 368 -46.18 11.26 -61.71
CA ASN D 368 -46.81 11.30 -63.03
C ASN D 368 -47.96 10.30 -63.13
N GLY D 369 -48.28 9.67 -62.00
CA GLY D 369 -49.42 8.78 -61.92
C GLY D 369 -49.10 7.31 -62.09
N LYS D 370 -47.88 6.99 -62.54
CA LYS D 370 -47.49 5.61 -62.76
C LYS D 370 -47.30 4.86 -61.45
N THR D 371 -47.94 3.69 -61.35
CA THR D 371 -47.77 2.84 -60.18
C THR D 371 -46.56 1.92 -60.38
N ILE D 372 -45.78 1.76 -59.32
CA ILE D 372 -44.53 1.02 -59.39
C ILE D 372 -44.46 -0.09 -58.35
N GLU D 373 -44.25 -1.32 -58.81
CA GLU D 373 -44.06 -2.44 -57.89
C GLU D 373 -42.60 -2.59 -57.48
N VAL D 374 -42.34 -2.44 -56.18
CA VAL D 374 -40.99 -2.52 -55.65
C VAL D 374 -40.54 -3.98 -55.48
N GLY D 375 -39.56 -4.39 -56.27
CA GLY D 375 -39.04 -5.74 -56.18
C GLY D 375 -37.85 -5.81 -55.23
N ASN D 376 -37.18 -4.68 -55.05
CA ASN D 376 -35.97 -4.61 -54.25
C ASN D 376 -35.78 -3.21 -53.69
N THR D 377 -35.81 -3.09 -52.36
CA THR D 377 -35.71 -1.78 -51.72
C THR D 377 -34.35 -1.15 -51.90
N ASP D 378 -33.37 -1.94 -52.36
CA ASP D 378 -32.02 -1.44 -52.57
C ASP D 378 -31.85 -0.88 -53.99
N ALA D 379 -32.90 -0.99 -54.79
CA ALA D 379 -32.93 -0.30 -56.08
C ALA D 379 -33.66 1.03 -55.90
N GLU D 380 -33.25 1.77 -54.88
CA GLU D 380 -34.00 2.95 -54.44
C GLU D 380 -33.64 4.20 -55.24
N GLY D 381 -32.48 4.18 -55.88
CA GLY D 381 -32.02 5.33 -56.63
C GLY D 381 -32.97 5.72 -57.75
N ARG D 382 -33.41 4.74 -58.53
CA ARG D 382 -34.24 5.00 -59.70
C ARG D 382 -35.63 5.47 -59.29
N LEU D 383 -36.04 5.13 -58.07
CA LEU D 383 -37.33 5.58 -57.54
C LEU D 383 -37.28 7.08 -57.25
N THR D 384 -36.21 7.53 -56.60
CA THR D 384 -36.04 8.95 -56.32
C THR D 384 -35.83 9.73 -57.61
N LEU D 385 -35.08 9.15 -58.54
CA LEU D 385 -34.83 9.80 -59.82
C LEU D 385 -36.10 9.93 -60.64
N ALA D 386 -36.98 8.93 -60.51
CA ALA D 386 -38.24 8.91 -61.26
C ALA D 386 -39.07 10.16 -60.98
N ASP D 387 -39.22 10.49 -59.71
CA ASP D 387 -39.97 11.69 -59.33
C ASP D 387 -39.19 12.96 -59.66
N ALA D 388 -37.87 12.89 -59.57
CA ALA D 388 -37.01 14.02 -59.91
C ALA D 388 -37.10 14.34 -61.41
N LEU D 389 -37.15 13.29 -62.23
CA LEU D 389 -37.24 13.45 -63.68
C LEU D 389 -38.58 14.05 -64.09
N VAL D 390 -39.65 13.66 -63.40
CA VAL D 390 -40.96 14.23 -63.65
C VAL D 390 -40.96 15.72 -63.27
N TYR D 391 -40.28 16.04 -62.18
CA TYR D 391 -40.14 17.42 -61.73
C TYR D 391 -39.38 18.25 -62.76
N ALA D 392 -38.31 17.65 -63.31
CA ALA D 392 -37.44 18.34 -64.25
C ALA D 392 -38.15 18.65 -65.56
N GLU D 393 -38.90 17.69 -66.09
CA GLU D 393 -39.56 17.88 -67.38
C GLU D 393 -40.66 18.94 -67.29
N LYS D 394 -41.25 19.08 -66.10
CA LYS D 394 -42.26 20.10 -65.87
C LYS D 394 -41.68 21.52 -65.98
N LEU D 395 -40.37 21.64 -65.76
CA LEU D 395 -39.70 22.94 -65.87
C LEU D 395 -39.68 23.43 -67.31
N GLY D 396 -39.82 22.51 -68.25
CA GLY D 396 -39.79 22.85 -69.67
C GLY D 396 -38.39 23.20 -70.13
N VAL D 397 -37.48 22.24 -70.03
CA VAL D 397 -36.10 22.47 -70.43
C VAL D 397 -35.79 21.79 -71.76
N ASP D 398 -34.63 22.09 -72.32
CA ASP D 398 -34.22 21.52 -73.60
C ASP D 398 -33.52 20.18 -73.39
N TYR D 399 -32.71 20.12 -72.33
CA TYR D 399 -31.97 18.89 -72.01
C TYR D 399 -32.16 18.50 -70.56
N ILE D 400 -32.32 17.21 -70.31
CA ILE D 400 -32.28 16.69 -68.95
C ILE D 400 -31.13 15.70 -68.84
N VAL D 401 -30.21 15.98 -67.92
CA VAL D 401 -29.09 15.07 -67.67
C VAL D 401 -29.09 14.65 -66.21
N ASP D 402 -29.22 13.35 -65.96
CA ASP D 402 -29.08 12.86 -64.60
C ASP D 402 -27.74 12.18 -64.43
N ILE D 403 -27.24 12.17 -63.21
CA ILE D 403 -25.97 11.52 -62.89
C ILE D 403 -26.13 10.82 -61.54
N ALA D 404 -25.77 9.55 -61.49
CA ALA D 404 -26.16 8.72 -60.35
C ALA D 404 -25.28 7.50 -60.14
N THR D 405 -25.00 7.21 -58.87
CA THR D 405 -24.39 5.94 -58.48
C THR D 405 -25.48 4.87 -58.50
N LEU D 406 -25.91 4.49 -59.70
CA LEU D 406 -27.16 3.73 -59.84
C LEU D 406 -26.99 2.21 -59.75
N THR D 407 -26.09 1.63 -60.52
CA THR D 407 -26.01 0.16 -60.56
C THR D 407 -24.60 -0.38 -60.33
N GLY D 408 -24.49 -1.37 -59.46
CA GLY D 408 -23.22 -2.01 -59.18
C GLY D 408 -22.62 -2.71 -60.39
N ALA D 409 -23.46 -3.02 -61.36
CA ALA D 409 -23.05 -3.76 -62.55
C ALA D 409 -22.03 -2.99 -63.41
N MET D 410 -21.98 -1.68 -63.22
CA MET D 410 -21.02 -0.85 -63.94
C MET D 410 -19.59 -1.32 -63.69
N LEU D 411 -19.37 -1.85 -62.48
CA LEU D 411 -18.10 -2.43 -62.12
C LEU D 411 -17.72 -3.60 -63.03
N TYR D 412 -18.72 -4.29 -63.55
CA TYR D 412 -18.48 -5.46 -64.39
C TYR D 412 -18.52 -5.14 -65.88
N SER D 413 -18.98 -3.93 -66.21
CA SER D 413 -19.09 -3.54 -67.61
C SER D 413 -17.94 -2.60 -68.04
N LEU D 414 -17.90 -1.41 -67.46
CA LEU D 414 -16.89 -0.43 -67.85
C LEU D 414 -15.78 -0.30 -66.81
N GLY D 415 -16.07 -0.68 -65.58
CA GLY D 415 -15.06 -0.71 -64.53
C GLY D 415 -15.02 0.53 -63.68
N THR D 416 -13.84 0.87 -63.19
CA THR D 416 -13.68 1.98 -62.25
C THR D 416 -13.18 3.27 -62.90
N SER D 417 -12.91 3.24 -64.20
CA SER D 417 -12.37 4.41 -64.90
C SER D 417 -13.40 5.14 -65.74
N TYR D 418 -14.19 4.38 -66.50
CA TYR D 418 -15.16 4.96 -67.41
C TYR D 418 -16.57 4.85 -66.87
N ALA D 419 -17.28 5.97 -66.85
CA ALA D 419 -18.70 5.96 -66.50
C ALA D 419 -19.51 5.64 -67.75
N GLY D 420 -20.75 5.21 -67.56
CA GLY D 420 -21.61 4.89 -68.69
C GLY D 420 -22.69 5.91 -68.91
N VAL D 421 -22.98 6.22 -70.17
CA VAL D 421 -24.06 7.14 -70.48
C VAL D 421 -25.10 6.46 -71.38
N PHE D 422 -26.36 6.65 -71.02
CA PHE D 422 -27.50 6.13 -71.76
C PHE D 422 -28.39 7.32 -72.11
N GLY D 423 -29.24 7.19 -73.12
CA GLY D 423 -30.11 8.30 -73.48
C GLY D 423 -31.18 8.01 -74.52
N ASN D 424 -32.08 8.97 -74.70
CA ASN D 424 -33.16 8.85 -75.67
C ASN D 424 -32.94 9.75 -76.88
N ASN D 425 -31.81 10.45 -76.88
CA ASN D 425 -31.52 11.45 -77.91
C ASN D 425 -30.04 11.42 -78.29
N GLU D 426 -29.75 11.08 -79.54
CA GLU D 426 -28.38 10.88 -80.00
C GLU D 426 -27.55 12.16 -79.93
N GLU D 427 -28.18 13.31 -80.22
CA GLU D 427 -27.48 14.58 -80.19
C GLU D 427 -27.00 14.90 -78.77
N LEU D 428 -27.87 14.69 -77.80
CA LEU D 428 -27.52 14.94 -76.40
C LEU D 428 -26.40 14.03 -75.94
N ILE D 429 -26.46 12.76 -76.33
CA ILE D 429 -25.42 11.79 -75.99
C ILE D 429 -24.08 12.22 -76.58
N ASN D 430 -24.12 12.70 -77.83
CA ASN D 430 -22.92 13.18 -78.48
C ASN D 430 -22.30 14.37 -77.76
N LYS D 431 -23.14 15.29 -77.29
CA LYS D 431 -22.68 16.44 -76.53
C LYS D 431 -21.99 15.99 -75.24
N ILE D 432 -22.57 14.97 -74.60
CA ILE D 432 -21.98 14.42 -73.39
C ILE D 432 -20.62 13.80 -73.69
N LEU D 433 -20.57 13.01 -74.76
CA LEU D 433 -19.32 12.35 -75.16
C LEU D 433 -18.24 13.38 -75.48
N GLN D 434 -18.63 14.47 -76.11
CA GLN D 434 -17.71 15.56 -76.42
C GLN D 434 -17.26 16.25 -75.14
N SER D 435 -18.18 16.39 -74.19
CA SER D 435 -17.87 17.00 -72.91
C SER D 435 -16.90 16.12 -72.12
N SER D 436 -17.06 14.81 -72.27
CA SER D 436 -16.15 13.86 -71.64
C SER D 436 -14.74 14.02 -72.18
N LYS D 437 -14.65 14.29 -73.48
CA LYS D 437 -13.34 14.44 -74.12
C LYS D 437 -12.62 15.71 -73.68
N THR D 438 -13.35 16.81 -73.53
CA THR D 438 -12.71 18.07 -73.19
C THR D 438 -12.51 18.23 -71.69
N SER D 439 -13.31 17.52 -70.89
CA SER D 439 -13.15 17.57 -69.44
C SER D 439 -12.13 16.53 -68.98
N ASN D 440 -11.82 15.58 -69.87
CA ASN D 440 -10.98 14.42 -69.57
C ASN D 440 -11.53 13.53 -68.46
N GLU D 441 -12.84 13.61 -68.23
CA GLU D 441 -13.54 12.64 -67.39
C GLU D 441 -14.20 11.61 -68.29
N PRO D 442 -13.63 10.40 -68.36
CA PRO D 442 -14.02 9.43 -69.40
C PRO D 442 -15.41 8.82 -69.21
N VAL D 443 -16.17 8.81 -70.30
CA VAL D 443 -17.51 8.23 -70.34
C VAL D 443 -17.63 7.38 -71.61
N TRP D 444 -18.43 6.32 -71.56
CA TRP D 444 -18.67 5.49 -72.74
C TRP D 444 -20.17 5.28 -72.98
N TRP D 445 -20.58 5.42 -74.24
CA TRP D 445 -21.98 5.29 -74.61
C TRP D 445 -22.44 3.84 -74.55
N LEU D 446 -23.44 3.58 -73.71
CA LEU D 446 -24.04 2.24 -73.62
C LEU D 446 -25.49 2.28 -74.11
N PRO D 447 -25.99 1.15 -74.65
CA PRO D 447 -27.31 1.15 -75.30
C PRO D 447 -28.48 0.93 -74.35
N ILE D 448 -29.61 1.56 -74.67
CA ILE D 448 -30.88 1.21 -74.06
C ILE D 448 -31.58 0.23 -74.98
N ILE D 449 -31.52 -1.05 -74.64
CA ILE D 449 -32.01 -2.10 -75.51
C ILE D 449 -33.50 -2.37 -75.24
N ASN D 450 -34.33 -1.99 -76.21
CA ASN D 450 -35.78 -2.01 -76.04
C ASN D 450 -36.38 -3.40 -75.81
N GLU D 451 -35.69 -4.44 -76.29
CA GLU D 451 -36.19 -5.80 -76.15
C GLU D 451 -36.31 -6.19 -74.68
N TYR D 452 -35.54 -5.53 -73.82
CA TYR D 452 -35.54 -5.83 -72.40
C TYR D 452 -36.71 -5.17 -71.67
N ARG D 453 -37.38 -4.22 -72.32
CA ARG D 453 -38.44 -3.45 -71.68
C ARG D 453 -39.56 -4.33 -71.14
N ALA D 454 -39.85 -5.42 -71.84
CA ALA D 454 -40.94 -6.32 -71.45
C ALA D 454 -40.74 -6.88 -70.04
N THR D 455 -39.49 -6.92 -69.58
CA THR D 455 -39.18 -7.45 -68.26
C THR D 455 -39.70 -6.56 -67.13
N LEU D 456 -40.05 -5.32 -67.45
CA LEU D 456 -40.54 -4.38 -66.44
C LEU D 456 -42.06 -4.38 -66.37
N ASN D 457 -42.70 -5.20 -67.20
CA ASN D 457 -44.15 -5.33 -67.17
C ASN D 457 -44.62 -6.01 -65.89
N SER D 458 -45.24 -5.24 -65.01
CA SER D 458 -45.71 -5.77 -63.73
C SER D 458 -47.07 -6.41 -63.88
N LYS D 459 -47.31 -7.48 -63.12
CA LYS D 459 -48.61 -8.15 -63.12
C LYS D 459 -49.70 -7.26 -62.54
N TYR D 460 -49.35 -6.44 -61.55
CA TYR D 460 -50.34 -5.66 -60.81
C TYR D 460 -50.18 -4.15 -60.97
N ALA D 461 -48.94 -3.67 -60.98
CA ALA D 461 -48.68 -2.25 -61.13
C ALA D 461 -48.48 -1.88 -62.59
N ASP D 462 -48.38 -0.59 -62.87
CA ASP D 462 -48.13 -0.13 -64.23
C ASP D 462 -46.79 -0.67 -64.73
N ILE D 463 -45.82 -0.73 -63.83
CA ILE D 463 -44.47 -1.12 -64.21
C ILE D 463 -43.69 -1.68 -63.01
N ASN D 464 -42.74 -2.57 -63.29
CA ASN D 464 -41.83 -3.07 -62.28
C ASN D 464 -40.66 -2.11 -62.04
N GLN D 465 -40.17 -2.09 -60.80
CA GLN D 465 -39.00 -1.31 -60.44
C GLN D 465 -37.74 -1.97 -60.99
N ILE D 466 -37.67 -3.29 -60.88
CA ILE D 466 -36.54 -4.05 -61.41
C ILE D 466 -36.98 -5.26 -62.22
N SER D 467 -36.04 -5.85 -62.94
CA SER D 467 -36.26 -7.13 -63.58
C SER D 467 -36.09 -8.25 -62.58
N SER D 468 -36.56 -9.43 -62.92
CA SER D 468 -36.35 -10.60 -62.07
C SER D 468 -35.24 -11.48 -62.63
N SER D 469 -34.89 -11.27 -63.90
CA SER D 469 -34.00 -12.18 -64.59
C SER D 469 -32.85 -11.53 -65.37
N VAL D 470 -33.18 -10.53 -66.19
CA VAL D 470 -32.29 -9.96 -67.22
C VAL D 470 -30.78 -9.87 -66.91
N LYS D 471 -30.45 -9.47 -65.69
CA LYS D 471 -29.06 -9.34 -65.22
C LYS D 471 -28.30 -8.15 -65.82
N ALA D 472 -28.74 -7.66 -66.98
CA ALA D 472 -28.20 -6.43 -67.54
C ALA D 472 -28.82 -5.24 -66.80
N SER D 473 -28.49 -5.09 -65.53
CA SER D 473 -29.23 -4.19 -64.65
C SER D 473 -29.02 -2.72 -64.97
N SER D 474 -27.87 -2.36 -65.53
CA SER D 474 -27.61 -0.96 -65.86
C SER D 474 -28.52 -0.50 -67.00
N ILE D 475 -28.75 -1.37 -67.97
CA ILE D 475 -29.63 -1.09 -69.08
C ILE D 475 -31.10 -1.11 -68.64
N VAL D 476 -31.45 -2.09 -67.82
CA VAL D 476 -32.81 -2.19 -67.30
C VAL D 476 -33.17 -0.98 -66.45
N ALA D 477 -32.22 -0.52 -65.64
CA ALA D 477 -32.42 0.67 -64.82
C ALA D 477 -32.67 1.89 -65.71
N SER D 478 -31.98 1.94 -66.84
CA SER D 478 -32.15 3.02 -67.80
C SER D 478 -33.53 2.96 -68.44
N LEU D 479 -33.99 1.74 -68.72
CA LEU D 479 -35.33 1.54 -69.27
C LEU D 479 -36.41 2.02 -68.32
N PHE D 480 -36.19 1.81 -67.02
CA PHE D 480 -37.13 2.29 -66.00
C PHE D 480 -37.19 3.81 -65.99
N LEU D 481 -36.01 4.44 -65.93
CA LEU D 481 -35.91 5.91 -65.90
C LEU D 481 -36.54 6.57 -67.11
N LYS D 482 -36.38 5.94 -68.27
CA LYS D 482 -36.89 6.46 -69.54
C LYS D 482 -38.41 6.63 -69.50
N GLU D 483 -39.07 5.82 -68.67
CA GLU D 483 -40.53 5.87 -68.56
C GLU D 483 -41.03 7.15 -67.91
N PHE D 484 -40.12 7.92 -67.33
CA PHE D 484 -40.50 9.14 -66.62
C PHE D 484 -39.98 10.40 -67.32
N VAL D 485 -39.52 10.23 -68.55
CA VAL D 485 -39.25 11.35 -69.44
C VAL D 485 -40.09 11.14 -70.71
N GLN D 486 -41.08 12.00 -70.90
CA GLN D 486 -42.07 11.76 -71.94
C GLN D 486 -41.72 12.38 -73.29
N ASN D 487 -41.20 13.60 -73.29
CA ASN D 487 -40.95 14.29 -74.55
C ASN D 487 -39.80 15.30 -74.49
N THR D 488 -38.73 14.93 -73.80
CA THR D 488 -37.56 15.79 -73.69
C THR D 488 -36.28 14.99 -73.90
N ALA D 489 -35.32 15.58 -74.60
CA ALA D 489 -33.99 14.98 -74.74
C ALA D 489 -33.41 14.72 -73.37
N TRP D 490 -33.00 13.47 -73.13
CA TRP D 490 -32.56 13.05 -71.81
C TRP D 490 -31.35 12.12 -71.89
N ALA D 491 -30.41 12.33 -70.98
CA ALA D 491 -29.25 11.47 -70.85
C ALA D 491 -29.04 11.07 -69.40
N HIS D 492 -28.45 9.90 -69.19
CA HIS D 492 -28.29 9.32 -67.86
C HIS D 492 -26.86 8.82 -67.70
N ILE D 493 -26.18 9.31 -66.66
CA ILE D 493 -24.78 8.93 -66.43
C ILE D 493 -24.65 8.10 -65.16
N ASP D 494 -24.28 6.84 -65.33
CA ASP D 494 -24.14 5.91 -64.21
C ASP D 494 -22.68 5.91 -63.71
N ILE D 495 -22.47 6.48 -62.53
CA ILE D 495 -21.11 6.63 -62.01
C ILE D 495 -20.86 5.76 -60.79
N ALA D 496 -21.66 4.71 -60.62
CA ALA D 496 -21.54 3.80 -59.49
C ALA D 496 -20.16 3.16 -59.41
N GLY D 497 -19.57 2.89 -60.57
CA GLY D 497 -18.26 2.25 -60.62
C GLY D 497 -17.09 3.20 -60.49
N VAL D 498 -17.25 4.43 -60.96
CA VAL D 498 -16.14 5.36 -61.06
C VAL D 498 -16.08 6.40 -59.96
N SER D 499 -17.14 6.49 -59.16
CA SER D 499 -17.24 7.57 -58.17
C SER D 499 -16.15 7.51 -57.10
N TRP D 500 -15.86 6.30 -56.61
CA TRP D 500 -14.91 6.16 -55.52
C TRP D 500 -13.54 5.68 -55.98
N ASN D 501 -12.50 6.35 -55.48
CA ASN D 501 -11.13 5.95 -55.73
C ASN D 501 -10.69 4.95 -54.66
N PHE D 502 -10.85 3.67 -54.96
CA PHE D 502 -10.61 2.62 -53.97
C PHE D 502 -9.14 2.52 -53.55
N LYS D 503 -8.22 2.78 -54.47
CA LYS D 503 -6.80 2.66 -54.16
C LYS D 503 -6.34 3.77 -53.20
N ALA D 504 -6.88 4.97 -53.39
CA ALA D 504 -6.49 6.12 -52.59
C ALA D 504 -7.44 6.35 -51.41
N ARG D 505 -8.48 5.53 -51.33
CA ARG D 505 -9.46 5.57 -50.24
C ARG D 505 -10.14 6.93 -50.12
N LYS D 506 -10.57 7.50 -51.25
CA LYS D 506 -11.21 8.81 -51.25
C LYS D 506 -12.12 8.99 -52.48
N PRO D 507 -13.02 9.98 -52.45
CA PRO D 507 -13.84 10.23 -53.64
C PRO D 507 -13.02 10.86 -54.76
N LYS D 508 -13.56 10.82 -55.98
CA LYS D 508 -12.93 11.48 -57.12
C LYS D 508 -13.58 12.83 -57.41
N GLY D 509 -14.82 12.99 -56.97
CA GLY D 509 -15.62 14.15 -57.36
C GLY D 509 -15.96 14.07 -58.83
N PHE D 510 -16.12 12.84 -59.33
CA PHE D 510 -16.38 12.58 -60.74
C PHE D 510 -17.68 13.23 -61.20
N GLY D 511 -17.64 13.88 -62.37
CA GLY D 511 -18.83 14.43 -62.97
C GLY D 511 -18.86 15.95 -63.03
N VAL D 512 -18.29 16.60 -62.01
CA VAL D 512 -18.31 18.06 -61.93
C VAL D 512 -17.80 18.73 -63.20
N ARG D 513 -16.61 18.34 -63.63
CA ARG D 513 -15.99 18.98 -64.78
C ARG D 513 -16.68 18.57 -66.08
N LEU D 514 -17.14 17.32 -66.12
CA LEU D 514 -17.90 16.82 -67.27
C LEU D 514 -19.16 17.63 -67.47
N LEU D 515 -19.91 17.85 -66.39
CA LEU D 515 -21.18 18.56 -66.47
C LEU D 515 -20.98 20.04 -66.75
N THR D 516 -19.89 20.61 -66.25
CA THR D 516 -19.59 22.02 -66.46
C THR D 516 -19.19 22.27 -67.91
N GLU D 517 -18.32 21.42 -68.44
CA GLU D 517 -17.95 21.50 -69.85
C GLU D 517 -19.19 21.38 -70.74
N PHE D 518 -20.12 20.53 -70.32
CA PHE D 518 -21.38 20.34 -71.06
C PHE D 518 -22.18 21.65 -71.18
N VAL D 519 -22.31 22.38 -70.09
CA VAL D 519 -23.11 23.60 -70.12
C VAL D 519 -22.33 24.77 -70.75
N LEU D 520 -21.02 24.79 -70.58
CA LEU D 520 -20.19 25.88 -71.09
C LEU D 520 -20.05 25.83 -72.61
N ASN D 521 -19.80 24.63 -73.15
CA ASN D 521 -19.64 24.46 -74.58
C ASN D 521 -20.88 23.84 -75.21
N SER E 5 -59.21 1.33 -35.58
CA SER E 5 -59.45 0.93 -36.97
C SER E 5 -58.95 2.00 -37.95
N GLU E 6 -58.28 3.02 -37.42
CA GLU E 6 -57.64 4.03 -38.24
C GLU E 6 -56.23 3.59 -38.62
N VAL E 7 -55.97 3.49 -39.92
CA VAL E 7 -54.67 3.03 -40.41
C VAL E 7 -53.62 4.13 -40.27
N PRO E 8 -52.57 3.86 -39.48
CA PRO E 8 -51.47 4.82 -39.32
C PRO E 8 -50.71 5.05 -40.62
N GLN E 9 -50.23 6.27 -40.82
CA GLN E 9 -49.48 6.63 -42.02
C GLN E 9 -48.14 7.28 -41.67
N VAL E 10 -47.11 6.97 -42.44
CA VAL E 10 -45.83 7.67 -42.30
C VAL E 10 -45.89 8.97 -43.09
N VAL E 11 -46.37 8.87 -44.33
CA VAL E 11 -46.60 10.04 -45.16
C VAL E 11 -48.07 10.04 -45.63
N SER E 12 -48.53 11.18 -46.13
CA SER E 12 -49.93 11.33 -46.52
C SER E 12 -50.29 10.47 -47.72
N LEU E 13 -49.28 9.99 -48.44
CA LEU E 13 -49.51 9.19 -49.63
C LEU E 13 -49.65 7.70 -49.32
N ASP E 14 -49.43 7.33 -48.06
CA ASP E 14 -49.60 5.94 -47.64
C ASP E 14 -51.08 5.58 -47.64
N PRO E 15 -51.42 4.47 -48.32
CA PRO E 15 -52.80 4.00 -48.41
C PRO E 15 -53.39 3.61 -47.05
N THR E 16 -54.70 3.76 -46.90
CA THR E 16 -55.34 3.52 -45.61
C THR E 16 -56.45 2.48 -45.71
N SER E 17 -56.55 1.82 -46.87
CA SER E 17 -57.47 0.70 -47.03
C SER E 17 -57.03 -0.20 -48.17
N ILE E 18 -57.53 -1.43 -48.15
CA ILE E 18 -57.32 -2.36 -49.24
C ILE E 18 -58.43 -2.23 -50.26
N PRO E 19 -58.10 -1.83 -51.50
CA PRO E 19 -59.12 -1.82 -52.54
C PRO E 19 -59.66 -3.22 -52.77
N ILE E 20 -60.99 -3.37 -52.83
CA ILE E 20 -61.61 -4.66 -53.05
C ILE E 20 -62.67 -4.59 -54.16
N GLU E 21 -62.60 -5.53 -55.10
CA GLU E 21 -63.63 -5.68 -56.10
C GLU E 21 -64.62 -6.76 -55.67
N TYR E 22 -65.85 -6.35 -55.37
CA TYR E 22 -66.89 -7.30 -55.00
C TYR E 22 -67.69 -7.73 -56.23
N ASN E 23 -68.15 -6.75 -57.01
CA ASN E 23 -68.83 -7.02 -58.27
C ASN E 23 -67.84 -7.16 -59.42
N THR E 24 -67.68 -8.39 -59.90
CA THR E 24 -66.75 -8.67 -60.98
C THR E 24 -67.50 -8.99 -62.28
N PRO E 25 -66.84 -8.86 -63.43
CA PRO E 25 -67.49 -9.18 -64.71
C PRO E 25 -67.93 -10.65 -64.79
N ILE E 26 -67.30 -11.51 -64.02
CA ILE E 26 -67.70 -12.92 -63.96
C ILE E 26 -69.15 -13.05 -63.49
N HIS E 27 -69.55 -12.20 -62.56
CA HIS E 27 -70.89 -12.27 -62.01
C HIS E 27 -71.97 -11.87 -63.02
N ASP E 28 -71.55 -11.26 -64.12
CA ASP E 28 -72.49 -10.83 -65.16
C ASP E 28 -72.62 -11.85 -66.29
N ILE E 29 -71.91 -12.96 -66.18
CA ILE E 29 -71.94 -13.99 -67.21
C ILE E 29 -73.15 -14.91 -67.03
N LYS E 30 -73.96 -15.03 -68.07
CA LYS E 30 -75.15 -15.86 -68.04
C LYS E 30 -74.83 -17.28 -68.51
N VAL E 31 -74.92 -18.24 -67.60
CA VAL E 31 -74.54 -19.61 -67.90
C VAL E 31 -75.73 -20.50 -68.23
N GLN E 32 -75.67 -21.15 -69.39
CA GLN E 32 -76.66 -22.14 -69.80
C GLN E 32 -75.97 -23.49 -69.99
N VAL E 33 -76.58 -24.55 -69.46
CA VAL E 33 -76.05 -25.90 -69.65
C VAL E 33 -77.02 -26.75 -70.46
N TYR E 34 -76.54 -27.28 -71.58
CA TYR E 34 -77.38 -28.10 -72.46
C TYR E 34 -76.88 -29.53 -72.52
N ASP E 35 -77.78 -30.46 -72.80
CA ASP E 35 -77.40 -31.85 -72.97
C ASP E 35 -76.82 -32.05 -74.37
N ILE E 36 -75.75 -32.84 -74.45
CA ILE E 36 -75.04 -33.04 -75.71
C ILE E 36 -75.89 -33.82 -76.71
N LYS E 37 -76.93 -34.49 -76.20
CA LYS E 37 -77.87 -35.20 -77.06
C LYS E 37 -78.87 -34.21 -77.66
N GLY E 38 -79.12 -34.35 -78.96
CA GLY E 38 -79.97 -33.42 -79.68
C GLY E 38 -79.12 -32.51 -80.55
N GLY E 39 -77.80 -32.65 -80.41
CA GLY E 39 -76.86 -31.90 -81.22
C GLY E 39 -76.54 -30.54 -80.64
N CYS E 40 -75.48 -29.92 -81.17
CA CYS E 40 -75.04 -28.61 -80.70
C CYS E 40 -75.38 -27.53 -81.72
N ASN E 41 -75.81 -26.38 -81.23
CA ASN E 41 -76.02 -25.23 -82.10
C ASN E 41 -74.81 -24.29 -82.09
N VAL E 42 -74.44 -23.82 -83.27
CA VAL E 42 -73.34 -22.88 -83.42
C VAL E 42 -73.84 -21.63 -84.13
N GLU E 43 -74.18 -20.61 -83.35
CA GLU E 43 -74.83 -19.42 -83.90
C GLU E 43 -73.96 -18.18 -83.79
N GLU E 44 -73.13 -18.12 -82.74
CA GLU E 44 -72.27 -16.96 -82.54
C GLU E 44 -71.12 -17.23 -81.57
N GLY E 45 -70.21 -16.26 -81.47
CA GLY E 45 -69.12 -16.32 -80.53
C GLY E 45 -68.10 -17.40 -80.80
N LEU E 46 -67.54 -17.95 -79.72
CA LEU E 46 -66.53 -18.99 -79.80
C LEU E 46 -67.07 -20.30 -79.29
N THR E 47 -66.89 -21.36 -80.06
CA THR E 47 -67.31 -22.69 -79.64
C THR E 47 -66.09 -23.61 -79.56
N ILE E 48 -65.84 -24.15 -78.38
CA ILE E 48 -64.65 -24.97 -78.15
C ILE E 48 -65.03 -26.39 -77.73
N PHE E 49 -64.49 -27.37 -78.46
CA PHE E 49 -64.68 -28.77 -78.12
C PHE E 49 -63.52 -29.29 -77.27
N LEU E 50 -63.84 -29.85 -76.11
CA LEU E 50 -62.82 -30.49 -75.28
C LEU E 50 -62.67 -31.94 -75.73
N VAL E 51 -61.51 -32.26 -76.31
CA VAL E 51 -61.33 -33.53 -77.00
C VAL E 51 -60.09 -34.28 -76.51
N ASN E 52 -60.23 -35.59 -76.31
CA ASN E 52 -59.09 -36.44 -76.02
C ASN E 52 -58.93 -37.54 -77.08
N ASN E 53 -57.91 -38.39 -76.89
CA ASN E 53 -57.75 -39.55 -77.74
C ASN E 53 -57.07 -40.68 -76.97
N PRO E 54 -57.88 -41.45 -76.23
CA PRO E 54 -57.39 -42.55 -75.37
C PRO E 54 -56.53 -43.56 -76.14
N GLY E 55 -56.84 -43.74 -77.42
CA GLY E 55 -56.15 -44.72 -78.24
C GLY E 55 -54.73 -44.36 -78.63
N LYS E 56 -54.45 -43.06 -78.73
CA LYS E 56 -53.14 -42.62 -79.22
C LYS E 56 -52.63 -41.34 -78.56
N GLU E 57 -51.45 -41.41 -77.97
CA GLU E 57 -50.81 -40.23 -77.39
C GLU E 57 -50.46 -39.23 -78.50
N ASN E 58 -50.86 -37.98 -78.28
CA ASN E 58 -50.78 -36.94 -79.31
C ASN E 58 -51.51 -37.36 -80.58
N GLY E 59 -52.56 -38.15 -80.42
CA GLY E 59 -53.34 -38.63 -81.54
C GLY E 59 -54.15 -37.51 -82.17
N PRO E 60 -54.81 -37.81 -83.30
CA PRO E 60 -55.60 -36.81 -84.05
C PRO E 60 -56.85 -36.35 -83.31
N VAL E 61 -57.29 -35.14 -83.62
CA VAL E 61 -58.54 -34.62 -83.09
C VAL E 61 -59.71 -35.19 -83.88
N LYS E 62 -60.72 -35.68 -83.18
CA LYS E 62 -61.93 -36.18 -83.82
C LYS E 62 -63.16 -35.69 -83.04
N ILE E 63 -64.04 -34.98 -83.72
CA ILE E 63 -65.25 -34.46 -83.11
C ILE E 63 -66.39 -35.46 -83.27
N SER E 64 -67.02 -35.82 -82.17
CA SER E 64 -68.09 -36.83 -82.18
C SER E 64 -69.48 -36.21 -82.17
N SER E 65 -69.61 -35.00 -81.63
CA SER E 65 -70.91 -34.37 -81.47
C SER E 65 -71.51 -33.92 -82.80
N LYS E 66 -72.82 -34.13 -82.95
CA LYS E 66 -73.56 -33.60 -84.09
C LYS E 66 -73.72 -32.09 -83.94
N VAL E 67 -73.33 -31.35 -84.96
CA VAL E 67 -73.49 -29.90 -84.95
C VAL E 67 -74.57 -29.48 -85.93
N ASN E 68 -75.55 -28.72 -85.45
CA ASN E 68 -76.71 -28.38 -86.25
C ASN E 68 -76.47 -27.24 -87.25
N ASP E 69 -75.20 -27.06 -87.61
CA ASP E 69 -74.84 -26.10 -88.65
C ASP E 69 -74.01 -26.82 -89.71
N LYS E 70 -74.45 -26.73 -90.96
CA LYS E 70 -73.80 -27.47 -92.05
C LYS E 70 -72.40 -26.96 -92.37
N GLN E 71 -72.23 -25.64 -92.37
CA GLN E 71 -70.92 -25.03 -92.62
C GLN E 71 -69.90 -25.47 -91.58
N VAL E 72 -70.30 -25.42 -90.31
CA VAL E 72 -69.42 -25.80 -89.20
C VAL E 72 -69.19 -27.31 -89.18
N SER E 73 -70.22 -28.08 -89.50
CA SER E 73 -70.08 -29.53 -89.60
C SER E 73 -69.04 -29.92 -90.63
N GLU E 74 -69.03 -29.20 -91.74
CA GLU E 74 -68.04 -29.42 -92.79
C GLU E 74 -66.62 -29.16 -92.26
N PHE E 75 -66.50 -28.10 -91.47
CA PHE E 75 -65.22 -27.74 -90.86
C PHE E 75 -64.76 -28.82 -89.88
N LEU E 76 -65.71 -29.40 -89.16
CA LEU E 76 -65.41 -30.35 -88.10
C LEU E 76 -65.32 -31.79 -88.58
N LYS E 77 -65.34 -32.00 -89.89
CA LYS E 77 -65.26 -33.36 -90.42
C LYS E 77 -63.88 -33.95 -90.14
N ASP E 78 -63.82 -35.28 -90.04
CA ASP E 78 -62.63 -35.99 -89.60
C ASP E 78 -61.37 -35.66 -90.40
N GLU E 79 -61.55 -35.47 -91.71
CA GLU E 79 -60.42 -35.17 -92.59
C GLU E 79 -59.75 -33.86 -92.24
N ASN E 80 -60.52 -32.90 -91.74
CA ASN E 80 -59.97 -31.61 -91.35
C ASN E 80 -59.34 -31.62 -89.97
N MET E 81 -59.99 -32.27 -89.01
CA MET E 81 -59.57 -32.19 -87.61
C MET E 81 -58.35 -33.06 -87.33
N GLU E 82 -58.12 -34.07 -88.16
CA GLU E 82 -57.02 -35.00 -87.95
C GLU E 82 -55.67 -34.33 -88.21
N LYS E 83 -55.70 -33.15 -88.80
CA LYS E 83 -54.50 -32.34 -89.00
C LYS E 83 -54.05 -31.74 -87.67
N PHE E 84 -54.94 -31.81 -86.67
CA PHE E 84 -54.66 -31.31 -85.34
C PHE E 84 -54.51 -32.47 -84.36
N ASN E 85 -53.82 -32.26 -83.26
CA ASN E 85 -53.64 -33.33 -82.28
C ASN E 85 -54.10 -32.95 -80.86
N VAL E 86 -54.27 -33.95 -80.01
CA VAL E 86 -54.91 -33.75 -78.71
C VAL E 86 -53.96 -33.57 -77.54
N LYS E 87 -52.67 -33.39 -77.81
CA LYS E 87 -51.68 -33.14 -76.76
C LYS E 87 -52.21 -32.10 -75.77
N LEU E 88 -52.13 -32.43 -74.48
CA LEU E 88 -52.75 -31.63 -73.43
C LEU E 88 -52.40 -30.14 -73.52
N GLY E 89 -53.42 -29.31 -73.68
CA GLY E 89 -53.24 -27.87 -73.72
C GLY E 89 -53.10 -27.28 -75.11
N THR E 90 -52.86 -28.13 -76.11
CA THR E 90 -52.78 -27.66 -77.49
C THR E 90 -54.16 -27.22 -77.97
N SER E 91 -54.21 -26.10 -78.69
CA SER E 91 -55.49 -25.61 -79.20
C SER E 91 -55.37 -24.97 -80.57
N LYS E 92 -56.47 -25.00 -81.31
CA LYS E 92 -56.62 -24.28 -82.57
C LYS E 92 -58.04 -23.74 -82.61
N HIS E 93 -58.22 -22.54 -83.17
CA HIS E 93 -59.58 -22.04 -83.42
C HIS E 93 -59.61 -21.19 -84.69
N PHE E 94 -60.70 -21.33 -85.44
CA PHE E 94 -60.84 -20.68 -86.75
C PHE E 94 -62.08 -19.80 -86.81
N TYR E 95 -61.98 -18.68 -87.52
CA TYR E 95 -63.15 -17.86 -87.82
C TYR E 95 -63.75 -18.25 -89.16
N MET E 96 -65.07 -18.32 -89.21
CA MET E 96 -65.77 -18.73 -90.43
C MET E 96 -67.20 -18.22 -90.42
N PHE E 97 -67.86 -18.30 -91.57
CA PHE E 97 -69.29 -18.00 -91.66
C PHE E 97 -70.10 -19.27 -91.46
N ASN E 98 -71.11 -19.22 -90.60
CA ASN E 98 -71.99 -20.36 -90.42
C ASN E 98 -73.10 -20.34 -91.47
N ASP E 99 -74.13 -21.14 -91.27
CA ASP E 99 -75.21 -21.24 -92.26
C ASP E 99 -75.94 -19.92 -92.47
N ASN E 100 -75.95 -19.05 -91.47
CA ASN E 100 -76.66 -17.79 -91.55
C ASN E 100 -75.76 -16.64 -92.00
N LYS E 101 -74.57 -16.97 -92.48
CA LYS E 101 -73.55 -15.99 -92.85
C LYS E 101 -73.18 -15.09 -91.67
N ASN E 102 -73.30 -15.64 -90.46
CA ASN E 102 -72.84 -14.93 -89.26
C ASN E 102 -71.46 -15.40 -88.86
N SER E 103 -70.61 -14.47 -88.48
CA SER E 103 -69.24 -14.80 -88.10
C SER E 103 -69.20 -15.57 -86.79
N VAL E 104 -68.56 -16.74 -86.83
CA VAL E 104 -68.42 -17.57 -85.63
C VAL E 104 -66.99 -18.12 -85.56
N ALA E 105 -66.53 -18.40 -84.35
CA ALA E 105 -65.24 -19.05 -84.16
C ALA E 105 -65.44 -20.44 -83.57
N VAL E 106 -64.76 -21.43 -84.15
CA VAL E 106 -64.88 -22.81 -83.71
C VAL E 106 -63.50 -23.42 -83.52
N GLY E 107 -63.32 -24.17 -82.44
CA GLY E 107 -62.03 -24.77 -82.17
C GLY E 107 -62.05 -25.91 -81.16
N TYR E 108 -60.89 -26.18 -80.58
CA TYR E 108 -60.76 -27.28 -79.63
C TYR E 108 -59.62 -27.03 -78.65
N VAL E 109 -59.66 -27.74 -77.52
CA VAL E 109 -58.50 -27.81 -76.63
C VAL E 109 -58.16 -29.28 -76.42
N GLY E 110 -56.90 -29.63 -76.68
CA GLY E 110 -56.45 -30.99 -76.49
C GLY E 110 -56.52 -31.39 -75.02
N CYS E 111 -57.10 -32.55 -74.76
CA CYS E 111 -57.20 -33.04 -73.40
C CYS E 111 -56.41 -34.33 -73.22
N GLY E 112 -55.41 -34.53 -74.09
CA GLY E 112 -54.49 -35.65 -73.95
C GLY E 112 -55.10 -37.00 -74.28
N SER E 113 -54.60 -38.04 -73.62
CA SER E 113 -55.01 -39.40 -73.93
C SER E 113 -55.33 -40.23 -72.69
N VAL E 114 -55.51 -39.57 -71.56
CA VAL E 114 -55.97 -40.24 -70.36
C VAL E 114 -57.43 -39.89 -70.11
N ALA E 115 -58.25 -40.92 -69.91
CA ALA E 115 -59.70 -40.76 -69.80
C ALA E 115 -60.11 -39.82 -68.68
N ASP E 116 -59.53 -40.02 -67.50
CA ASP E 116 -59.84 -39.19 -66.34
C ASP E 116 -58.78 -38.11 -66.14
N LEU E 117 -59.18 -36.86 -66.28
CA LEU E 117 -58.27 -35.73 -66.07
C LEU E 117 -58.10 -35.45 -64.58
N SER E 118 -56.87 -35.15 -64.19
CA SER E 118 -56.60 -34.68 -62.83
C SER E 118 -56.85 -33.18 -62.77
N GLU E 119 -56.80 -32.61 -61.56
CA GLU E 119 -57.01 -31.18 -61.40
C GLU E 119 -55.91 -30.38 -62.10
N ALA E 120 -54.72 -30.96 -62.17
CA ALA E 120 -53.60 -30.31 -62.84
C ALA E 120 -53.81 -30.30 -64.35
N ASP E 121 -54.30 -31.41 -64.88
CA ASP E 121 -54.62 -31.52 -66.31
C ASP E 121 -55.71 -30.52 -66.68
N MET E 122 -56.79 -30.52 -65.90
CA MET E 122 -57.94 -29.67 -66.16
C MET E 122 -57.56 -28.19 -66.12
N LYS E 123 -56.65 -27.84 -65.21
CA LYS E 123 -56.20 -26.46 -65.11
C LYS E 123 -55.43 -26.07 -66.37
N ARG E 124 -54.67 -27.02 -66.93
CA ARG E 124 -53.95 -26.79 -68.17
C ARG E 124 -54.93 -26.59 -69.32
N VAL E 125 -56.01 -27.37 -69.33
CA VAL E 125 -57.05 -27.23 -70.33
C VAL E 125 -57.68 -25.84 -70.23
N VAL E 126 -58.00 -25.42 -69.02
CA VAL E 126 -58.63 -24.13 -68.78
C VAL E 126 -57.71 -22.98 -69.19
N LEU E 127 -56.42 -23.09 -68.87
CA LEU E 127 -55.45 -22.06 -69.23
C LEU E 127 -55.40 -21.86 -70.74
N SER E 128 -55.49 -22.96 -71.48
CA SER E 128 -55.52 -22.89 -72.94
C SER E 128 -56.77 -22.16 -73.40
N LEU E 129 -57.88 -22.42 -72.71
CA LEU E 129 -59.16 -21.80 -73.02
C LEU E 129 -59.12 -20.30 -72.74
N VAL E 130 -58.52 -19.93 -71.62
CA VAL E 130 -58.45 -18.53 -71.20
C VAL E 130 -57.58 -17.70 -72.14
N THR E 131 -56.51 -18.32 -72.65
CA THR E 131 -55.65 -17.65 -73.63
C THR E 131 -56.46 -17.21 -74.84
N MET E 132 -57.40 -18.06 -75.27
CA MET E 132 -58.27 -17.71 -76.38
C MET E 132 -59.25 -16.61 -76.02
N LEU E 133 -59.78 -16.66 -74.80
CA LEU E 133 -60.72 -15.64 -74.34
C LEU E 133 -60.06 -14.27 -74.23
N HIS E 134 -58.80 -14.25 -73.79
CA HIS E 134 -58.07 -13.01 -73.64
C HIS E 134 -57.66 -12.41 -74.98
N ASP E 135 -57.65 -13.22 -76.03
CA ASP E 135 -57.17 -12.77 -77.33
C ASP E 135 -58.29 -12.54 -78.34
N ASN E 136 -59.53 -12.72 -77.92
CA ASN E 136 -60.67 -12.52 -78.80
C ASN E 136 -61.77 -11.69 -78.15
N LYS E 137 -62.33 -10.74 -78.90
CA LYS E 137 -63.49 -9.99 -78.42
C LYS E 137 -64.74 -10.82 -78.68
N LEU E 138 -65.32 -11.35 -77.61
CA LEU E 138 -66.43 -12.30 -77.73
C LEU E 138 -67.57 -11.98 -76.77
N SER E 139 -68.80 -12.14 -77.25
CA SER E 139 -69.96 -11.97 -76.40
C SER E 139 -70.36 -13.30 -75.79
N LYS E 140 -69.83 -14.39 -76.34
CA LYS E 140 -70.24 -15.72 -75.94
C LYS E 140 -69.17 -16.79 -76.16
N LEU E 141 -68.98 -17.63 -75.15
CA LEU E 141 -68.16 -18.82 -75.28
C LEU E 141 -69.03 -20.05 -75.07
N THR E 142 -68.87 -21.04 -75.94
CA THR E 142 -69.57 -22.31 -75.77
C THR E 142 -68.54 -23.43 -75.66
N VAL E 143 -68.69 -24.25 -74.63
CA VAL E 143 -67.78 -25.36 -74.40
C VAL E 143 -68.51 -26.69 -74.56
N VAL E 144 -68.00 -27.54 -75.43
CA VAL E 144 -68.57 -28.86 -75.65
C VAL E 144 -67.68 -29.94 -75.03
N PHE E 145 -68.21 -30.62 -74.01
CA PHE E 145 -67.46 -31.66 -73.32
C PHE E 145 -67.54 -33.01 -74.02
N GLU E 146 -66.49 -33.36 -74.76
CA GLU E 146 -66.40 -34.70 -75.34
C GLU E 146 -65.38 -35.51 -74.56
N ILE E 147 -65.30 -35.21 -73.27
CA ILE E 147 -64.48 -35.92 -72.31
C ILE E 147 -65.35 -36.25 -71.10
N ASN E 148 -64.83 -37.07 -70.19
CA ASN E 148 -65.60 -37.43 -69.00
C ASN E 148 -65.15 -36.68 -67.75
N VAL E 149 -66.10 -35.98 -67.12
CA VAL E 149 -65.85 -35.31 -65.85
C VAL E 149 -67.01 -35.57 -64.90
N ASP E 150 -66.71 -35.77 -63.61
CA ASP E 150 -67.78 -35.92 -62.65
C ASP E 150 -68.24 -34.53 -62.21
N LYS E 151 -69.25 -34.49 -61.34
CA LYS E 151 -69.84 -33.21 -60.92
C LYS E 151 -68.85 -32.28 -60.25
N ASN E 152 -67.94 -32.84 -59.46
CA ASN E 152 -66.94 -32.03 -58.75
C ASN E 152 -65.88 -31.46 -59.69
N LEU E 153 -65.48 -32.24 -60.69
CA LEU E 153 -64.48 -31.78 -61.64
C LEU E 153 -65.08 -30.74 -62.58
N PHE E 154 -66.36 -30.90 -62.89
CA PHE E 154 -67.07 -29.92 -63.72
C PHE E 154 -67.15 -28.58 -63.00
N ARG E 155 -67.52 -28.60 -61.73
CA ARG E 155 -67.54 -27.38 -60.93
C ARG E 155 -66.15 -26.76 -60.92
N PHE E 156 -65.14 -27.60 -60.72
CA PHE E 156 -63.74 -27.16 -60.71
C PHE E 156 -63.37 -26.47 -62.02
N PHE E 157 -63.85 -27.01 -63.13
CA PHE E 157 -63.62 -26.43 -64.44
C PHE E 157 -64.16 -25.00 -64.48
N LEU E 158 -65.38 -24.82 -63.98
CA LEU E 158 -66.03 -23.52 -63.96
C LEU E 158 -65.33 -22.54 -63.02
N GLU E 159 -65.00 -23.02 -61.82
CA GLU E 159 -64.29 -22.20 -60.84
C GLU E 159 -62.97 -21.72 -61.37
N THR E 160 -62.22 -22.64 -61.98
CA THR E 160 -60.91 -22.33 -62.52
C THR E 160 -61.03 -21.38 -63.70
N LEU E 161 -62.02 -21.63 -64.56
CA LEU E 161 -62.27 -20.77 -65.71
C LEU E 161 -62.55 -19.34 -65.25
N PHE E 162 -63.49 -19.19 -64.33
CA PHE E 162 -63.84 -17.89 -63.78
C PHE E 162 -62.62 -17.19 -63.17
N TYR E 163 -61.87 -17.92 -62.33
CA TYR E 163 -60.72 -17.36 -61.63
C TYR E 163 -59.62 -16.88 -62.57
N GLU E 164 -59.23 -17.74 -63.50
CA GLU E 164 -58.14 -17.42 -64.42
C GLU E 164 -58.53 -16.37 -65.47
N TYR E 165 -59.81 -16.35 -65.82
CA TYR E 165 -60.36 -15.37 -66.76
C TYR E 165 -60.28 -13.96 -66.18
N MET E 166 -60.58 -13.87 -64.89
CA MET E 166 -60.63 -12.58 -64.20
C MET E 166 -59.25 -11.95 -64.05
N THR E 167 -59.13 -10.67 -64.37
CA THR E 167 -57.86 -9.95 -64.28
C THR E 167 -57.91 -8.86 -63.20
N ASP E 168 -56.98 -8.92 -62.27
CA ASP E 168 -56.93 -7.98 -61.15
C ASP E 168 -56.22 -6.68 -61.56
N GLU E 169 -56.98 -5.60 -61.70
CA GLU E 169 -56.43 -4.34 -62.17
C GLU E 169 -56.50 -3.21 -61.14
N ARG E 170 -56.65 -3.59 -59.87
CA ARG E 170 -56.81 -2.62 -58.79
C ARG E 170 -55.62 -1.66 -58.65
N PHE E 171 -54.45 -2.11 -59.05
CA PHE E 171 -53.25 -1.32 -58.86
C PHE E 171 -52.69 -0.78 -60.17
N LYS E 172 -53.46 -0.96 -61.24
CA LYS E 172 -53.16 -0.34 -62.53
C LYS E 172 -53.64 1.10 -62.51
N SER E 173 -52.85 2.00 -63.10
CA SER E 173 -53.22 3.41 -63.15
C SER E 173 -53.11 3.97 -64.56
N THR E 174 -51.89 4.31 -64.97
CA THR E 174 -51.65 4.86 -66.30
C THR E 174 -50.17 4.85 -66.65
N ASP E 175 -49.74 3.81 -67.37
CA ASP E 175 -48.36 3.71 -67.83
C ASP E 175 -48.20 4.31 -69.22
N MET E 180 -60.85 -5.24 -71.00
CA MET E 180 -62.03 -4.66 -71.62
C MET E 180 -62.86 -5.73 -72.34
N GLU E 181 -64.18 -5.68 -72.12
CA GLU E 181 -65.14 -6.55 -72.79
C GLU E 181 -64.95 -8.03 -72.48
N TYR E 182 -65.61 -8.49 -71.41
CA TYR E 182 -65.69 -9.91 -71.11
C TYR E 182 -66.88 -10.52 -71.84
N ILE E 183 -66.93 -11.84 -71.93
CA ILE E 183 -68.10 -12.51 -72.49
C ILE E 183 -69.29 -12.27 -71.59
N LYS E 184 -70.48 -12.30 -72.16
CA LYS E 184 -71.70 -12.09 -71.39
C LYS E 184 -72.49 -13.39 -71.26
N HIS E 185 -72.11 -14.39 -72.05
CA HIS E 185 -72.81 -15.65 -72.05
C HIS E 185 -71.83 -16.83 -72.08
N LEU E 186 -72.19 -17.90 -71.38
CA LEU E 186 -71.43 -19.13 -71.40
C LEU E 186 -72.37 -20.30 -71.61
N GLY E 187 -72.18 -21.02 -72.71
CA GLY E 187 -72.97 -22.22 -72.97
C GLY E 187 -72.14 -23.46 -72.76
N VAL E 188 -72.74 -24.48 -72.16
CA VAL E 188 -72.03 -25.74 -71.94
C VAL E 188 -72.82 -26.92 -72.48
N TYR E 189 -72.22 -27.66 -73.41
CA TYR E 189 -72.81 -28.90 -73.88
C TYR E 189 -72.12 -30.07 -73.20
N ILE E 190 -72.92 -30.92 -72.54
CA ILE E 190 -72.39 -32.06 -71.80
C ILE E 190 -73.48 -33.13 -71.60
N ASN E 191 -73.09 -34.40 -71.64
CA ASN E 191 -74.02 -35.50 -71.43
C ASN E 191 -74.60 -35.47 -70.01
N ASN E 192 -75.89 -35.73 -69.90
CA ASN E 192 -76.62 -35.61 -68.62
C ASN E 192 -76.49 -34.24 -67.99
N ALA E 193 -76.85 -33.22 -68.75
CA ALA E 193 -76.68 -31.82 -68.35
C ALA E 193 -77.40 -31.48 -67.05
N ASP E 194 -78.54 -32.12 -66.80
CA ASP E 194 -79.37 -31.79 -65.64
C ASP E 194 -78.65 -32.01 -64.31
N THR E 195 -77.79 -33.00 -64.25
CA THR E 195 -77.07 -33.31 -63.01
C THR E 195 -75.93 -32.32 -62.76
N TYR E 196 -75.60 -31.53 -63.78
CA TYR E 196 -74.47 -30.59 -63.67
C TYR E 196 -74.91 -29.15 -63.40
N LYS E 197 -76.18 -28.87 -63.64
CA LYS E 197 -76.69 -27.50 -63.56
C LYS E 197 -76.54 -26.88 -62.16
N GLU E 198 -76.69 -27.68 -61.12
CA GLU E 198 -76.63 -27.17 -59.76
C GLU E 198 -75.21 -26.79 -59.35
N GLU E 199 -74.22 -27.23 -60.12
CA GLU E 199 -72.83 -26.91 -59.83
C GLU E 199 -72.48 -25.49 -60.26
N VAL E 200 -73.30 -24.92 -61.15
CA VAL E 200 -72.99 -23.64 -61.76
C VAL E 200 -72.90 -22.50 -60.73
N GLU E 201 -73.98 -22.26 -60.00
CA GLU E 201 -73.98 -21.15 -59.05
C GLU E 201 -73.12 -21.44 -57.83
N LYS E 202 -72.89 -22.72 -57.53
CA LYS E 202 -71.94 -23.08 -56.49
C LYS E 202 -70.53 -22.69 -56.93
N ALA E 203 -70.22 -22.99 -58.19
CA ALA E 203 -68.92 -22.63 -58.78
C ALA E 203 -68.68 -21.12 -58.73
N ARG E 204 -69.72 -20.33 -58.99
CA ARG E 204 -69.58 -18.88 -58.97
C ARG E 204 -69.25 -18.38 -57.57
N VAL E 205 -69.87 -18.98 -56.57
CA VAL E 205 -69.58 -18.65 -55.19
C VAL E 205 -68.15 -19.04 -54.81
N TYR E 206 -67.76 -20.26 -55.19
CA TYR E 206 -66.41 -20.74 -54.92
C TYR E 206 -65.39 -19.87 -55.64
N TYR E 207 -65.72 -19.43 -56.84
CA TYR E 207 -64.85 -18.53 -57.60
C TYR E 207 -64.52 -17.28 -56.81
N PHE E 208 -65.55 -16.59 -56.30
CA PHE E 208 -65.29 -15.30 -55.66
C PHE E 208 -64.59 -15.45 -54.32
N GLY E 209 -64.95 -16.49 -53.57
CA GLY E 209 -64.27 -16.77 -52.32
C GLY E 209 -62.78 -16.92 -52.57
N THR E 210 -62.44 -17.61 -53.65
CA THR E 210 -61.06 -17.79 -54.06
C THR E 210 -60.46 -16.49 -54.56
N TYR E 211 -61.22 -15.76 -55.37
CA TYR E 211 -60.72 -14.51 -55.94
C TYR E 211 -60.60 -13.42 -54.88
N TYR E 212 -61.51 -13.43 -53.91
CA TYR E 212 -61.45 -12.48 -52.79
C TYR E 212 -60.18 -12.70 -51.97
N ALA E 213 -59.87 -13.97 -51.71
CA ALA E 213 -58.63 -14.32 -51.01
C ALA E 213 -57.43 -13.85 -51.82
N SER E 214 -57.50 -14.05 -53.13
CA SER E 214 -56.45 -13.63 -54.05
C SER E 214 -56.21 -12.13 -53.97
N GLN E 215 -57.30 -11.35 -53.92
CA GLN E 215 -57.20 -9.91 -53.84
C GLN E 215 -56.45 -9.46 -52.58
N LEU E 216 -56.73 -10.12 -51.47
CA LEU E 216 -56.06 -9.78 -50.21
C LEU E 216 -54.59 -10.14 -50.26
N ILE E 217 -54.29 -11.31 -50.83
CA ILE E 217 -52.91 -11.78 -50.92
C ILE E 217 -52.11 -10.90 -51.86
N ALA E 218 -52.64 -10.64 -53.05
CA ALA E 218 -51.95 -9.88 -54.07
C ALA E 218 -51.71 -8.43 -53.63
N ALA E 219 -52.62 -7.90 -52.82
CA ALA E 219 -52.47 -6.55 -52.29
C ALA E 219 -51.20 -6.44 -51.45
N PRO E 220 -50.30 -5.51 -51.84
CA PRO E 220 -49.00 -5.31 -51.19
C PRO E 220 -49.13 -4.93 -49.72
N SER E 221 -48.04 -5.07 -48.98
CA SER E 221 -48.06 -4.88 -47.53
C SER E 221 -48.28 -3.43 -47.10
N ASN E 222 -48.11 -2.48 -48.01
CA ASN E 222 -48.40 -1.09 -47.66
C ASN E 222 -49.91 -0.81 -47.75
N TYR E 223 -50.60 -1.56 -48.61
CA TYR E 223 -52.06 -1.51 -48.66
C TYR E 223 -52.67 -2.44 -47.62
N CYS E 224 -52.16 -3.67 -47.58
CA CYS E 224 -52.68 -4.70 -46.69
C CYS E 224 -51.81 -4.86 -45.46
N ASN E 225 -52.24 -4.26 -44.36
CA ASN E 225 -51.53 -4.28 -43.09
C ASN E 225 -52.48 -4.80 -42.01
N PRO E 226 -51.99 -5.03 -40.77
CA PRO E 226 -52.89 -5.62 -39.77
C PRO E 226 -54.17 -4.82 -39.53
N VAL E 227 -54.10 -3.51 -39.70
CA VAL E 227 -55.25 -2.64 -39.44
C VAL E 227 -56.25 -2.66 -40.59
N SER E 228 -55.75 -2.55 -41.81
CA SER E 228 -56.63 -2.50 -42.98
C SER E 228 -57.18 -3.87 -43.34
N LEU E 229 -56.44 -4.91 -42.95
CA LEU E 229 -56.89 -6.28 -43.21
C LEU E 229 -58.04 -6.63 -42.27
N SER E 230 -57.91 -6.24 -41.01
CA SER E 230 -58.97 -6.46 -40.03
C SER E 230 -60.19 -5.61 -40.39
N ASN E 231 -59.95 -4.37 -40.82
CA ASN E 231 -61.02 -3.52 -41.32
C ASN E 231 -61.75 -4.17 -42.48
N ALA E 232 -60.99 -4.74 -43.39
CA ALA E 232 -61.55 -5.46 -44.53
C ALA E 232 -62.40 -6.63 -44.07
N ALA E 233 -61.94 -7.32 -43.02
CA ALA E 233 -62.64 -8.48 -42.49
C ALA E 233 -63.98 -8.07 -41.86
N VAL E 234 -64.01 -6.88 -41.27
CA VAL E 234 -65.23 -6.35 -40.69
C VAL E 234 -66.26 -6.02 -41.78
N GLU E 235 -65.79 -5.38 -42.85
CA GLU E 235 -66.66 -5.03 -43.97
C GLU E 235 -67.29 -6.29 -44.58
N LEU E 236 -66.50 -7.35 -44.68
CA LEU E 236 -67.00 -8.62 -45.20
C LEU E 236 -68.08 -9.19 -44.27
N ALA E 237 -67.80 -9.16 -42.98
CA ALA E 237 -68.72 -9.67 -41.97
C ALA E 237 -70.05 -8.92 -42.00
N GLN E 238 -69.98 -7.62 -42.24
CA GLN E 238 -71.17 -6.77 -42.27
C GLN E 238 -72.02 -7.06 -43.51
N LYS E 239 -71.36 -7.32 -44.64
CA LYS E 239 -72.06 -7.64 -45.87
C LYS E 239 -72.72 -9.03 -45.80
N LEU E 240 -72.16 -9.91 -44.99
CA LEU E 240 -72.63 -11.29 -44.89
C LEU E 240 -73.47 -11.55 -43.65
N ASN E 241 -73.65 -10.51 -42.83
CA ASN E 241 -74.35 -10.62 -41.56
C ASN E 241 -73.73 -11.67 -40.65
N LEU E 242 -72.40 -11.71 -40.64
CA LEU E 242 -71.66 -12.52 -39.69
C LEU E 242 -71.37 -11.69 -38.46
N GLU E 243 -71.36 -12.34 -37.29
CA GLU E 243 -70.88 -11.66 -36.10
C GLU E 243 -69.39 -11.42 -36.26
N TYR E 244 -68.91 -10.30 -35.75
CA TYR E 244 -67.49 -9.99 -35.85
C TYR E 244 -66.97 -9.33 -34.58
N LYS E 245 -65.68 -9.52 -34.33
CA LYS E 245 -65.02 -8.94 -33.18
C LYS E 245 -63.52 -8.81 -33.47
N ILE E 246 -63.02 -7.58 -33.43
CA ILE E 246 -61.60 -7.34 -33.61
C ILE E 246 -60.95 -7.03 -32.28
N LEU E 247 -60.02 -7.89 -31.85
CA LEU E 247 -59.33 -7.70 -30.58
C LEU E 247 -58.09 -6.83 -30.75
N GLY E 248 -58.04 -5.72 -30.02
CA GLY E 248 -56.91 -4.82 -30.06
C GLY E 248 -55.87 -5.16 -29.00
N VAL E 249 -54.78 -4.39 -28.98
CA VAL E 249 -53.62 -4.68 -28.14
C VAL E 249 -53.95 -4.76 -26.64
N LYS E 250 -54.79 -3.85 -26.15
CA LYS E 250 -55.19 -3.86 -24.75
C LYS E 250 -55.83 -5.19 -24.37
N GLU E 251 -56.79 -5.62 -25.18
CA GLU E 251 -57.47 -6.90 -24.97
C GLU E 251 -56.51 -8.08 -25.07
N LEU E 252 -55.62 -8.04 -26.05
CA LEU E 252 -54.64 -9.11 -26.24
C LEU E 252 -53.68 -9.19 -25.05
N GLU E 253 -53.32 -8.03 -24.50
CA GLU E 253 -52.49 -7.98 -23.30
C GLU E 253 -53.23 -8.63 -22.12
N GLU E 254 -54.53 -8.34 -22.01
CA GLU E 254 -55.37 -8.93 -20.98
C GLU E 254 -55.44 -10.44 -21.11
N LEU E 255 -55.54 -10.91 -22.35
CA LEU E 255 -55.62 -12.34 -22.63
C LEU E 255 -54.23 -12.98 -22.58
N LYS E 256 -53.21 -12.16 -22.32
CA LYS E 256 -51.83 -12.62 -22.13
C LYS E 256 -51.24 -13.33 -23.34
N MET E 257 -51.58 -12.87 -24.53
CA MET E 257 -51.04 -13.47 -25.76
C MET E 257 -49.63 -12.99 -26.06
N GLY E 258 -48.68 -13.41 -25.23
CA GLY E 258 -47.31 -12.94 -25.32
C GLY E 258 -46.54 -13.37 -26.54
N ALA E 259 -46.86 -14.55 -27.08
CA ALA E 259 -46.17 -15.04 -28.27
C ALA E 259 -46.60 -14.24 -29.50
N TYR E 260 -47.92 -14.06 -29.63
CA TYR E 260 -48.50 -13.29 -30.71
C TYR E 260 -48.05 -11.82 -30.65
N LEU E 261 -48.12 -11.23 -29.48
CA LEU E 261 -47.79 -9.82 -29.31
C LEU E 261 -46.29 -9.54 -29.50
N SER E 262 -45.44 -10.50 -29.16
CA SER E 262 -44.00 -10.31 -29.30
C SER E 262 -43.61 -10.15 -30.77
N VAL E 263 -44.29 -10.89 -31.65
CA VAL E 263 -44.00 -10.86 -33.07
C VAL E 263 -44.27 -9.48 -33.68
N GLY E 264 -45.35 -8.85 -33.23
CA GLY E 264 -45.76 -7.57 -33.80
C GLY E 264 -45.14 -6.36 -33.17
N LYS E 265 -44.25 -6.58 -32.19
CA LYS E 265 -43.65 -5.48 -31.43
C LYS E 265 -42.92 -4.47 -32.31
N GLY E 266 -42.27 -4.94 -33.36
CA GLY E 266 -41.48 -4.08 -34.22
C GLY E 266 -42.24 -3.42 -35.34
N SER E 267 -43.55 -3.61 -35.38
CA SER E 267 -44.37 -3.04 -36.46
C SER E 267 -44.93 -1.66 -36.09
N MET E 268 -45.21 -0.84 -37.10
CA MET E 268 -45.86 0.45 -36.87
C MET E 268 -47.37 0.28 -36.80
N TYR E 269 -47.84 -0.90 -37.20
CA TYR E 269 -49.26 -1.23 -37.12
C TYR E 269 -49.52 -2.09 -35.90
N PRO E 270 -50.51 -1.70 -35.09
CA PRO E 270 -50.91 -2.48 -33.92
C PRO E 270 -51.42 -3.86 -34.32
N ASN E 271 -51.17 -4.87 -33.49
CA ASN E 271 -51.74 -6.19 -33.69
C ASN E 271 -53.26 -6.12 -33.69
N LYS E 272 -53.87 -6.91 -34.57
CA LYS E 272 -55.33 -7.00 -34.61
C LYS E 272 -55.74 -8.46 -34.75
N PHE E 273 -56.51 -8.96 -33.78
CA PHE E 273 -56.99 -10.34 -33.83
C PHE E 273 -58.39 -10.38 -34.44
N ILE E 274 -58.51 -11.03 -35.59
CA ILE E 274 -59.80 -11.16 -36.26
C ILE E 274 -60.58 -12.36 -35.74
N HIS E 275 -61.85 -12.14 -35.40
CA HIS E 275 -62.73 -13.23 -34.99
C HIS E 275 -64.12 -13.03 -35.60
N LEU E 276 -64.38 -13.77 -36.68
CA LEU E 276 -65.70 -13.78 -37.31
C LEU E 276 -66.44 -15.05 -36.90
N THR E 277 -67.76 -14.97 -36.81
CA THR E 277 -68.54 -16.15 -36.45
C THR E 277 -69.76 -16.35 -37.33
N TYR E 278 -69.89 -17.55 -37.86
CA TYR E 278 -71.11 -17.96 -38.53
C TYR E 278 -71.86 -18.96 -37.66
N LYS E 279 -73.14 -18.74 -37.46
CA LYS E 279 -73.96 -19.68 -36.71
C LYS E 279 -75.24 -20.00 -37.48
N SER E 280 -75.52 -21.29 -37.63
CA SER E 280 -76.73 -21.73 -38.31
C SER E 280 -77.97 -21.36 -37.51
N LYS E 281 -79.10 -21.24 -38.20
CA LYS E 281 -80.35 -20.80 -37.56
C LYS E 281 -80.95 -21.89 -36.67
N GLY E 282 -80.71 -23.15 -37.01
CA GLY E 282 -81.24 -24.26 -36.24
C GLY E 282 -80.35 -24.69 -35.10
N ASP E 283 -80.48 -25.95 -34.68
CA ASP E 283 -79.68 -26.50 -33.60
C ASP E 283 -78.24 -26.63 -34.04
N VAL E 284 -77.27 -26.23 -33.23
CA VAL E 284 -75.87 -26.41 -33.60
C VAL E 284 -75.35 -27.80 -33.21
N LYS E 285 -74.95 -28.59 -34.21
CA LYS E 285 -74.51 -29.96 -33.94
C LYS E 285 -73.00 -30.13 -34.12
N LYS E 286 -72.36 -29.12 -34.71
CA LYS E 286 -70.91 -29.14 -34.89
C LYS E 286 -70.32 -27.74 -34.79
N LYS E 287 -69.29 -27.59 -33.97
CA LYS E 287 -68.59 -26.31 -33.83
C LYS E 287 -67.17 -26.44 -34.37
N ILE E 288 -66.79 -25.49 -35.22
CA ILE E 288 -65.49 -25.53 -35.90
C ILE E 288 -64.77 -24.19 -35.83
N ALA E 289 -63.49 -24.24 -35.52
CA ALA E 289 -62.64 -23.04 -35.57
C ALA E 289 -61.64 -23.16 -36.71
N LEU E 290 -61.70 -22.23 -37.64
CA LEU E 290 -60.71 -22.14 -38.72
C LEU E 290 -59.71 -21.04 -38.40
N VAL E 291 -58.44 -21.39 -38.37
CA VAL E 291 -57.38 -20.47 -37.97
C VAL E 291 -56.41 -20.20 -39.13
N GLY E 292 -56.29 -18.93 -39.52
CA GLY E 292 -55.39 -18.59 -40.61
C GLY E 292 -54.22 -17.73 -40.18
N LYS E 293 -53.01 -18.14 -40.52
CA LYS E 293 -51.82 -17.34 -40.25
C LYS E 293 -51.94 -16.01 -40.99
N GLY E 294 -51.78 -14.91 -40.27
CA GLY E 294 -51.99 -13.59 -40.84
C GLY E 294 -50.83 -12.63 -40.68
N ILE E 295 -49.70 -12.96 -41.29
CA ILE E 295 -48.56 -12.06 -41.30
C ILE E 295 -48.58 -11.22 -42.58
N THR E 296 -48.90 -9.94 -42.43
CA THR E 296 -49.13 -9.07 -43.58
C THR E 296 -47.83 -8.80 -44.35
N PHE E 297 -46.71 -8.75 -43.62
CA PHE E 297 -45.40 -8.82 -44.25
C PHE E 297 -44.41 -9.51 -43.31
N ASP E 298 -43.68 -10.48 -43.86
CA ASP E 298 -42.68 -11.17 -43.07
C ASP E 298 -41.28 -10.83 -43.58
N SER E 299 -40.64 -9.87 -42.91
CA SER E 299 -39.28 -9.50 -43.24
C SER E 299 -38.30 -10.52 -42.68
N GLY E 300 -38.78 -11.30 -41.72
CA GLY E 300 -37.93 -12.25 -41.01
C GLY E 300 -37.56 -11.72 -39.64
N GLY E 301 -37.69 -10.41 -39.46
CA GLY E 301 -37.28 -9.78 -38.23
C GLY E 301 -35.76 -9.69 -38.19
N TYR E 302 -35.19 -9.73 -37.00
CA TYR E 302 -33.74 -9.62 -36.87
C TYR E 302 -33.02 -10.79 -37.53
N ASN E 303 -33.70 -11.93 -37.64
CA ASN E 303 -33.27 -12.97 -38.56
C ASN E 303 -33.77 -12.63 -39.96
N LEU E 304 -33.25 -11.51 -40.49
CA LEU E 304 -33.71 -10.95 -41.75
C LEU E 304 -33.61 -11.93 -42.91
N LYS E 305 -34.61 -11.92 -43.78
CA LYS E 305 -34.56 -12.72 -45.00
C LYS E 305 -33.56 -12.09 -45.97
N ALA E 306 -32.29 -12.43 -45.79
CA ALA E 306 -31.21 -11.85 -46.59
C ALA E 306 -30.47 -12.92 -47.38
N ALA E 307 -30.67 -14.19 -47.02
CA ALA E 307 -30.02 -15.30 -47.71
C ALA E 307 -30.54 -15.42 -49.14
N PRO E 308 -29.67 -15.87 -50.06
CA PRO E 308 -30.08 -16.09 -51.45
C PRO E 308 -31.25 -17.06 -51.56
N GLY E 309 -32.30 -16.65 -52.26
CA GLY E 309 -33.46 -17.51 -52.46
C GLY E 309 -34.51 -17.41 -51.37
N SER E 310 -34.30 -16.51 -50.41
CA SER E 310 -35.24 -16.36 -49.31
C SER E 310 -36.47 -15.57 -49.75
N MET E 311 -36.36 -14.91 -50.90
CA MET E 311 -37.46 -14.21 -51.54
C MET E 311 -38.26 -13.30 -50.62
N ILE E 312 -37.62 -12.27 -50.08
CA ILE E 312 -38.29 -11.36 -49.16
C ILE E 312 -39.40 -10.57 -49.87
N ASP E 313 -39.29 -10.43 -51.19
CA ASP E 313 -40.26 -9.64 -51.94
C ASP E 313 -41.58 -10.38 -52.16
N LEU E 314 -41.57 -11.68 -51.86
CA LEU E 314 -42.77 -12.50 -51.94
C LEU E 314 -43.62 -12.35 -50.68
N MET E 315 -43.00 -11.88 -49.61
CA MET E 315 -43.54 -12.05 -48.27
C MET E 315 -44.78 -11.25 -47.91
N LYS E 316 -45.43 -10.64 -48.91
CA LYS E 316 -46.78 -10.13 -48.71
C LYS E 316 -47.77 -11.29 -48.65
N PHE E 317 -47.32 -12.46 -49.09
CA PHE E 317 -48.17 -13.66 -49.17
C PHE E 317 -48.36 -14.36 -47.83
N ASP E 318 -47.68 -13.87 -46.80
CA ASP E 318 -47.63 -14.59 -45.52
C ASP E 318 -48.92 -14.47 -44.72
N MET E 319 -49.93 -13.86 -45.31
CA MET E 319 -51.25 -13.80 -44.72
C MET E 319 -52.23 -14.61 -45.56
N SER E 320 -51.68 -15.43 -46.45
CA SER E 320 -52.48 -16.29 -47.32
C SER E 320 -53.41 -17.22 -46.55
N GLY E 321 -52.96 -17.66 -45.37
CA GLY E 321 -53.77 -18.52 -44.54
C GLY E 321 -54.97 -17.77 -44.02
N CYS E 322 -54.76 -16.52 -43.64
CA CYS E 322 -55.84 -15.66 -43.19
C CYS E 322 -56.82 -15.41 -44.33
N ALA E 323 -56.30 -15.18 -45.53
CA ALA E 323 -57.13 -14.87 -46.69
C ALA E 323 -57.99 -16.06 -47.11
N ALA E 324 -57.44 -17.27 -46.98
CA ALA E 324 -58.19 -18.47 -47.29
C ALA E 324 -59.36 -18.64 -46.32
N VAL E 325 -59.11 -18.34 -45.05
CA VAL E 325 -60.13 -18.43 -44.01
C VAL E 325 -61.24 -17.40 -44.24
N LEU E 326 -60.86 -16.17 -44.58
CA LEU E 326 -61.84 -15.12 -44.89
C LEU E 326 -62.59 -15.44 -46.18
N GLY E 327 -61.90 -16.05 -47.13
CA GLY E 327 -62.52 -16.45 -48.38
C GLY E 327 -63.52 -17.58 -48.13
N CYS E 328 -63.18 -18.44 -47.18
CA CYS E 328 -64.11 -19.48 -46.75
C CYS E 328 -65.33 -18.85 -46.08
N ALA E 329 -65.09 -17.82 -45.28
CA ALA E 329 -66.17 -17.10 -44.59
C ALA E 329 -67.16 -16.53 -45.60
N TYR E 330 -66.68 -16.08 -46.75
CA TYR E 330 -67.58 -15.62 -47.80
C TYR E 330 -68.48 -16.75 -48.28
N CYS E 331 -67.87 -17.88 -48.60
CA CYS E 331 -68.59 -19.02 -49.16
C CYS E 331 -69.61 -19.59 -48.17
N VAL E 332 -69.19 -19.75 -46.92
CA VAL E 332 -70.08 -20.26 -45.88
C VAL E 332 -71.22 -19.30 -45.60
N GLY E 333 -70.90 -18.01 -45.54
CA GLY E 333 -71.89 -16.98 -45.29
C GLY E 333 -72.89 -16.82 -46.42
N THR E 334 -72.48 -17.20 -47.62
CA THR E 334 -73.36 -17.11 -48.78
C THR E 334 -74.23 -18.35 -48.93
N LEU E 335 -73.62 -19.52 -48.76
CA LEU E 335 -74.32 -20.79 -48.98
C LEU E 335 -75.15 -21.20 -47.77
N LYS E 336 -74.78 -20.66 -46.60
CA LYS E 336 -75.53 -20.86 -45.37
C LYS E 336 -75.82 -22.32 -45.03
N PRO E 337 -74.78 -23.08 -44.63
CA PRO E 337 -74.98 -24.48 -44.27
C PRO E 337 -75.74 -24.60 -42.94
N GLU E 338 -76.37 -25.75 -42.73
CA GLU E 338 -77.12 -25.96 -41.53
C GLU E 338 -76.37 -26.69 -40.43
N ASN E 339 -77.01 -26.66 -39.26
CA ASN E 339 -76.51 -27.02 -37.91
C ASN E 339 -74.99 -27.02 -37.69
N VAL E 340 -74.35 -25.90 -38.06
CA VAL E 340 -72.93 -25.69 -37.76
C VAL E 340 -72.69 -24.29 -37.19
N GLU E 341 -71.68 -24.18 -36.33
CA GLU E 341 -71.19 -22.90 -35.84
C GLU E 341 -69.71 -22.78 -36.20
N ILE E 342 -69.38 -21.79 -37.03
CA ILE E 342 -68.00 -21.65 -37.50
C ILE E 342 -67.34 -20.36 -37.02
N HIS E 343 -66.16 -20.48 -36.44
CA HIS E 343 -65.37 -19.33 -36.04
C HIS E 343 -64.20 -19.14 -36.99
N PHE E 344 -64.09 -17.94 -37.55
CA PHE E 344 -63.00 -17.62 -38.45
C PHE E 344 -61.99 -16.73 -37.73
N LEU E 345 -60.80 -17.27 -37.49
CA LEU E 345 -59.84 -16.60 -36.62
C LEU E 345 -58.51 -16.29 -37.32
N SER E 346 -57.95 -15.14 -36.99
CA SER E 346 -56.61 -14.81 -37.48
C SER E 346 -55.91 -13.80 -36.57
N ALA E 347 -54.77 -14.22 -36.02
CA ALA E 347 -53.91 -13.32 -35.25
C ALA E 347 -53.03 -12.54 -36.21
N VAL E 348 -53.50 -11.37 -36.63
CA VAL E 348 -52.84 -10.60 -37.67
C VAL E 348 -51.81 -9.62 -37.12
N CYS E 349 -50.62 -9.63 -37.72
CA CYS E 349 -49.56 -8.70 -37.35
C CYS E 349 -48.53 -8.58 -38.47
N GLU E 350 -47.50 -7.79 -38.23
CA GLU E 350 -46.42 -7.59 -39.19
C GLU E 350 -45.07 -7.84 -38.51
N ASN E 351 -44.21 -8.61 -39.18
CA ASN E 351 -42.92 -9.00 -38.61
C ASN E 351 -41.79 -8.13 -39.16
N MET E 352 -41.36 -7.15 -38.38
CA MET E 352 -40.45 -6.11 -38.89
C MET E 352 -39.18 -5.93 -38.05
N VAL E 353 -38.29 -5.08 -38.56
CA VAL E 353 -37.04 -4.78 -37.86
C VAL E 353 -37.07 -3.35 -37.31
N SER E 354 -36.74 -3.22 -36.03
CA SER E 354 -36.92 -1.97 -35.31
C SER E 354 -36.17 -2.02 -33.99
N LYS E 355 -36.09 -0.88 -33.32
CA LYS E 355 -35.57 -0.85 -31.96
C LYS E 355 -36.51 -1.62 -31.04
N ASN E 356 -37.76 -1.75 -31.46
CA ASN E 356 -38.82 -2.32 -30.64
C ASN E 356 -39.09 -3.80 -30.89
N SER E 357 -38.46 -4.37 -31.92
CA SER E 357 -38.69 -5.77 -32.29
C SER E 357 -38.23 -6.75 -31.22
N TYR E 358 -38.80 -7.94 -31.23
CA TYR E 358 -38.32 -9.02 -30.39
C TYR E 358 -37.02 -9.56 -30.98
N ARG E 359 -36.16 -10.09 -30.12
CA ARG E 359 -34.82 -10.52 -30.53
C ARG E 359 -34.69 -12.03 -30.55
N PRO E 360 -33.75 -12.54 -31.35
CA PRO E 360 -33.36 -13.94 -31.23
C PRO E 360 -32.89 -14.20 -29.80
N GLY E 361 -33.40 -15.26 -29.17
CA GLY E 361 -33.02 -15.58 -27.80
C GLY E 361 -34.02 -15.15 -26.75
N ASP E 362 -34.92 -14.24 -27.12
CA ASP E 362 -35.93 -13.75 -26.19
C ASP E 362 -36.79 -14.90 -25.66
N ILE E 363 -37.08 -14.87 -24.37
CA ILE E 363 -38.03 -15.82 -23.81
C ILE E 363 -39.36 -15.14 -23.57
N ILE E 364 -40.40 -15.67 -24.21
CA ILE E 364 -41.72 -15.06 -24.19
C ILE E 364 -42.75 -16.05 -23.64
N THR E 365 -43.89 -15.54 -23.20
CA THR E 365 -44.88 -16.38 -22.54
C THR E 365 -46.22 -16.40 -23.27
N ALA E 366 -46.62 -17.58 -23.75
CA ALA E 366 -47.89 -17.74 -24.44
C ALA E 366 -49.07 -17.64 -23.48
N SER E 367 -50.27 -17.54 -24.02
CA SER E 367 -51.47 -17.30 -23.21
C SER E 367 -51.86 -18.50 -22.36
N ASN E 368 -51.24 -19.66 -22.60
CA ASN E 368 -51.49 -20.83 -21.75
C ASN E 368 -50.39 -20.99 -20.70
N GLY E 369 -49.56 -19.96 -20.55
CA GLY E 369 -48.55 -19.94 -19.51
C GLY E 369 -47.21 -20.53 -19.89
N LYS E 370 -47.14 -21.14 -21.07
CA LYS E 370 -45.89 -21.77 -21.52
C LYS E 370 -44.85 -20.73 -21.94
N THR E 371 -43.65 -20.83 -21.37
CA THR E 371 -42.56 -19.95 -21.80
C THR E 371 -41.87 -20.55 -23.01
N ILE E 372 -41.56 -19.69 -23.98
CA ILE E 372 -40.98 -20.11 -25.25
C ILE E 372 -39.65 -19.40 -25.50
N GLU E 373 -38.61 -20.17 -25.82
CA GLU E 373 -37.35 -19.56 -26.20
C GLU E 373 -37.30 -19.34 -27.72
N VAL E 374 -37.25 -18.09 -28.13
CA VAL E 374 -37.16 -17.74 -29.54
C VAL E 374 -35.77 -18.04 -30.07
N GLY E 375 -35.69 -18.95 -31.04
CA GLY E 375 -34.42 -19.30 -31.63
C GLY E 375 -34.22 -18.57 -32.95
N ASN E 376 -35.32 -18.20 -33.58
CA ASN E 376 -35.30 -17.54 -34.88
C ASN E 376 -36.54 -16.68 -35.08
N THR E 377 -36.35 -15.36 -35.17
CA THR E 377 -37.47 -14.44 -35.32
C THR E 377 -38.24 -14.63 -36.62
N ASP E 378 -37.66 -15.37 -37.57
CA ASP E 378 -38.32 -15.61 -38.84
C ASP E 378 -39.25 -16.84 -38.74
N ALA E 379 -39.22 -17.53 -37.61
CA ALA E 379 -40.19 -18.59 -37.35
C ALA E 379 -41.35 -18.01 -36.54
N GLU E 380 -41.88 -16.88 -37.00
CA GLU E 380 -42.85 -16.10 -36.24
C GLU E 380 -44.27 -16.64 -36.38
N GLY E 381 -44.53 -17.38 -37.45
CA GLY E 381 -45.87 -17.88 -37.72
C GLY E 381 -46.38 -18.76 -36.61
N ARG E 382 -45.55 -19.70 -36.16
CA ARG E 382 -45.95 -20.65 -35.14
C ARG E 382 -46.20 -19.97 -33.80
N LEU E 383 -45.59 -18.81 -33.60
CA LEU E 383 -45.76 -18.04 -32.37
C LEU E 383 -47.12 -17.37 -32.34
N THR E 384 -47.54 -16.81 -33.48
CA THR E 384 -48.84 -16.19 -33.59
C THR E 384 -49.92 -17.27 -33.55
N LEU E 385 -49.65 -18.39 -34.21
CA LEU E 385 -50.59 -19.51 -34.23
C LEU E 385 -50.74 -20.13 -32.84
N ALA E 386 -49.68 -20.09 -32.05
CA ALA E 386 -49.71 -20.66 -30.71
C ALA E 386 -50.79 -20.02 -29.86
N ASP E 387 -50.83 -18.70 -29.84
CA ASP E 387 -51.85 -17.97 -29.08
C ASP E 387 -53.22 -18.07 -29.74
N ALA E 388 -53.24 -18.14 -31.06
CA ALA E 388 -54.49 -18.30 -31.80
C ALA E 388 -55.13 -19.66 -31.49
N LEU E 389 -54.31 -20.70 -31.38
CA LEU E 389 -54.79 -22.04 -31.09
C LEU E 389 -55.34 -22.16 -29.66
N VAL E 390 -54.66 -21.53 -28.72
CA VAL E 390 -55.14 -21.47 -27.34
C VAL E 390 -56.49 -20.79 -27.28
N TYR E 391 -56.61 -19.67 -28.01
CA TYR E 391 -57.86 -18.94 -28.13
C TYR E 391 -58.96 -19.80 -28.72
N ALA E 392 -58.62 -20.53 -29.78
CA ALA E 392 -59.58 -21.37 -30.47
C ALA E 392 -60.14 -22.48 -29.58
N GLU E 393 -59.27 -23.15 -28.84
CA GLU E 393 -59.70 -24.27 -28.01
C GLU E 393 -60.62 -23.81 -26.87
N LYS E 394 -60.41 -22.58 -26.40
CA LYS E 394 -61.24 -22.03 -25.34
C LYS E 394 -62.66 -21.75 -25.79
N LEU E 395 -62.88 -21.76 -27.11
CA LEU E 395 -64.22 -21.57 -27.67
C LEU E 395 -65.06 -22.85 -27.53
N GLY E 396 -64.42 -23.93 -27.12
CA GLY E 396 -65.11 -25.21 -26.94
C GLY E 396 -65.65 -25.77 -28.24
N VAL E 397 -64.78 -25.94 -29.22
CA VAL E 397 -65.19 -26.42 -30.54
C VAL E 397 -64.89 -27.90 -30.72
N ASP E 398 -65.45 -28.49 -31.77
CA ASP E 398 -65.24 -29.90 -32.07
C ASP E 398 -63.98 -30.11 -32.90
N TYR E 399 -63.77 -29.24 -33.88
CA TYR E 399 -62.57 -29.30 -34.71
C TYR E 399 -61.85 -27.95 -34.74
N ILE E 400 -60.53 -28.00 -34.69
CA ILE E 400 -59.70 -26.84 -34.97
C ILE E 400 -58.86 -27.12 -36.21
N VAL E 401 -58.96 -26.28 -37.21
CA VAL E 401 -58.12 -26.42 -38.40
C VAL E 401 -57.38 -25.13 -38.69
N ASP E 402 -56.06 -25.18 -38.63
CA ASP E 402 -55.28 -24.00 -39.00
C ASP E 402 -54.68 -24.16 -40.39
N ILE E 403 -54.54 -23.05 -41.10
CA ILE E 403 -53.95 -23.05 -42.43
C ILE E 403 -52.94 -21.91 -42.50
N ALA E 404 -51.74 -22.22 -42.98
CA ALA E 404 -50.61 -21.30 -42.79
C ALA E 404 -49.47 -21.50 -43.79
N THR E 405 -48.88 -20.39 -44.22
CA THR E 405 -47.63 -20.42 -44.97
C THR E 405 -46.46 -20.53 -43.98
N LEU E 406 -46.31 -21.71 -43.39
CA LEU E 406 -45.48 -21.87 -42.20
C LEU E 406 -44.01 -22.21 -42.47
N THR E 407 -43.73 -23.17 -43.34
CA THR E 407 -42.33 -23.60 -43.53
C THR E 407 -41.92 -23.72 -45.00
N GLY E 408 -40.77 -23.14 -45.32
CA GLY E 408 -40.23 -23.19 -46.67
C GLY E 408 -39.86 -24.59 -47.10
N ALA E 409 -39.62 -25.48 -46.14
CA ALA E 409 -39.21 -26.85 -46.43
C ALA E 409 -40.29 -27.60 -47.21
N MET E 410 -41.54 -27.13 -47.14
CA MET E 410 -42.62 -27.69 -47.93
C MET E 410 -42.28 -27.75 -49.42
N LEU E 411 -41.48 -26.80 -49.88
CA LEU E 411 -41.03 -26.80 -51.27
C LEU E 411 -40.19 -28.03 -51.58
N TYR E 412 -39.50 -28.55 -50.58
CA TYR E 412 -38.60 -29.68 -50.74
C TYR E 412 -39.30 -31.02 -50.50
N SER E 413 -40.45 -30.99 -49.83
CA SER E 413 -41.18 -32.21 -49.55
C SER E 413 -42.23 -32.48 -50.61
N LEU E 414 -43.22 -31.59 -50.73
CA LEU E 414 -44.33 -31.82 -51.64
C LEU E 414 -44.31 -30.91 -52.86
N GLY E 415 -43.56 -29.82 -52.77
CA GLY E 415 -43.42 -28.91 -53.90
C GLY E 415 -44.47 -27.81 -53.95
N THR E 416 -44.82 -27.40 -55.16
CA THR E 416 -45.70 -26.26 -55.36
C THR E 416 -47.16 -26.63 -55.63
N SER E 417 -47.47 -27.93 -55.67
CA SER E 417 -48.81 -28.37 -56.03
C SER E 417 -49.62 -28.91 -54.84
N TYR E 418 -49.00 -29.76 -54.04
CA TYR E 418 -49.68 -30.38 -52.90
C TYR E 418 -49.31 -29.72 -51.59
N ALA E 419 -50.31 -29.25 -50.86
CA ALA E 419 -50.10 -28.79 -49.50
C ALA E 419 -49.94 -30.01 -48.59
N GLY E 420 -49.36 -29.81 -47.41
CA GLY E 420 -49.24 -30.89 -46.45
C GLY E 420 -50.23 -30.71 -45.31
N VAL E 421 -50.75 -31.82 -44.80
CA VAL E 421 -51.63 -31.74 -43.64
C VAL E 421 -51.09 -32.59 -42.49
N PHE E 422 -51.04 -31.96 -41.32
CA PHE E 422 -50.59 -32.60 -40.10
C PHE E 422 -51.74 -32.60 -39.10
N GLY E 423 -51.71 -33.48 -38.11
CA GLY E 423 -52.78 -33.50 -37.12
C GLY E 423 -52.62 -34.45 -35.95
N ASN E 424 -53.51 -34.32 -34.98
CA ASN E 424 -53.50 -35.16 -33.79
C ASN E 424 -54.67 -36.16 -33.81
N ASN E 425 -55.49 -36.08 -34.85
CA ASN E 425 -56.71 -36.88 -34.93
C ASN E 425 -56.94 -37.41 -36.33
N GLU E 426 -56.97 -38.74 -36.46
CA GLU E 426 -57.06 -39.36 -37.78
C GLU E 426 -58.40 -39.11 -38.46
N GLU E 427 -59.46 -38.98 -37.68
CA GLU E 427 -60.79 -38.70 -38.24
C GLU E 427 -60.83 -37.33 -38.92
N LEU E 428 -60.26 -36.32 -38.26
CA LEU E 428 -60.23 -34.97 -38.81
C LEU E 428 -59.37 -34.93 -40.06
N ILE E 429 -58.21 -35.57 -40.00
CA ILE E 429 -57.29 -35.63 -41.13
C ILE E 429 -57.97 -36.26 -42.36
N ASN E 430 -58.65 -37.38 -42.16
CA ASN E 430 -59.34 -38.05 -43.26
C ASN E 430 -60.46 -37.19 -43.85
N LYS E 431 -61.12 -36.41 -43.00
CA LYS E 431 -62.14 -35.47 -43.46
C LYS E 431 -61.53 -34.42 -44.38
N ILE E 432 -60.37 -33.91 -43.98
CA ILE E 432 -59.66 -32.92 -44.79
C ILE E 432 -59.23 -33.52 -46.13
N LEU E 433 -58.74 -34.76 -46.09
CA LEU E 433 -58.36 -35.45 -47.31
C LEU E 433 -59.55 -35.63 -48.24
N GLN E 434 -60.69 -35.99 -47.66
CA GLN E 434 -61.93 -36.12 -48.43
C GLN E 434 -62.33 -34.78 -49.06
N SER E 435 -62.21 -33.71 -48.29
CA SER E 435 -62.52 -32.38 -48.78
C SER E 435 -61.54 -31.94 -49.86
N SER E 436 -60.32 -32.45 -49.78
CA SER E 436 -59.32 -32.18 -50.80
C SER E 436 -59.73 -32.80 -52.13
N LYS E 437 -60.26 -34.03 -52.07
CA LYS E 437 -60.69 -34.74 -53.27
C LYS E 437 -61.88 -34.07 -53.95
N THR E 438 -62.83 -33.57 -53.16
CA THR E 438 -64.05 -33.00 -53.73
C THR E 438 -63.87 -31.54 -54.13
N SER E 439 -62.95 -30.83 -53.48
CA SER E 439 -62.66 -29.44 -53.84
C SER E 439 -61.63 -29.40 -54.97
N ASN E 440 -60.96 -30.52 -55.17
CA ASN E 440 -59.86 -30.63 -56.13
C ASN E 440 -58.71 -29.69 -55.79
N GLU E 441 -58.52 -29.43 -54.49
CA GLU E 441 -57.33 -28.74 -54.01
C GLU E 441 -56.45 -29.76 -53.29
N PRO E 442 -55.39 -30.22 -53.96
CA PRO E 442 -54.59 -31.37 -53.53
C PRO E 442 -53.83 -31.17 -52.22
N VAL E 443 -54.00 -32.14 -51.33
CA VAL E 443 -53.35 -32.15 -50.02
C VAL E 443 -52.77 -33.53 -49.76
N TRP E 444 -51.62 -33.60 -49.10
CA TRP E 444 -51.05 -34.89 -48.73
C TRP E 444 -50.77 -34.99 -47.24
N TRP E 445 -51.16 -36.10 -46.65
CA TRP E 445 -50.97 -36.34 -45.22
C TRP E 445 -49.50 -36.60 -44.91
N LEU E 446 -48.96 -35.82 -43.97
CA LEU E 446 -47.59 -35.97 -43.51
C LEU E 446 -47.58 -36.26 -42.00
N PRO E 447 -46.57 -36.98 -41.53
CA PRO E 447 -46.59 -37.44 -40.13
C PRO E 447 -46.09 -36.41 -39.12
N ILE E 448 -46.65 -36.44 -37.92
CA ILE E 448 -46.05 -35.74 -36.79
C ILE E 448 -45.20 -36.74 -36.01
N ILE E 449 -43.91 -36.72 -36.25
CA ILE E 449 -43.00 -37.74 -35.70
C ILE E 449 -42.57 -37.39 -34.29
N ASN E 450 -43.10 -38.14 -33.32
CA ASN E 450 -42.90 -37.84 -31.91
C ASN E 450 -41.46 -37.97 -31.44
N GLU E 451 -40.64 -38.70 -32.20
CA GLU E 451 -39.23 -38.87 -31.85
C GLU E 451 -38.48 -37.54 -31.92
N TYR E 452 -38.97 -36.60 -32.73
CA TYR E 452 -38.31 -35.31 -32.90
C TYR E 452 -38.67 -34.31 -31.81
N ARG E 453 -39.63 -34.67 -30.95
CA ARG E 453 -40.13 -33.75 -29.93
C ARG E 453 -39.03 -33.28 -28.98
N ALA E 454 -38.09 -34.17 -28.68
CA ALA E 454 -37.02 -33.87 -27.72
C ALA E 454 -36.14 -32.69 -28.17
N THR E 455 -36.10 -32.45 -29.48
CA THR E 455 -35.29 -31.36 -30.01
C THR E 455 -35.85 -30.00 -29.60
N LEU E 456 -37.12 -29.97 -29.21
CA LEU E 456 -37.77 -28.72 -28.80
C LEU E 456 -37.65 -28.49 -27.29
N ASN E 457 -36.91 -29.35 -26.61
CA ASN E 457 -36.70 -29.19 -25.17
C ASN E 457 -35.70 -28.08 -24.87
N SER E 458 -36.21 -26.94 -24.39
CA SER E 458 -35.35 -25.80 -24.09
C SER E 458 -34.57 -26.01 -22.81
N LYS E 459 -33.39 -25.40 -22.74
CA LYS E 459 -32.57 -25.45 -21.53
C LYS E 459 -33.15 -24.55 -20.44
N TYR E 460 -33.79 -23.46 -20.86
CA TYR E 460 -34.26 -22.46 -19.90
C TYR E 460 -35.77 -22.25 -19.91
N ALA E 461 -36.36 -22.18 -21.10
CA ALA E 461 -37.80 -22.02 -21.20
C ALA E 461 -38.50 -23.38 -21.14
N ASP E 462 -39.84 -23.37 -21.13
CA ASP E 462 -40.60 -24.62 -21.14
C ASP E 462 -40.36 -25.38 -22.44
N ILE E 463 -40.18 -24.63 -23.53
CA ILE E 463 -40.08 -25.25 -24.84
C ILE E 463 -39.33 -24.35 -25.82
N ASN E 464 -38.66 -24.97 -26.78
CA ASN E 464 -38.02 -24.23 -27.88
C ASN E 464 -39.01 -23.89 -28.98
N GLN E 465 -38.81 -22.73 -29.58
CA GLN E 465 -39.59 -22.32 -30.75
C GLN E 465 -39.21 -23.17 -31.96
N ILE E 466 -37.91 -23.36 -32.13
CA ILE E 466 -37.41 -24.13 -33.27
C ILE E 466 -36.43 -25.21 -32.83
N SER E 467 -36.16 -26.15 -33.72
CA SER E 467 -35.11 -27.13 -33.50
C SER E 467 -33.79 -26.54 -33.96
N SER E 468 -32.70 -26.98 -33.34
CA SER E 468 -31.39 -26.46 -33.68
C SER E 468 -30.71 -27.30 -34.76
N SER E 469 -31.27 -28.47 -35.05
CA SER E 469 -30.62 -29.40 -35.96
C SER E 469 -31.58 -30.20 -36.84
N VAL E 470 -32.67 -30.70 -36.25
CA VAL E 470 -33.61 -31.56 -36.97
C VAL E 470 -34.19 -30.85 -38.20
N LYS E 471 -33.62 -31.12 -39.36
CA LYS E 471 -33.93 -30.41 -40.59
C LYS E 471 -35.36 -30.60 -41.10
N ALA E 472 -36.10 -31.52 -40.48
CA ALA E 472 -37.51 -31.73 -40.81
C ALA E 472 -38.37 -30.62 -40.20
N SER E 473 -38.25 -29.43 -40.77
CA SER E 473 -38.84 -28.23 -40.19
C SER E 473 -40.36 -28.22 -40.17
N SER E 474 -40.98 -28.78 -41.20
CA SER E 474 -42.44 -28.80 -41.30
C SER E 474 -43.03 -29.71 -40.22
N ILE E 475 -42.31 -30.78 -39.90
CA ILE E 475 -42.73 -31.70 -38.85
C ILE E 475 -42.46 -31.11 -37.47
N VAL E 476 -41.29 -30.49 -37.31
CA VAL E 476 -40.93 -29.87 -36.03
C VAL E 476 -41.90 -28.74 -35.70
N ALA E 477 -42.25 -27.94 -36.71
CA ALA E 477 -43.22 -26.86 -36.52
C ALA E 477 -44.58 -27.40 -36.09
N SER E 478 -44.97 -28.55 -36.65
CA SER E 478 -46.23 -29.19 -36.28
C SER E 478 -46.19 -29.66 -34.83
N LEU E 479 -45.03 -30.16 -34.40
CA LEU E 479 -44.83 -30.58 -33.02
C LEU E 479 -44.99 -29.39 -32.07
N PHE E 480 -44.49 -28.24 -32.47
CA PHE E 480 -44.61 -27.03 -31.67
C PHE E 480 -46.07 -26.64 -31.49
N LEU E 481 -46.79 -26.55 -32.60
CA LEU E 481 -48.20 -26.15 -32.59
C LEU E 481 -49.05 -27.12 -31.77
N LYS E 482 -48.70 -28.39 -31.83
CA LYS E 482 -49.42 -29.45 -31.12
C LYS E 482 -49.44 -29.18 -29.61
N GLU E 483 -48.41 -28.52 -29.10
CA GLU E 483 -48.30 -28.22 -27.68
C GLU E 483 -49.33 -27.21 -27.20
N PHE E 484 -50.05 -26.59 -28.15
CA PHE E 484 -51.00 -25.55 -27.79
C PHE E 484 -52.44 -25.96 -28.09
N VAL E 485 -52.63 -27.25 -28.34
CA VAL E 485 -53.97 -27.84 -28.41
C VAL E 485 -54.01 -29.05 -27.48
N GLN E 486 -54.78 -28.94 -26.40
CA GLN E 486 -54.70 -29.91 -25.31
C GLN E 486 -55.67 -31.07 -25.47
N ASN E 487 -56.92 -30.79 -25.81
CA ASN E 487 -57.95 -31.82 -25.79
C ASN E 487 -58.96 -31.69 -26.93
N THR E 488 -58.49 -31.25 -28.08
CA THR E 488 -59.37 -31.03 -29.22
C THR E 488 -58.78 -31.59 -30.50
N ALA E 489 -59.62 -32.19 -31.34
CA ALA E 489 -59.21 -32.63 -32.66
C ALA E 489 -58.66 -31.44 -33.44
N TRP E 490 -57.42 -31.55 -33.88
CA TRP E 490 -56.75 -30.44 -34.56
C TRP E 490 -55.96 -30.91 -35.76
N ALA E 491 -56.01 -30.13 -36.84
CA ALA E 491 -55.24 -30.42 -38.03
C ALA E 491 -54.61 -29.15 -38.56
N HIS E 492 -53.45 -29.31 -39.20
CA HIS E 492 -52.63 -28.18 -39.61
C HIS E 492 -52.24 -28.33 -41.08
N ILE E 493 -52.59 -27.32 -41.88
CA ILE E 493 -52.33 -27.36 -43.32
C ILE E 493 -51.25 -26.34 -43.70
N ASP E 494 -50.09 -26.84 -44.10
CA ASP E 494 -48.96 -25.99 -44.46
C ASP E 494 -48.99 -25.68 -45.96
N ILE E 495 -49.32 -24.43 -46.30
CA ILE E 495 -49.48 -24.05 -47.70
C ILE E 495 -48.35 -23.14 -48.21
N ALA E 496 -47.26 -23.07 -47.46
CA ALA E 496 -46.13 -22.20 -47.81
C ALA E 496 -45.63 -22.42 -49.23
N GLY E 497 -45.72 -23.67 -49.70
CA GLY E 497 -45.24 -24.03 -51.02
C GLY E 497 -46.25 -23.92 -52.14
N VAL E 498 -47.54 -23.98 -51.81
CA VAL E 498 -48.58 -23.99 -52.83
C VAL E 498 -49.30 -22.67 -53.03
N SER E 499 -49.14 -21.74 -52.09
CA SER E 499 -49.97 -20.53 -52.08
C SER E 499 -49.76 -19.62 -53.28
N TRP E 500 -48.52 -19.48 -53.73
CA TRP E 500 -48.19 -18.57 -54.82
C TRP E 500 -47.95 -19.32 -56.11
N ASN E 501 -48.63 -18.89 -57.17
CA ASN E 501 -48.41 -19.40 -58.52
C ASN E 501 -47.23 -18.66 -59.14
N PHE E 502 -46.03 -19.24 -59.01
CA PHE E 502 -44.81 -18.57 -59.44
C PHE E 502 -44.78 -18.32 -60.94
N LYS E 503 -45.26 -19.30 -61.70
CA LYS E 503 -45.25 -19.19 -63.17
C LYS E 503 -46.16 -18.07 -63.64
N ALA E 504 -47.33 -17.94 -63.01
CA ALA E 504 -48.31 -16.93 -63.41
C ALA E 504 -48.13 -15.61 -62.66
N ARG E 505 -47.21 -15.60 -61.69
CA ARG E 505 -46.91 -14.41 -60.90
C ARG E 505 -48.14 -13.87 -60.14
N LYS E 506 -48.89 -14.77 -59.51
CA LYS E 506 -50.11 -14.38 -58.80
C LYS E 506 -50.49 -15.43 -57.76
N PRO E 507 -51.39 -15.08 -56.81
CA PRO E 507 -51.81 -16.06 -55.82
C PRO E 507 -52.74 -17.12 -56.41
N LYS E 508 -52.88 -18.25 -55.73
CA LYS E 508 -53.84 -19.25 -56.13
C LYS E 508 -55.17 -19.08 -55.39
N GLY E 509 -55.09 -18.45 -54.22
CA GLY E 509 -56.24 -18.41 -53.32
C GLY E 509 -56.47 -19.79 -52.76
N PHE E 510 -55.39 -20.55 -52.61
CA PHE E 510 -55.43 -21.93 -52.14
C PHE E 510 -56.07 -22.05 -50.76
N GLY E 511 -57.01 -22.99 -50.63
CA GLY E 511 -57.57 -23.30 -49.32
C GLY E 511 -59.03 -22.96 -49.13
N VAL E 512 -59.52 -21.95 -49.85
CA VAL E 512 -60.90 -21.52 -49.73
C VAL E 512 -61.89 -22.66 -49.99
N ARG E 513 -61.76 -23.28 -51.17
CA ARG E 513 -62.68 -24.34 -51.56
C ARG E 513 -62.46 -25.59 -50.72
N LEU E 514 -61.21 -25.84 -50.35
CA LEU E 514 -60.87 -26.94 -49.45
C LEU E 514 -61.61 -26.80 -48.12
N LEU E 515 -61.45 -25.65 -47.47
CA LEU E 515 -62.05 -25.41 -46.17
C LEU E 515 -63.58 -25.35 -46.24
N THR E 516 -64.10 -24.86 -47.35
CA THR E 516 -65.54 -24.74 -47.52
C THR E 516 -66.18 -26.11 -47.71
N GLU E 517 -65.54 -26.97 -48.51
CA GLU E 517 -66.01 -28.33 -48.66
C GLU E 517 -65.99 -29.07 -47.33
N PHE E 518 -65.00 -28.74 -46.50
CA PHE E 518 -64.89 -29.33 -45.16
C PHE E 518 -66.08 -28.95 -44.28
N VAL E 519 -66.48 -27.68 -44.35
CA VAL E 519 -67.60 -27.19 -43.55
C VAL E 519 -68.93 -27.72 -44.08
N LEU E 520 -69.08 -27.75 -45.40
CA LEU E 520 -70.33 -28.14 -46.04
C LEU E 520 -70.63 -29.64 -45.93
N ASN E 521 -69.59 -30.46 -46.00
CA ASN E 521 -69.77 -31.91 -45.93
C ASN E 521 -69.45 -32.46 -44.55
N SER F 5 -34.18 4.62 -14.73
CA SER F 5 -34.18 3.43 -13.90
C SER F 5 -35.45 2.61 -14.12
N GLU F 6 -36.46 3.22 -14.73
CA GLU F 6 -37.66 2.51 -15.14
C GLU F 6 -37.46 1.86 -16.50
N VAL F 7 -37.65 0.55 -16.57
CA VAL F 7 -37.44 -0.18 -17.82
C VAL F 7 -38.57 0.09 -18.81
N PRO F 8 -38.22 0.61 -19.99
CA PRO F 8 -39.24 0.89 -21.01
C PRO F 8 -39.86 -0.40 -21.55
N GLN F 9 -41.13 -0.34 -21.91
CA GLN F 9 -41.84 -1.50 -22.45
C GLN F 9 -42.48 -1.17 -23.79
N VAL F 10 -42.54 -2.15 -24.68
CA VAL F 10 -43.31 -2.02 -25.90
C VAL F 10 -44.74 -2.47 -25.64
N VAL F 11 -44.86 -3.64 -24.99
CA VAL F 11 -46.16 -4.12 -24.54
C VAL F 11 -46.09 -4.37 -23.04
N SER F 12 -47.26 -4.43 -22.40
CA SER F 12 -47.32 -4.59 -20.95
C SER F 12 -46.72 -5.91 -20.48
N LEU F 13 -46.66 -6.88 -21.39
CA LEU F 13 -46.14 -8.20 -21.05
C LEU F 13 -44.61 -8.24 -21.07
N ASP F 14 -43.98 -7.15 -21.52
CA ASP F 14 -42.51 -7.07 -21.52
C ASP F 14 -41.98 -7.01 -20.09
N PRO F 15 -41.03 -7.89 -19.76
CA PRO F 15 -40.43 -7.95 -18.42
C PRO F 15 -39.71 -6.66 -18.04
N THR F 16 -39.71 -6.32 -16.76
CA THR F 16 -39.12 -5.07 -16.31
C THR F 16 -37.97 -5.27 -15.32
N SER F 17 -37.59 -6.52 -15.10
CA SER F 17 -36.44 -6.82 -14.26
C SER F 17 -35.88 -8.21 -14.57
N ILE F 18 -34.62 -8.42 -14.21
CA ILE F 18 -34.01 -9.74 -14.33
C ILE F 18 -34.28 -10.56 -13.08
N PRO F 19 -34.94 -11.71 -13.25
CA PRO F 19 -35.12 -12.60 -12.10
C PRO F 19 -33.77 -13.13 -11.63
N ILE F 20 -33.50 -13.02 -10.33
CA ILE F 20 -32.22 -13.46 -9.80
C ILE F 20 -32.40 -14.28 -8.53
N GLU F 21 -31.79 -15.46 -8.50
CA GLU F 21 -31.79 -16.29 -7.31
C GLU F 21 -30.51 -16.08 -6.52
N TYR F 22 -30.65 -15.54 -5.31
CA TYR F 22 -29.50 -15.37 -4.43
C TYR F 22 -29.36 -16.58 -3.50
N ASN F 23 -30.46 -16.92 -2.82
CA ASN F 23 -30.50 -18.08 -1.97
C ASN F 23 -30.70 -19.37 -2.77
N THR F 24 -29.61 -20.05 -3.07
CA THR F 24 -29.66 -21.27 -3.86
C THR F 24 -29.54 -22.50 -2.97
N PRO F 25 -30.08 -23.65 -3.41
CA PRO F 25 -29.99 -24.90 -2.64
C PRO F 25 -28.55 -25.29 -2.29
N ILE F 26 -27.59 -24.82 -3.07
CA ILE F 26 -26.18 -25.07 -2.79
C ILE F 26 -25.79 -24.49 -1.43
N HIS F 27 -26.37 -23.34 -1.10
CA HIS F 27 -26.10 -22.67 0.18
C HIS F 27 -26.67 -23.43 1.37
N ASP F 28 -27.54 -24.40 1.12
CA ASP F 28 -28.13 -25.18 2.19
C ASP F 28 -27.31 -26.44 2.48
N ILE F 29 -26.30 -26.68 1.66
CA ILE F 29 -25.44 -27.85 1.84
C ILE F 29 -24.35 -27.58 2.88
N LYS F 30 -24.36 -28.35 3.96
CA LYS F 30 -23.33 -28.24 4.99
C LYS F 30 -22.22 -29.25 4.72
N VAL F 31 -20.98 -28.76 4.71
CA VAL F 31 -19.84 -29.55 4.26
C VAL F 31 -18.93 -29.97 5.39
N GLN F 32 -18.51 -31.24 5.37
CA GLN F 32 -17.58 -31.76 6.36
C GLN F 32 -16.38 -32.43 5.69
N VAL F 33 -15.18 -32.05 6.11
CA VAL F 33 -13.96 -32.63 5.55
C VAL F 33 -13.27 -33.54 6.58
N TYR F 34 -12.99 -34.77 6.16
CA TYR F 34 -12.36 -35.75 7.05
C TYR F 34 -11.04 -36.25 6.51
N ASP F 35 -10.21 -36.79 7.40
CA ASP F 35 -8.95 -37.40 7.00
C ASP F 35 -9.18 -38.86 6.63
N ILE F 36 -8.62 -39.28 5.50
CA ILE F 36 -8.84 -40.62 4.99
C ILE F 36 -8.12 -41.68 5.82
N LYS F 37 -7.21 -41.23 6.67
CA LYS F 37 -6.41 -42.14 7.49
C LYS F 37 -7.26 -42.91 8.49
N GLY F 38 -8.28 -42.25 9.03
CA GLY F 38 -9.12 -42.85 10.06
C GLY F 38 -10.21 -43.74 9.51
N GLY F 39 -10.16 -44.03 8.21
CA GLY F 39 -11.17 -44.85 7.57
C GLY F 39 -12.42 -44.06 7.25
N CYS F 40 -13.24 -44.58 6.35
CA CYS F 40 -14.44 -43.88 5.90
C CYS F 40 -15.72 -44.50 6.44
N ASN F 41 -16.60 -43.67 6.99
CA ASN F 41 -17.89 -44.14 7.46
C ASN F 41 -18.97 -44.03 6.38
N VAL F 42 -19.65 -45.14 6.13
CA VAL F 42 -20.73 -45.16 5.15
C VAL F 42 -22.06 -45.49 5.84
N GLU F 43 -22.82 -44.45 6.15
CA GLU F 43 -24.06 -44.63 6.90
C GLU F 43 -25.29 -44.29 6.07
N GLU F 44 -25.22 -43.21 5.29
CA GLU F 44 -26.36 -42.76 4.52
C GLU F 44 -25.96 -42.24 3.14
N GLY F 45 -26.95 -41.99 2.30
CA GLY F 45 -26.75 -41.38 1.00
C GLY F 45 -25.83 -42.13 0.07
N LEU F 46 -25.16 -41.36 -0.80
CA LEU F 46 -24.27 -41.92 -1.81
C LEU F 46 -22.80 -41.66 -1.44
N THR F 47 -21.95 -42.64 -1.68
CA THR F 47 -20.53 -42.51 -1.41
C THR F 47 -19.72 -42.86 -2.67
N ILE F 48 -18.90 -41.91 -3.12
CA ILE F 48 -18.16 -42.07 -4.36
C ILE F 48 -16.65 -41.99 -4.13
N PHE F 49 -15.92 -42.95 -4.67
CA PHE F 49 -14.46 -42.98 -4.59
C PHE F 49 -13.84 -42.45 -5.88
N LEU F 50 -13.04 -41.40 -5.77
CA LEU F 50 -12.28 -40.90 -6.92
C LEU F 50 -10.98 -41.70 -7.04
N VAL F 51 -10.92 -42.55 -8.05
CA VAL F 51 -9.80 -43.48 -8.18
C VAL F 51 -9.15 -43.43 -9.57
N ASN F 52 -7.85 -43.68 -9.61
CA ASN F 52 -7.13 -43.77 -10.88
C ASN F 52 -6.30 -45.04 -10.96
N ASN F 53 -5.52 -45.16 -12.02
CA ASN F 53 -4.60 -46.30 -12.18
C ASN F 53 -3.38 -45.88 -12.98
N PRO F 54 -2.34 -45.38 -12.28
CA PRO F 54 -1.10 -44.89 -12.90
C PRO F 54 -0.40 -45.95 -13.76
N LYS F 56 -2.56 -50.62 -16.73
CA LYS F 56 -2.51 -49.27 -16.16
C LYS F 56 -3.48 -48.34 -16.89
N GLU F 57 -3.23 -48.10 -18.17
CA GLU F 57 -4.11 -47.28 -18.99
C GLU F 57 -5.49 -47.94 -19.09
N ASN F 58 -6.50 -47.22 -18.61
CA ASN F 58 -7.86 -47.76 -18.49
C ASN F 58 -7.87 -49.05 -17.69
N GLY F 59 -6.97 -49.14 -16.71
CA GLY F 59 -6.84 -50.33 -15.88
C GLY F 59 -8.01 -50.51 -14.95
N PRO F 60 -8.00 -51.60 -14.18
CA PRO F 60 -9.11 -51.96 -13.28
C PRO F 60 -9.23 -51.02 -12.08
N VAL F 61 -10.42 -50.94 -11.50
CA VAL F 61 -10.64 -50.15 -10.30
C VAL F 61 -10.19 -50.91 -9.05
N LYS F 62 -9.37 -50.26 -8.24
CA LYS F 62 -8.95 -50.83 -6.95
C LYS F 62 -9.05 -49.77 -5.86
N ILE F 63 -9.80 -50.09 -4.81
CA ILE F 63 -10.03 -49.16 -3.71
C ILE F 63 -9.01 -49.39 -2.59
N SER F 64 -8.43 -48.30 -2.09
CA SER F 64 -7.36 -48.40 -1.10
C SER F 64 -7.79 -47.95 0.29
N SER F 65 -8.86 -47.15 0.35
CA SER F 65 -9.33 -46.64 1.64
C SER F 65 -10.13 -47.70 2.40
N LYS F 66 -9.92 -47.75 3.71
CA LYS F 66 -10.67 -48.68 4.55
C LYS F 66 -12.01 -48.07 4.93
N VAL F 67 -13.08 -48.85 4.82
CA VAL F 67 -14.39 -48.40 5.23
C VAL F 67 -14.86 -49.16 6.47
N ASN F 68 -15.52 -48.45 7.38
CA ASN F 68 -15.93 -49.03 8.65
C ASN F 68 -17.30 -49.69 8.58
N ASP F 69 -17.50 -50.48 7.52
CA ASP F 69 -18.74 -51.21 7.30
C ASP F 69 -18.44 -52.50 6.56
N LYS F 70 -18.66 -53.63 7.24
CA LYS F 70 -18.31 -54.94 6.70
C LYS F 70 -19.01 -55.23 5.37
N GLN F 71 -20.27 -54.80 5.26
CA GLN F 71 -21.04 -55.00 4.03
C GLN F 71 -20.41 -54.25 2.86
N VAL F 72 -20.17 -52.96 3.05
CA VAL F 72 -19.59 -52.12 2.00
C VAL F 72 -18.19 -52.63 1.62
N SER F 73 -17.43 -53.07 2.62
CA SER F 73 -16.10 -53.62 2.40
C SER F 73 -16.12 -54.78 1.42
N GLU F 74 -17.09 -55.68 1.61
CA GLU F 74 -17.24 -56.85 0.74
C GLU F 74 -17.52 -56.42 -0.70
N PHE F 75 -18.38 -55.42 -0.85
CA PHE F 75 -18.69 -54.87 -2.16
C PHE F 75 -17.44 -54.29 -2.80
N LEU F 76 -16.65 -53.58 -1.99
CA LEU F 76 -15.48 -52.87 -2.49
C LEU F 76 -14.24 -53.74 -2.62
N LYS F 77 -14.39 -55.05 -2.49
CA LYS F 77 -13.23 -55.94 -2.57
C LYS F 77 -12.68 -55.97 -3.99
N ASP F 78 -11.39 -56.26 -4.11
CA ASP F 78 -10.68 -56.14 -5.38
C ASP F 78 -11.24 -57.02 -6.49
N GLU F 79 -11.75 -58.20 -6.12
CA GLU F 79 -12.29 -59.13 -7.11
C GLU F 79 -13.54 -58.58 -7.78
N ASN F 80 -14.31 -57.78 -7.04
CA ASN F 80 -15.52 -57.18 -7.58
C ASN F 80 -15.23 -55.92 -8.40
N MET F 81 -14.39 -55.06 -7.86
CA MET F 81 -14.10 -53.78 -8.48
C MET F 81 -13.24 -53.93 -9.74
N GLU F 82 -12.60 -55.09 -9.89
CA GLU F 82 -11.76 -55.37 -11.05
C GLU F 82 -12.58 -55.41 -12.34
N LYS F 83 -13.89 -55.61 -12.22
CA LYS F 83 -14.78 -55.65 -13.37
C LYS F 83 -15.07 -54.24 -13.89
N PHE F 84 -14.55 -53.23 -13.19
CA PHE F 84 -14.72 -51.85 -13.57
C PHE F 84 -13.37 -51.22 -13.90
N ASN F 85 -13.35 -50.23 -14.80
CA ASN F 85 -12.10 -49.59 -15.17
C ASN F 85 -12.11 -48.09 -14.88
N VAL F 86 -10.94 -47.48 -14.92
CA VAL F 86 -10.78 -46.11 -14.44
C VAL F 86 -10.75 -45.06 -15.55
N LYS F 87 -11.22 -45.41 -16.75
CA LYS F 87 -11.26 -44.46 -17.85
C LYS F 87 -11.94 -43.17 -17.42
N LEU F 88 -11.32 -42.03 -17.73
CA LEU F 88 -11.74 -40.74 -17.22
C LEU F 88 -13.22 -40.46 -17.49
N GLY F 89 -13.99 -40.32 -16.42
CA GLY F 89 -15.40 -40.00 -16.53
C GLY F 89 -16.30 -41.21 -16.37
N THR F 90 -15.73 -42.41 -16.48
CA THR F 90 -16.51 -43.64 -16.33
C THR F 90 -16.91 -43.82 -14.87
N SER F 91 -18.18 -44.15 -14.65
CA SER F 91 -18.67 -44.34 -13.29
C SER F 91 -19.65 -45.50 -13.19
N LYS F 92 -19.70 -46.09 -12.01
CA LYS F 92 -20.70 -47.10 -11.65
C LYS F 92 -21.09 -46.86 -10.21
N HIS F 93 -22.36 -47.08 -9.88
CA HIS F 93 -22.78 -46.99 -8.49
C HIS F 93 -23.93 -47.97 -8.20
N PHE F 94 -23.87 -48.58 -7.03
CA PHE F 94 -24.82 -49.62 -6.65
C PHE F 94 -25.54 -49.28 -5.35
N TYR F 95 -26.82 -49.61 -5.28
CA TYR F 95 -27.56 -49.50 -4.03
C TYR F 95 -27.49 -50.82 -3.26
N MET F 96 -27.31 -50.73 -1.96
CA MET F 96 -27.18 -51.92 -1.11
C MET F 96 -27.46 -51.60 0.34
N PHE F 97 -27.64 -52.63 1.15
CA PHE F 97 -27.82 -52.46 2.59
C PHE F 97 -26.48 -52.56 3.30
N ASN F 98 -26.24 -51.66 4.25
CA ASN F 98 -25.01 -51.70 5.03
C ASN F 98 -25.16 -52.59 6.25
N ASP F 99 -24.26 -52.45 7.21
CA ASP F 99 -24.29 -53.27 8.42
C ASP F 99 -25.50 -52.99 9.29
N ASN F 100 -25.99 -51.76 9.24
CA ASN F 100 -27.15 -51.37 10.04
C ASN F 100 -28.46 -51.52 9.29
N LYS F 101 -28.45 -52.36 8.25
CA LYS F 101 -29.63 -52.62 7.43
C LYS F 101 -30.23 -51.34 6.84
N ASN F 102 -29.39 -50.35 6.62
CA ASN F 102 -29.81 -49.11 6.00
C ASN F 102 -29.42 -49.08 4.53
N SER F 103 -30.27 -48.49 3.70
CA SER F 103 -30.00 -48.40 2.27
C SER F 103 -28.91 -47.37 1.98
N VAL F 104 -27.83 -47.81 1.35
CA VAL F 104 -26.75 -46.91 0.96
C VAL F 104 -26.35 -47.14 -0.49
N ALA F 105 -25.85 -46.08 -1.13
CA ALA F 105 -25.34 -46.19 -2.49
C ALA F 105 -23.83 -45.96 -2.51
N VAL F 106 -23.11 -46.87 -3.16
CA VAL F 106 -21.66 -46.79 -3.20
C VAL F 106 -21.17 -46.96 -4.64
N GLY F 107 -20.22 -46.13 -5.04
CA GLY F 107 -19.68 -46.19 -6.38
C GLY F 107 -18.35 -45.50 -6.53
N TYR F 108 -17.92 -45.33 -7.78
CA TYR F 108 -16.65 -44.70 -8.09
C TYR F 108 -16.77 -43.80 -9.32
N VAL F 109 -15.78 -42.93 -9.51
CA VAL F 109 -15.62 -42.22 -10.77
C VAL F 109 -14.17 -42.37 -11.25
N GLY F 110 -14.01 -42.81 -12.50
CA GLY F 110 -12.69 -43.01 -13.07
C GLY F 110 -11.94 -41.71 -13.26
N CYS F 111 -10.68 -41.69 -12.82
CA CYS F 111 -9.84 -40.50 -12.96
C CYS F 111 -8.63 -40.73 -13.87
N GLY F 112 -8.75 -41.71 -14.75
CA GLY F 112 -7.71 -41.97 -15.74
C GLY F 112 -6.45 -42.58 -15.16
N SER F 113 -5.32 -42.34 -15.83
CA SER F 113 -4.04 -42.91 -15.43
C SER F 113 -2.99 -41.84 -15.14
N VAL F 114 -3.36 -40.58 -15.30
CA VAL F 114 -2.43 -39.48 -15.08
C VAL F 114 -2.45 -39.04 -13.63
N ALA F 115 -1.27 -38.87 -13.04
CA ALA F 115 -1.12 -38.50 -11.64
C ALA F 115 -1.74 -37.13 -11.34
N ASP F 116 -1.46 -36.15 -12.20
CA ASP F 116 -1.96 -34.80 -12.00
C ASP F 116 -3.11 -34.49 -12.96
N LEU F 117 -4.28 -34.22 -12.39
CA LEU F 117 -5.46 -33.88 -13.19
C LEU F 117 -5.46 -32.41 -13.58
N SER F 118 -5.74 -32.14 -14.85
CA SER F 118 -5.95 -30.77 -15.31
C SER F 118 -7.34 -30.31 -14.91
N GLU F 119 -7.63 -29.03 -15.09
CA GLU F 119 -8.96 -28.51 -14.80
C GLU F 119 -9.98 -29.14 -15.74
N ALA F 120 -9.53 -29.50 -16.95
CA ALA F 120 -10.39 -30.15 -17.92
C ALA F 120 -10.75 -31.57 -17.46
N ASP F 121 -9.77 -32.29 -16.94
CA ASP F 121 -9.99 -33.63 -16.44
C ASP F 121 -10.90 -33.63 -15.22
N MET F 122 -10.61 -32.72 -14.28
CA MET F 122 -11.40 -32.59 -13.07
C MET F 122 -12.85 -32.26 -13.41
N LYS F 123 -13.04 -31.50 -14.48
CA LYS F 123 -14.37 -31.13 -14.94
C LYS F 123 -15.14 -32.36 -15.43
N ARG F 124 -14.44 -33.26 -16.11
CA ARG F 124 -15.07 -34.49 -16.60
C ARG F 124 -15.45 -35.40 -15.44
N VAL F 125 -14.64 -35.41 -14.39
CA VAL F 125 -14.94 -36.17 -13.20
C VAL F 125 -16.19 -35.63 -12.49
N VAL F 126 -16.27 -34.30 -12.39
CA VAL F 126 -17.39 -33.65 -11.74
C VAL F 126 -18.71 -33.89 -12.48
N LEU F 127 -18.66 -33.81 -13.81
CA LEU F 127 -19.87 -34.01 -14.62
C LEU F 127 -20.45 -35.40 -14.42
N SER F 128 -19.57 -36.39 -14.32
CA SER F 128 -19.98 -37.76 -14.06
C SER F 128 -20.64 -37.86 -12.69
N LEU F 129 -20.01 -37.21 -11.71
CA LEU F 129 -20.54 -37.15 -10.35
C LEU F 129 -21.91 -36.47 -10.31
N VAL F 130 -22.03 -35.36 -11.02
CA VAL F 130 -23.26 -34.58 -11.06
C VAL F 130 -24.38 -35.34 -11.77
N THR F 131 -24.01 -36.13 -12.77
CA THR F 131 -24.97 -36.98 -13.48
C THR F 131 -25.68 -37.92 -12.51
N MET F 132 -24.93 -38.50 -11.58
CA MET F 132 -25.49 -39.39 -10.58
C MET F 132 -26.36 -38.63 -9.58
N LEU F 133 -25.93 -37.41 -9.24
CA LEU F 133 -26.68 -36.58 -8.31
C LEU F 133 -28.05 -36.19 -8.85
N HIS F 134 -28.11 -35.96 -10.16
CA HIS F 134 -29.35 -35.54 -10.80
C HIS F 134 -30.33 -36.70 -10.98
N ASP F 135 -29.83 -37.92 -10.92
CA ASP F 135 -30.67 -39.10 -11.13
C ASP F 135 -30.93 -39.88 -9.85
N ASN F 136 -30.61 -39.28 -8.71
CA ASN F 136 -30.79 -39.96 -7.43
C ASN F 136 -31.29 -39.04 -6.32
N LYS F 137 -32.39 -39.43 -5.69
CA LYS F 137 -32.91 -38.70 -4.54
C LYS F 137 -32.07 -39.02 -3.30
N LEU F 138 -31.15 -38.11 -2.98
CA LEU F 138 -30.21 -38.35 -1.90
C LEU F 138 -30.22 -37.23 -0.87
N SER F 139 -29.94 -37.59 0.38
CA SER F 139 -29.83 -36.61 1.45
C SER F 139 -28.38 -36.19 1.64
N LYS F 140 -27.46 -37.05 1.21
CA LYS F 140 -26.04 -36.84 1.49
C LYS F 140 -25.14 -37.43 0.41
N LEU F 141 -24.11 -36.67 0.05
CA LEU F 141 -23.08 -37.16 -0.85
C LEU F 141 -21.74 -37.18 -0.13
N THR F 142 -21.04 -38.31 -0.22
CA THR F 142 -19.72 -38.42 0.37
C THR F 142 -18.70 -38.73 -0.72
N VAL F 143 -17.67 -37.89 -0.82
CA VAL F 143 -16.62 -38.08 -1.82
C VAL F 143 -15.30 -38.46 -1.16
N VAL F 144 -14.71 -39.57 -1.62
CA VAL F 144 -13.44 -40.04 -1.07
C VAL F 144 -12.31 -39.87 -2.09
N PHE F 145 -11.36 -39.00 -1.78
CA PHE F 145 -10.26 -38.71 -2.69
C PHE F 145 -9.12 -39.73 -2.59
N GLU F 146 -9.11 -40.69 -3.52
CA GLU F 146 -8.01 -41.64 -3.59
C GLU F 146 -7.05 -41.21 -4.70
N ILE F 147 -6.99 -39.90 -4.91
CA ILE F 147 -6.06 -39.29 -5.85
C ILE F 147 -5.44 -38.07 -5.18
N ASN F 148 -4.39 -37.53 -5.78
CA ASN F 148 -3.73 -36.35 -5.23
C ASN F 148 -4.12 -35.06 -5.94
N VAL F 149 -4.63 -34.10 -5.18
CA VAL F 149 -4.92 -32.76 -5.69
C VAL F 149 -4.42 -31.73 -4.69
N ASP F 150 -3.95 -30.58 -5.19
CA ASP F 150 -3.52 -29.53 -4.27
C ASP F 150 -4.72 -28.72 -3.81
N LYS F 151 -4.48 -27.72 -2.97
CA LYS F 151 -5.54 -26.92 -2.38
C LYS F 151 -6.39 -26.22 -3.44
N ASN F 152 -5.75 -25.63 -4.44
CA ASN F 152 -6.47 -24.92 -5.49
C ASN F 152 -7.37 -25.82 -6.32
N LEU F 153 -6.86 -26.99 -6.67
CA LEU F 153 -7.62 -27.95 -7.47
C LEU F 153 -8.76 -28.56 -6.65
N PHE F 154 -8.55 -28.69 -5.34
CA PHE F 154 -9.63 -29.16 -4.46
C PHE F 154 -10.75 -28.14 -4.40
N ARG F 155 -10.39 -26.86 -4.31
CA ARG F 155 -11.39 -25.79 -4.32
C ARG F 155 -12.11 -25.78 -5.66
N PHE F 156 -11.36 -26.00 -6.73
CA PHE F 156 -11.92 -26.05 -8.08
C PHE F 156 -12.91 -27.19 -8.21
N PHE F 157 -12.63 -28.30 -7.54
CA PHE F 157 -13.54 -29.44 -7.51
C PHE F 157 -14.89 -29.03 -6.94
N LEU F 158 -14.86 -28.34 -5.80
CA LEU F 158 -16.08 -27.95 -5.10
C LEU F 158 -16.89 -26.93 -5.88
N GLU F 159 -16.22 -25.88 -6.37
CA GLU F 159 -16.87 -24.85 -7.18
C GLU F 159 -17.57 -25.44 -8.39
N THR F 160 -16.88 -26.33 -9.09
CA THR F 160 -17.40 -26.97 -10.29
C THR F 160 -18.56 -27.89 -9.94
N LEU F 161 -18.43 -28.61 -8.83
CA LEU F 161 -19.51 -29.46 -8.35
C LEU F 161 -20.74 -28.62 -8.06
N PHE F 162 -20.57 -27.56 -7.28
CA PHE F 162 -21.66 -26.67 -6.92
C PHE F 162 -22.32 -26.06 -8.15
N TYR F 163 -21.50 -25.57 -9.08
CA TYR F 163 -22.00 -24.88 -10.26
C TYR F 163 -22.80 -25.80 -11.18
N GLU F 164 -22.25 -26.97 -11.49
CA GLU F 164 -22.89 -27.91 -12.40
C GLU F 164 -24.13 -28.56 -11.78
N TYR F 165 -24.07 -28.81 -10.47
CA TYR F 165 -25.19 -29.39 -9.73
C TYR F 165 -26.44 -28.53 -9.85
N MET F 166 -26.25 -27.23 -9.68
CA MET F 166 -27.34 -26.26 -9.70
C MET F 166 -28.01 -26.19 -11.07
N THR F 167 -29.34 -26.08 -11.10
CA THR F 167 -30.07 -25.90 -12.34
C THR F 167 -30.92 -24.63 -12.31
N ASP F 168 -30.72 -23.79 -13.31
CA ASP F 168 -31.42 -22.52 -13.44
C ASP F 168 -32.84 -22.73 -13.99
N GLU F 169 -33.84 -22.52 -13.15
CA GLU F 169 -35.23 -22.73 -13.56
C GLU F 169 -36.06 -21.46 -13.51
N ARG F 170 -35.39 -20.31 -13.54
CA ARG F 170 -36.06 -19.01 -13.46
C ARG F 170 -37.09 -18.78 -14.56
N PHE F 171 -36.87 -19.37 -15.73
CA PHE F 171 -37.72 -19.10 -16.88
C PHE F 171 -38.59 -20.31 -17.23
N LYS F 172 -38.57 -21.31 -16.36
CA LYS F 172 -39.48 -22.43 -16.46
C LYS F 172 -40.83 -22.02 -15.86
N SER F 173 -41.91 -22.44 -16.51
CA SER F 173 -43.25 -22.13 -16.03
C SER F 173 -44.05 -23.41 -15.81
N THR F 174 -44.47 -24.03 -16.92
CA THR F 174 -45.16 -25.31 -16.86
C THR F 174 -44.16 -26.45 -16.68
N ASP F 175 -42.90 -26.08 -16.46
CA ASP F 175 -41.80 -27.03 -16.25
C ASP F 175 -41.63 -27.96 -17.45
N GLU F 181 -35.16 -31.96 -5.34
CA GLU F 181 -34.60 -32.25 -4.02
C GLU F 181 -33.08 -32.40 -4.08
N TYR F 182 -32.39 -31.40 -3.54
CA TYR F 182 -30.93 -31.43 -3.49
C TYR F 182 -30.44 -32.10 -2.20
N ILE F 183 -29.17 -32.50 -2.19
CA ILE F 183 -28.57 -33.02 -0.97
C ILE F 183 -28.45 -31.91 0.06
N LYS F 184 -28.38 -32.29 1.34
CA LYS F 184 -28.28 -31.32 2.42
C LYS F 184 -26.91 -31.40 3.08
N HIS F 185 -26.17 -32.47 2.80
CA HIS F 185 -24.86 -32.68 3.39
C HIS F 185 -23.84 -33.20 2.39
N LEU F 186 -22.64 -32.64 2.43
CA LEU F 186 -21.54 -33.12 1.62
C LEU F 186 -20.38 -33.56 2.49
N GLY F 187 -19.97 -34.82 2.36
CA GLY F 187 -18.83 -35.33 3.08
C GLY F 187 -17.64 -35.52 2.16
N VAL F 188 -16.45 -35.11 2.63
CA VAL F 188 -15.24 -35.28 1.85
C VAL F 188 -14.16 -35.98 2.66
N TYR F 189 -13.68 -37.11 2.15
CA TYR F 189 -12.56 -37.81 2.76
C TYR F 189 -11.29 -37.57 1.95
N ILE F 190 -10.30 -36.95 2.58
CA ILE F 190 -9.08 -36.59 1.89
C ILE F 190 -7.88 -36.61 2.85
N ASN F 191 -6.71 -36.97 2.33
CA ASN F 191 -5.48 -36.92 3.11
C ASN F 191 -5.11 -35.48 3.47
N ASN F 192 -4.64 -35.28 4.69
CA ASN F 192 -4.36 -33.95 5.22
C ASN F 192 -5.58 -33.03 5.13
N ALA F 193 -6.66 -33.46 5.76
CA ALA F 193 -7.93 -32.75 5.69
C ALA F 193 -7.86 -31.32 6.22
N ASP F 194 -7.03 -31.11 7.23
CA ASP F 194 -6.86 -29.80 7.85
C ASP F 194 -6.43 -28.75 6.83
N THR F 195 -5.62 -29.19 5.87
CA THR F 195 -5.08 -28.32 4.83
C THR F 195 -6.16 -27.75 3.92
N TYR F 196 -7.19 -28.55 3.64
CA TYR F 196 -8.19 -28.20 2.63
C TYR F 196 -9.44 -27.49 3.16
N LYS F 197 -9.56 -27.40 4.49
CA LYS F 197 -10.81 -26.95 5.10
C LYS F 197 -11.18 -25.50 4.79
N GLU F 198 -10.20 -24.62 4.68
CA GLU F 198 -10.49 -23.22 4.42
C GLU F 198 -10.86 -22.97 2.97
N GLU F 199 -10.69 -23.98 2.13
CA GLU F 199 -11.05 -23.87 0.72
C GLU F 199 -12.55 -24.03 0.50
N VAL F 200 -13.23 -24.62 1.48
CA VAL F 200 -14.65 -24.97 1.33
C VAL F 200 -15.55 -23.75 1.16
N GLU F 201 -15.48 -22.82 2.10
CA GLU F 201 -16.34 -21.64 2.03
C GLU F 201 -15.90 -20.66 0.95
N LYS F 202 -14.61 -20.69 0.62
CA LYS F 202 -14.11 -19.87 -0.48
C LYS F 202 -14.69 -20.41 -1.79
N ALA F 203 -14.78 -21.73 -1.87
CA ALA F 203 -15.35 -22.40 -3.04
C ALA F 203 -16.83 -22.08 -3.20
N ARG F 204 -17.53 -21.97 -2.08
CA ARG F 204 -18.95 -21.68 -2.10
C ARG F 204 -19.19 -20.24 -2.53
N VAL F 205 -18.31 -19.34 -2.10
CA VAL F 205 -18.38 -17.95 -2.53
C VAL F 205 -18.05 -17.84 -4.01
N TYR F 206 -17.01 -18.55 -4.43
CA TYR F 206 -16.62 -18.57 -5.84
C TYR F 206 -17.73 -19.17 -6.70
N TYR F 207 -18.40 -20.18 -6.18
CA TYR F 207 -19.51 -20.80 -6.90
C TYR F 207 -20.59 -19.78 -7.23
N PHE F 208 -21.02 -19.00 -6.24
CA PHE F 208 -22.16 -18.14 -6.47
C PHE F 208 -21.81 -16.97 -7.37
N GLY F 209 -20.59 -16.45 -7.24
CA GLY F 209 -20.15 -15.38 -8.13
C GLY F 209 -20.19 -15.84 -9.57
N THR F 210 -19.75 -17.08 -9.80
CA THR F 210 -19.79 -17.68 -11.11
C THR F 210 -21.23 -17.95 -11.55
N TYR F 211 -22.05 -18.44 -10.63
CA TYR F 211 -23.44 -18.74 -10.95
C TYR F 211 -24.24 -17.45 -11.13
N TYR F 212 -23.88 -16.42 -10.38
CA TYR F 212 -24.54 -15.12 -10.52
C TYR F 212 -24.25 -14.54 -11.90
N ALA F 213 -23.00 -14.65 -12.33
CA ALA F 213 -22.60 -14.22 -13.66
C ALA F 213 -23.41 -14.98 -14.71
N SER F 214 -23.45 -16.29 -14.55
CA SER F 214 -24.20 -17.17 -15.45
C SER F 214 -25.68 -16.80 -15.51
N GLN F 215 -26.24 -16.41 -14.37
CA GLN F 215 -27.64 -16.00 -14.31
C GLN F 215 -27.91 -14.78 -15.20
N LEU F 216 -26.99 -13.81 -15.17
CA LEU F 216 -27.13 -12.62 -15.99
C LEU F 216 -26.93 -12.94 -17.48
N ILE F 217 -25.96 -13.78 -17.78
CA ILE F 217 -25.66 -14.14 -19.16
C ILE F 217 -26.80 -14.94 -19.78
N ALA F 218 -27.29 -15.95 -19.05
CA ALA F 218 -28.36 -16.79 -19.55
C ALA F 218 -29.65 -16.00 -19.75
N ALA F 219 -29.83 -14.97 -18.92
CA ALA F 219 -31.01 -14.12 -19.01
C ALA F 219 -31.11 -13.47 -20.39
N PRO F 220 -32.23 -13.72 -21.09
CA PRO F 220 -32.45 -13.21 -22.44
C PRO F 220 -32.47 -11.69 -22.51
N SER F 221 -32.36 -11.16 -23.72
CA SER F 221 -32.18 -9.73 -23.92
C SER F 221 -33.44 -8.91 -23.66
N ASN F 222 -34.60 -9.56 -23.67
CA ASN F 222 -35.83 -8.85 -23.30
C ASN F 222 -35.90 -8.67 -21.79
N TYR F 223 -35.36 -9.63 -21.05
CA TYR F 223 -35.27 -9.52 -19.59
C TYR F 223 -34.04 -8.70 -19.19
N CYS F 224 -32.90 -9.02 -19.79
CA CYS F 224 -31.64 -8.37 -19.46
C CYS F 224 -31.28 -7.31 -20.51
N ASN F 225 -31.61 -6.07 -20.20
CA ASN F 225 -31.34 -4.92 -21.05
C ASN F 225 -30.48 -3.93 -20.27
N PRO F 226 -29.96 -2.87 -20.93
CA PRO F 226 -29.10 -1.92 -20.20
C PRO F 226 -29.72 -1.35 -18.91
N VAL F 227 -31.02 -1.10 -18.94
CA VAL F 227 -31.70 -0.55 -17.77
C VAL F 227 -31.80 -1.58 -16.66
N SER F 228 -32.35 -2.75 -16.98
CA SER F 228 -32.56 -3.80 -15.97
C SER F 228 -31.24 -4.38 -15.47
N LEU F 229 -30.19 -4.33 -16.29
CA LEU F 229 -28.89 -4.84 -15.88
C LEU F 229 -28.20 -3.92 -14.90
N SER F 230 -28.29 -2.61 -15.15
CA SER F 230 -27.72 -1.64 -14.23
C SER F 230 -28.54 -1.60 -12.94
N ASN F 231 -29.84 -1.86 -13.05
CA ASN F 231 -30.69 -1.99 -11.87
C ASN F 231 -30.24 -3.15 -10.99
N ALA F 232 -29.90 -4.27 -11.64
CA ALA F 232 -29.44 -5.45 -10.93
C ALA F 232 -28.10 -5.19 -10.25
N ALA F 233 -27.25 -4.38 -10.89
CA ALA F 233 -25.95 -4.07 -10.33
C ALA F 233 -26.08 -3.21 -9.08
N VAL F 234 -27.04 -2.29 -9.08
CA VAL F 234 -27.30 -1.44 -7.93
C VAL F 234 -27.75 -2.29 -6.74
N GLU F 235 -28.70 -3.18 -7.00
CA GLU F 235 -29.22 -4.08 -5.98
C GLU F 235 -28.09 -4.94 -5.39
N LEU F 236 -27.19 -5.39 -6.26
CA LEU F 236 -26.04 -6.19 -5.82
C LEU F 236 -25.10 -5.36 -4.96
N ALA F 237 -24.88 -4.12 -5.38
CA ALA F 237 -23.99 -3.22 -4.66
C ALA F 237 -24.56 -2.85 -3.29
N GLN F 238 -25.88 -2.73 -3.22
CA GLN F 238 -26.56 -2.39 -1.97
C GLN F 238 -26.47 -3.53 -0.97
N LYS F 239 -26.56 -4.77 -1.45
CA LYS F 239 -26.48 -5.94 -0.59
C LYS F 239 -25.07 -6.15 -0.05
N LEU F 240 -24.08 -5.77 -0.85
CA LEU F 240 -22.68 -5.99 -0.48
C LEU F 240 -22.08 -4.75 0.18
N ASN F 241 -22.89 -3.71 0.31
CA ASN F 241 -22.45 -2.42 0.82
C ASN F 241 -21.29 -1.84 0.02
N LEU F 242 -21.36 -2.00 -1.30
CA LEU F 242 -20.41 -1.37 -2.20
C LEU F 242 -20.90 0.02 -2.59
N GLU F 243 -19.98 0.96 -2.78
CA GLU F 243 -20.32 2.25 -3.36
C GLU F 243 -20.78 2.01 -4.79
N TYR F 244 -21.81 2.72 -5.22
CA TYR F 244 -22.31 2.53 -6.58
C TYR F 244 -22.71 3.85 -7.24
N LYS F 245 -22.80 3.81 -8.55
CA LYS F 245 -23.00 5.00 -9.36
C LYS F 245 -23.38 4.58 -10.77
N ILE F 246 -24.54 5.02 -11.24
CA ILE F 246 -24.98 4.73 -12.60
C ILE F 246 -25.06 6.00 -13.42
N LEU F 247 -24.25 6.07 -14.46
CA LEU F 247 -24.24 7.24 -15.33
C LEU F 247 -25.30 7.10 -16.42
N GLY F 248 -26.14 8.12 -16.55
CA GLY F 248 -27.18 8.14 -17.57
C GLY F 248 -26.72 8.89 -18.81
N VAL F 249 -27.58 8.95 -19.81
CA VAL F 249 -27.25 9.57 -21.09
C VAL F 249 -26.78 11.02 -20.93
N LYS F 250 -27.47 11.76 -20.06
CA LYS F 250 -27.11 13.15 -19.79
C LYS F 250 -25.67 13.28 -19.29
N GLU F 251 -25.29 12.44 -18.33
CA GLU F 251 -23.93 12.45 -17.79
C GLU F 251 -22.92 12.01 -18.85
N LEU F 252 -23.30 11.00 -19.63
CA LEU F 252 -22.42 10.47 -20.67
C LEU F 252 -22.15 11.49 -21.76
N GLU F 253 -23.17 12.28 -22.10
CA GLU F 253 -23.03 13.33 -23.10
C GLU F 253 -22.07 14.40 -22.61
N GLU F 254 -22.23 14.80 -21.36
CA GLU F 254 -21.36 15.80 -20.75
C GLU F 254 -19.92 15.29 -20.68
N LEU F 255 -19.76 13.98 -20.53
CA LEU F 255 -18.43 13.37 -20.52
C LEU F 255 -17.92 13.12 -21.93
N LYS F 256 -18.78 13.37 -22.92
CA LYS F 256 -18.44 13.25 -24.34
C LYS F 256 -18.04 11.83 -24.75
N MET F 257 -18.70 10.82 -24.20
CA MET F 257 -18.44 9.44 -24.57
C MET F 257 -19.14 9.07 -25.88
N GLY F 258 -18.65 9.65 -26.98
CA GLY F 258 -19.31 9.53 -28.27
C GLY F 258 -19.23 8.18 -28.93
N ALA F 259 -18.18 7.41 -28.61
CA ALA F 259 -18.05 6.07 -29.16
C ALA F 259 -19.09 5.15 -28.53
N TYR F 260 -19.15 5.17 -27.21
CA TYR F 260 -20.10 4.36 -26.45
C TYR F 260 -21.55 4.77 -26.73
N LEU F 261 -21.80 6.08 -26.77
CA LEU F 261 -23.15 6.59 -27.04
C LEU F 261 -23.63 6.29 -28.46
N SER F 262 -22.71 6.23 -29.41
CA SER F 262 -23.07 5.94 -30.80
C SER F 262 -23.64 4.53 -30.95
N VAL F 263 -23.01 3.57 -30.28
CA VAL F 263 -23.42 2.17 -30.34
C VAL F 263 -24.85 1.99 -29.85
N GLY F 264 -25.25 2.77 -28.85
CA GLY F 264 -26.56 2.63 -28.25
C GLY F 264 -27.67 3.41 -28.92
N LYS F 265 -27.32 4.21 -29.92
CA LYS F 265 -28.27 5.12 -30.58
C LYS F 265 -29.52 4.42 -31.12
N GLY F 266 -29.36 3.20 -31.60
CA GLY F 266 -30.46 2.49 -32.23
C GLY F 266 -31.35 1.70 -31.27
N SER F 267 -31.05 1.77 -29.97
CA SER F 267 -31.77 0.98 -28.98
C SER F 267 -32.90 1.76 -28.32
N MET F 268 -33.94 1.04 -27.91
CA MET F 268 -35.05 1.64 -27.16
C MET F 268 -34.66 1.84 -25.70
N TYR F 269 -33.58 1.19 -25.29
CA TYR F 269 -33.08 1.30 -23.93
C TYR F 269 -31.94 2.31 -23.83
N PRO F 270 -32.09 3.30 -22.94
CA PRO F 270 -31.03 4.30 -22.73
C PRO F 270 -29.74 3.67 -22.22
N ASN F 271 -28.60 4.18 -22.67
CA ASN F 271 -27.30 3.70 -22.19
C ASN F 271 -27.16 3.91 -20.69
N LYS F 272 -26.56 2.92 -20.02
CA LYS F 272 -26.29 3.01 -18.59
C LYS F 272 -24.86 2.58 -18.28
N PHE F 273 -24.08 3.48 -17.67
CA PHE F 273 -22.71 3.18 -17.32
C PHE F 273 -22.65 2.77 -15.85
N ILE F 274 -22.21 1.54 -15.60
CA ILE F 274 -22.12 1.01 -14.24
C ILE F 274 -20.74 1.29 -13.63
N HIS F 275 -20.73 1.80 -12.41
CA HIS F 275 -19.50 2.01 -11.66
C HIS F 275 -19.69 1.61 -10.20
N LEU F 276 -19.20 0.43 -9.84
CA LEU F 276 -19.19 0.00 -8.45
C LEU F 276 -17.78 0.13 -7.89
N THR F 277 -17.67 0.45 -6.61
CA THR F 277 -16.36 0.62 -6.00
C THR F 277 -16.24 -0.11 -4.68
N TYR F 278 -15.20 -0.92 -4.55
CA TYR F 278 -14.88 -1.56 -3.28
C TYR F 278 -13.61 -0.94 -2.69
N LYS F 279 -13.70 -0.51 -1.44
CA LYS F 279 -12.55 0.05 -0.74
C LYS F 279 -12.18 -0.82 0.45
N SER F 280 -10.94 -1.29 0.48
CA SER F 280 -10.49 -2.15 1.57
C SER F 280 -10.21 -1.35 2.84
N LYS F 281 -10.21 -2.06 3.97
CA LYS F 281 -9.73 -1.48 5.21
C LYS F 281 -8.21 -1.45 5.16
N GLY F 282 -7.60 -0.57 5.94
CA GLY F 282 -6.15 -0.42 5.92
C GLY F 282 -5.73 0.40 4.72
N ASP F 283 -4.43 0.68 4.63
CA ASP F 283 -3.93 1.54 3.55
C ASP F 283 -4.02 0.83 2.20
N VAL F 284 -4.40 1.58 1.18
CA VAL F 284 -4.49 1.04 -0.17
C VAL F 284 -3.09 0.85 -0.76
N LYS F 285 -2.73 -0.39 -1.05
CA LYS F 285 -1.44 -0.68 -1.65
C LYS F 285 -1.55 -0.81 -3.16
N LYS F 286 -2.78 -0.96 -3.64
CA LYS F 286 -3.02 -1.10 -5.08
C LYS F 286 -4.45 -0.75 -5.46
N LYS F 287 -4.60 0.07 -6.49
CA LYS F 287 -5.90 0.44 -7.02
C LYS F 287 -6.13 -0.24 -8.37
N ILE F 288 -7.28 -0.91 -8.51
CA ILE F 288 -7.55 -1.68 -9.70
C ILE F 288 -8.89 -1.29 -10.34
N ALA F 289 -8.90 -1.19 -11.66
CA ALA F 289 -10.14 -0.99 -12.40
C ALA F 289 -10.42 -2.20 -13.27
N LEU F 290 -11.60 -2.80 -13.07
CA LEU F 290 -12.03 -3.94 -13.88
C LEU F 290 -13.13 -3.49 -14.84
N VAL F 291 -12.91 -3.74 -16.12
CA VAL F 291 -13.84 -3.27 -17.15
C VAL F 291 -14.45 -4.44 -17.93
N GLY F 292 -15.77 -4.54 -17.90
CA GLY F 292 -16.45 -5.59 -18.63
C GLY F 292 -17.28 -5.06 -19.79
N LYS F 293 -17.18 -5.73 -20.94
CA LYS F 293 -18.03 -5.40 -22.09
C LYS F 293 -19.46 -5.79 -21.77
N GLY F 294 -20.37 -4.83 -21.90
CA GLY F 294 -21.75 -5.05 -21.54
C GLY F 294 -22.75 -4.76 -22.64
N ILE F 295 -22.65 -5.49 -23.75
CA ILE F 295 -23.65 -5.40 -24.79
C ILE F 295 -24.75 -6.42 -24.51
N THR F 296 -25.93 -5.93 -24.11
CA THR F 296 -27.01 -6.82 -23.67
C THR F 296 -27.58 -7.62 -24.83
N PHE F 297 -27.51 -7.07 -26.03
CA PHE F 297 -27.76 -7.85 -27.24
C PHE F 297 -27.03 -7.26 -28.44
N ASP F 298 -26.27 -8.10 -29.12
CA ASP F 298 -25.51 -7.66 -30.28
C ASP F 298 -26.09 -8.22 -31.56
N SER F 299 -26.94 -7.43 -32.22
CA SER F 299 -27.52 -7.81 -33.50
C SER F 299 -26.51 -7.58 -34.62
N GLY F 300 -25.52 -6.74 -34.34
CA GLY F 300 -24.54 -6.35 -35.34
C GLY F 300 -24.79 -4.97 -35.90
N GLY F 301 -25.99 -4.44 -35.65
CA GLY F 301 -26.38 -3.17 -36.23
C GLY F 301 -26.63 -3.33 -37.72
N TYR F 302 -26.36 -2.28 -38.49
CA TYR F 302 -26.57 -2.34 -39.94
C TYR F 302 -25.63 -3.35 -40.59
N ASN F 303 -24.51 -3.64 -39.96
CA ASN F 303 -23.71 -4.80 -40.32
C ASN F 303 -24.31 -6.03 -39.64
N LEU F 304 -25.56 -6.33 -39.98
CA LEU F 304 -26.35 -7.36 -39.33
C LEU F 304 -25.67 -8.73 -39.33
N LYS F 305 -25.84 -9.47 -38.24
CA LYS F 305 -25.36 -10.84 -38.16
C LYS F 305 -26.27 -11.76 -38.96
N ALA F 306 -26.08 -11.75 -40.28
CA ALA F 306 -26.94 -12.51 -41.19
C ALA F 306 -26.16 -13.62 -41.88
N ALA F 307 -24.83 -13.53 -41.83
CA ALA F 307 -23.98 -14.52 -42.47
C ALA F 307 -24.09 -15.87 -41.77
N PRO F 308 -24.01 -16.96 -42.53
CA PRO F 308 -24.00 -18.32 -41.97
C PRO F 308 -22.96 -18.48 -40.87
N GLY F 309 -23.38 -18.92 -39.69
CA GLY F 309 -22.46 -19.15 -38.59
C GLY F 309 -22.23 -17.97 -37.68
N SER F 310 -22.93 -16.87 -37.92
CA SER F 310 -22.76 -15.67 -37.09
C SER F 310 -23.53 -15.78 -35.78
N MET F 311 -24.40 -16.79 -35.69
CA MET F 311 -25.16 -17.12 -34.47
C MET F 311 -25.73 -15.91 -33.72
N ILE F 312 -26.67 -15.22 -34.36
CA ILE F 312 -27.30 -14.04 -33.77
C ILE F 312 -28.12 -14.41 -32.52
N ASP F 313 -28.52 -15.68 -32.43
CA ASP F 313 -29.35 -16.14 -31.31
C ASP F 313 -28.55 -16.35 -30.03
N LEU F 314 -27.22 -16.30 -30.13
CA LEU F 314 -26.34 -16.45 -28.98
C LEU F 314 -26.05 -15.11 -28.32
N MET F 315 -26.33 -14.04 -29.04
CA MET F 315 -25.75 -12.74 -28.73
C MET F 315 -26.30 -12.02 -27.50
N LYS F 316 -27.19 -12.68 -26.77
CA LYS F 316 -27.52 -12.21 -25.43
C LYS F 316 -26.28 -12.32 -24.53
N PHE F 317 -25.34 -13.17 -24.94
CA PHE F 317 -24.13 -13.47 -24.16
C PHE F 317 -23.04 -12.41 -24.32
N ASP F 318 -23.32 -11.42 -25.17
CA ASP F 318 -22.34 -10.39 -25.47
C ASP F 318 -22.13 -9.46 -24.26
N MET F 319 -22.69 -9.86 -23.13
CA MET F 319 -22.60 -9.12 -21.88
C MET F 319 -21.75 -9.87 -20.86
N SER F 320 -21.16 -10.99 -21.28
CA SER F 320 -20.44 -11.89 -20.39
C SER F 320 -19.28 -11.23 -19.64
N GLY F 321 -18.66 -10.23 -20.27
CA GLY F 321 -17.59 -9.47 -19.65
C GLY F 321 -18.09 -8.70 -18.46
N CYS F 322 -19.20 -8.00 -18.64
CA CYS F 322 -19.85 -7.29 -17.55
C CYS F 322 -20.27 -8.25 -16.42
N ALA F 323 -20.78 -9.43 -16.80
CA ALA F 323 -21.23 -10.41 -15.83
C ALA F 323 -20.08 -10.94 -14.97
N ALA F 324 -18.93 -11.13 -15.59
CA ALA F 324 -17.74 -11.60 -14.88
C ALA F 324 -17.26 -10.55 -13.90
N VAL F 325 -17.36 -9.28 -14.30
CA VAL F 325 -16.97 -8.18 -13.43
C VAL F 325 -17.90 -8.06 -12.22
N LEU F 326 -19.20 -8.19 -12.46
CA LEU F 326 -20.20 -8.10 -11.38
C LEU F 326 -20.11 -9.32 -10.45
N GLY F 327 -19.86 -10.48 -11.03
CA GLY F 327 -19.67 -11.69 -10.25
C GLY F 327 -18.42 -11.57 -9.39
N CYS F 328 -17.39 -10.95 -9.95
CA CYS F 328 -16.17 -10.67 -9.21
C CYS F 328 -16.43 -9.72 -8.05
N ALA F 329 -17.30 -8.74 -8.29
CA ALA F 329 -17.70 -7.80 -7.26
C ALA F 329 -18.38 -8.52 -6.08
N TYR F 330 -19.11 -9.58 -6.38
CA TYR F 330 -19.72 -10.37 -5.31
C TYR F 330 -18.66 -11.04 -4.45
N CYS F 331 -17.70 -11.70 -5.11
CA CYS F 331 -16.66 -12.43 -4.41
C CYS F 331 -15.78 -11.49 -3.57
N VAL F 332 -15.36 -10.39 -4.18
CA VAL F 332 -14.54 -9.40 -3.49
C VAL F 332 -15.29 -8.79 -2.32
N GLY F 333 -16.54 -8.42 -2.54
CA GLY F 333 -17.36 -7.82 -1.49
C GLY F 333 -17.66 -8.76 -0.35
N THR F 334 -17.57 -10.07 -0.62
CA THR F 334 -17.89 -11.08 0.37
C THR F 334 -16.66 -11.53 1.15
N LEU F 335 -15.57 -11.78 0.43
CA LEU F 335 -14.33 -12.22 1.06
C LEU F 335 -13.58 -11.05 1.68
N LYS F 336 -13.90 -9.84 1.21
CA LYS F 336 -13.35 -8.60 1.76
C LYS F 336 -11.83 -8.58 1.87
N PRO F 337 -11.11 -8.65 0.74
CA PRO F 337 -9.64 -8.56 0.80
C PRO F 337 -9.18 -7.20 1.28
N GLU F 338 -7.95 -7.10 1.78
CA GLU F 338 -7.45 -5.85 2.33
C GLU F 338 -6.39 -5.21 1.44
N ASN F 339 -6.12 -3.93 1.71
CA ASN F 339 -5.09 -3.16 1.02
C ASN F 339 -5.30 -3.06 -0.49
N VAL F 340 -6.55 -3.03 -0.93
CA VAL F 340 -6.84 -2.88 -2.35
C VAL F 340 -8.12 -2.09 -2.59
N GLU F 341 -8.07 -1.20 -3.58
CA GLU F 341 -9.24 -0.47 -4.02
C GLU F 341 -9.62 -0.96 -5.41
N ILE F 342 -10.87 -1.34 -5.59
CA ILE F 342 -11.30 -1.93 -6.86
C ILE F 342 -12.53 -1.24 -7.43
N HIS F 343 -12.44 -0.85 -8.70
CA HIS F 343 -13.57 -0.25 -9.40
C HIS F 343 -14.13 -1.22 -10.43
N PHE F 344 -15.43 -1.42 -10.39
CA PHE F 344 -16.10 -2.34 -11.31
C PHE F 344 -16.89 -1.54 -12.34
N LEU F 345 -16.42 -1.55 -13.58
CA LEU F 345 -16.96 -0.70 -14.62
C LEU F 345 -17.57 -1.49 -15.77
N SER F 346 -18.61 -0.94 -16.38
CA SER F 346 -19.17 -1.50 -17.60
C SER F 346 -20.01 -0.48 -18.36
N ALA F 347 -19.65 -0.25 -19.62
CA ALA F 347 -20.42 0.63 -20.48
C ALA F 347 -21.53 -0.18 -21.16
N VAL F 348 -22.70 -0.21 -20.54
CA VAL F 348 -23.78 -1.09 -20.99
C VAL F 348 -24.66 -0.42 -22.04
N CYS F 349 -24.93 -1.14 -23.11
CA CYS F 349 -25.83 -0.67 -24.17
C CYS F 349 -26.32 -1.83 -25.03
N GLU F 350 -27.18 -1.52 -26.01
CA GLU F 350 -27.74 -2.53 -26.90
C GLU F 350 -27.53 -2.12 -28.35
N ASN F 351 -26.91 -3.01 -29.14
CA ASN F 351 -26.58 -2.74 -30.53
C ASN F 351 -27.69 -3.19 -31.48
N MET F 352 -28.57 -2.27 -31.86
CA MET F 352 -29.77 -2.61 -32.62
C MET F 352 -29.85 -1.94 -33.98
N VAL F 353 -30.83 -2.37 -34.77
CA VAL F 353 -31.10 -1.78 -36.08
C VAL F 353 -32.32 -0.88 -36.00
N SER F 354 -32.17 0.36 -36.47
CA SER F 354 -33.21 1.35 -36.32
C SER F 354 -32.96 2.53 -37.25
N LYS F 355 -33.94 3.43 -37.33
CA LYS F 355 -33.73 4.69 -38.03
C LYS F 355 -32.70 5.53 -37.28
N ASN F 356 -32.55 5.23 -35.99
CA ASN F 356 -31.69 6.02 -35.11
C ASN F 356 -30.27 5.45 -34.92
N SER F 357 -29.98 4.32 -35.57
CA SER F 357 -28.72 3.62 -35.36
C SER F 357 -27.54 4.36 -36.00
N TYR F 358 -26.33 4.04 -35.56
CA TYR F 358 -25.12 4.51 -36.24
C TYR F 358 -24.92 3.65 -37.49
N ARG F 359 -24.32 4.26 -38.51
CA ARG F 359 -24.14 3.64 -39.83
C ARG F 359 -22.69 3.27 -40.03
N PRO F 360 -22.43 2.28 -40.86
CA PRO F 360 -21.08 2.05 -41.35
C PRO F 360 -20.59 3.31 -42.06
N GLY F 361 -19.36 3.73 -41.77
CA GLY F 361 -18.82 4.93 -42.39
C GLY F 361 -18.89 6.15 -41.51
N ASP F 362 -19.73 6.09 -40.47
CA ASP F 362 -19.87 7.19 -39.53
C ASP F 362 -18.56 7.50 -38.83
N ILE F 363 -18.31 8.78 -38.59
CA ILE F 363 -17.14 9.20 -37.84
C ILE F 363 -17.59 9.76 -36.50
N ILE F 364 -17.07 9.16 -35.42
CA ILE F 364 -17.49 9.51 -34.08
C ILE F 364 -16.30 9.90 -33.23
N THR F 365 -16.56 10.59 -32.12
CA THR F 365 -15.48 11.12 -31.29
C THR F 365 -15.51 10.55 -29.87
N ALA F 366 -14.43 9.88 -29.50
CA ALA F 366 -14.32 9.31 -28.15
C ALA F 366 -14.14 10.40 -27.10
N SER F 367 -14.22 10.01 -25.83
CA SER F 367 -14.13 10.96 -24.73
C SER F 367 -12.74 11.57 -24.55
N ASN F 368 -11.74 10.99 -25.24
CA ASN F 368 -10.39 11.57 -25.18
C ASN F 368 -10.10 12.44 -26.41
N GLY F 369 -11.13 12.71 -27.19
CA GLY F 369 -10.99 13.58 -28.35
C GLY F 369 -10.68 12.89 -29.66
N LYS F 370 -10.35 11.60 -29.60
CA LYS F 370 -9.98 10.85 -30.80
C LYS F 370 -11.19 10.58 -31.69
N THR F 371 -11.07 10.94 -32.96
CA THR F 371 -12.12 10.66 -33.93
C THR F 371 -11.94 9.26 -34.51
N ILE F 372 -13.05 8.54 -34.63
CA ILE F 372 -13.02 7.14 -35.06
C ILE F 372 -13.90 6.91 -36.27
N GLU F 373 -13.34 6.33 -37.33
CA GLU F 373 -14.15 5.97 -38.48
C GLU F 373 -14.69 4.55 -38.32
N VAL F 374 -16.00 4.43 -38.36
CA VAL F 374 -16.66 3.13 -38.21
C VAL F 374 -16.68 2.38 -39.55
N GLY F 375 -15.97 1.26 -39.61
CA GLY F 375 -15.96 0.44 -40.80
C GLY F 375 -16.95 -0.71 -40.73
N ASN F 376 -17.38 -1.03 -39.52
CA ASN F 376 -18.27 -2.17 -39.29
C ASN F 376 -19.09 -1.97 -37.99
N THR F 377 -20.41 -1.89 -38.11
CA THR F 377 -21.25 -1.67 -36.95
C THR F 377 -21.28 -2.87 -35.98
N ASP F 378 -20.78 -4.03 -36.43
CA ASP F 378 -20.76 -5.23 -35.60
C ASP F 378 -19.47 -5.30 -34.78
N ALA F 379 -18.56 -4.36 -35.00
CA ALA F 379 -17.38 -4.25 -34.14
C ALA F 379 -17.63 -3.18 -33.08
N GLU F 380 -18.73 -3.33 -32.36
CA GLU F 380 -19.21 -2.29 -31.45
C GLU F 380 -18.56 -2.37 -30.07
N GLY F 381 -18.09 -3.57 -29.71
CA GLY F 381 -17.48 -3.79 -28.41
C GLY F 381 -16.31 -2.87 -28.10
N ARG F 382 -15.39 -2.73 -29.05
CA ARG F 382 -14.20 -1.94 -28.83
C ARG F 382 -14.54 -0.45 -28.70
N LEU F 383 -15.65 -0.03 -29.31
CA LEU F 383 -16.09 1.35 -29.24
C LEU F 383 -16.57 1.70 -27.83
N THR F 384 -17.37 0.83 -27.25
CA THR F 384 -17.87 1.04 -25.89
C THR F 384 -16.70 0.96 -24.92
N LEU F 385 -15.80 0.02 -25.15
CA LEU F 385 -14.63 -0.17 -24.30
C LEU F 385 -13.67 1.02 -24.35
N ALA F 386 -13.62 1.68 -25.51
CA ALA F 386 -12.75 2.84 -25.68
C ALA F 386 -13.09 3.94 -24.67
N ASP F 387 -14.37 4.27 -24.58
CA ASP F 387 -14.82 5.29 -23.63
C ASP F 387 -14.72 4.79 -22.20
N ALA F 388 -14.87 3.48 -22.01
CA ALA F 388 -14.76 2.88 -20.68
C ALA F 388 -13.33 2.94 -20.17
N LEU F 389 -12.37 2.69 -21.05
CA LEU F 389 -10.96 2.71 -20.67
C LEU F 389 -10.47 4.13 -20.36
N VAL F 390 -10.94 5.11 -21.12
CA VAL F 390 -10.62 6.51 -20.85
C VAL F 390 -11.15 6.92 -19.48
N TYR F 391 -12.38 6.53 -19.20
CA TYR F 391 -12.99 6.76 -17.89
C TYR F 391 -12.16 6.08 -16.80
N ALA F 392 -11.72 4.86 -17.08
CA ALA F 392 -10.98 4.06 -16.10
C ALA F 392 -9.62 4.68 -15.76
N GLU F 393 -8.89 5.15 -16.76
CA GLU F 393 -7.56 5.69 -16.52
C GLU F 393 -7.63 6.99 -15.72
N LYS F 394 -8.74 7.70 -15.85
CA LYS F 394 -8.93 8.96 -15.12
C LYS F 394 -9.12 8.72 -13.62
N LEU F 395 -9.39 7.48 -13.23
CA LEU F 395 -9.53 7.12 -11.82
C LEU F 395 -8.17 7.02 -11.14
N GLY F 396 -7.11 7.02 -11.94
CA GLY F 396 -5.76 6.97 -11.43
C GLY F 396 -5.44 5.65 -10.74
N VAL F 397 -5.71 4.54 -11.42
CA VAL F 397 -5.46 3.23 -10.85
C VAL F 397 -4.10 2.69 -11.30
N ASP F 398 -3.67 1.59 -10.69
CA ASP F 398 -2.39 0.99 -11.03
C ASP F 398 -2.56 -0.01 -12.17
N TYR F 399 -3.66 -0.75 -12.14
CA TYR F 399 -3.94 -1.77 -13.16
C TYR F 399 -5.32 -1.58 -13.77
N ILE F 400 -5.39 -1.66 -15.10
CA ILE F 400 -6.66 -1.75 -15.80
C ILE F 400 -6.76 -3.08 -16.52
N VAL F 401 -7.71 -3.90 -16.10
CA VAL F 401 -7.96 -5.17 -16.79
C VAL F 401 -9.36 -5.17 -17.37
N ASP F 402 -9.47 -5.37 -18.68
CA ASP F 402 -10.80 -5.52 -19.26
C ASP F 402 -11.03 -6.96 -19.68
N ILE F 403 -12.29 -7.36 -19.72
CA ILE F 403 -12.69 -8.70 -20.12
C ILE F 403 -13.91 -8.59 -21.03
N ALA F 404 -13.89 -9.29 -22.17
CA ALA F 404 -14.89 -9.01 -23.20
C ALA F 404 -15.08 -10.14 -24.21
N THR F 405 -16.32 -10.28 -24.67
CA THR F 405 -16.61 -11.14 -25.81
C THR F 405 -16.38 -10.35 -27.09
N LEU F 406 -15.11 -10.09 -27.40
CA LEU F 406 -14.74 -9.09 -28.38
C LEU F 406 -14.66 -9.61 -29.82
N THR F 407 -13.89 -10.67 -30.05
CA THR F 407 -13.66 -11.13 -31.42
C THR F 407 -13.97 -12.61 -31.65
N GLY F 408 -14.74 -12.89 -32.70
CA GLY F 408 -15.07 -14.25 -33.07
C GLY F 408 -13.85 -15.06 -33.44
N ALA F 409 -12.76 -14.38 -33.76
CA ALA F 409 -11.52 -15.03 -34.19
C ALA F 409 -10.89 -15.88 -33.10
N MET F 410 -11.27 -15.62 -31.85
CA MET F 410 -10.77 -16.40 -30.72
C MET F 410 -11.08 -17.89 -30.87
N LEU F 411 -12.19 -18.18 -31.54
CA LEU F 411 -12.57 -19.56 -31.82
C LEU F 411 -11.54 -20.27 -32.70
N TYR F 412 -10.87 -19.49 -33.55
CA TYR F 412 -9.91 -20.04 -34.49
C TYR F 412 -8.48 -20.03 -33.95
N SER F 413 -8.25 -19.26 -32.90
CA SER F 413 -6.93 -19.22 -32.29
C SER F 413 -6.84 -20.17 -31.09
N LEU F 414 -7.55 -19.86 -30.02
CA LEU F 414 -7.44 -20.65 -28.79
C LEU F 414 -8.60 -21.62 -28.61
N GLY F 415 -9.75 -21.30 -29.20
CA GLY F 415 -10.90 -22.19 -29.14
C GLY F 415 -11.86 -21.89 -28.01
N THR F 416 -12.51 -22.93 -27.51
CA THR F 416 -13.58 -22.75 -26.52
C THR F 416 -13.12 -22.98 -25.09
N SER F 417 -11.85 -23.35 -24.90
CA SER F 417 -11.35 -23.65 -23.56
C SER F 417 -10.47 -22.55 -22.97
N TYR F 418 -9.54 -22.03 -23.76
CA TYR F 418 -8.59 -21.02 -23.30
C TYR F 418 -8.96 -19.61 -23.76
N ALA F 419 -9.00 -18.67 -22.82
CA ALA F 419 -9.16 -17.26 -23.17
C ALA F 419 -7.80 -16.70 -23.57
N GLY F 420 -7.81 -15.59 -24.30
CA GLY F 420 -6.58 -14.91 -24.67
C GLY F 420 -6.40 -13.63 -23.88
N VAL F 421 -5.16 -13.36 -23.46
CA VAL F 421 -4.88 -12.10 -22.79
C VAL F 421 -3.84 -11.31 -23.58
N PHE F 422 -4.13 -10.03 -23.78
CA PHE F 422 -3.27 -9.09 -24.46
C PHE F 422 -2.96 -7.95 -23.49
N GLY F 423 -1.86 -7.23 -23.69
CA GLY F 423 -1.56 -6.12 -22.79
C GLY F 423 -0.33 -5.30 -23.13
N ASN F 424 -0.17 -4.19 -22.41
CA ASN F 424 0.96 -3.28 -22.62
C ASN F 424 2.01 -3.40 -21.52
N ASN F 425 1.84 -4.38 -20.63
CA ASN F 425 2.70 -4.50 -19.46
C ASN F 425 2.92 -5.96 -19.06
N GLU F 426 4.16 -6.41 -19.13
CA GLU F 426 4.47 -7.81 -18.95
C GLU F 426 4.21 -8.31 -17.53
N GLU F 427 4.49 -7.48 -16.54
CA GLU F 427 4.27 -7.87 -15.15
C GLU F 427 2.80 -8.09 -14.88
N LEU F 428 1.95 -7.19 -15.36
CA LEU F 428 0.51 -7.33 -15.22
C LEU F 428 0.03 -8.60 -15.90
N ILE F 429 0.50 -8.82 -17.12
CA ILE F 429 0.18 -10.04 -17.87
C ILE F 429 0.55 -11.29 -17.06
N ASN F 430 1.74 -11.26 -16.47
CA ASN F 430 2.21 -12.39 -15.68
C ASN F 430 1.35 -12.62 -14.43
N LYS F 431 0.78 -11.55 -13.89
CA LYS F 431 -0.14 -11.66 -12.77
C LYS F 431 -1.44 -12.33 -13.19
N ILE F 432 -1.91 -12.00 -14.41
CA ILE F 432 -3.11 -12.63 -14.95
C ILE F 432 -2.88 -14.11 -15.19
N LEU F 433 -1.72 -14.44 -15.76
CA LEU F 433 -1.34 -15.83 -16.00
C LEU F 433 -1.25 -16.60 -14.68
N GLN F 434 -0.76 -15.95 -13.64
CA GLN F 434 -0.66 -16.57 -12.32
C GLN F 434 -2.04 -16.80 -11.73
N SER F 435 -2.93 -15.82 -11.92
CA SER F 435 -4.30 -15.92 -11.44
C SER F 435 -5.06 -17.01 -12.19
N SER F 436 -4.69 -17.22 -13.45
CA SER F 436 -5.29 -18.28 -14.26
C SER F 436 -4.96 -19.64 -13.68
N LYS F 437 -3.72 -19.78 -13.22
CA LYS F 437 -3.25 -21.05 -12.68
C LYS F 437 -3.94 -21.41 -11.35
N THR F 438 -4.12 -20.42 -10.49
CA THR F 438 -4.70 -20.69 -9.17
C THR F 438 -6.23 -20.74 -9.20
N SER F 439 -6.84 -20.10 -10.20
CA SER F 439 -8.28 -20.15 -10.36
C SER F 439 -8.71 -21.32 -11.23
N ASN F 440 -7.74 -21.88 -11.96
CA ASN F 440 -7.98 -22.94 -12.93
C ASN F 440 -8.98 -22.56 -14.02
N GLU F 441 -9.06 -21.27 -14.32
CA GLU F 441 -9.72 -20.77 -15.52
C GLU F 441 -8.64 -20.42 -16.54
N PRO F 442 -8.38 -21.32 -17.51
CA PRO F 442 -7.23 -21.25 -18.42
C PRO F 442 -7.18 -20.01 -19.30
N VAL F 443 -6.00 -19.40 -19.38
CA VAL F 443 -5.76 -18.21 -20.18
C VAL F 443 -4.41 -18.36 -20.90
N TRP F 444 -4.31 -17.82 -22.11
CA TRP F 444 -3.03 -17.84 -22.85
C TRP F 444 -2.64 -16.45 -23.35
N TRP F 445 -1.36 -16.14 -23.21
CA TRP F 445 -0.84 -14.83 -23.58
C TRP F 445 -0.65 -14.70 -25.10
N LEU F 446 -1.34 -13.72 -25.68
CA LEU F 446 -1.24 -13.46 -27.12
C LEU F 446 -0.62 -12.07 -27.36
N PRO F 447 0.12 -11.92 -28.46
CA PRO F 447 0.88 -10.69 -28.69
C PRO F 447 0.08 -9.54 -29.30
N ILE F 448 0.43 -8.32 -28.91
CA ILE F 448 -0.01 -7.13 -29.60
C ILE F 448 1.08 -6.74 -30.60
N ILE F 449 0.88 -7.09 -31.86
CA ILE F 449 1.89 -6.89 -32.88
C ILE F 449 1.80 -5.48 -33.48
N ASN F 450 2.81 -4.66 -33.19
CA ASN F 450 2.80 -3.25 -33.57
C ASN F 450 2.83 -3.02 -35.08
N GLU F 451 3.33 -3.99 -35.83
CA GLU F 451 3.42 -3.86 -37.28
C GLU F 451 2.03 -3.80 -37.93
N TYR F 452 1.00 -4.19 -37.20
CA TYR F 452 -0.37 -4.17 -37.74
C TYR F 452 -1.06 -2.84 -37.48
N ARG F 453 -0.46 -2.00 -36.63
CA ARG F 453 -1.06 -0.73 -36.24
C ARG F 453 -1.35 0.19 -37.42
N ALA F 454 -0.48 0.17 -38.43
CA ALA F 454 -0.62 1.05 -39.58
C ALA F 454 -1.95 0.85 -40.33
N THR F 455 -2.52 -0.33 -40.20
CA THR F 455 -3.77 -0.65 -40.90
C THR F 455 -4.98 0.02 -40.24
N LEU F 456 -4.75 0.63 -39.09
CA LEU F 456 -5.81 1.39 -38.42
C LEU F 456 -5.69 2.88 -38.74
N ASN F 457 -4.76 3.23 -39.63
CA ASN F 457 -4.62 4.60 -40.07
C ASN F 457 -5.76 5.01 -40.97
N SER F 458 -6.68 5.82 -40.44
CA SER F 458 -7.82 6.27 -41.21
C SER F 458 -7.42 7.40 -42.17
N LYS F 459 -8.05 7.41 -43.33
CA LYS F 459 -7.82 8.48 -44.30
C LYS F 459 -8.41 9.79 -43.80
N TYR F 460 -9.51 9.70 -43.06
CA TYR F 460 -10.27 10.89 -42.67
C TYR F 460 -10.32 11.14 -41.16
N ALA F 461 -10.48 10.08 -40.38
CA ALA F 461 -10.52 10.22 -38.91
C ALA F 461 -9.14 10.03 -38.31
N ASP F 462 -9.03 10.19 -37.00
CA ASP F 462 -7.78 9.95 -36.30
C ASP F 462 -7.36 8.50 -36.39
N ILE F 463 -8.34 7.59 -36.40
CA ILE F 463 -8.05 6.16 -36.40
C ILE F 463 -9.24 5.36 -36.94
N ASN F 464 -8.94 4.21 -37.54
CA ASN F 464 -9.97 3.28 -37.95
C ASN F 464 -10.42 2.38 -36.80
N GLN F 465 -11.71 2.04 -36.81
CA GLN F 465 -12.27 1.09 -35.85
C GLN F 465 -11.76 -0.32 -36.16
N ILE F 466 -11.72 -0.66 -37.45
CA ILE F 466 -11.29 -1.97 -37.90
C ILE F 466 -10.29 -1.88 -39.04
N SER F 467 -9.51 -2.93 -39.23
CA SER F 467 -8.66 -3.05 -40.40
C SER F 467 -9.51 -3.47 -41.60
N SER F 468 -9.11 -3.09 -42.81
CA SER F 468 -9.86 -3.49 -44.01
C SER F 468 -9.71 -5.02 -44.25
N SER F 469 -8.77 -5.64 -43.52
CA SER F 469 -8.71 -7.04 -43.08
C SER F 469 -7.25 -7.53 -42.96
N VAL F 470 -6.70 -7.44 -41.76
CA VAL F 470 -5.39 -7.99 -41.44
C VAL F 470 -5.64 -9.46 -41.11
N LYS F 471 -6.92 -9.78 -40.90
CA LYS F 471 -7.40 -11.13 -40.50
C LYS F 471 -7.14 -11.41 -39.03
N ALA F 472 -6.00 -10.95 -38.52
CA ALA F 472 -5.68 -11.10 -37.11
C ALA F 472 -6.56 -10.17 -36.27
N SER F 473 -7.86 -10.46 -36.28
CA SER F 473 -8.88 -9.58 -35.69
C SER F 473 -8.67 -9.31 -34.22
N SER F 474 -8.33 -10.34 -33.45
CA SER F 474 -8.16 -10.20 -32.02
C SER F 474 -7.00 -9.26 -31.71
N ILE F 475 -5.92 -9.38 -32.48
CA ILE F 475 -4.75 -8.53 -32.30
C ILE F 475 -5.05 -7.09 -32.72
N VAL F 476 -5.73 -6.93 -33.85
CA VAL F 476 -6.07 -5.60 -34.34
C VAL F 476 -6.98 -4.87 -33.36
N ALA F 477 -7.97 -5.58 -32.83
CA ALA F 477 -8.86 -5.02 -31.81
C ALA F 477 -8.05 -4.57 -30.59
N SER F 478 -7.05 -5.37 -30.22
CA SER F 478 -6.18 -5.04 -29.09
C SER F 478 -5.37 -3.77 -29.37
N LEU F 479 -4.97 -3.58 -30.63
CA LEU F 479 -4.26 -2.38 -31.03
C LEU F 479 -5.14 -1.15 -30.91
N PHE F 480 -6.43 -1.32 -31.23
CA PHE F 480 -7.39 -0.22 -31.14
C PHE F 480 -7.60 0.17 -29.67
N LEU F 481 -7.82 -0.82 -28.82
CA LEU F 481 -8.04 -0.59 -27.40
C LEU F 481 -6.85 0.11 -26.76
N LYS F 482 -5.65 -0.30 -27.16
CA LYS F 482 -4.41 0.24 -26.60
C LYS F 482 -4.31 1.75 -26.82
N GLU F 483 -4.94 2.24 -27.88
CA GLU F 483 -4.93 3.66 -28.20
C GLU F 483 -5.65 4.51 -27.15
N PHE F 484 -6.38 3.86 -26.25
CA PHE F 484 -7.18 4.59 -25.27
C PHE F 484 -6.68 4.36 -23.85
N VAL F 485 -5.45 3.87 -23.76
CA VAL F 485 -4.72 3.81 -22.49
C VAL F 485 -3.36 4.47 -22.69
N GLN F 486 -3.04 5.46 -21.86
CA GLN F 486 -1.84 6.27 -22.09
C GLN F 486 -0.66 5.90 -21.19
N ASN F 487 -0.85 5.93 -19.88
CA ASN F 487 0.25 5.68 -18.95
C ASN F 487 -0.14 4.76 -17.80
N THR F 488 -0.86 3.69 -18.11
CA THR F 488 -1.30 2.75 -17.09
C THR F 488 -1.11 1.31 -17.56
N ALA F 489 -0.62 0.45 -16.67
CA ALA F 489 -0.52 -0.97 -16.96
C ALA F 489 -1.90 -1.53 -17.27
N TRP F 490 -2.04 -2.14 -18.43
CA TRP F 490 -3.35 -2.55 -18.93
C TRP F 490 -3.32 -3.93 -19.58
N ALA F 491 -4.33 -4.75 -19.30
CA ALA F 491 -4.45 -6.05 -19.92
C ALA F 491 -5.87 -6.26 -20.44
N HIS F 492 -5.99 -7.09 -21.48
CA HIS F 492 -7.25 -7.29 -22.17
C HIS F 492 -7.53 -8.78 -22.37
N ILE F 493 -8.61 -9.27 -21.77
CA ILE F 493 -8.95 -10.68 -21.84
C ILE F 493 -10.12 -10.92 -22.78
N ASP F 494 -9.85 -11.59 -23.91
CA ASP F 494 -10.89 -11.86 -24.89
C ASP F 494 -11.53 -13.22 -24.60
N ILE F 495 -12.81 -13.20 -24.23
CA ILE F 495 -13.50 -14.40 -23.82
C ILE F 495 -14.63 -14.77 -24.78
N ALA F 496 -14.56 -14.26 -26.01
CA ALA F 496 -15.61 -14.49 -27.00
C ALA F 496 -15.75 -15.96 -27.35
N GLY F 497 -14.66 -16.71 -27.20
CA GLY F 497 -14.67 -18.13 -27.51
C GLY F 497 -14.97 -19.03 -26.33
N VAL F 498 -14.70 -18.57 -25.12
CA VAL F 498 -14.81 -19.43 -23.95
C VAL F 498 -16.06 -19.20 -23.10
N SER F 499 -16.80 -18.13 -23.38
CA SER F 499 -17.90 -17.73 -22.51
C SER F 499 -19.05 -18.74 -22.50
N TRP F 500 -19.41 -19.26 -23.66
CA TRP F 500 -20.58 -20.12 -23.76
C TRP F 500 -20.20 -21.60 -23.83
N ASN F 501 -20.85 -22.41 -23.01
CA ASN F 501 -20.70 -23.86 -23.06
C ASN F 501 -21.69 -24.43 -24.09
N PHE F 502 -21.24 -24.62 -25.31
CA PHE F 502 -22.11 -25.01 -26.40
C PHE F 502 -22.69 -26.42 -26.23
N LYS F 503 -21.94 -27.31 -25.59
CA LYS F 503 -22.40 -28.68 -25.40
C LYS F 503 -23.49 -28.76 -24.34
N ALA F 504 -23.33 -28.00 -23.27
CA ALA F 504 -24.31 -28.00 -22.18
C ALA F 504 -25.40 -26.96 -22.41
N ARG F 505 -25.21 -26.13 -23.43
CA ARG F 505 -26.16 -25.08 -23.81
C ARG F 505 -26.40 -24.09 -22.68
N LYS F 506 -25.33 -23.64 -22.04
CA LYS F 506 -25.42 -22.72 -20.91
C LYS F 506 -24.14 -21.89 -20.80
N PRO F 507 -24.18 -20.77 -20.05
CA PRO F 507 -22.94 -20.00 -19.85
C PRO F 507 -21.95 -20.72 -18.94
N LYS F 508 -20.70 -20.30 -18.96
CA LYS F 508 -19.70 -20.84 -18.06
C LYS F 508 -19.53 -19.92 -16.85
N GLY F 509 -19.89 -18.66 -17.01
CA GLY F 509 -19.60 -17.64 -16.02
C GLY F 509 -18.09 -17.45 -15.93
N PHE F 510 -17.44 -17.53 -17.09
CA PHE F 510 -15.99 -17.47 -17.20
C PHE F 510 -15.45 -16.11 -16.77
N GLY F 511 -14.38 -16.11 -15.98
CA GLY F 511 -13.69 -14.89 -15.64
C GLY F 511 -13.86 -14.43 -14.21
N VAL F 512 -14.93 -14.86 -13.55
CA VAL F 512 -15.21 -14.44 -12.18
C VAL F 512 -14.10 -14.88 -11.24
N ARG F 513 -13.79 -16.17 -11.25
CA ARG F 513 -12.78 -16.73 -10.36
C ARG F 513 -11.39 -16.25 -10.76
N LEU F 514 -11.20 -16.01 -12.04
CA LEU F 514 -9.93 -15.47 -12.56
C LEU F 514 -9.64 -14.08 -12.00
N LEU F 515 -10.57 -13.16 -12.18
CA LEU F 515 -10.38 -11.79 -11.72
C LEU F 515 -10.30 -11.71 -10.20
N THR F 516 -11.02 -12.58 -9.50
CA THR F 516 -11.02 -12.56 -8.04
C THR F 516 -9.69 -13.05 -7.49
N GLU F 517 -9.14 -14.10 -8.07
CA GLU F 517 -7.81 -14.57 -7.67
C GLU F 517 -6.76 -13.50 -7.96
N PHE F 518 -7.04 -12.68 -8.97
CA PHE F 518 -6.13 -11.60 -9.33
C PHE F 518 -6.08 -10.51 -8.26
N VAL F 519 -7.23 -10.11 -7.76
CA VAL F 519 -7.28 -9.06 -6.74
C VAL F 519 -6.86 -9.56 -5.37
N LEU F 520 -7.11 -10.85 -5.10
CA LEU F 520 -6.79 -11.43 -3.80
C LEU F 520 -5.30 -11.67 -3.63
N ASN F 521 -4.68 -12.31 -4.61
CA ASN F 521 -3.27 -12.68 -4.52
C ASN F 521 -2.32 -11.52 -4.80
N ASP F 522 -2.87 -10.36 -5.10
CA ASP F 522 -2.06 -9.18 -5.39
C ASP F 522 -1.74 -8.40 -4.13
N ALA G 4 63.49 -1.96 40.59
CA ALA G 4 62.44 -1.08 40.12
C ALA G 4 61.43 -1.83 39.26
N SER G 5 60.16 -1.47 39.38
CA SER G 5 59.10 -2.14 38.64
C SER G 5 58.59 -1.28 37.48
N GLU G 6 58.13 -1.95 36.43
CA GLU G 6 57.58 -1.25 35.26
C GLU G 6 56.21 -0.67 35.58
N VAL G 7 56.02 0.60 35.23
CA VAL G 7 54.76 1.29 35.45
C VAL G 7 53.75 0.97 34.36
N PRO G 8 52.60 0.41 34.73
CA PRO G 8 51.58 0.07 33.73
C PRO G 8 50.93 1.32 33.11
N GLN G 9 50.53 1.20 31.85
CA GLN G 9 49.92 2.31 31.14
C GLN G 9 48.59 1.88 30.53
N VAL G 10 47.68 2.84 30.37
CA VAL G 10 46.45 2.59 29.62
C VAL G 10 46.70 2.96 28.17
N VAL G 11 47.21 4.17 27.96
CA VAL G 11 47.67 4.61 26.65
C VAL G 11 49.17 4.91 26.73
N SER G 12 49.81 4.96 25.57
CA SER G 12 51.26 5.14 25.52
C SER G 12 51.69 6.51 26.04
N LEU G 13 50.74 7.44 26.09
CA LEU G 13 51.03 8.81 26.53
C LEU G 13 51.04 8.94 28.05
N ASP G 14 50.64 7.87 28.75
CA ASP G 14 50.67 7.88 30.20
C ASP G 14 52.10 7.90 30.72
N PRO G 15 52.40 8.81 31.65
CA PRO G 15 53.74 8.94 32.24
C PRO G 15 54.18 7.71 33.03
N THR G 16 55.47 7.39 32.95
CA THR G 16 55.99 6.19 33.59
C THR G 16 56.97 6.49 34.72
N SER G 17 57.08 7.77 35.09
CA SER G 17 57.90 8.16 36.23
C SER G 17 57.54 9.55 36.72
N ILE G 18 57.87 9.83 37.98
CA ILE G 18 57.74 11.16 38.54
C ILE G 18 58.97 11.99 38.20
N PRO G 19 58.79 13.11 37.48
CA PRO G 19 59.94 13.99 37.26
C PRO G 19 60.42 14.59 38.56
N ILE G 20 61.70 14.47 38.86
CA ILE G 20 62.25 15.00 40.11
C ILE G 20 63.43 15.92 39.84
N GLU G 21 63.36 17.12 40.38
CA GLU G 21 64.50 18.05 40.31
C GLU G 21 65.33 17.91 41.57
N TYR G 22 66.54 17.37 41.42
CA TYR G 22 67.45 17.20 42.54
C TYR G 22 68.37 18.40 42.68
N ASN G 23 69.02 18.77 41.58
CA ASN G 23 69.92 19.90 41.57
C ASN G 23 69.16 21.20 41.30
N THR G 24 68.66 21.81 42.37
CA THR G 24 67.86 23.02 42.26
C THR G 24 68.76 24.27 42.28
N PRO G 25 68.27 25.39 41.73
CA PRO G 25 69.00 26.66 41.76
C PRO G 25 69.43 27.08 43.16
N ILE G 26 68.66 26.67 44.16
CA ILE G 26 69.01 26.95 45.56
C ILE G 26 70.39 26.35 45.89
N HIS G 27 70.67 25.17 45.34
CA HIS G 27 71.92 24.48 45.61
C HIS G 27 73.12 25.17 44.96
N ASP G 28 72.85 26.05 43.99
CA ASP G 28 73.93 26.79 43.34
C ASP G 28 74.30 28.04 44.12
N ILE G 29 73.43 28.45 45.04
CA ILE G 29 73.66 29.69 45.79
C ILE G 29 74.79 29.54 46.80
N LYS G 30 75.80 30.39 46.66
CA LYS G 30 76.89 30.47 47.63
C LYS G 30 76.49 31.37 48.80
N VAL G 31 76.55 30.82 50.01
CA VAL G 31 76.16 31.56 51.20
C VAL G 31 77.37 32.05 51.97
N GLN G 32 77.36 33.32 52.33
CA GLN G 32 78.42 33.89 53.15
C GLN G 32 77.81 34.53 54.40
N VAL G 33 78.32 34.16 55.57
CA VAL G 33 77.85 34.73 56.82
C VAL G 33 78.92 35.64 57.43
N TYR G 34 78.55 36.90 57.66
CA TYR G 34 79.47 37.85 58.25
C TYR G 34 78.97 38.33 59.61
N ASP G 35 79.89 38.72 60.49
CA ASP G 35 79.52 39.31 61.76
C ASP G 35 79.24 40.80 61.59
N ILE G 36 78.16 41.27 62.21
CA ILE G 36 77.73 42.66 62.07
C ILE G 36 78.76 43.64 62.63
N LYS G 37 79.51 43.21 63.65
CA LYS G 37 80.51 44.06 64.29
C LYS G 37 81.57 44.59 63.32
N GLY G 38 81.79 43.87 62.23
CA GLY G 38 82.78 44.27 61.24
C GLY G 38 82.28 45.30 60.25
N GLY G 39 80.97 45.56 60.28
CA GLY G 39 80.37 46.52 59.37
C GLY G 39 79.83 45.86 58.11
N CYS G 40 78.92 46.55 57.43
CA CYS G 40 78.29 46.00 56.24
C CYS G 40 78.85 46.60 54.96
N ASN G 41 79.28 45.75 54.04
CA ASN G 41 79.67 46.18 52.71
C ASN G 41 78.47 46.14 51.77
N VAL G 42 78.12 47.30 51.21
CA VAL G 42 76.96 47.40 50.32
C VAL G 42 77.41 47.58 48.88
N GLU G 43 77.22 46.53 48.08
CA GLU G 43 77.63 46.57 46.68
C GLU G 43 76.53 46.02 45.77
N GLU G 44 76.90 45.12 44.87
CA GLU G 44 75.98 44.66 43.83
C GLU G 44 74.81 43.88 44.40
N GLY G 45 73.75 43.74 43.61
CA GLY G 45 72.58 42.99 44.01
C GLY G 45 71.63 43.83 44.85
N LEU G 46 71.03 43.18 45.85
CA LEU G 46 70.09 43.85 46.74
C LEU G 46 70.46 43.59 48.19
N THR G 47 70.47 44.65 49.00
CA THR G 47 70.81 44.53 50.41
C THR G 47 69.61 44.90 51.28
N ILE G 48 69.09 43.93 52.03
CA ILE G 48 67.88 44.14 52.81
C ILE G 48 68.14 44.08 54.32
N PHE G 49 67.65 45.10 55.03
CA PHE G 49 67.74 45.13 56.48
C PHE G 49 66.46 44.60 57.13
N LEU G 50 66.60 43.63 58.02
CA LEU G 50 65.48 43.17 58.84
C LEU G 50 65.42 44.00 60.12
N VAL G 51 64.43 44.87 60.22
CA VAL G 51 64.35 45.82 61.32
C VAL G 51 63.01 45.78 62.04
N ASN G 52 63.04 46.02 63.34
CA ASN G 52 61.82 46.17 64.12
C ASN G 52 61.89 47.40 65.01
N ASN G 53 60.82 47.61 65.78
CA ASN G 53 60.80 48.67 66.77
C ASN G 53 60.00 48.20 67.97
N PRO G 54 60.70 47.63 68.97
CA PRO G 54 60.09 47.00 70.15
C PRO G 54 59.13 47.94 70.89
N GLY G 55 57.91 47.46 71.09
CA GLY G 55 56.90 48.24 71.81
C GLY G 55 56.13 49.19 70.91
N LYS G 56 56.85 50.03 70.19
CA LYS G 56 56.23 51.03 69.32
C LYS G 56 55.57 50.39 68.09
N GLU G 57 54.26 50.24 68.14
CA GLU G 57 53.50 49.66 67.04
C GLU G 57 53.59 50.52 65.79
N ASN G 58 54.11 49.95 64.71
CA ASN G 58 54.34 50.65 63.45
C ASN G 58 55.24 51.87 63.64
N GLY G 59 56.23 51.73 64.51
CA GLY G 59 57.17 52.81 64.77
C GLY G 59 58.15 53.02 63.64
N PRO G 60 58.98 54.07 63.73
CA PRO G 60 59.91 54.45 62.66
C PRO G 60 61.06 53.46 62.46
N VAL G 61 61.56 53.42 61.23
CA VAL G 61 62.69 52.56 60.89
C VAL G 61 64.01 53.21 61.33
N LYS G 62 64.85 52.43 62.00
CA LYS G 62 66.19 52.89 62.36
C LYS G 62 67.21 51.81 62.03
N ILE G 63 68.22 52.18 61.24
CA ILE G 63 69.30 51.25 60.91
C ILE G 63 70.41 51.37 61.94
N SER G 64 70.68 50.28 62.65
CA SER G 64 71.63 50.32 63.77
C SER G 64 73.03 49.88 63.37
N SER G 65 73.13 49.04 62.34
CA SER G 65 74.41 48.45 61.96
C SER G 65 75.37 49.47 61.35
N LYS G 66 76.66 49.20 61.49
CA LYS G 66 77.67 50.01 60.82
C LYS G 66 77.72 49.67 59.34
N VAL G 67 77.62 50.68 58.48
CA VAL G 67 77.71 50.47 57.04
C VAL G 67 79.02 51.07 56.52
N ASN G 68 79.86 50.20 55.96
CA ASN G 68 81.19 50.61 55.49
C ASN G 68 81.13 51.38 54.18
N ASP G 69 80.40 52.50 54.19
CA ASP G 69 80.25 53.36 53.03
C ASP G 69 79.61 54.67 53.44
N LYS G 70 80.32 55.78 53.21
CA LYS G 70 79.84 57.09 53.64
C LYS G 70 78.53 57.49 52.97
N GLN G 71 78.41 57.18 51.68
CA GLN G 71 77.20 57.50 50.94
C GLN G 71 75.99 56.73 51.45
N VAL G 72 76.15 55.44 51.65
CA VAL G 72 75.05 54.60 52.11
C VAL G 72 74.69 54.91 53.56
N SER G 73 75.72 55.14 54.38
CA SER G 73 75.51 55.51 55.78
C SER G 73 74.69 56.78 55.91
N GLU G 74 75.01 57.77 55.08
CA GLU G 74 74.28 59.03 55.07
C GLU G 74 72.84 58.81 54.64
N PHE G 75 72.65 57.97 53.62
CA PHE G 75 71.31 57.66 53.13
C PHE G 75 70.46 57.02 54.22
N LEU G 76 71.05 56.10 54.97
CA LEU G 76 70.32 55.31 55.95
C LEU G 76 70.34 55.94 57.35
N LYS G 77 70.63 57.23 57.43
CA LYS G 77 70.64 57.90 58.73
C LYS G 77 69.21 58.03 59.26
N ASP G 78 69.09 58.23 60.57
CA ASP G 78 67.79 58.26 61.24
C ASP G 78 66.80 59.23 60.64
N GLU G 79 67.26 60.44 60.31
CA GLU G 79 66.37 61.48 59.80
C GLU G 79 65.75 61.11 58.46
N ASN G 80 66.44 60.26 57.70
CA ASN G 80 65.94 59.83 56.39
C ASN G 80 65.04 58.62 56.46
N MET G 81 65.18 57.82 57.51
CA MET G 81 64.43 56.58 57.64
C MET G 81 63.14 56.74 58.44
N GLU G 82 63.01 57.86 59.15
CA GLU G 82 61.91 58.07 60.07
C GLU G 82 60.54 58.14 59.37
N LYS G 83 60.55 58.36 58.06
CA LYS G 83 59.31 58.43 57.30
C LYS G 83 58.81 57.02 56.93
N PHE G 84 59.64 56.03 57.18
CA PHE G 84 59.26 54.63 56.95
C PHE G 84 59.02 53.93 58.27
N ASN G 85 58.03 53.04 58.31
CA ASN G 85 57.73 52.32 59.55
C ASN G 85 58.05 50.84 59.45
N VAL G 86 57.92 50.14 60.57
CA VAL G 86 58.40 48.76 60.69
C VAL G 86 57.28 47.72 60.72
N LYS G 87 56.09 48.12 60.24
CA LYS G 87 54.92 47.22 60.23
C LYS G 87 55.28 45.87 59.62
N LEU G 88 54.87 44.81 60.30
CA LEU G 88 55.22 43.44 59.90
C LEU G 88 54.87 43.15 58.44
N GLY G 89 55.90 42.83 57.65
CA GLY G 89 55.70 42.47 56.27
C GLY G 89 55.81 43.63 55.29
N THR G 90 55.94 44.85 55.82
CA THR G 90 56.11 46.00 54.95
C THR G 90 57.55 46.03 54.43
N SER G 91 57.75 46.68 53.29
CA SER G 91 59.08 46.77 52.72
C SER G 91 59.22 47.99 51.81
N LYS G 92 60.46 48.45 51.64
CA LYS G 92 60.76 49.57 50.76
C LYS G 92 62.05 49.31 49.98
N HIS G 93 62.13 49.84 48.76
CA HIS G 93 63.34 49.76 47.95
C HIS G 93 64.06 51.10 47.94
N PHE G 94 65.38 51.07 48.10
CA PHE G 94 66.19 52.29 48.03
C PHE G 94 67.17 52.19 46.87
N TYR G 95 67.48 53.33 46.26
CA TYR G 95 68.45 53.39 45.17
C TYR G 95 69.40 54.56 45.38
N MET G 96 70.69 54.30 45.23
CA MET G 96 71.71 55.31 45.52
C MET G 96 73.07 54.90 44.97
N PHE G 97 74.01 55.84 44.97
CA PHE G 97 75.39 55.55 44.60
C PHE G 97 76.25 55.44 45.86
N ASN G 98 77.25 54.58 45.83
CA ASN G 98 78.14 54.42 46.98
C ASN G 98 79.42 55.24 46.82
N ASP G 99 80.40 54.96 47.68
CA ASP G 99 81.66 55.71 47.67
C ASP G 99 82.45 55.50 46.37
N ASN G 100 82.25 54.37 45.72
CA ASN G 100 82.97 54.05 44.50
C ASN G 100 82.17 54.38 43.23
N LYS G 101 81.25 55.34 43.36
CA LYS G 101 80.44 55.83 42.24
C LYS G 101 79.65 54.72 41.54
N ASN G 102 79.30 53.68 42.29
CA ASN G 102 78.47 52.60 41.77
C ASN G 102 77.07 52.64 42.38
N SER G 103 76.06 52.48 41.54
CA SER G 103 74.68 52.46 42.02
C SER G 103 74.41 51.17 42.80
N VAL G 104 73.75 51.29 43.94
CA VAL G 104 73.43 50.11 44.74
C VAL G 104 71.96 50.08 45.12
N ALA G 105 71.42 48.88 45.26
CA ALA G 105 70.04 48.70 45.66
C ALA G 105 69.96 48.26 47.12
N VAL G 106 69.28 49.07 47.94
CA VAL G 106 69.14 48.79 49.36
C VAL G 106 67.66 48.80 49.72
N GLY G 107 67.32 48.26 50.89
CA GLY G 107 65.95 48.27 51.33
C GLY G 107 65.78 47.65 52.70
N TYR G 108 64.54 47.49 53.14
CA TYR G 108 64.26 46.86 54.41
C TYR G 108 62.96 46.09 54.38
N VAL G 109 62.81 45.16 55.33
CA VAL G 109 61.55 44.49 55.58
C VAL G 109 61.18 44.70 57.05
N GLY G 110 59.98 45.20 57.30
CA GLY G 110 59.53 45.46 58.65
C GLY G 110 59.21 44.19 59.41
N CYS G 111 59.66 44.13 60.66
CA CYS G 111 59.47 42.93 61.47
C CYS G 111 58.59 43.16 62.69
N GLY G 112 57.86 44.27 62.69
CA GLY G 112 56.86 44.53 63.73
C GLY G 112 57.43 45.12 65.00
N SER G 113 56.73 44.88 66.11
CA SER G 113 57.08 45.45 67.40
C SER G 113 57.31 44.40 68.47
N VAL G 114 57.01 43.14 68.13
CA VAL G 114 57.24 42.03 69.05
C VAL G 114 58.67 41.55 68.92
N ALA G 115 59.38 41.51 70.05
CA ALA G 115 60.81 41.22 70.05
C ALA G 115 61.13 39.82 69.53
N ASP G 116 60.26 38.86 69.81
CA ASP G 116 60.46 37.49 69.36
C ASP G 116 59.42 37.07 68.33
N LEU G 117 59.84 36.96 67.08
CA LEU G 117 58.96 36.55 65.99
C LEU G 117 58.57 35.08 66.11
N SER G 118 57.30 34.79 65.88
CA SER G 118 56.84 33.40 65.83
C SER G 118 57.13 32.85 64.43
N GLU G 119 56.93 31.56 64.25
CA GLU G 119 57.21 30.93 62.96
C GLU G 119 56.27 31.49 61.89
N ALA G 120 55.07 31.89 62.31
CA ALA G 120 54.10 32.51 61.42
C ALA G 120 54.56 33.91 61.00
N ASP G 121 55.04 34.68 61.97
CA ASP G 121 55.54 36.03 61.72
C ASP G 121 56.74 36.01 60.78
N MET G 122 57.70 35.14 61.09
CA MET G 122 58.92 35.02 60.31
C MET G 122 58.61 34.63 58.87
N LYS G 123 57.59 33.80 58.69
CA LYS G 123 57.18 33.40 57.36
C LYS G 123 56.65 34.59 56.57
N ARG G 124 55.92 35.47 57.25
CA ARG G 124 55.42 36.69 56.62
C ARG G 124 56.57 37.60 56.21
N VAL G 125 57.60 37.65 57.05
CA VAL G 125 58.81 38.43 56.74
C VAL G 125 59.47 37.86 55.49
N VAL G 126 59.60 36.53 55.45
CA VAL G 126 60.22 35.85 54.32
C VAL G 126 59.46 36.09 53.01
N LEU G 127 58.13 35.96 53.07
CA LEU G 127 57.30 36.18 51.89
C LEU G 127 57.47 37.59 51.33
N SER G 128 57.58 38.58 52.21
CA SER G 128 57.85 39.95 51.79
C SER G 128 59.20 40.04 51.09
N LEU G 129 60.18 39.34 51.65
CA LEU G 129 61.53 39.30 51.10
C LEU G 129 61.53 38.66 49.71
N VAL G 130 60.74 37.60 49.56
CA VAL G 130 60.65 36.88 48.31
C VAL G 130 60.01 37.71 47.20
N THR G 131 59.02 38.54 47.57
CA THR G 131 58.40 39.44 46.60
C THR G 131 59.41 40.43 46.03
N MET G 132 60.45 40.71 46.81
CA MET G 132 61.52 41.59 46.35
C MET G 132 62.49 40.83 45.46
N LEU G 133 62.55 39.51 45.66
CA LEU G 133 63.39 38.65 44.82
C LEU G 133 62.72 38.36 43.48
N HIS G 134 61.39 38.23 43.50
CA HIS G 134 60.63 37.99 42.28
C HIS G 134 60.57 39.23 41.40
N ASP G 135 60.64 39.00 40.09
CA ASP G 135 60.50 40.05 39.08
C ASP G 135 61.63 41.08 39.17
N ASN G 136 62.77 40.64 39.68
CA ASN G 136 63.97 41.47 39.71
C ASN G 136 65.19 40.58 39.48
N LYS G 137 65.80 40.70 38.31
CA LYS G 137 66.94 39.88 37.94
C LYS G 137 68.17 40.30 38.74
N LEU G 138 68.42 39.60 39.84
CA LEU G 138 69.52 39.91 40.74
C LEU G 138 70.55 38.80 40.76
N SER G 139 71.82 39.16 40.94
CA SER G 139 72.87 38.17 41.05
C SER G 139 73.14 37.81 42.51
N LYS G 140 72.82 38.73 43.41
CA LYS G 140 73.12 38.57 44.82
C LYS G 140 72.07 39.22 45.72
N LEU G 141 71.76 38.54 46.83
CA LEU G 141 70.95 39.12 47.89
C LEU G 141 71.75 39.14 49.18
N THR G 142 71.73 40.28 49.87
CA THR G 142 72.38 40.40 51.17
C THR G 142 71.35 40.75 52.24
N VAL G 143 71.31 39.95 53.31
CA VAL G 143 70.35 40.16 54.38
C VAL G 143 71.04 40.57 55.68
N VAL G 144 70.60 41.68 56.26
CA VAL G 144 71.17 42.17 57.51
C VAL G 144 70.20 41.99 58.66
N PHE G 145 70.54 41.11 59.60
CA PHE G 145 69.69 40.85 60.76
C PHE G 145 69.88 41.90 61.84
N GLU G 146 68.94 42.84 61.95
CA GLU G 146 68.92 43.77 63.07
C GLU G 146 67.77 43.39 64.00
N ILE G 147 67.48 42.10 64.04
CA ILE G 147 66.51 41.52 64.96
C ILE G 147 67.17 40.35 65.70
N ASN G 148 66.56 39.92 66.80
CA ASN G 148 67.11 38.81 67.57
C ASN G 148 66.44 37.49 67.24
N VAL G 149 67.22 36.56 66.69
CA VAL G 149 66.72 35.22 66.40
C VAL G 149 67.67 34.19 67.01
N ASP G 150 67.13 33.08 67.50
CA ASP G 150 68.00 32.00 67.98
C ASP G 150 68.43 31.15 66.79
N LYS G 151 69.29 30.17 67.04
CA LYS G 151 69.86 29.35 65.98
C LYS G 151 68.77 28.65 65.16
N ASN G 152 67.78 28.08 65.84
CA ASN G 152 66.70 27.39 65.16
C ASN G 152 65.88 28.32 64.29
N LEU G 153 65.62 29.54 64.79
CA LEU G 153 64.81 30.50 64.03
C LEU G 153 65.60 31.07 62.87
N PHE G 154 66.92 31.17 63.03
CA PHE G 154 67.78 31.61 61.95
C PHE G 154 67.73 30.58 60.82
N ARG G 155 67.81 29.31 61.19
CA ARG G 155 67.72 28.22 60.22
C ARG G 155 66.36 28.22 59.53
N PHE G 156 65.30 28.43 60.31
CA PHE G 156 63.94 28.45 59.80
C PHE G 156 63.78 29.56 58.76
N PHE G 157 64.46 30.68 58.99
CA PHE G 157 64.49 31.77 58.05
C PHE G 157 65.05 31.30 56.71
N LEU G 158 66.21 30.66 56.75
CA LEU G 158 66.89 30.20 55.54
C LEU G 158 66.12 29.13 54.80
N GLU G 159 65.61 28.13 55.53
CA GLU G 159 64.80 27.06 54.96
C GLU G 159 63.57 27.61 54.24
N THR G 160 62.84 28.47 54.93
CA THR G 160 61.61 29.06 54.40
C THR G 160 61.92 29.94 53.20
N LEU G 161 63.01 30.70 53.28
CA LEU G 161 63.47 31.50 52.16
C LEU G 161 63.72 30.62 50.93
N PHE G 162 64.55 29.59 51.11
CA PHE G 162 64.87 28.66 50.02
C PHE G 162 63.62 28.04 49.42
N TYR G 163 62.70 27.61 50.28
CA TYR G 163 61.48 26.94 49.85
C TYR G 163 60.56 27.84 49.04
N GLU G 164 60.29 29.03 49.56
CA GLU G 164 59.36 29.95 48.89
C GLU G 164 59.94 30.55 47.62
N TYR G 165 61.25 30.80 47.64
CA TYR G 165 61.96 31.35 46.48
C TYR G 165 61.89 30.43 45.27
N MET G 166 61.91 29.12 45.56
CA MET G 166 61.93 28.10 44.52
C MET G 166 60.59 27.98 43.81
N THR G 167 60.63 27.81 42.49
CA THR G 167 59.42 27.66 41.69
C THR G 167 59.45 26.34 40.91
N ASP G 168 58.43 25.51 41.11
CA ASP G 168 58.36 24.20 40.48
C ASP G 168 57.73 24.27 39.09
N GLU G 169 58.54 24.07 38.06
CA GLU G 169 58.07 24.16 36.68
C GLU G 169 58.14 22.81 35.95
N ARG G 170 58.16 21.72 36.71
CA ARG G 170 58.25 20.38 36.14
C ARG G 170 57.13 20.07 35.14
N PHE G 171 55.95 20.63 35.38
CA PHE G 171 54.79 20.31 34.55
C PHE G 171 54.41 21.47 33.63
N LYS G 172 55.24 22.50 33.61
CA LYS G 172 55.10 23.58 32.64
C LYS G 172 55.68 23.16 31.31
N SER G 173 55.05 23.57 30.22
CA SER G 173 55.55 23.27 28.89
C SER G 173 55.60 24.52 28.03
N THR G 174 54.42 25.05 27.70
CA THR G 174 54.31 26.25 26.90
C THR G 174 54.28 27.52 27.75
N ASP G 175 54.23 27.36 29.07
CA ASP G 175 54.00 28.48 29.98
C ASP G 175 55.09 28.61 31.05
N LYS G 176 56.35 28.60 30.63
CA LYS G 176 57.46 28.69 31.58
C LYS G 176 57.84 30.15 31.89
N ASN G 177 58.59 30.30 32.98
CA ASN G 177 59.11 31.57 33.51
C ASN G 177 58.04 32.65 33.74
N ASN G 179 61.93 34.89 32.21
CA ASN G 179 62.39 35.85 33.20
C ASN G 179 62.88 35.19 34.49
N MET G 180 62.67 33.89 34.59
CA MET G 180 63.07 33.14 35.79
C MET G 180 64.59 33.11 35.95
N GLU G 181 65.09 33.90 36.90
CA GLU G 181 66.52 33.95 37.20
C GLU G 181 66.75 34.01 38.71
N TYR G 182 67.57 33.09 39.20
CA TYR G 182 67.84 33.01 40.63
C TYR G 182 69.17 33.67 40.98
N ILE G 183 69.26 34.22 42.19
CA ILE G 183 70.52 34.77 42.69
C ILE G 183 71.56 33.66 42.75
N LYS G 184 72.83 34.03 42.68
CA LYS G 184 73.92 33.07 42.77
C LYS G 184 74.64 33.20 44.11
N HIS G 185 74.38 34.30 44.81
CA HIS G 185 75.07 34.60 46.05
C HIS G 185 74.12 35.10 47.13
N LEU G 186 74.31 34.62 48.35
CA LEU G 186 73.52 35.06 49.48
C LEU G 186 74.43 35.45 50.64
N GLY G 187 74.38 36.73 51.01
CA GLY G 187 75.17 37.21 52.13
C GLY G 187 74.30 37.44 53.36
N VAL G 188 74.80 37.03 54.52
CA VAL G 188 74.06 37.20 55.76
C VAL G 188 74.91 37.91 56.81
N TYR G 189 74.46 39.10 57.22
CA TYR G 189 75.09 39.82 58.31
C TYR G 189 74.30 39.63 59.59
N ILE G 190 74.98 39.20 60.65
CA ILE G 190 74.31 38.93 61.92
C ILE G 190 75.30 38.96 63.07
N ASN G 191 74.85 39.40 64.25
CA ASN G 191 75.68 39.39 65.44
C ASN G 191 76.03 37.97 65.84
N ASN G 192 77.26 37.78 66.33
CA ASN G 192 77.77 36.46 66.72
C ASN G 192 77.61 35.46 65.58
N ALA G 193 78.19 35.79 64.43
CA ALA G 193 77.99 35.03 63.20
C ALA G 193 78.52 33.60 63.28
N ASP G 194 79.63 33.41 63.97
CA ASP G 194 80.27 32.09 64.04
C ASP G 194 79.35 31.02 64.62
N THR G 195 78.43 31.44 65.49
CA THR G 195 77.51 30.49 66.12
C THR G 195 76.34 30.13 65.20
N TYR G 196 76.19 30.89 64.11
CA TYR G 196 75.09 30.67 63.18
C TYR G 196 75.50 29.94 61.90
N LYS G 197 76.82 29.91 61.65
CA LYS G 197 77.36 29.33 60.43
C LYS G 197 76.96 27.87 60.21
N GLU G 198 76.87 27.12 61.30
CA GLU G 198 76.58 25.69 61.21
C GLU G 198 75.13 25.43 60.78
N GLU G 199 74.28 26.44 60.93
CA GLU G 199 72.88 26.32 60.57
C GLU G 199 72.65 26.43 59.06
N VAL G 200 73.65 26.94 58.34
CA VAL G 200 73.48 27.24 56.91
C VAL G 200 73.28 25.99 56.07
N GLU G 201 74.20 25.05 56.16
CA GLU G 201 74.10 23.84 55.35
C GLU G 201 73.00 22.92 55.87
N LYS G 202 72.71 23.00 57.16
CA LYS G 202 71.60 22.25 57.73
C LYS G 202 70.30 22.74 57.11
N ALA G 203 70.17 24.07 57.01
CA ALA G 203 69.02 24.70 56.39
C ALA G 203 68.85 24.27 54.94
N ARG G 204 69.96 24.13 54.23
CA ARG G 204 69.90 23.73 52.83
C ARG G 204 69.44 22.27 52.70
N VAL G 205 69.91 21.43 53.62
CA VAL G 205 69.46 20.04 53.65
C VAL G 205 67.97 19.96 53.99
N TYR G 206 67.58 20.68 55.04
CA TYR G 206 66.19 20.72 55.47
C TYR G 206 65.28 21.25 54.37
N TYR G 207 65.74 22.27 53.66
CA TYR G 207 64.97 22.81 52.55
C TYR G 207 64.70 21.75 51.49
N PHE G 208 65.72 21.03 51.06
CA PHE G 208 65.48 20.12 49.95
C PHE G 208 64.63 18.92 50.35
N GLY G 209 64.84 18.42 51.56
CA GLY G 209 64.01 17.34 52.08
C GLY G 209 62.56 17.77 52.06
N THR G 210 62.32 19.01 52.42
CA THR G 210 60.97 19.57 52.42
C THR G 210 60.50 19.79 50.98
N TYR G 211 61.38 20.29 50.13
CA TYR G 211 61.03 20.57 48.74
C TYR G 211 60.83 19.28 47.95
N TYR G 212 61.66 18.28 48.23
CA TYR G 212 61.52 16.97 47.61
C TYR G 212 60.15 16.36 47.92
N ALA G 213 59.76 16.43 49.19
CA ALA G 213 58.43 15.98 49.61
C ALA G 213 57.35 16.74 48.84
N SER G 214 57.54 18.05 48.75
CA SER G 214 56.63 18.92 48.02
C SER G 214 56.49 18.50 46.55
N GLN G 215 57.62 18.11 45.95
CA GLN G 215 57.60 17.66 44.56
C GLN G 215 56.78 16.40 44.38
N LEU G 216 56.94 15.45 45.30
CA LEU G 216 56.19 14.20 45.25
C LEU G 216 54.70 14.44 45.41
N ILE G 217 54.34 15.31 46.36
CA ILE G 217 52.94 15.62 46.62
C ILE G 217 52.31 16.36 45.45
N ALA G 218 52.98 17.39 44.96
CA ALA G 218 52.47 18.21 43.87
C ALA G 218 52.25 17.39 42.61
N ALA G 219 53.09 16.36 42.42
CA ALA G 219 52.97 15.47 41.29
C ALA G 219 51.59 14.81 41.27
N PRO G 220 50.88 14.95 40.14
CA PRO G 220 49.54 14.39 39.97
C PRO G 220 49.55 12.87 39.99
N SER G 221 48.40 12.27 40.29
CA SER G 221 48.30 10.83 40.52
C SER G 221 48.58 9.98 39.29
N ASN G 222 48.55 10.57 38.10
CA ASN G 222 48.92 9.82 36.91
C ASN G 222 50.44 9.75 36.77
N TYR G 223 51.13 10.78 37.25
CA TYR G 223 52.59 10.75 37.34
C TYR G 223 53.04 9.98 38.58
N CYS G 224 52.44 10.28 39.72
CA CYS G 224 52.81 9.69 41.00
C CYS G 224 51.81 8.61 41.40
N ASN G 225 52.12 7.36 41.06
CA ASN G 225 51.29 6.22 41.40
C ASN G 225 52.09 5.26 42.30
N PRO G 226 51.46 4.20 42.82
CA PRO G 226 52.21 3.30 43.71
C PRO G 226 53.52 2.75 43.12
N VAL G 227 53.53 2.48 41.83
CA VAL G 227 54.74 1.93 41.20
C VAL G 227 55.80 3.01 41.00
N SER G 228 55.40 4.16 40.46
CA SER G 228 56.36 5.23 40.18
C SER G 228 56.86 5.90 41.47
N LEU G 229 56.02 5.93 42.51
CA LEU G 229 56.45 6.48 43.79
C LEU G 229 57.45 5.55 44.50
N SER G 230 57.23 4.24 44.40
CA SER G 230 58.16 3.30 45.00
C SER G 230 59.46 3.29 44.20
N ASN G 231 59.37 3.44 42.89
CA ASN G 231 60.55 3.57 42.04
C ASN G 231 61.37 4.80 42.43
N ALA G 232 60.68 5.90 42.74
CA ALA G 232 61.35 7.12 43.16
C ALA G 232 62.04 6.91 44.50
N ALA G 233 61.41 6.15 45.38
CA ALA G 233 61.98 5.84 46.69
C ALA G 233 63.24 4.98 46.53
N VAL G 234 63.22 4.08 45.56
CA VAL G 234 64.39 3.25 45.26
C VAL G 234 65.53 4.12 44.77
N GLU G 235 65.21 5.04 43.86
CA GLU G 235 66.20 5.95 43.28
C GLU G 235 66.82 6.81 44.37
N LEU G 236 66.00 7.27 45.31
CA LEU G 236 66.48 8.09 46.42
C LEU G 236 67.46 7.31 47.29
N ALA G 237 67.09 6.07 47.62
CA ALA G 237 67.92 5.22 48.47
C ALA G 237 69.27 4.93 47.83
N GLN G 238 69.28 4.74 46.52
CA GLN G 238 70.51 4.46 45.80
C GLN G 238 71.45 5.67 45.82
N LYS G 239 70.87 6.86 45.76
CA LYS G 239 71.64 8.09 45.80
C LYS G 239 72.17 8.39 47.21
N LEU G 240 71.51 7.84 48.22
CA LEU G 240 71.89 8.10 49.61
C LEU G 240 72.59 6.92 50.26
N ASN G 241 72.73 5.83 49.50
CA ASN G 241 73.28 4.58 50.02
C ASN G 241 72.51 4.07 51.24
N LEU G 242 71.20 4.23 51.20
CA LEU G 242 70.31 3.61 52.18
C LEU G 242 69.98 2.20 51.72
N GLU G 243 69.72 1.30 52.66
CA GLU G 243 69.20 -0.01 52.31
C GLU G 243 67.73 0.15 51.94
N TYR G 244 67.24 -0.70 51.05
CA TYR G 244 65.83 -0.62 50.67
C TYR G 244 65.25 -1.98 50.30
N LYS G 245 63.94 -2.09 50.46
CA LYS G 245 63.20 -3.26 50.05
C LYS G 245 61.82 -2.78 49.62
N ILE G 246 61.38 -3.18 48.43
CA ILE G 246 60.04 -2.88 47.98
C ILE G 246 59.22 -4.16 47.92
N LEU G 247 58.24 -4.27 48.82
CA LEU G 247 57.41 -5.46 48.87
C LEU G 247 56.29 -5.40 47.82
N GLY G 248 56.23 -6.44 47.00
CA GLY G 248 55.18 -6.55 46.00
C GLY G 248 54.01 -7.36 46.53
N VAL G 249 52.97 -7.49 45.72
CA VAL G 249 51.72 -8.15 46.14
C VAL G 249 51.97 -9.56 46.68
N LYS G 250 52.78 -10.32 45.96
CA LYS G 250 53.11 -11.70 46.35
C LYS G 250 53.68 -11.76 47.76
N GLU G 251 54.62 -10.87 48.06
CA GLU G 251 55.21 -10.80 49.39
C GLU G 251 54.17 -10.32 50.42
N LEU G 252 53.34 -9.38 50.00
CA LEU G 252 52.31 -8.81 50.86
C LEU G 252 51.25 -9.85 51.24
N GLU G 253 50.94 -10.73 50.29
CA GLU G 253 50.00 -11.82 50.53
C GLU G 253 50.58 -12.82 51.53
N GLU G 254 51.87 -13.12 51.36
CA GLU G 254 52.56 -14.04 52.26
C GLU G 254 52.58 -13.49 53.68
N LEU G 255 52.67 -12.17 53.80
CA LEU G 255 52.65 -11.52 55.11
C LEU G 255 51.22 -11.29 55.59
N LYS G 256 50.26 -11.66 54.74
CA LYS G 256 48.84 -11.61 55.07
C LYS G 256 48.36 -10.21 55.46
N MET G 257 48.84 -9.20 54.73
CA MET G 257 48.40 -7.83 54.95
C MET G 257 47.06 -7.55 54.25
N GLY G 258 46.01 -8.22 54.72
CA GLY G 258 44.71 -8.16 54.09
C GLY G 258 44.03 -6.80 54.12
N ALA G 259 44.29 -6.03 55.17
CA ALA G 259 43.71 -4.69 55.29
C ALA G 259 44.30 -3.77 54.22
N TYR G 260 45.64 -3.74 54.14
CA TYR G 260 46.36 -2.92 53.17
C TYR G 260 46.08 -3.33 51.73
N LEU G 261 46.06 -4.64 51.49
CA LEU G 261 45.82 -5.15 50.14
C LEU G 261 44.39 -4.91 49.68
N SER G 262 43.44 -4.93 50.60
CA SER G 262 42.03 -4.71 50.26
C SER G 262 41.81 -3.32 49.69
N VAL G 263 42.56 -2.36 50.22
CA VAL G 263 42.45 -0.97 49.78
C VAL G 263 42.89 -0.81 48.32
N GLY G 264 43.93 -1.53 47.94
CA GLY G 264 44.50 -1.40 46.61
C GLY G 264 43.88 -2.29 45.54
N LYS G 265 42.92 -3.12 45.94
CA LYS G 265 42.32 -4.10 45.03
C LYS G 265 41.74 -3.49 43.76
N GLY G 266 41.13 -2.31 43.88
CA GLY G 266 40.46 -1.69 42.76
C GLY G 266 41.36 -0.88 41.84
N SER G 267 42.66 -0.87 42.13
CA SER G 267 43.61 -0.05 41.36
C SER G 267 44.27 -0.82 40.23
N MET G 268 44.60 -0.12 39.15
CA MET G 268 45.35 -0.73 38.05
C MET G 268 46.82 -0.82 38.41
N TYR G 269 47.19 -0.16 39.50
CA TYR G 269 48.57 -0.18 39.98
C TYR G 269 48.71 -1.14 41.16
N PRO G 270 49.59 -2.13 41.02
CA PRO G 270 49.82 -3.08 42.12
C PRO G 270 50.37 -2.38 43.34
N ASN G 271 49.99 -2.85 44.53
CA ASN G 271 50.50 -2.30 45.78
C ASN G 271 52.01 -2.41 45.88
N LYS G 272 52.63 -1.38 46.45
CA LYS G 272 54.08 -1.36 46.69
C LYS G 272 54.37 -0.90 48.11
N PHE G 273 55.00 -1.75 48.91
CA PHE G 273 55.36 -1.39 50.27
C PHE G 273 56.80 -0.93 50.32
N ILE G 274 57.00 0.32 50.72
CA ILE G 274 58.34 0.91 50.78
C ILE G 274 59.00 0.69 52.14
N HIS G 275 60.19 0.10 52.12
CA HIS G 275 60.98 -0.06 53.34
C HIS G 275 62.42 0.42 53.08
N LEU G 276 62.72 1.62 53.56
CA LEU G 276 64.07 2.16 53.49
C LEU G 276 64.72 2.08 54.87
N THR G 277 66.02 1.78 54.92
CA THR G 277 66.70 1.70 56.20
C THR G 277 68.00 2.50 56.23
N TYR G 278 68.12 3.35 57.25
CA TYR G 278 69.38 3.99 57.57
C TYR G 278 69.96 3.36 58.83
N LYS G 279 71.21 2.90 58.75
CA LYS G 279 71.89 2.38 59.93
C LYS G 279 73.22 3.10 60.15
N SER G 280 73.45 3.54 61.38
CA SER G 280 74.69 4.20 61.74
C SER G 280 75.85 3.21 61.78
N LYS G 281 77.07 3.73 61.68
CA LYS G 281 78.26 2.88 61.67
C LYS G 281 78.62 2.40 63.07
N GLY G 282 78.45 3.29 64.05
CA GLY G 282 78.78 2.96 65.43
C GLY G 282 77.74 2.06 66.09
N ASP G 283 77.83 1.94 67.40
CA ASP G 283 76.88 1.13 68.17
C ASP G 283 75.49 1.76 68.16
N VAL G 284 74.51 1.00 67.70
CA VAL G 284 73.13 1.49 67.63
C VAL G 284 72.52 1.57 69.03
N LYS G 285 72.12 2.78 69.43
CA LYS G 285 71.58 2.99 70.77
C LYS G 285 70.08 3.27 70.72
N LYS G 286 69.53 3.43 69.53
CA LYS G 286 68.11 3.75 69.37
C LYS G 286 67.58 3.26 68.03
N LYS G 287 66.45 2.57 68.06
CA LYS G 287 65.80 2.12 66.82
C LYS G 287 64.46 2.83 66.63
N ILE G 288 64.24 3.36 65.43
CA ILE G 288 63.04 4.14 65.16
C ILE G 288 62.37 3.71 63.85
N ALA G 289 61.06 3.57 63.87
CA ALA G 289 60.29 3.37 62.65
C ALA G 289 59.40 4.57 62.36
N LEU G 290 59.55 5.14 61.18
CA LEU G 290 58.69 6.23 60.73
C LEU G 290 57.74 5.71 59.64
N VAL G 291 56.44 5.84 59.88
CA VAL G 291 55.45 5.29 58.96
C VAL G 291 54.61 6.39 58.31
N GLY G 292 54.62 6.46 56.99
CA GLY G 292 53.83 7.46 56.28
C GLY G 292 52.67 6.86 55.51
N LYS G 293 51.50 7.49 55.60
CA LYS G 293 50.36 7.09 54.78
C LYS G 293 50.66 7.42 53.32
N GLY G 294 50.46 6.43 52.44
CA GLY G 294 50.83 6.58 51.05
C GLY G 294 49.74 6.24 50.05
N ILE G 295 48.65 7.00 50.10
CA ILE G 295 47.59 6.87 49.11
C ILE G 295 47.82 7.85 47.97
N THR G 296 48.24 7.34 46.81
CA THR G 296 48.62 8.20 45.69
C THR G 296 47.43 8.91 45.06
N PHE G 297 46.25 8.29 45.17
CA PHE G 297 45.00 8.98 44.90
C PHE G 297 43.86 8.35 45.69
N ASP G 298 43.13 9.18 46.42
CA ASP G 298 42.00 8.72 47.20
C ASP G 298 40.69 9.19 46.58
N SER G 299 40.08 8.33 45.77
CA SER G 299 38.78 8.64 45.19
C SER G 299 37.69 8.46 46.25
N GLY G 300 38.02 7.71 47.29
CA GLY G 300 37.04 7.37 48.31
C GLY G 300 36.58 5.94 48.17
N GLY G 301 36.79 5.38 46.98
CA GLY G 301 36.29 4.05 46.68
C GLY G 301 34.79 4.11 46.43
N TYR G 302 34.08 3.03 46.74
CA TYR G 302 32.64 3.02 46.51
C TYR G 302 31.94 4.06 47.37
N ASN G 303 32.50 4.37 48.54
CA ASN G 303 32.12 5.57 49.27
C ASN G 303 32.81 6.78 48.61
N LEU G 304 32.41 7.05 47.38
CA LEU G 304 33.05 8.06 46.54
C LEU G 304 32.97 9.45 47.13
N LYS G 305 34.02 10.24 46.94
CA LYS G 305 33.99 11.64 47.36
C LYS G 305 33.15 12.45 46.38
N ALA G 306 31.83 12.47 46.62
CA ALA G 306 30.90 13.17 45.76
C ALA G 306 30.16 14.27 46.51
N ALA G 307 30.29 14.25 47.84
CA ALA G 307 29.63 15.23 48.68
C ALA G 307 30.27 16.60 48.46
N PRO G 308 29.46 17.67 48.54
CA PRO G 308 29.98 19.03 48.41
C PRO G 308 31.05 19.33 49.47
N GLY G 309 32.23 19.76 49.02
CA GLY G 309 33.31 20.08 49.92
C GLY G 309 34.28 18.94 50.16
N SER G 310 34.05 17.80 49.51
CA SER G 310 34.91 16.64 49.67
C SER G 310 36.24 16.82 48.94
N MET G 311 36.28 17.75 48.00
CA MET G 311 37.50 18.13 47.27
C MET G 311 38.28 16.93 46.73
N ILE G 312 37.64 16.14 45.89
CA ILE G 312 38.28 14.96 45.31
C ILE G 312 39.49 15.36 44.46
N ASP G 313 39.50 16.58 43.95
CA ASP G 313 40.61 17.03 43.10
C ASP G 313 41.88 17.35 43.89
N LEU G 314 41.79 17.30 45.21
CA LEU G 314 42.94 17.52 46.08
C LEU G 314 43.67 16.19 46.35
N MET G 315 42.96 15.10 46.07
CA MET G 315 43.29 13.82 46.67
C MET G 315 44.61 13.18 46.22
N LYS G 316 45.34 13.85 45.34
CA LYS G 316 46.72 13.47 45.07
C LYS G 316 47.60 13.72 46.31
N PHE G 317 47.13 14.60 47.19
CA PHE G 317 47.81 14.95 48.43
C PHE G 317 47.90 13.80 49.45
N ASP G 318 47.18 12.72 49.18
CA ASP G 318 46.91 11.72 50.21
C ASP G 318 48.10 10.80 50.45
N MET G 319 49.24 11.14 49.85
CA MET G 319 50.48 10.44 50.14
C MET G 319 51.49 11.41 50.76
N SER G 320 50.97 12.49 51.34
CA SER G 320 51.80 13.50 52.00
C SER G 320 52.61 12.93 53.15
N GLY G 321 52.03 11.96 53.85
CA GLY G 321 52.72 11.31 54.96
C GLY G 321 53.94 10.55 54.48
N CYS G 322 53.74 9.73 53.46
CA CYS G 322 54.84 9.02 52.81
C CYS G 322 55.90 9.99 52.31
N ALA G 323 55.46 11.09 51.72
CA ALA G 323 56.38 12.11 51.21
C ALA G 323 57.23 12.71 52.32
N ALA G 324 56.61 12.97 53.45
CA ALA G 324 57.32 13.54 54.59
C ALA G 324 58.37 12.56 55.11
N VAL G 325 58.03 11.29 55.08
CA VAL G 325 58.93 10.25 55.57
C VAL G 325 60.12 10.08 54.61
N LEU G 326 59.84 10.16 53.31
CA LEU G 326 60.90 10.06 52.31
C LEU G 326 61.78 11.31 52.31
N GLY G 327 61.18 12.45 52.60
CA GLY G 327 61.94 13.69 52.72
C GLY G 327 62.84 13.62 53.95
N CYS G 328 62.32 13.03 55.01
CA CYS G 328 63.13 12.81 56.21
C CYS G 328 64.30 11.87 55.92
N ALA G 329 64.05 10.89 55.04
CA ALA G 329 65.09 9.95 54.64
C ALA G 329 66.22 10.67 53.91
N TYR G 330 65.89 11.66 53.11
CA TYR G 330 66.92 12.45 52.44
C TYR G 330 67.78 13.16 53.49
N CYS G 331 67.12 13.80 54.45
CA CYS G 331 67.82 14.57 55.47
C CYS G 331 68.73 13.69 56.31
N VAL G 332 68.17 12.61 56.84
CA VAL G 332 68.92 11.69 57.70
C VAL G 332 70.08 11.04 56.94
N GLY G 333 69.80 10.60 55.71
CA GLY G 333 70.82 10.00 54.88
C GLY G 333 71.93 10.97 54.49
N THR G 334 71.63 12.26 54.52
CA THR G 334 72.59 13.29 54.17
C THR G 334 73.40 13.72 55.39
N LEU G 335 72.71 13.99 56.48
CA LEU G 335 73.36 14.48 57.70
C LEU G 335 74.06 13.35 58.45
N LYS G 336 73.60 12.12 58.21
CA LYS G 336 74.21 10.92 58.79
C LYS G 336 74.40 10.97 60.31
N PRO G 337 73.29 10.92 61.06
CA PRO G 337 73.37 10.91 62.53
C PRO G 337 73.95 9.59 63.04
N GLU G 338 74.51 9.60 64.24
CA GLU G 338 75.19 8.43 64.78
C GLU G 338 74.38 7.70 65.84
N ASN G 339 74.71 6.43 66.04
CA ASN G 339 74.12 5.58 67.07
C ASN G 339 72.61 5.41 66.93
N VAL G 340 72.11 5.48 65.71
CA VAL G 340 70.68 5.35 65.49
C VAL G 340 70.37 4.53 64.23
N GLU G 341 69.26 3.79 64.29
CA GLU G 341 68.80 3.01 63.15
C GLU G 341 67.37 3.43 62.82
N ILE G 342 67.16 3.92 61.60
CA ILE G 342 65.86 4.42 61.20
C ILE G 342 65.26 3.60 60.06
N HIS G 343 64.01 3.19 60.24
CA HIS G 343 63.25 2.52 59.20
C HIS G 343 62.20 3.47 58.63
N PHE G 344 62.25 3.68 57.32
CA PHE G 344 61.31 4.55 56.63
C PHE G 344 60.29 3.70 55.89
N LEU G 345 59.04 3.73 56.35
CA LEU G 345 58.03 2.79 55.88
C LEU G 345 56.82 3.47 55.25
N SER G 346 56.26 2.84 54.22
CA SER G 346 55.01 3.31 53.64
C SER G 346 54.30 2.22 52.85
N ALA G 347 53.05 1.96 53.23
CA ALA G 347 52.20 1.03 52.50
C ALA G 347 51.47 1.77 51.39
N VAL G 348 52.09 1.82 50.21
CA VAL G 348 51.59 2.64 49.12
C VAL G 348 50.56 1.91 48.26
N CYS G 349 49.46 2.59 47.96
CA CYS G 349 48.44 2.06 47.06
C CYS G 349 47.52 3.18 46.59
N GLU G 350 46.53 2.83 45.77
CA GLU G 350 45.59 3.79 45.20
C GLU G 350 44.16 3.35 45.51
N ASN G 351 43.33 4.27 45.99
CA ASN G 351 41.95 3.95 46.37
C ASN G 351 40.97 4.27 45.25
N MET G 352 40.62 3.25 44.46
CA MET G 352 39.86 3.48 43.23
C MET G 352 38.52 2.75 43.21
N VAL G 353 37.71 3.06 42.21
CA VAL G 353 36.42 2.42 42.01
C VAL G 353 36.49 1.48 40.81
N SER G 354 36.07 0.24 41.01
CA SER G 354 36.26 -0.81 40.02
C SER G 354 35.40 -2.04 40.33
N LYS G 355 35.32 -2.96 39.38
CA LYS G 355 34.70 -4.26 39.63
C LYS G 355 35.49 -5.03 40.68
N ASN G 356 36.77 -4.68 40.81
CA ASN G 356 37.69 -5.38 41.70
C ASN G 356 37.86 -4.72 43.08
N SER G 357 37.16 -3.61 43.33
CA SER G 357 37.36 -2.86 44.57
C SER G 357 36.77 -3.55 45.79
N TYR G 358 37.31 -3.24 46.96
CA TYR G 358 36.69 -3.67 48.23
C TYR G 358 35.38 -2.90 48.39
N ARG G 359 34.42 -3.53 49.07
CA ARG G 359 33.09 -2.97 49.24
C ARG G 359 32.87 -2.50 50.67
N PRO G 360 31.99 -1.51 50.84
CA PRO G 360 31.52 -1.18 52.18
C PRO G 360 30.84 -2.40 52.79
N GLY G 361 31.21 -2.76 54.01
CA GLY G 361 30.64 -3.92 54.66
C GLY G 361 31.53 -5.14 54.62
N ASP G 362 32.54 -5.13 53.74
CA ASP G 362 33.46 -6.25 53.63
C ASP G 362 34.20 -6.46 54.94
N ILE G 363 34.44 -7.72 55.28
CA ILE G 363 35.25 -8.04 56.45
C ILE G 363 36.60 -8.56 55.98
N ILE G 364 37.65 -7.89 56.43
CA ILE G 364 39.00 -8.21 55.99
C ILE G 364 39.89 -8.51 57.20
N THR G 365 40.98 -9.21 56.97
CA THR G 365 41.84 -9.64 58.06
C THR G 365 43.21 -8.99 57.96
N ALA G 366 43.60 -8.26 58.99
CA ALA G 366 44.91 -7.64 59.04
C ALA G 366 46.00 -8.68 59.28
N SER G 367 47.25 -8.25 59.22
CA SER G 367 48.38 -9.16 59.33
C SER G 367 48.58 -9.71 60.75
N ASN G 368 47.91 -9.10 61.73
CA ASN G 368 48.01 -9.58 63.09
C ASN G 368 46.82 -10.47 63.47
N GLY G 369 46.02 -10.82 62.46
CA GLY G 369 44.90 -11.73 62.65
C GLY G 369 43.58 -11.07 63.02
N LYS G 370 43.61 -9.78 63.32
CA LYS G 370 42.39 -9.06 63.68
C LYS G 370 41.49 -8.86 62.46
N THR G 371 40.23 -9.24 62.58
CA THR G 371 39.26 -9.03 61.51
C THR G 371 38.63 -7.65 61.62
N ILE G 372 38.48 -6.99 60.48
CA ILE G 372 37.99 -5.62 60.44
C ILE G 372 36.73 -5.51 59.57
N GLU G 373 35.69 -4.90 60.12
CA GLU G 373 34.50 -4.62 59.34
C GLU G 373 34.60 -3.23 58.72
N VAL G 374 34.60 -3.18 57.39
CA VAL G 374 34.68 -1.93 56.65
C VAL G 374 33.34 -1.22 56.59
N GLY G 375 33.22 -0.10 57.31
CA GLY G 375 32.00 0.69 57.29
C GLY G 375 32.02 1.74 56.20
N ASN G 376 33.22 2.15 55.81
CA ASN G 376 33.40 3.22 54.83
C ASN G 376 34.71 3.04 54.07
N THR G 377 34.63 2.86 52.77
CA THR G 377 35.82 2.61 51.95
C THR G 377 36.70 3.84 51.83
N ASP G 378 36.19 4.99 52.25
CA ASP G 378 36.96 6.23 52.20
C ASP G 378 37.73 6.46 53.51
N ALA G 379 37.59 5.53 54.45
CA ALA G 379 38.44 5.52 55.62
C ALA G 379 39.54 4.49 55.39
N GLU G 380 40.25 4.65 54.27
CA GLU G 380 41.18 3.63 53.80
C GLU G 380 42.57 3.80 54.40
N GLY G 381 42.89 5.01 54.83
CA GLY G 381 44.20 5.31 55.37
C GLY G 381 44.54 4.47 56.60
N ARG G 382 43.59 4.34 57.51
CA ARG G 382 43.83 3.60 58.73
C ARG G 382 43.97 2.10 58.47
N LEU G 383 43.42 1.65 57.35
CA LEU G 383 43.53 0.24 56.96
C LEU G 383 44.96 -0.09 56.50
N THR G 384 45.53 0.80 55.69
CA THR G 384 46.88 0.60 55.21
C THR G 384 47.88 0.77 56.34
N LEU G 385 47.59 1.69 57.26
CA LEU G 385 48.47 1.95 58.37
C LEU G 385 48.47 0.81 59.38
N ALA G 386 47.34 0.14 59.52
CA ALA G 386 47.21 -0.99 60.44
C ALA G 386 48.27 -2.05 60.13
N ASP G 387 48.31 -2.49 58.88
CA ASP G 387 49.30 -3.48 58.46
C ASP G 387 50.73 -2.92 58.47
N ALA G 388 50.86 -1.63 58.21
CA ALA G 388 52.18 -0.99 58.26
C ALA G 388 52.69 -0.93 59.70
N LEU G 389 51.80 -0.66 60.64
CA LEU G 389 52.16 -0.59 62.06
C LEU G 389 52.54 -1.96 62.61
N VAL G 390 51.83 -2.99 62.16
CA VAL G 390 52.16 -4.36 62.55
C VAL G 390 53.55 -4.72 62.04
N TYR G 391 53.82 -4.37 60.79
CA TYR G 391 55.11 -4.60 60.16
C TYR G 391 56.21 -3.89 60.93
N ALA G 392 55.94 -2.63 61.28
CA ALA G 392 56.92 -1.80 62.00
C ALA G 392 57.28 -2.40 63.35
N GLU G 393 56.29 -2.83 64.11
CA GLU G 393 56.56 -3.34 65.45
C GLU G 393 57.34 -4.66 65.40
N LYS G 394 57.16 -5.43 64.32
CA LYS G 394 57.90 -6.66 64.14
C LYS G 394 59.41 -6.41 63.97
N LEU G 395 59.76 -5.20 63.57
CA LEU G 395 61.16 -4.83 63.39
C LEU G 395 61.89 -4.73 64.72
N GLY G 396 61.12 -4.56 65.80
CA GLY G 396 61.69 -4.44 67.12
C GLY G 396 62.39 -3.11 67.33
N VAL G 397 61.61 -2.03 67.23
CA VAL G 397 62.16 -0.69 67.39
C VAL G 397 61.77 -0.09 68.73
N ASP G 398 62.35 1.06 69.05
CA ASP G 398 62.05 1.74 70.31
C ASP G 398 60.84 2.66 70.15
N TYR G 399 60.78 3.39 69.05
CA TYR G 399 59.66 4.26 68.76
C TYR G 399 59.05 4.00 67.39
N ILE G 400 57.72 3.98 67.33
CA ILE G 400 57.01 4.02 66.07
C ILE G 400 56.27 5.34 65.96
N VAL G 401 56.58 6.11 64.93
CA VAL G 401 55.86 7.36 64.67
C VAL G 401 55.25 7.30 63.29
N ASP G 402 53.94 7.51 63.20
CA ASP G 402 53.29 7.58 61.91
C ASP G 402 52.83 9.00 61.62
N ILE G 403 52.77 9.34 60.34
CA ILE G 403 52.32 10.66 59.91
C ILE G 403 51.41 10.49 58.70
N ALA G 404 50.23 11.11 58.76
CA ALA G 404 49.19 10.81 57.78
C ALA G 404 48.18 11.94 57.60
N THR G 405 47.73 12.10 56.36
CA THR G 405 46.57 12.92 56.08
C THR G 405 45.30 12.09 56.31
N LEU G 406 45.03 11.81 57.59
CA LEU G 406 44.06 10.78 57.93
C LEU G 406 42.61 11.26 58.00
N THR G 407 42.35 12.35 58.72
CA THR G 407 40.98 12.79 58.93
C THR G 407 40.75 14.25 58.58
N GLY G 408 39.71 14.50 57.79
CA GLY G 408 39.34 15.86 57.42
C GLY G 408 38.88 16.68 58.61
N ALA G 409 38.55 16.00 59.70
CA ALA G 409 38.09 16.66 60.92
C ALA G 409 39.16 17.55 61.54
N MET G 410 40.43 17.32 61.16
CA MET G 410 41.53 18.13 61.65
C MET G 410 41.35 19.60 61.29
N LEU G 411 40.66 19.84 60.16
CA LEU G 411 40.37 21.20 59.73
C LEU G 411 39.44 21.92 60.70
N TYR G 412 38.65 21.14 61.44
CA TYR G 412 37.67 21.71 62.36
C TYR G 412 38.20 21.78 63.79
N SER G 413 39.31 21.09 64.03
CA SER G 413 39.90 21.06 65.38
C SER G 413 41.09 22.01 65.48
N LEU G 414 42.14 21.75 64.70
CA LEU G 414 43.35 22.55 64.79
C LEU G 414 43.52 23.49 63.59
N GLY G 415 42.84 23.18 62.50
CA GLY G 415 42.88 24.01 61.32
C GLY G 415 44.03 23.71 60.38
N THR G 416 44.50 24.76 59.69
CA THR G 416 45.49 24.60 58.62
C THR G 416 46.94 24.83 59.07
N SER G 417 47.15 25.31 60.29
CA SER G 417 48.49 25.64 60.76
C SER G 417 49.12 24.58 61.66
N TYR G 418 48.32 24.01 62.55
CA TYR G 418 48.81 23.03 63.51
C TYR G 418 48.41 21.60 63.17
N ALA G 419 49.38 20.70 63.18
CA ALA G 419 49.09 19.28 63.05
C ALA G 419 48.69 18.73 64.42
N GLY G 420 48.02 17.58 64.43
CA GLY G 420 47.63 16.95 65.68
C GLY G 420 48.44 15.69 65.93
N VAL G 421 48.92 15.53 67.17
CA VAL G 421 49.64 14.31 67.52
C VAL G 421 48.88 13.51 68.59
N PHE G 422 48.75 12.22 68.34
CA PHE G 422 48.11 11.29 69.25
C PHE G 422 49.13 10.21 69.61
N GLY G 423 49.04 9.64 70.80
CA GLY G 423 50.00 8.62 71.20
C GLY G 423 49.59 7.76 72.38
N ASN G 424 50.38 6.72 72.63
CA ASN G 424 50.16 5.84 73.76
C ASN G 424 51.24 6.02 74.83
N ASN G 425 52.16 6.94 74.58
CA ASN G 425 53.32 7.12 75.42
C ASN G 425 53.68 8.60 75.58
N GLU G 426 53.61 9.09 76.81
CA GLU G 426 53.82 10.52 77.09
C GLU G 426 55.25 10.96 76.77
N GLU G 427 56.23 10.10 77.04
CA GLU G 427 57.62 10.43 76.75
C GLU G 427 57.83 10.68 75.26
N LEU G 428 57.27 9.78 74.44
CA LEU G 428 57.38 9.90 72.99
C LEU G 428 56.65 11.15 72.47
N ILE G 429 55.48 11.41 73.03
CA ILE G 429 54.70 12.59 72.65
C ILE G 429 55.48 13.86 72.97
N ASN G 430 56.04 13.93 74.18
CA ASN G 430 56.85 15.09 74.59
C ASN G 430 58.07 15.29 73.68
N LYS G 431 58.64 14.20 73.19
CA LYS G 431 59.76 14.29 72.26
C LYS G 431 59.31 14.87 70.92
N ILE G 432 58.10 14.50 70.49
CA ILE G 432 57.54 15.04 69.26
C ILE G 432 57.25 16.53 69.42
N LEU G 433 56.75 16.92 70.58
CA LEU G 433 56.44 18.32 70.85
C LEU G 433 57.72 19.16 70.88
N GLN G 434 58.78 18.58 71.42
CA GLN G 434 60.07 19.25 71.47
C GLN G 434 60.62 19.44 70.06
N SER G 435 60.48 18.40 69.24
CA SER G 435 60.90 18.44 67.85
C SER G 435 60.08 19.47 67.05
N SER G 436 58.84 19.67 67.47
CA SER G 436 57.98 20.66 66.84
C SER G 436 58.51 22.06 67.11
N LYS G 437 59.02 22.28 68.32
CA LYS G 437 59.56 23.57 68.70
C LYS G 437 60.85 23.90 67.96
N THR G 438 61.75 22.93 67.85
CA THR G 438 63.05 23.18 67.24
C THR G 438 62.99 23.19 65.72
N SER G 439 61.99 22.50 65.16
CA SER G 439 61.82 22.50 63.70
C SER G 439 60.89 23.62 63.25
N ASN G 440 60.19 24.21 64.21
CA ASN G 440 59.20 25.26 63.95
C ASN G 440 58.09 24.81 63.00
N GLU G 441 57.78 23.51 63.05
CA GLU G 441 56.57 22.98 62.45
C GLU G 441 55.59 22.67 63.58
N PRO G 442 54.56 23.53 63.75
CA PRO G 442 53.67 23.46 64.90
C PRO G 442 52.79 22.21 64.96
N VAL G 443 52.75 21.60 66.14
CA VAL G 443 51.96 20.41 66.41
C VAL G 443 51.31 20.55 67.78
N TRP G 444 50.09 20.04 67.94
CA TRP G 444 49.40 20.10 69.22
C TRP G 444 48.98 18.71 69.69
N TRP G 445 49.16 18.44 70.98
CA TRP G 445 48.81 17.15 71.55
C TRP G 445 47.29 17.02 71.70
N LEU G 446 46.73 15.96 71.14
CA LEU G 446 45.31 15.68 71.24
C LEU G 446 45.10 14.32 71.91
N PRO G 447 43.98 14.16 72.63
CA PRO G 447 43.81 12.96 73.44
C PRO G 447 43.27 11.75 72.67
N ILE G 448 43.68 10.56 73.09
CA ILE G 448 43.03 9.35 72.65
C ILE G 448 42.04 8.96 73.73
N ILE G 449 40.78 9.34 73.52
CA ILE G 449 39.74 9.18 74.53
C ILE G 449 39.17 7.76 74.53
N ASN G 450 39.57 6.97 75.52
CA ASN G 450 39.23 5.55 75.59
C ASN G 450 37.73 5.25 75.64
N GLU G 451 36.94 6.20 76.10
CA GLU G 451 35.50 6.01 76.20
C GLU G 451 34.87 5.76 74.83
N TYR G 452 35.51 6.27 73.78
CA TYR G 452 34.98 6.13 72.42
C TYR G 452 35.26 4.75 71.84
N ARG G 453 36.11 3.97 72.52
CA ARG G 453 36.55 2.66 72.01
C ARG G 453 35.39 1.70 71.75
N ALA G 454 34.39 1.73 72.62
CA ALA G 454 33.26 0.80 72.51
C ALA G 454 32.47 0.98 71.21
N THR G 455 32.59 2.15 70.60
CA THR G 455 31.88 2.42 69.36
C THR G 455 32.52 1.69 68.18
N LEU G 456 33.70 1.12 68.41
CA LEU G 456 34.39 0.34 67.39
C LEU G 456 34.12 -1.16 67.56
N ASN G 457 33.28 -1.51 68.51
CA ASN G 457 32.87 -2.90 68.70
C ASN G 457 32.00 -3.38 67.55
N SER G 458 32.49 -4.35 66.79
CA SER G 458 31.73 -4.88 65.66
C SER G 458 30.88 -6.07 66.09
N LYS G 459 29.71 -6.21 65.49
CA LYS G 459 28.83 -7.33 65.80
C LYS G 459 29.43 -8.66 65.30
N TYR G 460 30.12 -8.61 64.17
CA TYR G 460 30.64 -9.82 63.54
C TYR G 460 32.16 -9.91 63.50
N ALA G 461 32.83 -8.80 63.21
CA ALA G 461 34.28 -8.78 63.14
C ALA G 461 34.88 -8.48 64.51
N ASP G 462 36.20 -8.60 64.61
CA ASP G 462 36.89 -8.27 65.86
C ASP G 462 36.74 -6.79 66.17
N ILE G 463 36.71 -5.96 65.13
CA ILE G 463 36.67 -4.52 65.31
C ILE G 463 36.02 -3.82 64.12
N ASN G 464 35.43 -2.65 64.38
CA ASN G 464 34.94 -1.78 63.33
C ASN G 464 36.03 -0.87 62.79
N GLN G 465 36.00 -0.62 61.49
CA GLN G 465 36.90 0.34 60.87
C GLN G 465 36.57 1.75 61.33
N ILE G 466 35.27 2.06 61.35
CA ILE G 466 34.81 3.39 61.73
C ILE G 466 33.72 3.33 62.80
N SER G 467 33.56 4.45 63.50
CA SER G 467 32.46 4.60 64.43
C SER G 467 31.23 5.11 63.69
N SER G 468 30.08 4.52 63.97
CA SER G 468 28.83 4.97 63.38
C SER G 468 28.08 5.88 64.35
N SER G 469 28.81 6.85 64.93
CA SER G 469 28.24 7.67 66.01
C SER G 469 29.07 8.91 66.37
N VAL G 470 30.26 8.67 66.91
CA VAL G 470 31.02 9.66 67.69
C VAL G 470 31.27 11.03 67.03
N LYS G 471 31.56 11.03 65.73
CA LYS G 471 31.90 12.23 64.94
C LYS G 471 33.32 12.77 65.20
N ALA G 472 33.86 12.49 66.39
CA ALA G 472 35.25 12.88 66.67
C ALA G 472 36.20 11.94 65.93
N SER G 473 36.21 12.07 64.60
CA SER G 473 36.89 11.14 63.70
C SER G 473 38.39 10.98 63.98
N SER G 474 39.07 12.09 64.22
CA SER G 474 40.52 12.07 64.41
C SER G 474 40.91 11.21 65.61
N ILE G 475 40.09 11.27 66.65
CA ILE G 475 40.32 10.49 67.86
C ILE G 475 39.93 9.02 67.66
N VAL G 476 38.80 8.81 67.00
CA VAL G 476 38.33 7.45 66.72
C VAL G 476 39.33 6.71 65.83
N ALA G 477 39.86 7.40 64.82
CA ALA G 477 40.87 6.81 63.96
C ALA G 477 42.12 6.45 64.78
N SER G 478 42.45 7.29 65.76
CA SER G 478 43.59 7.04 66.63
C SER G 478 43.36 5.81 67.51
N LEU G 479 42.12 5.66 67.99
CA LEU G 479 41.74 4.47 68.74
C LEU G 479 41.96 3.21 67.90
N PHE G 480 41.57 3.29 66.63
CA PHE G 480 41.67 2.16 65.72
C PHE G 480 43.13 1.75 65.47
N LEU G 481 43.97 2.74 65.18
CA LEU G 481 45.39 2.51 64.93
C LEU G 481 46.07 1.91 66.15
N LYS G 482 45.68 2.40 67.33
CA LYS G 482 46.25 1.96 68.60
C LYS G 482 46.10 0.45 68.80
N GLU G 483 45.06 -0.12 68.20
CA GLU G 483 44.79 -1.55 68.29
C GLU G 483 45.79 -2.41 67.52
N PHE G 484 46.70 -1.77 66.81
CA PHE G 484 47.66 -2.49 65.98
C PHE G 484 49.09 -2.21 66.42
N VAL G 485 49.22 -1.59 67.58
CA VAL G 485 50.51 -1.47 68.26
C VAL G 485 50.37 -2.09 69.65
N GLN G 486 51.01 -3.23 69.85
CA GLN G 486 50.77 -4.04 71.04
C GLN G 486 51.64 -3.63 72.23
N ASN G 487 52.93 -3.39 71.99
CA ASN G 487 53.86 -3.22 73.10
C ASN G 487 55.00 -2.24 72.84
N THR G 488 54.77 -1.26 71.96
CA THR G 488 55.82 -0.30 71.59
C THR G 488 55.33 1.14 71.72
N ALA G 489 56.21 2.01 72.21
CA ALA G 489 55.92 3.45 72.26
C ALA G 489 55.55 3.95 70.88
N TRP G 490 54.36 4.53 70.76
CA TRP G 490 53.83 4.91 69.45
C TRP G 490 53.17 6.29 69.46
N ALA G 491 53.40 7.05 68.39
CA ALA G 491 52.76 8.34 68.21
C ALA G 491 52.27 8.49 66.77
N HIS G 492 51.19 9.25 66.61
CA HIS G 492 50.50 9.39 65.33
C HIS G 492 50.22 10.85 65.04
N ILE G 493 50.72 11.33 63.90
CA ILE G 493 50.58 12.73 63.54
C ILE G 493 49.63 12.92 62.36
N ASP G 494 48.48 13.55 62.63
CA ASP G 494 47.47 13.76 61.59
C ASP G 494 47.69 15.11 60.90
N ILE G 495 48.07 15.06 59.63
CA ILE G 495 48.41 16.27 58.89
C ILE G 495 47.43 16.56 57.76
N ALA G 496 46.23 16.00 57.85
CA ALA G 496 45.21 16.18 56.82
C ALA G 496 44.84 17.65 56.64
N GLY G 497 45.00 18.42 57.70
CA GLY G 497 44.64 19.83 57.67
C GLY G 497 45.76 20.78 57.27
N VAL G 498 47.00 20.39 57.55
CA VAL G 498 48.14 21.29 57.35
C VAL G 498 49.00 20.98 56.13
N SER G 499 48.73 19.86 55.47
CA SER G 499 49.58 19.42 54.37
C SER G 499 49.56 20.37 53.17
N TRP G 500 48.38 20.88 52.83
CA TRP G 500 48.23 21.70 51.64
C TRP G 500 48.07 23.17 51.96
N ASN G 501 48.89 24.01 51.32
CA ASN G 501 48.76 25.45 51.42
C ASN G 501 47.70 25.93 50.44
N PHE G 502 46.48 26.13 50.91
CA PHE G 502 45.36 26.46 50.04
C PHE G 502 45.48 27.85 49.43
N LYS G 503 46.09 28.77 50.15
CA LYS G 503 46.26 30.13 49.65
C LYS G 503 47.27 30.18 48.50
N ALA G 504 48.41 29.51 48.69
CA ALA G 504 49.48 29.50 47.70
C ALA G 504 49.28 28.43 46.63
N ARG G 505 48.30 27.55 46.85
CA ARG G 505 47.97 26.48 45.92
C ARG G 505 49.12 25.51 45.70
N LYS G 506 49.78 25.12 46.79
CA LYS G 506 50.91 24.20 46.72
C LYS G 506 51.06 23.46 48.04
N PRO G 507 51.75 22.30 48.03
CA PRO G 507 51.96 21.60 49.30
C PRO G 507 53.02 22.28 50.16
N LYS G 508 53.10 21.91 51.43
CA LYS G 508 54.08 22.49 52.34
C LYS G 508 55.28 21.59 52.53
N GLY G 509 55.10 20.30 52.26
CA GLY G 509 56.11 19.31 52.64
C GLY G 509 56.20 19.24 54.14
N PHE G 510 55.07 19.49 54.81
CA PHE G 510 55.00 19.49 56.27
C PHE G 510 55.42 18.13 56.84
N GLY G 511 56.21 18.17 57.91
CA GLY G 511 56.57 16.96 58.62
C GLY G 511 58.02 16.56 58.47
N VAL G 512 58.64 16.94 57.36
CA VAL G 512 60.01 16.53 57.07
C VAL G 512 61.00 17.02 58.12
N ARG G 513 60.93 18.31 58.44
CA ARG G 513 61.85 18.89 59.41
C ARG G 513 61.51 18.42 60.82
N LEU G 514 60.22 18.31 61.11
CA LEU G 514 59.75 17.80 62.39
C LEU G 514 60.34 16.43 62.70
N LEU G 515 60.16 15.50 61.77
CA LEU G 515 60.64 14.13 61.94
C LEU G 515 62.17 14.07 61.99
N THR G 516 62.83 14.87 61.17
CA THR G 516 64.29 14.89 61.14
C THR G 516 64.85 15.38 62.48
N GLU G 517 64.29 16.47 62.99
CA GLU G 517 64.67 17.00 64.29
C GLU G 517 64.44 15.97 65.38
N PHE G 518 63.37 15.19 65.23
CA PHE G 518 63.05 14.12 66.17
C PHE G 518 64.15 13.06 66.16
N VAL G 519 64.50 12.59 64.96
CA VAL G 519 65.55 11.60 64.79
C VAL G 519 66.90 12.12 65.30
N LEU G 520 67.23 13.34 64.93
CA LEU G 520 68.55 13.92 65.23
C LEU G 520 68.75 14.22 66.71
N ASN G 521 67.74 14.82 67.34
CA ASN G 521 67.85 15.22 68.74
C ASN G 521 67.41 14.12 69.69
N ASP G 522 67.79 12.88 69.40
CA ASP G 522 67.43 11.75 70.22
C ASP G 522 68.65 10.85 70.48
N SER H 5 31.70 -22.31 39.47
CA SER H 5 32.02 -22.98 40.74
C SER H 5 33.25 -22.36 41.40
N GLU H 6 34.30 -22.15 40.63
CA GLU H 6 35.50 -21.51 41.15
C GLU H 6 35.24 -20.02 41.36
N VAL H 7 35.42 -19.56 42.59
CA VAL H 7 35.24 -18.15 42.92
C VAL H 7 36.50 -17.36 42.55
N PRO H 8 36.35 -16.36 41.67
CA PRO H 8 37.51 -15.56 41.27
C PRO H 8 38.02 -14.70 42.43
N GLN H 9 39.33 -14.49 42.46
CA GLN H 9 39.95 -13.65 43.48
C GLN H 9 40.72 -12.51 42.83
N VAL H 10 40.86 -11.40 43.56
CA VAL H 10 41.76 -10.33 43.13
C VAL H 10 43.12 -10.55 43.79
N VAL H 11 43.08 -10.91 45.07
CA VAL H 11 44.28 -11.30 45.79
C VAL H 11 44.05 -12.67 46.42
N SER H 12 45.13 -13.34 46.80
CA SER H 12 45.02 -14.70 47.35
C SER H 12 44.30 -14.70 48.70
N LEU H 13 44.21 -13.54 49.33
CA LEU H 13 43.57 -13.41 50.63
C LEU H 13 42.04 -13.27 50.51
N ASP H 14 41.55 -13.10 49.29
CA ASP H 14 40.11 -13.05 49.06
C ASP H 14 39.49 -14.44 49.29
N PRO H 15 38.46 -14.51 50.15
CA PRO H 15 37.81 -15.79 50.46
C PRO H 15 37.10 -16.39 49.25
N THR H 16 37.00 -17.73 49.22
CA THR H 16 36.40 -18.42 48.09
C THR H 16 35.17 -19.23 48.47
N SER H 17 34.68 -19.03 49.70
CA SER H 17 33.45 -19.68 50.13
C SER H 17 32.86 -18.96 51.33
N ILE H 18 31.55 -19.12 51.50
CA ILE H 18 30.86 -18.60 52.67
C ILE H 18 30.97 -19.58 53.83
N PRO H 19 31.53 -19.14 54.95
CA PRO H 19 31.56 -20.00 56.13
C PRO H 19 30.14 -20.22 56.65
N ILE H 20 29.75 -21.47 56.80
CA ILE H 20 28.40 -21.80 57.25
C ILE H 20 28.41 -22.78 58.41
N GLU H 21 27.72 -22.41 59.49
CA GLU H 21 27.54 -23.29 60.63
C GLU H 21 26.23 -24.06 60.46
N TYR H 22 26.32 -25.38 60.41
CA TYR H 22 25.13 -26.22 60.26
C TYR H 22 24.69 -26.79 61.60
N ASN H 23 25.60 -27.42 62.32
CA ASN H 23 25.30 -27.91 63.65
C ASN H 23 25.62 -26.85 64.69
N THR H 24 24.62 -26.08 65.05
CA THR H 24 24.77 -25.01 66.04
C THR H 24 24.63 -25.57 67.44
N PRO H 25 25.12 -24.84 68.46
CA PRO H 25 24.92 -25.27 69.85
C PRO H 25 23.44 -25.45 70.22
N ILE H 26 22.56 -24.73 69.51
CA ILE H 26 21.13 -24.89 69.71
C ILE H 26 20.69 -26.31 69.40
N HIS H 27 21.29 -26.90 68.37
CA HIS H 27 20.96 -28.27 67.99
C HIS H 27 21.37 -29.29 69.05
N ASP H 28 22.32 -28.91 69.90
CA ASP H 28 22.83 -29.81 70.94
C ASP H 28 22.01 -29.70 72.22
N ILE H 29 20.94 -28.93 72.18
CA ILE H 29 20.07 -28.77 73.34
C ILE H 29 18.98 -29.84 73.36
N LYS H 30 18.96 -30.63 74.43
CA LYS H 30 17.92 -31.65 74.59
C LYS H 30 16.68 -31.04 75.23
N VAL H 31 15.56 -31.10 74.52
CA VAL H 31 14.33 -30.44 74.96
C VAL H 31 13.29 -31.45 75.44
N GLN H 32 12.73 -31.19 76.62
CA GLN H 32 11.67 -32.03 77.17
C GLN H 32 10.45 -31.19 77.52
N VAL H 33 9.27 -31.69 77.14
CA VAL H 33 8.03 -31.00 77.47
C VAL H 33 7.20 -31.84 78.44
N TYR H 34 6.97 -31.31 79.63
CA TYR H 34 6.17 -31.98 80.64
C TYR H 34 4.85 -31.27 80.82
N ASP H 35 3.84 -32.00 81.30
CA ASP H 35 2.56 -31.37 81.60
C ASP H 35 2.62 -30.72 82.96
N ILE H 36 2.19 -29.46 83.02
CA ILE H 36 2.25 -28.67 84.25
C ILE H 36 1.39 -29.33 85.34
N LYS H 37 0.39 -30.09 84.92
CA LYS H 37 -0.34 -30.95 85.84
C LYS H 37 0.54 -32.12 86.22
N GLY H 38 1.07 -32.10 87.44
CA GLY H 38 2.01 -33.10 87.89
C GLY H 38 3.15 -32.45 88.64
N GLY H 39 3.13 -31.12 88.67
CA GLY H 39 4.09 -30.36 89.43
C GLY H 39 5.41 -30.14 88.71
N CYS H 40 6.15 -29.14 89.17
CA CYS H 40 7.45 -28.82 88.59
C CYS H 40 8.59 -29.30 89.48
N ASN H 41 9.53 -30.02 88.88
CA ASN H 41 10.76 -30.38 89.58
C ASN H 41 11.76 -29.25 89.47
N VAL H 42 12.34 -28.84 90.60
CA VAL H 42 13.29 -27.74 90.61
C VAL H 42 14.64 -28.19 91.15
N GLU H 43 15.52 -28.61 90.25
CA GLU H 43 16.87 -29.00 90.63
C GLU H 43 17.89 -28.05 90.01
N GLU H 44 18.93 -28.62 89.39
CA GLU H 44 20.04 -27.83 88.86
C GLU H 44 19.61 -26.82 87.79
N GLY H 45 20.47 -25.84 87.54
CA GLY H 45 20.26 -24.87 86.50
C GLY H 45 19.40 -23.69 86.91
N LEU H 46 18.60 -23.20 85.98
CA LEU H 46 17.72 -22.06 86.22
C LEU H 46 16.29 -22.39 85.81
N THR H 47 15.34 -22.03 86.67
CA THR H 47 13.93 -22.29 86.38
C THR H 47 13.14 -20.99 86.33
N ILE H 48 12.52 -20.73 85.18
CA ILE H 48 11.82 -19.47 84.97
C ILE H 48 10.32 -19.64 84.80
N PHE H 49 9.56 -18.89 85.59
CA PHE H 49 8.11 -18.89 85.49
C PHE H 49 7.63 -17.72 84.64
N LEU H 50 6.90 -18.01 83.57
CA LEU H 50 6.30 -16.96 82.76
C LEU H 50 4.94 -16.61 83.34
N VAL H 51 4.88 -15.51 84.09
CA VAL H 51 3.65 -15.14 84.79
C VAL H 51 3.08 -13.81 84.33
N ASN H 52 1.75 -13.70 84.38
CA ASN H 52 1.09 -12.44 84.12
C ASN H 52 0.03 -12.17 85.20
N ASN H 53 -0.67 -11.06 85.06
CA ASN H 53 -1.79 -10.76 85.94
C ASN H 53 -2.86 -9.99 85.17
N PRO H 54 -3.80 -10.73 84.57
CA PRO H 54 -4.86 -10.18 83.71
C PRO H 54 -5.71 -9.12 84.40
N GLY H 55 -5.60 -7.88 83.95
CA GLY H 55 -6.45 -6.81 84.45
C GLY H 55 -5.74 -5.77 85.29
N LYS H 56 -4.71 -6.19 86.02
CA LYS H 56 -3.97 -5.26 86.88
C LYS H 56 -2.73 -4.74 86.17
N GLU H 57 -2.76 -3.45 85.84
CA GLU H 57 -1.71 -2.77 85.05
C GLU H 57 -0.31 -3.27 85.32
N ASN H 58 0.07 -3.33 86.60
CA ASN H 58 1.33 -3.94 87.01
C ASN H 58 1.14 -4.72 88.30
N GLY H 59 0.17 -5.63 88.28
CA GLY H 59 -0.20 -6.40 89.46
C GLY H 59 0.90 -7.30 89.98
N PRO H 60 0.63 -7.98 91.11
CA PRO H 60 1.61 -8.81 91.80
C PRO H 60 1.91 -10.13 91.08
N VAL H 61 3.03 -10.75 91.44
CA VAL H 61 3.39 -12.05 90.90
C VAL H 61 2.83 -13.16 91.76
N LYS H 62 2.00 -14.01 91.17
CA LYS H 62 1.44 -15.16 91.88
C LYS H 62 1.66 -16.44 91.09
N ILE H 63 2.49 -17.33 91.63
CA ILE H 63 2.80 -18.59 90.96
C ILE H 63 1.75 -19.64 91.28
N SER H 64 0.95 -19.98 90.28
CA SER H 64 -0.18 -20.89 90.44
C SER H 64 0.22 -22.36 90.36
N SER H 65 1.34 -22.63 89.70
CA SER H 65 1.77 -24.01 89.45
C SER H 65 2.11 -24.74 90.75
N LYS H 66 1.91 -26.06 90.73
CA LYS H 66 2.35 -26.90 91.83
C LYS H 66 3.83 -27.17 91.68
N VAL H 67 4.58 -27.03 92.76
CA VAL H 67 6.02 -27.28 92.73
C VAL H 67 6.36 -28.48 93.59
N ASN H 68 6.86 -29.54 92.96
CA ASN H 68 7.16 -30.79 93.66
C ASN H 68 8.38 -30.66 94.58
N ASP H 69 8.35 -29.65 95.44
CA ASP H 69 9.42 -29.41 96.40
C ASP H 69 8.89 -28.55 97.53
N LYS H 70 9.09 -29.00 98.78
CA LYS H 70 8.53 -28.31 99.93
C LYS H 70 9.13 -26.92 100.14
N GLN H 71 10.46 -26.83 100.07
CA GLN H 71 11.15 -25.58 100.35
C GLN H 71 10.93 -24.54 99.26
N VAL H 72 10.93 -24.99 98.00
CA VAL H 72 10.73 -24.08 96.87
C VAL H 72 9.30 -23.53 96.88
N SER H 73 8.34 -24.39 97.24
CA SER H 73 6.95 -23.98 97.36
C SER H 73 6.81 -22.91 98.43
N GLU H 74 7.56 -23.08 99.52
CA GLU H 74 7.57 -22.11 100.61
C GLU H 74 8.10 -20.77 100.14
N PHE H 75 9.19 -20.80 99.38
CA PHE H 75 9.80 -19.58 98.84
C PHE H 75 8.82 -18.87 97.91
N LEU H 76 8.08 -19.64 97.14
CA LEU H 76 7.20 -19.08 96.11
C LEU H 76 5.79 -18.79 96.60
N LYS H 77 5.64 -18.63 97.91
CA LYS H 77 4.35 -18.29 98.51
C LYS H 77 3.92 -16.89 98.05
N ASP H 78 2.61 -16.66 98.04
CA ASP H 78 2.05 -15.38 97.57
C ASP H 78 2.62 -14.18 98.34
N GLU H 79 2.76 -14.34 99.64
CA GLU H 79 3.28 -13.28 100.49
C GLU H 79 4.72 -12.93 100.10
N ASN H 80 5.51 -13.95 99.80
CA ASN H 80 6.89 -13.76 99.41
C ASN H 80 7.05 -13.18 97.99
N MET H 81 5.98 -13.25 97.21
CA MET H 81 6.05 -12.86 95.80
C MET H 81 5.32 -11.56 95.50
N GLU H 82 4.66 -10.99 96.51
CA GLU H 82 3.87 -9.77 96.34
C GLU H 82 4.72 -8.55 96.03
N LYS H 83 5.98 -8.58 96.46
CA LYS H 83 6.89 -7.47 96.26
C LYS H 83 7.32 -7.34 94.80
N PHE H 84 7.01 -8.35 94.00
CA PHE H 84 7.34 -8.35 92.58
C PHE H 84 6.10 -8.19 91.73
N ASN H 85 6.22 -7.47 90.63
CA ASN H 85 5.09 -7.26 89.72
C ASN H 85 5.29 -7.95 88.37
N VAL H 86 4.25 -7.94 87.55
CA VAL H 86 4.24 -8.72 86.31
C VAL H 86 4.41 -7.88 85.05
N LYS H 87 5.00 -6.70 85.19
CA LYS H 87 5.21 -5.80 84.05
C LYS H 87 5.95 -6.52 82.93
N LEU H 88 5.51 -6.28 81.69
CA LEU H 88 6.06 -6.95 80.52
C LEU H 88 7.54 -6.63 80.32
N GLY H 89 8.39 -7.65 80.44
CA GLY H 89 9.81 -7.48 80.26
C GLY H 89 10.58 -7.58 81.56
N THR H 90 9.87 -7.52 82.68
CA THR H 90 10.48 -7.61 84.00
C THR H 90 11.08 -9.00 84.22
N SER H 91 12.10 -9.08 85.07
CA SER H 91 12.70 -10.35 85.44
C SER H 91 13.36 -10.25 86.80
N LYS H 92 13.35 -11.35 87.54
CA LYS H 92 14.02 -11.40 88.85
C LYS H 92 14.72 -12.75 89.04
N HIS H 93 15.77 -12.75 89.85
CA HIS H 93 16.50 -13.98 90.16
C HIS H 93 16.32 -14.36 91.63
N PHE H 94 16.09 -15.65 91.89
CA PHE H 94 15.96 -16.15 93.25
C PHE H 94 17.00 -17.23 93.56
N TYR H 95 17.50 -17.24 94.79
CA TYR H 95 18.44 -18.25 95.23
C TYR H 95 17.92 -18.96 96.48
N MET H 96 18.01 -20.28 96.51
CA MET H 96 17.48 -21.07 97.61
C MET H 96 17.97 -22.52 97.60
N PHE H 97 17.80 -23.20 98.72
CA PHE H 97 18.07 -24.63 98.81
C PHE H 97 16.76 -25.41 98.77
N ASN H 98 16.77 -26.55 98.07
CA ASN H 98 15.56 -27.36 97.97
C ASN H 98 15.47 -28.40 99.10
N ASP H 99 14.63 -29.41 98.91
CA ASP H 99 14.45 -30.46 99.91
C ASP H 99 15.69 -31.35 99.99
N ASN H 100 16.44 -31.41 98.89
CA ASN H 100 17.70 -32.15 98.87
C ASN H 100 18.83 -31.34 99.50
N LYS H 101 18.48 -30.19 100.07
CA LYS H 101 19.43 -29.26 100.69
C LYS H 101 20.49 -28.80 99.70
N ASN H 102 20.14 -28.77 98.42
CA ASN H 102 21.04 -28.30 97.37
C ASN H 102 20.55 -27.01 96.74
N SER H 103 21.48 -26.13 96.41
CA SER H 103 21.15 -24.80 95.90
C SER H 103 20.54 -24.87 94.50
N VAL H 104 19.48 -24.10 94.29
CA VAL H 104 18.82 -24.01 93.00
C VAL H 104 18.55 -22.56 92.63
N ALA H 105 18.47 -22.27 91.33
CA ALA H 105 18.18 -20.93 90.85
C ALA H 105 16.78 -20.87 90.23
N VAL H 106 15.98 -19.91 90.71
CA VAL H 106 14.60 -19.75 90.24
C VAL H 106 14.37 -18.27 89.89
N GLY H 107 13.42 -18.02 88.99
CA GLY H 107 13.08 -16.65 88.62
C GLY H 107 11.81 -16.56 87.81
N TYR H 108 11.48 -15.36 87.34
CA TYR H 108 10.30 -15.18 86.51
C TYR H 108 10.51 -14.09 85.46
N VAL H 109 9.68 -14.11 84.43
CA VAL H 109 9.64 -13.04 83.45
C VAL H 109 8.22 -12.50 83.36
N GLY H 110 8.06 -11.18 83.51
CA GLY H 110 6.75 -10.56 83.47
C GLY H 110 6.15 -10.55 82.08
N CYS H 111 4.89 -10.98 81.98
CA CYS H 111 4.22 -11.07 80.69
C CYS H 111 3.02 -10.12 80.61
N GLY H 112 3.06 -9.03 81.36
CA GLY H 112 2.06 -7.98 81.26
C GLY H 112 0.73 -8.28 81.91
N SER H 113 -0.31 -7.56 81.47
CA SER H 113 -1.64 -7.69 82.04
C SER H 113 -2.67 -8.14 81.01
N VAL H 114 -2.26 -8.28 79.76
CA VAL H 114 -3.15 -8.74 78.71
C VAL H 114 -3.01 -10.25 78.53
N ALA H 115 -4.15 -10.94 78.43
CA ALA H 115 -4.16 -12.40 78.36
C ALA H 115 -3.58 -12.92 77.04
N ASP H 116 -3.64 -12.11 76.00
CA ASP H 116 -3.14 -12.52 74.69
C ASP H 116 -1.91 -11.72 74.27
N LEU H 117 -0.73 -12.31 74.47
CA LEU H 117 0.52 -11.66 74.10
C LEU H 117 0.69 -11.61 72.59
N SER H 118 1.09 -10.45 72.07
CA SER H 118 1.28 -10.28 70.64
C SER H 118 2.60 -10.87 70.17
N GLU H 119 2.79 -10.87 68.86
CA GLU H 119 4.07 -11.27 68.26
C GLU H 119 5.20 -10.40 68.79
N ALA H 120 4.94 -9.11 68.92
CA ALA H 120 5.92 -8.17 69.44
C ALA H 120 6.07 -8.32 70.95
N ASP H 121 4.97 -8.61 71.63
CA ASP H 121 5.00 -8.82 73.08
C ASP H 121 5.85 -10.03 73.44
N MET H 122 5.69 -11.11 72.67
CA MET H 122 6.38 -12.35 72.95
C MET H 122 7.89 -12.22 72.76
N LYS H 123 8.31 -11.47 71.75
CA LYS H 123 9.72 -11.28 71.49
C LYS H 123 10.38 -10.55 72.65
N ARG H 124 9.66 -9.62 73.26
CA ARG H 124 10.18 -8.89 74.41
C ARG H 124 10.32 -9.81 75.60
N VAL H 125 9.41 -10.76 75.74
CA VAL H 125 9.49 -11.76 76.80
C VAL H 125 10.72 -12.65 76.60
N VAL H 126 10.90 -13.09 75.36
CA VAL H 126 12.05 -13.93 75.00
C VAL H 126 13.37 -13.18 75.21
N LEU H 127 13.39 -11.91 74.84
CA LEU H 127 14.60 -11.10 75.00
C LEU H 127 14.99 -10.94 76.46
N SER H 128 14.00 -10.85 77.34
CA SER H 128 14.27 -10.77 78.78
C SER H 128 14.80 -12.11 79.27
N LEU H 129 14.32 -13.20 78.66
CA LEU H 129 14.74 -14.53 79.02
C LEU H 129 16.20 -14.78 78.62
N VAL H 130 16.56 -14.25 77.46
CA VAL H 130 17.88 -14.44 76.90
C VAL H 130 18.96 -13.71 77.73
N THR H 131 18.59 -12.54 78.28
CA THR H 131 19.51 -11.77 79.12
C THR H 131 19.87 -12.53 80.40
N MET H 132 18.93 -13.34 80.88
CA MET H 132 19.17 -14.16 82.05
C MET H 132 20.09 -15.31 81.65
N LEU H 133 20.13 -15.57 80.35
CA LEU H 133 20.94 -16.65 79.85
C LEU H 133 22.40 -16.25 79.46
N HIS H 134 22.71 -15.00 79.06
CA HIS H 134 24.05 -14.87 78.52
C HIS H 134 25.15 -14.59 79.56
N ASP H 135 24.82 -14.06 80.73
CA ASP H 135 25.91 -13.74 81.64
C ASP H 135 25.96 -14.75 82.78
N ASN H 136 25.52 -15.97 82.47
CA ASN H 136 25.42 -17.02 83.46
C ASN H 136 25.70 -18.39 82.85
N LYS H 137 26.80 -19.01 83.26
CA LYS H 137 27.15 -20.35 82.79
C LYS H 137 26.20 -21.38 83.39
N LEU H 138 25.14 -21.69 82.65
CA LEU H 138 24.13 -22.64 83.12
C LEU H 138 24.11 -23.90 82.27
N SER H 139 23.85 -25.04 82.91
CA SER H 139 23.78 -26.31 82.20
C SER H 139 22.36 -26.59 81.72
N LYS H 140 21.39 -25.93 82.33
CA LYS H 140 19.99 -26.25 82.09
C LYS H 140 19.06 -25.07 82.32
N LEU H 141 18.06 -24.95 81.47
CA LEU H 141 17.00 -23.96 81.66
C LEU H 141 15.64 -24.63 81.69
N THR H 142 14.82 -24.27 82.68
CA THR H 142 13.46 -24.76 82.74
C THR H 142 12.48 -23.60 82.62
N VAL H 143 11.55 -23.71 81.67
CA VAL H 143 10.55 -22.68 81.46
C VAL H 143 9.16 -23.19 81.80
N VAL H 144 8.49 -22.51 82.72
CA VAL H 144 7.15 -22.88 83.15
C VAL H 144 6.12 -21.89 82.65
N PHE H 145 5.26 -22.34 81.74
CA PHE H 145 4.24 -21.48 81.15
C PHE H 145 3.03 -21.33 82.07
N GLU H 146 2.91 -20.17 82.72
CA GLU H 146 1.72 -19.84 83.48
C GLU H 146 0.94 -18.78 82.75
N ILE H 147 1.19 -18.70 81.44
CA ILE H 147 0.39 -17.91 80.53
C ILE H 147 -0.24 -18.87 79.51
N ASN H 148 -1.20 -18.40 78.74
CA ASN H 148 -1.83 -19.26 77.75
C ASN H 148 -1.40 -18.87 76.35
N VAL H 149 -0.82 -19.83 75.64
CA VAL H 149 -0.39 -19.61 74.26
C VAL H 149 -0.90 -20.76 73.38
N ASP H 150 -1.24 -20.46 72.14
CA ASP H 150 -1.64 -21.51 71.21
C ASP H 150 -0.40 -22.22 70.66
N LYS H 151 -0.62 -23.17 69.77
CA LYS H 151 0.48 -23.97 69.24
C LYS H 151 1.46 -23.12 68.41
N ASN H 152 0.92 -22.23 67.60
CA ASN H 152 1.76 -21.36 66.77
C ASN H 152 2.60 -20.40 67.60
N LEU H 153 2.01 -19.87 68.66
CA LEU H 153 2.71 -18.90 69.51
C LEU H 153 3.74 -19.60 70.40
N PHE H 154 3.47 -20.84 70.79
CA PHE H 154 4.44 -21.62 71.56
C PHE H 154 5.65 -21.94 70.71
N ARG H 155 5.39 -22.32 69.45
CA ARG H 155 6.46 -22.59 68.51
C ARG H 155 7.27 -21.32 68.25
N PHE H 156 6.58 -20.18 68.16
CA PHE H 156 7.23 -18.91 67.94
C PHE H 156 8.14 -18.55 69.10
N PHE H 157 7.72 -18.91 70.31
CA PHE H 157 8.52 -18.68 71.50
C PHE H 157 9.87 -19.39 71.39
N LEU H 158 9.82 -20.67 71.01
CA LEU H 158 11.03 -21.47 70.90
C LEU H 158 11.93 -21.02 69.75
N GLU H 159 11.33 -20.78 68.59
CA GLU H 159 12.04 -20.26 67.42
C GLU H 159 12.81 -18.98 67.76
N THR H 160 12.12 -18.08 68.44
CA THR H 160 12.71 -16.78 68.78
C THR H 160 13.73 -16.96 69.90
N LEU H 161 13.45 -17.89 70.80
CA LEU H 161 14.41 -18.21 71.86
C LEU H 161 15.69 -18.78 71.26
N PHE H 162 15.55 -19.71 70.33
CA PHE H 162 16.70 -20.32 69.67
C PHE H 162 17.48 -19.30 68.85
N TYR H 163 16.76 -18.45 68.12
CA TYR H 163 17.39 -17.49 67.23
C TYR H 163 18.16 -16.41 67.99
N GLU H 164 17.55 -15.85 69.03
CA GLU H 164 18.17 -14.77 69.79
C GLU H 164 19.28 -15.26 70.70
N TYR H 165 19.23 -16.53 71.09
CA TYR H 165 20.25 -17.14 71.95
C TYR H 165 21.54 -17.34 71.17
N MET H 166 21.40 -17.79 69.92
CA MET H 166 22.53 -18.12 69.07
C MET H 166 23.32 -16.87 68.67
N THR H 167 24.65 -16.95 68.77
CA THR H 167 25.51 -15.84 68.37
C THR H 167 26.47 -16.25 67.25
N ASP H 168 26.48 -15.44 66.20
CA ASP H 168 27.31 -15.67 65.03
C ASP H 168 28.74 -15.22 65.28
N GLU H 169 29.67 -16.17 65.33
CA GLU H 169 31.07 -15.84 65.56
C GLU H 169 31.96 -16.30 64.40
N ARG H 170 31.34 -16.56 63.26
CA ARG H 170 32.07 -17.01 62.07
C ARG H 170 33.18 -16.06 61.66
N PHE H 171 33.00 -14.77 61.93
CA PHE H 171 33.95 -13.77 61.46
C PHE H 171 34.76 -13.16 62.60
N LYS H 172 34.57 -13.69 63.80
CA LYS H 172 35.42 -13.34 64.94
C LYS H 172 36.73 -14.11 64.85
N SER H 173 37.82 -13.47 65.26
CA SER H 173 39.11 -14.13 65.32
C SER H 173 39.75 -13.93 66.68
N THR H 174 40.22 -12.71 66.93
CA THR H 174 40.87 -12.37 68.19
C THR H 174 39.88 -11.89 69.25
N ASP H 175 38.59 -11.84 68.89
CA ASP H 175 37.57 -11.31 69.80
C ASP H 175 36.40 -12.28 69.98
N LYS H 176 36.69 -13.58 70.07
CA LYS H 176 35.66 -14.55 70.39
C LYS H 176 35.28 -14.43 71.87
N ASN H 177 33.99 -14.58 72.17
CA ASN H 177 33.54 -14.55 73.55
C ASN H 177 34.07 -15.74 74.32
N VAL H 178 35.02 -15.50 75.22
CA VAL H 178 35.68 -16.57 75.97
C VAL H 178 34.76 -17.18 77.02
N ASN H 179 33.72 -16.47 77.39
CA ASN H 179 32.74 -16.96 78.35
C ASN H 179 31.45 -17.41 77.68
N MET H 180 31.58 -18.01 76.49
CA MET H 180 30.42 -18.43 75.72
C MET H 180 30.11 -19.91 75.94
N GLU H 181 29.23 -20.18 76.89
CA GLU H 181 28.78 -21.54 77.17
C GLU H 181 27.26 -21.62 77.05
N TYR H 182 26.77 -22.59 76.28
CA TYR H 182 25.34 -22.76 76.09
C TYR H 182 24.78 -23.85 77.01
N ILE H 183 23.50 -23.74 77.34
CA ILE H 183 22.82 -24.79 78.09
C ILE H 183 22.81 -26.08 77.27
N LYS H 184 22.74 -27.22 77.95
CA LYS H 184 22.68 -28.50 77.27
C LYS H 184 21.28 -29.08 77.35
N HIS H 185 20.44 -28.50 78.20
CA HIS H 185 19.08 -28.99 78.40
C HIS H 185 18.06 -27.88 78.54
N LEU H 186 16.89 -28.07 77.93
CA LEU H 186 15.78 -27.15 78.10
C LEU H 186 14.51 -27.90 78.53
N GLY H 187 14.05 -27.63 79.74
CA GLY H 187 12.80 -28.20 80.23
C GLY H 187 11.65 -27.24 80.05
N VAL H 188 10.49 -27.76 79.67
CA VAL H 188 9.30 -26.94 79.45
C VAL H 188 8.06 -27.54 80.12
N TYR H 189 7.44 -26.76 81.00
CA TYR H 189 6.18 -27.16 81.64
C TYR H 189 5.03 -26.34 81.08
N ILE H 190 3.98 -27.02 80.64
CA ILE H 190 2.84 -26.35 80.01
C ILE H 190 1.57 -27.21 80.06
N ASN H 191 0.41 -26.56 80.09
CA ASN H 191 -0.87 -27.25 80.02
C ASN H 191 -1.03 -27.99 78.69
N ASN H 192 -1.64 -29.17 78.74
CA ASN H 192 -1.85 -29.99 77.55
C ASN H 192 -0.55 -30.21 76.79
N ALA H 193 0.48 -30.66 77.50
CA ALA H 193 1.83 -30.77 76.96
C ALA H 193 1.90 -31.63 75.70
N ASP H 194 1.12 -32.71 75.66
CA ASP H 194 1.17 -33.67 74.57
C ASP H 194 0.77 -33.06 73.21
N THR H 195 0.08 -31.92 73.24
CA THR H 195 -0.30 -31.26 71.99
C THR H 195 0.77 -30.26 71.55
N TYR H 196 1.67 -29.90 72.46
CA TYR H 196 2.72 -28.93 72.16
C TYR H 196 4.02 -29.60 71.76
N LYS H 197 4.12 -30.90 71.98
CA LYS H 197 5.35 -31.64 71.74
C LYS H 197 5.73 -31.69 70.26
N GLU H 198 4.75 -31.70 69.38
CA GLU H 198 5.00 -31.74 67.94
C GLU H 198 5.61 -30.44 67.44
N GLU H 199 5.50 -29.38 68.23
CA GLU H 199 5.96 -28.06 67.84
C GLU H 199 7.45 -27.88 68.08
N VAL H 200 8.00 -28.69 68.99
CA VAL H 200 9.40 -28.54 69.38
C VAL H 200 10.36 -28.72 68.21
N GLU H 201 10.26 -29.85 67.51
CA GLU H 201 11.15 -30.12 66.39
C GLU H 201 10.82 -29.24 65.19
N LYS H 202 9.58 -28.80 65.09
CA LYS H 202 9.20 -27.87 64.02
C LYS H 202 9.88 -26.52 64.27
N ALA H 203 9.91 -26.10 65.53
CA ALA H 203 10.57 -24.86 65.91
C ALA H 203 12.06 -24.94 65.63
N ARG H 204 12.66 -26.08 65.96
CA ARG H 204 14.07 -26.33 65.74
C ARG H 204 14.42 -26.18 64.26
N VAL H 205 13.59 -26.76 63.40
CA VAL H 205 13.77 -26.67 61.96
C VAL H 205 13.55 -25.23 61.47
N TYR H 206 12.48 -24.62 61.94
CA TYR H 206 12.16 -23.24 61.56
C TYR H 206 13.26 -22.29 62.00
N TYR H 207 13.82 -22.53 63.18
CA TYR H 207 14.90 -21.71 63.69
C TYR H 207 16.11 -21.72 62.76
N PHE H 208 16.57 -22.91 62.37
CA PHE H 208 17.78 -22.97 61.58
C PHE H 208 17.57 -22.45 60.17
N GLY H 209 16.40 -22.69 59.60
CA GLY H 209 16.07 -22.14 58.29
C GLY H 209 16.17 -20.63 58.35
N THR H 210 15.70 -20.07 59.47
CA THR H 210 15.79 -18.65 59.73
C THR H 210 17.24 -18.22 60.00
N TYR H 211 17.94 -19.03 60.79
CA TYR H 211 19.32 -18.70 61.15
C TYR H 211 20.26 -18.92 59.96
N TYR H 212 19.92 -19.84 59.08
CA TYR H 212 20.71 -20.10 57.88
C TYR H 212 20.63 -18.90 56.94
N ALA H 213 19.43 -18.37 56.75
CA ALA H 213 19.24 -17.17 55.95
C ALA H 213 20.02 -16.02 56.57
N SER H 214 19.96 -15.93 57.89
CA SER H 214 20.67 -14.90 58.64
C SER H 214 22.18 -14.95 58.42
N GLN H 215 22.74 -16.16 58.40
CA GLN H 215 24.17 -16.34 58.13
C GLN H 215 24.55 -15.83 56.75
N LEU H 216 23.74 -16.14 55.75
CA LEU H 216 24.01 -15.73 54.38
C LEU H 216 23.95 -14.21 54.24
N ILE H 217 22.94 -13.60 54.86
CA ILE H 217 22.76 -12.17 54.80
C ILE H 217 23.90 -11.44 55.53
N ALA H 218 24.22 -11.92 56.74
CA ALA H 218 25.27 -11.31 57.56
C ALA H 218 26.64 -11.43 56.91
N ALA H 219 26.85 -12.51 56.17
CA ALA H 219 28.12 -12.71 55.46
C ALA H 219 28.38 -11.58 54.46
N PRO H 220 29.52 -10.88 54.62
CA PRO H 220 29.88 -9.73 53.79
C PRO H 220 30.05 -10.11 52.32
N SER H 221 29.93 -9.11 51.46
CA SER H 221 29.87 -9.34 50.02
C SER H 221 31.14 -9.95 49.44
N ASN H 222 32.27 -9.80 50.14
CA ASN H 222 33.51 -10.41 49.67
C ASN H 222 33.52 -11.91 50.00
N TYR H 223 32.77 -12.30 51.02
CA TYR H 223 32.55 -13.71 51.31
C TYR H 223 31.37 -14.23 50.50
N CYS H 224 30.26 -13.50 50.54
CA CYS H 224 29.04 -13.88 49.83
C CYS H 224 28.92 -13.15 48.50
N ASN H 225 29.38 -13.82 47.45
CA ASN H 225 29.30 -13.28 46.09
C ASN H 225 28.43 -14.22 45.25
N PRO H 226 28.11 -13.84 44.00
CA PRO H 226 27.25 -14.72 43.17
C PRO H 226 27.73 -16.17 43.03
N VAL H 227 29.03 -16.37 42.91
CA VAL H 227 29.56 -17.72 42.73
C VAL H 227 29.50 -18.51 44.04
N SER H 228 29.90 -17.87 45.14
CA SER H 228 29.94 -18.54 46.44
C SER H 228 28.55 -18.80 46.99
N LEU H 229 27.61 -17.90 46.69
CA LEU H 229 26.25 -18.07 47.15
C LEU H 229 25.60 -19.25 46.42
N SER H 230 25.84 -19.34 45.12
CA SER H 230 25.29 -20.44 44.32
C SER H 230 25.94 -21.76 44.71
N ASN H 231 27.22 -21.72 45.08
CA ASN H 231 27.91 -22.89 45.58
C ASN H 231 27.27 -23.37 46.88
N ALA H 232 26.91 -22.42 47.74
CA ALA H 232 26.28 -22.74 49.02
C ALA H 232 24.92 -23.39 48.81
N ALA H 233 24.17 -22.88 47.82
CA ALA H 233 22.85 -23.41 47.50
C ALA H 233 22.94 -24.85 46.98
N VAL H 234 23.99 -25.13 46.24
CA VAL H 234 24.24 -26.47 45.72
C VAL H 234 24.53 -27.43 46.88
N GLU H 235 25.39 -26.98 47.79
CA GLU H 235 25.76 -27.76 48.96
C GLU H 235 24.53 -28.04 49.83
N LEU H 236 23.65 -27.05 49.93
CA LEU H 236 22.40 -27.21 50.66
C LEU H 236 21.51 -28.25 50.00
N ALA H 237 21.36 -28.11 48.68
CA ALA H 237 20.53 -29.03 47.89
C ALA H 237 21.04 -30.47 48.00
N GLN H 238 22.36 -30.62 48.06
CA GLN H 238 22.96 -31.94 48.19
C GLN H 238 22.70 -32.54 49.57
N LYS H 239 22.74 -31.71 50.60
CA LYS H 239 22.50 -32.16 51.96
C LYS H 239 21.03 -32.55 52.17
N LEU H 240 20.14 -31.92 51.41
CA LEU H 240 18.70 -32.15 51.55
C LEU H 240 18.19 -33.10 50.49
N ASN H 241 19.10 -33.60 49.65
CA ASN H 241 18.75 -34.47 48.54
C ASN H 241 17.74 -33.81 47.62
N LEU H 242 17.88 -32.50 47.44
CA LEU H 242 17.05 -31.74 46.51
C LEU H 242 17.64 -31.75 45.12
N GLU H 243 16.77 -31.73 44.11
CA GLU H 243 17.23 -31.55 42.74
C GLU H 243 17.73 -30.10 42.60
N TYR H 244 18.82 -29.91 41.88
CA TYR H 244 19.38 -28.57 41.71
C TYR H 244 19.96 -28.35 40.33
N LYS H 245 20.04 -27.08 39.95
CA LYS H 245 20.60 -26.67 38.68
C LYS H 245 21.03 -25.21 38.78
N ILE H 246 22.30 -24.95 38.45
CA ILE H 246 22.81 -23.59 38.44
C ILE H 246 23.11 -23.17 37.01
N LEU H 247 22.37 -22.17 36.52
CA LEU H 247 22.55 -21.69 35.16
C LEU H 247 23.68 -20.68 35.09
N GLY H 248 24.62 -20.91 34.19
CA GLY H 248 25.74 -20.00 33.98
C GLY H 248 25.44 -19.00 32.88
N VAL H 249 26.39 -18.10 32.63
CA VAL H 249 26.21 -17.00 31.68
C VAL H 249 25.82 -17.50 30.28
N LYS H 250 26.47 -18.57 29.83
CA LYS H 250 26.20 -19.14 28.51
C LYS H 250 24.74 -19.57 28.38
N GLU H 251 24.24 -20.25 29.40
CA GLU H 251 22.86 -20.71 29.41
C GLU H 251 21.90 -19.52 29.52
N LEU H 252 22.28 -18.54 30.32
CA LEU H 252 21.46 -17.34 30.52
C LEU H 252 21.38 -16.50 29.25
N GLU H 253 22.45 -16.51 28.45
CA GLU H 253 22.43 -15.84 27.16
C GLU H 253 21.50 -16.56 26.19
N GLU H 254 21.55 -17.89 26.20
CA GLU H 254 20.69 -18.70 25.34
C GLU H 254 19.23 -18.50 25.68
N LEU H 255 18.95 -18.23 26.96
CA LEU H 255 17.58 -18.01 27.42
C LEU H 255 17.16 -16.54 27.31
N LYS H 256 18.04 -15.72 26.74
CA LYS H 256 17.76 -14.32 26.46
C LYS H 256 17.47 -13.48 27.71
N MET H 257 18.08 -13.83 28.83
CA MET H 257 17.87 -13.06 30.07
C MET H 257 18.68 -11.75 30.07
N GLY H 258 18.31 -10.83 29.19
CA GLY H 258 19.06 -9.60 29.01
C GLY H 258 18.92 -8.58 30.13
N ALA H 259 17.79 -8.62 30.83
CA ALA H 259 17.59 -7.70 31.95
C ALA H 259 18.48 -8.09 33.11
N TYR H 260 18.47 -9.37 33.44
CA TYR H 260 19.26 -9.93 34.52
C TYR H 260 20.76 -9.85 34.23
N LEU H 261 21.14 -10.15 32.99
CA LEU H 261 22.55 -10.15 32.62
C LEU H 261 23.14 -8.74 32.66
N SER H 262 22.36 -7.74 32.26
CA SER H 262 22.84 -6.36 32.22
C SER H 262 23.25 -5.87 33.60
N VAL H 263 22.51 -6.31 34.62
CA VAL H 263 22.78 -5.91 36.00
C VAL H 263 24.16 -6.39 36.45
N GLY H 264 24.51 -7.62 36.07
CA GLY H 264 25.76 -8.21 36.51
C GLY H 264 26.97 -7.94 35.61
N LYS H 265 26.77 -7.15 34.56
CA LYS H 265 27.82 -6.87 33.58
C LYS H 265 29.07 -6.25 34.21
N GLY H 266 28.86 -5.40 35.21
CA GLY H 266 29.96 -4.66 35.80
C GLY H 266 30.66 -5.39 36.94
N SER H 267 30.28 -6.64 37.17
CA SER H 267 30.85 -7.40 38.29
C SER H 267 31.95 -8.36 37.85
N MET H 268 32.88 -8.63 38.76
CA MET H 268 33.94 -9.59 38.52
C MET H 268 33.42 -11.01 38.69
N TYR H 269 32.25 -11.14 39.29
CA TYR H 269 31.63 -12.44 39.49
C TYR H 269 30.56 -12.72 38.43
N PRO H 270 30.69 -13.84 37.73
CA PRO H 270 29.71 -14.22 36.71
C PRO H 270 28.33 -14.46 37.32
N ASN H 271 27.27 -14.06 36.63
CA ASN H 271 25.92 -14.31 37.10
C ASN H 271 25.66 -15.80 37.27
N LYS H 272 24.96 -16.15 38.36
CA LYS H 272 24.57 -17.52 38.62
C LYS H 272 23.10 -17.60 38.96
N PHE H 273 22.34 -18.36 38.17
CA PHE H 273 20.91 -18.52 38.42
C PHE H 273 20.66 -19.79 39.22
N ILE H 274 20.11 -19.64 40.43
CA ILE H 274 19.83 -20.78 41.30
C ILE H 274 18.44 -21.36 41.04
N HIS H 275 18.39 -22.67 40.83
CA HIS H 275 17.12 -23.37 40.67
C HIS H 275 17.15 -24.69 41.44
N LEU H 276 16.59 -24.69 42.64
CA LEU H 276 16.45 -25.91 43.42
C LEU H 276 15.01 -26.39 43.29
N THR H 277 14.79 -27.68 43.42
CA THR H 277 13.44 -28.24 43.31
C THR H 277 13.15 -29.30 44.35
N TYR H 278 12.06 -29.11 45.09
CA TYR H 278 11.50 -30.16 45.92
C TYR H 278 10.23 -30.72 45.28
N LYS H 279 10.17 -32.04 45.16
CA LYS H 279 8.96 -32.68 44.68
C LYS H 279 8.54 -33.80 45.62
N SER H 280 7.28 -33.77 46.05
CA SER H 280 6.76 -34.76 46.98
C SER H 280 6.65 -36.13 46.31
N LYS H 281 6.77 -37.19 47.13
CA LYS H 281 6.47 -38.53 46.68
C LYS H 281 4.95 -38.69 46.64
N GLY H 282 4.41 -38.90 45.45
CA GLY H 282 2.97 -39.07 45.29
C GLY H 282 2.35 -38.09 44.31
N ASP H 283 1.04 -37.90 44.42
CA ASP H 283 0.31 -37.02 43.53
C ASP H 283 0.59 -35.55 43.83
N VAL H 284 1.01 -34.81 42.81
CA VAL H 284 1.27 -33.38 42.97
C VAL H 284 0.03 -32.56 42.64
N LYS H 285 -0.54 -31.92 43.66
CA LYS H 285 -1.78 -31.17 43.49
C LYS H 285 -1.52 -29.67 43.34
N LYS H 286 -0.33 -29.23 43.75
CA LYS H 286 0.01 -27.82 43.72
C LYS H 286 1.48 -27.60 43.39
N LYS H 287 1.75 -26.77 42.38
CA LYS H 287 3.11 -26.45 41.98
C LYS H 287 3.40 -24.99 42.28
N ILE H 288 4.51 -24.73 42.98
CA ILE H 288 4.82 -23.39 43.47
C ILE H 288 6.25 -22.96 43.12
N ALA H 289 6.39 -21.73 42.66
CA ALA H 289 7.72 -21.16 42.41
C ALA H 289 7.99 -20.02 43.37
N LEU H 290 9.02 -20.19 44.21
CA LEU H 290 9.45 -19.15 45.13
C LEU H 290 10.68 -18.43 44.56
N VAL H 291 10.55 -17.12 44.35
CA VAL H 291 11.61 -16.33 43.73
C VAL H 291 12.22 -15.34 44.72
N GLY H 292 13.53 -15.43 44.92
CA GLY H 292 14.22 -14.51 45.81
C GLY H 292 15.15 -13.58 45.08
N LYS H 293 15.11 -12.29 45.42
CA LYS H 293 16.06 -11.32 44.88
C LYS H 293 17.43 -11.58 45.49
N GLY H 294 18.42 -11.77 44.64
CA GLY H 294 19.75 -12.13 45.10
C GLY H 294 20.86 -11.22 44.60
N ILE H 295 20.82 -9.96 45.01
CA ILE H 295 21.91 -9.03 44.73
C ILE H 295 22.90 -9.11 45.88
N THR H 296 24.07 -9.71 45.63
CA THR H 296 25.01 -9.97 46.71
C THR H 296 25.63 -8.67 47.23
N PHE H 297 25.79 -7.69 46.36
CA PHE H 297 26.06 -6.33 46.81
C PHE H 297 25.42 -5.30 45.87
N ASP H 298 24.75 -4.32 46.44
CA ASP H 298 24.12 -3.27 45.66
C ASP H 298 24.82 -1.93 45.86
N SER H 299 25.75 -1.61 44.97
CA SER H 299 26.44 -0.32 45.04
C SER H 299 25.56 0.79 44.49
N GLY H 300 24.60 0.39 43.66
CA GLY H 300 23.73 1.33 42.98
C GLY H 300 24.08 1.43 41.50
N GLY H 301 25.25 0.92 41.14
CA GLY H 301 25.74 1.07 39.79
C GLY H 301 26.16 2.52 39.57
N TYR H 302 26.08 3.00 38.32
CA TYR H 302 26.47 4.37 38.03
C TYR H 302 25.55 5.37 38.73
N ASN H 303 24.33 4.95 39.03
CA ASN H 303 23.50 5.67 39.99
C ASN H 303 23.94 5.30 41.40
N LEU H 304 25.21 5.60 41.70
CA LEU H 304 25.85 5.19 42.94
C LEU H 304 25.08 5.63 44.17
N LYS H 305 25.06 4.77 45.19
CA LYS H 305 24.45 5.13 46.47
C LYS H 305 25.34 6.10 47.22
N ALA H 306 25.27 7.37 46.84
CA ALA H 306 26.14 8.39 47.43
C ALA H 306 25.34 9.38 48.27
N ALA H 307 24.02 9.38 48.08
CA ALA H 307 23.15 10.29 48.79
C ALA H 307 23.18 10.02 50.29
N PRO H 308 23.04 11.07 51.11
CA PRO H 308 22.90 10.91 52.56
C PRO H 308 21.74 9.99 52.91
N GLY H 309 22.01 8.97 53.72
CA GLY H 309 20.98 8.04 54.14
C GLY H 309 20.75 6.86 53.21
N SER H 310 21.59 6.72 52.19
CA SER H 310 21.42 5.61 51.25
C SER H 310 22.02 4.31 51.80
N MET H 311 22.83 4.43 52.85
CA MET H 311 23.40 3.31 53.58
C MET H 311 24.01 2.22 52.68
N ILE H 312 25.04 2.60 51.93
CA ILE H 312 25.69 1.67 51.01
C ILE H 312 26.33 0.49 51.75
N ASP H 313 26.71 0.69 53.01
CA ASP H 313 27.37 -0.36 53.78
C ASP H 313 26.39 -1.41 54.31
N LEU H 314 25.10 -1.18 54.10
CA LEU H 314 24.08 -2.16 54.47
C LEU H 314 23.87 -3.16 53.33
N MET H 315 24.29 -2.76 52.13
CA MET H 315 23.82 -3.39 50.90
C MET H 315 24.34 -4.80 50.63
N LYS H 316 25.02 -5.41 51.60
CA LYS H 316 25.26 -6.85 51.55
C LYS H 316 23.93 -7.58 51.78
N PHE H 317 22.96 -6.86 52.34
CA PHE H 317 21.65 -7.42 52.70
C PHE H 317 20.74 -7.57 51.49
N ASP H 318 21.19 -7.14 50.31
CA ASP H 318 20.33 -7.07 49.14
C ASP H 318 20.05 -8.45 48.54
N MET H 319 20.59 -9.50 49.15
CA MET H 319 20.27 -10.87 48.76
C MET H 319 19.39 -11.54 49.80
N SER H 320 18.76 -10.74 50.66
CA SER H 320 17.89 -11.24 51.72
C SER H 320 16.74 -12.07 51.20
N GLY H 321 16.23 -11.68 50.03
CA GLY H 321 15.13 -12.41 49.41
C GLY H 321 15.57 -13.80 49.03
N CYS H 322 16.74 -13.88 48.39
CA CYS H 322 17.33 -15.18 48.05
C CYS H 322 17.59 -16.03 49.29
N ALA H 323 18.06 -15.38 50.35
CA ALA H 323 18.38 -16.08 51.59
C ALA H 323 17.12 -16.70 52.22
N ALA H 324 16.01 -15.97 52.18
CA ALA H 324 14.75 -16.48 52.71
C ALA H 324 14.28 -17.70 51.92
N VAL H 325 14.46 -17.65 50.61
CA VAL H 325 14.06 -18.75 49.73
C VAL H 325 14.90 -20.00 49.99
N LEU H 326 16.20 -19.83 50.21
CA LEU H 326 17.07 -20.95 50.51
C LEU H 326 16.78 -21.49 51.92
N GLY H 327 16.48 -20.58 52.84
CA GLY H 327 16.11 -20.98 54.19
C GLY H 327 14.81 -21.77 54.16
N CYS H 328 13.90 -21.37 53.28
CA CYS H 328 12.66 -22.09 53.08
C CYS H 328 12.93 -23.46 52.45
N ALA H 329 13.90 -23.52 51.56
CA ALA H 329 14.30 -24.78 50.94
C ALA H 329 14.78 -25.76 52.00
N TYR H 330 15.48 -25.25 53.01
CA TYR H 330 15.92 -26.10 54.11
C TYR H 330 14.72 -26.71 54.84
N CYS H 331 13.80 -25.83 55.25
CA CYS H 331 12.63 -26.26 56.03
C CYS H 331 11.76 -27.24 55.24
N VAL H 332 11.56 -26.96 53.95
CA VAL H 332 10.73 -27.82 53.11
C VAL H 332 11.41 -29.16 52.86
N GLY H 333 12.73 -29.12 52.65
CA GLY H 333 13.50 -30.33 52.42
C GLY H 333 13.64 -31.19 53.66
N THR H 334 13.43 -30.58 54.83
CA THR H 334 13.55 -31.28 56.09
C THR H 334 12.21 -31.85 56.54
N LEU H 335 11.15 -31.07 56.37
CA LEU H 335 9.83 -31.48 56.80
C LEU H 335 9.13 -32.35 55.76
N LYS H 336 9.60 -32.26 54.51
CA LYS H 336 9.09 -33.08 53.41
C LYS H 336 7.56 -33.10 53.30
N PRO H 337 6.96 -31.95 52.95
CA PRO H 337 5.50 -31.94 52.79
C PRO H 337 5.07 -32.76 51.58
N GLU H 338 3.81 -33.17 51.56
CA GLU H 338 3.31 -34.01 50.47
C GLU H 338 2.39 -33.22 49.53
N ASN H 339 2.18 -33.78 48.34
CA ASN H 339 1.28 -33.23 47.32
C ASN H 339 1.74 -31.93 46.69
N VAL H 340 2.99 -31.54 46.92
CA VAL H 340 3.48 -30.27 46.37
C VAL H 340 4.78 -30.41 45.57
N GLU H 341 4.98 -29.48 44.64
CA GLU H 341 6.23 -29.36 43.92
C GLU H 341 6.70 -27.92 44.01
N ILE H 342 7.85 -27.71 44.66
CA ILE H 342 8.34 -26.36 44.91
C ILE H 342 9.65 -26.07 44.18
N HIS H 343 9.65 -24.98 43.42
CA HIS H 343 10.86 -24.51 42.76
C HIS H 343 11.41 -23.29 43.49
N PHE H 344 12.66 -23.40 43.94
CA PHE H 344 13.33 -22.30 44.64
C PHE H 344 14.28 -21.60 43.68
N LEU H 345 13.96 -20.36 43.32
CA LEU H 345 14.67 -19.66 42.26
C LEU H 345 15.34 -18.38 42.75
N SER H 346 16.46 -18.02 42.12
CA SER H 346 17.13 -16.74 42.40
C SER H 346 18.11 -16.36 41.31
N ALA H 347 17.87 -15.21 40.69
CA ALA H 347 18.79 -14.63 39.72
C ALA H 347 19.87 -13.86 40.46
N VAL H 348 20.96 -14.53 40.79
CA VAL H 348 21.99 -13.94 41.63
C VAL H 348 23.04 -13.20 40.80
N CYS H 349 23.35 -11.97 41.22
CA CYS H 349 24.40 -11.18 40.60
C CYS H 349 24.84 -10.07 41.55
N GLU H 350 25.72 -9.20 41.06
CA GLU H 350 26.27 -8.11 41.86
C GLU H 350 26.22 -6.80 41.07
N ASN H 351 25.76 -5.73 41.71
CA ASN H 351 25.56 -4.44 41.03
C ASN H 351 26.72 -3.48 41.29
N MET H 352 27.63 -3.37 40.33
CA MET H 352 28.90 -2.66 40.55
C MET H 352 29.18 -1.56 39.55
N VAL H 353 30.23 -0.79 39.81
CA VAL H 353 30.64 0.31 38.94
C VAL H 353 31.92 -0.06 38.20
N SER H 354 31.85 0.00 36.87
CA SER H 354 32.92 -0.54 36.06
C SER H 354 32.88 0.02 34.65
N LYS H 355 33.94 -0.20 33.90
CA LYS H 355 33.92 0.11 32.47
C LYS H 355 32.89 -0.77 31.79
N ASN H 356 32.57 -1.90 32.42
CA ASN H 356 31.69 -2.90 31.81
C ASN H 356 30.23 -2.79 32.27
N SER H 357 29.96 -1.93 33.25
CA SER H 357 28.63 -1.84 33.85
C SER H 357 27.60 -1.33 32.86
N TYR H 358 26.33 -1.68 33.08
CA TYR H 358 25.26 -1.08 32.28
C TYR H 358 25.03 0.34 32.75
N ARG H 359 24.52 1.17 31.85
CA ARG H 359 24.41 2.61 32.08
C ARG H 359 22.97 3.07 32.23
N PRO H 360 22.78 4.17 32.95
CA PRO H 360 21.50 4.88 32.92
C PRO H 360 21.12 5.23 31.49
N GLY H 361 19.91 4.87 31.06
CA GLY H 361 19.47 5.18 29.72
C GLY H 361 19.56 4.00 28.77
N ASP H 362 20.34 2.98 29.15
CA ASP H 362 20.47 1.77 28.34
C ASP H 362 19.11 1.12 28.09
N ILE H 363 18.90 0.63 26.89
CA ILE H 363 17.72 -0.17 26.59
C ILE H 363 18.11 -1.63 26.46
N ILE H 364 17.53 -2.46 27.32
CA ILE H 364 17.86 -3.87 27.39
C ILE H 364 16.62 -4.71 27.11
N THR H 365 16.81 -5.98 26.79
CA THR H 365 15.68 -6.83 26.39
C THR H 365 15.51 -8.03 27.30
N ALA H 366 14.32 -8.14 27.90
CA ALA H 366 14.01 -9.26 28.79
C ALA H 366 13.77 -10.54 27.99
N SER H 367 13.76 -11.67 28.69
CA SER H 367 13.61 -12.97 28.04
C SER H 367 12.23 -13.18 27.40
N ASN H 368 11.28 -12.28 27.70
CA ASN H 368 9.97 -12.37 27.08
C ASN H 368 9.82 -11.40 25.90
N GLY H 369 10.93 -10.80 25.49
CA GLY H 369 10.96 -9.95 24.32
C GLY H 369 10.67 -8.48 24.60
N LYS H 370 10.22 -8.18 25.82
CA LYS H 370 9.95 -6.79 26.20
C LYS H 370 11.24 -6.00 26.35
N THR H 371 11.29 -4.84 25.70
CA THR H 371 12.45 -3.96 25.81
C THR H 371 12.23 -2.96 26.94
N ILE H 372 13.29 -2.76 27.73
CA ILE H 372 13.22 -1.94 28.94
C ILE H 372 14.17 -0.77 28.87
N GLU H 373 13.68 0.43 29.16
CA GLU H 373 14.55 1.60 29.27
C GLU H 373 14.99 1.78 30.71
N VAL H 374 16.30 1.70 30.95
CA VAL H 374 16.85 1.83 32.29
C VAL H 374 16.99 3.29 32.69
N GLY H 375 16.18 3.71 33.66
CA GLY H 375 16.20 5.09 34.12
C GLY H 375 17.10 5.28 35.32
N ASN H 376 17.34 4.19 36.05
CA ASN H 376 18.13 4.22 37.26
C ASN H 376 18.76 2.85 37.52
N THR H 377 20.08 2.79 37.51
CA THR H 377 20.79 1.52 37.68
C THR H 377 20.66 0.95 39.08
N ASP H 378 20.19 1.78 40.02
CA ASP H 378 20.04 1.34 41.40
C ASP H 378 18.67 0.69 41.61
N ALA H 379 17.85 0.70 40.57
CA ALA H 379 16.60 -0.04 40.59
C ALA H 379 16.80 -1.37 39.89
N GLU H 380 17.86 -2.08 40.27
CA GLU H 380 18.31 -3.25 39.54
C GLU H 380 17.57 -4.52 39.94
N GLY H 381 16.97 -4.49 41.13
CA GLY H 381 16.27 -5.66 41.66
C GLY H 381 15.15 -6.12 40.76
N ARG H 382 14.32 -5.19 40.31
CA ARG H 382 13.17 -5.51 39.47
C ARG H 382 13.61 -6.04 38.11
N LEU H 383 14.79 -5.62 37.66
CA LEU H 383 15.34 -6.09 36.40
C LEU H 383 15.69 -7.58 36.48
N THR H 384 16.36 -7.97 37.55
CA THR H 384 16.72 -9.38 37.74
C THR H 384 15.46 -10.22 37.98
N LEU H 385 14.52 -9.68 38.75
CA LEU H 385 13.26 -10.37 39.02
C LEU H 385 12.45 -10.57 37.74
N ALA H 386 12.55 -9.61 36.82
CA ALA H 386 11.80 -9.67 35.57
C ALA H 386 12.09 -10.95 34.79
N ASP H 387 13.37 -11.26 34.62
CA ASP H 387 13.75 -12.46 33.90
C ASP H 387 13.51 -13.72 34.75
N ALA H 388 13.63 -13.57 36.06
CA ALA H 388 13.36 -14.68 36.98
C ALA H 388 11.88 -15.07 36.94
N LEU H 389 11.00 -14.07 36.86
CA LEU H 389 9.56 -14.32 36.80
C LEU H 389 9.15 -14.98 35.50
N VAL H 390 9.78 -14.57 34.39
CA VAL H 390 9.53 -15.17 33.09
C VAL H 390 9.94 -16.64 33.12
N TYR H 391 11.08 -16.90 33.75
CA TYR H 391 11.56 -18.25 33.95
C TYR H 391 10.56 -19.07 34.77
N ALA H 392 10.08 -18.47 35.85
CA ALA H 392 9.15 -19.12 36.77
C ALA H 392 7.84 -19.54 36.09
N GLU H 393 7.23 -18.61 35.35
CA GLU H 393 5.96 -18.90 34.70
C GLU H 393 6.14 -19.99 33.63
N LYS H 394 7.32 -20.05 33.03
CA LYS H 394 7.61 -21.07 32.02
C LYS H 394 7.66 -22.48 32.63
N LEU H 395 7.82 -22.56 33.95
CA LEU H 395 7.83 -23.84 34.63
C LEU H 395 6.43 -24.43 34.73
N GLY H 396 5.42 -23.58 34.55
CA GLY H 396 4.03 -24.02 34.58
C GLY H 396 3.50 -24.28 35.97
N VAL H 397 3.62 -23.28 36.85
CA VAL H 397 3.22 -23.44 38.24
C VAL H 397 1.87 -22.80 38.52
N ASP H 398 1.31 -23.13 39.69
CA ASP H 398 0.05 -22.56 40.14
C ASP H 398 0.25 -21.20 40.80
N TYR H 399 1.32 -21.09 41.58
CA TYR H 399 1.62 -19.87 42.32
C TYR H 399 3.03 -19.39 42.05
N ILE H 400 3.17 -18.10 41.79
CA ILE H 400 4.48 -17.48 41.79
C ILE H 400 4.55 -16.47 42.93
N VAL H 401 5.50 -16.66 43.84
CA VAL H 401 5.70 -15.71 44.92
C VAL H 401 7.14 -15.23 44.90
N ASP H 402 7.33 -13.92 44.83
CA ASP H 402 8.68 -13.38 44.96
C ASP H 402 8.82 -12.62 46.27
N ILE H 403 10.05 -12.58 46.77
CA ILE H 403 10.36 -11.88 48.00
C ILE H 403 11.69 -11.15 47.81
N ALA H 404 11.72 -9.87 48.16
CA ALA H 404 12.80 -9.00 47.73
C ALA H 404 12.96 -7.74 48.59
N THR H 405 14.21 -7.35 48.81
CA THR H 405 14.51 -6.05 49.40
C THR H 405 14.47 -5.02 48.28
N LEU H 406 13.25 -4.69 47.84
CA LEU H 406 13.07 -3.98 46.58
C LEU H 406 13.12 -2.46 46.68
N THR H 407 12.37 -1.88 47.63
CA THR H 407 12.28 -0.42 47.70
C THR H 407 12.47 0.16 49.10
N GLY H 408 13.33 1.17 49.21
CA GLY H 408 13.54 1.86 50.46
C GLY H 408 12.27 2.54 50.98
N ALA H 409 11.35 2.82 50.07
CA ALA H 409 10.10 3.48 50.42
C ALA H 409 9.26 2.68 51.43
N MET H 410 9.56 1.39 51.59
CA MET H 410 8.85 0.56 52.57
C MET H 410 9.01 1.13 53.98
N LEU H 411 10.18 1.68 54.26
CA LEU H 411 10.47 2.29 55.56
C LEU H 411 9.52 3.45 55.86
N TYR H 412 9.04 4.10 54.79
CA TYR H 412 8.16 5.24 54.94
C TYR H 412 6.68 4.83 54.93
N SER H 413 6.41 3.60 54.54
CA SER H 413 5.03 3.13 54.44
C SER H 413 4.64 2.20 55.58
N LEU H 414 5.42 1.14 55.79
CA LEU H 414 5.09 0.16 56.82
C LEU H 414 6.15 0.09 57.91
N GLY H 415 7.32 0.65 57.65
CA GLY H 415 8.39 0.69 58.63
C GLY H 415 9.21 -0.59 58.70
N THR H 416 9.72 -0.88 59.90
CA THR H 416 10.68 -1.96 60.08
C THR H 416 10.06 -3.26 60.57
N SER H 417 8.76 -3.25 60.88
CA SER H 417 8.11 -4.43 61.47
C SER H 417 7.29 -5.23 60.47
N TYR H 418 6.55 -4.53 59.61
CA TYR H 418 5.65 -5.17 58.67
C TYR H 418 6.17 -5.12 57.23
N ALA H 419 6.18 -6.27 56.57
CA ALA H 419 6.51 -6.31 55.15
C ALA H 419 5.25 -5.96 54.35
N GLY H 420 5.44 -5.65 53.07
CA GLY H 420 4.31 -5.34 52.21
C GLY H 420 4.14 -6.44 51.16
N VAL H 421 2.89 -6.85 50.93
CA VAL H 421 2.63 -7.83 49.89
C VAL H 421 1.73 -7.24 48.79
N PHE H 422 2.19 -7.40 47.56
CA PHE H 422 1.44 -6.96 46.38
C PHE H 422 1.15 -8.20 45.55
N GLY H 423 0.12 -8.15 44.71
CA GLY H 423 -0.19 -9.31 43.89
C GLY H 423 -1.29 -9.09 42.86
N ASN H 424 -1.44 -10.04 41.95
CA ASN H 424 -2.47 -9.97 40.92
C ASN H 424 -3.64 -10.91 41.20
N ASN H 425 -3.62 -11.54 42.36
CA ASN H 425 -4.61 -12.57 42.70
C ASN H 425 -4.98 -12.54 44.17
N GLU H 426 -6.25 -12.27 44.46
CA GLU H 426 -6.72 -12.08 45.83
C GLU H 426 -6.59 -13.34 46.70
N GLU H 427 -6.85 -14.50 46.12
CA GLU H 427 -6.76 -15.75 46.87
C GLU H 427 -5.33 -16.06 47.28
N LEU H 428 -4.39 -15.81 46.39
CA LEU H 428 -2.98 -16.02 46.69
C LEU H 428 -2.53 -15.07 47.79
N ILE H 429 -2.93 -13.81 47.67
CA ILE H 429 -2.60 -12.80 48.66
C ILE H 429 -3.14 -13.20 50.03
N ASN H 430 -4.38 -13.65 50.07
CA ASN H 430 -5.00 -14.11 51.31
C ASN H 430 -4.26 -15.30 51.93
N LYS H 431 -3.77 -16.19 51.08
CA LYS H 431 -2.99 -17.33 51.55
C LYS H 431 -1.69 -16.85 52.19
N ILE H 432 -1.10 -15.81 51.61
CA ILE H 432 0.10 -15.20 52.18
C ILE H 432 -0.21 -14.52 53.52
N LEU H 433 -1.31 -13.77 53.55
CA LEU H 433 -1.73 -13.11 54.79
C LEU H 433 -2.02 -14.16 55.86
N GLN H 434 -2.57 -15.29 55.44
CA GLN H 434 -2.82 -16.41 56.35
C GLN H 434 -1.51 -16.95 56.91
N SER H 435 -0.54 -17.17 56.03
CA SER H 435 0.76 -17.68 56.44
C SER H 435 1.47 -16.72 57.37
N SER H 436 1.24 -15.43 57.15
CA SER H 436 1.84 -14.39 57.99
C SER H 436 1.33 -14.50 59.43
N LYS H 437 0.04 -14.77 59.57
CA LYS H 437 -0.56 -14.95 60.89
C LYS H 437 0.03 -16.14 61.63
N THR H 438 0.16 -17.27 60.94
CA THR H 438 0.59 -18.51 61.58
C THR H 438 2.11 -18.56 61.78
N SER H 439 2.86 -17.88 60.91
CA SER H 439 4.31 -17.83 61.04
C SER H 439 4.73 -16.72 61.99
N ASN H 440 3.78 -15.83 62.29
CA ASN H 440 4.02 -14.65 63.12
C ASN H 440 5.09 -13.73 62.55
N GLU H 441 5.23 -13.76 61.23
CA GLU H 441 6.03 -12.76 60.53
C GLU H 441 5.07 -11.80 59.84
N PRO H 442 4.89 -10.60 60.42
CA PRO H 442 3.84 -9.67 60.02
C PRO H 442 4.00 -9.10 58.62
N VAL H 443 2.89 -9.14 57.86
CA VAL H 443 2.85 -8.66 56.49
C VAL H 443 1.53 -7.90 56.28
N TRP H 444 1.57 -6.82 55.50
CA TRP H 444 0.36 -6.05 55.21
C TRP H 444 0.11 -5.92 53.72
N TRP H 445 -1.13 -6.13 53.32
CA TRP H 445 -1.52 -6.06 51.91
C TRP H 445 -1.52 -4.62 51.41
N LEU H 446 -0.78 -4.36 50.35
CA LEU H 446 -0.77 -3.06 49.71
C LEU H 446 -1.23 -3.19 48.26
N PRO H 447 -1.83 -2.13 47.71
CA PRO H 447 -2.48 -2.21 46.39
C PRO H 447 -1.55 -1.94 45.21
N ILE H 448 -1.82 -2.59 44.09
CA ILE H 448 -1.17 -2.26 42.84
C ILE H 448 -2.07 -1.30 42.07
N ILE H 449 -1.74 -0.01 42.13
CA ILE H 449 -2.61 1.03 41.57
C ILE H 449 -2.34 1.25 40.09
N ASN H 450 -3.26 0.77 39.25
CA ASN H 450 -3.11 0.78 37.81
C ASN H 450 -3.01 2.17 37.19
N GLU H 451 -3.50 3.18 37.90
CA GLU H 451 -3.44 4.55 37.41
C GLU H 451 -1.99 5.00 37.21
N TYR H 452 -1.07 4.38 37.93
CA TYR H 452 0.35 4.75 37.86
C TYR H 452 1.06 4.11 36.68
N ARG H 453 0.43 3.11 36.06
CA ARG H 453 1.05 2.35 34.98
C ARG H 453 1.46 3.21 33.78
N ALA H 454 0.71 4.29 33.54
CA ALA H 454 1.01 5.21 32.45
C ALA H 454 2.39 5.85 32.61
N THR H 455 2.85 5.93 33.86
CA THR H 455 4.15 6.54 34.14
C THR H 455 5.29 5.63 33.73
N LEU H 456 4.97 4.39 33.40
CA LEU H 456 5.98 3.45 32.92
C LEU H 456 5.99 3.38 31.40
N ASN H 457 5.14 4.18 30.76
CA ASN H 457 5.15 4.27 29.30
C ASN H 457 6.45 4.92 28.82
N SER H 458 7.15 4.24 27.92
CA SER H 458 8.43 4.73 27.43
C SER H 458 8.30 5.28 26.02
N LYS H 459 9.11 6.28 25.71
CA LYS H 459 9.10 6.89 24.37
C LYS H 459 9.73 5.96 23.33
N TYR H 460 10.72 5.19 23.75
CA TYR H 460 11.49 4.37 22.81
C TYR H 460 11.39 2.87 23.07
N ALA H 461 11.46 2.48 24.34
CA ALA H 461 11.35 1.07 24.70
C ALA H 461 9.90 0.68 24.93
N ASP H 462 9.67 -0.61 25.15
CA ASP H 462 8.33 -1.11 25.44
C ASP H 462 7.84 -0.60 26.79
N ILE H 463 8.75 -0.47 27.74
CA ILE H 463 8.39 -0.03 29.08
C ILE H 463 9.57 0.62 29.80
N ASN H 464 9.28 1.59 30.67
CA ASN H 464 10.29 2.16 31.54
C ASN H 464 10.52 1.31 32.78
N GLN H 465 11.77 1.22 33.19
CA GLN H 465 12.14 0.51 34.41
C GLN H 465 11.59 1.24 35.64
N ILE H 466 11.61 2.58 35.60
CA ILE H 466 11.17 3.38 36.72
C ILE H 466 10.29 4.54 36.29
N SER H 467 9.50 5.06 37.22
CA SER H 467 8.70 6.26 36.96
C SER H 467 9.54 7.51 37.25
N SER H 468 9.21 8.59 36.57
CA SER H 468 9.88 9.87 36.82
C SER H 468 8.98 10.80 37.62
N SER H 469 7.69 10.49 37.65
CA SER H 469 6.70 11.40 38.23
C SER H 469 6.04 10.88 39.50
N VAL H 470 6.07 9.57 39.73
CA VAL H 470 5.41 8.99 40.90
C VAL H 470 6.41 8.57 41.98
N LYS H 471 6.17 9.05 43.20
CA LYS H 471 7.06 8.78 44.32
C LYS H 471 6.73 7.48 45.06
N ALA H 472 5.52 6.96 44.83
CA ALA H 472 5.12 5.68 45.43
C ALA H 472 5.82 4.53 44.72
N SER H 473 7.13 4.41 44.95
CA SER H 473 7.98 3.53 44.17
C SER H 473 7.75 2.03 44.45
N SER H 474 7.29 1.71 45.65
CA SER H 474 6.97 0.31 45.97
C SER H 474 5.83 -0.19 45.08
N ILE H 475 4.84 0.67 44.85
CA ILE H 475 3.73 0.33 43.98
C ILE H 475 4.16 0.33 42.51
N VAL H 476 4.97 1.33 42.13
CA VAL H 476 5.47 1.43 40.77
C VAL H 476 6.32 0.21 40.41
N ALA H 477 7.14 -0.24 41.36
CA ALA H 477 7.98 -1.41 41.14
C ALA H 477 7.10 -2.65 40.96
N SER H 478 6.04 -2.74 41.74
CA SER H 478 5.09 -3.84 41.63
C SER H 478 4.43 -3.85 40.26
N LEU H 479 4.06 -2.68 39.77
CA LEU H 479 3.47 -2.54 38.43
C LEU H 479 4.43 -3.03 37.36
N PHE H 480 5.72 -2.74 37.54
CA PHE H 480 6.73 -3.19 36.60
C PHE H 480 6.85 -4.71 36.59
N LEU H 481 6.84 -5.31 37.78
CA LEU H 481 6.95 -6.76 37.93
C LEU H 481 5.78 -7.48 37.30
N LYS H 482 4.58 -6.92 37.46
CA LYS H 482 3.35 -7.51 36.96
C LYS H 482 3.38 -7.69 35.44
N GLU H 483 4.20 -6.89 34.76
CA GLU H 483 4.32 -6.95 33.31
C GLU H 483 5.04 -8.22 32.83
N PHE H 484 5.63 -8.95 33.78
CA PHE H 484 6.42 -10.12 33.41
C PHE H 484 5.79 -11.41 33.93
N VAL H 485 4.55 -11.29 34.40
CA VAL H 485 3.72 -12.44 34.71
C VAL H 485 2.46 -12.36 33.86
N GLN H 486 2.29 -13.31 32.96
CA GLN H 486 1.25 -13.22 31.93
C GLN H 486 -0.09 -13.82 32.33
N ASN H 487 -0.07 -15.04 32.87
CA ASN H 487 -1.30 -15.76 33.14
C ASN H 487 -1.21 -16.65 34.38
N THR H 488 -0.51 -16.19 35.40
CA THR H 488 -0.31 -16.99 36.61
C THR H 488 -0.58 -16.15 37.87
N ALA H 489 -1.16 -16.79 38.88
CA ALA H 489 -1.35 -16.14 40.17
C ALA H 489 0.01 -15.78 40.76
N TRP H 490 0.20 -14.49 41.04
CA TRP H 490 1.49 -14.00 41.50
C TRP H 490 1.36 -13.02 42.65
N ALA H 491 2.30 -13.10 43.59
CA ALA H 491 2.37 -12.16 44.70
C ALA H 491 3.81 -11.72 44.92
N HIS H 492 3.95 -10.54 45.53
CA HIS H 492 5.26 -9.90 45.66
C HIS H 492 5.43 -9.35 47.08
N ILE H 493 6.44 -9.82 47.79
CA ILE H 493 6.69 -9.40 49.16
C ILE H 493 7.92 -8.52 49.26
N ASP H 494 7.73 -7.24 49.57
CA ASP H 494 8.83 -6.30 49.68
C ASP H 494 9.32 -6.24 51.13
N ILE H 495 10.55 -6.69 51.35
CA ILE H 495 11.12 -6.79 52.69
C ILE H 495 12.31 -5.85 52.88
N ALA H 496 12.40 -4.80 52.06
CA ALA H 496 13.51 -3.85 52.16
C ALA H 496 13.55 -3.19 53.53
N GLY H 497 12.38 -3.01 54.13
CA GLY H 497 12.28 -2.34 55.42
C GLY H 497 12.43 -3.23 56.64
N VAL H 498 12.11 -4.51 56.49
CA VAL H 498 12.06 -5.42 57.64
C VAL H 498 13.23 -6.41 57.72
N SER H 499 14.01 -6.52 56.65
CA SER H 499 15.05 -7.55 56.59
C SER H 499 16.13 -7.38 57.65
N TRP H 500 16.56 -6.15 57.87
CA TRP H 500 17.66 -5.90 58.80
C TRP H 500 17.18 -5.32 60.13
N ASN H 501 17.64 -5.91 61.22
CA ASN H 501 17.35 -5.43 62.56
C ASN H 501 18.37 -4.38 62.97
N PHE H 502 18.03 -3.11 62.76
CA PHE H 502 18.98 -2.01 62.98
C PHE H 502 19.38 -1.84 64.44
N LYS H 503 18.46 -2.13 65.36
CA LYS H 503 18.75 -1.99 66.77
C LYS H 503 19.75 -3.05 67.24
N ALA H 504 19.58 -4.27 66.76
CA ALA H 504 20.43 -5.38 67.18
C ALA H 504 21.64 -5.55 66.27
N ARG H 505 21.66 -4.79 65.17
CA ARG H 505 22.74 -4.83 64.19
C ARG H 505 22.95 -6.22 63.59
N LYS H 506 21.85 -6.85 63.19
CA LYS H 506 21.92 -8.19 62.59
C LYS H 506 20.71 -8.42 61.68
N PRO H 507 20.80 -9.40 60.76
CA PRO H 507 19.63 -9.73 59.94
C PRO H 507 18.53 -10.34 60.79
N LYS H 508 17.33 -10.44 60.24
CA LYS H 508 16.23 -11.12 60.94
C LYS H 508 16.00 -12.51 60.34
N GLY H 509 16.47 -12.68 59.10
CA GLY H 509 16.16 -13.89 58.35
C GLY H 509 14.68 -13.89 58.01
N PHE H 510 14.13 -12.69 57.83
CA PHE H 510 12.70 -12.51 57.59
C PHE H 510 12.27 -13.22 56.32
N GLY H 511 11.20 -14.03 56.43
CA GLY H 511 10.61 -14.64 55.26
C GLY H 511 10.63 -16.15 55.24
N VAL H 512 11.61 -16.75 55.91
CA VAL H 512 11.72 -18.21 55.93
C VAL H 512 10.45 -18.89 56.44
N ARG H 513 10.01 -18.51 57.64
CA ARG H 513 8.86 -19.13 58.27
C ARG H 513 7.56 -18.82 57.51
N LEU H 514 7.46 -17.58 57.01
CA LEU H 514 6.32 -17.16 56.22
C LEU H 514 6.12 -18.06 55.01
N LEU H 515 7.17 -18.22 54.20
CA LEU H 515 7.10 -19.00 52.98
C LEU H 515 6.90 -20.49 53.26
N THR H 516 7.45 -20.97 54.38
CA THR H 516 7.30 -22.37 54.74
C THR H 516 5.86 -22.68 55.16
N GLU H 517 5.30 -21.82 56.00
CA GLU H 517 3.90 -21.93 56.38
C GLU H 517 3.01 -21.87 55.15
N PHE H 518 3.45 -21.10 54.15
CA PHE H 518 2.71 -20.99 52.90
C PHE H 518 2.73 -22.31 52.13
N VAL H 519 3.91 -22.93 52.05
CA VAL H 519 4.07 -24.20 51.34
C VAL H 519 3.36 -25.34 52.06
N LEU H 520 3.50 -25.36 53.39
CA LEU H 520 2.97 -26.46 54.19
C LEU H 520 1.45 -26.46 54.29
N ASN H 521 0.88 -25.35 54.75
CA ASN H 521 -0.56 -25.25 54.94
C ASN H 521 -1.34 -25.10 53.63
N ASP H 522 -0.65 -25.27 52.50
CA ASP H 522 -1.28 -25.18 51.19
C ASP H 522 -1.84 -26.52 50.75
N SER I 5 36.91 -1.38 14.66
CA SER I 5 35.79 -1.67 13.79
C SER I 5 34.83 -2.69 14.42
N GLU I 6 35.39 -3.67 15.12
CA GLU I 6 34.58 -4.67 15.81
C GLU I 6 34.15 -4.16 17.18
N VAL I 7 32.84 -4.10 17.40
CA VAL I 7 32.30 -3.63 18.67
C VAL I 7 32.45 -4.67 19.76
N PRO I 8 33.15 -4.32 20.84
CA PRO I 8 33.34 -5.24 21.97
C PRO I 8 32.07 -5.46 22.78
N GLN I 9 31.90 -6.67 23.30
CA GLN I 9 30.73 -7.02 24.10
C GLN I 9 31.13 -7.55 25.46
N VAL I 10 30.28 -7.33 26.46
CA VAL I 10 30.47 -7.95 27.77
C VAL I 10 29.73 -9.29 27.77
N VAL I 11 28.50 -9.28 27.30
CA VAL I 11 27.73 -10.50 27.08
C VAL I 11 27.28 -10.55 25.63
N SER I 12 26.89 -11.74 25.16
CA SER I 12 26.50 -11.92 23.76
C SER I 12 25.21 -11.19 23.41
N LEU I 13 24.51 -10.68 24.42
CA LEU I 13 23.26 -9.97 24.19
C LEU I 13 23.50 -8.48 23.93
N ASP I 14 24.71 -8.01 24.23
CA ASP I 14 25.06 -6.62 23.95
C ASP I 14 25.04 -6.36 22.44
N PRO I 15 24.34 -5.29 22.01
CA PRO I 15 24.23 -4.96 20.59
C PRO I 15 25.56 -4.53 19.98
N THR I 16 25.75 -4.82 18.69
CA THR I 16 27.01 -4.53 18.03
C THR I 16 26.85 -3.51 16.91
N SER I 17 25.69 -2.86 16.86
CA SER I 17 25.46 -1.81 15.88
C SER I 17 24.30 -0.92 16.29
N ILE I 18 24.30 0.30 15.79
CA ILE I 18 23.16 1.19 15.95
C ILE I 18 22.13 0.87 14.88
N PRO I 19 20.90 0.54 15.29
CA PRO I 19 19.85 0.40 14.29
C PRO I 19 19.54 1.74 13.63
N ILE I 20 19.61 1.78 12.31
CA ILE I 20 19.35 3.01 11.57
C ILE I 20 18.27 2.80 10.53
N GLU I 21 17.26 3.68 10.55
CA GLU I 21 16.21 3.67 9.55
C GLU I 21 16.53 4.70 8.49
N TYR I 22 16.85 4.25 7.27
CA TYR I 22 17.20 5.15 6.19
C TYR I 22 15.98 5.46 5.32
N ASN I 23 15.29 4.42 4.88
CA ASN I 23 14.08 4.58 4.09
C ASN I 23 12.86 4.72 5.00
N THR I 24 12.60 5.95 5.44
CA THR I 24 11.50 6.23 6.35
C THR I 24 10.20 6.42 5.56
N PRO I 25 9.05 6.20 6.23
CA PRO I 25 7.74 6.41 5.58
C PRO I 25 7.59 7.81 4.96
N ILE I 26 8.29 8.79 5.50
CA ILE I 26 8.25 10.15 4.96
C ILE I 26 8.79 10.18 3.53
N HIS I 27 9.75 9.30 3.23
CA HIS I 27 10.33 9.25 1.89
C HIS I 27 9.38 8.61 0.88
N ASP I 28 8.33 7.97 1.37
CA ASP I 28 7.35 7.32 0.50
C ASP I 28 6.19 8.24 0.14
N ILE I 29 6.26 9.47 0.63
CA ILE I 29 5.19 10.44 0.39
C ILE I 29 5.37 11.19 -0.93
N LYS I 30 4.40 11.05 -1.82
CA LYS I 30 4.39 11.84 -3.05
C LYS I 30 3.90 13.25 -2.74
N VAL I 31 4.77 14.23 -2.95
CA VAL I 31 4.42 15.61 -2.63
C VAL I 31 4.15 16.39 -3.91
N GLN I 32 2.99 17.04 -3.94
CA GLN I 32 2.60 17.86 -5.08
C GLN I 32 2.26 19.27 -4.63
N VAL I 33 2.74 20.27 -5.35
CA VAL I 33 2.45 21.65 -5.01
C VAL I 33 1.72 22.35 -6.16
N TYR I 34 0.59 22.96 -5.85
CA TYR I 34 -0.22 23.65 -6.84
C TYR I 34 -0.36 25.13 -6.52
N ASP I 35 -0.55 25.94 -7.55
CA ASP I 35 -0.80 27.36 -7.31
C ASP I 35 -2.24 27.54 -6.85
N ILE I 36 -2.41 28.31 -5.80
CA ILE I 36 -3.71 28.46 -5.14
C ILE I 36 -4.72 29.22 -6.00
N LYS I 37 -4.23 29.94 -7.00
CA LYS I 37 -5.10 30.74 -7.87
C LYS I 37 -5.88 29.87 -8.85
N GLY I 38 -5.43 28.62 -9.02
CA GLY I 38 -6.08 27.70 -9.92
C GLY I 38 -7.25 26.98 -9.27
N GLY I 39 -7.44 27.22 -7.98
CA GLY I 39 -8.52 26.60 -7.24
C GLY I 39 -8.11 25.29 -6.58
N CYS I 40 -8.78 24.96 -5.48
CA CYS I 40 -8.46 23.74 -4.73
C CYS I 40 -9.43 22.61 -5.04
N ASN I 41 -8.88 21.46 -5.41
CA ASN I 41 -9.69 20.25 -5.56
C ASN I 41 -9.80 19.51 -4.23
N VAL I 42 -11.00 19.07 -3.89
CA VAL I 42 -11.23 18.33 -2.65
C VAL I 42 -11.93 17.00 -2.95
N GLU I 43 -11.16 15.91 -2.93
CA GLU I 43 -11.70 14.62 -3.36
C GLU I 43 -11.43 13.48 -2.36
N GLU I 44 -10.25 13.46 -1.76
CA GLU I 44 -9.90 12.36 -0.87
C GLU I 44 -9.06 12.81 0.34
N GLY I 45 -8.95 11.94 1.32
CA GLY I 45 -8.16 12.20 2.50
C GLY I 45 -8.64 13.38 3.32
N LEU I 46 -7.70 14.11 3.90
CA LEU I 46 -8.03 15.27 4.71
C LEU I 46 -7.44 16.54 4.10
N THR I 47 -8.26 17.57 3.97
CA THR I 47 -7.83 18.85 3.42
C THR I 47 -7.84 19.94 4.49
N ILE I 48 -6.66 20.47 4.79
CA ILE I 48 -6.51 21.44 5.87
C ILE I 48 -6.15 22.84 5.38
N PHE I 49 -6.97 23.82 5.76
CA PHE I 49 -6.70 25.22 5.45
C PHE I 49 -5.93 25.89 6.57
N LEU I 50 -4.80 26.51 6.24
CA LEU I 50 -4.06 27.30 7.21
C LEU I 50 -4.55 28.75 7.14
N VAL I 51 -5.31 29.16 8.16
CA VAL I 51 -5.95 30.46 8.13
C VAL I 51 -5.61 31.32 9.34
N ASN I 52 -5.58 32.62 9.13
CA ASN I 52 -5.40 33.58 10.21
C ASN I 52 -6.37 34.74 10.05
N ASN I 53 -6.34 35.67 10.99
CA ASN I 53 -7.15 36.88 10.90
C ASN I 53 -6.39 38.07 11.47
N PRO I 54 -5.77 38.85 10.59
CA PRO I 54 -4.91 39.99 10.97
C PRO I 54 -5.65 41.04 11.79
N GLY I 55 -5.10 41.41 12.93
CA GLY I 55 -5.65 42.47 13.76
C GLY I 55 -6.90 42.09 14.53
N LYS I 56 -7.41 40.89 14.26
CA LYS I 56 -8.60 40.40 14.95
C LYS I 56 -8.27 39.18 15.79
N GLU I 57 -7.81 39.41 17.01
CA GLU I 57 -7.47 38.33 17.93
C GLU I 57 -8.69 37.46 18.19
N ASN I 58 -8.54 36.16 17.93
CA ASN I 58 -9.64 35.20 18.01
C ASN I 58 -10.76 35.56 17.04
N GLY I 59 -10.40 36.21 15.93
CA GLY I 59 -11.36 36.57 14.90
C GLY I 59 -11.92 35.36 14.21
N PRO I 60 -12.96 35.54 13.39
CA PRO I 60 -13.64 34.41 12.75
C PRO I 60 -12.81 33.77 11.64
N VAL I 61 -13.14 32.52 11.32
CA VAL I 61 -12.53 31.81 10.21
C VAL I 61 -13.24 32.12 8.90
N LYS I 62 -12.47 32.50 7.88
CA LYS I 62 -13.02 32.68 6.54
C LYS I 62 -12.10 32.08 5.49
N ILE I 63 -12.59 31.06 4.80
CA ILE I 63 -11.82 30.45 3.71
C ILE I 63 -11.91 31.31 2.46
N SER I 64 -10.78 31.86 2.03
CA SER I 64 -10.76 32.79 0.92
C SER I 64 -10.36 32.14 -0.40
N SER I 65 -9.78 30.96 -0.33
CA SER I 65 -9.37 30.23 -1.53
C SER I 65 -10.58 29.78 -2.33
N LYS I 66 -10.45 29.82 -3.65
CA LYS I 66 -11.47 29.27 -4.52
C LYS I 66 -11.45 27.76 -4.41
N VAL I 67 -12.59 27.17 -4.07
CA VAL I 67 -12.68 25.72 -3.93
C VAL I 67 -13.45 25.13 -5.09
N ASN I 68 -12.77 24.32 -5.90
CA ASN I 68 -13.36 23.76 -7.11
C ASN I 68 -14.36 22.64 -6.85
N ASP I 69 -15.31 22.91 -5.97
CA ASP I 69 -16.39 21.98 -5.66
C ASP I 69 -17.56 22.75 -5.07
N LYS I 70 -18.73 22.59 -5.67
CA LYS I 70 -19.92 23.34 -5.26
C LYS I 70 -20.31 23.03 -3.82
N GLN I 71 -20.41 21.74 -3.50
CA GLN I 71 -20.85 21.32 -2.17
C GLN I 71 -19.89 21.75 -1.08
N VAL I 72 -18.59 21.61 -1.33
CA VAL I 72 -17.58 21.98 -0.35
C VAL I 72 -17.50 23.50 -0.20
N SER I 73 -17.63 24.21 -1.32
CA SER I 73 -17.65 25.67 -1.29
C SER I 73 -18.77 26.19 -0.41
N GLU I 74 -19.94 25.57 -0.53
CA GLU I 74 -21.11 25.97 0.25
C GLU I 74 -20.91 25.70 1.74
N PHE I 75 -20.29 24.55 2.03
CA PHE I 75 -19.99 24.19 3.41
C PHE I 75 -19.04 25.20 4.04
N LEU I 76 -18.10 25.69 3.24
CA LEU I 76 -17.05 26.58 3.72
C LEU I 76 -17.38 28.06 3.56
N LYS I 77 -18.65 28.38 3.37
CA LYS I 77 -19.09 29.77 3.29
C LYS I 77 -18.82 30.47 4.61
N ASP I 78 -18.66 31.80 4.55
CA ASP I 78 -18.37 32.60 5.74
C ASP I 78 -19.39 32.39 6.86
N GLU I 79 -20.65 32.25 6.48
CA GLU I 79 -21.73 32.07 7.44
C GLU I 79 -21.56 30.78 8.25
N ASN I 80 -21.15 29.71 7.58
CA ASN I 80 -20.93 28.43 8.26
C ASN I 80 -19.64 28.41 9.06
N MET I 81 -18.67 29.20 8.61
CA MET I 81 -17.36 29.22 9.24
C MET I 81 -17.26 30.24 10.37
N GLU I 82 -18.31 31.05 10.52
CA GLU I 82 -18.34 32.13 11.50
C GLU I 82 -18.03 31.68 12.92
N LYS I 83 -18.63 30.57 13.33
CA LYS I 83 -18.53 30.13 14.73
C LYS I 83 -17.16 29.58 15.11
N PHE I 84 -16.26 29.46 14.15
CA PHE I 84 -14.90 29.01 14.43
C PHE I 84 -13.94 30.21 14.40
N ASN I 85 -12.99 30.22 15.33
CA ASN I 85 -12.01 31.31 15.37
C ASN I 85 -10.58 30.83 15.09
N VAL I 86 -9.67 31.79 14.90
CA VAL I 86 -8.34 31.50 14.39
C VAL I 86 -7.25 31.45 15.46
N LYS I 87 -7.62 31.28 16.72
CA LYS I 87 -6.66 31.21 17.82
C LYS I 87 -5.52 30.24 17.51
N LEU I 88 -4.29 30.69 17.69
CA LEU I 88 -3.10 29.93 17.31
C LEU I 88 -3.07 28.53 17.93
N GLY I 89 -3.07 27.50 17.07
CA GLY I 89 -3.00 26.13 17.52
C GLY I 89 -4.35 25.42 17.50
N THR I 90 -5.41 26.19 17.32
CA THR I 90 -6.77 25.65 17.27
C THR I 90 -6.99 24.94 15.93
N SER I 91 -7.77 23.86 15.95
CA SER I 91 -8.13 23.15 14.73
C SER I 91 -9.54 22.58 14.83
N LYS I 92 -10.14 22.30 13.68
CA LYS I 92 -11.44 21.66 13.63
C LYS I 92 -11.52 20.68 12.46
N HIS I 93 -12.33 19.62 12.64
CA HIS I 93 -12.58 18.64 11.59
C HIS I 93 -13.96 18.86 10.97
N PHE I 94 -14.04 18.76 9.65
CA PHE I 94 -15.34 18.83 8.96
C PHE I 94 -15.57 17.55 8.16
N TYR I 95 -16.84 17.16 8.05
CA TYR I 95 -17.23 16.00 7.26
C TYR I 95 -18.39 16.37 6.33
N MET I 96 -18.28 15.99 5.06
CA MET I 96 -19.27 16.35 4.05
C MET I 96 -19.13 15.51 2.78
N PHE I 97 -20.05 15.70 1.85
CA PHE I 97 -19.99 15.04 0.55
C PHE I 97 -19.70 16.06 -0.55
N ASN I 98 -18.80 15.72 -1.47
CA ASN I 98 -18.48 16.62 -2.55
C ASN I 98 -19.44 16.44 -3.74
N ASP I 99 -19.14 17.10 -4.85
CA ASP I 99 -20.01 17.07 -6.01
C ASP I 99 -20.16 15.65 -6.58
N ASN I 100 -19.15 14.81 -6.33
CA ASN I 100 -19.18 13.43 -6.81
C ASN I 100 -19.92 12.50 -5.86
N LYS I 101 -20.63 13.09 -4.90
CA LYS I 101 -21.32 12.35 -3.85
C LYS I 101 -20.36 11.45 -3.07
N ASN I 102 -19.10 11.88 -2.98
CA ASN I 102 -18.10 11.19 -2.18
C ASN I 102 -17.84 11.95 -0.88
N SER I 103 -17.79 11.22 0.23
CA SER I 103 -17.51 11.84 1.51
C SER I 103 -16.06 12.32 1.56
N VAL I 104 -15.86 13.52 2.09
CA VAL I 104 -14.52 14.09 2.23
C VAL I 104 -14.33 14.70 3.61
N ALA I 105 -13.09 14.69 4.09
CA ALA I 105 -12.77 15.31 5.37
C ALA I 105 -12.02 16.62 5.12
N VAL I 106 -12.54 17.69 5.71
CA VAL I 106 -11.97 19.02 5.54
C VAL I 106 -11.73 19.62 6.92
N GLY I 107 -10.86 20.62 7.01
CA GLY I 107 -10.63 21.29 8.28
C GLY I 107 -9.77 22.53 8.17
N TYR I 108 -9.35 23.05 9.32
CA TYR I 108 -8.47 24.21 9.35
C TYR I 108 -7.62 24.17 10.61
N VAL I 109 -6.50 24.89 10.58
CA VAL I 109 -5.68 25.09 11.76
C VAL I 109 -5.47 26.58 11.98
N GLY I 110 -5.77 27.06 13.18
CA GLY I 110 -5.68 28.47 13.49
C GLY I 110 -4.25 28.98 13.57
N CYS I 111 -3.95 30.05 12.83
CA CYS I 111 -2.61 30.60 12.79
C CYS I 111 -2.53 31.98 13.44
N GLY I 112 -3.60 32.38 14.13
CA GLY I 112 -3.55 33.56 14.98
C GLY I 112 -3.90 34.86 14.31
N SER I 113 -3.37 35.95 14.87
CA SER I 113 -3.72 37.29 14.41
C SER I 113 -2.51 38.08 13.89
N VAL I 114 -1.33 37.49 14.00
CA VAL I 114 -0.10 38.15 13.55
C VAL I 114 0.28 37.67 12.16
N ALA I 115 0.56 38.63 11.27
CA ALA I 115 0.84 38.34 9.87
C ALA I 115 2.14 37.55 9.67
N ASP I 116 3.11 37.77 10.55
CA ASP I 116 4.39 37.08 10.44
C ASP I 116 4.57 36.04 11.56
N LEU I 117 4.60 34.77 11.18
CA LEU I 117 4.74 33.69 12.14
C LEU I 117 6.19 33.46 12.54
N SER I 118 6.44 33.38 13.84
CA SER I 118 7.78 33.07 14.33
C SER I 118 8.05 31.58 14.25
N GLU I 119 9.30 31.20 14.51
CA GLU I 119 9.71 29.81 14.48
C GLU I 119 8.87 28.96 15.44
N ALA I 120 8.65 29.48 16.64
CA ALA I 120 7.90 28.76 17.67
C ALA I 120 6.41 28.72 17.33
N ASP I 121 5.94 29.76 16.62
CA ASP I 121 4.54 29.83 16.24
C ASP I 121 4.19 28.81 15.16
N MET I 122 5.04 28.71 14.14
CA MET I 122 4.83 27.75 13.07
C MET I 122 4.91 26.32 13.61
N LYS I 123 5.78 26.12 14.59
CA LYS I 123 5.91 24.81 15.24
C LYS I 123 4.61 24.41 15.92
N ARG I 124 3.95 25.37 16.57
CA ARG I 124 2.66 25.09 17.21
C ARG I 124 1.61 24.75 16.16
N VAL I 125 1.66 25.44 15.02
CA VAL I 125 0.75 25.17 13.92
C VAL I 125 0.97 23.75 13.38
N VAL I 126 2.23 23.37 13.22
CA VAL I 126 2.58 22.05 12.72
C VAL I 126 2.19 20.96 13.71
N LEU I 127 2.49 21.17 14.98
CA LEU I 127 2.14 20.21 16.03
C LEU I 127 0.64 19.96 16.07
N SER I 128 -0.13 21.03 15.88
CA SER I 128 -1.58 20.93 15.86
C SER I 128 -2.04 20.11 14.65
N LEU I 129 -1.40 20.34 13.52
CA LEU I 129 -1.67 19.60 12.29
C LEU I 129 -1.36 18.10 12.44
N VAL I 130 -0.27 17.80 13.13
CA VAL I 130 0.15 16.42 13.33
C VAL I 130 -0.84 15.66 14.21
N THR I 131 -1.48 16.35 15.14
CA THR I 131 -2.51 15.71 15.97
C THR I 131 -3.69 15.27 15.13
N MET I 132 -3.96 16.00 14.06
CA MET I 132 -5.03 15.63 13.13
C MET I 132 -4.62 14.44 12.28
N LEU I 133 -3.31 14.20 12.21
CA LEU I 133 -2.78 13.08 11.44
C LEU I 133 -2.68 11.82 12.28
N HIS I 134 -2.43 12.00 13.57
CA HIS I 134 -2.34 10.86 14.48
C HIS I 134 -3.72 10.30 14.78
N ASP I 135 -3.79 8.99 14.97
CA ASP I 135 -5.03 8.29 15.32
C ASP I 135 -6.13 8.47 14.29
N ASN I 136 -5.73 8.65 13.03
CA ASN I 136 -6.68 8.74 11.94
C ASN I 136 -6.04 8.20 10.66
N LYS I 137 -6.52 7.04 10.22
CA LYS I 137 -5.96 6.38 9.06
C LYS I 137 -6.36 7.09 7.77
N LEU I 138 -5.46 7.95 7.31
CA LEU I 138 -5.66 8.71 6.07
C LEU I 138 -4.63 8.27 5.04
N SER I 139 -4.99 8.38 3.76
CA SER I 139 -4.06 8.05 2.68
C SER I 139 -3.42 9.31 2.12
N LYS I 140 -4.06 10.45 2.36
CA LYS I 140 -3.60 11.71 1.76
C LYS I 140 -3.90 12.92 2.63
N LEU I 141 -2.95 13.85 2.69
CA LEU I 141 -3.17 15.15 3.31
C LEU I 141 -3.03 16.25 2.27
N THR I 142 -3.90 17.26 2.37
CA THR I 142 -3.78 18.45 1.54
C THR I 142 -3.74 19.67 2.43
N VAL I 143 -2.72 20.50 2.25
CA VAL I 143 -2.59 21.73 3.03
C VAL I 143 -2.75 22.94 2.14
N VAL I 144 -3.67 23.82 2.50
CA VAL I 144 -3.90 25.04 1.73
C VAL I 144 -3.42 26.25 2.51
N PHE I 145 -2.43 26.95 1.96
CA PHE I 145 -1.81 28.09 2.63
C PHE I 145 -2.55 29.40 2.35
N GLU I 146 -3.39 29.81 3.29
CA GLU I 146 -4.05 31.10 3.19
C GLU I 146 -3.39 32.08 4.15
N ILE I 147 -2.17 31.72 4.55
CA ILE I 147 -1.29 32.61 5.30
C ILE I 147 -0.07 32.91 4.43
N ASN I 148 0.66 33.98 4.76
CA ASN I 148 1.84 34.34 3.99
C ASN I 148 3.14 33.94 4.68
N VAL I 149 3.93 33.12 3.99
CA VAL I 149 5.23 32.68 4.49
C VAL I 149 6.25 32.77 3.36
N ASP I 150 7.50 33.11 3.70
CA ASP I 150 8.55 33.14 2.68
C ASP I 150 9.05 31.71 2.43
N LYS I 151 9.99 31.57 1.51
CA LYS I 151 10.47 30.26 1.11
C LYS I 151 11.14 29.49 2.25
N ASN I 152 11.86 30.20 3.11
CA ASN I 152 12.52 29.56 4.25
C ASN I 152 11.51 29.02 5.26
N LEU I 153 10.45 29.80 5.50
CA LEU I 153 9.44 29.40 6.47
C LEU I 153 8.56 28.29 5.92
N PHE I 154 8.39 28.28 4.60
CA PHE I 154 7.64 27.21 3.95
C PHE I 154 8.41 25.90 4.05
N ARG I 155 9.72 25.97 3.83
CA ARG I 155 10.58 24.80 3.97
C ARG I 155 10.59 24.33 5.41
N PHE I 156 10.65 25.28 6.35
CA PHE I 156 10.62 24.96 7.77
C PHE I 156 9.33 24.23 8.14
N PHE I 157 8.23 24.64 7.53
CA PHE I 157 6.94 23.97 7.74
C PHE I 157 7.02 22.50 7.37
N LEU I 158 7.56 22.23 6.18
CA LEU I 158 7.68 20.86 5.68
C LEU I 158 8.66 20.04 6.51
N GLU I 159 9.83 20.62 6.81
CA GLU I 159 10.84 19.98 7.66
C GLU I 159 10.23 19.54 8.98
N THR I 160 9.56 20.48 9.65
CA THR I 160 8.97 20.24 10.94
C THR I 160 7.83 19.22 10.86
N LEU I 161 7.03 19.31 9.81
CA LEU I 161 5.94 18.36 9.60
C LEU I 161 6.48 16.95 9.47
N PHE I 162 7.49 16.77 8.62
CA PHE I 162 8.11 15.47 8.41
C PHE I 162 8.68 14.92 9.72
N TYR I 163 9.45 15.74 10.42
CA TYR I 163 10.11 15.32 11.65
C TYR I 163 9.12 14.95 12.75
N GLU I 164 8.08 15.75 12.91
CA GLU I 164 7.10 15.52 13.97
C GLU I 164 6.17 14.35 13.66
N TYR I 165 5.80 14.20 12.39
CA TYR I 165 4.92 13.12 11.95
C TYR I 165 5.58 11.76 12.16
N MET I 166 6.89 11.71 11.97
CA MET I 166 7.65 10.47 12.05
C MET I 166 7.74 9.97 13.49
N THR I 167 7.60 8.67 13.68
CA THR I 167 7.70 8.06 15.01
C THR I 167 8.77 6.97 15.06
N ASP I 168 9.71 7.11 15.98
CA ASP I 168 10.84 6.20 16.10
C ASP I 168 10.48 4.95 16.90
N GLU I 169 10.37 3.82 16.22
CA GLU I 169 10.01 2.57 16.87
C GLU I 169 11.13 1.52 16.80
N ARG I 170 12.35 1.99 16.56
CA ARG I 170 13.51 1.10 16.44
C ARG I 170 13.70 0.21 17.67
N PHE I 171 13.33 0.72 18.84
CA PHE I 171 13.53 0.00 20.08
C PHE I 171 12.22 -0.52 20.65
N LYS I 172 11.15 -0.38 19.87
CA LYS I 172 9.89 -1.01 20.19
C LYS I 172 9.95 -2.47 19.78
N SER I 173 9.39 -3.35 20.61
CA SER I 173 9.37 -4.78 20.29
C SER I 173 7.96 -5.34 20.42
N THR I 174 7.48 -5.44 21.65
CA THR I 174 6.13 -5.95 21.91
C THR I 174 5.11 -4.82 21.98
N ASP I 175 5.57 -3.59 21.79
CA ASP I 175 4.68 -2.43 21.95
C ASP I 175 4.75 -1.48 20.75
N LYS I 176 4.85 -2.03 19.55
CA LYS I 176 4.75 -1.22 18.35
C LYS I 176 3.31 -0.75 18.18
N ASN I 177 3.13 0.49 17.70
CA ASN I 177 1.80 1.02 17.44
C ASN I 177 1.15 0.27 16.28
N VAL I 178 0.13 -0.53 16.61
CA VAL I 178 -0.56 -1.36 15.62
C VAL I 178 -1.33 -0.49 14.62
N ASN I 179 -1.75 0.69 15.07
CA ASN I 179 -2.55 1.59 14.25
C ASN I 179 -1.70 2.58 13.45
N MET I 180 -0.38 2.39 13.47
CA MET I 180 0.54 3.28 12.79
C MET I 180 0.39 3.19 11.27
N GLU I 181 -0.21 4.22 10.67
CA GLU I 181 -0.37 4.28 9.22
C GLU I 181 -0.03 5.67 8.72
N TYR I 182 0.87 5.76 7.75
CA TYR I 182 1.30 7.04 7.21
C TYR I 182 0.60 7.38 5.90
N ILE I 183 0.37 8.67 5.66
CA ILE I 183 -0.15 9.13 4.38
C ILE I 183 0.83 8.78 3.27
N LYS I 184 0.33 8.64 2.05
CA LYS I 184 1.19 8.34 0.92
C LYS I 184 1.26 9.54 -0.01
N HIS I 185 0.38 10.51 0.23
CA HIS I 185 0.32 11.69 -0.62
C HIS I 185 0.19 12.97 0.20
N LEU I 186 0.91 14.00 -0.21
CA LEU I 186 0.80 15.32 0.39
C LEU I 186 0.56 16.37 -0.68
N GLY I 187 -0.56 17.08 -0.59
CA GLY I 187 -0.85 18.15 -1.53
C GLY I 187 -0.68 19.51 -0.88
N VAL I 188 -0.09 20.45 -1.60
CA VAL I 188 0.08 21.79 -1.09
C VAL I 188 -0.42 22.85 -2.08
N TYR I 189 -1.36 23.67 -1.63
CA TYR I 189 -1.81 24.80 -2.42
C TYR I 189 -1.26 26.10 -1.81
N ILE I 190 -0.53 26.87 -2.62
CA ILE I 190 0.09 28.07 -2.12
C ILE I 190 0.23 29.13 -3.22
N ASN I 191 0.25 30.40 -2.81
CA ASN I 191 0.42 31.51 -3.74
C ASN I 191 1.78 31.47 -4.41
N ASN I 192 1.79 31.69 -5.74
CA ASN I 192 3.02 31.64 -6.53
C ASN I 192 3.82 30.37 -6.26
N ALA I 193 3.17 29.23 -6.50
CA ALA I 193 3.70 27.93 -6.11
C ALA I 193 5.04 27.58 -6.77
N ASP I 194 5.29 28.14 -7.95
CA ASP I 194 6.49 27.80 -8.70
C ASP I 194 7.78 28.17 -7.97
N THR I 195 7.71 29.20 -7.12
CA THR I 195 8.88 29.62 -6.37
C THR I 195 9.16 28.69 -5.20
N TYR I 196 8.11 28.02 -4.72
CA TYR I 196 8.23 27.17 -3.53
C TYR I 196 8.62 25.72 -3.83
N LYS I 197 8.41 25.30 -5.08
CA LYS I 197 8.56 23.89 -5.45
C LYS I 197 9.96 23.32 -5.21
N GLU I 198 10.98 24.17 -5.25
CA GLU I 198 12.35 23.71 -5.03
C GLU I 198 12.62 23.48 -3.55
N GLU I 199 11.74 23.97 -2.69
CA GLU I 199 11.90 23.83 -1.25
C GLU I 199 11.48 22.45 -0.76
N VAL I 200 10.65 21.76 -1.53
CA VAL I 200 10.11 20.48 -1.11
C VAL I 200 11.19 19.44 -0.84
N GLU I 201 12.00 19.15 -1.85
CA GLU I 201 13.00 18.10 -1.70
C GLU I 201 14.17 18.57 -0.85
N LYS I 202 14.39 19.87 -0.77
CA LYS I 202 15.35 20.42 0.17
C LYS I 202 14.86 20.14 1.59
N ALA I 203 13.56 20.33 1.80
CA ALA I 203 12.94 20.07 3.09
C ALA I 203 13.06 18.60 3.47
N ARG I 204 12.83 17.71 2.50
CA ARG I 204 12.92 16.28 2.75
C ARG I 204 14.36 15.88 3.10
N VAL I 205 15.32 16.57 2.50
CA VAL I 205 16.72 16.32 2.79
C VAL I 205 17.09 16.87 4.16
N TYR I 206 16.68 18.09 4.44
CA TYR I 206 16.90 18.69 5.75
C TYR I 206 16.25 17.88 6.85
N TYR I 207 15.05 17.38 6.58
CA TYR I 207 14.35 16.53 7.52
C TYR I 207 15.17 15.31 7.92
N PHE I 208 15.63 14.53 6.94
CA PHE I 208 16.29 13.28 7.27
C PHE I 208 17.64 13.53 7.94
N GLY I 209 18.30 14.62 7.57
CA GLY I 209 19.54 15.01 8.23
C GLY I 209 19.29 15.15 9.71
N THR I 210 18.20 15.83 10.04
CA THR I 210 17.82 16.07 11.43
C THR I 210 17.31 14.78 12.09
N TYR I 211 16.52 14.01 11.35
CA TYR I 211 15.99 12.77 11.90
C TYR I 211 17.11 11.74 12.10
N TYR I 212 18.09 11.77 11.21
CA TYR I 212 19.25 10.89 11.32
C TYR I 212 20.03 11.21 12.59
N ALA I 213 20.29 12.50 12.80
CA ALA I 213 20.95 12.96 14.02
C ALA I 213 20.16 12.52 15.24
N SER I 214 18.84 12.67 15.17
CA SER I 214 17.94 12.30 16.24
C SER I 214 18.03 10.81 16.58
N GLN I 215 18.12 9.97 15.55
CA GLN I 215 18.24 8.53 15.74
C GLN I 215 19.51 8.15 16.49
N LEU I 216 20.61 8.84 16.16
CA LEU I 216 21.88 8.59 16.82
C LEU I 216 21.82 9.00 18.28
N ILE I 217 21.22 10.15 18.55
CA ILE I 217 21.10 10.65 19.91
C ILE I 217 20.18 9.77 20.75
N ALA I 218 19.00 9.46 20.19
CA ALA I 218 18.01 8.65 20.90
C ALA I 218 18.53 7.26 21.22
N ALA I 219 19.40 6.74 20.36
CA ALA I 219 20.02 5.44 20.59
C ALA I 219 20.82 5.45 21.88
N PRO I 220 20.48 4.55 22.81
CA PRO I 220 21.15 4.44 24.12
C PRO I 220 22.62 4.08 24.01
N SER I 221 23.35 4.26 25.10
CA SER I 221 24.80 4.12 25.11
C SER I 221 25.27 2.69 24.94
N ASN I 222 24.40 1.71 25.15
CA ASN I 222 24.79 0.33 24.90
C ASN I 222 24.66 -0.02 23.43
N TYR I 223 23.81 0.73 22.72
CA TYR I 223 23.73 0.63 21.26
C TYR I 223 24.73 1.55 20.60
N CYS I 224 24.71 2.81 20.99
CA CYS I 224 25.56 3.83 20.40
C CYS I 224 26.79 4.08 21.26
N ASN I 225 27.91 3.45 20.88
CA ASN I 225 29.17 3.56 21.59
C ASN I 225 30.24 4.10 20.63
N PRO I 226 31.45 4.42 21.13
CA PRO I 226 32.45 5.00 20.22
C PRO I 226 32.77 4.16 18.96
N VAL I 227 32.69 2.84 19.08
CA VAL I 227 32.96 1.98 17.93
C VAL I 227 31.79 1.96 16.95
N SER I 228 30.58 1.77 17.47
CA SER I 228 29.40 1.65 16.63
C SER I 228 29.01 2.98 15.99
N LEU I 229 29.30 4.08 16.67
CA LEU I 229 29.02 5.40 16.11
C LEU I 229 29.96 5.71 14.96
N SER I 230 31.24 5.36 15.12
CA SER I 230 32.20 5.59 14.05
C SER I 230 31.94 4.64 12.88
N ASN I 231 31.45 3.44 13.20
CA ASN I 231 31.03 2.50 12.16
C ASN I 231 29.89 3.06 11.33
N ALA I 232 28.90 3.62 12.03
CA ALA I 232 27.76 4.26 11.37
C ALA I 232 28.23 5.39 10.46
N ALA I 233 29.22 6.15 10.93
CA ALA I 233 29.74 7.28 10.18
C ALA I 233 30.43 6.84 8.89
N VAL I 234 31.14 5.72 8.95
CA VAL I 234 31.77 5.13 7.77
C VAL I 234 30.70 4.72 6.77
N GLU I 235 29.68 4.04 7.29
CA GLU I 235 28.57 3.54 6.49
C GLU I 235 27.84 4.69 5.78
N LEU I 236 27.68 5.80 6.48
CA LEU I 236 27.06 6.98 5.89
C LEU I 236 27.94 7.55 4.79
N ALA I 237 29.23 7.63 5.05
CA ALA I 237 30.19 8.18 4.10
C ALA I 237 30.20 7.38 2.80
N GLN I 238 30.13 6.06 2.92
CA GLN I 238 30.12 5.17 1.77
C GLN I 238 28.87 5.37 0.92
N LYS I 239 27.73 5.60 1.58
CA LYS I 239 26.47 5.83 0.88
C LYS I 239 26.50 7.17 0.12
N LEU I 240 27.26 8.13 0.63
CA LEU I 240 27.27 9.47 0.07
C LEU I 240 28.50 9.73 -0.80
N ASN I 241 29.35 8.73 -0.95
CA ASN I 241 30.63 8.87 -1.65
C ASN I 241 31.50 9.97 -1.06
N LEU I 242 31.48 10.09 0.26
CA LEU I 242 32.39 10.99 0.96
C LEU I 242 33.67 10.24 1.28
N GLU I 243 34.80 10.93 1.21
CA GLU I 243 36.04 10.36 1.72
C GLU I 243 35.93 10.26 3.23
N TYR I 244 36.48 9.19 3.80
CA TYR I 244 36.40 9.02 5.25
C TYR I 244 37.68 8.42 5.82
N LYS I 245 37.84 8.60 7.12
CA LYS I 245 39.05 8.21 7.82
C LYS I 245 38.75 8.09 9.31
N ILE I 246 38.91 6.89 9.85
CA ILE I 246 38.69 6.67 11.28
C ILE I 246 40.02 6.45 11.98
N LEU I 247 40.41 7.40 12.83
CA LEU I 247 41.65 7.30 13.57
C LEU I 247 41.48 6.48 14.84
N GLY I 248 42.23 5.39 14.95
CA GLY I 248 42.21 4.54 16.13
C GLY I 248 43.26 4.96 17.13
N VAL I 249 43.28 4.29 18.28
CA VAL I 249 44.14 4.66 19.41
C VAL I 249 45.62 4.82 19.03
N LYS I 250 46.15 3.88 18.25
CA LYS I 250 47.56 3.93 17.85
C LYS I 250 47.88 5.22 17.11
N GLU I 251 47.05 5.58 16.13
CA GLU I 251 47.22 6.81 15.38
C GLU I 251 47.05 8.03 16.28
N LEU I 252 46.12 7.93 17.23
CA LEU I 252 45.85 9.04 18.13
C LEU I 252 47.03 9.29 19.06
N GLU I 253 47.74 8.22 19.41
CA GLU I 253 48.91 8.33 20.28
C GLU I 253 50.08 9.02 19.55
N GLU I 254 50.25 8.69 18.27
CA GLU I 254 51.29 9.32 17.47
C GLU I 254 51.00 10.80 17.25
N LEU I 255 49.71 11.14 17.21
CA LEU I 255 49.30 12.53 17.08
C LEU I 255 49.34 13.24 18.44
N LYS I 256 49.66 12.47 19.48
CA LYS I 256 49.85 13.00 20.83
C LYS I 256 48.60 13.69 21.40
N MET I 257 47.42 13.17 21.06
CA MET I 257 46.18 13.71 21.59
C MET I 257 45.93 13.23 23.01
N GLY I 258 46.66 13.79 23.97
CA GLY I 258 46.61 13.32 25.35
C GLY I 258 45.37 13.74 26.10
N ALA I 259 44.77 14.85 25.69
CA ALA I 259 43.55 15.33 26.32
C ALA I 259 42.39 14.42 25.98
N TYR I 260 42.21 14.19 24.68
CA TYR I 260 41.14 13.34 24.17
C TYR I 260 41.30 11.89 24.63
N LEU I 261 42.53 11.37 24.56
CA LEU I 261 42.78 10.00 24.97
C LEU I 261 42.58 9.77 26.47
N SER I 262 42.87 10.79 27.28
CA SER I 262 42.72 10.67 28.73
C SER I 262 41.27 10.47 29.14
N VAL I 263 40.36 11.18 28.47
CA VAL I 263 38.94 11.09 28.76
C VAL I 263 38.41 9.68 28.53
N GLY I 264 38.95 9.01 27.51
CA GLY I 264 38.45 7.68 27.14
C GLY I 264 39.17 6.52 27.79
N LYS I 265 40.12 6.80 28.68
CA LYS I 265 40.91 5.76 29.32
C LYS I 265 40.04 4.76 30.11
N GLY I 266 38.96 5.25 30.70
CA GLY I 266 38.14 4.42 31.56
C GLY I 266 37.08 3.59 30.84
N SER I 267 37.01 3.71 29.51
CA SER I 267 35.97 3.02 28.75
C SER I 267 36.44 1.68 28.16
N MET I 268 35.50 0.75 28.03
CA MET I 268 35.76 -0.54 27.39
C MET I 268 35.82 -0.38 25.88
N TYR I 269 35.38 0.77 25.39
CA TYR I 269 35.41 1.06 23.96
C TYR I 269 36.60 1.94 23.60
N PRO I 270 37.41 1.49 22.64
CA PRO I 270 38.55 2.29 22.17
C PRO I 270 38.10 3.62 21.59
N ASN I 271 38.89 4.68 21.79
CA ASN I 271 38.61 5.96 21.17
C ASN I 271 38.58 5.81 19.65
N LYS I 272 37.64 6.49 19.00
CA LYS I 272 37.58 6.54 17.55
C LYS I 272 37.37 7.98 17.09
N PHE I 273 38.27 8.47 16.25
CA PHE I 273 38.19 9.84 15.76
C PHE I 273 37.63 9.86 14.33
N ILE I 274 36.44 10.41 14.17
CA ILE I 274 35.78 10.45 12.86
C ILE I 274 36.24 11.63 12.02
N HIS I 275 36.67 11.36 10.79
CA HIS I 275 37.06 12.40 9.85
C HIS I 275 36.44 12.15 8.48
N LEU I 276 35.30 12.81 8.23
CA LEU I 276 34.64 12.79 6.93
C LEU I 276 35.01 14.05 6.14
N THR I 277 35.09 13.93 4.82
CA THR I 277 35.39 15.09 3.99
C THR I 277 34.52 15.15 2.74
N TYR I 278 33.87 16.29 2.54
CA TYR I 278 33.20 16.57 1.26
C TYR I 278 34.06 17.51 0.44
N LYS I 279 34.18 17.23 -0.85
CA LYS I 279 35.01 18.04 -1.73
C LYS I 279 34.27 18.36 -3.02
N SER I 280 34.01 19.65 -3.24
CA SER I 280 33.35 20.09 -4.47
C SER I 280 34.25 19.86 -5.67
N LYS I 281 33.65 19.56 -6.81
CA LYS I 281 34.38 19.52 -8.07
C LYS I 281 34.57 20.94 -8.55
N GLY I 282 35.80 21.29 -8.88
CA GLY I 282 36.12 22.64 -9.30
C GLY I 282 36.84 23.42 -8.21
N ASP I 283 37.01 24.72 -8.42
CA ASP I 283 37.75 25.57 -7.50
C ASP I 283 37.11 25.62 -6.12
N VAL I 284 37.93 25.45 -5.09
CA VAL I 284 37.48 25.54 -3.71
C VAL I 284 37.72 26.95 -3.17
N LYS I 285 36.63 27.65 -2.87
CA LYS I 285 36.74 29.02 -2.37
C LYS I 285 36.79 29.07 -0.85
N LYS I 286 36.09 28.15 -0.20
CA LYS I 286 36.10 28.07 1.26
C LYS I 286 36.42 26.67 1.76
N LYS I 287 37.31 26.58 2.74
CA LYS I 287 37.56 25.33 3.44
C LYS I 287 37.00 25.45 4.86
N ILE I 288 36.23 24.47 5.28
CA ILE I 288 35.53 24.51 6.57
C ILE I 288 35.68 23.22 7.37
N ALA I 289 36.03 23.37 8.64
CA ALA I 289 36.00 22.24 9.56
C ALA I 289 34.83 22.36 10.53
N LEU I 290 33.97 21.35 10.54
CA LEU I 290 32.88 21.26 11.50
C LEU I 290 33.23 20.21 12.56
N VAL I 291 33.28 20.63 13.82
CA VAL I 291 33.70 19.74 14.89
C VAL I 291 32.56 19.45 15.87
N GLY I 292 32.24 18.18 16.05
CA GLY I 292 31.18 17.80 16.95
C GLY I 292 31.66 17.07 18.18
N LYS I 293 31.16 17.47 19.34
CA LYS I 293 31.46 16.76 20.58
C LYS I 293 30.75 15.41 20.56
N GLY I 294 31.51 14.34 20.78
CA GLY I 294 30.97 13.00 20.69
C GLY I 294 31.27 12.10 21.88
N ILE I 295 30.74 12.48 23.04
CA ILE I 295 30.84 11.64 24.23
C ILE I 295 29.65 10.68 24.24
N THR I 296 29.91 9.40 24.01
CA THR I 296 28.82 8.43 23.82
C THR I 296 28.03 8.18 25.09
N PHE I 297 28.68 8.31 26.24
CA PHE I 297 27.98 8.43 27.51
C PHE I 297 28.83 9.24 28.47
N ASP I 298 28.20 10.17 29.17
CA ASP I 298 28.90 11.01 30.11
C ASP I 298 28.50 10.68 31.55
N SER I 299 29.22 9.74 32.15
CA SER I 299 28.96 9.38 33.54
C SER I 299 29.45 10.47 34.48
N GLY I 300 30.36 11.29 33.97
CA GLY I 300 31.03 12.30 34.77
C GLY I 300 32.44 11.87 35.13
N GLY I 301 32.70 10.57 35.05
CA GLY I 301 33.96 10.03 35.52
C GLY I 301 33.97 10.03 37.04
N TYR I 302 35.15 10.09 37.64
CA TYR I 302 35.25 10.07 39.10
C TYR I 302 34.54 11.26 39.74
N ASN I 303 34.41 12.36 39.00
CA ASN I 303 33.45 13.40 39.37
C ASN I 303 32.05 12.99 38.90
N LEU I 304 31.58 11.86 39.44
CA LEU I 304 30.35 11.23 38.98
C LEU I 304 29.13 12.16 39.08
N LYS I 305 28.24 12.05 38.10
CA LYS I 305 26.99 12.79 38.13
C LYS I 305 26.03 12.18 39.15
N ALA I 306 26.27 12.48 40.42
CA ALA I 306 25.46 11.94 41.51
C ALA I 306 24.65 13.03 42.19
N ALA I 307 24.97 14.29 41.89
CA ALA I 307 24.29 15.42 42.51
C ALA I 307 22.83 15.49 42.07
N PRO I 308 21.95 16.00 42.94
CA PRO I 308 20.55 16.21 42.56
C PRO I 308 20.43 17.08 41.32
N GLY I 309 19.69 16.62 40.31
CA GLY I 309 19.49 17.39 39.10
C GLY I 309 20.59 17.25 38.07
N SER I 310 21.55 16.36 38.31
CA SER I 310 22.63 16.14 37.34
C SER I 310 22.12 15.34 36.14
N MET I 311 21.03 14.60 36.34
CA MET I 311 20.34 13.86 35.28
C MET I 311 21.27 12.97 34.45
N ILE I 312 21.85 11.97 35.11
CA ILE I 312 22.80 11.08 34.45
C ILE I 312 22.12 10.20 33.39
N ASP I 313 20.81 9.99 33.52
CA ASP I 313 20.12 9.10 32.59
C ASP I 313 19.84 9.77 31.25
N LEU I 314 20.15 11.06 31.15
CA LEU I 314 20.03 11.80 29.89
C LEU I 314 21.35 11.71 29.12
N MET I 315 22.40 11.29 29.80
CA MET I 315 23.77 11.49 29.32
C MET I 315 24.15 10.70 28.07
N LYS I 316 23.18 10.05 27.45
CA LYS I 316 23.36 9.55 26.09
C LYS I 316 23.24 10.67 25.06
N PHE I 317 22.88 11.87 25.51
CA PHE I 317 22.70 13.00 24.62
C PHE I 317 24.02 13.69 24.25
N ASP I 318 25.11 13.27 24.90
CA ASP I 318 26.34 14.04 24.89
C ASP I 318 27.11 13.88 23.58
N MET I 319 26.49 13.25 22.59
CA MET I 319 27.07 13.11 21.24
C MET I 319 26.26 13.94 20.27
N SER I 320 25.34 14.72 20.81
CA SER I 320 24.44 15.54 19.98
C SER I 320 25.22 16.39 18.99
N GLY I 321 26.35 16.93 19.44
CA GLY I 321 27.20 17.74 18.56
C GLY I 321 27.73 16.91 17.41
N CYS I 322 28.15 15.69 17.70
CA CYS I 322 28.61 14.76 16.67
C CYS I 322 27.48 14.42 15.71
N ALA I 323 26.31 14.14 16.27
CA ALA I 323 25.13 13.80 15.48
C ALA I 323 24.73 14.92 14.53
N ALA I 324 24.83 16.16 15.01
CA ALA I 324 24.51 17.33 14.20
C ALA I 324 25.47 17.43 13.02
N VAL I 325 26.74 17.14 13.28
CA VAL I 325 27.78 17.20 12.26
C VAL I 325 27.61 16.08 11.24
N LEU I 326 27.24 14.89 11.71
CA LEU I 326 26.98 13.77 10.81
C LEU I 326 25.71 14.01 10.00
N GLY I 327 24.69 14.58 10.64
CA GLY I 327 23.49 14.97 9.94
C GLY I 327 23.78 16.01 8.87
N CYS I 328 24.67 16.94 9.18
CA CYS I 328 25.07 17.95 8.20
C CYS I 328 25.80 17.28 7.03
N ALA I 329 26.58 16.26 7.34
CA ALA I 329 27.29 15.50 6.31
C ALA I 329 26.32 14.88 5.31
N TYR I 330 25.20 14.35 5.80
CA TYR I 330 24.18 13.79 4.92
C TYR I 330 23.62 14.84 3.97
N CYS I 331 23.20 15.97 4.53
CA CYS I 331 22.61 17.05 3.75
C CYS I 331 23.59 17.59 2.72
N VAL I 332 24.81 17.87 3.16
CA VAL I 332 25.84 18.41 2.27
C VAL I 332 26.24 17.38 1.22
N GLY I 333 26.35 16.12 1.63
CA GLY I 333 26.67 15.04 0.73
C GLY I 333 25.56 14.77 -0.28
N THR I 334 24.34 15.16 0.08
CA THR I 334 23.19 14.95 -0.79
C THR I 334 22.97 16.13 -1.73
N LEU I 335 23.02 17.34 -1.17
CA LEU I 335 22.76 18.56 -1.95
C LEU I 335 23.94 18.96 -2.83
N LYS I 336 25.12 18.48 -2.46
CA LYS I 336 26.34 18.70 -3.25
C LYS I 336 26.58 20.16 -3.63
N PRO I 337 26.90 21.01 -2.64
CA PRO I 337 27.22 22.41 -2.94
C PRO I 337 28.57 22.54 -3.65
N GLU I 338 28.77 23.65 -4.36
CA GLU I 338 30.00 23.84 -5.11
C GLU I 338 30.95 24.80 -4.40
N ASN I 339 32.21 24.78 -4.83
CA ASN I 339 33.24 25.71 -4.36
C ASN I 339 33.53 25.65 -2.87
N VAL I 340 33.27 24.51 -2.24
CA VAL I 340 33.56 24.35 -0.82
C VAL I 340 34.26 23.02 -0.53
N GLU I 341 35.06 23.02 0.53
CA GLU I 341 35.61 21.78 1.06
C GLU I 341 35.26 21.71 2.54
N ILE I 342 34.56 20.64 2.94
CA ILE I 342 34.08 20.52 4.31
C ILE I 342 34.65 19.29 5.00
N HIS I 343 35.23 19.50 6.17
CA HIS I 343 35.70 18.40 7.00
C HIS I 343 34.76 18.19 8.19
N PHE I 344 34.25 16.98 8.32
CA PHE I 344 33.32 16.63 9.41
C PHE I 344 34.06 15.83 10.48
N LEU I 345 34.28 16.46 11.63
CA LEU I 345 35.17 15.89 12.65
C LEU I 345 34.49 15.61 13.98
N SER I 346 34.90 14.52 14.62
CA SER I 346 34.43 14.23 15.97
C SER I 346 35.37 13.28 16.70
N ALA I 347 35.92 13.76 17.80
CA ALA I 347 36.73 12.93 18.69
C ALA I 347 35.81 12.14 19.62
N VAL I 348 35.43 10.95 19.19
CA VAL I 348 34.42 10.16 19.90
C VAL I 348 35.02 9.28 20.99
N CYS I 349 34.41 9.31 22.18
CA CYS I 349 34.84 8.46 23.29
C CYS I 349 33.73 8.35 24.35
N GLU I 350 34.03 7.61 25.42
CA GLU I 350 33.06 7.39 26.49
C GLU I 350 33.68 7.74 27.84
N ASN I 351 32.98 8.54 28.64
CA ASN I 351 33.50 8.99 29.93
C ASN I 351 32.99 8.12 31.08
N MET I 352 33.83 7.20 31.54
CA MET I 352 33.40 6.18 32.49
C MET I 352 34.23 6.11 33.77
N VAL I 353 33.76 5.31 34.72
CA VAL I 353 34.46 5.11 35.98
C VAL I 353 35.09 3.73 36.02
N SER I 354 36.40 3.67 36.21
CA SER I 354 37.14 2.43 36.12
C SER I 354 38.45 2.53 36.87
N LYS I 355 39.13 1.40 37.03
CA LYS I 355 40.50 1.40 37.51
C LYS I 355 41.39 2.14 36.51
N ASN I 356 40.95 2.18 35.25
CA ASN I 356 41.76 2.78 34.19
C ASN I 356 41.46 4.26 33.92
N SER I 357 40.44 4.80 34.59
CA SER I 357 39.99 6.17 34.33
C SER I 357 41.03 7.23 34.69
N TYR I 358 40.94 8.40 34.06
CA TYR I 358 41.77 9.53 34.46
C TYR I 358 41.14 10.20 35.69
N ARG I 359 41.98 10.80 36.53
CA ARG I 359 41.58 11.30 37.83
C ARG I 359 41.51 12.82 37.91
N PRO I 360 40.68 13.33 38.81
CA PRO I 360 40.80 14.75 39.17
C PRO I 360 42.22 15.04 39.63
N GLY I 361 42.82 16.11 39.13
CA GLY I 361 44.17 16.47 39.52
C GLY I 361 45.22 16.04 38.51
N ASP I 362 44.90 15.05 37.68
CA ASP I 362 45.84 14.58 36.67
C ASP I 362 46.25 15.72 35.74
N ILE I 363 47.54 15.75 35.38
CA ILE I 363 48.00 16.70 34.40
C ILE I 363 48.29 15.96 33.10
N ILE I 364 47.64 16.41 32.03
CA ILE I 364 47.71 15.75 30.74
C ILE I 364 48.21 16.73 29.67
N THR I 365 48.68 16.19 28.55
CA THR I 365 49.28 17.05 27.52
C THR I 365 48.54 16.95 26.19
N ALA I 366 48.01 18.09 25.73
CA ALA I 366 47.29 18.14 24.46
C ALA I 366 48.26 18.04 23.28
N SER I 367 47.71 17.83 22.09
CA SER I 367 48.52 17.61 20.89
C SER I 367 49.29 18.87 20.45
N ASN I 368 49.00 20.00 21.07
CA ASN I 368 49.73 21.23 20.77
C ASN I 368 50.79 21.52 21.83
N GLY I 369 51.02 20.56 22.72
CA GLY I 369 52.09 20.67 23.70
C GLY I 369 51.66 21.24 25.04
N LYS I 370 50.48 21.83 25.10
CA LYS I 370 50.02 22.46 26.33
C LYS I 370 49.62 21.41 27.37
N THR I 371 50.18 21.56 28.57
CA THR I 371 49.79 20.71 29.69
C THR I 371 48.54 21.28 30.35
N ILE I 372 47.63 20.39 30.72
CA ILE I 372 46.34 20.78 31.29
C ILE I 372 46.11 20.10 32.63
N GLU I 373 45.86 20.88 33.67
CA GLU I 373 45.52 20.33 34.97
C GLU I 373 44.02 20.07 35.05
N VAL I 374 43.64 18.81 35.25
CA VAL I 374 42.24 18.45 35.34
C VAL I 374 41.67 18.73 36.72
N GLY I 375 40.67 19.60 36.80
CA GLY I 375 40.02 19.91 38.06
C GLY I 375 38.71 19.16 38.25
N ASN I 376 38.17 18.66 37.16
CA ASN I 376 36.87 17.98 37.18
C ASN I 376 36.73 17.06 35.97
N THR I 377 36.66 15.75 36.21
CA THR I 377 36.58 14.77 35.13
C THR I 377 35.26 14.84 34.36
N ASP I 378 34.31 15.62 34.86
CA ASP I 378 33.02 15.78 34.19
C ASP I 378 33.02 16.99 33.25
N ALA I 379 34.13 17.72 33.21
CA ALA I 379 34.34 18.74 32.19
C ALA I 379 35.19 18.15 31.07
N GLU I 380 34.75 17.00 30.57
CA GLU I 380 35.55 16.20 29.63
C GLU I 380 35.37 16.65 28.19
N GLY I 381 34.25 17.30 27.91
CA GLY I 381 33.95 17.75 26.55
C GLY I 381 35.02 18.67 25.99
N ARG I 382 35.43 19.67 26.79
CA ARG I 382 36.42 20.62 26.35
C ARG I 382 37.80 19.97 26.12
N LEU I 383 38.04 18.88 26.85
CA LEU I 383 39.29 18.15 26.71
C LEU I 383 39.37 17.45 25.35
N THR I 384 38.30 16.78 24.97
CA THR I 384 38.26 16.08 23.69
C THR I 384 38.26 17.10 22.54
N LEU I 385 37.56 18.21 22.75
CA LEU I 385 37.47 19.25 21.74
C LEU I 385 38.79 19.99 21.56
N ALA I 386 39.61 20.04 22.61
CA ALA I 386 40.91 20.69 22.53
C ALA I 386 41.79 20.02 21.48
N ASP I 387 41.86 18.69 21.54
CA ASP I 387 42.63 17.93 20.56
C ASP I 387 41.95 17.95 19.20
N ALA I 388 40.63 18.03 19.20
CA ALA I 388 39.87 18.10 17.95
C ALA I 388 40.11 19.43 17.25
N LEU I 389 40.21 20.50 18.03
CA LEU I 389 40.43 21.83 17.47
C LEU I 389 41.84 21.96 16.90
N VAL I 390 42.81 21.32 17.56
CA VAL I 390 44.18 21.32 17.07
C VAL I 390 44.26 20.57 15.74
N TYR I 391 43.58 19.43 15.68
CA TYR I 391 43.51 18.61 14.47
C TYR I 391 42.90 19.41 13.31
N ALA I 392 41.85 20.17 13.63
CA ALA I 392 41.13 20.94 12.62
C ALA I 392 41.98 22.08 12.05
N GLU I 393 42.70 22.79 12.91
CA GLU I 393 43.49 23.92 12.44
C GLU I 393 44.67 23.42 11.61
N LYS I 394 45.14 22.21 11.88
CA LYS I 394 46.21 21.60 11.12
C LYS I 394 45.78 21.28 9.69
N LEU I 395 44.47 21.18 9.48
CA LEU I 395 43.93 20.94 8.14
C LEU I 395 44.02 22.19 7.27
N GLY I 396 44.25 23.34 7.90
CA GLY I 396 44.37 24.58 7.18
C GLY I 396 43.06 25.03 6.56
N VAL I 397 42.06 25.28 7.40
CA VAL I 397 40.76 25.70 6.93
C VAL I 397 40.55 27.20 7.13
N ASP I 398 39.52 27.74 6.49
CA ASP I 398 39.16 29.15 6.64
C ASP I 398 38.32 29.36 7.89
N TYR I 399 37.46 28.38 8.20
CA TYR I 399 36.59 28.46 9.37
C TYR I 399 36.59 27.17 10.18
N ILE I 400 36.60 27.31 11.50
CA ILE I 400 36.37 26.18 12.39
C ILE I 400 35.12 26.45 13.23
N VAL I 401 34.13 25.58 13.09
CA VAL I 401 32.93 25.69 13.92
C VAL I 401 32.73 24.40 14.70
N ASP I 402 32.72 24.51 16.03
CA ASP I 402 32.41 23.35 16.86
C ASP I 402 31.00 23.50 17.44
N ILE I 403 30.38 22.37 17.70
CA ILE I 403 29.03 22.33 18.26
C ILE I 403 29.01 21.26 19.34
N ALA I 404 28.55 21.63 20.53
CA ALA I 404 28.72 20.75 21.69
C ALA I 404 27.69 20.95 22.79
N THR I 405 27.31 19.83 23.41
CA THR I 405 26.54 19.85 24.65
C THR I 405 27.52 20.05 25.80
N LEU I 406 28.06 21.26 25.90
CA LEU I 406 29.24 21.52 26.72
C LEU I 406 28.96 21.87 28.17
N THR I 407 28.05 22.82 28.42
CA THR I 407 27.82 23.29 29.79
C THR I 407 26.35 23.36 30.19
N GLY I 408 26.05 22.84 31.37
CA GLY I 408 24.69 22.86 31.88
C GLY I 408 24.20 24.28 32.16
N ALA I 409 25.13 25.19 32.36
CA ALA I 409 24.81 26.59 32.66
C ALA I 409 23.97 27.24 31.57
N MET I 410 24.02 26.67 30.36
CA MET I 410 23.21 27.16 29.25
C MET I 410 21.72 27.17 29.58
N LEU I 411 21.30 26.25 30.44
CA LEU I 411 19.91 26.19 30.89
C LEU I 411 19.52 27.43 31.68
N TYR I 412 20.50 28.02 32.37
CA TYR I 412 20.25 29.17 33.23
C TYR I 412 20.49 30.50 32.51
N SER I 413 21.12 30.44 31.34
CA SER I 413 21.41 31.66 30.58
C SER I 413 20.43 31.87 29.43
N LEU I 414 20.28 30.85 28.58
CA LEU I 414 19.44 30.96 27.39
C LEU I 414 18.24 30.03 27.43
N GLY I 415 18.34 28.96 28.22
CA GLY I 415 17.23 28.04 28.38
C GLY I 415 17.21 26.92 27.36
N THR I 416 16.01 26.52 26.95
CA THR I 416 15.83 25.33 26.13
C THR I 416 15.56 25.61 24.66
N SER I 417 15.41 26.89 24.31
CA SER I 417 15.06 27.25 22.93
C SER I 417 16.24 27.76 22.11
N TYR I 418 17.05 28.63 22.71
CA TYR I 418 18.15 29.27 21.99
C TYR I 418 19.50 28.68 22.37
N ALA I 419 20.29 28.31 21.37
CA ALA I 419 21.67 27.89 21.60
C ALA I 419 22.55 29.14 21.73
N GLY I 420 23.71 28.99 22.36
CA GLY I 420 24.64 30.09 22.50
C GLY I 420 25.83 29.92 21.57
N VAL I 421 26.28 31.02 20.96
CA VAL I 421 27.46 30.96 20.11
C VAL I 421 28.55 31.87 20.65
N PHE I 422 29.77 31.33 20.69
CA PHE I 422 30.95 32.06 21.12
C PHE I 422 31.96 32.01 19.99
N GLY I 423 32.87 32.97 19.91
CA GLY I 423 33.88 32.94 18.87
C GLY I 423 34.98 33.98 18.99
N ASN I 424 36.02 33.80 18.18
CA ASN I 424 37.13 34.73 18.15
C ASN I 424 37.05 35.67 16.95
N ASN I 425 36.01 35.50 16.14
CA ASN I 425 35.90 36.19 14.87
C ASN I 425 34.48 36.66 14.58
N GLU I 426 34.29 37.97 14.53
CA GLU I 426 32.96 38.58 14.37
C GLU I 426 32.28 38.18 13.06
N GLU I 427 33.06 38.12 11.98
CA GLU I 427 32.52 37.73 10.68
C GLU I 427 31.91 36.33 10.72
N LEU I 428 32.64 35.38 11.29
CA LEU I 428 32.17 34.01 11.39
C LEU I 428 30.91 33.93 12.26
N ILE I 429 30.92 34.66 13.37
CA ILE I 429 29.79 34.69 14.28
C ILE I 429 28.54 35.24 13.57
N ASN I 430 28.73 36.29 12.78
CA ASN I 430 27.64 36.87 12.02
C ASN I 430 27.06 35.89 11.00
N LYS I 431 27.93 35.08 10.39
CA LYS I 431 27.49 34.10 9.41
C LYS I 431 26.66 32.99 10.07
N ILE I 432 27.02 32.65 11.30
CA ILE I 432 26.28 31.64 12.04
C ILE I 432 24.91 32.19 12.46
N LEU I 433 24.90 33.44 12.90
CA LEU I 433 23.65 34.12 13.25
C LEU I 433 22.72 34.20 12.04
N GLN I 434 23.29 34.44 10.87
CA GLN I 434 22.52 34.50 9.64
C GLN I 434 21.96 33.11 9.30
N SER I 435 22.77 32.09 9.51
CA SER I 435 22.35 30.72 9.26
C SER I 435 21.27 30.28 10.26
N SER I 436 21.34 30.86 11.47
CA SER I 436 20.32 30.62 12.48
C SER I 436 18.97 31.15 11.99
N LYS I 437 19.00 32.28 11.30
CA LYS I 437 17.79 32.90 10.79
C LYS I 437 17.18 32.11 9.64
N THR I 438 18.03 31.64 8.73
CA THR I 438 17.52 30.94 7.54
C THR I 438 17.16 29.49 7.82
N SER I 439 17.76 28.90 8.86
CA SER I 439 17.44 27.53 9.23
C SER I 439 16.36 27.47 10.30
N ASN I 440 16.08 28.63 10.90
CA ASN I 440 15.11 28.76 11.99
C ASN I 440 15.45 27.87 13.19
N GLU I 441 16.74 27.67 13.42
CA GLU I 441 17.23 27.10 14.66
C GLU I 441 17.90 28.23 15.43
N PRO I 442 17.20 28.76 16.45
CA PRO I 442 17.60 30.00 17.12
C PRO I 442 18.94 29.91 17.85
N VAL I 443 19.73 30.97 17.73
CA VAL I 443 21.04 31.07 18.34
C VAL I 443 21.29 32.49 18.85
N TRP I 444 21.84 32.62 20.06
CA TRP I 444 22.16 33.95 20.58
C TRP I 444 23.67 34.10 20.83
N TRP I 445 24.21 35.26 20.46
CA TRP I 445 25.63 35.53 20.62
C TRP I 445 25.97 35.86 22.07
N LEU I 446 26.93 35.13 22.63
CA LEU I 446 27.37 35.33 24.01
C LEU I 446 28.86 35.67 24.03
N PRO I 447 29.30 36.50 25.00
CA PRO I 447 30.67 37.00 24.98
C PRO I 447 31.70 36.04 25.55
N ILE I 448 32.92 36.09 25.01
CA ILE I 448 34.05 35.45 25.64
C ILE I 448 34.79 36.51 26.45
N ILE I 449 34.56 36.49 27.76
CA ILE I 449 35.06 37.54 28.65
C ILE I 449 36.49 37.25 29.09
N ASN I 450 37.43 38.05 28.58
CA ASN I 450 38.85 37.83 28.79
C ASN I 450 39.29 37.98 30.24
N GLU I 451 38.53 38.75 31.02
CA GLU I 451 38.87 38.97 32.43
C GLU I 451 38.85 37.67 33.23
N TYR I 452 38.12 36.68 32.73
CA TYR I 452 38.00 35.40 33.43
C TYR I 452 39.15 34.46 33.09
N ARG I 453 39.95 34.83 32.09
CA ARG I 453 41.05 33.99 31.64
C ARG I 453 42.05 33.70 32.75
N ALA I 454 42.24 34.67 33.63
CA ALA I 454 43.18 34.53 34.74
C ALA I 454 42.84 33.38 35.67
N THR I 455 41.57 32.99 35.72
CA THR I 455 41.14 31.92 36.61
C THR I 455 41.49 30.54 36.07
N LEU I 456 42.01 30.50 34.84
CA LEU I 456 42.47 29.24 34.25
C LEU I 456 43.98 29.11 34.39
N ASN I 457 44.60 30.08 35.05
CA ASN I 457 46.02 30.00 35.36
C ASN I 457 46.28 28.89 36.38
N SER I 458 47.19 28.00 36.04
CA SER I 458 47.50 26.85 36.90
C SER I 458 48.84 27.05 37.59
N LYS I 459 48.96 26.50 38.81
CA LYS I 459 50.19 26.61 39.57
C LYS I 459 51.30 25.75 38.95
N TYR I 460 50.91 24.60 38.41
CA TYR I 460 51.90 23.64 37.91
C TYR I 460 51.81 23.39 36.40
N ALA I 461 50.61 23.25 35.87
CA ALA I 461 50.42 23.03 34.44
C ALA I 461 50.36 24.36 33.69
N ASP I 462 50.36 24.29 32.36
CA ASP I 462 50.22 25.50 31.55
C ASP I 462 48.86 26.15 31.75
N ILE I 463 47.82 25.34 31.93
CA ILE I 463 46.46 25.87 32.05
C ILE I 463 45.55 24.93 32.85
N ASN I 464 44.58 25.53 33.53
CA ASN I 464 43.52 24.76 34.19
C ASN I 464 42.42 24.38 33.20
N GLN I 465 41.83 23.21 33.42
CA GLN I 465 40.70 22.74 32.64
C GLN I 465 39.45 23.53 33.02
N ILE I 466 39.32 23.83 34.31
CA ILE I 466 38.18 24.59 34.81
C ILE I 466 38.60 25.69 35.77
N SER I 467 37.71 26.67 35.93
CA SER I 467 37.89 27.71 36.93
C SER I 467 37.31 27.22 38.25
N SER I 468 37.93 27.61 39.36
CA SER I 468 37.44 27.24 40.68
C SER I 468 36.51 28.31 41.24
N SER I 469 36.69 29.54 40.76
CA SER I 469 35.91 30.68 41.26
C SER I 469 34.74 31.04 40.35
N VAL I 470 35.05 31.45 39.12
CA VAL I 470 34.04 31.93 38.18
C VAL I 470 32.96 30.88 37.89
N LYS I 471 31.71 31.25 38.15
CA LYS I 471 30.59 30.33 37.95
C LYS I 471 30.00 30.43 36.55
N ALA I 472 30.50 31.40 35.77
CA ALA I 472 30.05 31.56 34.38
C ALA I 472 30.74 30.52 33.51
N SER I 473 30.35 29.26 33.69
CA SER I 473 31.10 28.13 33.15
C SER I 473 31.04 28.04 31.62
N SER I 474 29.98 28.54 31.02
CA SER I 474 29.86 28.53 29.56
C SER I 474 30.92 29.43 28.93
N ILE I 475 31.23 30.53 29.61
CA ILE I 475 32.21 31.49 29.11
C ILE I 475 33.62 30.98 29.41
N VAL I 476 33.82 30.45 30.60
CA VAL I 476 35.11 29.88 30.98
C VAL I 476 35.50 28.74 30.04
N ALA I 477 34.53 27.91 29.68
CA ALA I 477 34.76 26.81 28.76
C ALA I 477 35.21 27.32 27.38
N SER I 478 34.63 28.43 26.95
CA SER I 478 34.97 29.02 25.67
C SER I 478 36.38 29.60 25.69
N LEU I 479 36.78 30.13 26.84
CA LEU I 479 38.15 30.63 27.02
C LEU I 479 39.15 29.49 26.90
N PHE I 480 38.78 28.33 27.46
CA PHE I 480 39.65 27.15 27.39
C PHE I 480 39.81 26.67 25.95
N LEU I 481 38.70 26.52 25.24
CA LEU I 481 38.74 26.09 23.84
C LEU I 481 39.52 27.07 22.98
N LYS I 482 39.42 28.36 23.32
CA LYS I 482 40.09 29.42 22.56
C LYS I 482 41.61 29.26 22.60
N GLU I 483 42.10 28.56 23.62
CA GLU I 483 43.53 28.36 23.78
C GLU I 483 44.09 27.31 22.83
N PHE I 484 43.22 26.66 22.07
CA PHE I 484 43.64 25.60 21.17
C PHE I 484 43.31 25.94 19.71
N VAL I 485 43.02 27.21 19.47
CA VAL I 485 42.92 27.75 18.12
C VAL I 485 43.85 28.94 18.03
N GLN I 486 44.88 28.82 17.19
CA GLN I 486 45.96 29.80 17.16
C GLN I 486 45.70 30.99 16.25
N ASN I 487 45.34 30.71 14.99
CA ASN I 487 45.28 31.76 13.98
C ASN I 487 44.16 31.55 12.97
N THR I 488 43.09 30.88 13.39
CA THR I 488 41.96 30.61 12.50
C THR I 488 40.65 31.14 13.09
N ALA I 489 39.80 31.70 12.23
CA ALA I 489 38.47 32.12 12.63
C ALA I 489 37.72 30.93 13.20
N TRP I 490 37.25 31.06 14.43
CA TRP I 490 36.63 29.95 15.13
C TRP I 490 35.37 30.39 15.88
N ALA I 491 34.35 29.55 15.82
CA ALA I 491 33.13 29.79 16.58
C ALA I 491 32.68 28.51 17.28
N HIS I 492 32.05 28.68 18.44
CA HIS I 492 31.68 27.58 19.31
C HIS I 492 30.21 27.65 19.66
N ILE I 493 29.47 26.59 19.33
CA ILE I 493 28.04 26.57 19.59
C ILE I 493 27.71 25.61 20.73
N ASP I 494 27.25 26.16 21.84
CA ASP I 494 26.93 25.36 23.02
C ASP I 494 25.43 25.00 23.03
N ILE I 495 25.13 23.74 22.76
CA ILE I 495 23.75 23.28 22.62
C ILE I 495 23.30 22.36 23.77
N ALA I 496 23.97 22.46 24.91
CA ALA I 496 23.66 21.59 26.03
C ALA I 496 22.22 21.76 26.51
N GLY I 497 21.68 22.96 26.34
CA GLY I 497 20.34 23.26 26.81
C GLY I 497 19.24 23.01 25.80
N VAL I 498 19.55 23.09 24.52
CA VAL I 498 18.54 23.01 23.47
C VAL I 498 18.45 21.65 22.78
N SER I 499 19.44 20.80 23.01
CA SER I 499 19.52 19.54 22.29
C SER I 499 18.33 18.61 22.55
N TRP I 500 17.90 18.53 23.80
CA TRP I 500 16.85 17.59 24.17
C TRP I 500 15.50 18.26 24.36
N ASN I 501 14.49 17.78 23.64
CA ASN I 501 13.12 18.24 23.83
C ASN I 501 12.52 17.53 25.03
N PHE I 502 12.61 18.17 26.19
CA PHE I 502 12.18 17.56 27.45
C PHE I 502 10.69 17.26 27.48
N LYS I 503 9.89 18.14 26.87
CA LYS I 503 8.44 17.97 26.87
C LYS I 503 8.01 16.75 26.05
N ALA I 504 8.59 16.60 24.86
CA ALA I 504 8.24 15.50 23.97
C ALA I 504 9.09 14.24 24.22
N ARG I 505 10.05 14.36 25.13
CA ARG I 505 10.92 13.24 25.52
C ARG I 505 11.71 12.65 24.35
N LYS I 506 12.32 13.53 23.54
CA LYS I 506 13.06 13.08 22.37
C LYS I 506 14.08 14.14 21.93
N PRO I 507 15.11 13.74 21.18
CA PRO I 507 16.08 14.73 20.69
C PRO I 507 15.47 15.69 19.68
N LYS I 508 16.07 16.86 19.52
CA LYS I 508 15.64 17.80 18.49
C LYS I 508 16.45 17.61 17.22
N GLY I 509 17.62 16.98 17.34
CA GLY I 509 18.56 16.92 16.24
C GLY I 509 19.01 18.32 15.90
N PHE I 510 19.09 19.16 16.93
CA PHE I 510 19.44 20.57 16.78
C PHE I 510 20.81 20.74 16.14
N GLY I 511 20.90 21.65 15.16
CA GLY I 511 22.18 22.01 14.57
C GLY I 511 22.39 21.57 13.13
N VAL I 512 21.72 20.50 12.72
CA VAL I 512 21.89 19.98 11.36
C VAL I 512 21.58 21.03 10.30
N ARG I 513 20.40 21.66 10.41
CA ARG I 513 19.97 22.65 9.44
C ARG I 513 20.79 23.93 9.53
N LEU I 514 21.12 24.33 10.75
CA LEU I 514 21.98 25.48 11.00
C LEU I 514 23.33 25.35 10.30
N LEU I 515 23.99 24.21 10.51
CA LEU I 515 25.30 23.97 9.92
C LEU I 515 25.24 23.87 8.40
N THR I 516 24.19 23.24 7.88
CA THR I 516 24.05 23.08 6.43
C THR I 516 23.82 24.43 5.76
N GLU I 517 22.93 25.23 6.32
CA GLU I 517 22.69 26.58 5.80
C GLU I 517 23.97 27.40 5.84
N PHE I 518 24.78 27.17 6.88
CA PHE I 518 26.06 27.84 7.00
C PHE I 518 27.01 27.46 5.87
N VAL I 519 27.04 26.17 5.55
CA VAL I 519 27.89 25.68 4.46
C VAL I 519 27.40 26.16 3.10
N LEU I 520 26.09 26.09 2.89
CA LEU I 520 25.49 26.36 1.58
C LEU I 520 25.46 27.83 1.20
N ASN I 521 25.18 28.71 2.15
CA ASN I 521 25.00 30.12 1.86
C ASN I 521 26.29 30.93 2.03
N ASP I 522 27.40 30.22 2.25
CA ASP I 522 28.69 30.87 2.42
C ASP I 522 29.46 30.93 1.11
N ALA J 4 11.84 64.41 56.14
CA ALA J 4 12.52 63.36 56.89
C ALA J 4 11.58 62.67 57.86
N SER J 5 11.39 61.38 57.67
CA SER J 5 10.55 60.59 58.57
C SER J 5 11.40 59.91 59.63
N GLU J 6 10.81 59.63 60.79
CA GLU J 6 11.56 59.07 61.90
C GLU J 6 11.83 57.57 61.72
N VAL J 7 13.08 57.17 61.93
CA VAL J 7 13.46 55.77 61.85
C VAL J 7 13.10 55.03 63.14
N PRO J 8 12.25 53.99 63.03
CA PRO J 8 11.87 53.20 64.20
C PRO J 8 13.02 52.37 64.74
N GLN J 9 13.10 52.25 66.06
CA GLN J 9 14.15 51.47 66.71
C GLN J 9 13.56 50.33 67.52
N VAL J 10 14.33 49.28 67.72
CA VAL J 10 13.95 48.22 68.65
C VAL J 10 14.59 48.50 70.00
N VAL J 11 15.86 48.88 69.96
CA VAL J 11 16.58 49.36 71.13
C VAL J 11 17.18 50.72 70.82
N SER J 12 17.56 51.46 71.85
CA SER J 12 18.05 52.83 71.66
C SER J 12 19.42 52.87 70.97
N LEU J 13 20.05 51.71 70.86
CA LEU J 13 21.37 51.63 70.23
C LEU J 13 21.27 51.47 68.71
N ASP J 14 20.07 51.21 68.21
CA ASP J 14 19.85 51.12 66.77
C ASP J 14 20.09 52.46 66.10
N PRO J 15 20.90 52.48 65.03
CA PRO J 15 21.19 53.72 64.31
C PRO J 15 19.97 54.28 63.59
N THR J 16 19.85 55.61 63.55
CA THR J 16 18.68 56.26 62.97
C THR J 16 19.02 57.05 61.70
N SER J 17 20.24 56.86 61.19
CA SER J 17 20.62 57.46 59.92
C SER J 17 21.82 56.75 59.32
N ILE J 18 21.95 56.85 58.00
CA ILE J 18 23.13 56.35 57.31
C ILE J 18 24.24 57.41 57.34
N PRO J 19 25.41 57.03 57.87
CA PRO J 19 26.55 57.94 57.78
C PRO J 19 26.97 58.15 56.32
N ILE J 20 27.07 59.40 55.90
CA ILE J 20 27.47 59.71 54.53
C ILE J 20 28.65 60.67 54.52
N GLU J 21 29.66 60.33 53.74
CA GLU J 21 30.77 61.25 53.48
C GLU J 21 30.55 61.95 52.15
N TYR J 22 30.49 63.28 52.19
CA TYR J 22 30.40 64.06 50.97
C TYR J 22 31.76 64.64 50.61
N ASN J 23 32.41 65.23 51.61
CA ASN J 23 33.76 65.76 51.46
C ASN J 23 34.81 64.67 51.64
N THR J 24 35.34 64.17 50.54
CA THR J 24 36.35 63.12 50.59
C THR J 24 37.71 63.71 50.26
N PRO J 25 38.79 63.07 50.74
CA PRO J 25 40.15 63.52 50.44
C PRO J 25 40.42 63.64 48.94
N ILE J 26 39.74 62.82 48.14
CA ILE J 26 39.87 62.89 46.68
C ILE J 26 39.52 64.26 46.14
N HIS J 27 38.56 64.92 46.77
CA HIS J 27 38.11 66.24 46.32
C HIS J 27 39.13 67.33 46.61
N ASP J 28 40.18 67.00 47.35
CA ASP J 28 41.23 67.96 47.70
C ASP J 28 42.47 67.76 46.84
N ILE J 29 42.44 66.77 45.95
CA ILE J 29 43.57 66.50 45.08
C ILE J 29 43.58 67.45 43.88
N LYS J 30 44.64 68.24 43.77
CA LYS J 30 44.80 69.10 42.61
C LYS J 30 45.39 68.32 41.45
N VAL J 31 44.73 68.38 40.30
CA VAL J 31 45.13 67.58 39.15
C VAL J 31 45.69 68.45 38.03
N GLN J 32 46.86 68.07 37.53
CA GLN J 32 47.50 68.76 36.41
C GLN J 32 47.87 67.77 35.31
N VAL J 33 47.50 68.11 34.08
CA VAL J 33 47.82 67.27 32.94
C VAL J 33 48.79 67.97 32.01
N TYR J 34 49.96 67.36 31.81
CA TYR J 34 50.99 67.92 30.94
C TYR J 34 51.14 67.08 29.69
N ASP J 35 51.62 67.68 28.61
CA ASP J 35 51.87 66.91 27.40
C ASP J 35 53.21 66.19 27.52
N ILE J 36 53.24 64.94 27.07
CA ILE J 36 54.39 64.08 27.31
C ILE J 36 55.54 64.39 26.34
N LYS J 37 55.26 65.15 25.30
CA LYS J 37 56.27 65.48 24.30
C LYS J 37 57.35 66.41 24.84
N GLY J 38 57.05 67.10 25.93
CA GLY J 38 57.96 68.08 26.49
C GLY J 38 58.93 67.53 27.53
N GLY J 39 58.80 66.23 27.83
CA GLY J 39 59.63 65.62 28.85
C GLY J 39 59.01 65.79 30.23
N CYS J 40 59.47 65.00 31.19
CA CYS J 40 58.86 64.96 32.51
C CYS J 40 59.74 65.55 33.60
N ASN J 41 59.12 66.35 34.47
CA ASN J 41 59.80 66.82 35.67
C ASN J 41 59.52 65.89 36.84
N VAL J 42 60.59 65.29 37.39
CA VAL J 42 60.46 64.29 38.43
C VAL J 42 61.16 64.72 39.71
N GLU J 43 60.76 65.87 40.26
CA GLU J 43 61.44 66.46 41.39
C GLU J 43 60.64 66.39 42.69
N GLU J 44 59.41 65.91 42.62
CA GLU J 44 58.57 65.85 43.81
C GLU J 44 57.73 64.57 43.89
N GLY J 45 57.79 63.92 45.05
CA GLY J 45 56.91 62.80 45.36
C GLY J 45 57.14 61.53 44.56
N LEU J 46 56.05 60.80 44.32
CA LEU J 46 56.10 59.53 43.63
C LEU J 46 55.77 59.67 42.15
N THR J 47 56.65 59.18 41.28
CA THR J 47 56.40 59.19 39.84
C THR J 47 56.36 57.77 39.30
N ILE J 48 55.26 57.42 38.63
CA ILE J 48 55.11 56.08 38.09
C ILE J 48 54.93 56.11 36.58
N PHE J 49 55.75 55.33 35.88
CA PHE J 49 55.64 55.20 34.43
C PHE J 49 54.77 54.00 34.05
N LEU J 50 53.77 54.22 33.21
CA LEU J 50 52.96 53.14 32.69
C LEU J 50 53.56 52.64 31.38
N VAL J 51 54.10 51.42 31.41
CA VAL J 51 54.85 50.91 30.27
C VAL J 51 54.38 49.53 29.81
N ASN J 52 54.48 49.30 28.51
CA ASN J 52 54.19 47.99 27.95
C ASN J 52 55.32 47.52 27.03
N ASN J 53 55.19 46.32 26.50
CA ASN J 53 56.16 45.80 25.54
C ASN J 53 55.44 44.95 24.50
N PRO J 54 54.94 45.61 23.44
CA PRO J 54 54.16 44.95 22.39
C PRO J 54 54.93 43.85 21.66
N GLY J 55 56.26 43.96 21.63
CA GLY J 55 57.09 43.03 20.88
C GLY J 55 57.67 41.88 21.68
N LYS J 56 57.27 41.77 22.95
CA LYS J 56 57.76 40.69 23.80
C LYS J 56 56.85 40.47 25.00
N GLU J 57 56.19 39.32 25.05
CA GLU J 57 55.33 38.96 26.17
C GLU J 57 56.15 38.86 27.45
N ASN J 58 55.70 39.57 28.50
CA ASN J 58 56.46 39.72 29.73
C ASN J 58 57.85 40.26 29.44
N GLY J 59 57.94 41.11 28.43
CA GLY J 59 59.22 41.65 27.99
C GLY J 59 59.81 42.65 28.97
N PRO J 60 61.07 43.04 28.74
CA PRO J 60 61.77 43.98 29.61
C PRO J 60 61.09 45.35 29.67
N VAL J 61 61.26 46.04 30.80
CA VAL J 61 60.78 47.41 30.92
C VAL J 61 61.77 48.35 30.26
N LYS J 62 61.25 49.26 29.43
CA LYS J 62 62.06 50.30 28.81
C LYS J 62 61.34 51.64 28.90
N ILE J 63 62.01 52.65 29.46
CA ILE J 63 61.41 53.96 29.64
C ILE J 63 61.87 54.92 28.53
N SER J 64 60.92 55.45 27.78
CA SER J 64 61.23 56.31 26.64
C SER J 64 61.37 57.78 27.04
N SER J 65 60.55 58.21 27.99
CA SER J 65 60.44 59.62 28.36
C SER J 65 61.77 60.23 28.81
N LYS J 66 61.98 61.48 28.41
CA LYS J 66 63.07 62.28 28.91
C LYS J 66 62.68 62.89 30.25
N VAL J 67 63.51 62.73 31.26
CA VAL J 67 63.23 63.34 32.56
C VAL J 67 64.30 64.36 32.90
N ASN J 68 63.88 65.48 33.50
CA ASN J 68 64.76 66.61 33.74
C ASN J 68 65.50 66.52 35.08
N ASP J 69 66.02 65.35 35.38
CA ASP J 69 66.80 65.14 36.59
C ASP J 69 67.88 64.08 36.36
N LYS J 70 69.12 64.41 36.69
CA LYS J 70 70.25 63.54 36.41
C LYS J 70 70.20 62.24 37.21
N GLN J 71 69.86 62.34 38.49
CA GLN J 71 69.78 61.16 39.36
C GLN J 71 68.74 60.18 38.85
N VAL J 72 67.53 60.69 38.57
CA VAL J 72 66.44 59.86 38.11
C VAL J 72 66.72 59.29 36.71
N SER J 73 67.37 60.08 35.87
CA SER J 73 67.74 59.65 34.52
C SER J 73 68.63 58.42 34.55
N GLU J 74 69.60 58.43 35.46
CA GLU J 74 70.51 57.30 35.60
C GLU J 74 69.75 56.06 36.07
N PHE J 75 68.81 56.26 36.98
CA PHE J 75 67.98 55.17 37.50
C PHE J 75 67.16 54.53 36.37
N LEU J 76 66.71 55.36 35.43
CA LEU J 76 65.80 54.91 34.38
C LEU J 76 66.50 54.41 33.12
N LYS J 77 67.83 54.29 33.15
CA LYS J 77 68.55 53.84 31.96
C LYS J 77 68.20 52.37 31.67
N ASP J 78 68.41 51.98 30.41
CA ASP J 78 67.92 50.69 29.90
C ASP J 78 68.50 49.48 30.64
N GLU J 79 69.79 49.53 30.93
CA GLU J 79 70.45 48.46 31.67
C GLU J 79 69.78 48.23 33.04
N ASN J 80 69.26 49.30 33.63
CA ASN J 80 68.61 49.22 34.93
C ASN J 80 67.18 48.67 34.86
N MET J 81 66.40 49.18 33.91
CA MET J 81 65.00 48.86 33.82
C MET J 81 64.73 47.47 33.22
N GLU J 82 65.70 46.94 32.49
CA GLU J 82 65.51 45.66 31.81
C GLU J 82 65.51 44.50 32.79
N LYS J 83 65.89 44.77 34.04
CA LYS J 83 65.82 43.77 35.10
C LYS J 83 64.38 43.60 35.57
N PHE J 84 63.49 44.44 35.03
CA PHE J 84 62.08 44.40 35.35
C PHE J 84 61.27 44.07 34.10
N ASN J 85 60.13 43.41 34.29
CA ASN J 85 59.29 43.04 33.15
C ASN J 85 57.90 43.68 33.23
N VAL J 86 57.21 43.71 32.10
CA VAL J 86 55.97 44.48 31.95
C VAL J 86 54.69 43.68 32.14
N LYS J 87 54.80 42.49 32.72
CA LYS J 87 53.63 41.65 33.00
C LYS J 87 52.56 42.49 33.71
N LEU J 88 51.32 42.41 33.20
CA LEU J 88 50.23 43.28 33.66
C LEU J 88 50.07 43.26 35.18
N GLY J 89 50.14 44.44 35.79
CA GLY J 89 49.95 44.56 37.22
C GLY J 89 51.26 44.54 38.02
N THR J 90 52.31 43.98 37.43
CA THR J 90 53.62 43.95 38.08
C THR J 90 54.16 45.36 38.25
N SER J 91 54.71 45.65 39.44
CA SER J 91 55.25 46.97 39.70
C SER J 91 56.49 46.93 40.57
N LYS J 92 57.32 47.95 40.41
CA LYS J 92 58.47 48.19 41.27
C LYS J 92 58.56 49.69 41.50
N HIS J 93 59.06 50.11 42.66
CA HIS J 93 59.36 51.52 42.86
C HIS J 93 60.46 51.68 43.91
N PHE J 94 61.29 52.70 43.71
CA PHE J 94 62.48 52.92 44.53
C PHE J 94 62.53 54.34 45.07
N TYR J 95 63.02 54.49 46.29
CA TYR J 95 63.24 55.81 46.87
C TYR J 95 64.69 56.25 46.64
N MET J 96 64.87 57.51 46.27
CA MET J 96 66.19 58.03 45.94
C MET J 96 66.22 59.55 46.11
N PHE J 97 67.42 60.11 46.18
CA PHE J 97 67.59 61.56 46.21
C PHE J 97 67.74 62.10 44.79
N ASN J 98 67.07 63.21 44.50
CA ASN J 98 67.19 63.83 43.20
C ASN J 98 68.38 64.78 43.14
N ASP J 99 68.47 65.56 42.07
CA ASP J 99 69.59 66.48 41.88
C ASP J 99 69.65 67.56 42.96
N ASN J 100 68.50 67.88 43.54
CA ASN J 100 68.44 68.89 44.59
C ASN J 100 68.46 68.26 45.98
N LYS J 101 68.91 67.02 46.05
CA LYS J 101 68.98 66.25 47.30
C LYS J 101 67.61 66.16 47.98
N ASN J 102 66.55 66.16 47.17
CA ASN J 102 65.20 65.94 47.67
C ASN J 102 64.81 64.48 47.54
N SER J 103 64.08 63.97 48.52
CA SER J 103 63.63 62.58 48.50
C SER J 103 62.48 62.38 47.52
N VAL J 104 62.72 61.59 46.48
CA VAL J 104 61.67 61.24 45.52
C VAL J 104 61.53 59.73 45.41
N ALA J 105 60.43 59.30 44.83
CA ALA J 105 60.21 57.88 44.56
C ALA J 105 59.84 57.69 43.10
N VAL J 106 60.48 56.72 42.47
CA VAL J 106 60.31 56.48 41.04
C VAL J 106 60.03 55.00 40.78
N GLY J 107 59.08 54.72 39.90
CA GLY J 107 58.76 53.34 39.58
C GLY J 107 57.98 53.17 38.30
N TYR J 108 57.33 52.02 38.16
CA TYR J 108 56.55 51.71 36.97
C TYR J 108 55.44 50.72 37.30
N VAL J 109 54.48 50.61 36.38
CA VAL J 109 53.49 49.55 36.42
C VAL J 109 53.44 48.87 35.05
N GLY J 110 53.57 47.56 35.03
CA GLY J 110 53.51 46.80 33.78
C GLY J 110 52.12 46.80 33.18
N CYS J 111 52.03 47.09 31.89
CA CYS J 111 50.74 47.14 31.20
C CYS J 111 50.62 46.08 30.10
N GLY J 112 51.43 45.04 30.20
CA GLY J 112 51.33 43.91 29.30
C GLY J 112 51.96 44.10 27.94
N SER J 113 51.46 43.36 26.95
CA SER J 113 52.01 43.37 25.60
C SER J 113 50.95 43.68 24.55
N VAL J 114 49.73 43.92 24.97
CA VAL J 114 48.68 44.31 24.04
C VAL J 114 48.53 45.83 24.01
N ALA J 115 48.49 46.39 22.80
CA ALA J 115 48.47 47.84 22.63
C ALA J 115 47.25 48.50 23.26
N ASP J 116 46.11 47.84 23.16
CA ASP J 116 44.87 48.40 23.70
C ASP J 116 44.43 47.70 24.98
N LEU J 117 44.44 48.45 26.07
CA LEU J 117 43.98 47.94 27.35
C LEU J 117 42.46 47.91 27.41
N SER J 118 41.90 46.83 27.92
CA SER J 118 40.48 46.77 28.20
C SER J 118 40.21 47.45 29.53
N GLU J 119 38.94 47.61 29.86
CA GLU J 119 38.54 48.15 31.15
C GLU J 119 39.10 47.28 32.28
N ALA J 120 39.14 45.97 32.04
CA ALA J 120 39.62 45.03 33.04
C ALA J 120 41.13 45.15 33.23
N ASP J 121 41.84 45.35 32.12
CA ASP J 121 43.28 45.52 32.18
C ASP J 121 43.64 46.80 32.92
N MET J 122 42.95 47.88 32.59
CA MET J 122 43.18 49.17 33.19
C MET J 122 42.94 49.11 34.70
N LYS J 123 41.93 48.34 35.10
CA LYS J 123 41.60 48.17 36.50
C LYS J 123 42.76 47.52 37.25
N ARG J 124 43.39 46.54 36.61
CA ARG J 124 44.54 45.86 37.20
C ARG J 124 45.73 46.80 37.35
N VAL J 125 45.94 47.66 36.35
CA VAL J 125 46.99 48.66 36.42
C VAL J 125 46.73 49.59 37.60
N VAL J 126 45.49 50.08 37.69
CA VAL J 126 45.11 51.01 38.74
C VAL J 126 45.26 50.41 40.14
N LEU J 127 44.85 49.15 40.29
CA LEU J 127 44.96 48.47 41.58
C LEU J 127 46.42 48.37 42.01
N SER J 128 47.29 48.11 41.05
CA SER J 128 48.73 48.05 41.32
C SER J 128 49.24 49.42 41.77
N LEU J 129 48.72 50.48 41.15
CA LEU J 129 49.08 51.83 41.51
C LEU J 129 48.56 52.20 42.91
N VAL J 130 47.33 51.77 43.20
CA VAL J 130 46.69 52.07 44.48
C VAL J 130 47.42 51.38 45.64
N THR J 131 47.95 50.19 45.38
CA THR J 131 48.74 49.46 46.37
C THR J 131 49.94 50.28 46.83
N MET J 132 50.60 50.95 45.89
CA MET J 132 51.73 51.80 46.22
C MET J 132 51.26 53.04 46.99
N LEU J 133 50.09 53.55 46.62
CA LEU J 133 49.55 54.74 47.27
C LEU J 133 49.17 54.49 48.73
N HIS J 134 48.76 53.27 49.04
CA HIS J 134 48.37 52.93 50.40
C HIS J 134 49.57 52.73 51.30
N ASP J 135 50.77 52.77 50.71
CA ASP J 135 52.01 52.74 51.47
C ASP J 135 52.83 54.00 51.20
N ASN J 136 52.16 55.04 50.73
CA ASN J 136 52.82 56.28 50.36
C ASN J 136 52.45 57.44 51.29
N LYS J 137 53.46 58.20 51.70
CA LYS J 137 53.23 59.40 52.51
C LYS J 137 53.62 60.65 51.74
N LEU J 138 54.13 60.47 50.52
CA LEU J 138 54.47 61.59 49.65
C LEU J 138 53.20 62.33 49.23
N SER J 139 53.32 63.63 49.03
CA SER J 139 52.16 64.49 48.79
C SER J 139 51.74 64.55 47.33
N LYS J 140 52.57 64.01 46.44
CA LYS J 140 52.26 64.05 45.02
C LYS J 140 52.48 62.70 44.34
N LEU J 141 51.54 62.34 43.48
CA LEU J 141 51.71 61.22 42.56
C LEU J 141 51.76 61.75 41.12
N THR J 142 52.74 61.28 40.36
CA THR J 142 52.79 61.61 38.95
C THR J 142 52.73 60.34 38.12
N VAL J 143 51.79 60.30 37.17
CA VAL J 143 51.63 59.14 36.32
C VAL J 143 51.98 59.49 34.88
N VAL J 144 52.96 58.78 34.33
CA VAL J 144 53.41 59.02 32.96
C VAL J 144 52.93 57.92 32.02
N PHE J 145 52.04 58.29 31.10
CA PHE J 145 51.47 57.34 30.15
C PHE J 145 52.39 57.08 28.97
N GLU J 146 53.17 56.02 29.02
CA GLU J 146 53.93 55.59 27.86
C GLU J 146 53.16 54.48 27.16
N ILE J 147 51.83 54.62 27.21
CA ILE J 147 50.90 53.72 26.55
C ILE J 147 49.79 54.56 25.92
N ASN J 148 48.91 53.91 25.17
CA ASN J 148 47.85 54.65 24.48
C ASN J 148 46.46 54.37 25.05
N VAL J 149 45.80 55.43 25.52
CA VAL J 149 44.42 55.34 25.96
C VAL J 149 43.61 56.46 25.32
N ASP J 150 42.36 56.16 24.97
CA ASP J 150 41.48 57.19 24.43
C ASP J 150 40.94 58.02 25.58
N LYS J 151 40.16 59.04 25.25
CA LYS J 151 39.63 59.97 26.26
C LYS J 151 38.74 59.27 27.28
N ASN J 152 37.90 58.35 26.82
CA ASN J 152 37.01 57.62 27.72
C ASN J 152 37.80 56.75 28.71
N LEU J 153 38.82 56.06 28.19
CA LEU J 153 39.61 55.16 29.03
C LEU J 153 40.46 55.93 30.02
N PHE J 154 40.92 57.11 29.62
CA PHE J 154 41.68 57.97 30.53
C PHE J 154 40.83 58.45 31.69
N ARG J 155 39.59 58.84 31.39
CA ARG J 155 38.66 59.22 32.43
C ARG J 155 38.36 58.03 33.33
N PHE J 156 38.23 56.85 32.73
CA PHE J 156 38.03 55.62 33.47
C PHE J 156 39.21 55.35 34.40
N PHE J 157 40.43 55.65 33.93
CA PHE J 157 41.62 55.52 34.75
C PHE J 157 41.50 56.40 35.99
N LEU J 158 41.17 57.67 35.79
CA LEU J 158 41.02 58.62 36.88
C LEU J 158 39.92 58.21 37.85
N GLU J 159 38.77 57.84 37.31
CA GLU J 159 37.62 57.42 38.12
C GLU J 159 37.98 56.24 39.00
N THR J 160 38.53 55.21 38.38
CA THR J 160 38.92 53.98 39.07
C THR J 160 40.00 54.27 40.10
N LEU J 161 40.97 55.10 39.71
CA LEU J 161 42.03 55.51 40.64
C LEU J 161 41.42 56.15 41.88
N PHE J 162 40.60 57.18 41.67
CA PHE J 162 39.92 57.87 42.77
C PHE J 162 39.09 56.91 43.63
N TYR J 163 38.32 56.06 42.98
CA TYR J 163 37.41 55.16 43.67
C TYR J 163 38.15 54.15 44.55
N GLU J 164 39.13 53.46 43.97
CA GLU J 164 39.86 52.43 44.70
C GLU J 164 40.77 53.02 45.78
N TYR J 165 41.30 54.21 45.51
CA TYR J 165 42.17 54.92 46.44
C TYR J 165 41.43 55.22 47.74
N MET J 166 40.18 55.64 47.61
CA MET J 166 39.36 56.03 48.76
C MET J 166 38.98 54.85 49.63
N THR J 167 39.16 55.00 50.94
CA THR J 167 38.82 53.96 51.89
C THR J 167 37.64 54.38 52.76
N ASP J 168 36.62 53.53 52.82
CA ASP J 168 35.42 53.78 53.61
C ASP J 168 35.64 53.37 55.06
N GLU J 169 35.73 54.34 55.96
CA GLU J 169 36.00 54.06 57.36
C GLU J 169 34.88 54.52 58.28
N ARG J 170 33.69 54.72 57.71
CA ARG J 170 32.53 55.20 58.46
C ARG J 170 32.18 54.32 59.66
N PHE J 171 32.38 53.01 59.53
CA PHE J 171 32.00 52.08 60.59
C PHE J 171 33.22 51.58 61.36
N LYS J 172 34.37 52.21 61.12
CA LYS J 172 35.58 51.92 61.89
C LYS J 172 35.56 52.72 63.18
N SER J 173 36.17 52.16 64.22
CA SER J 173 36.26 52.85 65.51
C SER J 173 37.71 53.20 65.85
N ASN J 179 50.55 54.51 57.83
CA ASN J 179 51.09 53.85 56.65
C ASN J 179 50.96 54.73 55.41
N MET J 180 50.03 55.68 55.44
CA MET J 180 49.78 56.54 54.29
C MET J 180 49.28 57.92 54.67
N GLU J 181 49.32 58.82 53.69
CA GLU J 181 48.61 60.09 53.73
C GLU J 181 48.12 60.37 52.33
N TYR J 182 46.89 60.85 52.19
CA TYR J 182 46.34 61.13 50.87
C TYR J 182 47.15 62.21 50.17
N ILE J 183 47.48 61.95 48.90
CA ILE J 183 48.20 62.91 48.09
C ILE J 183 47.39 64.19 47.93
N LYS J 184 48.08 65.31 47.82
CA LYS J 184 47.43 66.60 47.62
C LYS J 184 47.47 67.00 46.15
N HIS J 185 48.30 66.29 45.38
CA HIS J 185 48.50 66.63 43.97
C HIS J 185 48.64 65.39 43.09
N LEU J 186 48.05 65.45 41.90
CA LEU J 186 48.19 64.40 40.91
C LEU J 186 48.68 65.00 39.59
N GLY J 187 49.84 64.56 39.15
CA GLY J 187 50.37 64.98 37.86
C GLY J 187 50.23 63.87 36.83
N VAL J 188 49.82 64.24 35.62
CA VAL J 188 49.70 63.27 34.54
C VAL J 188 50.40 63.74 33.28
N TYR J 189 51.29 62.91 32.76
CA TYR J 189 51.93 63.17 31.47
C TYR J 189 51.34 62.24 30.41
N ILE J 190 50.81 62.84 29.35
CA ILE J 190 50.13 62.06 28.32
C ILE J 190 50.16 62.83 27.00
N ASN J 191 50.18 62.10 25.88
CA ASN J 191 50.17 62.74 24.57
C ASN J 191 48.81 63.39 24.31
N ASN J 192 48.83 64.53 23.64
CA ASN J 192 47.63 65.33 23.39
C ASN J 192 46.91 65.70 24.68
N ALA J 193 47.68 66.16 25.66
CA ALA J 193 47.16 66.49 26.99
C ALA J 193 45.97 67.44 26.98
N ASP J 194 45.99 68.41 26.07
CA ASP J 194 44.96 69.44 26.01
C ASP J 194 43.56 68.85 25.82
N THR J 195 43.47 67.76 25.08
CA THR J 195 42.19 67.11 24.81
C THR J 195 41.67 66.33 26.01
N TYR J 196 42.58 65.87 26.87
CA TYR J 196 42.22 65.03 28.01
C TYR J 196 41.80 65.84 29.23
N LYS J 197 42.16 67.12 29.24
CA LYS J 197 41.95 67.99 30.40
C LYS J 197 40.49 68.10 30.82
N GLU J 198 39.58 68.04 29.86
CA GLU J 198 38.15 68.16 30.17
C GLU J 198 37.61 66.91 30.85
N GLU J 199 38.39 65.82 30.80
CA GLU J 199 37.95 64.57 31.40
C GLU J 199 38.17 64.55 32.91
N VAL J 200 39.03 65.45 33.40
CA VAL J 200 39.44 65.43 34.81
C VAL J 200 38.30 65.68 35.79
N GLU J 201 37.61 66.80 35.64
CA GLU J 201 36.53 67.13 36.57
C GLU J 201 35.29 66.27 36.34
N LYS J 202 35.14 65.76 35.12
CA LYS J 202 34.09 64.81 34.84
C LYS J 202 34.37 63.52 35.60
N ALA J 203 35.64 63.13 35.61
CA ALA J 203 36.08 61.94 36.35
C ALA J 203 35.82 62.09 37.84
N ARG J 204 36.03 63.29 38.37
CA ARG J 204 35.84 63.53 39.79
C ARG J 204 34.36 63.46 40.14
N VAL J 205 33.51 63.93 39.23
CA VAL J 205 32.06 63.83 39.41
C VAL J 205 31.61 62.38 39.33
N TYR J 206 32.07 61.67 38.31
CA TYR J 206 31.74 60.26 38.15
C TYR J 206 32.26 59.44 39.32
N TYR J 207 33.39 59.85 39.87
CA TYR J 207 33.95 59.20 41.04
C TYR J 207 32.99 59.25 42.20
N PHE J 208 32.57 60.45 42.60
CA PHE J 208 31.76 60.56 43.81
C PHE J 208 30.39 59.94 43.63
N GLY J 209 29.83 60.04 42.43
CA GLY J 209 28.58 59.39 42.11
C GLY J 209 28.68 57.90 42.38
N THR J 210 29.78 57.30 41.91
CA THR J 210 30.03 55.88 42.12
C THR J 210 30.30 55.57 43.59
N TYR J 211 31.12 56.39 44.23
CA TYR J 211 31.49 56.18 45.62
C TYR J 211 30.31 56.40 46.57
N TYR J 212 29.47 57.39 46.26
CA TYR J 212 28.27 57.64 47.04
C TYR J 212 27.37 56.40 47.02
N ALA J 213 27.15 55.85 45.83
CA ALA J 213 26.36 54.64 45.68
C ALA J 213 26.99 53.50 46.49
N SER J 214 28.31 53.43 46.46
CA SER J 214 29.06 52.43 47.22
C SER J 214 28.80 52.56 48.72
N GLN J 215 28.75 53.79 49.21
CA GLN J 215 28.52 54.04 50.63
C GLN J 215 27.16 53.51 51.07
N LEU J 216 26.15 53.68 50.22
CA LEU J 216 24.80 53.23 50.52
C LEU J 216 24.72 51.70 50.50
N ILE J 217 25.37 51.09 49.52
CA ILE J 217 25.36 49.65 49.38
C ILE J 217 26.10 48.98 50.53
N ALA J 218 27.29 49.50 50.85
CA ALA J 218 28.12 48.94 51.91
C ALA J 218 27.47 49.09 53.28
N ALA J 219 26.71 50.18 53.45
CA ALA J 219 26.00 50.43 54.71
C ALA J 219 25.08 49.26 55.02
N PRO J 220 25.28 48.64 56.20
CA PRO J 220 24.47 47.50 56.64
C PRO J 220 23.00 47.83 56.80
N SER J 221 22.16 46.81 56.86
CA SER J 221 20.71 46.98 56.84
C SER J 221 20.15 47.57 58.13
N ASN J 222 20.92 47.53 59.21
CA ASN J 222 20.49 48.19 60.43
C ASN J 222 20.74 49.69 60.34
N TYR J 223 21.70 50.08 59.49
CA TYR J 223 21.94 51.49 59.19
C TYR J 223 21.10 51.93 57.99
N CYS J 224 21.15 51.15 56.92
CA CYS J 224 20.45 51.48 55.68
C CYS J 224 19.14 50.69 55.56
N ASN J 225 18.06 51.30 56.04
CA ASN J 225 16.73 50.70 55.97
C ASN J 225 15.83 51.59 55.08
N PRO J 226 14.60 51.13 54.77
CA PRO J 226 13.73 51.94 53.89
C PRO J 226 13.55 53.39 54.31
N VAL J 227 13.42 53.63 55.61
CA VAL J 227 13.23 54.98 56.12
C VAL J 227 14.51 55.82 56.00
N SER J 228 15.64 55.26 56.45
CA SER J 228 16.90 56.00 56.45
C SER J 228 17.43 56.23 55.04
N LEU J 229 17.16 55.29 54.13
CA LEU J 229 17.61 55.43 52.74
C LEU J 229 16.82 56.51 52.01
N SER J 230 15.52 56.61 52.31
CA SER J 230 14.69 57.63 51.70
C SER J 230 15.05 59.01 52.27
N ASN J 231 15.41 59.05 53.54
CA ASN J 231 15.87 60.27 54.17
C ASN J 231 17.16 60.76 53.49
N ALA J 232 18.06 59.83 53.22
CA ALA J 232 19.33 60.16 52.58
C ALA J 232 19.11 60.71 51.18
N ALA J 233 18.14 60.14 50.47
CA ALA J 233 17.81 60.58 49.12
C ALA J 233 17.27 62.01 49.15
N VAL J 234 16.49 62.32 50.18
CA VAL J 234 15.94 63.65 50.36
C VAL J 234 17.06 64.67 50.60
N GLU J 235 18.00 64.31 51.47
CA GLU J 235 19.15 65.14 51.74
C GLU J 235 19.97 65.37 50.47
N LEU J 236 20.09 64.34 49.66
CA LEU J 236 20.81 64.44 48.38
C LEU J 236 20.12 65.43 47.44
N ALA J 237 18.80 65.29 47.31
CA ALA J 237 18.01 66.14 46.43
C ALA J 237 18.06 67.60 46.88
N GLN J 238 18.06 67.80 48.19
CA GLN J 238 18.11 69.14 48.77
C GLN J 238 19.44 69.81 48.47
N LYS J 239 20.51 69.03 48.54
CA LYS J 239 21.84 69.55 48.26
C LYS J 239 22.05 69.89 46.79
N LEU J 240 21.36 69.17 45.92
CA LEU J 240 21.51 69.36 44.48
C LEU J 240 20.39 70.23 43.92
N ASN J 241 19.48 70.66 44.79
CA ASN J 241 18.29 71.42 44.39
C ASN J 241 17.40 70.67 43.41
N LEU J 242 17.28 69.36 43.61
CA LEU J 242 16.35 68.55 42.84
C LEU J 242 14.98 68.55 43.51
N GLU J 243 13.91 68.48 42.72
CA GLU J 243 12.58 68.27 43.28
C GLU J 243 12.52 66.85 43.83
N TYR J 244 11.80 66.68 44.93
CA TYR J 244 11.70 65.36 45.54
C TYR J 244 10.34 65.11 46.16
N LYS J 245 9.96 63.84 46.18
CA LYS J 245 8.71 63.41 46.79
C LYS J 245 8.87 62.00 47.33
N ILE J 246 8.60 61.82 48.62
CA ILE J 246 8.65 60.50 49.22
C ILE J 246 7.23 60.02 49.50
N LEU J 247 6.81 58.97 48.80
CA LEU J 247 5.48 58.42 48.98
C LEU J 247 5.47 57.43 50.15
N GLY J 248 4.56 57.65 51.08
CA GLY J 248 4.41 56.76 52.23
C GLY J 248 3.30 55.75 52.03
N VAL J 249 3.12 54.88 53.02
CA VAL J 249 2.21 53.73 52.92
C VAL J 249 0.78 54.11 52.51
N LYS J 250 0.25 55.18 53.08
CA LYS J 250 -1.11 55.62 52.78
C LYS J 250 -1.28 55.99 51.31
N GLU J 251 -0.33 56.77 50.78
CA GLU J 251 -0.33 57.14 49.37
C GLU J 251 -0.19 55.91 48.48
N LEU J 252 0.64 54.97 48.91
CA LEU J 252 0.89 53.76 48.15
C LEU J 252 -0.37 52.90 48.09
N GLU J 253 -1.08 52.83 49.21
CA GLU J 253 -2.37 52.16 49.26
C GLU J 253 -3.36 52.84 48.32
N GLU J 254 -3.36 54.17 48.31
CA GLU J 254 -4.21 54.94 47.42
C GLU J 254 -3.90 54.64 45.95
N LEU J 255 -2.62 54.44 45.65
CA LEU J 255 -2.19 54.15 44.28
C LEU J 255 -2.28 52.67 43.95
N LYS J 256 -2.80 51.88 44.90
CA LYS J 256 -3.07 50.46 44.72
C LYS J 256 -1.82 49.62 44.42
N MET J 257 -0.68 50.01 44.99
CA MET J 257 0.57 49.27 44.74
C MET J 257 0.66 48.00 45.60
N GLY J 258 -0.22 47.04 45.33
CA GLY J 258 -0.31 45.84 46.15
C GLY J 258 0.89 44.91 46.08
N ALA J 259 1.55 44.85 44.93
CA ALA J 259 2.70 43.99 44.76
C ALA J 259 3.89 44.51 45.57
N TYR J 260 4.10 45.82 45.53
CA TYR J 260 5.18 46.46 46.26
C TYR J 260 4.91 46.45 47.77
N LEU J 261 3.67 46.76 48.15
CA LEU J 261 3.29 46.78 49.55
C LEU J 261 3.34 45.39 50.20
N SER J 262 3.05 44.35 49.43
CA SER J 262 3.06 42.99 49.95
C SER J 262 4.47 42.58 50.41
N VAL J 263 5.49 42.97 49.65
CA VAL J 263 6.87 42.60 49.96
C VAL J 263 7.31 43.16 51.31
N GLY J 264 6.89 44.39 51.60
CA GLY J 264 7.31 45.07 52.81
C GLY J 264 6.46 44.77 54.05
N LYS J 265 5.39 44.00 53.86
CA LYS J 265 4.46 43.72 54.96
C LYS J 265 5.13 43.15 56.21
N GLY J 266 6.16 42.33 56.01
CA GLY J 266 6.83 41.67 57.12
C GLY J 266 7.92 42.49 57.80
N SER J 267 8.09 43.73 57.36
CA SER J 267 9.17 44.57 57.87
C SER J 267 8.68 45.52 58.97
N MET J 268 9.58 45.82 59.91
CA MET J 268 9.31 46.82 60.95
C MET J 268 9.41 48.22 60.37
N TYR J 269 10.03 48.33 59.19
CA TYR J 269 10.20 49.60 58.52
C TYR J 269 9.13 49.82 57.46
N PRO J 270 8.40 50.94 57.54
CA PRO J 270 7.38 51.30 56.55
C PRO J 270 7.98 51.47 55.15
N ASN J 271 7.24 51.05 54.13
CA ASN J 271 7.67 51.23 52.74
C ASN J 271 7.82 52.71 52.39
N LYS J 272 8.85 53.03 51.61
CA LYS J 272 9.11 54.39 51.17
C LYS J 272 9.42 54.41 49.68
N PHE J 273 8.62 55.15 48.92
CA PHE J 273 8.83 55.26 47.48
C PHE J 273 9.54 56.57 47.15
N ILE J 274 10.74 56.45 46.61
CA ILE J 274 11.57 57.62 46.30
C ILE J 274 11.32 58.12 44.88
N HIS J 275 11.00 59.40 44.77
CA HIS J 275 10.79 60.04 43.47
C HIS J 275 11.54 61.37 43.44
N LEU J 276 12.73 61.35 42.84
CA LEU J 276 13.48 62.57 42.61
C LEU J 276 13.33 62.99 41.16
N THR J 277 13.42 64.29 40.89
CA THR J 277 13.29 64.78 39.53
C THR J 277 14.31 65.87 39.21
N TYR J 278 15.03 65.68 38.12
CA TYR J 278 15.84 66.75 37.54
C TYR J 278 15.15 67.27 36.29
N LYS J 279 15.02 68.58 36.17
CA LYS J 279 14.50 69.16 34.94
C LYS J 279 15.45 70.23 34.42
N SER J 280 15.76 70.16 33.13
CA SER J 280 16.62 71.15 32.49
C SER J 280 15.92 72.50 32.45
N LYS J 281 16.72 73.57 32.42
CA LYS J 281 16.18 74.93 32.39
C LYS J 281 15.50 75.22 31.05
N GLY J 282 16.10 74.72 29.97
CA GLY J 282 15.57 74.96 28.63
C GLY J 282 14.39 74.08 28.31
N ASP J 283 14.01 74.05 27.04
CA ASP J 283 12.90 73.21 26.58
C ASP J 283 13.23 71.73 26.74
N VAL J 284 12.29 70.97 27.28
CA VAL J 284 12.49 69.53 27.48
C VAL J 284 12.16 68.75 26.23
N LYS J 285 13.16 68.07 25.67
CA LYS J 285 12.99 67.33 24.42
C LYS J 285 13.07 65.82 24.64
N LYS J 286 13.40 65.41 25.87
CA LYS J 286 13.51 64.00 26.19
C LYS J 286 13.19 63.75 27.66
N LYS J 287 12.26 62.82 27.92
CA LYS J 287 11.88 62.48 29.27
C LYS J 287 12.29 61.05 29.61
N ILE J 288 13.03 60.89 30.71
CA ILE J 288 13.53 59.58 31.11
C ILE J 288 13.13 59.23 32.55
N ALA J 289 12.79 57.96 32.77
CA ALA J 289 12.58 57.45 34.12
C ALA J 289 13.59 56.34 34.43
N LEU J 290 14.42 56.56 35.44
CA LEU J 290 15.37 55.55 35.89
C LEU J 290 14.83 54.87 37.15
N VAL J 291 14.69 53.56 37.11
CA VAL J 291 14.07 52.80 38.19
C VAL J 291 15.05 51.82 38.84
N GLY J 292 15.32 52.01 40.13
CA GLY J 292 16.28 51.16 40.81
C GLY J 292 15.64 50.29 41.87
N LYS J 293 15.96 48.99 41.84
CA LYS J 293 15.49 48.07 42.87
C LYS J 293 16.09 48.43 44.22
N GLY J 294 15.23 48.67 45.20
CA GLY J 294 15.69 49.12 46.50
C GLY J 294 15.25 48.25 47.65
N ILE J 295 15.75 47.01 47.69
CA ILE J 295 15.51 46.13 48.82
C ILE J 295 16.66 46.27 49.81
N THR J 296 16.40 46.91 50.95
CA THR J 296 17.47 47.25 51.88
C THR J 296 18.04 46.01 52.57
N PHE J 297 17.21 44.97 52.70
CA PHE J 297 17.70 43.64 53.06
C PHE J 297 16.78 42.56 52.52
N ASP J 298 17.37 41.59 51.83
CA ASP J 298 16.60 40.49 51.27
C ASP J 298 16.89 39.19 52.01
N SER J 299 16.08 38.89 53.01
CA SER J 299 16.21 37.63 53.73
C SER J 299 15.67 36.48 52.89
N GLY J 300 14.79 36.82 51.96
CA GLY J 300 14.11 35.84 51.13
C GLY J 300 12.66 35.68 51.54
N GLY J 301 12.32 36.19 52.72
CA GLY J 301 11.00 36.01 53.27
C GLY J 301 10.83 34.56 53.69
N TYR J 302 9.61 34.06 53.64
CA TYR J 302 9.35 32.68 54.07
C TYR J 302 10.08 31.67 53.18
N ASN J 303 10.37 32.06 51.94
CA ASN J 303 11.32 31.33 51.12
C ASN J 303 12.74 31.76 51.51
N LEU J 304 13.08 31.52 52.77
CA LEU J 304 14.32 31.99 53.37
C LEU J 304 15.56 31.57 52.60
N LYS J 305 16.53 32.46 52.50
CA LYS J 305 17.81 32.13 51.87
C LYS J 305 18.63 31.26 52.81
N ALA J 306 18.30 29.97 52.84
CA ALA J 306 18.95 29.04 53.76
C ALA J 306 19.73 27.97 53.02
N ALA J 307 19.61 27.95 51.70
CA ALA J 307 20.33 26.98 50.87
C ALA J 307 21.82 27.30 50.86
N PRO J 308 22.66 26.26 50.68
CA PRO J 308 24.11 26.49 50.56
C PRO J 308 24.44 27.44 49.41
N GLY J 309 25.29 28.42 49.68
CA GLY J 309 25.69 29.38 48.66
C GLY J 309 24.67 30.46 48.37
N SER J 310 23.62 30.54 49.19
CA SER J 310 22.59 31.57 49.00
C SER J 310 23.04 32.91 49.54
N MET J 311 24.15 32.90 50.30
CA MET J 311 24.82 34.12 50.79
C MET J 311 23.87 35.19 51.33
N ILE J 312 23.20 34.88 52.43
CA ILE J 312 22.22 35.80 53.00
C ILE J 312 22.91 37.02 53.62
N ASP J 313 24.17 36.87 54.03
CA ASP J 313 24.90 37.99 54.64
C ASP J 313 25.36 39.02 53.61
N LEU J 314 25.13 38.73 52.34
CA LEU J 314 25.45 39.65 51.25
C LEU J 314 24.29 40.60 50.96
N MET J 315 23.10 40.25 51.43
CA MET J 315 21.86 40.83 50.91
C MET J 315 21.53 42.25 51.36
N LYS J 316 22.47 42.91 52.04
CA LYS J 316 22.36 44.35 52.25
C LYS J 316 22.55 45.08 50.91
N PHE J 317 23.06 44.36 49.92
CA PHE J 317 23.41 44.92 48.62
C PHE J 317 22.23 44.87 47.64
N ASP J 318 21.07 44.40 48.12
CA ASP J 318 19.91 44.23 47.25
C ASP J 318 19.25 45.56 46.90
N MET J 319 19.84 46.66 47.38
CA MET J 319 19.38 47.99 47.02
C MET J 319 20.39 48.69 46.12
N SER J 320 21.31 47.90 45.55
CA SER J 320 22.34 48.41 44.66
C SER J 320 21.77 49.15 43.46
N GLY J 321 20.63 48.68 42.96
CA GLY J 321 19.96 49.33 41.85
C GLY J 321 19.52 50.72 42.24
N CYS J 322 18.91 50.84 43.42
CA CYS J 322 18.50 52.13 43.94
C CYS J 322 19.70 53.04 44.14
N ALA J 323 20.79 52.48 44.65
CA ALA J 323 22.01 53.25 44.91
C ALA J 323 22.61 53.78 43.61
N ALA J 324 22.54 52.98 42.56
CA ALA J 324 23.04 53.38 41.24
C ALA J 324 22.24 54.56 40.69
N VAL J 325 20.93 54.53 40.91
CA VAL J 325 20.05 55.60 40.44
C VAL J 325 20.31 56.90 41.19
N LEU J 326 20.52 56.81 42.50
CA LEU J 326 20.81 57.98 43.32
C LEU J 326 22.21 58.53 42.99
N GLY J 327 23.15 57.63 42.71
CA GLY J 327 24.47 58.03 42.30
C GLY J 327 24.41 58.76 40.98
N CYS J 328 23.53 58.29 40.10
CA CYS J 328 23.29 58.95 38.82
C CYS J 328 22.68 60.33 39.05
N ALA J 329 21.79 60.41 40.03
CA ALA J 329 21.14 61.67 40.39
C ALA J 329 22.16 62.71 40.83
N TYR J 330 23.20 62.27 41.52
CA TYR J 330 24.27 63.19 41.91
C TYR J 330 25.00 63.73 40.68
N CYS J 331 25.42 62.81 39.80
CA CYS J 331 26.16 63.20 38.60
C CYS J 331 25.35 64.12 37.70
N VAL J 332 24.07 63.79 37.50
CA VAL J 332 23.19 64.60 36.66
C VAL J 332 22.92 65.97 37.29
N GLY J 333 22.63 65.98 38.58
CA GLY J 333 22.36 67.21 39.30
C GLY J 333 23.58 68.12 39.37
N THR J 334 24.76 67.51 39.21
CA THR J 334 26.01 68.26 39.28
C THR J 334 26.42 68.77 37.90
N LEU J 335 26.28 67.92 36.90
CA LEU J 335 26.69 68.26 35.54
C LEU J 335 25.64 69.07 34.79
N LYS J 336 24.39 68.92 35.23
CA LYS J 336 23.27 69.68 34.67
C LYS J 336 23.15 69.65 33.15
N PRO J 337 22.67 68.52 32.60
CA PRO J 337 22.46 68.41 31.16
C PRO J 337 21.27 69.25 30.68
N GLU J 338 21.28 69.64 29.42
CA GLU J 338 20.21 70.46 28.85
C GLU J 338 19.12 69.63 28.19
N ASN J 339 17.95 70.23 28.05
CA ASN J 339 16.86 69.68 27.25
C ASN J 339 16.35 68.31 27.68
N VAL J 340 16.53 67.97 28.96
CA VAL J 340 16.12 66.65 29.43
C VAL J 340 15.43 66.71 30.79
N GLU J 341 14.45 65.83 30.98
CA GLU J 341 13.79 65.69 32.27
C GLU J 341 13.91 64.24 32.75
N ILE J 342 14.51 64.06 33.93
CA ILE J 342 14.80 62.72 34.43
C ILE J 342 14.16 62.46 35.79
N HIS J 343 13.45 61.35 35.89
CA HIS J 343 12.84 60.93 37.14
C HIS J 343 13.59 59.74 37.75
N PHE J 344 14.04 59.93 38.99
CA PHE J 344 14.83 58.91 39.68
C PHE J 344 13.95 58.19 40.69
N LEU J 345 13.58 56.95 40.37
CA LEU J 345 12.58 56.22 41.14
C LEU J 345 13.11 54.97 41.82
N SER J 346 12.59 54.69 43.01
CA SER J 346 12.85 53.42 43.68
C SER J 346 11.77 53.08 44.70
N ALA J 347 11.16 51.91 44.53
CA ALA J 347 10.22 51.39 45.51
C ALA J 347 10.99 50.66 46.61
N VAL J 348 11.29 51.38 47.69
CA VAL J 348 12.17 50.85 48.73
C VAL J 348 11.40 50.13 49.83
N CYS J 349 11.86 48.94 50.18
CA CYS J 349 11.27 48.17 51.28
C CYS J 349 12.26 47.11 51.77
N GLU J 350 11.80 46.26 52.68
CA GLU J 350 12.63 45.22 53.28
C GLU J 350 11.90 43.87 53.27
N ASN J 351 12.57 42.83 52.78
CA ASN J 351 11.97 41.50 52.68
C ASN J 351 12.30 40.65 53.90
N MET J 352 11.34 40.51 54.81
CA MET J 352 11.60 39.89 56.11
C MET J 352 10.65 38.74 56.45
N VAL J 353 10.99 38.01 57.51
CA VAL J 353 10.15 36.93 58.00
C VAL J 353 9.45 37.39 59.27
N SER J 354 8.13 37.28 59.27
CA SER J 354 7.31 37.83 60.34
C SER J 354 5.93 37.19 60.30
N LYS J 355 5.13 37.45 61.33
CA LYS J 355 3.74 37.03 61.34
C LYS J 355 2.98 37.79 60.26
N ASN J 356 3.49 38.97 59.89
CA ASN J 356 2.83 39.87 58.97
C ASN J 356 3.31 39.73 57.52
N SER J 357 4.27 38.85 57.28
CA SER J 357 4.85 38.70 55.95
C SER J 357 3.84 38.15 54.95
N TYR J 358 4.04 38.45 53.66
CA TYR J 358 3.26 37.80 52.62
C TYR J 358 3.77 36.36 52.48
N ARG J 359 2.91 35.48 52.01
CA ARG J 359 3.19 34.04 51.99
C ARG J 359 3.39 33.52 50.58
N PRO J 360 4.18 32.43 50.43
CA PRO J 360 4.19 31.69 49.17
C PRO J 360 2.77 31.24 48.84
N GLY J 361 2.30 31.53 47.64
CA GLY J 361 0.95 31.18 47.26
C GLY J 361 -0.02 32.35 47.26
N ASP J 362 0.32 33.41 48.01
CA ASP J 362 -0.54 34.59 48.07
C ASP J 362 -0.76 35.20 46.69
N ILE J 363 -2.01 35.55 46.41
CA ILE J 363 -2.32 36.26 45.18
C ILE J 363 -2.54 37.73 45.48
N ILE J 364 -1.71 38.58 44.88
CA ILE J 364 -1.73 40.00 45.15
C ILE J 364 -2.06 40.80 43.89
N THR J 365 -2.47 42.04 44.06
CA THR J 365 -2.91 42.85 42.93
C THR J 365 -2.00 44.06 42.72
N ALA J 366 -1.42 44.16 41.52
CA ALA J 366 -0.57 45.29 41.18
C ALA J 366 -1.42 46.51 40.85
N SER J 367 -0.76 47.67 40.76
CA SER J 367 -1.46 48.94 40.58
C SER J 367 -2.13 49.08 39.22
N ASN J 368 -1.76 48.21 38.26
CA ASN J 368 -2.42 48.23 36.97
C ASN J 368 -3.56 47.22 36.89
N GLY J 369 -3.89 46.63 38.04
CA GLY J 369 -5.02 45.72 38.12
C GLY J 369 -4.72 44.25 37.92
N LYS J 370 -3.49 43.93 37.51
CA LYS J 370 -3.12 42.54 37.27
C LYS J 370 -2.90 41.78 38.58
N THR J 371 -3.52 40.61 38.69
CA THR J 371 -3.32 39.75 39.86
C THR J 371 -2.11 38.85 39.66
N ILE J 372 -1.30 38.73 40.70
CA ILE J 372 -0.06 37.95 40.64
C ILE J 372 -0.07 36.84 41.68
N GLU J 373 0.19 35.61 41.24
CA GLU J 373 0.35 34.50 42.18
C GLU J 373 1.81 34.39 42.60
N VAL J 374 2.07 34.56 43.88
CA VAL J 374 3.43 34.47 44.41
C VAL J 374 3.84 33.01 44.57
N GLY J 375 4.86 32.60 43.82
CA GLY J 375 5.36 31.24 43.90
C GLY J 375 6.59 31.14 44.79
N ASN J 376 7.21 32.29 45.03
CA ASN J 376 8.47 32.35 45.78
C ASN J 376 8.68 33.75 46.34
N THR J 377 8.62 33.89 47.65
CA THR J 377 8.75 35.20 48.29
C THR J 377 10.11 35.84 48.08
N ASP J 378 11.09 35.05 47.62
CA ASP J 378 12.44 35.55 47.39
C ASP J 378 12.58 36.11 45.99
N ALA J 379 11.53 35.95 45.19
CA ALA J 379 11.45 36.64 43.90
C ALA J 379 10.73 37.97 44.08
N GLU J 380 11.10 38.70 45.12
CA GLU J 380 10.38 39.89 45.55
C GLU J 380 10.78 41.15 44.76
N GLY J 381 11.95 41.12 44.14
CA GLY J 381 12.44 42.26 43.39
C GLY J 381 11.51 42.66 42.26
N ARG J 382 11.07 41.68 41.48
CA ARG J 382 10.23 41.94 40.33
C ARG J 382 8.85 42.45 40.74
N LEU J 383 8.42 42.11 41.95
CA LEU J 383 7.13 42.56 42.47
C LEU J 383 7.16 44.06 42.74
N THR J 384 8.22 44.51 43.39
CA THR J 384 8.38 45.94 43.68
C THR J 384 8.58 46.71 42.40
N LEU J 385 9.35 46.13 41.48
CA LEU J 385 9.60 46.74 40.18
C LEU J 385 8.31 46.83 39.36
N ALA J 386 7.42 45.85 39.52
CA ALA J 386 6.16 45.84 38.81
C ALA J 386 5.37 47.12 39.04
N ASP J 387 5.23 47.51 40.30
CA ASP J 387 4.51 48.72 40.64
C ASP J 387 5.31 49.99 40.33
N ALA J 388 6.63 49.91 40.47
CA ALA J 388 7.49 51.05 40.13
C ALA J 388 7.44 51.35 38.63
N LEU J 389 7.32 50.31 37.83
CA LEU J 389 7.23 50.46 36.38
C LEU J 389 5.88 51.04 35.93
N VAL J 390 4.81 50.62 36.60
CA VAL J 390 3.49 51.16 36.31
C VAL J 390 3.45 52.64 36.68
N TYR J 391 4.04 52.97 37.82
CA TYR J 391 4.19 54.35 38.26
C TYR J 391 4.96 55.17 37.22
N ALA J 392 6.04 54.59 36.69
CA ALA J 392 6.93 55.28 35.78
C ALA J 392 6.28 55.56 34.42
N GLU J 393 5.51 54.61 33.90
CA GLU J 393 4.88 54.80 32.61
C GLU J 393 3.78 55.86 32.68
N LYS J 394 3.16 56.00 33.85
CA LYS J 394 2.13 57.02 34.05
C LYS J 394 2.70 58.44 33.96
N LEU J 395 4.01 58.56 34.08
CA LEU J 395 4.68 59.86 34.01
C LEU J 395 4.78 60.38 32.57
N GLY J 396 4.58 59.49 31.61
CA GLY J 396 4.65 59.87 30.21
C GLY J 396 6.06 60.19 29.77
N VAL J 397 6.96 59.24 29.96
CA VAL J 397 8.36 59.43 29.61
C VAL J 397 8.68 58.78 28.27
N ASP J 398 9.83 59.13 27.69
CA ASP J 398 10.27 58.55 26.43
C ASP J 398 10.92 57.19 26.67
N TYR J 399 11.77 57.11 27.69
CA TYR J 399 12.46 55.87 28.01
C TYR J 399 12.25 55.48 29.47
N ILE J 400 12.08 54.19 29.71
CA ILE J 400 12.10 53.64 31.05
C ILE J 400 13.25 52.64 31.16
N VAL J 401 14.21 52.92 32.03
CA VAL J 401 15.32 51.99 32.26
C VAL J 401 15.37 51.58 33.72
N ASP J 402 15.28 50.29 33.99
CA ASP J 402 15.42 49.82 35.36
C ASP J 402 16.74 49.08 35.55
N ILE J 403 17.31 49.19 36.74
CA ILE J 403 18.55 48.51 37.07
C ILE J 403 18.38 47.80 38.42
N ALA J 404 18.75 46.53 38.48
CA ALA J 404 18.40 45.71 39.63
C ALA J 404 19.30 44.50 39.86
N THR J 405 19.53 44.19 41.13
CA THR J 405 20.11 42.92 41.53
C THR J 405 19.01 41.86 41.51
N LEU J 406 18.53 41.52 40.31
CA LEU J 406 17.29 40.77 40.19
C LEU J 406 17.44 39.24 40.27
N THR J 407 18.32 38.65 39.47
CA THR J 407 18.41 37.18 39.44
C THR J 407 19.83 36.64 39.64
N GLY J 408 19.95 35.68 40.54
CA GLY J 408 21.23 35.05 40.82
C GLY J 408 21.79 34.26 39.66
N ALA J 409 20.94 33.92 38.70
CA ALA J 409 21.35 33.15 37.52
C ALA J 409 22.32 33.94 36.64
N MET J 410 22.40 35.26 36.85
CA MET J 410 23.33 36.10 36.11
C MET J 410 24.78 35.64 36.35
N LEU J 411 25.02 35.06 37.51
CA LEU J 411 26.34 34.53 37.85
C LEU J 411 26.72 33.38 36.93
N TYR J 412 25.72 32.67 36.44
CA TYR J 412 25.96 31.50 35.60
C TYR J 412 25.91 31.83 34.11
N SER J 413 25.48 33.05 33.78
CA SER J 413 25.35 33.46 32.40
C SER J 413 26.48 34.40 31.96
N LEU J 414 26.60 35.53 32.64
CA LEU J 414 27.61 36.53 32.28
C LEU J 414 28.70 36.64 33.35
N GLY J 415 28.39 36.17 34.55
CA GLY J 415 29.37 36.18 35.63
C GLY J 415 29.42 37.47 36.42
N THR J 416 30.61 37.83 36.88
CA THR J 416 30.78 38.93 37.81
C THR J 416 31.28 40.24 37.16
N SER J 417 31.52 40.21 35.85
CA SER J 417 32.06 41.39 35.16
C SER J 417 31.04 42.11 34.29
N TYR J 418 30.31 41.36 33.46
CA TYR J 418 29.32 41.93 32.56
C TYR J 418 27.91 41.80 33.12
N ALA J 419 27.17 42.90 33.14
CA ALA J 419 25.76 42.86 33.49
C ALA J 419 24.94 42.52 32.24
N GLY J 420 23.69 42.11 32.44
CA GLY J 420 22.84 41.78 31.31
C GLY J 420 21.81 42.87 31.07
N VAL J 421 21.48 43.11 29.80
CA VAL J 421 20.42 44.07 29.48
C VAL J 421 19.35 43.40 28.62
N PHE J 422 18.10 43.57 29.05
CA PHE J 422 16.93 43.07 28.35
C PHE J 422 16.06 44.26 27.97
N GLY J 423 15.14 44.08 27.03
CA GLY J 423 14.25 45.17 26.69
C GLY J 423 13.23 44.88 25.61
N ASN J 424 12.33 45.84 25.39
CA ASN J 424 11.30 45.71 24.37
C ASN J 424 11.56 46.63 23.17
N ASN J 425 12.66 47.37 23.23
CA ASN J 425 12.97 48.38 22.22
C ASN J 425 14.43 48.30 21.81
N GLU J 426 14.67 47.93 20.55
CA GLU J 426 16.02 47.72 20.05
C GLU J 426 16.86 49.00 20.10
N GLU J 427 16.24 50.13 19.80
CA GLU J 427 16.94 51.41 19.80
C GLU J 427 17.42 51.80 21.20
N LEU J 428 16.55 51.61 22.19
CA LEU J 428 16.90 51.92 23.57
C LEU J 428 18.02 51.00 24.07
N ILE J 429 17.97 49.74 23.66
CA ILE J 429 18.99 48.76 24.04
C ILE J 429 20.34 49.15 23.44
N ASN J 430 20.32 49.62 22.20
CA ASN J 430 21.56 50.04 21.55
C ASN J 430 22.16 51.27 22.24
N LYS J 431 21.30 52.14 22.77
CA LYS J 431 21.76 53.30 23.51
C LYS J 431 22.43 52.88 24.82
N ILE J 432 21.86 51.87 25.49
CA ILE J 432 22.46 51.32 26.69
C ILE J 432 23.81 50.71 26.39
N LEU J 433 23.90 49.96 25.30
CA LEU J 433 25.16 49.35 24.87
C LEU J 433 26.21 50.42 24.56
N GLN J 434 25.79 51.48 23.86
CA GLN J 434 26.67 52.61 23.57
C GLN J 434 27.15 53.27 24.85
N SER J 435 26.23 53.44 25.79
CA SER J 435 26.56 54.04 27.09
C SER J 435 27.54 53.15 27.84
N SER J 436 27.41 51.85 27.64
CA SER J 436 28.31 50.88 28.28
C SER J 436 29.74 51.04 27.78
N LYS J 437 29.89 51.30 26.49
CA LYS J 437 31.21 51.41 25.89
C LYS J 437 31.94 52.69 26.29
N THR J 438 31.19 53.77 26.47
CA THR J 438 31.81 55.05 26.79
C THR J 438 32.00 55.23 28.29
N SER J 439 31.22 54.50 29.08
CA SER J 439 31.37 54.55 30.53
C SER J 439 32.32 53.47 31.02
N ASN J 440 32.59 52.50 30.15
CA ASN J 440 33.42 51.33 30.46
C ASN J 440 32.84 50.49 31.60
N GLU J 441 31.53 50.51 31.75
CA GLU J 441 30.84 49.54 32.59
C GLU J 441 30.15 48.53 31.68
N PRO J 442 30.71 47.31 31.60
CA PRO J 442 30.35 46.32 30.58
C PRO J 442 28.98 45.69 30.77
N VAL J 443 28.19 45.68 29.70
CA VAL J 443 26.88 45.06 29.68
C VAL J 443 26.77 44.22 28.41
N TRP J 444 25.99 43.14 28.45
CA TRP J 444 25.76 42.33 27.25
C TRP J 444 24.28 42.16 27.00
N TRP J 445 23.88 42.25 25.73
CA TRP J 445 22.48 42.15 25.34
C TRP J 445 21.99 40.69 25.42
N LEU J 446 20.97 40.47 26.25
CA LEU J 446 20.36 39.15 26.39
C LEU J 446 18.92 39.19 25.91
N PRO J 447 18.44 38.07 25.34
CA PRO J 447 17.12 38.07 24.70
C PRO J 447 15.97 37.91 25.68
N ILE J 448 14.84 38.53 25.33
CA ILE J 448 13.58 38.19 25.95
C ILE J 448 12.90 37.19 25.03
N ILE J 449 12.96 35.92 25.40
CA ILE J 449 12.45 34.86 24.54
C ILE J 449 10.98 34.62 24.80
N ASN J 450 10.15 35.02 23.85
CA ASN J 450 8.69 35.01 24.01
C ASN J 450 8.10 33.62 24.19
N GLU J 451 8.81 32.60 23.75
CA GLU J 451 8.33 31.23 23.85
C GLU J 451 8.23 30.78 25.31
N TYR J 452 8.95 31.46 26.19
CA TYR J 452 8.93 31.12 27.61
C TYR J 452 7.78 31.79 28.36
N ARG J 453 7.04 32.67 27.69
CA ARG J 453 5.97 33.44 28.35
C ARG J 453 4.88 32.55 28.96
N ALA J 454 4.55 31.46 28.28
CA ALA J 454 3.46 30.59 28.71
C ALA J 454 3.70 29.98 30.09
N THR J 455 4.95 29.95 30.53
CA THR J 455 5.26 29.39 31.84
C THR J 455 4.77 30.30 32.96
N LEU J 456 4.46 31.55 32.61
CA LEU J 456 3.96 32.51 33.59
C LEU J 456 2.44 32.55 33.63
N ASN J 457 1.80 31.64 32.89
CA ASN J 457 0.34 31.56 32.89
C ASN J 457 -0.20 30.88 34.13
N SER J 458 -0.75 31.67 35.04
CA SER J 458 -1.29 31.15 36.29
C SER J 458 -2.64 30.46 36.07
N LYS J 459 -2.91 29.45 36.89
CA LYS J 459 -4.20 28.76 36.87
C LYS J 459 -5.29 29.64 37.47
N TYR J 460 -4.91 30.48 38.44
CA TYR J 460 -5.87 31.27 39.19
C TYR J 460 -5.71 32.78 39.03
N ALA J 461 -4.47 33.26 39.01
CA ALA J 461 -4.22 34.69 38.86
C ALA J 461 -4.07 35.07 37.40
N ASP J 462 -3.93 36.36 37.13
CA ASP J 462 -3.67 36.83 35.77
C ASP J 462 -2.33 36.31 35.29
N ILE J 463 -1.38 36.22 36.21
CA ILE J 463 -0.02 35.84 35.86
C ILE J 463 0.73 35.23 37.05
N ASN J 464 1.67 34.35 36.75
CA ASN J 464 2.59 33.83 37.76
C ASN J 464 3.74 34.79 38.01
N GLN J 465 4.21 34.83 39.25
CA GLN J 465 5.40 35.58 39.61
C GLN J 465 6.64 34.91 39.01
N ILE J 466 6.72 33.59 39.17
CA ILE J 466 7.85 32.83 38.65
C ILE J 466 7.42 31.63 37.83
N SER J 467 8.38 31.02 37.15
CA SER J 467 8.13 29.77 36.45
C SER J 467 8.21 28.60 37.42
N SER J 468 7.54 27.51 37.07
CA SER J 468 7.61 26.30 37.88
C SER J 468 8.99 25.66 37.75
N SER J 469 9.53 25.64 36.54
CA SER J 469 10.86 25.06 36.32
C SER J 469 11.51 25.46 34.99
N VAL J 470 11.20 26.65 34.49
CA VAL J 470 11.98 27.20 33.38
C VAL J 470 13.22 27.86 33.97
N LYS J 471 14.35 27.17 33.85
CA LYS J 471 15.56 27.54 34.59
C LYS J 471 16.24 28.81 34.07
N ALA J 472 15.83 29.29 32.91
CA ALA J 472 16.32 30.57 32.41
C ALA J 472 15.63 31.71 33.15
N SER J 473 15.92 31.83 34.44
CA SER J 473 15.14 32.69 35.32
C SER J 473 15.35 34.18 35.06
N SER J 474 16.50 34.54 34.49
CA SER J 474 16.77 35.94 34.16
C SER J 474 15.85 36.40 33.04
N ILE J 475 15.62 35.49 32.08
CA ILE J 475 14.74 35.79 30.96
C ILE J 475 13.28 35.79 31.40
N VAL J 476 12.92 34.83 32.25
CA VAL J 476 11.57 34.72 32.77
C VAL J 476 11.19 35.97 33.56
N ALA J 477 12.14 36.43 34.38
CA ALA J 477 11.93 37.65 35.17
C ALA J 477 11.72 38.86 34.26
N SER J 478 12.43 38.89 33.13
CA SER J 478 12.28 39.97 32.16
C SER J 478 10.89 39.94 31.53
N LEU J 479 10.41 38.74 31.21
CA LEU J 479 9.08 38.56 30.66
C LEU J 479 8.02 39.05 31.65
N PHE J 480 8.26 38.82 32.93
CA PHE J 480 7.35 39.28 33.97
C PHE J 480 7.31 40.80 33.98
N LEU J 481 8.48 41.42 34.06
CA LEU J 481 8.58 42.88 34.12
C LEU J 481 7.95 43.52 32.90
N LYS J 482 8.13 42.89 31.74
CA LYS J 482 7.62 43.39 30.46
C LYS J 482 6.09 43.55 30.50
N GLU J 483 5.44 42.74 31.31
CA GLU J 483 3.98 42.78 31.44
C GLU J 483 3.48 44.05 32.10
N PHE J 484 4.39 44.83 32.69
CA PHE J 484 3.99 46.04 33.41
C PHE J 484 4.48 47.30 32.70
N VAL J 485 4.89 47.13 31.45
CA VAL J 485 5.16 48.25 30.55
C VAL J 485 4.36 48.04 29.28
N GLN J 486 3.37 48.90 29.05
CA GLN J 486 2.41 48.64 27.98
C GLN J 486 2.76 49.31 26.65
N ASN J 487 3.18 50.57 26.69
CA ASN J 487 3.43 51.30 25.45
C ASN J 487 4.59 52.30 25.54
N THR J 488 5.68 51.88 26.18
CA THR J 488 6.85 52.73 26.32
C THR J 488 8.13 51.91 26.11
N ALA J 489 9.12 52.50 25.44
CA ALA J 489 10.43 51.88 25.29
C ALA J 489 11.04 51.62 26.66
N TRP J 490 11.34 50.36 26.95
CA TRP J 490 11.81 49.98 28.27
C TRP J 490 13.00 49.04 28.22
N ALA J 491 13.96 49.27 29.10
CA ALA J 491 15.14 48.43 29.20
C ALA J 491 15.38 48.05 30.66
N HIS J 492 15.95 46.87 30.87
CA HIS J 492 16.13 46.32 32.20
C HIS J 492 17.55 45.80 32.35
N ILE J 493 18.27 46.30 33.35
CA ILE J 493 19.65 45.91 33.57
C ILE J 493 19.78 45.07 34.84
N ASP J 494 20.16 43.81 34.68
CA ASP J 494 20.31 42.89 35.79
C ASP J 494 21.76 42.89 36.28
N ILE J 495 21.99 43.49 37.44
CA ILE J 495 23.34 43.65 37.96
C ILE J 495 23.61 42.77 39.18
N ALA J 496 22.81 41.72 39.34
CA ALA J 496 22.92 40.83 40.51
C ALA J 496 24.30 40.16 40.61
N GLY J 497 24.90 39.86 39.47
CA GLY J 497 26.17 39.18 39.45
C GLY J 497 27.38 40.10 39.51
N VAL J 498 27.19 41.36 39.11
CA VAL J 498 28.32 42.28 38.96
C VAL J 498 28.38 43.37 40.01
N SER J 499 27.35 43.45 40.85
CA SER J 499 27.25 44.56 41.79
C SER J 499 28.32 44.53 42.88
N TRP J 500 28.62 43.33 43.39
CA TRP J 500 29.54 43.21 44.51
C TRP J 500 30.91 42.72 44.05
N ASN J 501 31.95 43.41 44.51
CA ASN J 501 33.32 42.98 44.26
C ASN J 501 33.72 41.97 45.34
N PHE J 502 33.64 40.68 45.01
CA PHE J 502 33.84 39.64 46.01
C PHE J 502 35.29 39.53 46.47
N LYS J 503 36.24 39.74 45.58
CA LYS J 503 37.65 39.61 45.93
C LYS J 503 38.09 40.75 46.86
N ALA J 504 37.59 41.96 46.62
CA ALA J 504 37.97 43.11 47.42
C ALA J 504 36.98 43.38 48.55
N ARG J 505 35.93 42.56 48.63
CA ARG J 505 34.95 42.62 49.71
C ARG J 505 34.28 43.99 49.84
N LYS J 506 33.86 44.54 48.71
CA LYS J 506 33.22 45.86 48.70
C LYS J 506 32.31 46.00 47.48
N PRO J 507 31.41 47.00 47.49
CA PRO J 507 30.58 47.21 46.30
C PRO J 507 31.37 47.84 45.16
N LYS J 508 30.81 47.82 43.95
CA LYS J 508 31.43 48.49 42.81
C LYS J 508 30.76 49.83 42.54
N GLY J 509 29.55 50.01 43.05
CA GLY J 509 28.75 51.16 42.70
C GLY J 509 28.44 51.10 41.22
N PHE J 510 28.23 49.87 40.73
CA PHE J 510 28.02 49.61 39.32
C PHE J 510 26.75 50.26 38.81
N GLY J 511 26.86 50.97 37.69
CA GLY J 511 25.68 51.51 37.03
C GLY J 511 25.57 53.01 37.03
N VAL J 512 26.22 53.67 37.98
CA VAL J 512 26.17 55.13 38.06
C VAL J 512 26.68 55.78 36.77
N ARG J 513 27.89 55.40 36.36
CA ARG J 513 28.52 56.00 35.20
C ARG J 513 27.85 55.55 33.91
N LEU J 514 27.39 54.30 33.90
CA LEU J 514 26.64 53.78 32.77
C LEU J 514 25.37 54.59 32.52
N LEU J 515 24.58 54.80 33.56
CA LEU J 515 23.32 55.52 33.44
C LEU J 515 23.54 57.00 33.15
N THR J 516 24.56 57.59 33.77
CA THR J 516 24.86 58.99 33.57
C THR J 516 25.27 59.26 32.13
N GLU J 517 26.08 58.38 31.56
CA GLU J 517 26.47 58.48 30.16
C GLU J 517 25.25 58.33 29.26
N PHE J 518 24.30 57.49 29.71
CA PHE J 518 23.06 57.29 28.95
C PHE J 518 22.23 58.57 28.86
N VAL J 519 22.05 59.25 29.97
CA VAL J 519 21.22 60.46 29.97
C VAL J 519 21.97 61.67 29.39
N LEU J 520 23.29 61.68 29.53
CA LEU J 520 24.09 62.81 29.07
C LEU J 520 24.36 62.79 27.58
N ASN J 521 24.69 61.61 27.05
CA ASN J 521 25.03 61.48 25.64
C ASN J 521 23.84 61.10 24.77
N ASP J 522 22.63 61.38 25.26
CA ASP J 522 21.42 61.09 24.50
C ASP J 522 20.80 62.35 23.93
N SER K 5 -15.00 38.65 64.44
CA SER K 5 -15.00 38.08 63.09
C SER K 5 -14.49 39.10 62.07
N GLU K 6 -13.88 40.17 62.57
CA GLU K 6 -13.22 41.14 61.69
C GLU K 6 -11.85 40.61 61.29
N VAL K 7 -11.60 40.52 59.99
CA VAL K 7 -10.31 40.03 59.51
C VAL K 7 -9.25 41.12 59.63
N PRO K 8 -8.20 40.87 60.43
CA PRO K 8 -7.11 41.84 60.59
C PRO K 8 -6.33 42.03 59.28
N GLN K 9 -5.87 43.25 59.05
CA GLN K 9 -5.07 43.56 57.87
C GLN K 9 -3.72 44.14 58.26
N VAL K 10 -2.72 43.93 57.41
CA VAL K 10 -1.43 44.60 57.58
C VAL K 10 -1.47 45.91 56.81
N VAL K 11 -1.99 45.84 55.59
CA VAL K 11 -2.23 47.01 54.77
C VAL K 11 -3.67 46.98 54.31
N SER K 12 -4.19 48.14 53.89
CA SER K 12 -5.59 48.27 53.50
C SER K 12 -5.94 47.44 52.28
N LEU K 13 -4.92 47.02 51.53
CA LEU K 13 -5.13 46.23 50.33
C LEU K 13 -5.26 44.73 50.63
N ASP K 14 -5.07 44.36 51.90
CA ASP K 14 -5.23 42.97 52.31
C ASP K 14 -6.71 42.58 52.29
N PRO K 15 -7.04 41.48 51.58
CA PRO K 15 -8.42 41.01 51.50
C PRO K 15 -9.01 40.65 52.86
N THR K 16 -10.32 40.81 53.01
CA THR K 16 -10.97 40.59 54.30
C THR K 16 -12.05 39.52 54.25
N SER K 17 -12.13 38.82 53.11
CA SER K 17 -13.06 37.70 52.98
C SER K 17 -12.65 36.81 51.81
N ILE K 18 -13.12 35.56 51.84
CA ILE K 18 -12.91 34.64 50.72
C ILE K 18 -14.02 34.80 49.69
N PRO K 19 -13.66 35.10 48.44
CA PRO K 19 -14.69 35.12 47.39
C PRO K 19 -15.23 33.71 47.15
N ILE K 20 -16.55 33.56 47.18
CA ILE K 20 -17.18 32.27 46.96
C ILE K 20 -18.24 32.35 45.88
N GLU K 21 -18.20 31.42 44.93
CA GLU K 21 -19.24 31.30 43.92
C GLU K 21 -20.21 30.18 44.31
N TYR K 22 -21.44 30.54 44.62
CA TYR K 22 -22.48 29.56 44.95
C TYR K 22 -23.26 29.17 43.71
N ASN K 23 -23.70 30.17 42.96
CA ASN K 23 -24.41 29.94 41.70
C ASN K 23 -23.42 29.78 40.55
N THR K 24 -23.26 28.55 40.07
CA THR K 24 -22.33 28.26 39.00
C THR K 24 -23.09 27.95 37.71
N PRO K 25 -22.43 28.08 36.56
CA PRO K 25 -23.08 27.74 35.28
C PRO K 25 -23.51 26.28 35.18
N ILE K 26 -22.91 25.41 35.99
CA ILE K 26 -23.30 24.01 36.05
C ILE K 26 -24.76 23.88 36.49
N HIS K 27 -25.17 24.75 37.41
CA HIS K 27 -26.53 24.71 37.95
C HIS K 27 -27.58 25.12 36.91
N ASP K 28 -27.14 25.72 35.81
CA ASP K 28 -28.05 26.14 34.76
C ASP K 28 -28.22 25.06 33.69
N ILE K 29 -27.37 24.04 33.74
CA ILE K 29 -27.41 22.97 32.76
C ILE K 29 -28.63 22.08 32.96
N LYS K 30 -29.48 22.02 31.94
CA LYS K 30 -30.65 21.15 31.96
C LYS K 30 -30.26 19.74 31.51
N VAL K 31 -30.55 18.75 32.34
CA VAL K 31 -30.12 17.38 32.09
C VAL K 31 -31.29 16.43 31.80
N GLN K 32 -31.24 15.79 30.63
CA GLN K 32 -32.25 14.80 30.25
C GLN K 32 -31.58 13.45 30.01
N VAL K 33 -32.18 12.39 30.56
CA VAL K 33 -31.65 11.05 30.35
C VAL K 33 -32.62 10.21 29.52
N TYR K 34 -32.13 9.66 28.42
CA TYR K 34 -32.95 8.85 27.52
C TYR K 34 -32.44 7.41 27.42
N ASP K 35 -33.34 6.48 27.16
CA ASP K 35 -32.96 5.09 26.93
C ASP K 35 -32.50 4.93 25.48
N ILE K 36 -31.43 4.17 25.28
CA ILE K 36 -30.87 3.97 23.95
C ILE K 36 -31.86 3.29 23.02
N LYS K 37 -32.63 2.35 23.58
CA LYS K 37 -33.69 1.71 22.83
C LYS K 37 -34.65 2.77 22.29
N GLY K 38 -34.91 2.72 20.99
CA GLY K 38 -35.70 3.74 20.34
C GLY K 38 -34.82 4.59 19.43
N GLY K 39 -33.51 4.40 19.55
CA GLY K 39 -32.55 5.13 18.73
C GLY K 39 -32.16 6.46 19.32
N CYS K 40 -31.10 7.05 18.77
CA CYS K 40 -30.62 8.34 19.26
C CYS K 40 -30.92 9.44 18.26
N ASN K 41 -31.39 10.58 18.76
CA ASN K 41 -31.62 11.73 17.90
C ASN K 41 -30.42 12.68 17.94
N VAL K 42 -29.97 13.09 16.76
CA VAL K 42 -28.86 14.02 16.62
C VAL K 42 -29.33 15.27 15.91
N GLU K 43 -29.71 16.28 16.69
CA GLU K 43 -30.33 17.49 16.14
C GLU K 43 -29.45 18.72 16.27
N GLU K 44 -28.73 18.83 17.39
CA GLU K 44 -27.93 20.02 17.65
C GLU K 44 -26.71 19.75 18.53
N GLY K 45 -25.87 20.77 18.66
CA GLY K 45 -24.72 20.72 19.55
C GLY K 45 -23.73 19.63 19.24
N LEU K 46 -23.16 19.05 20.30
CA LEU K 46 -22.16 18.00 20.17
C LEU K 46 -22.72 16.68 20.68
N THR K 47 -22.48 15.60 19.94
CA THR K 47 -22.90 14.26 20.35
C THR K 47 -21.69 13.34 20.41
N ILE K 48 -21.35 12.88 21.61
CA ILE K 48 -20.17 12.03 21.81
C ILE K 48 -20.56 10.61 22.24
N PHE K 49 -20.07 9.62 21.50
CA PHE K 49 -20.28 8.22 21.85
C PHE K 49 -19.14 7.68 22.71
N LEU K 50 -19.47 7.07 23.84
CA LEU K 50 -18.46 6.42 24.68
C LEU K 50 -18.32 4.98 24.22
N VAL K 51 -17.18 4.66 23.61
CA VAL K 51 -16.98 3.39 22.93
C VAL K 51 -15.73 2.65 23.38
N ASN K 52 -15.87 1.35 23.61
CA ASN K 52 -14.71 0.51 23.88
C ASN K 52 -14.59 -0.63 22.86
N ASN K 53 -13.58 -1.48 23.04
CA ASN K 53 -13.41 -2.65 22.20
C ASN K 53 -12.74 -3.76 23.00
N PRO K 54 -13.56 -4.58 23.69
CA PRO K 54 -13.08 -5.64 24.58
C PRO K 54 -12.20 -6.66 23.87
N GLY K 55 -12.45 -6.89 22.59
CA GLY K 55 -11.75 -7.92 21.84
C GLY K 55 -10.42 -7.51 21.25
N LYS K 56 -10.09 -6.22 21.30
CA LYS K 56 -8.84 -5.74 20.71
C LYS K 56 -8.30 -4.49 21.40
N GLU K 57 -7.12 -4.63 22.01
CA GLU K 57 -6.41 -3.50 22.59
C GLU K 57 -6.13 -2.47 21.49
N ASN K 58 -6.51 -1.22 21.75
CA ASN K 58 -6.44 -0.16 20.74
C ASN K 58 -7.18 -0.54 19.46
N GLY K 59 -8.22 -1.35 19.60
CA GLY K 59 -9.01 -1.78 18.47
C GLY K 59 -9.84 -0.66 17.87
N PRO K 60 -10.47 -0.92 16.72
CA PRO K 60 -11.21 0.11 15.99
C PRO K 60 -12.51 0.53 16.69
N VAL K 61 -12.97 1.73 16.37
CA VAL K 61 -14.25 2.21 16.86
C VAL K 61 -15.40 1.60 16.07
N LYS K 62 -16.40 1.10 16.78
CA LYS K 62 -17.64 0.65 16.16
C LYS K 62 -18.82 1.18 16.97
N ILE K 63 -19.75 1.84 16.29
CA ILE K 63 -20.92 2.39 16.95
C ILE K 63 -22.10 1.41 16.90
N SER K 64 -22.60 1.03 18.07
CA SER K 64 -23.69 0.06 18.16
C SER K 64 -25.06 0.72 18.01
N SER K 65 -25.21 1.91 18.58
CA SER K 65 -26.51 2.58 18.64
C SER K 65 -27.05 3.00 17.28
N LYS K 66 -28.35 2.79 17.09
CA LYS K 66 -29.05 3.31 15.93
C LYS K 66 -29.21 4.82 16.07
N VAL K 67 -28.97 5.54 14.99
CA VAL K 67 -29.12 7.00 15.00
C VAL K 67 -30.23 7.42 14.04
N ASN K 68 -31.17 8.21 14.54
CA ASN K 68 -32.33 8.60 13.76
C ASN K 68 -32.07 9.77 12.81
N ASP K 69 -30.84 9.83 12.29
CA ASP K 69 -30.47 10.81 11.29
C ASP K 69 -29.65 10.12 10.20
N LYS K 70 -30.08 10.25 8.94
CA LYS K 70 -29.43 9.56 7.84
C LYS K 70 -28.04 10.08 7.54
N GLN K 71 -27.84 11.40 7.68
CA GLN K 71 -26.54 12.00 7.44
C GLN K 71 -25.51 11.52 8.46
N VAL K 72 -25.88 11.58 9.73
CA VAL K 72 -24.99 11.18 10.81
C VAL K 72 -24.76 9.66 10.79
N SER K 73 -25.81 8.90 10.48
CA SER K 73 -25.70 7.45 10.38
C SER K 73 -24.64 7.06 9.36
N GLU K 74 -24.60 7.79 8.25
CA GLU K 74 -23.61 7.56 7.20
C GLU K 74 -22.20 7.80 7.74
N PHE K 75 -22.05 8.87 8.52
CA PHE K 75 -20.76 9.19 9.13
C PHE K 75 -20.33 8.10 10.09
N LEU K 76 -21.30 7.54 10.81
CA LEU K 76 -21.01 6.59 11.89
C LEU K 76 -20.92 5.14 11.43
N LYS K 77 -20.96 4.90 10.11
CA LYS K 77 -20.87 3.54 9.61
C LYS K 77 -19.48 2.97 9.90
N ASP K 78 -19.39 1.64 9.97
CA ASP K 78 -18.17 0.96 10.40
C ASP K 78 -16.96 1.31 9.55
N GLU K 79 -17.18 1.51 8.25
CA GLU K 79 -16.11 1.79 7.31
C GLU K 79 -15.37 3.07 7.65
N ASN K 80 -16.09 4.04 8.19
CA ASN K 80 -15.49 5.31 8.59
C ASN K 80 -14.88 5.25 9.99
N MET K 81 -15.61 4.68 10.93
CA MET K 81 -15.21 4.72 12.33
C MET K 81 -13.99 3.85 12.63
N GLU K 82 -13.73 2.84 11.80
CA GLU K 82 -12.61 1.93 12.04
C GLU K 82 -11.27 2.60 11.74
N LYS K 83 -11.31 3.81 11.19
CA LYS K 83 -10.11 4.60 10.98
C LYS K 83 -9.65 5.20 12.31
N PHE K 84 -10.52 5.10 13.32
CA PHE K 84 -10.23 5.57 14.66
C PHE K 84 -10.09 4.37 15.60
N ASN K 85 -9.43 4.57 16.74
CA ASN K 85 -9.25 3.49 17.71
C ASN K 85 -9.69 3.90 19.11
N VAL K 86 -9.92 2.90 19.95
CA VAL K 86 -10.56 3.11 21.25
C VAL K 86 -9.59 3.32 22.40
N LYS K 87 -8.32 3.58 22.10
CA LYS K 87 -7.31 3.81 23.12
C LYS K 87 -7.82 4.81 24.15
N LEU K 88 -7.68 4.46 25.43
CA LEU K 88 -8.26 5.23 26.52
C LEU K 88 -7.90 6.72 26.46
N GLY K 89 -8.93 7.56 26.35
CA GLY K 89 -8.72 9.00 26.32
C GLY K 89 -8.66 9.57 24.91
N THR K 90 -8.42 8.72 23.92
CA THR K 90 -8.39 9.16 22.53
C THR K 90 -9.78 9.60 22.08
N SER K 91 -9.85 10.70 21.33
CA SER K 91 -11.12 11.22 20.85
C SER K 91 -10.99 11.89 19.49
N LYS K 92 -12.08 11.84 18.72
CA LYS K 92 -12.22 12.61 17.49
C LYS K 92 -13.64 13.16 17.44
N HIS K 93 -13.81 14.33 16.84
CA HIS K 93 -15.16 14.84 16.58
C HIS K 93 -15.18 15.70 15.33
N PHE K 94 -16.26 15.59 14.57
CA PHE K 94 -16.40 16.25 13.28
C PHE K 94 -17.67 17.09 13.23
N TYR K 95 -17.59 18.25 12.58
CA TYR K 95 -18.77 19.07 12.29
C TYR K 95 -19.36 18.68 10.94
N MET K 96 -20.68 18.59 10.87
CA MET K 96 -21.37 18.21 9.65
C MET K 96 -22.83 18.67 9.68
N PHE K 97 -23.49 18.62 8.53
CA PHE K 97 -24.92 18.92 8.46
C PHE K 97 -25.75 17.66 8.62
N ASN K 98 -26.75 17.71 9.50
CA ASN K 98 -27.64 16.58 9.68
C ASN K 98 -28.74 16.61 8.62
N ASP K 99 -29.76 15.79 8.79
CA ASP K 99 -30.84 15.68 7.80
C ASP K 99 -31.58 17.00 7.61
N ASN K 100 -31.57 17.86 8.63
CA ASN K 100 -32.27 19.13 8.58
C ASN K 100 -31.41 20.28 8.09
N LYS K 101 -30.23 19.94 7.56
CA LYS K 101 -29.23 20.93 7.18
C LYS K 101 -28.85 21.81 8.37
N ASN K 102 -28.87 21.21 9.56
CA ASN K 102 -28.41 21.91 10.76
C ASN K 102 -27.02 21.44 11.16
N SER K 103 -26.18 22.40 11.55
CA SER K 103 -24.82 22.09 11.98
C SER K 103 -24.81 21.28 13.26
N VAL K 104 -24.21 20.09 13.20
CA VAL K 104 -24.03 19.25 14.37
C VAL K 104 -22.59 18.77 14.46
N ALA K 105 -22.13 18.50 15.68
CA ALA K 105 -20.81 17.92 15.87
C ALA K 105 -20.95 16.52 16.44
N VAL K 106 -20.31 15.55 15.78
CA VAL K 106 -20.40 14.16 16.19
C VAL K 106 -19.03 13.55 16.40
N GLY K 107 -18.88 12.77 17.47
CA GLY K 107 -17.61 12.14 17.76
C GLY K 107 -17.67 11.04 18.81
N TYR K 108 -16.50 10.67 19.32
CA TYR K 108 -16.40 9.59 20.29
C TYR K 108 -15.27 9.83 21.27
N VAL K 109 -15.31 9.14 22.41
CA VAL K 109 -14.16 9.05 23.30
C VAL K 109 -13.84 7.58 23.55
N GLY K 110 -12.60 7.20 23.29
CA GLY K 110 -12.16 5.83 23.47
C GLY K 110 -12.16 5.43 24.93
N CYS K 111 -12.68 4.25 25.23
CA CYS K 111 -12.75 3.76 26.60
C CYS K 111 -11.97 2.46 26.78
N GLY K 112 -11.01 2.24 25.89
CA GLY K 112 -10.10 1.10 26.02
C GLY K 112 -10.72 -0.25 25.70
N SER K 113 -10.18 -1.29 26.35
CA SER K 113 -10.59 -2.66 26.05
C SER K 113 -11.06 -3.41 27.29
N VAL K 114 -11.14 -2.70 28.41
CA VAL K 114 -11.64 -3.31 29.65
C VAL K 114 -13.11 -2.98 29.83
N ALA K 115 -13.90 -3.99 30.20
CA ALA K 115 -15.36 -3.85 30.27
C ALA K 115 -15.81 -3.00 31.46
N ASP K 116 -15.00 -2.96 32.51
CA ASP K 116 -15.38 -2.22 33.71
C ASP K 116 -14.36 -1.15 34.07
N LEU K 117 -14.68 0.09 33.75
CA LEU K 117 -13.79 1.22 34.01
C LEU K 117 -13.61 1.50 35.49
N SER K 118 -12.36 1.69 35.91
CA SER K 118 -12.08 2.17 37.25
C SER K 118 -12.43 3.66 37.33
N GLU K 119 -12.34 4.23 38.53
CA GLU K 119 -12.62 5.65 38.69
C GLU K 119 -11.57 6.49 37.95
N ALA K 120 -10.35 5.97 37.87
CA ALA K 120 -9.26 6.67 37.18
C ALA K 120 -9.48 6.63 35.67
N ASP K 121 -9.90 5.47 35.17
CA ASP K 121 -10.22 5.32 33.76
C ASP K 121 -11.33 6.28 33.35
N MET K 122 -12.38 6.31 34.15
CA MET K 122 -13.52 7.20 33.89
C MET K 122 -13.10 8.66 33.91
N LYS K 123 -12.17 8.98 34.82
CA LYS K 123 -11.66 10.33 34.94
C LYS K 123 -10.96 10.75 33.64
N ARG K 124 -10.20 9.83 33.06
CA ARG K 124 -9.52 10.08 31.80
C ARG K 124 -10.52 10.29 30.66
N VAL K 125 -11.60 9.51 30.68
CA VAL K 125 -12.65 9.64 29.68
C VAL K 125 -13.28 11.03 29.75
N VAL K 126 -13.60 11.47 30.95
CA VAL K 126 -14.22 12.77 31.19
C VAL K 126 -13.31 13.94 30.78
N LEU K 127 -12.02 13.81 31.09
CA LEU K 127 -11.04 14.85 30.74
C LEU K 127 -10.95 15.06 29.23
N SER K 128 -11.07 13.97 28.48
CA SER K 128 -11.09 14.04 27.03
C SER K 128 -12.34 14.77 26.57
N LEU K 129 -13.46 14.46 27.22
CA LEU K 129 -14.74 15.09 26.93
C LEU K 129 -14.71 16.59 27.24
N VAL K 130 -14.16 16.94 28.39
CA VAL K 130 -14.08 18.33 28.82
C VAL K 130 -13.23 19.17 27.86
N THR K 131 -12.16 18.58 27.35
CA THR K 131 -11.29 19.24 26.40
C THR K 131 -12.06 19.71 25.17
N MET K 132 -12.97 18.87 24.69
CA MET K 132 -13.81 19.24 23.55
C MET K 132 -14.80 20.33 23.94
N LEU K 133 -15.31 20.26 25.17
CA LEU K 133 -16.26 21.24 25.66
C LEU K 133 -15.62 22.62 25.78
N HIS K 134 -14.39 22.66 26.27
CA HIS K 134 -13.66 23.91 26.42
C HIS K 134 -13.22 24.48 25.08
N ASP K 135 -13.24 23.65 24.03
CA ASP K 135 -12.76 24.06 22.71
C ASP K 135 -13.89 24.38 21.73
N ASN K 136 -15.13 24.13 22.14
CA ASN K 136 -16.27 24.34 21.25
C ASN K 136 -17.37 25.17 21.89
N LYS K 137 -17.86 26.18 21.18
CA LYS K 137 -19.00 26.97 21.63
C LYS K 137 -20.27 26.19 21.37
N LEU K 138 -20.87 25.66 22.43
CA LEU K 138 -21.99 24.75 22.30
C LEU K 138 -23.15 25.10 23.23
N SER K 139 -24.37 24.81 22.79
CA SER K 139 -25.54 24.98 23.63
C SER K 139 -25.88 23.66 24.29
N LYS K 140 -25.44 22.56 23.67
CA LYS K 140 -25.87 21.24 24.10
C LYS K 140 -24.81 20.16 23.88
N LEU K 141 -24.60 19.34 24.90
CA LEU K 141 -23.77 18.14 24.76
C LEU K 141 -24.63 16.91 24.98
N THR K 142 -24.50 15.93 24.09
CA THR K 142 -25.18 14.65 24.27
C THR K 142 -24.16 13.54 24.38
N VAL K 143 -24.25 12.76 25.46
CA VAL K 143 -23.34 11.65 25.67
C VAL K 143 -24.06 10.31 25.55
N VAL K 144 -23.59 9.46 24.64
CA VAL K 144 -24.19 8.15 24.43
C VAL K 144 -23.32 7.05 25.04
N PHE K 145 -23.86 6.35 26.03
CA PHE K 145 -23.14 5.30 26.73
C PHE K 145 -23.23 3.95 26.02
N GLU K 146 -22.18 3.59 25.30
CA GLU K 146 -22.10 2.25 24.74
C GLU K 146 -21.09 1.43 25.54
N ILE K 147 -20.96 1.79 26.81
CA ILE K 147 -20.16 1.05 27.78
C ILE K 147 -21.04 0.71 28.98
N ASN K 148 -20.55 -0.16 29.84
CA ASN K 148 -21.28 -0.53 31.05
C ASN K 148 -20.82 0.25 32.27
N VAL K 149 -21.74 0.96 32.90
CA VAL K 149 -21.47 1.61 34.19
C VAL K 149 -22.63 1.34 35.13
N ASP K 150 -22.33 1.15 36.41
CA ASP K 150 -23.38 1.03 37.41
C ASP K 150 -23.84 2.42 37.82
N LYS K 151 -24.84 2.49 38.69
CA LYS K 151 -25.42 3.77 39.10
C LYS K 151 -24.40 4.70 39.76
N ASN K 152 -23.54 4.14 40.62
CA ASN K 152 -22.53 4.94 41.30
C ASN K 152 -21.50 5.51 40.32
N LEU K 153 -21.09 4.69 39.36
CA LEU K 153 -20.09 5.13 38.40
C LEU K 153 -20.70 6.14 37.43
N PHE K 154 -21.98 5.99 37.13
CA PHE K 154 -22.68 6.97 36.32
C PHE K 154 -22.73 8.31 37.04
N ARG K 155 -23.01 8.28 38.35
CA ARG K 155 -23.04 9.51 39.13
C ARG K 155 -21.64 10.13 39.18
N PHE K 156 -20.62 9.29 39.34
CA PHE K 156 -19.24 9.75 39.35
C PHE K 156 -18.87 10.43 38.03
N PHE K 157 -19.42 9.92 36.92
CA PHE K 157 -19.20 10.51 35.62
C PHE K 157 -19.72 11.94 35.56
N LEU K 158 -20.96 12.13 36.01
CA LEU K 158 -21.59 13.44 36.00
C LEU K 158 -20.87 14.41 36.91
N GLU K 159 -20.57 13.96 38.13
CA GLU K 159 -19.84 14.77 39.10
C GLU K 159 -18.51 15.25 38.55
N THR K 160 -17.73 14.31 38.01
CA THR K 160 -16.43 14.60 37.46
C THR K 160 -16.57 15.54 36.26
N LEU K 161 -17.56 15.27 35.43
CA LEU K 161 -17.85 16.12 34.29
C LEU K 161 -18.09 17.56 34.75
N PHE K 162 -19.01 17.72 35.71
CA PHE K 162 -19.34 19.02 36.25
C PHE K 162 -18.11 19.72 36.85
N TYR K 163 -17.38 18.99 37.68
CA TYR K 163 -16.23 19.56 38.40
C TYR K 163 -15.13 20.01 37.45
N GLU K 164 -14.78 19.15 36.49
CA GLU K 164 -13.69 19.46 35.57
C GLU K 164 -14.10 20.51 34.53
N TYR K 165 -15.39 20.56 34.23
CA TYR K 165 -15.93 21.53 33.29
C TYR K 165 -15.82 22.94 33.87
N MET K 166 -16.14 23.05 35.15
CA MET K 166 -16.16 24.33 35.84
C MET K 166 -14.77 24.96 35.93
N THR K 167 -14.70 26.27 35.68
CA THR K 167 -13.44 27.00 35.74
C THR K 167 -13.47 28.09 36.81
N ASP K 168 -12.54 28.01 37.75
CA ASP K 168 -12.47 28.94 38.87
C ASP K 168 -11.80 30.24 38.44
N GLU K 169 -12.59 31.30 38.35
CA GLU K 169 -12.09 32.57 37.84
C GLU K 169 -12.13 33.70 38.88
N ARG K 170 -12.33 33.33 40.14
CA ARG K 170 -12.45 34.31 41.23
C ARG K 170 -11.29 35.29 41.32
N PHE K 171 -10.08 34.83 40.96
CA PHE K 171 -8.89 35.64 41.13
C PHE K 171 -8.33 36.14 39.80
N LYS K 172 -9.04 35.86 38.72
CA LYS K 172 -8.73 36.43 37.42
C LYS K 172 -9.19 37.88 37.42
N SER K 173 -8.42 38.76 36.81
CA SER K 173 -8.74 40.18 36.80
C SER K 173 -8.58 40.80 35.42
N THR K 174 -7.38 41.27 35.11
CA THR K 174 -7.13 41.95 33.85
C THR K 174 -5.65 41.94 33.44
N ASP K 175 -5.23 40.86 32.79
CA ASP K 175 -3.86 40.75 32.30
C ASP K 175 -3.70 41.41 30.94
N GLU K 181 -18.91 30.80 27.60
CA GLU K 181 -20.23 30.29 27.22
C GLU K 181 -20.34 28.78 27.47
N TYR K 182 -21.03 28.42 28.55
CA TYR K 182 -21.24 27.02 28.91
C TYR K 182 -22.46 26.44 28.19
N ILE K 183 -22.54 25.11 28.12
CA ILE K 183 -23.71 24.45 27.56
C ILE K 183 -24.91 24.68 28.48
N LYS K 184 -26.10 24.67 27.91
CA LYS K 184 -27.31 24.86 28.68
C LYS K 184 -28.06 23.55 28.82
N HIS K 185 -27.71 22.57 27.97
CA HIS K 185 -28.39 21.29 27.96
C HIS K 185 -27.41 20.12 27.90
N LEU K 186 -27.69 19.09 28.70
CA LEU K 186 -26.92 17.85 28.67
C LEU K 186 -27.84 16.66 28.45
N GLY K 187 -27.63 15.93 27.37
CA GLY K 187 -28.41 14.75 27.08
C GLY K 187 -27.60 13.48 27.30
N VAL K 188 -28.24 12.45 27.84
CA VAL K 188 -27.57 11.17 28.06
C VAL K 188 -28.40 10.02 27.52
N TYR K 189 -27.82 9.26 26.59
CA TYR K 189 -28.43 8.02 26.13
C TYR K 189 -27.78 6.84 26.83
N ILE K 190 -28.59 6.02 27.48
CA ILE K 190 -28.06 4.87 28.21
C ILE K 190 -29.13 3.78 28.36
N ASN K 191 -28.68 2.52 28.36
CA ASN K 191 -29.58 1.39 28.56
C ASN K 191 -30.16 1.41 29.98
N ASN K 192 -31.47 1.22 30.09
CA ASN K 192 -32.21 1.31 31.36
C ASN K 192 -32.08 2.68 32.00
N ALA K 193 -32.45 3.71 31.24
CA ALA K 193 -32.28 5.10 31.65
C ALA K 193 -33.02 5.44 32.94
N ASP K 194 -34.17 4.82 33.15
CA ASP K 194 -34.99 5.11 34.33
C ASP K 194 -34.24 4.86 35.64
N THR K 195 -33.35 3.87 35.65
CA THR K 195 -32.62 3.52 36.86
C THR K 195 -31.57 4.57 37.22
N TYR K 196 -31.13 5.35 36.24
CA TYR K 196 -30.03 6.29 36.45
C TYR K 196 -30.51 7.72 36.73
N LYS K 197 -31.80 7.97 36.52
CA LYS K 197 -32.33 9.34 36.57
C LYS K 197 -32.18 9.99 37.94
N GLU K 198 -32.31 9.21 39.02
CA GLU K 198 -32.23 9.76 40.35
C GLU K 198 -30.81 10.15 40.74
N GLU K 199 -29.83 9.71 39.96
CA GLU K 199 -28.43 10.01 40.25
C GLU K 199 -28.05 11.42 39.77
N VAL K 200 -28.87 11.98 38.88
CA VAL K 200 -28.56 13.26 38.24
C VAL K 200 -28.46 14.42 39.24
N GLU K 201 -29.50 14.63 40.02
CA GLU K 201 -29.50 15.75 40.95
C GLU K 201 -28.67 15.47 42.20
N LYS K 202 -28.40 14.20 42.46
CA LYS K 202 -27.46 13.84 43.51
C LYS K 202 -26.05 14.22 43.08
N ALA K 203 -25.75 13.97 41.81
CA ALA K 203 -24.46 14.33 41.24
C ALA K 203 -24.22 15.84 41.32
N ARG K 204 -25.26 16.62 41.05
CA ARG K 204 -25.13 18.07 41.07
C ARG K 204 -24.84 18.57 42.47
N VAL K 205 -25.48 17.95 43.46
CA VAL K 205 -25.22 18.30 44.86
C VAL K 205 -23.80 17.90 45.24
N TYR K 206 -23.38 16.70 44.86
CA TYR K 206 -22.03 16.23 45.14
C TYR K 206 -20.99 17.08 44.42
N TYR K 207 -21.33 17.54 43.21
CA TYR K 207 -20.43 18.39 42.46
C TYR K 207 -20.11 19.68 43.19
N PHE K 208 -21.13 20.39 43.65
CA PHE K 208 -20.87 21.69 44.25
C PHE K 208 -20.18 21.55 45.60
N GLY K 209 -20.53 20.51 46.35
CA GLY K 209 -19.88 20.25 47.62
C GLY K 209 -18.39 20.07 47.41
N THR K 210 -18.05 19.37 46.34
CA THR K 210 -16.65 19.17 45.96
C THR K 210 -16.04 20.47 45.47
N TYR K 211 -16.78 21.19 44.64
CA TYR K 211 -16.28 22.44 44.06
C TYR K 211 -16.18 23.54 45.13
N TYR K 212 -17.07 23.51 46.11
CA TYR K 212 -17.01 24.45 47.22
C TYR K 212 -15.74 24.25 48.03
N ALA K 213 -15.45 23.00 48.35
CA ALA K 213 -14.23 22.66 49.06
C ALA K 213 -13.02 23.09 48.24
N SER K 214 -13.10 22.86 46.94
CA SER K 214 -12.05 23.25 46.02
C SER K 214 -11.78 24.76 46.06
N GLN K 215 -12.85 25.54 46.11
CA GLN K 215 -12.73 27.00 46.18
C GLN K 215 -12.00 27.44 47.45
N LEU K 216 -12.28 26.79 48.56
CA LEU K 216 -11.62 27.12 49.82
C LEU K 216 -10.14 26.80 49.76
N ILE K 217 -9.81 25.61 49.25
CA ILE K 217 -8.43 25.16 49.17
C ILE K 217 -7.61 26.03 48.21
N ALA K 218 -8.16 26.28 47.03
CA ALA K 218 -7.47 27.07 46.01
C ALA K 218 -7.28 28.52 46.44
N ALA K 219 -8.14 28.99 47.33
CA ALA K 219 -8.01 30.33 47.86
C ALA K 219 -6.70 30.48 48.63
N PRO K 220 -5.88 31.46 48.22
CA PRO K 220 -4.56 31.72 48.82
C PRO K 220 -4.66 32.13 50.28
N SER K 221 -3.57 31.96 51.02
CA SER K 221 -3.59 32.12 52.47
C SER K 221 -3.82 33.54 52.94
N ASN K 222 -3.60 34.53 52.06
CA ASN K 222 -3.93 35.91 52.41
C ASN K 222 -5.44 36.13 52.34
N TYR K 223 -6.11 35.38 51.48
CA TYR K 223 -7.57 35.39 51.41
C TYR K 223 -8.18 34.45 52.44
N CYS K 224 -7.71 33.20 52.43
CA CYS K 224 -8.22 32.18 53.32
C CYS K 224 -7.36 32.04 54.56
N ASN K 225 -7.71 32.77 55.60
CA ASN K 225 -7.00 32.76 56.87
C ASN K 225 -7.95 32.23 57.96
N PRO K 226 -7.47 32.01 59.20
CA PRO K 226 -8.37 31.46 60.22
C PRO K 226 -9.68 32.23 60.43
N VAL K 227 -9.63 33.55 60.32
CA VAL K 227 -10.82 34.38 60.55
C VAL K 227 -11.77 34.34 59.36
N SER K 228 -11.22 34.49 58.16
CA SER K 228 -12.06 34.49 56.96
C SER K 228 -12.64 33.10 56.67
N LEU K 229 -11.90 32.06 57.06
CA LEU K 229 -12.36 30.68 56.84
C LEU K 229 -13.54 30.34 57.73
N SER K 230 -13.48 30.77 58.99
CA SER K 230 -14.57 30.52 59.93
C SER K 230 -15.78 31.38 59.59
N ASN K 231 -15.54 32.58 59.08
CA ASN K 231 -16.62 33.43 58.58
C ASN K 231 -17.39 32.77 57.44
N ALA K 232 -16.67 32.10 56.57
CA ALA K 232 -17.26 31.44 55.42
C ALA K 232 -18.11 30.24 55.86
N ALA K 233 -17.63 29.54 56.89
CA ALA K 233 -18.36 28.40 57.43
C ALA K 233 -19.69 28.85 58.03
N VAL K 234 -19.68 29.99 58.69
CA VAL K 234 -20.89 30.55 59.29
C VAL K 234 -21.90 30.92 58.21
N GLU K 235 -21.42 31.57 57.15
CA GLU K 235 -22.26 31.95 56.04
C GLU K 235 -22.90 30.72 55.40
N LEU K 236 -22.10 29.67 55.25
CA LEU K 236 -22.59 28.40 54.71
C LEU K 236 -23.63 27.79 55.63
N ALA K 237 -23.37 27.85 56.93
CA ALA K 237 -24.29 27.33 57.93
C ALA K 237 -25.62 28.08 57.93
N GLN K 238 -25.55 29.39 57.73
CA GLN K 238 -26.74 30.23 57.68
C GLN K 238 -27.57 29.91 56.44
N LYS K 239 -26.89 29.67 55.33
CA LYS K 239 -27.56 29.31 54.08
C LYS K 239 -28.27 27.96 54.16
N LEU K 240 -27.75 27.07 54.99
CA LEU K 240 -28.28 25.70 55.08
C LEU K 240 -29.10 25.47 56.34
N ASN K 241 -29.25 26.50 57.15
CA ASN K 241 -29.95 26.42 58.43
C ASN K 241 -29.34 25.35 59.34
N LEU K 242 -28.01 25.27 59.33
CA LEU K 242 -27.29 24.45 60.28
C LEU K 242 -27.00 25.27 61.53
N GLU K 243 -26.98 24.62 62.69
CA GLU K 243 -26.52 25.29 63.89
C GLU K 243 -25.03 25.55 63.75
N TYR K 244 -24.54 26.62 64.36
CA TYR K 244 -23.12 26.93 64.25
C TYR K 244 -22.58 27.66 65.47
N LYS K 245 -21.28 27.47 65.71
CA LYS K 245 -20.60 28.06 66.84
C LYS K 245 -19.11 28.20 66.52
N ILE K 246 -18.60 29.41 66.68
CA ILE K 246 -17.18 29.67 66.46
C ILE K 246 -16.50 30.00 67.78
N LEU K 247 -15.60 29.13 68.21
CA LEU K 247 -14.88 29.33 69.47
C LEU K 247 -13.66 30.23 69.26
N GLY K 248 -13.62 31.33 70.00
CA GLY K 248 -12.50 32.25 69.96
C GLY K 248 -11.43 31.87 70.96
N VAL K 249 -10.34 32.63 70.98
CA VAL K 249 -9.18 32.32 71.81
C VAL K 249 -9.53 32.20 73.29
N LYS K 250 -10.36 33.12 73.78
CA LYS K 250 -10.76 33.12 75.19
C LYS K 250 -11.44 31.81 75.58
N GLU K 251 -12.37 31.37 74.74
CA GLU K 251 -13.07 30.11 74.99
C GLU K 251 -12.11 28.93 74.90
N LEU K 252 -11.21 28.97 73.92
CA LEU K 252 -10.23 27.91 73.74
C LEU K 252 -9.27 27.86 74.92
N GLU K 253 -8.96 29.02 75.48
CA GLU K 253 -8.12 29.09 76.68
C GLU K 253 -8.83 28.43 77.87
N GLU K 254 -10.11 28.71 78.01
CA GLU K 254 -10.90 28.13 79.10
C GLU K 254 -11.01 26.61 78.94
N LEU K 255 -11.08 26.15 77.69
CA LEU K 255 -11.14 24.72 77.41
C LEU K 255 -9.75 24.10 77.43
N LYS K 256 -8.73 24.93 77.65
CA LYS K 256 -7.34 24.49 77.82
C LYS K 256 -6.80 23.74 76.61
N MET K 257 -7.14 24.19 75.40
CA MET K 257 -6.60 23.58 74.19
C MET K 257 -5.19 24.09 73.93
N GLY K 258 -4.25 23.66 74.75
CA GLY K 258 -2.88 24.14 74.70
C GLY K 258 -2.10 23.69 73.48
N ALA K 259 -2.43 22.50 72.97
CA ALA K 259 -1.74 21.99 71.79
C ALA K 259 -2.12 22.79 70.56
N TYR K 260 -3.41 23.04 70.42
CA TYR K 260 -3.95 23.76 69.27
C TYR K 260 -3.57 25.25 69.33
N LEU K 261 -3.70 25.85 70.51
CA LEU K 261 -3.35 27.26 70.67
C LEU K 261 -1.86 27.52 70.44
N SER K 262 -1.02 26.57 70.81
CA SER K 262 0.42 26.73 70.67
C SER K 262 0.84 26.85 69.21
N VAL K 263 0.20 26.08 68.34
CA VAL K 263 0.48 26.13 66.91
C VAL K 263 0.22 27.52 66.35
N GLY K 264 -0.86 28.15 66.81
CA GLY K 264 -1.28 29.44 66.27
C GLY K 264 -0.66 30.66 66.92
N LYS K 265 0.26 30.45 67.86
CA LYS K 265 0.87 31.55 68.60
C LYS K 265 1.60 32.56 67.71
N GLY K 266 2.23 32.07 66.65
CA GLY K 266 3.02 32.93 65.78
C GLY K 266 2.27 33.60 64.65
N SER K 267 0.94 33.45 64.63
CA SER K 267 0.13 34.05 63.57
C SER K 267 -0.47 35.39 63.97
N MET K 268 -0.76 36.22 62.97
CA MET K 268 -1.45 37.50 63.21
C MET K 268 -2.96 37.27 63.29
N TYR K 269 -3.40 36.12 62.79
CA TYR K 269 -4.81 35.75 62.84
C TYR K 269 -5.10 34.89 64.06
N PRO K 270 -6.07 35.30 64.88
CA PRO K 270 -6.51 34.53 66.05
C PRO K 270 -7.05 33.15 65.67
N ASN K 271 -6.78 32.14 66.50
CA ASN K 271 -7.34 30.81 66.29
C ASN K 271 -8.86 30.84 66.31
N LYS K 272 -9.48 30.10 65.39
CA LYS K 272 -10.93 29.99 65.33
C LYS K 272 -11.33 28.52 65.20
N PHE K 273 -12.15 28.04 66.13
CA PHE K 273 -12.61 26.66 66.10
C PHE K 273 -14.03 26.59 65.53
N ILE K 274 -14.16 25.94 64.38
CA ILE K 274 -15.45 25.79 63.71
C ILE K 274 -16.23 24.60 64.25
N HIS K 275 -17.51 24.83 64.59
CA HIS K 275 -18.41 23.77 65.01
C HIS K 275 -19.77 23.96 64.35
N LEU K 276 -20.03 23.19 63.29
CA LEU K 276 -21.34 23.18 62.66
C LEU K 276 -22.07 21.90 63.06
N THR K 277 -23.39 21.98 63.19
CA THR K 277 -24.16 20.79 63.52
C THR K 277 -25.36 20.61 62.60
N TYR K 278 -25.47 19.41 62.03
CA TYR K 278 -26.70 19.01 61.38
C TYR K 278 -27.45 18.06 62.31
N LYS K 279 -28.73 18.31 62.52
CA LYS K 279 -29.56 17.36 63.26
C LYS K 279 -30.83 17.04 62.47
N SER K 280 -31.09 15.75 62.28
CA SER K 280 -32.27 15.30 61.57
C SER K 280 -33.54 15.59 62.36
N LYS K 281 -34.68 15.57 61.68
CA LYS K 281 -35.95 15.91 62.29
C LYS K 281 -36.45 14.85 63.25
N GLY K 282 -36.38 13.58 62.84
CA GLY K 282 -36.87 12.49 63.65
C GLY K 282 -35.96 12.15 64.83
N ASP K 283 -36.10 10.93 65.34
CA ASP K 283 -35.26 10.47 66.44
C ASP K 283 -33.83 10.25 65.95
N VAL K 284 -32.86 10.63 66.76
CA VAL K 284 -31.46 10.48 66.39
C VAL K 284 -30.92 9.12 66.84
N LYS K 285 -30.49 8.31 65.87
CA LYS K 285 -30.02 6.96 66.15
C LYS K 285 -28.50 6.83 65.98
N LYS K 286 -27.89 7.82 65.34
CA LYS K 286 -26.44 7.83 65.16
C LYS K 286 -25.86 9.24 65.26
N LYS K 287 -24.81 9.39 66.05
CA LYS K 287 -24.14 10.68 66.21
C LYS K 287 -22.71 10.60 65.69
N ILE K 288 -22.36 11.51 64.79
CA ILE K 288 -21.05 11.49 64.14
C ILE K 288 -20.35 12.84 64.22
N ALA K 289 -19.07 12.82 64.57
CA ALA K 289 -18.24 14.02 64.48
C ALA K 289 -17.25 13.88 63.32
N LEU K 290 -17.25 14.87 62.45
CA LEU K 290 -16.29 14.92 61.34
C LEU K 290 -15.26 16.01 61.63
N VAL K 291 -14.00 15.62 61.65
CA VAL K 291 -12.93 16.53 62.06
C VAL K 291 -11.97 16.79 60.90
N GLY K 292 -11.84 18.05 60.51
CA GLY K 292 -10.95 18.40 59.42
C GLY K 292 -9.78 19.24 59.88
N LYS K 293 -8.58 18.87 59.44
CA LYS K 293 -7.39 19.66 59.72
C LYS K 293 -7.48 21.00 58.98
N GLY K 294 -7.39 22.10 59.72
CA GLY K 294 -7.57 23.42 59.13
C GLY K 294 -6.40 24.36 59.32
N ILE K 295 -5.25 23.99 58.79
CA ILE K 295 -4.10 24.90 58.76
C ILE K 295 -4.16 25.74 57.49
N THR K 296 -4.50 27.02 57.62
CA THR K 296 -4.73 27.86 56.46
C THR K 296 -3.43 28.17 55.71
N PHE K 297 -2.32 28.14 56.44
CA PHE K 297 -1.01 28.10 55.81
C PHE K 297 -0.01 27.44 56.73
N ASP K 298 0.78 26.53 56.17
CA ASP K 298 1.78 25.81 56.94
C ASP K 298 3.19 26.15 56.46
N SER K 299 3.81 27.13 57.11
CA SER K 299 5.18 27.50 56.79
C SER K 299 6.14 26.47 57.37
N GLY K 300 5.65 25.73 58.36
CA GLY K 300 6.47 24.77 59.08
C GLY K 300 6.88 25.31 60.44
N GLY K 301 6.67 26.60 60.66
CA GLY K 301 7.13 27.24 61.88
C GLY K 301 8.65 27.32 61.85
N TYR K 302 9.28 27.33 63.02
CA TYR K 302 10.73 27.39 63.10
C TYR K 302 11.40 26.20 62.43
N ASN K 303 10.70 25.07 62.37
CA ASN K 303 11.12 23.98 61.48
C ASN K 303 10.64 24.29 60.07
N LEU K 304 11.13 25.40 59.53
CA LEU K 304 10.69 25.95 58.26
C LEU K 304 10.77 24.95 57.10
N LYS K 305 9.77 24.99 56.23
CA LYS K 305 9.80 24.19 55.02
C LYS K 305 10.80 24.79 54.04
N ALA K 306 12.08 24.51 54.27
CA ALA K 306 13.16 25.10 53.48
C ALA K 306 13.92 24.04 52.67
N ALA K 307 13.75 22.77 53.04
CA ALA K 307 14.42 21.67 52.35
C ALA K 307 13.93 21.56 50.92
N PRO K 308 14.81 21.09 50.01
CA PRO K 308 14.40 20.90 48.61
C PRO K 308 13.23 19.93 48.48
N GLY K 309 12.21 20.32 47.73
CA GLY K 309 11.06 19.47 47.52
C GLY K 309 9.99 19.56 48.59
N SER K 310 10.16 20.50 49.52
CA SER K 310 9.20 20.64 50.62
C SER K 310 7.97 21.43 50.17
N MET K 311 8.08 22.07 49.01
CA MET K 311 6.96 22.76 48.35
C MET K 311 6.15 23.68 49.27
N ILE K 312 6.81 24.70 49.80
CA ILE K 312 6.15 25.61 50.73
C ILE K 312 5.04 26.42 50.05
N ASP K 313 5.15 26.61 48.73
CA ASP K 313 4.13 27.39 48.01
C ASP K 313 2.86 26.58 47.75
N LEU K 314 2.83 25.34 48.23
CA LEU K 314 1.66 24.48 48.12
C LEU K 314 0.79 24.58 49.37
N MET K 315 1.40 25.08 50.45
CA MET K 315 0.88 24.89 51.80
C MET K 315 -0.39 25.68 52.16
N LYS K 316 -0.98 26.34 51.17
CA LYS K 316 -2.34 26.85 51.34
C LYS K 316 -3.31 25.67 51.37
N PHE K 317 -2.84 24.51 50.92
CA PHE K 317 -3.66 23.31 50.80
C PHE K 317 -3.85 22.60 52.13
N ASP K 318 -3.23 23.11 53.19
CA ASP K 318 -3.17 22.37 54.46
C ASP K 318 -4.45 22.49 55.27
N MET K 319 -5.47 23.11 54.68
CA MET K 319 -6.81 23.13 55.27
C MET K 319 -7.77 22.32 54.41
N SER K 320 -7.22 21.46 53.56
CA SER K 320 -8.01 20.60 52.68
C SER K 320 -8.96 19.70 53.46
N GLY K 321 -8.54 19.27 54.64
CA GLY K 321 -9.38 18.45 55.48
C GLY K 321 -10.60 19.22 55.95
N CYS K 322 -10.35 20.42 56.46
CA CYS K 322 -11.42 21.33 56.87
C CYS K 322 -12.37 21.58 55.70
N ALA K 323 -11.80 21.82 54.53
CA ALA K 323 -12.58 22.07 53.32
C ALA K 323 -13.49 20.90 52.98
N ALA K 324 -12.95 19.68 53.07
CA ALA K 324 -13.72 18.48 52.77
C ALA K 324 -14.90 18.33 53.74
N VAL K 325 -14.64 18.66 55.01
CA VAL K 325 -15.67 18.57 56.04
C VAL K 325 -16.78 19.59 55.79
N LEU K 326 -16.39 20.80 55.39
CA LEU K 326 -17.35 21.85 55.08
C LEU K 326 -18.12 21.54 53.81
N GLY K 327 -17.43 20.93 52.85
CA GLY K 327 -18.06 20.50 51.62
C GLY K 327 -19.09 19.42 51.92
N CYS K 328 -18.76 18.57 52.89
CA CYS K 328 -19.68 17.54 53.33
C CYS K 328 -20.91 18.18 53.99
N ALA K 329 -20.66 19.21 54.79
CA ALA K 329 -21.75 19.93 55.45
C ALA K 329 -22.75 20.47 54.43
N TYR K 330 -22.25 20.95 53.29
CA TYR K 330 -23.14 21.40 52.23
C TYR K 330 -24.03 20.26 51.75
N CYS K 331 -23.41 19.14 51.41
CA CYS K 331 -24.13 18.00 50.85
C CYS K 331 -25.17 17.46 51.84
N VAL K 332 -24.76 17.29 53.08
CA VAL K 332 -25.66 16.77 54.11
C VAL K 332 -26.81 17.73 54.39
N GLY K 333 -26.49 19.01 54.49
CA GLY K 333 -27.50 20.02 54.75
C GLY K 333 -28.48 20.18 53.61
N THR K 334 -28.05 19.84 52.41
CA THR K 334 -28.90 19.93 51.22
C THR K 334 -29.75 18.68 51.05
N LEU K 335 -29.15 17.52 51.23
CA LEU K 335 -29.83 16.25 51.01
C LEU K 335 -30.65 15.82 52.22
N LYS K 336 -30.25 16.33 53.40
CA LYS K 336 -31.01 16.15 54.64
C LYS K 336 -31.31 14.70 54.99
N PRO K 337 -30.29 13.93 55.41
CA PRO K 337 -30.52 12.55 55.83
C PRO K 337 -31.29 12.50 57.14
N GLU K 338 -32.00 11.39 57.37
CA GLU K 338 -32.80 11.22 58.57
C GLU K 338 -32.04 10.45 59.65
N ASN K 339 -32.50 10.59 60.89
CA ASN K 339 -32.04 9.79 62.03
C ASN K 339 -30.55 9.93 62.37
N VAL K 340 -29.93 11.03 61.98
CA VAL K 340 -28.52 11.26 62.31
C VAL K 340 -28.27 12.65 62.89
N GLU K 341 -27.19 12.76 63.65
CA GLU K 341 -26.71 14.06 64.13
C GLU K 341 -25.23 14.19 63.79
N ILE K 342 -24.90 15.14 62.92
CA ILE K 342 -23.53 15.29 62.47
C ILE K 342 -22.89 16.58 62.96
N HIS K 343 -21.71 16.46 63.55
CA HIS K 343 -20.94 17.62 63.98
C HIS K 343 -19.75 17.84 63.05
N PHE K 344 -19.68 19.02 62.46
CA PHE K 344 -18.60 19.37 61.55
C PHE K 344 -17.58 20.25 62.26
N LEU K 345 -16.40 19.70 62.54
CA LEU K 345 -15.42 20.38 63.36
C LEU K 345 -14.12 20.69 62.62
N SER K 346 -13.52 21.84 62.95
CA SER K 346 -12.16 22.13 62.51
C SER K 346 -11.50 23.15 63.42
N ALA K 347 -10.35 22.77 63.97
CA ALA K 347 -9.52 23.69 64.74
C ALA K 347 -8.63 24.47 63.80
N VAL K 348 -9.10 25.64 63.39
CA VAL K 348 -8.42 26.42 62.35
C VAL K 348 -7.37 27.36 62.93
N CYS K 349 -6.18 27.34 62.34
CA CYS K 349 -5.12 28.27 62.71
C CYS K 349 -4.08 28.37 61.59
N GLU K 350 -3.03 29.14 61.85
CA GLU K 350 -1.95 29.35 60.88
C GLU K 350 -0.59 29.07 61.53
N ASN K 351 0.26 28.31 60.84
CA ASN K 351 1.57 27.92 61.36
C ASN K 351 2.67 28.83 60.80
N MET K 352 3.11 29.80 61.60
CA MET K 352 4.00 30.84 61.09
C MET K 352 5.26 31.02 61.94
N VAL K 353 6.17 31.84 61.41
CA VAL K 353 7.43 32.13 62.09
C VAL K 353 7.40 33.55 62.65
N SER K 354 7.60 33.67 63.95
CA SER K 354 7.45 34.94 64.64
C SER K 354 8.22 34.95 65.95
N LYS K 355 8.31 36.12 66.58
CA LYS K 355 8.84 36.19 67.93
C LYS K 355 7.91 35.46 68.89
N ASN K 356 6.65 35.31 68.47
CA ASN K 356 5.61 34.72 69.30
C ASN K 356 5.36 33.24 69.04
N SER K 357 6.04 32.67 68.05
CA SER K 357 5.80 31.28 67.65
C SER K 357 6.22 30.27 68.72
N TYR K 358 5.67 29.05 68.63
CA TYR K 358 6.13 27.95 69.47
C TYR K 358 7.48 27.47 68.93
N ARG K 359 8.28 26.91 69.82
CA ARG K 359 9.64 26.49 69.48
C ARG K 359 9.78 24.98 69.48
N PRO K 360 10.71 24.47 68.67
CA PRO K 360 11.10 23.07 68.79
C PRO K 360 11.61 22.81 70.20
N GLY K 361 11.11 21.76 70.85
CA GLY K 361 11.52 21.45 72.20
C GLY K 361 10.50 21.87 73.25
N ASP K 362 9.57 22.74 72.88
CA ASP K 362 8.55 23.20 73.81
C ASP K 362 7.72 22.05 74.34
N ILE K 363 7.30 22.15 75.61
CA ILE K 363 6.37 21.18 76.17
C ILE K 363 5.05 21.85 76.44
N ILE K 364 4.00 21.34 75.82
CA ILE K 364 2.67 21.94 75.87
C ILE K 364 1.66 20.95 76.43
N THR K 365 0.53 21.47 76.90
CA THR K 365 -0.47 20.62 77.55
C THR K 365 -1.78 20.61 76.76
N ALA K 366 -2.18 19.41 76.31
CA ALA K 366 -3.43 19.26 75.59
C ALA K 366 -4.62 19.36 76.55
N SER K 367 -5.82 19.44 75.99
CA SER K 367 -7.02 19.68 76.79
C SER K 367 -7.43 18.49 77.65
N ASN K 368 -6.83 17.33 77.41
CA ASN K 368 -7.09 16.15 78.24
C ASN K 368 -6.01 15.96 79.28
N GLY K 369 -5.15 16.97 79.45
CA GLY K 369 -4.15 16.95 80.49
C GLY K 369 -2.81 16.37 80.10
N LYS K 370 -2.73 15.76 78.92
CA LYS K 370 -1.49 15.13 78.46
C LYS K 370 -0.44 16.19 78.06
N THR K 371 0.77 16.06 78.60
CA THR K 371 1.85 16.94 78.22
C THR K 371 2.57 16.39 77.00
N ILE K 372 2.88 17.28 76.06
CA ILE K 372 3.45 16.89 74.76
C ILE K 372 4.78 17.59 74.49
N GLU K 373 5.81 16.82 74.19
CA GLU K 373 7.08 17.41 73.81
C GLU K 373 7.12 17.66 72.30
N VAL K 374 7.28 18.92 71.92
CA VAL K 374 7.37 19.28 70.52
C VAL K 374 8.77 18.99 69.98
N GLY K 375 8.85 18.12 68.98
CA GLY K 375 10.13 17.79 68.39
C GLY K 375 10.31 18.43 67.03
N ASN K 376 9.21 18.85 66.42
CA ASN K 376 9.22 19.45 65.11
C ASN K 376 7.97 20.31 64.92
N THR K 377 8.18 21.62 64.75
CA THR K 377 7.05 22.55 64.67
C THR K 377 6.26 22.39 63.38
N ASP K 378 6.82 21.63 62.42
CA ASP K 378 6.15 21.42 61.14
C ASP K 378 5.24 20.20 61.20
N ALA K 379 5.28 19.48 62.31
CA ALA K 379 4.30 18.43 62.56
C ALA K 379 3.15 19.00 63.40
N GLU K 380 2.57 20.08 62.91
CA GLU K 380 1.60 20.84 63.69
C GLU K 380 0.18 20.31 63.54
N GLY K 381 -0.05 19.53 62.48
CA GLY K 381 -1.38 19.03 62.19
C GLY K 381 -1.94 18.13 63.28
N ARG K 382 -1.08 17.31 63.85
CA ARG K 382 -1.50 16.36 64.87
C ARG K 382 -1.77 17.07 66.20
N LEU K 383 -1.11 18.21 66.41
CA LEU K 383 -1.30 18.98 67.63
C LEU K 383 -2.70 19.60 67.67
N THR K 384 -3.11 20.19 66.57
CA THR K 384 -4.44 20.79 66.48
C THR K 384 -5.51 19.70 66.49
N LEU K 385 -5.25 18.59 65.80
CA LEU K 385 -6.16 17.47 65.77
C LEU K 385 -6.35 16.85 67.15
N ALA K 386 -5.29 16.89 67.95
CA ALA K 386 -5.32 16.33 69.30
C ALA K 386 -6.42 16.97 70.14
N ASP K 387 -6.43 18.31 70.19
CA ASP K 387 -7.45 19.03 70.92
C ASP K 387 -8.82 18.93 70.25
N ALA K 388 -8.81 18.81 68.92
CA ALA K 388 -10.06 18.66 68.18
C ALA K 388 -10.73 17.31 68.47
N LEU K 389 -9.93 16.28 68.67
CA LEU K 389 -10.44 14.94 68.94
C LEU K 389 -11.01 14.84 70.36
N VAL K 390 -10.31 15.44 71.31
CA VAL K 390 -10.79 15.51 72.69
C VAL K 390 -12.14 16.23 72.75
N TYR K 391 -12.24 17.33 72.02
CA TYR K 391 -13.49 18.08 71.91
C TYR K 391 -14.59 17.21 71.30
N ALA K 392 -14.22 16.46 70.27
CA ALA K 392 -15.16 15.60 69.56
C ALA K 392 -15.72 14.50 70.46
N GLU K 393 -14.85 13.86 71.23
CA GLU K 393 -15.28 12.74 72.08
C GLU K 393 -16.17 13.20 73.22
N LYS K 394 -15.96 14.43 73.68
CA LYS K 394 -16.79 15.00 74.75
C LYS K 394 -18.23 15.18 74.29
N LEU K 395 -18.44 15.25 72.98
CA LEU K 395 -19.77 15.42 72.41
C LEU K 395 -20.60 14.15 72.57
N GLY K 396 -19.95 13.03 72.88
CA GLY K 396 -20.64 11.77 73.05
C GLY K 396 -21.22 11.24 71.75
N VAL K 397 -20.35 11.04 70.76
CA VAL K 397 -20.79 10.56 69.46
C VAL K 397 -20.50 9.07 69.28
N ASP K 398 -21.04 8.51 68.20
CA ASP K 398 -20.83 7.11 67.89
C ASP K 398 -19.54 6.90 67.08
N TYR K 399 -19.31 7.79 66.11
CA TYR K 399 -18.11 7.72 65.27
C TYR K 399 -17.37 9.04 65.25
N ILE K 400 -16.05 8.98 65.36
CA ILE K 400 -15.21 10.13 65.08
C ILE K 400 -14.37 9.86 63.84
N VAL K 401 -14.52 10.69 62.82
CA VAL K 401 -13.72 10.54 61.62
C VAL K 401 -12.96 11.84 61.34
N ASP K 402 -11.64 11.77 61.29
CA ASP K 402 -10.86 12.94 60.93
C ASP K 402 -10.24 12.75 59.54
N ILE K 403 -10.11 13.87 58.83
CA ILE K 403 -9.51 13.88 57.51
C ILE K 403 -8.50 15.03 57.46
N ALA K 404 -7.29 14.73 57.00
CA ALA K 404 -6.18 15.65 57.17
C ALA K 404 -5.05 15.46 56.17
N THR K 405 -4.43 16.58 55.78
CA THR K 405 -3.18 16.55 55.02
C THR K 405 -2.01 16.40 55.99
N LEU K 406 -1.90 15.22 56.60
CA LEU K 406 -1.08 15.04 57.78
C LEU K 406 0.39 14.72 57.52
N THR K 407 0.68 13.75 56.65
CA THR K 407 2.06 13.34 56.44
C THR K 407 2.46 13.22 54.97
N GLY K 408 3.59 13.83 54.63
CA GLY K 408 4.12 13.78 53.28
C GLY K 408 4.56 12.39 52.88
N ALA K 409 4.76 11.53 53.86
CA ALA K 409 5.14 10.13 53.61
C ALA K 409 4.09 9.37 52.82
N MET K 410 2.86 9.88 52.81
CA MET K 410 1.79 9.28 52.03
C MET K 410 2.13 9.21 50.54
N LEU K 411 2.94 10.15 50.07
CA LEU K 411 3.40 10.16 48.69
C LEU K 411 4.28 8.96 48.36
N TYR K 412 4.93 8.41 49.39
CA TYR K 412 5.82 7.27 49.21
C TYR K 412 5.13 5.95 49.52
N SER K 413 3.95 6.00 50.14
CA SER K 413 3.21 4.79 50.47
C SER K 413 2.13 4.51 49.43
N LEU K 414 1.16 5.41 49.33
CA LEU K 414 0.03 5.20 48.42
C LEU K 414 0.09 6.13 47.22
N GLY K 415 0.80 7.25 47.37
CA GLY K 415 1.00 8.17 46.27
C GLY K 415 -0.08 9.24 46.15
N THR K 416 -0.38 9.63 44.92
CA THR K 416 -1.28 10.75 44.66
C THR K 416 -2.72 10.35 44.37
N SER K 417 -3.00 9.06 44.35
CA SER K 417 -4.34 8.59 43.98
C SER K 417 -5.17 8.08 45.17
N TYR K 418 -4.57 7.20 45.98
CA TYR K 418 -5.28 6.60 47.10
C TYR K 418 -4.93 7.29 48.41
N ALA K 419 -5.93 7.64 49.20
CA ALA K 419 -5.71 8.15 50.54
C ALA K 419 -5.55 6.98 51.50
N GLY K 420 -4.91 7.24 52.64
CA GLY K 420 -4.76 6.22 53.66
C GLY K 420 -5.79 6.39 54.77
N VAL K 421 -6.33 5.28 55.25
CA VAL K 421 -7.22 5.34 56.40
C VAL K 421 -6.64 4.49 57.55
N PHE K 422 -6.64 5.08 58.73
CA PHE K 422 -6.17 4.43 59.94
C PHE K 422 -7.30 4.48 60.96
N GLY K 423 -7.30 3.58 61.93
CA GLY K 423 -8.34 3.60 62.94
C GLY K 423 -8.18 2.61 64.08
N ASN K 424 -9.08 2.70 65.06
CA ASN K 424 -9.06 1.83 66.23
C ASN K 424 -10.23 0.86 66.24
N ASN K 425 -11.00 0.87 65.15
CA ASN K 425 -12.24 0.10 65.08
C ASN K 425 -12.48 -0.43 63.68
N GLU K 426 -12.52 -1.75 63.55
CA GLU K 426 -12.61 -2.40 62.25
C GLU K 426 -13.92 -2.07 61.53
N GLU K 427 -15.01 -2.07 62.28
CA GLU K 427 -16.32 -1.83 61.70
C GLU K 427 -16.40 -0.45 61.05
N LEU K 428 -15.91 0.57 61.76
CA LEU K 428 -15.88 1.93 61.23
C LEU K 428 -14.98 2.03 60.01
N ILE K 429 -13.84 1.35 60.06
CA ILE K 429 -12.89 1.34 58.96
C ILE K 429 -13.51 0.71 57.71
N ASN K 430 -14.23 -0.40 57.90
CA ASN K 430 -14.90 -1.04 56.78
C ASN K 430 -16.05 -0.18 56.24
N LYS K 431 -16.66 0.62 57.11
CA LYS K 431 -17.68 1.56 56.67
C LYS K 431 -17.06 2.63 55.78
N ILE K 432 -15.86 3.09 56.16
CA ILE K 432 -15.11 4.05 55.35
C ILE K 432 -14.73 3.43 54.01
N LEU K 433 -14.26 2.18 54.03
CA LEU K 433 -13.86 1.50 52.81
C LEU K 433 -15.05 1.29 51.89
N GLN K 434 -16.23 1.06 52.48
CA GLN K 434 -17.46 0.94 51.71
C GLN K 434 -17.82 2.27 51.07
N SER K 435 -17.61 3.35 51.81
CA SER K 435 -17.90 4.69 51.30
C SER K 435 -16.96 5.07 50.16
N SER K 436 -15.75 4.53 50.20
CA SER K 436 -14.78 4.77 49.14
C SER K 436 -15.25 4.13 47.85
N LYS K 437 -15.88 2.96 47.96
CA LYS K 437 -16.37 2.23 46.80
C LYS K 437 -17.53 2.94 46.12
N THR K 438 -18.47 3.46 46.90
CA THR K 438 -19.67 4.06 46.33
C THR K 438 -19.46 5.52 45.91
N SER K 439 -18.50 6.21 46.53
CA SER K 439 -18.18 7.57 46.15
C SER K 439 -17.12 7.60 45.05
N ASN K 440 -16.44 6.49 44.87
CA ASN K 440 -15.33 6.35 43.92
C ASN K 440 -14.16 7.29 44.23
N GLU K 441 -14.03 7.68 45.49
CA GLU K 441 -12.83 8.35 45.97
C GLU K 441 -11.97 7.31 46.69
N PRO K 442 -10.89 6.86 46.02
CA PRO K 442 -10.14 5.67 46.45
C PRO K 442 -9.37 5.84 47.76
N VAL K 443 -9.53 4.85 48.64
CA VAL K 443 -8.92 4.86 49.96
C VAL K 443 -8.39 3.46 50.27
N TRP K 444 -7.26 3.37 50.96
CA TRP K 444 -6.70 2.07 51.33
C TRP K 444 -6.39 2.00 52.81
N TRP K 445 -6.74 0.88 53.43
CA TRP K 445 -6.55 0.67 54.85
C TRP K 445 -5.08 0.44 55.18
N LEU K 446 -4.54 1.25 56.08
CA LEU K 446 -3.16 1.10 56.54
C LEU K 446 -3.16 0.81 58.04
N PRO K 447 -2.14 0.07 58.51
CA PRO K 447 -2.18 -0.38 59.92
C PRO K 447 -1.64 0.64 60.91
N ILE K 448 -2.17 0.57 62.14
CA ILE K 448 -1.56 1.26 63.27
C ILE K 448 -0.74 0.24 64.05
N ILE K 449 0.57 0.22 63.80
CA ILE K 449 1.45 -0.80 64.37
C ILE K 449 1.89 -0.43 65.78
N ASN K 450 1.36 -1.16 66.76
CA ASN K 450 1.57 -0.85 68.17
C ASN K 450 3.01 -0.94 68.63
N GLU K 451 3.83 -1.68 67.88
CA GLU K 451 5.24 -1.82 68.22
C GLU K 451 5.98 -0.49 68.15
N TYR K 452 5.50 0.42 67.31
CA TYR K 452 6.16 1.71 67.12
C TYR K 452 5.79 2.71 68.22
N ARG K 453 4.78 2.38 69.01
CA ARG K 453 4.27 3.29 70.04
C ARG K 453 5.36 3.71 71.03
N ALA K 454 6.29 2.81 71.32
CA ALA K 454 7.34 3.06 72.30
C ALA K 454 8.26 4.21 71.88
N THR K 455 8.25 4.54 70.58
CA THR K 455 9.09 5.62 70.07
C THR K 455 8.52 6.99 70.41
N LEU K 456 7.31 7.01 70.96
CA LEU K 456 6.67 8.26 71.36
C LEU K 456 6.77 8.50 72.87
N ASN K 457 7.56 7.66 73.54
CA ASN K 457 7.75 7.79 74.97
C ASN K 457 8.76 8.89 75.31
N SER K 458 8.25 10.06 75.65
CA SER K 458 9.09 11.21 75.94
C SER K 458 9.85 11.04 77.26
N LYS K 459 11.02 11.65 77.33
CA LYS K 459 11.83 11.60 78.54
C LYS K 459 11.26 12.50 79.64
N TYR K 460 10.61 13.58 79.23
CA TYR K 460 10.14 14.59 80.19
C TYR K 460 8.62 14.78 80.19
N ALA K 461 8.03 14.83 79.00
CA ALA K 461 6.57 14.98 78.88
C ALA K 461 5.91 13.61 78.86
N ASP K 462 4.59 13.61 78.88
CA ASP K 462 3.83 12.36 78.85
C ASP K 462 4.06 11.61 77.53
N ILE K 463 4.21 12.36 76.44
CA ILE K 463 4.34 11.76 75.13
C ILE K 463 5.10 12.68 74.17
N ASN K 464 5.83 12.07 73.24
CA ASN K 464 6.48 12.80 72.17
C ASN K 464 5.51 13.12 71.04
N GLN K 465 5.71 14.27 70.42
CA GLN K 465 4.93 14.64 69.24
C GLN K 465 5.33 13.79 68.04
N ILE K 466 6.63 13.57 67.89
CA ILE K 466 7.14 12.82 66.75
C ILE K 466 8.17 11.78 67.19
N SER K 467 8.37 10.77 66.36
CA SER K 467 9.47 9.83 66.57
C SER K 467 10.77 10.49 66.10
N SER K 468 11.87 10.17 66.76
CA SER K 468 13.14 10.84 66.47
C SER K 468 13.85 10.27 65.25
N SER K 469 13.43 9.09 64.79
CA SER K 469 14.12 8.45 63.66
C SER K 469 13.23 7.49 62.87
N VAL K 470 12.28 6.85 63.53
CA VAL K 470 11.39 5.89 62.88
C VAL K 470 10.64 6.55 61.72
N LYS K 471 10.90 6.06 60.51
CA LYS K 471 10.50 6.76 59.28
C LYS K 471 9.06 6.52 58.85
N ALA K 472 8.41 5.49 59.41
CA ALA K 472 7.01 5.23 59.09
C ALA K 472 6.12 6.28 59.76
N SER K 473 6.23 7.53 59.30
CA SER K 473 5.66 8.67 60.00
C SER K 473 4.14 8.77 59.93
N SER K 474 3.54 8.18 58.90
CA SER K 474 2.08 8.20 58.78
C SER K 474 1.43 7.34 59.87
N ILE K 475 2.11 6.24 60.19
CA ILE K 475 1.66 5.33 61.23
C ILE K 475 1.93 5.92 62.62
N VAL K 476 3.12 6.48 62.80
CA VAL K 476 3.50 7.12 64.05
C VAL K 476 2.55 8.28 64.37
N ALA K 477 2.16 9.02 63.34
CA ALA K 477 1.20 10.11 63.50
C ALA K 477 -0.16 9.58 63.96
N SER K 478 -0.56 8.45 63.41
CA SER K 478 -1.81 7.81 63.81
C SER K 478 -1.74 7.34 65.26
N LEU K 479 -0.59 6.82 65.65
CA LEU K 479 -0.36 6.40 67.02
C LEU K 479 -0.49 7.58 67.99
N PHE K 480 -0.06 8.76 67.54
CA PHE K 480 -0.19 9.96 68.35
C PHE K 480 -1.66 10.36 68.52
N LEU K 481 -2.38 10.44 67.40
CA LEU K 481 -3.80 10.82 67.41
C LEU K 481 -4.63 9.85 68.25
N LYS K 482 -4.27 8.57 68.19
CA LYS K 482 -4.99 7.53 68.92
C LYS K 482 -4.98 7.77 70.43
N GLU K 483 -3.93 8.43 70.90
CA GLU K 483 -3.79 8.73 72.32
C GLU K 483 -4.83 9.72 72.84
N PHE K 484 -5.52 10.40 71.93
CA PHE K 484 -6.48 11.43 72.31
C PHE K 484 -7.91 10.99 72.04
N VAL K 485 -8.09 9.71 71.75
CA VAL K 485 -9.40 9.09 71.68
C VAL K 485 -9.41 7.90 72.64
N GLN K 486 -10.23 7.97 73.68
CA GLN K 486 -10.14 7.01 74.77
C GLN K 486 -11.14 5.86 74.65
N ASN K 487 -12.36 6.16 74.25
CA ASN K 487 -13.40 5.13 74.21
C ASN K 487 -14.46 5.37 73.15
N THR K 488 -14.01 5.66 71.93
CA THR K 488 -14.92 5.92 70.81
C THR K 488 -14.32 5.36 69.52
N ALA K 489 -15.17 4.78 68.68
CA ALA K 489 -14.73 4.32 67.37
C ALA K 489 -14.21 5.51 66.57
N TRP K 490 -12.96 5.43 66.14
CA TRP K 490 -12.30 6.55 65.48
C TRP K 490 -11.50 6.13 64.27
N ALA K 491 -11.62 6.89 63.19
CA ALA K 491 -10.84 6.66 61.99
C ALA K 491 -10.17 7.95 61.54
N HIS K 492 -9.04 7.80 60.86
CA HIS K 492 -8.22 8.92 60.43
C HIS K 492 -7.84 8.76 58.96
N ILE K 493 -8.21 9.74 58.15
CA ILE K 493 -7.94 9.69 56.72
C ILE K 493 -6.86 10.70 56.33
N ASP K 494 -5.69 10.18 55.95
CA ASP K 494 -4.57 11.03 55.58
C ASP K 494 -4.61 11.33 54.08
N ILE K 495 -4.88 12.57 53.73
CA ILE K 495 -5.06 12.96 52.32
C ILE K 495 -3.94 13.88 51.83
N ALA K 496 -2.81 13.87 52.52
CA ALA K 496 -1.68 14.73 52.17
C ALA K 496 -1.18 14.50 50.74
N GLY K 497 -1.30 13.26 50.27
CA GLY K 497 -0.80 12.90 48.96
C GLY K 497 -1.81 13.07 47.82
N VAL K 498 -3.08 12.96 48.14
CA VAL K 498 -4.12 12.95 47.11
C VAL K 498 -4.92 14.24 47.02
N SER K 499 -4.64 15.19 47.89
CA SER K 499 -5.43 16.41 47.94
C SER K 499 -5.24 17.32 46.73
N TRP K 500 -3.99 17.50 46.31
CA TRP K 500 -3.70 18.42 45.21
C TRP K 500 -3.48 17.68 43.89
N ASN K 501 -4.15 18.15 42.84
CA ASN K 501 -3.95 17.62 41.49
C ASN K 501 -2.77 18.35 40.85
N PHE K 502 -1.58 17.78 41.00
CA PHE K 502 -0.35 18.43 40.55
C PHE K 502 -0.33 18.65 39.05
N LYS K 503 -0.87 17.69 38.31
CA LYS K 503 -0.89 17.78 36.85
C LYS K 503 -1.77 18.93 36.39
N ALA K 504 -2.96 19.03 36.97
CA ALA K 504 -3.94 20.04 36.58
C ALA K 504 -3.76 21.35 37.35
N ARG K 505 -2.82 21.35 38.31
CA ARG K 505 -2.51 22.53 39.12
C ARG K 505 -3.75 23.08 39.85
N LYS K 506 -4.47 22.20 40.52
CA LYS K 506 -5.70 22.58 41.22
C LYS K 506 -6.07 21.55 42.28
N PRO K 507 -6.96 21.91 43.22
CA PRO K 507 -7.37 20.91 44.21
C PRO K 507 -8.33 19.89 43.63
N LYS K 508 -8.51 18.78 44.34
CA LYS K 508 -9.49 17.78 43.93
C LYS K 508 -10.79 17.96 44.70
N GLY K 509 -10.69 18.55 45.89
CA GLY K 509 -11.83 18.60 46.79
C GLY K 509 -12.07 17.20 47.32
N PHE K 510 -10.98 16.46 47.45
CA PHE K 510 -11.02 15.06 47.88
C PHE K 510 -11.62 14.93 49.28
N GLY K 511 -12.53 13.97 49.43
CA GLY K 511 -13.09 13.67 50.74
C GLY K 511 -14.56 14.04 50.91
N VAL K 512 -15.01 15.04 50.15
CA VAL K 512 -16.39 15.50 50.26
C VAL K 512 -17.39 14.38 49.99
N ARG K 513 -17.27 13.73 48.85
CA ARG K 513 -18.20 12.69 48.45
C ARG K 513 -18.04 11.43 49.29
N LEU K 514 -16.79 11.12 49.63
CA LEU K 514 -16.49 10.00 50.51
C LEU K 514 -17.19 10.13 51.86
N LEU K 515 -17.03 11.28 52.50
CA LEU K 515 -17.61 11.51 53.82
C LEU K 515 -19.14 11.58 53.76
N THR K 516 -19.66 12.17 52.69
CA THR K 516 -21.11 12.30 52.54
C THR K 516 -21.76 10.93 52.37
N GLU K 517 -21.14 10.08 51.54
CA GLU K 517 -21.62 8.72 51.37
C GLU K 517 -21.58 7.95 52.68
N PHE K 518 -20.56 8.23 53.49
CA PHE K 518 -20.43 7.63 54.81
C PHE K 518 -21.59 8.04 55.71
N VAL K 519 -21.97 9.31 55.64
CA VAL K 519 -23.08 9.83 56.43
C VAL K 519 -24.43 9.32 55.91
N LEU K 520 -24.61 9.39 54.59
CA LEU K 520 -25.88 9.04 53.97
C LEU K 520 -26.19 7.56 54.03
N ASN K 521 -25.17 6.73 53.85
CA ASN K 521 -25.37 5.29 53.75
C ASN K 521 -24.88 4.56 55.01
N SER L 5 10.58 41.21 85.69
CA SER L 5 10.37 39.96 86.43
C SER L 5 9.06 39.29 86.05
N GLU L 6 8.11 40.07 85.54
CA GLU L 6 6.87 39.50 85.02
C GLU L 6 7.11 38.99 83.60
N VAL L 7 6.96 37.67 83.41
CA VAL L 7 7.23 37.09 82.09
C VAL L 7 5.98 37.19 81.22
N PRO L 8 6.16 37.65 79.98
CA PRO L 8 5.08 37.86 79.02
C PRO L 8 4.53 36.56 78.45
N GLN L 9 3.25 36.56 78.09
CA GLN L 9 2.60 35.40 77.49
C GLN L 9 1.96 35.78 76.16
N VAL L 10 1.89 34.83 75.25
CA VAL L 10 1.11 35.01 74.03
C VAL L 10 -0.33 34.59 74.33
N VAL L 11 -0.47 33.45 74.98
CA VAL L 11 -1.76 32.95 75.45
C VAL L 11 -1.70 32.70 76.95
N SER L 12 -2.86 32.61 77.59
CA SER L 12 -2.92 32.43 79.04
C SER L 12 -2.36 31.08 79.50
N LEU L 13 -2.17 30.16 78.56
CA LEU L 13 -1.64 28.84 78.89
C LEU L 13 -0.11 28.80 78.86
N ASP L 14 0.51 29.89 78.43
CA ASP L 14 1.97 30.00 78.47
C ASP L 14 2.45 30.05 79.91
N PRO L 15 3.39 29.16 80.25
CA PRO L 15 3.94 29.12 81.62
C PRO L 15 4.70 30.38 81.98
N THR L 16 4.63 30.77 83.25
CA THR L 16 5.21 32.04 83.68
C THR L 16 6.37 31.84 84.67
N SER L 17 6.80 30.59 84.82
CA SER L 17 7.96 30.30 85.66
C SER L 17 8.51 28.91 85.37
N ILE L 18 9.76 28.68 85.76
CA ILE L 18 10.35 27.36 85.66
C ILE L 18 10.08 26.56 86.92
N PRO L 19 9.44 25.39 86.78
CA PRO L 19 9.30 24.51 87.94
C PRO L 19 10.66 24.01 88.42
N ILE L 20 10.90 24.10 89.72
CA ILE L 20 12.19 23.68 90.29
C ILE L 20 12.00 22.81 91.52
N GLU L 21 12.63 21.63 91.50
CA GLU L 21 12.65 20.78 92.68
C GLU L 21 13.92 21.03 93.49
N TYR L 22 13.76 21.58 94.68
CA TYR L 22 14.89 21.77 95.58
C TYR L 22 15.03 20.56 96.50
N ASN L 23 13.92 20.18 97.12
CA ASN L 23 13.88 19.01 97.99
C ASN L 23 13.65 17.72 97.21
N THR L 24 14.72 16.97 96.99
CA THR L 24 14.64 15.75 96.21
C THR L 24 14.77 14.52 97.13
N PRO L 25 14.26 13.36 96.68
CA PRO L 25 14.37 12.13 97.45
C PRO L 25 15.81 11.77 97.82
N ILE L 26 16.77 12.25 97.03
CA ILE L 26 18.18 12.03 97.29
C ILE L 26 18.59 12.65 98.63
N HIS L 27 18.00 13.79 98.95
CA HIS L 27 18.31 14.48 100.20
C HIS L 27 17.75 13.77 101.43
N ASP L 28 16.93 12.75 101.21
CA ASP L 28 16.37 11.98 102.32
C ASP L 28 17.14 10.70 102.58
N ILE L 29 18.15 10.42 101.76
CA ILE L 29 18.92 9.19 101.89
C ILE L 29 20.00 9.30 102.97
N LYS L 30 19.94 8.42 103.96
CA LYS L 30 20.94 8.39 105.02
C LYS L 30 22.13 7.54 104.59
N VAL L 31 23.33 8.12 104.64
CA VAL L 31 24.52 7.45 104.17
C VAL L 31 25.42 7.03 105.33
N GLN L 32 25.84 5.76 105.30
CA GLN L 32 26.74 5.24 106.32
C GLN L 32 27.93 4.55 105.69
N VAL L 33 29.13 4.98 106.06
CA VAL L 33 30.35 4.39 105.53
C VAL L 33 31.05 3.54 106.59
N TYR L 34 31.34 2.29 106.24
CA TYR L 34 31.99 1.36 107.16
C TYR L 34 33.30 0.86 106.58
N ASP L 35 34.18 0.36 107.46
CA ASP L 35 35.44 -0.22 107.02
C ASP L 35 35.21 -1.68 106.62
N ILE L 36 35.84 -2.10 105.53
CA ILE L 36 35.66 -3.45 105.03
C ILE L 36 36.32 -4.49 105.92
N LYS L 37 37.21 -4.04 106.81
CA LYS L 37 37.97 -4.92 107.67
C LYS L 37 37.09 -5.67 108.67
N GLY L 38 36.03 -5.01 109.13
CA GLY L 38 35.16 -5.58 110.14
C GLY L 38 34.16 -6.60 109.61
N GLY L 39 34.10 -6.74 108.29
CA GLY L 39 33.15 -7.64 107.67
C GLY L 39 31.87 -6.90 107.32
N CYS L 40 31.06 -7.50 106.44
CA CYS L 40 29.86 -6.86 105.95
C CYS L 40 28.60 -7.53 106.49
N ASN L 41 27.71 -6.73 107.07
CA ASN L 41 26.41 -7.24 107.52
C ASN L 41 25.37 -7.17 106.41
N VAL L 42 24.65 -8.26 106.20
CA VAL L 42 23.58 -8.31 105.21
C VAL L 42 22.24 -8.53 105.91
N GLU L 43 21.60 -7.45 106.30
CA GLU L 43 20.35 -7.53 107.06
C GLU L 43 19.13 -7.24 106.21
N GLU L 44 19.22 -6.23 105.36
CA GLU L 44 18.07 -5.80 104.56
C GLU L 44 18.48 -5.27 103.19
N GLY L 45 17.48 -4.96 102.37
CA GLY L 45 17.67 -4.29 101.10
C GLY L 45 18.55 -5.01 100.09
N LEU L 46 19.25 -4.23 99.28
CA LEU L 46 20.14 -4.76 98.26
C LEU L 46 21.60 -4.50 98.61
N THR L 47 22.42 -5.55 98.54
CA THR L 47 23.85 -5.43 98.79
C THR L 47 24.63 -5.75 97.52
N ILE L 48 25.43 -4.79 97.05
CA ILE L 48 26.16 -4.95 95.80
C ILE L 48 27.67 -4.86 96.00
N PHE L 49 28.38 -5.86 95.49
CA PHE L 49 29.84 -5.89 95.57
C PHE L 49 30.45 -5.39 94.26
N LEU L 50 31.35 -4.41 94.37
CA LEU L 50 32.07 -3.90 93.21
C LEU L 50 33.33 -4.73 93.01
N VAL L 51 33.34 -5.56 91.96
CA VAL L 51 34.36 -6.59 91.79
C VAL L 51 35.09 -6.49 90.45
N ASN L 52 36.42 -6.56 90.49
CA ASN L 52 37.21 -6.64 89.26
C ASN L 52 38.03 -7.93 89.23
N ASN L 53 38.82 -8.09 88.18
CA ASN L 53 39.74 -9.22 88.06
C ASN L 53 40.96 -8.79 87.25
N PRO L 54 41.97 -8.23 87.94
CA PRO L 54 43.19 -7.77 87.30
C PRO L 54 43.96 -8.89 86.59
N GLY L 55 44.47 -8.62 85.39
CA GLY L 55 45.34 -9.55 84.69
C GLY L 55 44.62 -10.62 83.89
N LYS L 56 43.31 -10.72 84.08
CA LYS L 56 42.50 -11.69 83.34
C LYS L 56 41.18 -11.08 82.84
N GLU L 57 41.19 -10.63 81.59
CA GLU L 57 40.06 -9.90 81.01
C GLU L 57 38.78 -10.71 80.98
N ASN L 58 37.69 -10.10 81.44
CA ASN L 58 36.39 -10.73 81.53
C ASN L 58 36.45 -12.03 82.34
N GLY L 59 37.30 -12.05 83.36
CA GLY L 59 37.49 -13.22 84.19
C GLY L 59 36.33 -13.43 85.15
N PRO L 60 36.39 -14.52 85.94
CA PRO L 60 35.32 -14.87 86.87
C PRO L 60 35.22 -13.91 88.06
N VAL L 61 34.02 -13.80 88.61
CA VAL L 61 33.78 -13.01 89.81
C VAL L 61 34.23 -13.78 91.05
N LYS L 62 35.02 -13.12 91.90
CA LYS L 62 35.48 -13.74 93.14
C LYS L 62 35.38 -12.75 94.31
N ILE L 63 34.51 -13.06 95.26
CA ILE L 63 34.26 -12.18 96.40
C ILE L 63 35.30 -12.37 97.49
N SER L 64 35.97 -11.28 97.86
CA SER L 64 37.05 -11.34 98.84
C SER L 64 36.59 -11.01 100.27
N SER L 65 35.57 -10.17 100.37
CA SER L 65 35.12 -9.68 101.68
C SER L 65 34.45 -10.75 102.53
N LYS L 66 34.54 -10.59 103.84
CA LYS L 66 33.85 -11.47 104.76
C LYS L 66 32.45 -10.92 105.07
N VAL L 67 31.44 -11.75 104.88
CA VAL L 67 30.07 -11.34 105.17
C VAL L 67 29.52 -12.09 106.37
N ASN L 68 28.96 -11.35 107.32
CA ASN L 68 28.55 -11.91 108.60
C ASN L 68 27.16 -12.55 108.54
N ASP L 69 26.97 -13.41 107.55
CA ASP L 69 25.72 -14.12 107.37
C ASP L 69 25.99 -15.43 106.65
N LYS L 70 25.69 -16.55 107.31
CA LYS L 70 26.01 -17.88 106.78
C LYS L 70 25.31 -18.15 105.45
N GLN L 71 24.09 -17.64 105.30
CA GLN L 71 23.32 -17.84 104.07
C GLN L 71 23.95 -17.10 102.90
N VAL L 72 24.16 -15.79 103.08
CA VAL L 72 24.77 -14.96 102.05
C VAL L 72 26.18 -15.46 101.71
N SER L 73 26.92 -15.87 102.74
CA SER L 73 28.27 -16.38 102.55
C SER L 73 28.26 -17.62 101.66
N GLU L 74 27.27 -18.49 101.86
CA GLU L 74 27.12 -19.69 101.06
C GLU L 74 26.84 -19.33 99.61
N PHE L 75 26.04 -18.28 99.42
CA PHE L 75 25.73 -17.80 98.08
C PHE L 75 26.96 -17.23 97.40
N LEU L 76 27.78 -16.52 98.18
CA LEU L 76 28.94 -15.80 97.64
C LEU L 76 30.17 -16.69 97.52
N LYS L 77 29.98 -18.00 97.58
CA LYS L 77 31.10 -18.93 97.45
C LYS L 77 31.72 -18.85 96.05
N ASP L 78 33.01 -19.15 95.97
CA ASP L 78 33.75 -19.01 94.72
C ASP L 78 33.20 -19.88 93.60
N GLU L 79 32.71 -21.06 93.95
CA GLU L 79 32.18 -22.00 92.96
C GLU L 79 30.91 -21.47 92.30
N ASN L 80 30.13 -20.70 93.05
CA ASN L 80 28.90 -20.12 92.52
C ASN L 80 29.18 -18.85 91.72
N MET L 81 30.04 -17.99 92.26
CA MET L 81 30.29 -16.68 91.66
C MET L 81 31.13 -16.76 90.39
N GLU L 82 31.90 -17.84 90.23
CA GLU L 82 32.76 -18.00 89.07
C GLU L 82 31.94 -18.22 87.79
N LYS L 83 30.64 -18.49 87.96
CA LYS L 83 29.74 -18.62 86.82
C LYS L 83 29.46 -17.25 86.19
N PHE L 84 29.86 -16.21 86.90
CA PHE L 84 29.68 -14.84 86.43
C PHE L 84 31.04 -14.21 86.13
N ASN L 85 31.05 -13.19 85.27
CA ASN L 85 32.30 -12.55 84.89
C ASN L 85 32.32 -11.04 85.20
N VAL L 86 33.53 -10.49 85.29
CA VAL L 86 33.71 -9.12 85.77
C VAL L 86 33.72 -8.07 84.66
N LYS L 87 33.28 -8.45 83.47
CA LYS L 87 33.24 -7.52 82.34
C LYS L 87 32.53 -6.22 82.75
N LEU L 88 33.18 -5.10 82.49
CA LEU L 88 32.74 -3.79 82.98
C LEU L 88 31.27 -3.51 82.70
N GLY L 89 30.49 -3.35 83.77
CA GLY L 89 29.10 -2.97 83.63
C GLY L 89 28.12 -4.13 83.75
N THR L 90 28.59 -5.35 83.54
CA THR L 90 27.71 -6.51 83.65
C THR L 90 27.34 -6.75 85.11
N SER L 91 26.10 -7.16 85.34
CA SER L 91 25.63 -7.36 86.71
C SER L 91 24.68 -8.54 86.86
N LYS L 92 24.69 -9.12 88.04
CA LYS L 92 23.73 -10.13 88.44
C LYS L 92 23.33 -9.86 89.88
N HIS L 93 22.06 -10.08 90.22
CA HIS L 93 21.64 -9.98 91.61
C HIS L 93 20.50 -10.95 91.89
N PHE L 94 20.54 -11.56 93.07
CA PHE L 94 19.60 -12.60 93.45
C PHE L 94 18.88 -12.24 94.75
N TYR L 95 17.59 -12.57 94.82
CA TYR L 95 16.84 -12.48 96.06
C TYR L 95 16.92 -13.80 96.82
N MET L 96 17.10 -13.72 98.13
CA MET L 96 17.25 -14.91 98.96
C MET L 96 16.95 -14.60 100.42
N PHE L 97 16.78 -15.64 101.23
CA PHE L 97 16.60 -15.47 102.67
C PHE L 97 17.94 -15.54 103.39
N ASN L 98 18.13 -14.68 104.38
CA ASN L 98 19.36 -14.70 105.16
C ASN L 98 19.22 -15.53 106.43
N ASP L 99 20.11 -15.31 107.40
CA ASP L 99 20.15 -16.11 108.62
C ASP L 99 18.90 -15.91 109.48
N ASN L 100 18.26 -14.75 109.36
CA ASN L 100 17.08 -14.46 110.17
C ASN L 100 15.79 -14.48 109.37
N LYS L 101 15.78 -15.30 108.31
CA LYS L 101 14.61 -15.48 107.46
C LYS L 101 14.10 -14.17 106.87
N ASN L 102 15.00 -13.20 106.72
CA ASN L 102 14.66 -11.94 106.09
C ASN L 102 15.00 -11.96 104.61
N SER L 103 14.14 -11.35 103.80
CA SER L 103 14.36 -11.29 102.37
C SER L 103 15.43 -10.25 102.04
N VAL L 104 16.56 -10.72 101.54
CA VAL L 104 17.64 -9.82 101.11
C VAL L 104 18.00 -10.09 99.66
N ALA L 105 18.52 -9.06 99.00
CA ALA L 105 18.99 -9.21 97.62
C ALA L 105 20.50 -8.97 97.56
N VAL L 106 21.22 -9.88 96.94
CA VAL L 106 22.68 -9.82 96.89
C VAL L 106 23.16 -9.93 95.45
N GLY L 107 24.07 -9.06 95.05
CA GLY L 107 24.58 -9.07 93.70
C GLY L 107 25.95 -8.43 93.54
N TYR L 108 26.36 -8.25 92.28
CA TYR L 108 27.65 -7.66 91.97
C TYR L 108 27.57 -6.77 90.73
N VAL L 109 28.55 -5.90 90.57
CA VAL L 109 28.74 -5.16 89.31
C VAL L 109 30.17 -5.33 88.85
N GLY L 110 30.34 -5.77 87.60
CA GLY L 110 31.66 -6.00 87.04
C GLY L 110 32.43 -4.71 86.80
N CYS L 111 33.67 -4.67 87.26
CA CYS L 111 34.49 -3.48 87.11
C CYS L 111 35.71 -3.72 86.21
N GLY L 112 35.60 -4.69 85.32
CA GLY L 112 36.64 -4.96 84.35
C GLY L 112 37.93 -5.51 84.95
N SER L 113 39.05 -5.22 84.29
CA SER L 113 40.33 -5.79 84.67
C SER L 113 41.38 -4.74 85.04
N VAL L 114 41.18 -3.50 84.59
CA VAL L 114 42.14 -2.46 84.93
C VAL L 114 41.92 -2.02 86.38
N ALA L 115 43.03 -1.88 87.13
CA ALA L 115 42.96 -1.63 88.56
C ALA L 115 42.44 -0.25 88.90
N ASP L 116 42.81 0.74 88.10
CA ASP L 116 42.37 2.11 88.33
C ASP L 116 41.32 2.53 87.30
N LEU L 117 40.07 2.57 87.74
CA LEU L 117 38.96 2.90 86.86
C LEU L 117 38.98 4.37 86.47
N SER L 118 38.66 4.65 85.20
CA SER L 118 38.54 6.01 84.74
C SER L 118 37.19 6.59 85.11
N GLU L 119 37.02 7.88 84.89
CA GLU L 119 35.74 8.54 85.11
C GLU L 119 34.63 7.89 84.29
N ALA L 120 34.94 7.55 83.04
CA ALA L 120 33.97 6.94 82.14
C ALA L 120 33.60 5.52 82.58
N ASP L 121 34.59 4.77 83.06
CA ASP L 121 34.35 3.41 83.51
C ASP L 121 33.50 3.40 84.78
N MET L 122 33.80 4.30 85.70
CA MET L 122 33.03 4.42 86.94
C MET L 122 31.58 4.76 86.62
N LYS L 123 31.38 5.57 85.59
CA LYS L 123 30.04 5.95 85.15
C LYS L 123 29.27 4.74 84.64
N ARG L 124 29.96 3.85 83.94
CA ARG L 124 29.35 2.62 83.43
C ARG L 124 28.96 1.71 84.59
N VAL L 125 29.77 1.72 85.64
CA VAL L 125 29.50 0.92 86.83
C VAL L 125 28.25 1.43 87.54
N VAL L 126 28.17 2.75 87.72
CA VAL L 126 27.04 3.37 88.40
C VAL L 126 25.73 3.15 87.64
N LEU L 127 25.78 3.31 86.33
CA LEU L 127 24.62 3.09 85.47
C LEU L 127 24.04 1.69 85.66
N SER L 128 24.93 0.71 85.75
CA SER L 128 24.51 -0.67 85.99
C SER L 128 23.85 -0.80 87.35
N LEU L 129 24.41 -0.13 88.34
CA LEU L 129 23.85 -0.11 89.69
C LEU L 129 22.48 0.56 89.71
N VAL L 130 22.35 1.67 88.99
CA VAL L 130 21.10 2.42 88.94
C VAL L 130 19.99 1.62 88.26
N THR L 131 20.37 0.82 87.26
CA THR L 131 19.41 -0.05 86.58
C THR L 131 18.73 -1.00 87.57
N MET L 132 19.50 -1.48 88.55
CA MET L 132 18.96 -2.35 89.58
C MET L 132 18.05 -1.59 90.54
N LEU L 133 18.40 -0.34 90.84
CA LEU L 133 17.60 0.48 91.74
C LEU L 133 16.27 0.87 91.12
N HIS L 134 16.26 1.05 89.79
CA HIS L 134 15.06 1.46 89.08
C HIS L 134 14.09 0.29 88.88
N ASP L 135 14.58 -0.93 89.10
CA ASP L 135 13.78 -2.12 88.88
C ASP L 135 13.42 -2.84 90.18
N ASN L 136 13.83 -2.28 91.31
CA ASN L 136 13.63 -2.92 92.59
C ASN L 136 13.14 -1.97 93.69
N LYS L 137 12.06 -2.36 94.36
CA LYS L 137 11.58 -1.63 95.53
C LYS L 137 12.43 -1.98 96.73
N LEU L 138 13.27 -1.03 97.16
CA LEU L 138 14.24 -1.29 98.22
C LEU L 138 14.21 -0.18 99.27
N SER L 139 14.51 -0.55 100.51
CA SER L 139 14.62 0.43 101.58
C SER L 139 16.06 0.90 101.71
N LYS L 140 16.99 0.02 101.35
CA LYS L 140 18.40 0.29 101.53
C LYS L 140 19.25 -0.30 100.41
N LEU L 141 20.23 0.47 99.95
CA LEU L 141 21.27 -0.06 99.09
C LEU L 141 22.58 -0.11 99.87
N THR L 142 23.31 -1.20 99.74
CA THR L 142 24.64 -1.31 100.33
C THR L 142 25.66 -1.62 99.25
N VAL L 143 26.70 -0.80 99.17
CA VAL L 143 27.76 -0.98 98.18
C VAL L 143 29.05 -1.39 98.85
N VAL L 144 29.64 -2.48 98.37
CA VAL L 144 30.90 -2.97 98.93
C VAL L 144 32.03 -2.79 97.92
N PHE L 145 32.98 -1.93 98.25
CA PHE L 145 34.10 -1.64 97.35
C PHE L 145 35.24 -2.64 97.49
N GLU L 146 35.28 -3.62 96.58
CA GLU L 146 36.41 -4.53 96.52
C GLU L 146 37.35 -4.08 95.39
N ILE L 147 37.37 -2.77 95.18
CA ILE L 147 38.25 -2.15 94.20
C ILE L 147 38.94 -0.95 94.84
N ASN L 148 39.99 -0.47 94.19
CA ASN L 148 40.72 0.69 94.70
C ASN L 148 40.24 2.00 94.07
N VAL L 149 39.76 2.91 94.91
CA VAL L 149 39.40 4.25 94.47
C VAL L 149 39.95 5.29 95.44
N ASP L 150 40.32 6.47 94.94
CA ASP L 150 40.75 7.55 95.82
C ASP L 150 39.54 8.39 96.23
N LYS L 151 39.79 9.40 97.06
CA LYS L 151 38.71 10.20 97.63
C LYS L 151 37.88 10.94 96.58
N ASN L 152 38.55 11.46 95.56
CA ASN L 152 37.84 12.20 94.50
C ASN L 152 36.95 11.28 93.68
N LEU L 153 37.48 10.11 93.32
CA LEU L 153 36.72 9.12 92.56
C LEU L 153 35.57 8.56 93.40
N PHE L 154 35.80 8.41 94.70
CA PHE L 154 34.72 7.99 95.60
C PHE L 154 33.60 9.02 95.60
N ARG L 155 33.97 10.29 95.70
CA ARG L 155 32.97 11.35 95.66
C ARG L 155 32.25 11.34 94.32
N PHE L 156 33.01 11.17 93.25
CA PHE L 156 32.45 11.11 91.90
C PHE L 156 31.42 9.98 91.80
N PHE L 157 31.74 8.83 92.40
CA PHE L 157 30.82 7.70 92.43
C PHE L 157 29.47 8.07 93.05
N LEU L 158 29.51 8.74 94.20
CA LEU L 158 28.29 9.14 94.90
C LEU L 158 27.47 10.15 94.10
N GLU L 159 28.14 11.19 93.61
CA GLU L 159 27.50 12.23 92.81
C GLU L 159 26.77 11.63 91.62
N THR L 160 27.49 10.78 90.89
CA THR L 160 26.95 10.14 89.69
C THR L 160 25.81 9.21 90.07
N LEU L 161 25.96 8.52 91.20
CA LEU L 161 24.90 7.65 91.71
C LEU L 161 23.65 8.44 91.98
N PHE L 162 23.77 9.49 92.79
CA PHE L 162 22.64 10.36 93.13
C PHE L 162 22.01 10.97 91.88
N TYR L 163 22.87 11.48 90.99
CA TYR L 163 22.41 12.16 89.79
C TYR L 163 21.64 11.23 88.85
N GLU L 164 22.21 10.06 88.57
CA GLU L 164 21.59 9.12 87.64
C GLU L 164 20.38 8.42 88.27
N TYR L 165 20.36 8.35 89.60
CA TYR L 165 19.26 7.75 90.34
C TYR L 165 18.02 8.64 90.24
N MET L 166 18.23 9.94 90.39
CA MET L 166 17.14 10.91 90.40
C MET L 166 16.44 11.01 89.04
N THR L 167 15.12 11.09 89.06
CA THR L 167 14.35 11.19 87.82
C THR L 167 13.50 12.46 87.77
N ASP L 168 13.67 13.23 86.71
CA ASP L 168 12.99 14.51 86.53
C ASP L 168 11.57 14.30 85.98
N GLU L 169 10.57 14.53 86.83
CA GLU L 169 9.18 14.33 86.43
C GLU L 169 8.37 15.60 86.48
N ARG L 170 9.06 16.75 86.43
CA ARG L 170 8.40 18.05 86.53
C ARG L 170 7.36 18.28 85.43
N PHE L 171 7.57 17.68 84.27
CA PHE L 171 6.69 17.92 83.13
C PHE L 171 5.82 16.71 82.82
N LYS L 172 5.87 15.72 83.71
CA LYS L 172 4.97 14.58 83.63
C LYS L 172 3.61 14.97 84.17
N SER L 173 2.56 14.46 83.54
CA SER L 173 1.20 14.72 83.99
C SER L 173 0.43 13.41 84.14
N THR L 174 -0.01 12.85 83.02
CA THR L 174 -0.72 11.58 83.01
C THR L 174 0.25 10.40 83.07
N ASP L 175 1.45 10.64 83.60
CA ASP L 175 2.47 9.62 83.70
C ASP L 175 3.44 9.90 84.85
N GLU L 181 9.34 4.66 96.94
CA GLU L 181 9.99 4.47 95.65
C GLU L 181 11.51 4.45 95.79
N TYR L 182 12.07 5.55 96.29
CA TYR L 182 13.51 5.68 96.46
C TYR L 182 14.00 5.04 97.76
N ILE L 183 15.24 4.55 97.74
CA ILE L 183 15.85 4.02 98.95
C ILE L 183 15.96 5.11 100.01
N LYS L 184 15.90 4.71 101.27
CA LYS L 184 15.97 5.66 102.37
C LYS L 184 17.32 5.54 103.08
N HIS L 185 18.11 4.55 102.68
CA HIS L 185 19.40 4.31 103.30
C HIS L 185 20.45 3.86 102.29
N LEU L 186 21.67 4.38 102.45
CA LEU L 186 22.79 3.93 101.65
C LEU L 186 23.94 3.51 102.54
N GLY L 187 24.33 2.24 102.43
CA GLY L 187 25.48 1.73 103.16
C GLY L 187 26.67 1.59 102.24
N VAL L 188 27.85 1.95 102.75
CA VAL L 188 29.08 1.84 101.95
C VAL L 188 30.19 1.16 102.76
N TYR L 189 30.71 0.06 102.22
CA TYR L 189 31.85 -0.62 102.83
C TYR L 189 33.11 -0.38 102.02
N ILE L 190 34.14 0.15 102.68
CA ILE L 190 35.38 0.50 101.99
C ILE L 190 36.56 0.55 102.96
N ASN L 191 37.73 0.16 102.49
CA ASN L 191 38.95 0.22 103.28
C ASN L 191 39.30 1.65 103.65
N ASN L 192 39.79 1.84 104.88
CA ASN L 192 40.10 3.16 105.42
C ASN L 192 38.90 4.10 105.29
N ALA L 193 37.76 3.63 105.78
CA ALA L 193 36.48 4.33 105.62
C ALA L 193 36.48 5.74 106.23
N ASP L 194 37.28 5.92 107.27
CA ASP L 194 37.38 7.22 107.94
C ASP L 194 37.82 8.30 106.96
N THR L 195 38.66 7.92 106.01
CA THR L 195 39.20 8.83 105.01
C THR L 195 38.11 9.34 104.06
N TYR L 196 37.13 8.49 103.77
CA TYR L 196 36.13 8.80 102.75
C TYR L 196 34.88 9.49 103.29
N LYS L 197 34.73 9.51 104.62
CA LYS L 197 33.50 10.00 105.26
C LYS L 197 33.16 11.44 104.89
N GLU L 198 34.18 12.28 104.77
CA GLU L 198 33.97 13.70 104.50
C GLU L 198 33.51 13.97 103.07
N GLU L 199 33.69 12.99 102.18
CA GLU L 199 33.32 13.14 100.78
C GLU L 199 31.81 13.04 100.58
N VAL L 200 31.12 12.45 101.55
CA VAL L 200 29.70 12.14 101.41
C VAL L 200 28.82 13.37 101.24
N GLU L 201 28.88 14.30 102.19
CA GLU L 201 28.02 15.48 102.12
C GLU L 201 28.46 16.46 101.04
N LYS L 202 29.75 16.44 100.72
CA LYS L 202 30.25 17.25 99.62
C LYS L 202 29.67 16.74 98.30
N ALA L 203 29.60 15.42 98.17
CA ALA L 203 29.00 14.77 97.02
C ALA L 203 27.52 15.14 96.87
N ARG L 204 26.82 15.19 97.99
CA ARG L 204 25.40 15.53 97.98
C ARG L 204 25.20 16.97 97.52
N VAL L 205 26.15 17.84 97.87
CA VAL L 205 26.12 19.21 97.40
C VAL L 205 26.41 19.25 95.90
N TYR L 206 27.44 18.53 95.49
CA TYR L 206 27.84 18.50 94.08
C TYR L 206 26.72 17.91 93.22
N TYR L 207 26.02 16.92 93.76
CA TYR L 207 24.89 16.32 93.06
C TYR L 207 23.81 17.34 92.76
N PHE L 208 23.41 18.13 93.76
CA PHE L 208 22.28 19.01 93.52
C PHE L 208 22.67 20.19 92.65
N GLY L 209 23.91 20.65 92.79
CA GLY L 209 24.42 21.71 91.93
C GLY L 209 24.30 21.25 90.49
N THR L 210 24.70 20.00 90.25
CA THR L 210 24.64 19.40 88.93
C THR L 210 23.20 19.16 88.51
N TYR L 211 22.39 18.63 89.42
CA TYR L 211 21.00 18.32 89.11
C TYR L 211 20.18 19.59 88.91
N TYR L 212 20.51 20.63 89.66
CA TYR L 212 19.84 21.92 89.51
C TYR L 212 20.13 22.48 88.12
N ALA L 213 21.39 22.39 87.71
CA ALA L 213 21.79 22.86 86.38
C ALA L 213 21.04 22.09 85.31
N SER L 214 20.91 20.78 85.50
CA SER L 214 20.19 19.92 84.58
C SER L 214 18.70 20.28 84.49
N GLN L 215 18.11 20.68 85.61
CA GLN L 215 16.71 21.08 85.63
C GLN L 215 16.46 22.31 84.76
N LEU L 216 17.37 23.27 84.81
CA LEU L 216 17.26 24.48 84.01
C LEU L 216 17.40 24.13 82.52
N ILE L 217 18.41 23.32 82.20
CA ILE L 217 18.68 22.93 80.82
C ILE L 217 17.56 22.11 80.21
N ALA L 218 17.01 21.17 81.00
CA ALA L 218 15.96 20.29 80.52
C ALA L 218 14.65 21.05 80.29
N ALA L 219 14.38 22.04 81.14
CA ALA L 219 13.21 22.89 80.98
C ALA L 219 13.17 23.53 79.60
N PRO L 220 12.09 23.29 78.85
CA PRO L 220 11.92 23.81 77.48
C PRO L 220 11.91 25.33 77.44
N SER L 221 12.08 25.88 76.24
CA SER L 221 12.27 27.31 76.07
C SER L 221 11.03 28.15 76.40
N ASN L 222 9.85 27.53 76.37
CA ASN L 222 8.63 28.24 76.73
C ASN L 222 8.48 28.34 78.25
N TYR L 223 9.08 27.40 78.97
CA TYR L 223 9.16 27.46 80.41
C TYR L 223 10.37 28.28 80.84
N CYS L 224 11.52 27.95 80.26
CA CYS L 224 12.79 28.62 80.58
C CYS L 224 13.13 29.66 79.53
N ASN L 225 12.86 30.92 79.85
CA ASN L 225 13.11 32.04 78.96
C ASN L 225 13.97 33.07 79.71
N PRO L 226 14.42 34.14 79.03
CA PRO L 226 15.25 35.13 79.74
C PRO L 226 14.65 35.66 81.04
N VAL L 227 13.35 35.92 81.05
CA VAL L 227 12.71 36.48 82.24
C VAL L 227 12.60 35.43 83.34
N SER L 228 12.09 34.25 83.00
CA SER L 228 11.89 33.20 83.99
C SER L 228 13.20 32.65 84.53
N LEU L 229 14.24 32.62 83.68
CA LEU L 229 15.54 32.11 84.10
C LEU L 229 16.21 33.07 85.07
N SER L 230 16.10 34.37 84.80
CA SER L 230 16.66 35.37 85.69
C SER L 230 15.87 35.41 87.00
N ASN L 231 14.56 35.18 86.91
CA ASN L 231 13.74 35.07 88.11
C ASN L 231 14.18 33.89 88.99
N ALA L 232 14.55 32.79 88.34
CA ALA L 232 15.02 31.60 89.05
C ALA L 232 16.37 31.85 89.72
N ALA L 233 17.22 32.64 89.07
CA ALA L 233 18.53 32.96 89.62
C ALA L 233 18.39 33.83 90.88
N VAL L 234 17.41 34.72 90.87
CA VAL L 234 17.12 35.56 92.02
C VAL L 234 16.65 34.72 93.21
N GLU L 235 15.71 33.82 92.93
CA GLU L 235 15.21 32.90 93.95
C GLU L 235 16.35 32.08 94.55
N LEU L 236 17.24 31.61 93.69
CA LEU L 236 18.41 30.84 94.13
C LEU L 236 19.31 31.67 95.04
N ALA L 237 19.58 32.90 94.62
CA ALA L 237 20.45 33.80 95.38
C ALA L 237 19.86 34.10 96.74
N GLN L 238 18.55 34.36 96.77
CA GLN L 238 17.84 34.70 98.00
C GLN L 238 17.86 33.53 98.99
N LYS L 239 17.80 32.32 98.48
CA LYS L 239 17.86 31.13 99.33
C LYS L 239 19.27 30.89 99.85
N LEU L 240 20.26 31.36 99.11
CA LEU L 240 21.66 31.16 99.46
C LEU L 240 22.26 32.37 100.16
N ASN L 241 21.43 33.39 100.39
CA ASN L 241 21.89 34.67 100.93
C ASN L 241 23.04 35.25 100.11
N LEU L 242 22.94 35.16 98.79
CA LEU L 242 23.92 35.76 97.91
C LEU L 242 23.44 37.12 97.43
N GLU L 243 24.35 38.06 97.26
CA GLU L 243 24.01 39.34 96.66
C GLU L 243 23.63 39.10 95.21
N TYR L 244 22.58 39.78 94.75
CA TYR L 244 22.12 39.60 93.38
C TYR L 244 21.70 40.91 92.73
N LYS L 245 21.91 40.98 91.43
CA LYS L 245 21.49 42.13 90.64
C LYS L 245 21.09 41.67 89.25
N ILE L 246 19.91 42.06 88.81
CA ILE L 246 19.45 41.76 87.46
C ILE L 246 19.40 43.04 86.62
N LEU L 247 20.19 43.07 85.55
CA LEU L 247 20.22 44.23 84.68
C LEU L 247 19.17 44.09 83.58
N GLY L 248 18.32 45.11 83.43
CA GLY L 248 17.30 45.12 82.41
C GLY L 248 17.75 45.90 81.18
N VAL L 249 16.88 45.98 80.18
CA VAL L 249 17.19 46.62 78.91
C VAL L 249 17.70 48.05 79.06
N LYS L 250 17.02 48.84 79.90
CA LYS L 250 17.37 50.24 80.09
C LYS L 250 18.80 50.39 80.58
N GLU L 251 19.19 49.56 81.54
CA GLU L 251 20.55 49.58 82.08
C GLU L 251 21.56 49.10 81.04
N LEU L 252 21.21 48.03 80.33
CA LEU L 252 22.09 47.45 79.31
C LEU L 252 22.34 48.45 78.20
N GLU L 253 21.34 49.26 77.88
CA GLU L 253 21.49 50.30 76.87
C GLU L 253 22.45 51.37 77.35
N GLU L 254 22.29 51.79 78.61
CA GLU L 254 23.17 52.77 79.22
C GLU L 254 24.61 52.27 79.24
N LEU L 255 24.78 50.97 79.46
CA LEU L 255 26.10 50.36 79.44
C LEU L 255 26.56 50.08 78.02
N LYS L 256 25.69 50.37 77.05
CA LYS L 256 26.01 50.25 75.63
C LYS L 256 26.38 48.83 75.20
N MET L 257 25.69 47.83 75.75
CA MET L 257 25.95 46.44 75.38
C MET L 257 25.23 46.10 74.06
N GLY L 258 25.69 46.70 72.97
CA GLY L 258 25.04 46.54 71.68
C GLY L 258 25.14 45.15 71.07
N ALA L 259 26.24 44.46 71.33
CA ALA L 259 26.42 43.11 70.79
C ALA L 259 25.41 42.16 71.43
N TYR L 260 25.28 42.26 72.75
CA TYR L 260 24.35 41.44 73.52
C TYR L 260 22.90 41.82 73.22
N LEU L 261 22.62 43.11 73.14
CA LEU L 261 21.26 43.59 72.89
C LEU L 261 20.76 43.25 71.48
N SER L 262 21.66 43.23 70.51
CA SER L 262 21.26 42.95 69.13
C SER L 262 20.76 41.52 68.96
N VAL L 263 21.37 40.59 69.67
CA VAL L 263 20.99 39.18 69.59
C VAL L 263 19.55 38.98 70.06
N GLY L 264 19.16 39.69 71.11
CA GLY L 264 17.85 39.55 71.69
C GLY L 264 16.76 40.42 71.07
N LYS L 265 17.12 41.17 70.03
CA LYS L 265 16.19 42.12 69.42
C LYS L 265 14.90 41.47 68.90
N GLY L 266 15.03 40.26 68.36
CA GLY L 266 13.90 39.58 67.75
C GLY L 266 13.08 38.73 68.68
N SER L 267 13.36 38.82 69.98
CA SER L 267 12.65 38.02 70.98
C SER L 267 11.53 38.80 71.67
N MET L 268 10.46 38.08 72.05
CA MET L 268 9.37 38.68 72.81
C MET L 268 9.76 38.82 74.29
N TYR L 269 10.85 38.16 74.68
CA TYR L 269 11.35 38.24 76.04
C TYR L 269 12.50 39.24 76.13
N PRO L 270 12.37 40.25 76.98
CA PRO L 270 13.45 41.23 77.16
C PRO L 270 14.73 40.60 77.71
N ASN L 271 15.88 41.09 77.26
CA ASN L 271 17.17 40.63 77.76
C ASN L 271 17.30 40.85 79.26
N LYS L 272 17.97 39.92 79.93
CA LYS L 272 18.19 40.00 81.37
C LYS L 272 19.61 39.58 81.71
N PHE L 273 20.38 40.47 82.31
CA PHE L 273 21.75 40.17 82.69
C PHE L 273 21.80 39.77 84.17
N ILE L 274 22.18 38.51 84.42
CA ILE L 274 22.27 37.99 85.78
C ILE L 274 23.64 38.26 86.39
N HIS L 275 23.64 38.79 87.61
CA HIS L 275 24.87 39.04 88.34
C HIS L 275 24.72 38.65 89.81
N LEU L 276 25.18 37.45 90.16
CA LEU L 276 25.20 37.00 91.55
C LEU L 276 26.62 37.11 92.09
N THR L 277 26.74 37.34 93.39
CA THR L 277 28.05 37.49 94.00
C THR L 277 28.16 36.75 95.33
N TYR L 278 29.17 35.90 95.44
CA TYR L 278 29.54 35.30 96.71
C TYR L 278 30.84 35.92 97.19
N LYS L 279 30.91 36.23 98.48
CA LYS L 279 32.16 36.69 99.06
C LYS L 279 32.43 35.97 100.37
N SER L 280 33.59 35.35 100.47
CA SER L 280 34.00 34.65 101.68
C SER L 280 34.06 35.60 102.86
N LYS L 281 33.69 35.13 104.04
CA LYS L 281 33.86 35.90 105.26
C LYS L 281 35.34 36.16 105.49
N GLY L 282 35.67 37.40 105.85
CA GLY L 282 37.06 37.76 106.12
C GLY L 282 37.84 38.17 104.88
N ASP L 283 39.15 37.93 104.93
CA ASP L 283 40.06 38.37 103.89
C ASP L 283 39.84 37.69 102.55
N VAL L 284 39.85 38.48 101.48
CA VAL L 284 39.73 37.94 100.13
C VAL L 284 41.09 37.95 99.44
N LYS L 285 41.51 36.77 98.97
CA LYS L 285 42.81 36.64 98.32
C LYS L 285 42.67 36.57 96.81
N LYS L 286 41.57 35.97 96.35
CA LYS L 286 41.34 35.81 94.92
C LYS L 286 39.95 36.31 94.54
N LYS L 287 39.87 37.02 93.41
CA LYS L 287 38.60 37.49 92.89
C LYS L 287 38.34 36.83 91.54
N ILE L 288 37.18 36.18 91.42
CA ILE L 288 36.89 35.37 90.25
C ILE L 288 35.53 35.72 89.63
N ALA L 289 35.49 35.83 88.30
CA ALA L 289 34.25 36.02 87.57
C ALA L 289 33.96 34.82 86.69
N LEU L 290 32.82 34.19 86.91
CA LEU L 290 32.37 33.07 86.08
C LEU L 290 31.27 33.53 85.14
N VAL L 291 31.49 33.34 83.84
CA VAL L 291 30.57 33.79 82.82
C VAL L 291 29.97 32.62 82.05
N GLY L 292 28.65 32.52 82.05
CA GLY L 292 27.99 31.43 81.34
C GLY L 292 27.15 31.93 80.18
N LYS L 293 27.26 31.24 79.04
CA LYS L 293 26.42 31.55 77.89
C LYS L 293 24.96 31.23 78.22
N GLY L 294 24.09 32.22 78.06
CA GLY L 294 22.71 32.07 78.47
C GLY L 294 21.67 32.30 77.38
N ILE L 295 21.77 31.54 76.31
CA ILE L 295 20.77 31.62 75.24
C ILE L 295 19.66 30.61 75.51
N THR L 296 18.48 31.10 75.89
CA THR L 296 17.39 30.20 76.31
C THR L 296 16.81 29.40 75.15
N PHE L 297 16.92 29.94 73.94
CA PHE L 297 16.66 29.17 72.74
C PHE L 297 17.43 29.75 71.56
N ASP L 298 18.10 28.87 70.83
CA ASP L 298 18.88 29.29 69.68
C ASP L 298 18.28 28.79 68.38
N SER L 299 17.37 29.59 67.81
CA SER L 299 16.78 29.24 66.52
C SER L 299 17.82 29.39 65.42
N GLY L 300 18.83 30.20 65.69
CA GLY L 300 19.86 30.50 64.71
C GLY L 300 19.65 31.89 64.13
N GLY L 301 18.50 32.48 64.39
CA GLY L 301 18.15 33.77 63.82
C GLY L 301 17.86 33.61 62.34
N TYR L 302 18.10 34.68 61.57
CA TYR L 302 17.85 34.63 60.13
C TYR L 302 18.77 33.63 59.44
N ASN L 303 19.92 33.36 60.06
CA ASN L 303 20.70 32.18 59.70
C ASN L 303 20.09 30.96 60.38
N LEU L 304 18.87 30.62 59.98
CA LEU L 304 18.06 29.63 60.67
C LEU L 304 18.70 28.24 60.65
N LYS L 305 18.61 27.54 61.77
CA LYS L 305 19.09 26.16 61.85
C LYS L 305 18.16 25.24 61.06
N ALA L 306 18.37 25.21 59.75
CA ALA L 306 17.50 24.44 58.86
C ALA L 306 18.26 23.33 58.16
N ALA L 307 19.59 23.42 58.18
CA ALA L 307 20.44 22.42 57.55
C ALA L 307 20.30 21.07 58.25
N PRO L 308 20.40 19.98 57.48
CA PRO L 308 20.35 18.62 58.03
C PRO L 308 21.39 18.43 59.13
N GLY L 309 20.94 18.00 60.31
CA GLY L 309 21.85 17.76 61.41
C GLY L 309 22.10 18.95 62.31
N SER L 310 21.44 20.06 62.03
CA SER L 310 21.61 21.27 62.83
C SER L 310 20.87 21.16 64.16
N MET L 311 19.96 20.19 64.26
CA MET L 311 19.26 19.85 65.50
C MET L 311 18.64 21.02 66.24
N ILE L 312 17.72 21.72 65.58
CA ILE L 312 17.11 22.90 66.17
C ILE L 312 16.30 22.55 67.43
N ASP L 313 15.82 21.32 67.53
CA ASP L 313 15.01 20.90 68.67
C ASP L 313 15.84 20.71 69.96
N LEU L 314 17.16 20.74 69.83
CA LEU L 314 18.05 20.60 70.99
C LEU L 314 18.31 21.96 71.66
N MET L 315 18.01 23.03 70.93
CA MET L 315 18.55 24.36 71.22
C MET L 315 18.03 25.02 72.50
N LYS L 316 17.28 24.27 73.30
CA LYS L 316 17.01 24.70 74.67
C LYS L 316 18.26 24.56 75.54
N PHE L 317 19.22 23.77 75.04
CA PHE L 317 20.46 23.48 75.76
C PHE L 317 21.43 24.68 75.75
N ASP L 318 21.10 25.71 74.99
CA ASP L 318 22.07 26.76 74.69
C ASP L 318 22.31 27.70 75.86
N MET L 319 21.69 27.40 77.00
CA MET L 319 21.97 28.14 78.23
C MET L 319 22.65 27.23 79.26
N SER L 320 23.24 26.15 78.78
CA SER L 320 23.94 25.20 79.64
C SER L 320 25.11 25.86 80.37
N GLY L 321 25.78 26.79 79.70
CA GLY L 321 26.85 27.54 80.32
C GLY L 321 26.33 28.33 81.51
N CYS L 322 25.21 28.99 81.31
CA CYS L 322 24.56 29.74 82.38
C CYS L 322 24.12 28.82 83.52
N ALA L 323 23.58 27.67 83.16
CA ALA L 323 23.10 26.70 84.15
C ALA L 323 24.25 26.17 84.99
N ALA L 324 25.38 25.90 84.34
CA ALA L 324 26.57 25.41 85.03
C ALA L 324 27.04 26.43 86.06
N VAL L 325 27.04 27.70 85.67
CA VAL L 325 27.44 28.79 86.53
C VAL L 325 26.51 28.94 87.74
N LEU L 326 25.21 28.85 87.50
CA LEU L 326 24.24 28.93 88.58
C LEU L 326 24.32 27.71 89.50
N GLY L 327 24.58 26.54 88.91
CA GLY L 327 24.77 25.34 89.69
C GLY L 327 26.00 25.48 90.56
N CYS L 328 27.02 26.14 90.03
CA CYS L 328 28.24 26.41 90.78
C CYS L 328 27.96 27.38 91.92
N ALA L 329 27.06 28.33 91.69
CA ALA L 329 26.67 29.28 92.73
C ALA L 329 26.01 28.56 93.90
N TYR L 330 25.24 27.51 93.60
CA TYR L 330 24.65 26.71 94.66
C TYR L 330 25.72 26.02 95.50
N CYS L 331 26.66 25.37 94.82
CA CYS L 331 27.71 24.63 95.50
C CYS L 331 28.60 25.56 96.32
N VAL L 332 28.96 26.70 95.74
CA VAL L 332 29.80 27.68 96.43
C VAL L 332 29.06 28.28 97.62
N GLY L 333 27.82 28.68 97.41
CA GLY L 333 27.02 29.30 98.46
C GLY L 333 26.67 28.35 99.59
N THR L 334 26.84 27.06 99.36
CA THR L 334 26.50 26.06 100.36
C THR L 334 27.73 25.62 101.15
N LEU L 335 28.83 25.37 100.43
CA LEU L 335 30.07 24.95 101.06
C LEU L 335 30.84 26.13 101.66
N LYS L 336 30.51 27.33 101.20
CA LYS L 336 31.08 28.58 101.71
C LYS L 336 32.61 28.57 101.87
N PRO L 337 33.34 28.49 100.75
CA PRO L 337 34.81 28.49 100.82
C PRO L 337 35.36 29.82 101.33
N GLU L 338 36.63 29.83 101.73
CA GLU L 338 37.23 31.03 102.29
C GLU L 338 38.17 31.73 101.30
N ASN L 339 38.55 32.95 101.63
CA ASN L 339 39.56 33.70 100.89
C ASN L 339 39.21 34.00 99.44
N VAL L 340 37.93 34.01 99.12
CA VAL L 340 37.55 34.17 97.72
C VAL L 340 36.29 35.00 97.51
N GLU L 341 36.25 35.70 96.38
CA GLU L 341 35.08 36.47 95.97
C GLU L 341 34.70 36.07 94.54
N ILE L 342 33.50 35.53 94.38
CA ILE L 342 33.06 35.01 93.09
C ILE L 342 31.89 35.79 92.52
N HIS L 343 32.00 36.15 91.23
CA HIS L 343 30.91 36.78 90.52
C HIS L 343 30.34 35.81 89.49
N PHE L 344 29.04 35.55 89.59
CA PHE L 344 28.36 34.65 88.67
C PHE L 344 27.59 35.47 87.65
N LEU L 345 28.03 35.42 86.40
CA LEU L 345 27.51 36.31 85.36
C LEU L 345 26.91 35.55 84.19
N SER L 346 25.84 36.10 83.62
CA SER L 346 25.27 35.55 82.41
C SER L 346 24.41 36.57 81.68
N ALA L 347 24.76 36.85 80.44
CA ALA L 347 23.95 37.72 79.59
C ALA L 347 22.87 36.89 78.89
N VAL L 348 21.69 36.84 79.51
CA VAL L 348 20.65 35.95 79.03
C VAL L 348 19.74 36.61 77.99
N CYS L 349 19.49 35.88 76.90
CA CYS L 349 18.56 36.33 75.86
C CYS L 349 18.10 35.16 75.00
N GLU L 350 17.31 35.45 73.98
CA GLU L 350 16.76 34.43 73.09
C GLU L 350 17.00 34.82 71.62
N ASN L 351 17.48 33.88 70.82
CA ASN L 351 17.83 34.15 69.42
C ASN L 351 16.71 33.73 68.47
N MET L 352 15.90 34.70 68.04
CA MET L 352 14.68 34.40 67.30
C MET L 352 14.59 35.07 65.94
N VAL L 353 13.59 34.65 65.16
CA VAL L 353 13.32 35.24 63.85
C VAL L 353 12.08 36.12 63.93
N SER L 354 12.23 37.38 63.52
CA SER L 354 11.18 38.37 63.66
C SER L 354 11.45 39.53 62.72
N LYS L 355 10.50 40.46 62.62
CA LYS L 355 10.74 41.72 61.92
C LYS L 355 11.76 42.55 62.69
N ASN L 356 11.91 42.25 63.98
CA ASN L 356 12.75 43.03 64.87
C ASN L 356 14.14 42.43 65.08
N SER L 357 14.42 41.31 64.43
CA SER L 357 15.69 40.61 64.62
C SER L 357 16.86 41.34 63.97
N TYR L 358 18.07 41.14 64.50
CA TYR L 358 19.29 41.59 63.82
C TYR L 358 19.48 40.74 62.56
N ARG L 359 20.19 41.29 61.59
CA ARG L 359 20.35 40.67 60.27
C ARG L 359 21.78 40.26 60.04
N PRO L 360 21.98 39.25 59.18
CA PRO L 360 23.33 38.99 58.68
C PRO L 360 23.85 40.24 57.97
N GLY L 361 25.08 40.66 58.27
CA GLY L 361 25.65 41.83 57.66
C GLY L 361 25.53 43.08 58.51
N ASP L 362 24.72 43.01 59.58
CA ASP L 362 24.57 44.13 60.50
C ASP L 362 25.89 44.45 61.19
N ILE L 363 26.16 45.75 61.37
CA ILE L 363 27.32 46.16 62.15
C ILE L 363 26.86 46.73 63.47
N ILE L 364 27.32 46.11 64.56
CA ILE L 364 26.88 46.47 65.89
C ILE L 364 28.08 46.88 66.73
N THR L 365 27.83 47.57 67.83
CA THR L 365 28.91 48.13 68.63
C THR L 365 28.91 47.57 70.05
N ALA L 366 30.00 46.91 70.43
CA ALA L 366 30.15 46.35 71.77
C ALA L 366 30.34 47.46 72.80
N SER L 367 30.28 47.08 74.07
CA SER L 367 30.33 48.06 75.16
C SER L 367 31.71 48.65 75.36
N ASN L 368 32.73 48.05 74.75
CA ASN L 368 34.08 48.61 74.82
C ASN L 368 34.40 49.44 73.57
N GLY L 369 33.38 49.71 72.77
CA GLY L 369 33.54 50.56 71.61
C GLY L 369 33.80 49.85 70.30
N LYS L 370 34.15 48.57 70.36
CA LYS L 370 34.49 47.82 69.15
C LYS L 370 33.27 47.56 68.26
N THR L 371 33.39 47.92 66.98
CA THR L 371 32.35 47.62 66.01
C THR L 371 32.53 46.20 65.46
N ILE L 372 31.41 45.51 65.28
CA ILE L 372 31.42 44.10 64.89
C ILE L 372 30.54 43.88 63.66
N GLU L 373 31.11 43.29 62.61
CA GLU L 373 30.30 42.92 61.44
C GLU L 373 29.74 41.52 61.62
N VAL L 374 28.41 41.42 61.68
CA VAL L 374 27.73 40.14 61.82
C VAL L 374 27.74 39.39 60.50
N GLY L 375 28.43 38.26 60.47
CA GLY L 375 28.48 37.44 59.27
C GLY L 375 27.49 36.29 59.31
N ASN L 376 27.06 35.94 60.52
CA ASN L 376 26.18 34.79 60.73
C ASN L 376 25.42 34.96 62.05
N THR L 377 24.10 35.11 61.97
CA THR L 377 23.29 35.36 63.15
C THR L 377 23.24 34.16 64.10
N ASP L 378 23.72 33.00 63.63
CA ASP L 378 23.73 31.79 64.46
C ASP L 378 25.02 31.71 65.28
N ALA L 379 25.93 32.66 65.07
CA ALA L 379 27.11 32.76 65.94
C ALA L 379 26.86 33.81 67.01
N GLU L 380 25.71 33.71 67.67
CA GLU L 380 25.23 34.76 68.56
C GLU L 380 25.82 34.67 69.96
N GLY L 381 26.32 33.49 70.32
CA GLY L 381 26.89 33.28 71.64
C GLY L 381 28.06 34.19 71.93
N ARG L 382 28.97 34.32 70.97
CA ARG L 382 30.17 35.13 71.17
C ARG L 382 29.84 36.61 71.24
N LEU L 383 28.70 37.00 70.68
CA LEU L 383 28.24 38.38 70.76
C LEU L 383 27.82 38.72 72.18
N THR L 384 27.03 37.84 72.79
CA THR L 384 26.56 38.04 74.15
C THR L 384 27.73 37.97 75.13
N LEU L 385 28.63 37.02 74.91
CA LEU L 385 29.80 36.85 75.76
C LEU L 385 30.73 38.05 75.69
N ALA L 386 30.84 38.65 74.52
CA ALA L 386 31.70 39.81 74.31
C ALA L 386 31.37 40.95 75.28
N ASP L 387 30.08 41.23 75.44
CA ASP L 387 29.64 42.29 76.34
C ASP L 387 29.74 41.87 77.79
N ALA L 388 29.56 40.57 78.05
CA ALA L 388 29.65 40.05 79.41
C ALA L 388 31.11 40.03 79.88
N LEU L 389 32.03 39.81 78.95
CA LEU L 389 33.46 39.81 79.27
C LEU L 389 33.95 41.21 79.62
N VAL L 390 33.52 42.20 78.83
CA VAL L 390 33.81 43.60 79.11
C VAL L 390 33.28 43.97 80.50
N TYR L 391 32.05 43.56 80.79
CA TYR L 391 31.43 43.76 82.09
C TYR L 391 32.26 43.09 83.19
N ALA L 392 32.75 41.89 82.91
CA ALA L 392 33.49 41.10 83.88
C ALA L 392 34.84 41.74 84.24
N GLU L 393 35.57 42.21 83.23
CA GLU L 393 36.89 42.80 83.48
C GLU L 393 36.77 44.12 84.23
N LYS L 394 35.62 44.78 84.10
CA LYS L 394 35.38 46.03 84.84
C LYS L 394 35.21 45.77 86.34
N LEU L 395 34.93 44.52 86.69
CA LEU L 395 34.75 44.13 88.09
C LEU L 395 36.07 44.11 88.86
N GLY L 396 37.18 44.03 88.13
CA GLY L 396 38.50 44.01 88.74
C GLY L 396 38.84 42.69 89.40
N VAL L 397 38.70 41.60 88.65
CA VAL L 397 38.95 40.27 89.18
C VAL L 397 40.32 39.76 88.76
N ASP L 398 40.76 38.65 89.35
CA ASP L 398 42.02 38.04 88.99
C ASP L 398 41.86 37.07 87.82
N TYR L 399 40.74 36.36 87.82
CA TYR L 399 40.47 35.36 86.79
C TYR L 399 39.08 35.53 86.18
N ILE L 400 39.00 35.46 84.86
CA ILE L 400 37.72 35.38 84.17
C ILE L 400 37.60 34.04 83.45
N VAL L 401 36.61 33.25 83.85
CA VAL L 401 36.36 31.97 83.19
C VAL L 401 34.98 31.97 82.57
N ASP L 402 34.91 31.76 81.26
CA ASP L 402 33.60 31.60 80.63
C ASP L 402 33.38 30.14 80.25
N ILE L 403 32.11 29.74 80.25
CA ILE L 403 31.73 28.39 79.86
C ILE L 403 30.51 28.48 78.95
N ALA L 404 30.56 27.78 77.82
CA ALA L 404 29.59 28.04 76.76
C ALA L 404 29.41 26.90 75.76
N THR L 405 28.17 26.66 75.36
CA THR L 405 27.88 25.82 74.22
C THR L 405 28.10 26.64 72.96
N LEU L 406 29.37 26.89 72.64
CA LEU L 406 29.73 27.90 71.66
C LEU L 406 29.80 27.41 70.21
N THR L 407 30.50 26.31 69.96
CA THR L 407 30.70 25.87 68.58
C THR L 407 30.44 24.38 68.36
N GLY L 408 29.67 24.08 67.31
CA GLY L 408 29.35 22.71 66.96
C GLY L 408 30.57 21.89 66.57
N ALA L 409 31.66 22.59 66.23
CA ALA L 409 32.88 21.93 65.78
C ALA L 409 33.56 21.13 66.90
N MET L 410 33.22 21.41 68.15
CA MET L 410 33.74 20.65 69.27
C MET L 410 33.41 19.16 69.13
N LEU L 411 32.28 18.88 68.51
CA LEU L 411 31.84 17.51 68.28
C LEU L 411 32.80 16.76 67.35
N TYR L 412 33.58 17.50 66.57
CA TYR L 412 34.52 16.91 65.63
C TYR L 412 35.95 16.93 66.16
N SER L 413 36.21 17.74 67.17
CA SER L 413 37.54 17.81 67.76
C SER L 413 37.67 16.88 68.96
N LEU L 414 36.89 17.14 70.02
CA LEU L 414 37.00 16.37 71.25
C LEU L 414 35.83 15.41 71.46
N GLY L 415 34.73 15.65 70.75
CA GLY L 415 33.58 14.76 70.84
C GLY L 415 32.63 15.08 71.98
N THR L 416 32.00 14.04 72.51
CA THR L 416 30.93 14.20 73.47
C THR L 416 31.37 14.06 74.93
N SER L 417 32.62 13.72 75.16
CA SER L 417 33.09 13.45 76.51
C SER L 417 33.99 14.56 77.07
N TYR L 418 34.95 15.02 76.27
CA TYR L 418 35.89 16.02 76.74
C TYR L 418 35.53 17.42 76.27
N ALA L 419 35.45 18.36 77.22
CA ALA L 419 35.28 19.76 76.87
C ALA L 419 36.61 20.35 76.45
N GLY L 420 36.58 21.45 75.72
CA GLY L 420 37.80 22.13 75.33
C GLY L 420 37.98 23.42 76.09
N VAL L 421 39.21 23.68 76.55
CA VAL L 421 39.50 24.95 77.19
C VAL L 421 40.56 25.73 76.40
N PHE L 422 40.29 27.02 76.22
CA PHE L 422 41.20 27.94 75.56
C PHE L 422 41.50 29.07 76.53
N GLY L 423 42.61 29.79 76.33
CA GLY L 423 42.92 30.88 77.23
C GLY L 423 44.11 31.74 76.87
N ASN L 424 44.30 32.83 77.60
CA ASN L 424 45.41 33.75 77.39
C ASN L 424 46.47 33.63 78.48
N ASN L 425 46.27 32.68 79.39
CA ASN L 425 47.14 32.57 80.57
C ASN L 425 47.37 31.12 80.96
N GLU L 426 48.61 30.66 80.84
CA GLU L 426 48.95 29.25 81.04
C GLU L 426 48.70 28.78 82.47
N GLU L 427 48.96 29.66 83.44
CA GLU L 427 48.73 29.33 84.84
C GLU L 427 47.25 29.06 85.10
N LEU L 428 46.39 29.90 84.54
CA LEU L 428 44.95 29.73 84.69
C LEU L 428 44.48 28.46 84.01
N ILE L 429 44.98 28.20 82.80
CA ILE L 429 44.65 26.99 82.06
C ILE L 429 44.97 25.73 82.89
N ASN L 430 46.14 25.72 83.51
CA ASN L 430 46.58 24.57 84.30
C ASN L 430 45.71 24.37 85.54
N LYS L 431 45.24 25.46 86.12
CA LYS L 431 44.33 25.37 87.26
C LYS L 431 43.02 24.72 86.84
N ILE L 432 42.55 25.07 85.65
CA ILE L 432 41.33 24.48 85.11
C ILE L 432 41.53 22.98 84.88
N LEU L 433 42.67 22.62 84.32
CA LEU L 433 43.00 21.22 84.07
C LEU L 433 43.11 20.43 85.38
N GLN L 434 43.66 21.05 86.41
CA GLN L 434 43.76 20.40 87.72
C GLN L 434 42.37 20.21 88.33
N SER L 435 41.49 21.19 88.10
CA SER L 435 40.12 21.10 88.57
C SER L 435 39.35 20.01 87.82
N SER L 436 39.68 19.87 86.54
CA SER L 436 39.10 18.81 85.72
C SER L 436 39.45 17.45 86.29
N LYS L 437 40.68 17.33 86.79
CA LYS L 437 41.16 16.07 87.34
C LYS L 437 40.45 15.69 88.64
N THR L 438 40.27 16.66 89.53
CA THR L 438 39.71 16.36 90.84
C THR L 438 38.19 16.28 90.80
N SER L 439 37.57 17.03 89.90
CA SER L 439 36.13 16.98 89.71
C SER L 439 35.71 15.80 88.85
N ASN L 440 36.69 15.24 88.14
CA ASN L 440 36.47 14.18 87.16
C ASN L 440 35.51 14.57 86.04
N GLU L 441 35.45 15.86 85.73
CA GLU L 441 34.81 16.32 84.50
C GLU L 441 35.90 16.65 83.49
N PRO L 442 36.05 15.81 82.45
CA PRO L 442 37.21 15.86 81.55
C PRO L 442 37.25 17.10 80.65
N VAL L 443 38.42 17.73 80.61
CA VAL L 443 38.67 18.92 79.81
C VAL L 443 40.03 18.79 79.13
N TRP L 444 40.12 19.22 77.87
CA TRP L 444 41.40 19.18 77.16
C TRP L 444 41.79 20.57 76.66
N TRP L 445 43.06 20.91 76.82
CA TRP L 445 43.59 22.21 76.43
C TRP L 445 43.77 22.31 74.92
N LEU L 446 43.12 23.30 74.32
CA LEU L 446 43.22 23.53 72.89
C LEU L 446 43.85 24.90 72.64
N PRO L 447 44.57 25.05 71.51
CA PRO L 447 45.35 26.28 71.32
C PRO L 447 44.53 27.44 70.75
N ILE L 448 44.90 28.65 71.13
CA ILE L 448 44.46 29.85 70.44
C ILE L 448 45.54 30.23 69.43
N ILE L 449 45.32 29.90 68.17
CA ILE L 449 46.33 30.06 67.14
C ILE L 449 46.28 31.45 66.53
N ASN L 450 47.23 32.30 66.91
CA ASN L 450 47.24 33.70 66.53
C ASN L 450 47.31 33.94 65.02
N GLU L 451 47.79 32.96 64.27
CA GLU L 451 47.89 33.08 62.83
C GLU L 451 46.51 33.23 62.18
N TYR L 452 45.47 32.74 62.85
CA TYR L 452 44.11 32.79 62.30
C TYR L 452 43.41 34.11 62.58
N ARG L 453 44.03 34.96 63.40
CA ARG L 453 43.41 36.22 63.81
C ARG L 453 43.06 37.12 62.62
N ALA L 454 43.93 37.12 61.61
CA ALA L 454 43.75 37.99 60.45
C ALA L 454 42.46 37.71 59.69
N THR L 455 41.88 36.53 59.89
CA THR L 455 40.62 36.17 59.24
C THR L 455 39.45 36.95 59.82
N LEU L 456 39.66 37.54 60.99
CA LEU L 456 38.61 38.32 61.64
C LEU L 456 38.69 39.80 61.28
N ASN L 457 39.68 40.17 60.46
CA ASN L 457 39.81 41.55 60.00
C ASN L 457 38.65 41.92 59.08
N SER L 458 37.86 42.90 59.49
CA SER L 458 36.71 43.33 58.71
C SER L 458 37.08 44.45 57.75
N LYS L 459 36.41 44.49 56.61
CA LYS L 459 36.61 45.55 55.63
C LYS L 459 36.03 46.88 56.13
N TYR L 460 34.93 46.80 56.86
CA TYR L 460 34.22 48.00 57.31
C TYR L 460 34.19 48.20 58.82
N ALA L 461 33.94 47.13 59.56
CA ALA L 461 33.91 47.20 61.02
C ALA L 461 35.32 47.05 61.60
N ASP L 462 35.44 47.16 62.91
CA ASP L 462 36.72 46.93 63.58
C ASP L 462 37.12 45.47 63.48
N ILE L 463 36.12 44.59 63.48
CA ILE L 463 36.39 43.15 63.51
C ILE L 463 35.21 42.34 63.00
N ASN L 464 35.50 41.20 62.39
CA ASN L 464 34.46 40.25 62.00
C ASN L 464 34.01 39.38 63.17
N GLN L 465 32.71 39.12 63.23
CA GLN L 465 32.14 38.19 64.20
C GLN L 465 32.63 36.78 63.90
N ILE L 466 32.65 36.42 62.61
CA ILE L 466 33.09 35.11 62.19
C ILE L 466 34.06 35.20 61.02
N SER L 467 34.78 34.11 60.79
CA SER L 467 35.59 33.99 59.60
C SER L 467 34.73 33.38 58.49
N SER L 468 35.02 33.73 57.26
CA SER L 468 34.29 33.18 56.12
C SER L 468 35.03 31.96 55.56
N SER L 469 36.33 31.89 55.84
CA SER L 469 37.19 30.89 55.24
C SER L 469 37.49 29.70 56.16
N VAL L 470 38.14 29.98 57.28
CA VAL L 470 38.63 28.97 58.20
C VAL L 470 37.56 27.94 58.59
N LYS L 471 38.00 26.72 58.91
CA LYS L 471 37.09 25.68 59.38
C LYS L 471 37.25 25.48 60.87
N ALA L 472 38.40 25.90 61.42
CA ALA L 472 38.67 25.78 62.84
C ALA L 472 37.87 26.81 63.64
N SER L 473 36.55 26.66 63.62
CA SER L 473 35.65 27.67 64.17
C SER L 473 35.73 27.83 65.67
N SER L 474 36.05 26.74 66.39
CA SER L 474 36.19 26.81 67.84
C SER L 474 37.35 27.73 68.21
N ILE L 475 38.45 27.58 67.49
CA ILE L 475 39.65 28.40 67.73
C ILE L 475 39.39 29.86 67.34
N VAL L 476 38.69 30.07 66.24
CA VAL L 476 38.41 31.41 65.77
C VAL L 476 37.43 32.14 66.70
N ALA L 477 36.48 31.38 67.26
CA ALA L 477 35.57 31.94 68.24
C ALA L 477 36.35 32.42 69.46
N SER L 478 37.38 31.65 69.84
CA SER L 478 38.24 32.01 70.96
C SER L 478 39.02 33.28 70.67
N LEU L 479 39.50 33.42 69.43
CA LEU L 479 40.20 34.63 69.01
C LEU L 479 39.31 35.85 69.12
N PHE L 480 38.04 35.70 68.75
CA PHE L 480 37.07 36.79 68.87
C PHE L 480 36.87 37.20 70.32
N LEU L 481 36.63 36.21 71.18
CA LEU L 481 36.40 36.46 72.61
C LEU L 481 37.60 37.16 73.26
N LYS L 482 38.80 36.72 72.88
CA LYS L 482 40.03 37.26 73.44
C LYS L 482 40.15 38.76 73.22
N GLU L 483 39.56 39.25 72.13
CA GLU L 483 39.57 40.67 71.81
C GLU L 483 38.87 41.52 72.86
N PHE L 484 38.09 40.89 73.73
CA PHE L 484 37.28 41.63 74.69
C PHE L 484 37.80 41.45 76.12
N VAL L 485 39.00 40.90 76.24
CA VAL L 485 39.72 40.85 77.50
C VAL L 485 41.08 41.52 77.32
N GLN L 486 41.29 42.66 77.96
CA GLN L 486 42.48 43.48 77.74
C GLN L 486 43.67 43.07 78.60
N ASN L 487 43.45 42.96 79.90
CA ASN L 487 44.55 42.84 80.86
C ASN L 487 44.27 41.88 82.01
N THR L 488 43.51 40.82 81.75
CA THR L 488 43.12 39.88 82.80
C THR L 488 43.31 38.44 82.34
N ALA L 489 43.79 37.58 83.25
CA ALA L 489 43.88 36.15 82.97
C ALA L 489 42.50 35.59 82.67
N TRP L 490 42.36 34.97 81.50
CA TRP L 490 41.04 34.54 81.03
C TRP L 490 41.08 33.16 80.38
N ALA L 491 40.05 32.36 80.64
CA ALA L 491 39.93 31.03 80.04
C ALA L 491 38.52 30.80 79.52
N HIS L 492 38.42 29.98 78.48
CA HIS L 492 37.15 29.75 77.79
C HIS L 492 36.90 28.26 77.61
N ILE L 493 35.81 27.78 78.19
CA ILE L 493 35.46 26.36 78.14
C ILE L 493 34.28 26.13 77.20
N ASP L 494 34.55 25.51 76.07
CA ASP L 494 33.53 25.23 75.07
C ASP L 494 32.89 23.87 75.35
N ILE L 495 31.63 23.89 75.78
CA ILE L 495 30.94 22.66 76.16
C ILE L 495 29.82 22.29 75.20
N ALA L 496 29.91 22.77 73.96
CA ALA L 496 28.87 22.49 72.99
C ALA L 496 28.75 21.00 72.68
N GLY L 497 29.86 20.29 72.80
CA GLY L 497 29.87 18.88 72.49
C GLY L 497 29.48 17.98 73.64
N VAL L 498 29.76 18.41 74.86
CA VAL L 498 29.65 17.53 76.02
C VAL L 498 28.43 17.79 76.90
N SER L 499 27.69 18.85 76.58
CA SER L 499 26.61 19.29 77.45
C SER L 499 25.41 18.34 77.50
N TRP L 500 25.03 17.81 76.34
CA TRP L 500 23.85 16.95 76.27
C TRP L 500 24.22 15.48 76.16
N ASN L 501 23.62 14.66 77.02
CA ASN L 501 23.77 13.22 76.98
C ASN L 501 22.81 12.64 75.95
N PHE L 502 23.31 12.44 74.73
CA PHE L 502 22.45 12.03 73.61
C PHE L 502 21.88 10.62 73.79
N LYS L 503 22.66 9.72 74.39
CA LYS L 503 22.21 8.35 74.60
C LYS L 503 21.08 8.28 75.64
N ALA L 504 21.19 9.08 76.69
CA ALA L 504 20.22 9.05 77.79
C ALA L 504 19.12 10.09 77.61
N ARG L 505 19.27 10.94 76.61
CA ARG L 505 18.28 11.97 76.25
C ARG L 505 18.03 12.97 77.38
N LYS L 506 19.11 13.40 78.03
CA LYS L 506 19.00 14.35 79.14
C LYS L 506 20.26 15.18 79.26
N PRO L 507 20.18 16.33 79.97
CA PRO L 507 21.41 17.11 80.20
C PRO L 507 22.38 16.40 81.14
N LYS L 508 23.63 16.84 81.15
CA LYS L 508 24.61 16.30 82.08
C LYS L 508 24.82 17.24 83.27
N GLY L 509 24.45 18.51 83.09
CA GLY L 509 24.80 19.53 84.06
C GLY L 509 26.31 19.69 84.11
N PHE L 510 26.94 19.53 82.94
CA PHE L 510 28.39 19.55 82.82
C PHE L 510 28.98 20.89 83.25
N GLY L 511 29.99 20.85 84.11
CA GLY L 511 30.73 22.04 84.45
C GLY L 511 30.53 22.57 85.86
N VAL L 512 29.42 22.16 86.50
CA VAL L 512 29.13 22.63 87.85
C VAL L 512 30.24 22.22 88.81
N ARG L 513 30.59 20.94 88.78
CA ARG L 513 31.62 20.41 89.66
C ARG L 513 33.00 20.91 89.24
N LEU L 514 33.23 20.99 87.94
CA LEU L 514 34.47 21.52 87.40
C LEU L 514 34.77 22.93 87.93
N LEU L 515 33.76 23.79 87.87
CA LEU L 515 33.93 25.17 88.31
C LEU L 515 34.03 25.27 89.83
N THR L 516 33.31 24.42 90.56
CA THR L 516 33.34 24.47 92.01
C THR L 516 34.70 24.02 92.53
N GLU L 517 35.24 22.97 91.92
CA GLU L 517 36.58 22.51 92.28
C GLU L 517 37.61 23.60 92.00
N PHE L 518 37.39 24.35 90.93
CA PHE L 518 38.28 25.45 90.56
C PHE L 518 38.33 26.53 91.65
N VAL L 519 37.17 26.95 92.14
CA VAL L 519 37.12 28.00 93.15
C VAL L 519 37.54 27.46 94.52
N LEU L 520 37.34 26.17 94.74
CA LEU L 520 37.66 25.57 96.03
C LEU L 520 39.15 25.34 96.21
N ASN L 521 39.80 24.85 95.15
CA ASN L 521 41.22 24.53 95.23
C ASN L 521 42.11 25.76 95.09
N ASP L 522 41.53 26.88 94.69
CA ASP L 522 42.28 28.12 94.54
C ASP L 522 42.33 28.89 95.85
ZN ZN M . -1.49 -28.08 -47.53
C CO3 N . -3.01 -29.78 -42.77
O1 CO3 N . -2.28 -29.43 -43.81
O2 CO3 N . -3.07 -31.02 -42.40
O3 CO3 N . -3.69 -28.88 -42.12
ZN ZN O . -4.62 -28.65 -47.93
S SO4 P . 23.91 -19.73 -61.78
O1 SO4 P . 23.38 -21.09 -61.72
O2 SO4 P . 23.25 -18.98 -62.83
O3 SO4 P . 23.69 -19.07 -60.49
O4 SO4 P . 25.35 -19.78 -62.05
S SO4 Q . 28.54 6.22 -59.90
O1 SO4 Q . 29.66 5.50 -60.50
O2 SO4 Q . 27.69 6.77 -60.95
O3 SO4 Q . 29.06 7.31 -59.07
O4 SO4 Q . 27.77 5.31 -59.07
OH4 1PE R . 24.41 -28.24 -60.93
C14 1PE R . 24.37 -25.88 -61.59
C24 1PE R . 24.84 -27.30 -61.95
OH5 1PE R . 25.45 -25.14 -61.07
C15 1PE R . 26.40 -23.01 -60.36
C25 1PE R . 25.23 -23.73 -61.07
OH6 1PE R . 26.74 -23.73 -59.18
OH3 1PE S . 29.85 -18.53 -54.70
C13 1PE S . 27.46 -18.81 -54.91
C23 1PE S . 28.63 -17.84 -54.59
OH4 1PE S . 26.66 -19.00 -53.75
C14 1PE S . 26.65 -21.42 -54.01
C24 1PE S . 25.79 -20.16 -53.81
OH5 1PE S . 25.94 -22.54 -53.53
C15 1PE S . 27.58 -24.31 -53.81
C25 1PE S . 26.74 -23.48 -52.82
OH6 1PE S . 28.92 -24.37 -53.36
CAA 4TL T . -8.34 -26.79 -41.39
CBA 4TL T . -8.27 -26.49 -42.86
CAB 4TL T . -9.31 -25.44 -43.21
CAC 4TL T . -8.54 -27.75 -43.64
CAS 4TL T . -6.87 -26.00 -43.19
OAE 4TL T . -6.22 -25.36 -42.36
N 4TL T . -6.33 -26.27 -44.39
CA 4TL T . -5.02 -25.86 -44.72
C 4TL T . -4.50 -26.82 -45.78
O 4TL T . -4.99 -26.84 -46.91
NAP 4TL T . -3.51 -27.66 -45.46
OAF 4TL T . -3.03 -28.59 -46.46
CAY 4TL T . -4.86 -24.43 -45.19
CAM 4TL T . -3.58 -23.92 -45.33
CAK 4TL T . -3.38 -22.62 -45.76
CAL 4TL T . -5.96 -23.64 -45.49
CAJ 4TL T . -5.77 -22.33 -45.92
CAV 4TL T . -4.48 -21.82 -46.06
CAW 4TL T . -4.29 -20.40 -46.52
CAN 4TL T . -5.25 -19.82 -47.26
CAT 4TL T . -5.09 -18.40 -47.73
FAG 4TL T . -6.05 -17.81 -48.47
CAX 4TL T . -3.99 -17.70 -47.41
FAI 4TL T . -3.84 -16.44 -47.83
CAU 4TL T . -2.90 -18.36 -46.58
FAH 4TL T . -1.81 -17.66 -46.26
CAO 4TL T . -3.04 -19.63 -46.15
S DMS U . 20.82 21.39 -49.13
O DMS U . 21.12 22.37 -50.23
C1 DMS U . 21.41 22.03 -47.55
C2 DMS U . 19.04 21.37 -48.78
ZN ZN V . -25.66 -40.67 -54.90
C CO3 W . -29.97 -39.36 -57.51
O1 CO3 W . -30.09 -39.51 -58.79
O2 CO3 W . -29.08 -40.04 -56.86
O3 CO3 W . -30.75 -38.54 -56.88
ZN ZN X . -24.88 -37.85 -56.12
CAA 4TL Y . -30.95 -33.49 -56.46
CBA 4TL Y . -29.69 -33.42 -55.63
CAB 4TL Y . -29.75 -32.20 -54.74
CAC 4TL Y . -28.50 -33.33 -56.56
CAS 4TL Y . -29.60 -34.69 -54.80
OAE 4TL Y . -30.58 -35.11 -54.21
N 4TL Y . -28.44 -35.35 -54.70
CA 4TL Y . -28.36 -36.56 -53.95
C 4TL Y . -27.28 -37.39 -54.58
O 4TL Y . -26.09 -37.08 -54.49
NAP 4TL Y . -27.64 -38.49 -55.27
OAF 4TL Y . -26.61 -39.30 -55.90
CAY 4TL Y . -28.08 -36.39 -52.48
CAM 4TL Y . -28.11 -37.52 -51.67
CAK 4TL Y . -27.84 -37.42 -50.32
CAL 4TL Y . -27.77 -35.16 -51.93
CAJ 4TL Y . -27.51 -35.06 -50.56
CAV 4TL Y . -27.55 -36.19 -49.76
CAW 4TL Y . -27.25 -36.07 -48.28
CAN 4TL Y . -26.41 -35.11 -47.87
CAT 4TL Y . -26.11 -34.96 -46.39
FAG 4TL Y . -25.28 -33.99 -45.99
CAX 4TL Y . -26.68 -35.79 -45.50
FAI 4TL Y . -26.42 -35.66 -44.19
CAU 4TL Y . -27.63 -36.88 -45.97
FAH 4TL Y . -28.19 -37.69 -45.08
CAO 4TL Y . -27.90 -37.01 -47.28
OH2 1PE Z . -17.80 -70.99 -46.17
C12 1PE Z . -16.68 -70.29 -46.66
C22 1PE Z . -17.09 -69.46 -47.86
OH3 1PE Z . -15.92 -69.08 -48.60
C13 1PE Z . -14.57 -67.40 -47.48
C23 1PE Z . -15.63 -67.70 -48.57
OH4 1PE Z . -15.19 -66.91 -46.31
C14 1PE Z . -14.41 -66.79 -44.00
C24 1PE Z . -14.32 -66.18 -45.42
OH5 1PE Z . -15.74 -66.77 -43.57
C15 1PE Z . -17.29 -67.20 -41.74
C25 1PE Z . -15.99 -67.63 -42.44
OH6 1PE Z . -18.20 -68.29 -41.66
C16 1PE Z . -19.66 -69.91 -42.71
C26 1PE Z . -18.72 -68.70 -42.92
OH7 1PE Z . -20.30 -70.20 -43.94
C13 1PE AA . -23.32 -69.06 -43.56
OH4 1PE AA . -23.53 -67.73 -44.01
C14 1PE AA . -23.30 -66.83 -41.76
C24 1PE AA . -22.85 -66.72 -43.23
OH5 1PE AA . -22.78 -65.76 -41.01
C15 1PE AA . -22.37 -66.40 -38.71
C25 1PE AA . -23.32 -65.67 -39.69
OH6 1PE AA . -22.79 -67.74 -38.55
C26 1PE AA . -23.42 -68.02 -37.31
ZN ZN BA . -14.48 -20.96 -71.53
C CO3 CA . -11.66 -16.61 -70.88
O1 CO3 CA . -12.36 -17.51 -71.51
O2 CO3 CA . -10.36 -16.69 -70.86
O3 CO3 CA . -12.26 -15.63 -70.28
ZN ZN DA . -13.70 -21.10 -68.42
S SO4 EA . -7.29 -38.85 -64.24
O1 SO4 EA . -6.58 -39.90 -64.95
O2 SO4 EA . -7.74 -37.84 -65.20
O3 SO4 EA . -6.40 -38.23 -63.26
O4 SO4 EA . -8.45 -39.41 -63.56
S SO4 FA . -53.21 -28.76 -97.34
O1 SO4 FA . -54.17 -27.73 -97.73
O2 SO4 FA . -52.84 -29.53 -98.53
O3 SO4 FA . -53.82 -29.65 -96.36
O4 SO4 FA . -52.03 -28.13 -96.77
S SO4 GA . -3.11 -1.76 -86.51
O1 SO4 GA . -3.10 -3.04 -85.81
O2 SO4 GA . -3.24 -1.98 -87.95
O3 SO4 GA . -1.86 -1.05 -86.24
O4 SO4 GA . -4.24 -0.95 -86.04
S SO4 HA . -65.09 -13.57 -90.31
O1 SO4 HA . -65.70 -14.88 -90.51
O2 SO4 HA . -65.41 -12.70 -91.45
O3 SO4 HA . -65.61 -12.98 -89.08
O4 SO4 HA . -63.64 -13.71 -90.21
S SO4 IA . -28.35 -35.94 -94.29
O1 SO4 IA . -29.36 -36.39 -93.34
O2 SO4 IA . -28.64 -36.46 -95.63
O3 SO4 IA . -28.38 -34.47 -94.34
O4 SO4 IA . -27.03 -36.38 -93.86
OH3 1PE JA . -22.74 -29.43 -101.53
C13 1PE JA . -22.03 -28.94 -99.28
C23 1PE JA . -21.93 -29.91 -100.48
OH4 1PE JA . -23.37 -28.90 -98.80
C14 1PE JA . -24.88 -28.55 -96.92
C24 1PE JA . -23.50 -29.04 -97.37
OH5 1PE JA . -25.89 -29.31 -97.53
C15 1PE JA . -27.89 -28.47 -98.60
C25 1PE JA . -27.21 -28.84 -97.27
OH6 1PE JA . -28.55 -29.61 -99.13
C16 1PE JA . -28.46 -28.46 -101.28
C26 1PE JA . -28.37 -29.80 -100.53
OH3 1PE KA . -24.45 -34.87 -97.02
C13 1PE KA . -23.34 -36.38 -95.47
C23 1PE KA . -24.28 -36.24 -96.70
OH4 1PE KA . -22.61 -37.59 -95.54
C14 1PE KA . -20.28 -37.24 -96.17
C24 1PE KA . -21.26 -37.52 -95.02
OH5 1PE KA . -18.96 -37.39 -95.71
C15 1PE KA . -18.21 -36.72 -97.95
C25 1PE KA . -17.97 -36.64 -96.43
OH6 1PE KA . -18.36 -35.40 -98.47
CAA 4TL LA . -13.23 -14.16 -65.64
CBA 4TL LA . -14.16 -15.32 -65.39
CAB 4TL LA . -15.14 -14.98 -64.29
CAC 4TL LA . -13.32 -16.52 -64.97
CAS 4TL LA . -14.89 -15.64 -66.68
OAE 4TL LA . -15.42 -14.74 -67.32
N 4TL LA . -14.93 -16.91 -67.11
CA 4TL LA . -15.57 -17.26 -68.34
C 4TL LA . -14.96 -18.57 -68.76
O 4TL LA . -15.21 -19.60 -68.13
NAP 4TL LA . -14.13 -18.61 -69.81
OAF 4TL LA . -13.54 -19.88 -70.20
CAY 4TL LA . -17.08 -17.39 -68.30
CAM 4TL LA . -17.75 -17.56 -69.49
CAK 4TL LA . -19.13 -17.68 -69.52
CAL 4TL LA . -17.80 -17.33 -67.10
CAJ 4TL LA . -19.17 -17.46 -67.13
CAV 4TL LA . -19.85 -17.62 -68.33
CAW 4TL LA . -21.36 -17.78 -68.35
CAN 4TL LA . -21.99 -18.30 -67.28
CAT 4TL LA . -23.50 -18.46 -67.28
FAG 4TL LA . -24.12 -18.97 -66.22
CAX 4TL LA . -24.20 -18.08 -68.37
FAI 4TL LA . -25.54 -18.23 -68.38
CAU 4TL LA . -23.50 -17.51 -69.57
FAH 4TL LA . -24.23 -17.15 -70.64
CAO 4TL LA . -22.16 -17.37 -69.57
ZN ZN MA . -28.32 3.65 -54.07
C CO3 NA . -30.95 2.01 -58.27
O1 CO3 NA . -30.38 1.10 -58.99
O2 CO3 NA . -30.25 2.71 -57.44
O3 CO3 NA . -32.23 2.22 -58.38
ZN ZN OA . -29.50 0.85 -53.18
S SO4 PA . -13.27 28.50 -44.86
O1 SO4 PA . -14.38 28.10 -45.73
O2 SO4 PA . -12.00 28.11 -45.47
O3 SO4 PA . -13.42 27.84 -43.56
O4 SO4 PA . -13.31 29.94 -44.69
OH3 1PE QA . -18.24 31.82 -53.12
C13 1PE QA . -16.70 30.05 -52.54
C23 1PE QA . -17.48 30.77 -53.67
OH4 1PE QA . -15.55 29.41 -53.08
C14 1PE QA . -13.16 29.93 -53.06
C24 1PE QA . -14.38 29.50 -52.23
OH5 1PE QA . -12.32 30.73 -52.27
C25 1PE QA . -12.22 32.09 -52.71
OH4 1PE RA . -14.69 7.08 -79.19
C14 1PE RA . -16.52 7.77 -77.73
C24 1PE RA . -15.99 7.70 -79.18
OH5 1PE RA . -15.55 8.32 -76.89
C15 1PE RA . -15.44 9.77 -74.94
C25 1PE RA . -15.96 8.45 -75.53
OH6 1PE RA . -14.08 9.62 -74.55
C26 1PE RA . -13.90 9.36 -73.16
OH4 1PE SA . -1.61 38.18 -51.58
C14 1PE SA . -1.41 39.20 -53.80
C24 1PE SA . -1.46 39.45 -52.28
OH5 1PE SA . -1.02 40.38 -54.45
C15 1PE SA . 1.20 40.41 -55.44
C25 1PE SA . -0.30 40.15 -55.67
OH6 1PE SA . 1.96 39.35 -56.02
C16 1PE SA . 4.00 38.07 -56.19
C26 1PE SA . 3.28 39.25 -55.51
OH7 1PE SA . 5.15 37.71 -55.43
OH3 1PE TA . -22.31 32.79 -46.29
C13 1PE TA . -21.86 31.24 -44.47
C23 1PE TA . -22.85 31.72 -45.56
OH4 1PE TA . -20.51 31.40 -44.94
C14 1PE TA . -18.12 31.17 -44.49
C24 1PE TA . -19.54 30.63 -44.20
OH5 1PE TA . -17.75 30.85 -45.81
C15 1PE TA . -16.64 32.22 -47.47
C25 1PE TA . -16.48 31.36 -46.21
OH6 1PE TA . -16.44 31.43 -48.63
CAA 4TL UA . -29.58 -4.03 -56.43
CBA 4TL UA . -28.85 -3.87 -57.74
CAB 4TL UA . -29.88 -3.84 -58.87
CAC 4TL UA . -27.91 -5.04 -57.95
CAS 4TL UA . -28.10 -2.56 -57.74
OAE 4TL UA . -27.54 -2.17 -58.76
N 4TL UA . -28.04 -1.83 -56.63
CA 4TL UA . -27.36 -0.58 -56.61
C 4TL UA . -28.02 0.27 -55.55
O 4TL UA . -27.93 -0.05 -54.36
NAP 4TL UA . -28.70 1.35 -55.91
OAF 4TL UA . -29.35 2.18 -54.91
CAY 4TL UA . -25.87 -0.68 -56.33
CAM 4TL UA . -25.09 0.45 -56.50
CAK 4TL UA . -23.73 0.40 -56.26
CAL 4TL UA . -25.29 -1.87 -55.92
CAJ 4TL UA . -23.92 -1.91 -55.68
CAV 4TL UA . -23.14 -0.78 -55.84
CAW 4TL UA . -21.66 -0.82 -55.57
CAN 4TL UA . -21.14 -1.73 -54.71
CAT 4TL UA . -19.67 -1.79 -54.44
FAG 4TL UA . -19.17 -2.70 -53.60
CAX 4TL UA . -18.83 -0.91 -55.06
FAI 4TL UA . -17.52 -0.96 -54.82
CAU 4TL UA . -19.39 0.11 -56.02
FAH 4TL UA . -18.56 0.96 -56.63
CAO 4TL UA . -20.72 0.15 -56.26
ZN ZN VA . -44.01 -16.26 -41.84
C CO3 WA . -43.17 -20.39 -38.71
O1 CO3 WA . -43.66 -19.47 -39.48
O2 CO3 WA . -42.53 -21.40 -39.22
O3 CO3 WA . -43.34 -20.31 -37.42
ZN ZN XA . -40.98 -15.90 -41.12
S SO4 YA . -57.63 -35.68 -29.68
O1 SO4 YA . -59.05 -35.89 -29.42
O2 SO4 YA . -57.04 -36.91 -30.20
O3 SO4 YA . -57.46 -34.61 -30.67
O4 SO4 YA . -56.95 -35.30 -28.45
S SO4 ZA . -67.58 -2.98 -56.24
O1 SO4 ZA . -69.02 -2.78 -56.35
O2 SO4 ZA . -67.22 -4.28 -56.82
O3 SO4 ZA . -67.19 -2.95 -54.84
O4 SO4 ZA . -66.88 -1.92 -56.96
S SO4 AB . -59.20 3.83 -42.23
O1 SO4 AB . -58.94 2.39 -42.21
O2 SO4 AB . -59.62 4.23 -43.57
O3 SO4 AB . -60.26 4.13 -41.28
O4 SO4 AB . -57.99 4.53 -41.85
OH3 1PE BB . -70.38 -4.21 -52.23
C13 1PE BB . -68.91 -2.30 -51.97
C23 1PE BB . -70.02 -2.97 -52.82
OH4 1PE BB . -69.36 -2.07 -50.64
C14 1PE BB . -69.08 -0.91 -48.50
C24 1PE BB . -68.41 -1.37 -49.81
OH5 1PE BB . -69.33 -2.02 -47.67
C15 1PE BB . -70.55 -2.81 -45.73
C25 1PE BB . -69.70 -1.67 -46.33
OH6 1PE BB . -71.66 -3.09 -46.56
OH3 1PE CB . -73.17 -10.12 -56.03
C13 1PE CB . -70.76 -10.27 -55.93
C23 1PE CB . -71.98 -9.61 -56.61
OH4 1PE CB . -70.86 -10.15 -54.52
C14 1PE CB . -69.74 -9.98 -52.36
C24 1PE CB . -69.69 -10.56 -53.78
OH5 1PE CB . -70.93 -10.36 -51.71
C15 1PE CB . -72.37 -10.21 -49.75
C25 1PE CB . -70.96 -10.00 -50.33
OH6 1PE CB . -73.32 -9.52 -50.55
CAA 4TL DB . -37.85 -22.62 -40.22
CBA 4TL DB . -37.60 -21.55 -41.26
CAB 4TL DB . -36.52 -22.00 -42.22
CAC 4TL DB . -37.18 -20.28 -40.55
CAS 4TL DB . -38.90 -21.30 -42.00
OAE 4TL DB . -39.52 -22.24 -42.50
N 4TL DB . -39.37 -20.06 -42.12
CA 4TL DB . -40.62 -19.81 -42.77
C 4TL DB . -41.14 -18.49 -42.25
O 4TL DB . -40.63 -17.43 -42.62
NAP 4TL DB . -42.15 -18.50 -41.38
OAF 4TL DB . -42.65 -17.22 -40.88
CAY 4TL DB . -40.60 -19.75 -44.29
CAM 4TL DB . -41.82 -19.74 -44.94
CAK 4TL DB . -41.85 -19.69 -46.33
CAL 4TL DB . -39.41 -19.73 -45.00
CAJ 4TL DB . -39.45 -19.68 -46.39
CAV 4TL DB . -40.68 -19.66 -47.05
CAW 4TL DB . -40.70 -19.60 -48.56
CAN 4TL DB . -39.69 -19.00 -49.21
CAT 4TL DB . -39.70 -18.92 -50.72
FAG 4TL DB . -38.69 -18.33 -51.35
CAX 4TL DB . -40.72 -19.46 -51.41
FAI 4TL DB . -40.73 -19.40 -52.76
CAU 4TL DB . -41.86 -20.13 -50.69
FAH 4TL DB . -42.86 -20.66 -51.40
CAO 4TL DB . -41.85 -20.20 -49.34
C14 1PE EB . -53.92 5.75 -52.35
OH5 1PE EB . -53.73 6.93 -51.59
C15 1PE EB . -53.96 8.10 -49.47
C25 1PE EB . -53.97 6.75 -50.20
OH6 1PE EB . -55.31 8.57 -49.36
C16 1PE EB . -57.43 8.62 -48.22
C26 1PE EB . -55.93 8.29 -48.12
ZN ZN FB . -20.26 -7.54 -29.48
C CO3 GB . -15.61 -5.76 -31.07
O1 CO3 GB . -14.85 -6.52 -31.79
O2 CO3 GB . -16.51 -6.29 -30.29
O3 CO3 GB . -15.47 -4.47 -31.12
ZN ZN HB . -20.72 -7.10 -32.64
S SO4 IB . -37.44 2.32 -35.49
O1 SO4 IB . -38.38 1.30 -35.95
O2 SO4 IB . -36.75 2.91 -36.62
O3 SO4 IB . -38.17 3.36 -34.78
O4 SO4 IB . -36.47 1.71 -34.57
S SO4 JB . -38.13 -1.20 -13.12
O1 SO4 JB . -39.04 -2.19 -12.55
O2 SO4 JB . -38.73 -0.59 -14.29
O3 SO4 JB . -37.84 -0.16 -12.13
O4 SO4 JB . -36.88 -1.86 -13.48
OH4 1PE KB . -26.30 -10.19 1.50
C14 1PE KB . -25.77 -11.02 -0.73
C24 1PE KB . -25.20 -10.57 0.63
OH5 1PE KB . -25.09 -12.16 -1.17
C15 1PE KB . -26.67 -14.00 -1.31
C25 1PE KB . -25.84 -12.96 -2.09
OH6 1PE KB . -26.05 -15.28 -1.39
C16 1PE KB . -26.32 -16.31 0.78
C26 1PE KB . -26.75 -16.30 -0.70
OH7 1PE KB . -27.46 -16.46 1.61
OH4 1PE LB . -31.60 -5.00 -1.83
C14 1PE LB . -33.26 -6.76 -2.15
C24 1PE LB . -32.73 -5.41 -2.64
OH5 1PE LB . -33.95 -7.42 -3.19
C15 1PE LB . -33.97 -9.43 -1.80
C25 1PE LB . -33.79 -8.84 -3.22
OH6 1PE LB . -33.80 -10.84 -1.84
C16 1PE LB . -32.04 -11.92 -0.57
C26 1PE LB . -32.44 -11.26 -1.90
OH7 1PE LB . -30.67 -11.67 -0.32
OH4 1PE MB . -4.61 10.44 -32.61
C14 1PE MB . -5.89 12.24 -31.53
C24 1PE MB . -5.00 11.84 -32.73
OH5 1PE MB . -5.10 12.61 -30.43
C15 1PE MB . -6.05 12.05 -28.26
C25 1PE MB . -5.85 13.14 -29.33
OH6 1PE MB . -4.93 12.03 -27.39
C16 1PE MB . -3.27 10.52 -26.51
C26 1PE MB . -4.77 10.80 -26.68
OH7 1PE MB . -2.75 9.93 -27.70
CAA 4TL NB . -16.77 -8.13 -36.71
CBA 4TL NB . -15.66 -9.09 -36.31
CAB 4TL NB . -14.35 -8.34 -36.36
CAC 4TL NB . -15.63 -10.25 -37.28
CAS 4TL NB . -15.90 -9.56 -34.89
OAE 4TL NB . -14.98 -10.08 -34.25
N 4TL NB . -17.10 -9.39 -34.34
CA 4TL NB . -17.36 -9.77 -32.98
C 4TL NB . -18.44 -8.85 -32.47
O 4TL NB . -19.59 -8.96 -32.88
NAP 4TL NB . -18.14 -7.89 -31.59
OAF 4TL NB . -19.18 -7.00 -31.11
CAY 4TL NB . -17.78 -11.21 -32.78
CAM 4TL NB . -17.74 -11.72 -31.49
CAK 4TL NB . -18.13 -13.03 -31.24
CAL 4TL NB . -18.20 -12.01 -33.83
CAJ 4TL NB . -18.58 -13.32 -33.59
CAV 4TL NB . -18.54 -13.83 -32.29
CAW 4TL NB . -18.96 -15.26 -32.05
CAN 4TL NB . -19.75 -15.87 -32.95
CAT 4TL NB . -20.19 -17.30 -32.74
FAG 4TL NB . -20.97 -17.90 -33.65
CAX 4TL NB . -19.79 -17.96 -31.63
FAI 4TL NB . -20.18 -19.23 -31.43
CAU 4TL NB . -18.91 -17.27 -30.61
FAH 4TL NB . -18.53 -17.95 -29.52
CAO 4TL NB . -18.51 -16.00 -30.80
OH5 1PE OB . 7.63 -17.95 -22.90
C15 1PE OB . 6.22 -16.50 -24.24
C25 1PE OB . 7.17 -16.61 -23.03
OH6 1PE OB . 4.87 -16.45 -23.78
C16 1PE OB . 2.83 -17.65 -24.20
C26 1PE OB . 3.90 -16.71 -24.78
OH7 1PE OB . 2.89 -17.60 -22.79
OH4 1PE PB . -43.99 -10.61 -16.64
C14 1PE PB . -44.53 -8.24 -16.90
C24 1PE PB . -43.42 -9.28 -16.72
OH5 1PE PB . -44.09 -6.99 -16.42
C15 1PE PB . -43.85 -6.27 -14.11
C25 1PE PB . -44.82 -6.53 -15.27
OH6 1PE PB . -44.48 -6.63 -12.88
ZN ZN QB . 42.88 8.90 52.51
C CO3 RB . 41.30 7.25 57.20
O1 CO3 RB . 41.92 7.61 56.11
O2 CO3 RB . 41.31 6.01 57.58
O3 CO3 RB . 40.68 8.14 57.91
ZN ZN SB . 39.78 8.29 52.13
S SO4 TB . 68.47 17.32 38.26
O1 SO4 TB . 68.02 15.95 38.54
O2 SO4 TB . 67.75 17.84 37.10
O3 SO4 TB . 68.20 18.17 39.42
O4 SO4 TB . 69.90 17.30 37.99
S SO4 UB . 73.16 42.98 40.15
O1 SO4 UB . 74.42 42.29 39.87
O2 SO4 UB . 72.50 43.30 38.89
O3 SO4 UB . 73.43 44.21 40.88
O4 SO4 UB . 72.30 42.10 40.94
S SO4 VB . 56.28 23.64 44.94
O1 SO4 VB . 56.30 22.23 44.57
O2 SO4 VB . 55.10 24.28 44.37
O3 SO4 VB . 57.47 24.31 44.41
O4 SO4 VB . 56.26 23.77 46.39
C14 1PE WB . 83.54 43.18 49.63
C24 1PE WB . 84.93 43.69 50.03
OH5 1PE WB . 83.30 41.95 50.29
C15 1PE WB . 81.70 40.84 51.71
C25 1PE WB . 81.93 41.60 50.39
OH6 1PE WB . 81.60 41.78 52.77
C14 1PE XB . 86.39 44.15 54.47
C24 1PE XB . 86.38 44.88 53.12
OH5 1PE XB . 85.34 44.62 55.27
C15 1PE XB . 83.58 43.00 55.59
C25 1PE XB . 84.82 43.67 56.19
OH6 1PE XB . 82.87 42.31 56.61
OH4 1PE YB . 69.17 8.90 39.10
C14 1PE YB . 69.91 11.08 38.28
C24 1PE YB . 69.01 9.85 38.04
OH5 1PE YB . 69.24 12.01 39.08
C15 1PE YB . 71.24 13.21 39.81
C25 1PE YB . 69.86 13.31 39.13
OH6 1PE YB . 71.09 13.40 41.21
CAA 4TL ZB . 35.35 10.05 55.86
CBA 4TL ZB . 36.01 10.58 57.11
CAB 4TL ZB . 36.07 9.47 58.13
CAC 4TL ZB . 35.21 11.74 57.67
CAS 4TL ZB . 37.43 11.02 56.83
OAE 4TL ZB . 38.08 11.64 57.67
N 4TL ZB . 37.99 10.72 55.65
CA 4TL ZB . 39.33 11.08 55.35
C 4TL ZB . 39.83 10.15 54.28
O 4TL ZB . 39.34 10.17 53.15
NAP 4TL ZB . 40.81 9.28 54.58
OAF 4TL ZB . 41.27 8.36 53.55
CAY 4TL ZB . 39.51 12.50 54.88
CAM 4TL ZB . 40.80 12.99 54.76
CAK 4TL ZB . 41.02 14.29 54.32
CAL 4TL ZB . 38.42 13.30 54.57
CAJ 4TL ZB . 38.64 14.60 54.13
CAV 4TL ZB . 39.93 15.09 54.02
CAW 4TL ZB . 40.15 16.51 53.55
CAN 4TL ZB . 39.24 17.07 52.73
CAT 4TL ZB . 39.45 18.49 52.25
FAG 4TL ZB . 38.54 19.06 51.44
CAX 4TL ZB . 40.53 19.17 52.63
FAI 4TL ZB . 40.71 20.43 52.20
CAU 4TL ZB . 41.55 18.54 53.54
FAH 4TL ZB . 42.63 19.23 53.93
CAO 4TL ZB . 41.36 17.27 53.98
OH4 1PE AC . 73.04 18.60 44.79
C14 1PE AC . 70.98 17.41 45.32
C24 1PE AC . 72.08 18.35 45.85
OH5 1PE AC . 70.57 16.54 46.35
C15 1PE AC . 69.88 14.24 46.03
C25 1PE AC . 69.47 15.72 45.97
OH6 1PE AC . 71.11 14.10 46.71
C16 1PE AC . 72.71 12.47 45.94
C26 1PE AC . 71.52 12.77 46.88
OH7 1PE AC . 73.88 12.26 46.72
C13 1PE BC . 60.18 8.26 28.02
OH4 1PE BC . 59.12 7.37 28.36
C14 1PE BC . 56.73 7.46 28.85
C24 1PE BC . 57.83 7.75 27.82
OH5 1PE BC . 55.49 7.92 28.37
C15 1PE BC . 54.85 10.16 29.06
C25 1PE BC . 55.48 9.28 27.95
OH6 1PE BC . 54.94 11.53 28.69
C16 1PE BC . 55.23 13.19 30.43
C26 1PE BC . 55.92 12.25 29.43
ZN ZN CC . 18.81 -3.74 45.21
C CO3 DC . 14.39 -2.36 42.58
O1 CO3 DC . 14.19 -2.55 41.31
O2 CO3 DC . 15.29 -3.06 43.20
O3 CO3 DC . 13.70 -1.45 43.22
ZN ZN EC . 19.57 -0.88 43.98
S SO4 FC . 37.10 -1.96 35.80
O1 SO4 FC . 37.88 -2.98 35.12
O2 SO4 FC . 36.69 -0.93 34.84
O3 SO4 FC . 37.91 -1.34 36.85
O4 SO4 FC . 35.92 -2.56 36.39
S SO4 GC . 35.37 -22.70 45.35
O1 SO4 GC . 35.17 -23.86 44.48
O2 SO4 GC . 34.07 -22.14 45.71
O3 SO4 GC . 36.07 -23.11 46.56
O4 SO4 GC . 36.16 -21.69 44.64
CAA 4TL HC . 15.74 3.70 43.56
CBA 4TL HC . 14.56 3.58 44.52
CAB 4TL HC . 13.29 3.51 43.71
CAC 4TL HC . 14.51 4.79 45.43
CAS 4TL HC . 14.71 2.31 45.33
OAE 4TL HC . 13.77 1.87 45.97
N 4TL HC . 15.88 1.66 45.33
CA 4TL HC . 16.03 0.44 46.06
C 4TL HC . 17.15 -0.34 45.44
O 4TL HC . 18.31 0.06 45.51
NAP 4TL HC . 16.86 -1.48 44.81
OAF 4TL HC . 17.94 -2.27 44.20
CAY 4TL HC . 16.32 0.62 47.54
CAM 4TL HC . 16.18 -0.48 48.37
CAK 4TL HC . 16.44 -0.39 49.72
CAL 4TL HC . 16.72 1.85 48.07
CAJ 4TL HC . 16.98 1.95 49.42
CAV 4TL HC . 16.83 0.83 50.25
CAW 4TL HC . 17.12 0.95 51.72
CAN 4TL HC . 17.93 1.94 52.16
CAT 4TL HC . 18.24 2.06 53.64
FAG 4TL HC . 19.04 3.04 54.07
CAX 4TL HC . 17.71 1.18 54.51
FAI 4TL HC . 17.97 1.28 55.81
CAU 4TL HC . 16.81 0.08 54.02
FAH 4TL HC . 16.29 -0.80 54.90
CAO 4TL HC . 16.53 -0.04 52.70
S DMS IC . 22.92 -13.91 63.48
O DMS IC . 21.46 -13.73 63.29
C1 DMS IC . 23.78 -13.75 61.89
C2 DMS IC . 23.60 -12.47 64.34
C13 1PE JC . 21.08 -32.94 56.27
C23 1PE JC . 19.78 -33.77 56.10
OH4 1PE JC . 20.74 -31.63 56.73
C14 1PE JC . 21.31 -29.28 57.04
C24 1PE JC . 21.71 -30.61 56.37
OH5 1PE JC . 21.13 -29.49 58.42
C15 1PE JC . 21.21 -28.70 60.71
C25 1PE JC . 21.39 -28.34 59.22
OH6 1PE JC . 22.15 -29.72 61.05
C16 1PE JC . 21.73 -31.41 62.73
C26 1PE JC . 22.22 -29.98 62.44
OH2 1PE KC . 25.05 -33.29 56.68
C12 1PE KC . 25.27 -33.95 55.45
C22 1PE KC . 26.67 -33.64 54.96
OH3 1PE KC . 26.63 -33.41 53.54
C13 1PE KC . 27.67 -32.30 51.66
C23 1PE KC . 27.89 -33.12 52.96
OH4 1PE KC . 28.23 -30.99 51.82
C14 1PE KC . 30.13 -29.86 52.89
C24 1PE KC . 29.67 -30.98 51.93
OH5 1PE KC . 29.55 -30.04 54.15
C15 1PE KC . 29.75 -29.78 56.57
C25 1PE KC . 30.14 -29.24 55.18
OH6 1PE KC . 28.34 -29.86 56.67
C26 1PE KC . 27.86 -30.27 57.94
ZN ZN LC . 30.73 15.89 31.52
C CO3 MC . 32.82 20.39 29.13
O1 CO3 MC . 32.09 19.51 28.52
O2 CO3 MC . 34.11 20.36 29.02
O3 CO3 MC . 32.26 21.32 29.84
ZN ZN NC . 29.96 16.02 28.47
S SO4 OC . 16.18 1.02 5.79
O1 SO4 OC . 16.97 1.60 4.72
O2 SO4 OC . 15.14 0.18 5.22
O3 SO4 OC . 15.56 2.08 6.59
O4 SO4 OC . 17.05 0.21 6.65
S SO4 PC . -8.79 8.30 2.23
O1 SO4 PC . -9.05 6.86 2.38
O2 SO4 PC . -8.06 8.54 0.98
O3 SO4 PC . -10.06 9.02 2.20
O4 SO4 PC . -7.98 8.76 3.36
S SO4 QC . 30.35 -4.69 14.25
O1 SO4 QC . 29.12 -5.39 13.87
O2 SO4 QC . 31.28 -4.69 13.11
O3 SO4 QC . 30.04 -3.30 14.60
O4 SO4 QC . 30.97 -5.37 15.38
S SO4 RC . -20.64 23.30 9.75
O1 SO4 RC . -21.37 22.09 9.40
O2 SO4 RC . -20.88 24.33 8.73
O3 SO4 RC . -21.12 23.79 11.04
O4 SO4 RC . -19.22 23.04 9.85
S SO4 SC . -0.77 7.32 12.57
O1 SO4 SC . -0.94 5.98 12.00
O2 SO4 SC . -1.77 8.20 11.98
O3 SO4 SC . -0.97 7.25 14.02
O4 SO4 SC . 0.56 7.81 12.28
OH3 1PE TC . 26.26 0.20 3.19
C13 1PE TC . 24.51 -1.16 4.18
C23 1PE TC . 25.70 -0.19 4.42
OH4 1PE TC . 23.31 -0.43 4.02
C14 1PE TC . 20.96 -0.18 4.62
C24 1PE TC . 22.37 -0.57 5.11
OH5 1PE TC . 21.06 0.83 3.64
C15 1PE TC . 19.84 2.22 2.05
C25 1PE TC . 19.87 1.58 3.45
OH6 1PE TC . 21.01 3.00 1.85
OH3 1PE UC . 21.53 7.28 -0.46
C13 1PE UC . 21.86 7.74 1.88
C23 1PE UC . 22.39 7.94 0.44
OH4 1PE UC . 20.56 8.31 2.00
C14 1PE UC . 18.41 8.39 3.17
C24 1PE UC . 19.90 8.01 3.26
OH5 1PE UC . 17.76 7.57 2.22
C15 1PE UC . 15.97 7.30 0.61
C25 1PE UC . 16.42 7.96 1.93
OH4 1PE VC . 37.13 41.07 29.33
C14 1PE VC . 36.60 40.65 26.97
C24 1PE VC . 36.49 41.62 28.15
OH5 1PE VC . 35.94 41.18 25.85
C25 1PE VC . 34.65 40.61 25.60
CAA 4TL WC . 31.03 22.83 34.56
CBA 4TL WC . 30.11 21.65 34.74
CAB 4TL WC . 29.06 21.98 35.78
CAC 4TL WC . 30.92 20.45 35.18
CAS 4TL WC . 29.46 21.34 33.41
OAE 4TL WC . 29.00 22.27 32.72
N 4TL WC . 29.38 20.08 32.98
CA 4TL WC . 28.80 19.74 31.73
C 4TL WC . 29.42 18.45 31.29
O 4TL WC . 29.20 17.41 31.91
NAP 4TL WC . 30.22 18.42 30.21
OAF 4TL WC . 30.82 17.17 29.79
CAY 4TL WC . 27.30 19.59 31.74
CAM 4TL WC . 26.64 19.45 30.52
CAK 4TL WC . 25.26 19.31 30.49
CAL 4TL WC . 26.58 19.59 32.92
CAJ 4TL WC . 25.20 19.44 32.89
CAV 4TL WC . 24.55 19.30 31.68
CAW 4TL WC . 23.04 19.16 31.66
CAN 4TL WC . 22.42 18.65 32.74
CAT 4TL WC . 20.91 18.50 32.74
FAG 4TL WC . 20.30 18.00 33.83
CAX 4TL WC . 20.19 18.86 31.67
FAI 4TL WC . 18.87 18.74 31.66
CAU 4TL WC . 20.89 19.43 30.45
FAH 4TL WC . 20.14 19.78 29.40
CAO 4TL WC . 22.23 19.57 30.45
ZN ZN XC . 16.13 40.68 45.92
C CO3 YC . 13.47 38.93 41.60
O1 CO3 YC . 14.04 37.94 40.98
O2 CO3 YC . 14.15 39.68 42.42
O3 CO3 YC . 12.22 39.18 41.42
ZN ZN ZC . 14.96 37.88 46.82
S SO4 AD . 6.94 39.32 64.48
O1 SO4 AD . 6.02 38.28 64.05
O2 SO4 AD . 7.66 39.86 63.32
O3 SO4 AD . 6.20 40.40 65.14
O4 SO4 AD . 7.90 38.77 65.44
S SO4 BD . 31.06 65.64 55.15
O1 SO4 BD . 31.90 64.62 54.54
O2 SO4 BD . 30.57 66.57 54.12
O3 SO4 BD . 31.84 66.38 56.14
O4 SO4 BD . 29.92 65.01 55.81
S SO4 CD . 64.95 58.60 51.00
O1 SO4 CD . 64.83 57.18 50.66
O2 SO4 CD . 65.35 59.35 49.81
O3 SO4 CD . 63.66 59.08 51.48
O4 SO4 CD . 65.96 58.75 52.04
C13 1PE DD . 32.24 69.78 46.31
OH4 1PE DD . 32.15 69.29 47.65
C14 1PE DD . 31.84 66.94 47.05
C24 1PE DD . 32.70 67.96 47.81
OH5 1PE DD . 30.54 66.91 47.59
C15 1PE DD . 28.21 66.30 47.38
C25 1PE DD . 29.65 66.02 46.92
OH6 1PE DD . 27.64 67.31 46.55
C16 1PE DD . 26.03 69.09 46.30
C26 1PE DD . 26.36 67.74 46.97
OH7 1PE DD . 26.65 70.13 47.02
OH4 1PE ED . 22.24 70.50 52.82
C14 1PE ED . 21.51 68.66 54.25
C24 1PE ED . 21.08 69.91 53.45
OH5 1PE ED . 22.85 68.80 54.65
C15 1PE ED . 24.71 68.07 56.05
C25 1PE ED . 23.32 67.73 55.48
OH6 1PE ED . 25.72 67.58 55.19
C16 1PE ED . 27.65 67.94 53.79
C26 1PE ED . 26.71 68.53 54.85
OH7 1PE ED . 27.68 68.77 52.65
OH3 1PE FD . 31.76 46.71 26.42
C13 1PE FD . 29.88 45.82 25.17
C23 1PE FD . 30.42 46.97 26.07
OH4 1PE FD . 28.78 46.28 24.40
C14 1PE FD . 29.02 44.49 22.75
C24 1PE FD . 28.06 45.22 23.71
OH5 1PE FD . 28.51 44.58 21.43
C15 1PE FD . 30.72 44.66 20.41
C25 1PE FD . 29.35 43.95 20.46
OH3 1PE GD . 20.87 58.03 67.55
C13 1PE GD . 21.40 55.73 68.11
C23 1PE GD . 20.79 57.07 68.60
OH4 1PE GD . 22.78 55.91 67.82
C14 1PE GD . 24.38 55.18 66.12
C24 1PE GD . 23.42 54.74 67.26
OH5 1PE GD . 25.28 54.14 65.85
CAA 4TL HD . 14.61 33.32 40.91
CBA 4TL HD . 15.51 33.23 42.13
CAB 4TL HD . 16.32 31.96 42.08
CAC 4TL HD . 14.64 33.24 43.37
CAS 4TL HD . 16.40 34.45 42.14
OAE 4TL HD . 17.16 34.68 41.19
N 4TL HD . 16.36 35.28 43.19
CA 4TL HD . 17.11 36.48 43.31
C 4TL HD . 16.45 37.31 44.38
O 4TL HD . 16.57 36.99 45.56
NAP 4TL HD . 15.74 38.39 44.04
OAF 4TL HD . 15.10 39.18 45.08
CAY 4TL HD . 18.59 36.32 43.62
CAM 4TL HD . 19.39 37.44 43.47
CAK 4TL HD . 20.75 37.38 43.73
CAL 4TL HD . 19.14 35.13 44.03
CAJ 4TL HD . 20.50 35.06 44.30
CAV 4TL HD . 21.31 36.19 44.15
CAW 4TL HD . 22.80 36.11 44.44
CAN 4TL HD . 23.27 35.16 45.27
CAT 4TL HD . 24.76 35.08 45.55
FAG 4TL HD . 25.23 34.14 46.38
CAX 4TL HD . 25.60 35.96 44.97
FAI 4TL HD . 26.92 35.89 45.22
CAU 4TL HD . 25.07 37.01 44.04
FAH 4TL HD . 25.92 37.87 43.47
CAO 4TL HD . 23.74 37.09 43.78
ZN ZN ID . 0.45 20.70 58.18
C CO3 JD . 1.35 16.49 61.28
O1 CO3 JD . 0.73 17.33 60.50
O2 CO3 JD . 2.03 15.50 60.77
O3 CO3 JD . 1.30 16.63 62.58
ZN ZN KD . 3.48 21.09 58.89
S SO4 LD . -23.10 33.89 43.85
O1 SO4 LD . -24.51 33.53 43.92
O2 SO4 LD . -22.43 33.02 42.88
O3 SO4 LD . -22.49 33.71 45.17
O4 SO4 LD . -22.97 35.27 43.43
OH3 1PE MD . -28.79 26.79 43.52
C13 1PE MD . -26.57 26.28 44.37
C23 1PE MD . -27.43 27.20 43.47
OH4 1PE MD . -26.03 27.05 45.45
C14 1PE MD . -25.24 26.88 47.76
C24 1PE MD . -25.15 26.30 46.33
OH5 1PE MD . -26.54 26.67 48.25
C15 1PE MD . -27.94 27.76 49.90
C25 1PE MD . -26.66 26.93 49.66
OH6 1PE MD . -29.08 26.94 49.68
C13 1PE ND . -13.12 45.48 51.80
OH4 1PE ND . -11.70 45.54 51.78
C14 1PE ND . -9.66 44.65 50.78
C24 1PE ND . -11.10 45.11 50.53
OH5 1PE ND . -9.02 44.40 49.54
C25 1PE ND . -9.62 43.36 48.78
OH3 1PE OD . -25.80 33.27 47.42
C13 1PE OD . -25.18 35.09 48.88
C23 1PE OD . -24.88 34.33 47.57
OH4 1PE OD . -23.96 35.45 49.52
C14 1PE OD . -24.71 35.07 51.80
C24 1PE OD . -24.11 36.08 50.82
OH5 1PE OD . -24.89 35.65 53.06
C15 1PE OD . -26.78 34.13 53.38
C25 1PE OD . -25.53 34.78 54.02
OH6 1PE OD . -27.73 33.84 54.40
CAA 4TL PD . 6.70 14.40 59.80
CBA 4TL PD . 6.86 15.45 58.73
CAB 4TL PD . 7.94 15.05 57.75
CAC 4TL PD . 7.24 16.76 59.40
CAS 4TL PD . 5.53 15.63 58.03
OAE 4TL PD . 4.90 14.65 57.64
N 4TL PD . 5.06 16.87 57.84
CA 4TL PD . 3.80 17.11 57.24
C 4TL PD . 3.32 18.42 57.78
O 4TL PD . 3.91 19.46 57.47
NAP 4TL PD . 2.27 18.46 58.59
OAF 4TL PD . 1.81 19.73 59.12
CAY 4TL PD . 3.82 17.17 55.73
CAM 4TL PD . 2.60 17.19 55.05
CAK 4TL PD . 2.57 17.26 53.67
CAL 4TL PD . 5.00 17.22 55.01
CAJ 4TL PD . 4.97 17.29 53.63
CAV 4TL PD . 3.75 17.31 52.96
CAW 4TL PD . 3.73 17.39 51.45
CAN 4TL PD . 4.76 18.00 50.83
CAT 4TL PD . 4.76 18.09 49.33
FAG 4TL PD . 5.78 18.70 48.71
CAX 4TL PD . 3.74 17.57 48.61
FAI 4TL PD . 3.74 17.63 47.28
CAU 4TL PD . 2.59 16.88 49.32
FAH 4TL PD . 1.59 16.36 48.60
CAO 4TL PD . 2.59 16.80 50.66
ZN ZN QD . 23.71 29.92 67.38
C CO3 RD . 28.86 31.42 68.91
O1 CO3 RD . 29.57 30.56 68.22
O2 CO3 RD . 27.86 31.01 69.63
O3 CO3 RD . 29.16 32.67 68.87
ZN ZN SD . 24.20 29.46 70.53
S SO4 TD . 10.44 21.64 96.62
O1 SO4 TD . 9.33 22.42 96.08
O2 SO4 TD . 10.50 20.34 95.96
O3 SO4 TD . 10.26 21.45 98.06
O4 SO4 TD . 11.69 22.35 96.38
OH4 1PE UD . 17.55 20.81 101.81
C14 1PE UD . 18.25 20.72 99.47
C24 1PE UD . 17.32 20.14 100.55
OH5 1PE UD . 17.77 21.95 99.01
C15 1PE UD . 18.26 24.06 97.93
C25 1PE UD . 18.62 22.58 98.05
OH6 1PE UD . 19.02 24.82 98.86
C16 1PE UD . 19.23 26.78 100.27
C26 1PE UD . 18.55 26.14 99.03
OH7 1PE UD . 18.71 26.18 101.45
OH3 1PE VD . 39.68 46.75 67.30
C13 1PE VD . 38.59 48.77 68.08
C23 1PE VD . 39.93 48.07 67.73
OH4 1PE VD . 38.84 49.91 68.88
C14 1PE VD . 39.26 49.21 71.19
C24 1PE VD . 38.25 49.83 70.21
OH5 1PE VD . 38.68 49.05 72.46
C15 1PE VD . 40.76 48.24 73.43
C25 1PE VD . 39.25 48.00 73.24
OH6 1PE VD . 41.42 46.99 73.60
OH4 1PE WD . 50.87 21.21 75.89
C14 1PE WD . 48.54 20.50 75.76
C24 1PE WD . 50.02 20.04 75.84
OH5 1PE WD . 47.68 19.46 76.16
C15 1PE WD . 47.80 19.80 78.58
C25 1PE WD . 48.05 18.83 77.40
OH6 1PE WD . 48.94 19.79 79.43
CAA 4TL XD . 27.74 28.88 63.37
CBA 4TL XD . 28.76 27.83 63.74
CAB 4TL XD . 30.13 28.47 63.69
CAC 4TL XD . 28.70 26.68 62.76
CAS 4TL XD . 28.50 27.36 65.15
OAE 4TL XD . 29.35 26.69 65.76
N 4TL XD . 27.34 27.67 65.75
CA 4TL XD . 27.06 27.29 67.10
C 4TL XD . 25.93 28.20 67.55
O 4TL XD . 24.80 28.06 67.12
NAP 4TL XD . 26.20 29.17 68.43
OAF 4TL XD . 25.11 30.05 68.84
CAY 4TL XD . 26.65 25.84 67.30
CAM 4TL XD . 26.63 25.34 68.59
CAK 4TL XD . 26.26 24.03 68.82
CAL 4TL XD . 26.30 25.03 66.24
CAJ 4TL XD . 25.93 23.71 66.47
CAV 4TL XD . 25.90 23.21 67.77
CAW 4TL XD . 25.50 21.77 68.02
CAN 4TL XD . 24.72 21.14 67.11
CAT 4TL XD . 24.31 19.71 67.32
FAG 4TL XD . 23.53 19.09 66.42
CAX 4TL XD . 24.72 19.05 68.44
FAI 4TL XD . 24.36 17.77 68.64
CAU 4TL XD . 25.59 19.75 69.45
FAH 4TL XD . 25.99 19.08 70.54
CAO 4TL XD . 25.96 21.03 69.26
S DMS YD . 6.31 35.94 86.82
O DMS YD . 6.04 34.60 87.42
C1 DMS YD . 4.80 36.54 86.02
C2 DMS YD . 6.48 37.16 88.16
OH2 1PE ZD . 10.40 28.93 96.66
C12 1PE ZD . 10.32 27.96 97.68
C22 1PE ZD . 10.31 26.57 97.07
OH3 1PE ZD . 10.87 25.63 97.99
C13 1PE ZD . 12.82 24.80 99.22
C23 1PE ZD . 12.20 25.92 98.34
OH4 1PE ZD . 14.11 25.20 99.65
C14 1PE ZD . 15.51 26.70 100.99
C24 1PE ZD . 14.14 26.47 100.34
#